data_2Q3S
#
_entry.id   2Q3S
#
_cell.length_a   120.831
_cell.length_b   120.831
_cell.length_c   185.222
_cell.angle_alpha   90.000
_cell.angle_beta   90.000
_cell.angle_gamma   120.000
#
_symmetry.space_group_name_H-M   'P 32 2 1'
#
loop_
_entity.id
_entity.type
_entity.pdbx_description
1 polymer 'Protein At5g06450'
2 water water
#
_entity_poly.entity_id   1
_entity_poly.type   'polypeptide(L)'
_entity_poly.pdbx_seq_one_letter_code
;SASFDGPKFK(MSE)TDGSYVQTKTIDVGSSTDISPYLSLIREDSILNGNRAVIFDVYWDVGFPETETKTKTSGWSLSSV
KLSTRNLCLFLRLPKPFHDNLKDLYRFFASKFVTFVGVQIEEDLDLLRENHGLVIRNAINVGKLAAEARGTLVLEFLGTR
ELAHRVLWSDLGQLDSIEAKWEKAGPEEQLEAAAIEGWLIVNVWDQLSDE
;
_entity_poly.pdbx_strand_id   A,B,C,D,E,F
#
# COMPACT_ATOMS: atom_id res chain seq x y z
N SER A 1 -5.54 3.53 48.65
CA SER A 1 -6.22 4.66 47.95
C SER A 1 -5.31 5.50 47.06
N ALA A 2 -5.90 6.11 46.03
CA ALA A 2 -5.14 6.94 45.09
C ALA A 2 -5.76 8.32 44.80
N SER A 3 -4.87 9.28 44.62
CA SER A 3 -5.23 10.64 44.35
C SER A 3 -4.14 11.32 43.50
N PHE A 4 -4.49 12.47 42.96
CA PHE A 4 -3.59 13.28 42.14
C PHE A 4 -3.25 14.62 42.86
N ASP A 5 -2.26 14.59 43.75
CA ASP A 5 -1.85 15.78 44.52
C ASP A 5 -0.87 16.74 43.85
N GLY A 6 -0.70 16.61 42.53
CA GLY A 6 0.15 17.53 41.84
C GLY A 6 -0.72 18.78 41.67
N PRO A 7 -0.24 19.88 41.06
CA PRO A 7 -1.10 21.07 40.91
C PRO A 7 -2.27 20.87 39.98
N LYS A 8 -3.29 21.69 40.16
CA LYS A 8 -4.44 21.67 39.27
C LYS A 8 -4.26 22.92 38.40
N PHE A 9 -4.88 22.91 37.22
CA PHE A 9 -4.78 24.05 36.32
C PHE A 9 -6.14 24.49 35.77
N LYS A 10 -6.85 25.27 36.58
CA LYS A 10 -8.15 25.79 36.17
C LYS A 10 -7.96 26.24 34.74
N THR A 12 -9.45 27.58 30.95
CA THR A 12 -9.98 28.85 30.55
C THR A 12 -11.50 28.89 30.69
N ASP A 13 -12.15 27.74 30.88
CA ASP A 13 -13.61 27.74 31.02
C ASP A 13 -14.01 27.70 32.49
N GLY A 14 -13.02 27.87 33.36
CA GLY A 14 -13.29 27.86 34.78
C GLY A 14 -13.06 26.49 35.42
N SER A 15 -13.03 25.43 34.62
CA SER A 15 -12.78 24.08 35.16
C SER A 15 -11.33 23.96 35.61
N TYR A 16 -11.06 22.95 36.43
CA TYR A 16 -9.72 22.71 36.98
C TYR A 16 -9.19 21.34 36.62
N VAL A 17 -8.10 21.31 35.86
CA VAL A 17 -7.48 20.04 35.50
C VAL A 17 -6.59 19.60 36.64
N GLN A 18 -6.88 18.43 37.21
CA GLN A 18 -6.03 17.89 38.28
C GLN A 18 -4.89 17.11 37.62
N THR A 19 -3.65 17.39 38.01
CA THR A 19 -2.50 16.70 37.44
C THR A 19 -1.79 15.84 38.49
N LYS A 20 -0.80 15.07 38.02
CA LYS A 20 0.00 14.18 38.87
C LYS A 20 1.12 13.69 37.95
N THR A 21 2.34 13.66 38.48
CA THR A 21 3.52 13.21 37.73
C THR A 21 4.19 12.13 38.59
N ILE A 22 4.39 10.94 38.01
CA ILE A 22 5.03 9.84 38.71
C ILE A 22 6.37 9.40 38.12
N ASP A 23 7.37 9.21 38.99
CA ASP A 23 8.69 8.72 38.58
C ASP A 23 8.54 7.21 38.75
N VAL A 24 8.52 6.47 37.65
CA VAL A 24 8.34 5.05 37.71
C VAL A 24 9.66 4.32 37.85
N GLY A 25 9.80 3.58 38.94
CA GLY A 25 11.02 2.83 39.20
C GLY A 25 10.73 1.39 38.84
N SER A 26 11.63 0.47 39.18
CA SER A 26 11.37 -0.92 38.82
C SER A 26 10.33 -1.59 39.73
N SER A 27 9.92 -0.91 40.79
CA SER A 27 8.91 -1.54 41.62
C SER A 27 7.67 -0.68 41.85
N THR A 28 7.63 0.47 41.19
CA THR A 28 6.50 1.39 41.32
C THR A 28 5.19 0.81 40.78
N ASP A 29 4.14 0.81 41.58
CA ASP A 29 2.86 0.28 41.10
C ASP A 29 2.06 1.46 40.60
N ILE A 30 1.86 1.53 39.29
CA ILE A 30 1.11 2.65 38.71
C ILE A 30 -0.32 2.22 38.42
N SER A 31 -0.62 0.97 38.72
CA SER A 31 -1.94 0.46 38.45
C SER A 31 -3.01 1.36 39.10
N PRO A 32 -2.76 1.89 40.32
CA PRO A 32 -3.80 2.75 40.94
C PRO A 32 -4.12 4.04 40.17
N TYR A 33 -3.13 4.58 39.47
CA TYR A 33 -3.35 5.81 38.72
C TYR A 33 -4.03 5.50 37.38
N LEU A 34 -3.51 4.51 36.65
CA LEU A 34 -4.17 4.12 35.40
C LEU A 34 -5.62 3.72 35.72
N SER A 35 -5.84 3.06 36.85
CA SER A 35 -7.18 2.62 37.25
C SER A 35 -8.12 3.78 37.33
N LEU A 36 -7.63 4.89 37.91
CA LEU A 36 -8.44 6.09 38.03
C LEU A 36 -8.65 6.80 36.67
N ILE A 37 -7.64 6.73 35.78
CA ILE A 37 -7.78 7.33 34.44
C ILE A 37 -8.95 6.65 33.72
N ARG A 38 -8.87 5.32 33.60
CA ARG A 38 -9.89 4.54 32.93
C ARG A 38 -11.23 4.79 33.65
N GLU A 39 -11.18 4.84 34.97
CA GLU A 39 -12.39 5.09 35.75
C GLU A 39 -12.97 6.46 35.36
N ASP A 40 -12.14 7.49 35.31
CA ASP A 40 -12.68 8.79 35.00
C ASP A 40 -13.12 8.81 33.54
N SER A 41 -12.26 8.37 32.64
CA SER A 41 -12.63 8.32 31.23
C SER A 41 -14.02 7.68 31.03
N ILE A 42 -14.19 6.49 31.61
CA ILE A 42 -15.47 5.77 31.49
C ILE A 42 -16.65 6.51 32.18
N LEU A 43 -16.51 6.80 33.47
CA LEU A 43 -17.62 7.45 34.16
C LEU A 43 -17.76 8.93 33.88
N ASN A 44 -16.71 9.58 33.38
CA ASN A 44 -16.82 11.01 33.06
C ASN A 44 -16.36 11.50 31.67
N GLY A 45 -15.70 10.68 30.86
CA GLY A 45 -15.23 11.19 29.57
C GLY A 45 -15.66 10.50 28.28
N ASN A 46 -16.65 9.61 28.38
CA ASN A 46 -17.15 8.87 27.20
C ASN A 46 -16.06 7.91 26.67
N ARG A 47 -15.24 7.45 27.59
CA ARG A 47 -14.24 6.44 27.28
C ARG A 47 -13.17 6.86 26.29
N ALA A 48 -12.89 8.16 26.22
CA ALA A 48 -11.82 8.63 25.36
C ALA A 48 -10.65 8.92 26.27
N VAL A 49 -9.43 8.63 25.81
CA VAL A 49 -8.21 8.99 26.52
C VAL A 49 -7.30 9.59 25.45
N ILE A 50 -7.03 10.88 25.61
CA ILE A 50 -6.20 11.65 24.70
C ILE A 50 -4.81 11.36 25.21
N PHE A 51 -3.78 11.52 24.39
CA PHE A 51 -2.43 11.24 24.87
C PHE A 51 -1.34 11.89 24.07
N ASP A 52 -0.09 11.64 24.50
CA ASP A 52 1.10 12.14 23.81
C ASP A 52 2.25 11.38 24.47
N VAL A 53 3.35 11.20 23.73
CA VAL A 53 4.50 10.50 24.29
C VAL A 53 5.74 11.41 24.18
N TYR A 54 6.72 11.22 25.07
CA TYR A 54 7.92 12.06 25.06
C TYR A 54 9.09 11.17 24.72
N TRP A 55 9.92 11.60 23.78
CA TRP A 55 11.04 10.78 23.30
C TRP A 55 12.41 11.32 23.68
N ASP A 56 13.28 10.44 24.20
CA ASP A 56 14.68 10.81 24.47
C ASP A 56 15.37 10.31 23.20
N VAL A 57 16.02 11.22 22.48
CA VAL A 57 16.74 10.90 21.26
C VAL A 57 18.13 10.48 21.69
N GLY A 58 18.59 9.33 21.18
CA GLY A 58 19.92 8.82 21.52
C GLY A 58 20.74 8.61 20.25
N PHE A 59 22.03 8.36 20.38
CA PHE A 59 22.85 8.18 19.18
C PHE A 59 23.57 6.82 19.21
N THR A 66 18.89 -0.40 12.70
CA THR A 66 17.87 0.62 12.35
C THR A 66 18.32 2.01 12.84
N LYS A 67 18.33 2.98 11.95
CA LYS A 67 18.78 4.29 12.37
C LYS A 67 17.89 4.93 13.41
N THR A 68 16.63 4.48 13.53
CA THR A 68 15.72 5.04 14.55
C THR A 68 15.74 4.20 15.84
N SER A 69 16.72 3.30 15.99
CA SER A 69 16.77 2.47 17.19
C SER A 69 17.17 3.23 18.44
N GLY A 70 17.55 4.49 18.31
CA GLY A 70 17.93 5.25 19.49
C GLY A 70 16.85 6.11 20.13
N TRP A 71 15.58 5.95 19.76
CA TRP A 71 14.51 6.76 20.36
C TRP A 71 14.11 6.08 21.67
N SER A 72 14.13 6.81 22.78
CA SER A 72 13.81 6.17 24.09
C SER A 72 12.60 6.80 24.75
N LEU A 73 11.51 6.04 24.89
CA LEU A 73 10.28 6.55 25.52
C LEU A 73 10.55 6.94 26.98
N SER A 74 10.71 8.24 27.21
CA SER A 74 11.02 8.82 28.52
C SER A 74 9.76 9.17 29.36
N SER A 75 8.69 9.63 28.70
CA SER A 75 7.44 9.98 29.40
C SER A 75 6.18 9.79 28.57
N VAL A 76 5.03 9.69 29.23
CA VAL A 76 3.78 9.56 28.48
C VAL A 76 2.75 10.39 29.24
N LYS A 77 1.90 11.09 28.49
CA LYS A 77 0.83 11.90 29.07
C LYS A 77 -0.52 11.26 28.75
N LEU A 78 -1.39 11.06 29.75
CA LEU A 78 -2.72 10.49 29.51
C LEU A 78 -3.73 11.53 30.07
N SER A 79 -4.75 11.85 29.28
CA SER A 79 -5.72 12.82 29.73
C SER A 79 -7.22 12.54 29.53
N THR A 80 -8.02 12.81 30.56
CA THR A 80 -9.49 12.73 30.41
C THR A 80 -9.91 14.16 30.73
N ARG A 81 -11.21 14.44 30.81
CA ARG A 81 -11.58 15.84 31.10
C ARG A 81 -11.16 16.29 32.49
N ASN A 82 -11.24 15.39 33.47
CA ASN A 82 -10.82 15.78 34.83
C ASN A 82 -9.34 15.65 35.17
N LEU A 83 -8.67 14.60 34.67
CA LEU A 83 -7.29 14.34 35.08
C LEU A 83 -6.29 14.16 33.95
N CYS A 84 -5.05 14.50 34.26
CA CYS A 84 -3.98 14.37 33.28
C CYS A 84 -2.88 13.64 34.06
N LEU A 85 -2.57 12.44 33.60
CA LEU A 85 -1.55 11.64 34.27
C LEU A 85 -0.26 11.59 33.47
N PHE A 86 0.85 11.91 34.14
CA PHE A 86 2.17 11.86 33.54
C PHE A 86 2.98 10.67 34.08
N LEU A 87 3.42 9.81 33.17
CA LEU A 87 4.25 8.68 33.59
C LEU A 87 5.62 8.93 32.94
N ARG A 88 6.67 8.97 33.76
CA ARG A 88 8.03 9.20 33.27
C ARG A 88 8.79 7.89 33.51
N LEU A 89 8.95 7.11 32.44
CA LEU A 89 9.57 5.79 32.42
C LEU A 89 11.05 5.67 32.83
N PRO A 90 11.45 4.56 33.48
CA PRO A 90 12.84 4.37 33.89
C PRO A 90 13.58 3.72 32.73
N LYS A 91 14.91 3.70 32.78
CA LYS A 91 15.67 3.14 31.67
C LYS A 91 15.44 1.65 31.52
N PRO A 92 15.62 0.89 32.59
CA PRO A 92 15.34 -0.51 32.32
C PRO A 92 13.83 -0.71 32.55
N PHE A 93 13.09 -1.10 31.52
CA PHE A 93 11.67 -1.35 31.65
C PHE A 93 11.49 -2.69 32.38
N HIS A 94 11.07 -2.67 33.64
CA HIS A 94 10.84 -3.93 34.33
C HIS A 94 9.39 -4.36 34.11
N ASP A 95 8.94 -5.32 34.93
CA ASP A 95 7.62 -5.84 34.79
C ASP A 95 6.48 -4.98 35.31
N ASN A 96 6.80 -4.05 36.21
CA ASN A 96 5.76 -3.19 36.73
C ASN A 96 5.29 -2.23 35.62
N LEU A 97 5.90 -2.32 34.44
CA LEU A 97 5.46 -1.49 33.32
C LEU A 97 4.47 -2.24 32.43
N LYS A 98 4.28 -3.53 32.70
CA LYS A 98 3.34 -4.27 31.90
C LYS A 98 1.97 -3.68 32.13
N ASP A 99 1.79 -3.01 33.28
CA ASP A 99 0.52 -2.37 33.53
C ASP A 99 0.31 -1.25 32.51
N LEU A 100 1.33 -0.41 32.28
CA LEU A 100 1.18 0.68 31.32
C LEU A 100 0.80 0.03 29.98
N TYR A 101 1.57 -0.98 29.56
CA TYR A 101 1.33 -1.67 28.29
C TYR A 101 -0.10 -2.22 28.22
N ARG A 102 -0.55 -2.86 29.29
CA ARG A 102 -1.90 -3.41 29.30
C ARG A 102 -2.94 -2.26 29.14
N PHE A 103 -2.60 -1.07 29.62
CA PHE A 103 -3.52 0.06 29.51
C PHE A 103 -3.59 0.51 28.04
N PHE A 104 -2.44 0.75 27.43
CA PHE A 104 -2.42 1.19 26.03
C PHE A 104 -3.04 0.15 25.12
N ALA A 105 -3.06 -1.11 25.58
CA ALA A 105 -3.65 -2.19 24.79
C ALA A 105 -5.16 -2.43 25.06
N SER A 106 -5.65 -2.03 26.23
CA SER A 106 -7.06 -2.32 26.54
C SER A 106 -7.98 -1.91 25.41
N LYS A 107 -9.26 -2.17 25.59
CA LYS A 107 -10.23 -1.77 24.58
C LYS A 107 -11.33 -0.97 25.32
N PHE A 108 -11.18 -0.89 26.65
CA PHE A 108 -12.15 -0.18 27.55
C PHE A 108 -12.29 1.27 27.20
N VAL A 109 -11.22 1.82 26.63
CA VAL A 109 -11.16 3.18 26.24
C VAL A 109 -10.43 3.20 24.90
N THR A 110 -10.37 4.40 24.33
CA THR A 110 -9.69 4.63 23.07
C THR A 110 -8.50 5.55 23.43
N PHE A 111 -7.65 5.84 22.45
CA PHE A 111 -6.48 6.72 22.64
C PHE A 111 -6.35 7.65 21.43
N VAL A 112 -6.64 8.93 21.68
CA VAL A 112 -6.65 9.99 20.67
C VAL A 112 -5.43 10.91 20.88
N GLY A 113 -4.59 11.08 19.86
CA GLY A 113 -3.41 11.94 19.99
C GLY A 113 -3.29 12.93 18.83
N VAL A 114 -2.43 13.95 18.97
CA VAL A 114 -2.20 14.94 17.88
C VAL A 114 -0.84 14.61 17.22
N GLN A 115 -0.86 14.30 15.93
CA GLN A 115 0.39 13.95 15.22
C GLN A 115 1.10 12.73 15.86
N ILE A 116 0.39 11.58 15.90
CA ILE A 116 0.95 10.39 16.53
C ILE A 116 1.39 9.27 15.54
N GLU A 117 1.45 9.57 14.24
CA GLU A 117 1.87 8.53 13.28
C GLU A 117 3.27 7.95 13.54
N GLU A 118 4.24 8.78 13.93
CA GLU A 118 5.57 8.21 14.16
C GLU A 118 5.75 7.61 15.57
N ASP A 119 5.01 8.12 16.55
CA ASP A 119 5.07 7.59 17.88
C ASP A 119 4.66 6.07 17.85
N LEU A 120 3.40 5.76 17.54
CA LEU A 120 2.93 4.36 17.54
C LEU A 120 3.87 3.48 16.71
N ASP A 121 4.17 3.92 15.48
CA ASP A 121 5.10 3.17 14.65
C ASP A 121 6.34 3.03 15.55
N LEU A 122 6.86 4.14 16.07
CA LEU A 122 8.06 4.07 16.91
C LEU A 122 7.86 3.23 18.18
N LEU A 123 6.72 3.39 18.84
CA LEU A 123 6.41 2.60 20.04
C LEU A 123 6.48 1.12 19.64
N ARG A 124 5.90 0.82 18.49
CA ARG A 124 5.90 -0.55 18.04
C ARG A 124 7.31 -1.10 17.80
N GLU A 125 8.21 -0.29 17.25
CA GLU A 125 9.56 -0.77 16.98
C GLU A 125 10.52 -0.71 18.17
N ASN A 126 10.32 0.20 19.12
CA ASN A 126 11.35 0.26 20.16
C ASN A 126 11.00 -0.29 21.52
N HIS A 127 9.73 -0.64 21.72
CA HIS A 127 9.26 -1.12 23.03
C HIS A 127 8.24 -2.27 22.92
N GLY A 128 7.89 -2.61 21.69
CA GLY A 128 6.90 -3.67 21.49
C GLY A 128 5.53 -3.23 22.01
N LEU A 129 5.21 -1.94 21.85
CA LEU A 129 3.92 -1.41 22.34
C LEU A 129 3.05 -0.94 21.15
N VAL A 130 1.92 -1.65 20.98
CA VAL A 130 0.95 -1.48 19.89
C VAL A 130 -0.38 -1.04 20.46
N ILE A 131 -0.69 0.25 20.42
CA ILE A 131 -1.95 0.70 20.99
C ILE A 131 -3.05 0.08 20.13
N ARG A 132 -3.75 -0.91 20.69
CA ARG A 132 -4.76 -1.61 19.90
C ARG A 132 -5.77 -0.69 19.31
N ASN A 133 -6.30 0.22 20.13
CA ASN A 133 -7.26 1.15 19.61
C ASN A 133 -6.93 2.59 19.86
N ALA A 134 -6.50 3.23 18.78
CA ALA A 134 -6.06 4.60 18.82
C ALA A 134 -6.53 5.34 17.58
N ILE A 135 -6.53 6.67 17.69
CA ILE A 135 -6.89 7.51 16.57
C ILE A 135 -5.96 8.73 16.43
N ASN A 136 -5.52 9.00 15.19
CA ASN A 136 -4.71 10.17 14.86
C ASN A 136 -5.80 11.18 14.44
N VAL A 137 -6.23 11.98 15.40
CA VAL A 137 -7.38 12.84 15.25
C VAL A 137 -7.41 13.94 14.21
N GLY A 138 -6.24 14.50 13.88
CA GLY A 138 -6.22 15.56 12.86
C GLY A 138 -6.95 15.15 11.58
N LYS A 139 -6.81 13.89 11.21
CA LYS A 139 -7.44 13.33 10.00
C LYS A 139 -8.96 13.27 10.16
N LEU A 140 -9.42 12.69 11.25
CA LEU A 140 -10.85 12.60 11.48
C LEU A 140 -11.42 14.03 11.45
N ALA A 141 -10.70 15.00 12.02
CA ALA A 141 -11.18 16.39 12.05
C ALA A 141 -11.26 16.95 10.64
N ALA A 142 -10.25 16.66 9.84
CA ALA A 142 -10.22 17.16 8.48
C ALA A 142 -11.40 16.55 7.70
N GLU A 143 -11.58 15.24 7.83
CA GLU A 143 -12.66 14.59 7.09
C GLU A 143 -14.01 15.01 7.63
N ALA A 144 -14.17 14.87 8.94
CA ALA A 144 -15.39 15.23 9.62
C ALA A 144 -15.82 16.63 9.24
N ARG A 145 -14.88 17.56 9.12
CA ARG A 145 -15.24 18.94 8.81
C ARG A 145 -15.07 19.31 7.33
N GLY A 146 -14.41 18.46 6.57
CA GLY A 146 -14.16 18.76 5.16
C GLY A 146 -13.15 19.89 5.02
N THR A 147 -12.12 19.88 5.89
CA THR A 147 -11.09 20.92 5.90
C THR A 147 -9.69 20.31 5.96
N LEU A 148 -9.40 19.49 4.95
CA LEU A 148 -8.14 18.77 4.72
C LEU A 148 -6.94 19.25 5.54
N VAL A 149 -6.77 20.57 5.59
CA VAL A 149 -5.61 21.08 6.30
C VAL A 149 -5.52 20.62 7.76
N LEU A 150 -6.66 20.29 8.38
CA LEU A 150 -6.65 19.84 9.78
C LEU A 150 -5.79 18.58 9.98
N GLU A 151 -5.48 17.90 8.89
CA GLU A 151 -4.66 16.69 9.01
C GLU A 151 -3.21 17.08 9.20
N PHE A 152 -2.89 18.37 9.00
CA PHE A 152 -1.47 18.77 9.03
C PHE A 152 -1.06 19.83 10.05
N LEU A 153 -1.86 19.96 11.09
CA LEU A 153 -1.62 20.94 12.15
C LEU A 153 -1.09 20.34 13.45
N GLY A 154 -0.24 21.12 14.14
CA GLY A 154 0.27 20.68 15.45
C GLY A 154 -0.83 20.80 16.50
N THR A 155 -0.55 20.38 17.74
CA THR A 155 -1.56 20.39 18.79
C THR A 155 -2.38 21.68 18.93
N ARG A 156 -1.69 22.82 18.83
CA ARG A 156 -2.34 24.10 19.00
C ARG A 156 -3.21 24.69 17.83
N GLU A 157 -2.65 24.83 16.62
CA GLU A 157 -3.41 25.36 15.47
C GLU A 157 -4.65 24.44 15.32
N LEU A 158 -4.50 23.15 15.65
CA LEU A 158 -5.66 22.24 15.57
C LEU A 158 -6.73 22.70 16.60
N ALA A 159 -6.33 22.94 17.86
CA ALA A 159 -7.25 23.42 18.86
C ALA A 159 -7.77 24.79 18.39
N HIS A 160 -6.86 25.63 17.89
CA HIS A 160 -7.21 26.94 17.38
C HIS A 160 -8.26 26.91 16.24
N ARG A 161 -7.91 26.23 15.13
CA ARG A 161 -8.77 26.14 13.95
C ARG A 161 -10.10 25.42 14.13
N VAL A 162 -10.21 24.58 15.16
CA VAL A 162 -11.42 23.82 15.43
C VAL A 162 -12.37 24.52 16.45
N LEU A 163 -11.79 24.96 17.58
CA LEU A 163 -12.48 25.57 18.71
C LEU A 163 -12.46 27.10 18.71
N TRP A 164 -11.34 27.69 18.23
CA TRP A 164 -11.12 29.14 18.20
C TRP A 164 -11.18 29.77 19.58
N SER A 165 -10.73 29.02 20.61
CA SER A 165 -10.72 29.52 22.01
C SER A 165 -9.45 30.30 22.37
N ASP A 166 -9.40 30.87 23.58
CA ASP A 166 -8.26 31.67 23.99
C ASP A 166 -7.13 30.72 24.38
N LEU A 167 -5.98 30.98 23.78
CA LEU A 167 -4.79 30.17 23.95
C LEU A 167 -3.59 31.10 24.23
N GLY A 168 -3.88 32.29 24.79
CA GLY A 168 -2.81 33.22 25.08
C GLY A 168 -1.79 32.69 26.09
N GLN A 169 -2.31 32.05 27.13
CA GLN A 169 -1.50 31.53 28.21
C GLN A 169 -0.60 30.44 27.67
N LEU A 170 -1.16 29.62 26.77
CA LEU A 170 -0.42 28.52 26.16
C LEU A 170 0.70 29.01 25.20
N ASP A 171 0.33 29.91 24.30
CA ASP A 171 1.27 30.45 23.31
C ASP A 171 2.42 31.13 24.02
N SER A 172 2.10 31.90 25.05
CA SER A 172 3.16 32.62 25.73
C SER A 172 4.12 31.67 26.46
N ILE A 173 3.64 30.48 26.82
CA ILE A 173 4.54 29.51 27.47
C ILE A 173 5.42 28.79 26.42
N GLU A 174 4.79 28.32 25.34
CA GLU A 174 5.56 27.59 24.34
C GLU A 174 6.53 28.43 23.55
N ALA A 175 6.20 29.73 23.40
CA ALA A 175 7.06 30.63 22.66
C ALA A 175 8.44 30.69 23.30
N LYS A 176 8.52 30.61 24.64
CA LYS A 176 9.83 30.67 25.33
C LYS A 176 10.13 29.32 25.97
N TRP A 177 9.99 28.27 25.17
CA TRP A 177 10.15 26.92 25.67
C TRP A 177 11.52 26.51 26.22
N GLU A 178 12.59 26.86 25.54
CA GLU A 178 13.95 26.50 25.99
C GLU A 178 14.16 26.92 27.47
N LYS A 179 13.56 28.06 27.83
CA LYS A 179 13.69 28.61 29.16
C LYS A 179 12.63 28.22 30.15
N ALA A 180 11.66 27.40 29.72
CA ALA A 180 10.61 27.01 30.65
C ALA A 180 11.13 25.99 31.65
N GLY A 181 10.73 26.17 32.91
CA GLY A 181 11.15 25.28 33.97
C GLY A 181 10.20 24.08 34.06
N PRO A 182 10.11 23.46 35.22
CA PRO A 182 9.23 22.29 35.35
C PRO A 182 7.71 22.51 35.32
N GLU A 183 7.22 23.14 36.37
CA GLU A 183 5.83 23.46 36.54
C GLU A 183 5.24 24.08 35.26
N GLU A 184 5.99 25.00 34.63
CA GLU A 184 5.52 25.61 33.38
C GLU A 184 5.32 24.56 32.29
N GLN A 185 6.27 23.61 32.17
CA GLN A 185 6.13 22.56 31.14
C GLN A 185 4.84 21.83 31.42
N LEU A 186 4.63 21.48 32.68
CA LEU A 186 3.42 20.75 33.09
C LEU A 186 2.18 21.47 32.50
N GLU A 187 2.09 22.77 32.75
CA GLU A 187 0.94 23.54 32.26
C GLU A 187 0.76 23.45 30.73
N ALA A 188 1.84 23.55 29.96
CA ALA A 188 1.69 23.49 28.48
C ALA A 188 1.04 22.17 28.01
N ALA A 189 1.68 21.04 28.30
CA ALA A 189 1.13 19.73 27.96
C ALA A 189 -0.27 19.67 28.67
N ALA A 190 -0.31 20.03 29.94
CA ALA A 190 -1.55 20.00 30.68
C ALA A 190 -2.59 20.78 29.91
N ILE A 191 -2.21 21.98 29.48
CA ILE A 191 -3.13 22.82 28.74
C ILE A 191 -3.55 22.07 27.48
N GLU A 192 -2.57 21.46 26.82
CA GLU A 192 -2.85 20.72 25.58
C GLU A 192 -3.63 19.45 25.82
N GLY A 193 -3.48 18.85 27.00
CA GLY A 193 -4.23 17.61 27.30
C GLY A 193 -5.71 17.98 27.32
N TRP A 194 -6.08 18.84 28.26
CA TRP A 194 -7.50 19.27 28.37
C TRP A 194 -7.97 19.77 27.01
N LEU A 195 -7.14 20.53 26.32
CA LEU A 195 -7.58 21.01 25.03
C LEU A 195 -7.99 19.87 24.10
N ILE A 196 -7.13 18.87 23.89
CA ILE A 196 -7.46 17.76 22.96
C ILE A 196 -8.64 16.96 23.51
N VAL A 197 -8.78 16.92 24.84
CA VAL A 197 -9.95 16.22 25.40
C VAL A 197 -11.23 16.87 24.79
N ASN A 198 -11.25 18.20 24.71
CA ASN A 198 -12.41 18.90 24.16
C ASN A 198 -12.58 18.62 22.67
N VAL A 199 -11.44 18.59 21.93
CA VAL A 199 -11.47 18.34 20.50
C VAL A 199 -12.29 17.09 20.20
N TRP A 200 -11.85 15.95 20.73
CA TRP A 200 -12.56 14.70 20.50
C TRP A 200 -14.03 14.77 20.96
N ASP A 201 -14.27 15.50 22.04
CA ASP A 201 -15.63 15.59 22.52
C ASP A 201 -16.45 16.36 21.49
N GLN A 202 -15.87 17.41 20.88
CA GLN A 202 -16.58 18.18 19.87
C GLN A 202 -16.71 17.51 18.50
N LEU A 203 -15.87 16.53 18.20
CA LEU A 203 -15.93 15.82 16.92
C LEU A 203 -16.63 14.45 16.99
N SER A 204 -16.45 13.73 18.11
CA SER A 204 -17.06 12.40 18.27
C SER A 204 -18.57 12.39 17.99
N ASP A 205 -19.25 13.52 18.15
CA ASP A 205 -20.67 13.53 17.83
C ASP A 205 -21.17 14.83 17.22
N GLU A 206 -20.60 15.23 16.07
CA GLU A 206 -21.04 16.46 15.40
C GLU A 206 -21.73 16.16 14.07
N SER B 1 25.41 37.86 22.27
CA SER B 1 24.03 37.27 22.34
C SER B 1 23.64 36.54 21.04
N ALA B 2 22.36 36.17 20.88
CA ALA B 2 21.90 35.46 19.68
C ALA B 2 20.81 36.15 18.85
N SER B 3 21.16 36.55 17.63
CA SER B 3 20.20 37.20 16.76
C SER B 3 20.50 36.95 15.28
N PHE B 4 19.52 37.26 14.46
CA PHE B 4 19.64 37.04 13.02
C PHE B 4 20.24 38.24 12.35
N ASP B 5 21.57 38.28 12.36
CA ASP B 5 22.29 39.41 11.83
C ASP B 5 23.00 39.21 10.50
N GLY B 6 22.52 38.27 9.68
CA GLY B 6 23.12 38.09 8.38
C GLY B 6 22.51 39.15 7.45
N PRO B 7 22.66 39.04 6.13
CA PRO B 7 22.05 40.06 5.29
C PRO B 7 20.55 39.95 5.54
N LYS B 8 19.85 41.06 5.37
CA LYS B 8 18.41 41.14 5.54
C LYS B 8 17.95 41.34 4.08
N PHE B 9 16.88 40.67 3.64
CA PHE B 9 16.45 40.87 2.26
C PHE B 9 15.06 41.42 2.16
N LYS B 10 14.83 42.22 1.12
CA LYS B 10 13.52 42.84 0.88
C LYS B 10 12.74 41.97 -0.09
N THR B 12 8.79 40.76 -1.96
CA THR B 12 7.84 41.33 -2.90
C THR B 12 6.97 42.43 -2.35
N ASP B 13 6.56 42.30 -1.11
CA ASP B 13 5.70 43.31 -0.50
C ASP B 13 6.47 44.32 0.38
N GLY B 14 7.78 44.37 0.27
CA GLY B 14 8.53 45.31 1.08
C GLY B 14 8.93 44.76 2.45
N SER B 15 8.44 43.57 2.83
CA SER B 15 8.84 43.00 4.13
C SER B 15 10.26 42.45 4.00
N TYR B 16 10.85 42.12 5.14
CA TYR B 16 12.21 41.59 5.17
C TYR B 16 12.34 40.23 5.83
N VAL B 17 13.53 39.67 5.67
CA VAL B 17 13.88 38.42 6.28
C VAL B 17 15.32 38.59 6.73
N GLN B 18 15.56 38.21 7.97
CA GLN B 18 16.87 38.28 8.57
C GLN B 18 17.48 36.89 8.47
N THR B 19 18.77 36.76 8.17
CA THR B 19 19.38 35.43 8.11
C THR B 19 20.45 35.15 9.14
N LYS B 20 20.84 33.88 9.18
CA LYS B 20 21.92 33.41 10.02
C LYS B 20 22.45 32.12 9.38
N THR B 21 23.77 32.01 9.21
CA THR B 21 24.36 30.80 8.62
C THR B 21 25.36 30.21 9.58
N ILE B 22 25.09 29.00 10.04
CA ILE B 22 25.97 28.36 10.99
C ILE B 22 26.73 27.17 10.44
N ASP B 23 28.05 27.21 10.58
CA ASP B 23 28.91 26.12 10.15
C ASP B 23 28.98 25.21 11.35
N VAL B 24 28.08 24.23 11.39
CA VAL B 24 28.02 23.35 12.52
C VAL B 24 29.13 22.30 12.51
N GLY B 25 29.96 22.34 13.55
CA GLY B 25 31.03 21.38 13.68
C GLY B 25 30.55 20.46 14.76
N SER B 26 31.47 19.90 15.53
CA SER B 26 31.04 19.02 16.62
C SER B 26 30.80 19.82 17.90
N SER B 27 31.13 21.11 17.89
CA SER B 27 30.95 21.86 19.10
C SER B 27 29.90 22.92 18.98
N THR B 28 29.40 23.12 17.77
CA THR B 28 28.44 24.16 17.57
C THR B 28 27.15 23.95 18.39
N ASP B 29 26.64 25.07 18.90
CA ASP B 29 25.45 25.13 19.71
C ASP B 29 24.33 25.87 19.00
N ILE B 30 23.50 25.17 18.24
CA ILE B 30 22.40 25.84 17.56
C ILE B 30 21.32 26.13 18.57
N SER B 31 21.57 25.80 19.84
CA SER B 31 20.64 26.02 20.92
C SER B 31 19.78 27.27 20.85
N PRO B 32 20.38 28.44 21.02
CA PRO B 32 19.53 29.64 20.95
C PRO B 32 19.03 29.89 19.53
N TYR B 33 19.56 29.07 18.60
CA TYR B 33 19.19 29.17 17.19
C TYR B 33 18.02 28.21 16.93
N LEU B 34 18.02 27.02 17.50
CA LEU B 34 16.79 26.29 17.32
C LEU B 34 15.79 27.08 18.18
N SER B 35 16.27 27.58 19.31
CA SER B 35 15.38 28.32 20.19
C SER B 35 14.75 29.57 19.53
N LEU B 36 15.56 30.40 18.87
CA LEU B 36 14.98 31.57 18.21
C LEU B 36 13.98 31.26 17.10
N ILE B 37 14.23 30.19 16.33
CA ILE B 37 13.28 29.83 15.27
C ILE B 37 11.90 29.47 15.91
N ARG B 38 11.92 28.63 16.94
CA ARG B 38 10.69 28.23 17.62
C ARG B 38 9.87 29.46 18.01
N GLU B 39 10.54 30.45 18.56
CA GLU B 39 9.83 31.65 18.94
C GLU B 39 9.28 32.38 17.72
N ASP B 40 10.14 32.94 16.88
CA ASP B 40 9.65 33.66 15.70
C ASP B 40 8.45 32.90 15.18
N SER B 41 8.56 31.57 15.20
CA SER B 41 7.46 30.76 14.70
C SER B 41 6.18 30.95 15.51
N ILE B 42 6.31 30.77 16.82
CA ILE B 42 5.13 30.90 17.66
C ILE B 42 4.41 32.26 17.64
N LEU B 43 5.06 33.29 18.10
CA LEU B 43 4.43 34.62 18.16
C LEU B 43 3.96 35.25 16.84
N ASN B 44 4.69 35.04 15.76
CA ASN B 44 4.36 35.70 14.48
C ASN B 44 4.26 34.83 13.23
N GLY B 45 4.43 33.51 13.38
CA GLY B 45 4.45 32.66 12.20
C GLY B 45 3.42 31.55 11.97
N ASN B 46 2.21 31.69 12.48
CA ASN B 46 1.20 30.71 12.18
C ASN B 46 1.60 29.24 12.34
N ARG B 47 1.73 28.86 13.59
CA ARG B 47 2.05 27.53 14.07
C ARG B 47 2.80 26.48 13.23
N ALA B 48 3.77 26.92 12.43
CA ALA B 48 4.58 26.01 11.62
C ALA B 48 5.84 26.72 11.14
N VAL B 49 6.78 25.92 10.63
CA VAL B 49 8.06 26.42 10.11
C VAL B 49 8.23 25.84 8.69
N ILE B 50 8.58 26.72 7.77
CA ILE B 50 8.79 26.32 6.39
C ILE B 50 10.21 25.80 6.43
N PHE B 51 10.54 24.83 5.57
CA PHE B 51 11.87 24.28 5.63
C PHE B 51 12.26 23.53 4.38
N ASP B 52 13.55 23.50 4.10
CA ASP B 52 14.05 22.74 2.96
C ASP B 52 15.37 22.06 3.42
N VAL B 53 15.74 20.96 2.77
CA VAL B 53 16.96 20.25 3.15
C VAL B 53 17.72 20.05 1.88
N TYR B 54 19.01 19.71 2.02
CA TYR B 54 19.91 19.57 0.89
C TYR B 54 20.89 18.49 1.29
N TRP B 55 21.21 17.65 0.31
CA TRP B 55 22.04 16.50 0.53
C TRP B 55 23.40 16.54 -0.14
N ASP B 56 24.33 15.81 0.49
CA ASP B 56 25.69 15.60 -0.03
C ASP B 56 25.58 14.14 -0.46
N VAL B 57 25.85 13.89 -1.73
CA VAL B 57 25.76 12.56 -2.29
C VAL B 57 27.13 11.87 -2.23
N GLY B 58 27.20 10.73 -1.54
CA GLY B 58 28.46 10.00 -1.42
C GLY B 58 28.40 8.50 -1.72
N PHE B 59 29.50 7.96 -2.25
CA PHE B 59 29.63 6.53 -2.57
C PHE B 59 31.07 6.04 -2.36
N THR B 66 23.14 -0.77 1.33
CA THR B 66 22.05 -0.14 0.59
C THR B 66 22.49 1.06 -0.24
N LYS B 67 22.12 1.05 -1.51
CA LYS B 67 22.47 2.07 -2.45
C LYS B 67 22.27 3.54 -2.08
N THR B 68 21.21 3.89 -1.34
CA THR B 68 20.97 5.30 -0.96
C THR B 68 21.61 5.63 0.38
N SER B 69 22.44 4.75 0.92
CA SER B 69 23.09 5.05 2.20
C SER B 69 24.30 6.00 2.08
N GLY B 70 24.66 6.38 0.86
CA GLY B 70 25.78 7.29 0.69
C GLY B 70 25.36 8.72 0.96
N TRP B 71 24.06 9.01 0.94
CA TRP B 71 23.57 10.38 1.15
C TRP B 71 23.71 10.83 2.61
N SER B 72 24.28 12.01 2.80
CA SER B 72 24.51 12.55 4.15
C SER B 72 23.88 13.93 4.21
N LEU B 73 23.04 14.17 5.22
CA LEU B 73 22.40 15.48 5.33
C LEU B 73 23.50 16.51 5.62
N SER B 74 23.79 17.34 4.61
CA SER B 74 24.86 18.35 4.72
C SER B 74 24.31 19.75 4.91
N SER B 75 23.04 19.94 4.56
CA SER B 75 22.45 21.26 4.67
C SER B 75 21.02 21.28 5.18
N VAL B 76 20.76 21.97 6.30
CA VAL B 76 19.37 22.05 6.79
C VAL B 76 18.92 23.48 6.73
N LYS B 77 17.88 23.77 5.96
CA LYS B 77 17.39 25.16 5.91
C LYS B 77 16.10 25.28 6.73
N LEU B 78 16.12 26.13 7.75
CA LEU B 78 14.94 26.31 8.60
C LEU B 78 14.41 27.74 8.50
N SER B 79 13.22 27.91 7.90
CA SER B 79 12.66 29.26 7.70
C SER B 79 11.45 29.63 8.51
N THR B 80 11.32 30.91 8.88
CA THR B 80 10.09 31.37 9.57
C THR B 80 9.63 32.75 9.10
N ARG B 81 8.59 33.29 9.76
CA ARG B 81 8.05 34.63 9.43
C ARG B 81 9.16 35.66 9.16
N ASN B 82 10.06 35.82 10.11
CA ASN B 82 11.13 36.81 9.98
C ASN B 82 12.58 36.28 9.81
N LEU B 83 12.81 35.00 10.10
CA LEU B 83 14.16 34.48 10.09
C LEU B 83 14.40 33.33 9.17
N CYS B 84 15.58 33.30 8.56
CA CYS B 84 15.97 32.16 7.74
C CYS B 84 17.22 31.68 8.46
N LEU B 85 17.14 30.53 9.15
CA LEU B 85 18.29 29.99 9.87
C LEU B 85 18.87 28.97 8.97
N PHE B 86 20.19 28.92 8.91
CA PHE B 86 20.88 27.98 8.04
C PHE B 86 21.86 27.07 8.80
N LEU B 87 21.91 25.81 8.38
CA LEU B 87 22.77 24.82 9.03
C LEU B 87 23.56 23.88 8.11
N ARG B 88 24.87 24.07 8.08
CA ARG B 88 25.78 23.22 7.30
C ARG B 88 26.31 22.21 8.34
N LEU B 89 26.04 20.93 8.11
CA LEU B 89 26.43 19.89 9.04
C LEU B 89 27.74 19.18 8.76
N PRO B 90 28.31 18.53 9.79
CA PRO B 90 29.57 17.84 9.53
C PRO B 90 29.19 16.37 9.29
N LYS B 91 30.21 15.54 9.22
CA LYS B 91 30.01 14.13 9.00
C LYS B 91 31.14 13.40 9.70
N PRO B 92 30.79 12.50 10.60
CA PRO B 92 29.45 12.13 11.03
C PRO B 92 28.98 13.10 12.13
N PHE B 93 27.76 12.90 12.62
CA PHE B 93 27.17 13.74 13.65
C PHE B 93 27.78 13.44 15.01
N HIS B 94 27.82 14.49 15.83
CA HIS B 94 28.28 14.40 17.18
C HIS B 94 27.04 14.73 18.05
N ASP B 95 27.21 14.56 19.35
CA ASP B 95 26.21 14.74 20.38
C ASP B 95 25.50 16.05 20.17
N ASN B 96 26.20 16.98 19.53
CA ASN B 96 25.59 18.27 19.33
C ASN B 96 24.41 18.16 18.40
N LEU B 97 24.21 17.01 17.74
CA LEU B 97 23.00 16.89 16.91
C LEU B 97 21.73 16.35 17.63
N LYS B 98 21.79 16.19 18.95
CA LYS B 98 20.58 15.79 19.72
C LYS B 98 19.61 17.00 19.76
N ASP B 99 20.19 18.22 19.85
CA ASP B 99 19.44 19.47 19.87
C ASP B 99 18.59 19.42 18.57
N LEU B 100 19.19 18.99 17.46
CA LEU B 100 18.39 18.97 16.20
C LEU B 100 17.28 17.91 16.16
N TYR B 101 17.62 16.67 16.48
CA TYR B 101 16.61 15.60 16.45
C TYR B 101 15.36 16.02 17.29
N ARG B 102 15.58 16.42 18.52
CA ARG B 102 14.50 16.88 19.38
C ARG B 102 13.70 17.97 18.69
N PHE B 103 14.38 18.94 18.06
CA PHE B 103 13.65 20.01 17.37
C PHE B 103 12.50 19.42 16.53
N PHE B 104 12.82 18.85 15.36
CA PHE B 104 11.80 18.27 14.48
C PHE B 104 10.88 17.24 15.18
N ALA B 105 11.04 17.01 16.48
CA ALA B 105 10.11 16.07 17.14
C ALA B 105 8.94 16.82 17.76
N SER B 106 9.05 18.13 17.80
CA SER B 106 7.99 18.97 18.43
C SER B 106 6.75 19.12 17.60
N LYS B 107 5.61 18.99 18.26
CA LYS B 107 4.32 19.18 17.61
C LYS B 107 3.87 20.62 17.90
N PHE B 108 4.79 21.49 18.28
CA PHE B 108 4.38 22.91 18.53
C PHE B 108 4.12 23.61 17.19
N VAL B 109 4.85 23.16 16.17
CA VAL B 109 4.73 23.75 14.83
C VAL B 109 4.58 22.68 13.78
N THR B 110 4.13 23.10 12.59
CA THR B 110 4.01 22.17 11.48
C THR B 110 5.22 22.41 10.59
N PHE B 111 5.93 21.33 10.25
CA PHE B 111 7.08 21.43 9.36
C PHE B 111 6.55 21.25 7.91
N VAL B 112 6.57 22.38 7.20
CA VAL B 112 6.05 22.46 5.85
C VAL B 112 7.22 22.43 4.88
N GLY B 113 7.21 21.43 4.00
CA GLY B 113 8.30 21.30 3.04
C GLY B 113 7.73 21.15 1.62
N VAL B 114 8.56 21.34 0.59
CA VAL B 114 8.08 21.20 -0.80
C VAL B 114 8.81 20.00 -1.42
N GLN B 115 8.07 19.07 -2.02
CA GLN B 115 8.68 17.86 -2.64
C GLN B 115 9.60 17.11 -1.62
N ILE B 116 9.07 16.80 -0.44
CA ILE B 116 9.85 16.16 0.62
C ILE B 116 9.73 14.65 0.72
N GLU B 117 9.00 14.00 -0.20
CA GLU B 117 8.82 12.56 -0.04
C GLU B 117 10.13 11.82 0.27
N GLU B 118 11.07 11.92 -0.65
CA GLU B 118 12.36 11.28 -0.45
C GLU B 118 13.14 11.94 0.69
N ASP B 119 13.04 13.27 0.81
CA ASP B 119 13.73 13.95 1.91
C ASP B 119 13.26 13.44 3.30
N LEU B 120 11.98 13.12 3.47
CA LEU B 120 11.62 12.62 4.78
C LEU B 120 12.15 11.19 4.87
N ASP B 121 12.11 10.43 3.77
CA ASP B 121 12.62 9.04 3.77
C ASP B 121 14.12 8.90 4.08
N LEU B 122 14.95 9.80 3.53
CA LEU B 122 16.41 9.72 3.77
C LEU B 122 16.71 10.11 5.22
N LEU B 123 16.06 11.17 5.70
CA LEU B 123 16.21 11.56 7.12
C LEU B 123 16.05 10.30 8.02
N ARG B 124 14.98 9.52 7.79
CA ARG B 124 14.73 8.31 8.57
C ARG B 124 15.83 7.23 8.44
N GLU B 125 16.03 6.67 7.24
CA GLU B 125 17.03 5.62 7.03
C GLU B 125 18.46 6.15 7.06
N ASN B 126 18.66 7.44 6.80
CA ASN B 126 20.06 7.88 6.73
C ASN B 126 20.55 8.31 8.07
N HIS B 127 19.74 9.10 8.79
CA HIS B 127 20.13 9.61 10.09
C HIS B 127 19.20 9.20 11.24
N GLY B 128 18.10 8.53 10.91
CA GLY B 128 17.15 8.14 11.96
C GLY B 128 16.50 9.40 12.53
N LEU B 129 16.53 10.49 11.74
CA LEU B 129 15.92 11.74 12.14
C LEU B 129 14.43 11.65 11.76
N VAL B 130 13.58 11.99 12.74
CA VAL B 130 12.11 11.91 12.60
C VAL B 130 11.35 13.25 12.61
N ILE B 131 10.52 13.51 11.60
CA ILE B 131 9.73 14.75 11.68
C ILE B 131 8.28 14.31 11.92
N ARG B 132 7.78 14.50 13.15
CA ARG B 132 6.43 14.01 13.45
C ARG B 132 5.31 14.84 12.86
N ASN B 133 5.53 16.15 12.75
CA ASN B 133 4.51 17.09 12.28
C ASN B 133 4.97 17.73 10.96
N ALA B 134 5.10 16.89 9.95
CA ALA B 134 5.53 17.29 8.61
C ALA B 134 4.38 17.21 7.63
N ILE B 135 4.49 17.99 6.55
CA ILE B 135 3.50 17.92 5.47
C ILE B 135 4.25 18.22 4.17
N ASN B 136 3.98 17.43 3.11
CA ASN B 136 4.56 17.62 1.77
C ASN B 136 3.47 18.56 1.20
N VAL B 137 3.69 19.89 1.25
CA VAL B 137 2.65 20.85 0.91
C VAL B 137 2.00 20.91 -0.49
N GLY B 138 2.74 20.50 -1.54
CA GLY B 138 2.22 20.54 -2.90
C GLY B 138 0.94 19.75 -3.05
N LYS B 139 0.85 18.63 -2.35
CA LYS B 139 -0.39 17.82 -2.43
C LYS B 139 -1.56 18.65 -1.85
N LEU B 140 -1.37 19.24 -0.66
CA LEU B 140 -2.42 20.07 -0.03
C LEU B 140 -2.84 21.14 -1.04
N ALA B 141 -1.86 21.82 -1.66
CA ALA B 141 -2.23 22.88 -2.63
C ALA B 141 -3.08 22.28 -3.76
N ALA B 142 -2.72 21.08 -4.19
CA ALA B 142 -3.46 20.42 -5.27
C ALA B 142 -4.91 20.18 -4.87
N GLU B 143 -5.13 19.69 -3.65
CA GLU B 143 -6.50 19.42 -3.20
C GLU B 143 -7.24 20.75 -3.01
N ALA B 144 -6.56 21.74 -2.46
CA ALA B 144 -7.15 23.04 -2.19
C ALA B 144 -7.29 24.00 -3.38
N ARG B 145 -6.19 24.19 -4.10
CA ARG B 145 -6.17 25.09 -5.21
C ARG B 145 -6.78 24.55 -6.49
N GLY B 146 -7.28 23.31 -6.45
CA GLY B 146 -7.93 22.71 -7.62
C GLY B 146 -7.11 22.48 -8.89
N THR B 147 -5.80 22.34 -8.74
CA THR B 147 -4.91 22.11 -9.88
C THR B 147 -4.08 20.87 -9.63
N LEU B 148 -4.23 19.90 -10.51
CA LEU B 148 -3.49 18.66 -10.32
C LEU B 148 -1.98 18.79 -10.28
N VAL B 149 -1.43 19.55 -11.21
CA VAL B 149 0.03 19.68 -11.32
C VAL B 149 0.78 20.19 -10.07
N LEU B 150 0.27 21.24 -9.40
CA LEU B 150 0.92 21.82 -8.20
C LEU B 150 1.53 20.74 -7.31
N GLU B 151 0.92 19.56 -7.27
CA GLU B 151 1.45 18.49 -6.43
C GLU B 151 2.84 18.07 -6.97
N PHE B 152 3.05 18.33 -8.25
CA PHE B 152 4.27 17.95 -8.92
C PHE B 152 5.13 19.15 -9.30
N LEU B 153 4.93 20.29 -8.63
CA LEU B 153 5.73 21.48 -8.94
C LEU B 153 6.92 21.69 -8.01
N GLY B 154 7.94 22.37 -8.54
CA GLY B 154 9.13 22.69 -7.76
C GLY B 154 8.79 23.85 -6.82
N THR B 155 9.77 24.30 -6.03
CA THR B 155 9.52 25.33 -5.02
C THR B 155 9.04 26.64 -5.58
N ARG B 156 9.76 27.14 -6.58
CA ARG B 156 9.38 28.44 -7.18
C ARG B 156 8.12 28.34 -8.03
N GLU B 157 7.98 27.23 -8.74
CA GLU B 157 6.83 27.12 -9.62
C GLU B 157 5.58 26.92 -8.76
N LEU B 158 5.70 26.19 -7.66
CA LEU B 158 4.53 26.05 -6.79
C LEU B 158 4.16 27.46 -6.26
N ALA B 159 5.14 28.21 -5.77
CA ALA B 159 4.86 29.56 -5.26
C ALA B 159 4.29 30.45 -6.38
N HIS B 160 4.88 30.35 -7.55
CA HIS B 160 4.39 31.14 -8.66
C HIS B 160 2.92 30.81 -8.90
N ARG B 161 2.64 29.52 -9.00
CA ARG B 161 1.30 29.05 -9.30
C ARG B 161 0.26 29.31 -8.24
N VAL B 162 0.67 29.43 -6.98
CA VAL B 162 -0.31 29.69 -5.91
C VAL B 162 -0.42 31.18 -5.52
N LEU B 163 0.65 31.95 -5.67
CA LEU B 163 0.65 33.38 -5.27
C LEU B 163 0.78 34.40 -6.43
N TRP B 164 0.99 33.93 -7.66
CA TRP B 164 1.15 34.83 -8.83
C TRP B 164 2.02 36.03 -8.45
N SER B 165 3.02 35.76 -7.61
CA SER B 165 3.96 36.74 -7.09
C SER B 165 5.02 37.01 -8.14
N ASP B 166 5.65 38.18 -8.03
CA ASP B 166 6.70 38.52 -8.96
C ASP B 166 7.91 37.69 -8.56
N LEU B 167 8.41 36.89 -9.51
CA LEU B 167 9.54 36.01 -9.21
C LEU B 167 10.73 36.32 -10.08
N GLY B 168 10.73 37.53 -10.62
CA GLY B 168 11.80 37.93 -11.49
C GLY B 168 13.11 37.85 -10.73
N GLN B 169 13.11 38.34 -9.50
CA GLN B 169 14.32 38.34 -8.67
C GLN B 169 14.84 36.90 -8.48
N LEU B 170 14.02 36.06 -7.86
CA LEU B 170 14.40 34.68 -7.66
C LEU B 170 14.82 34.01 -8.99
N ASP B 171 14.00 34.19 -10.02
CA ASP B 171 14.32 33.61 -11.32
C ASP B 171 15.69 33.98 -11.85
N SER B 172 16.06 35.26 -11.80
CA SER B 172 17.37 35.65 -12.33
C SER B 172 18.51 34.95 -11.60
N ILE B 173 18.37 34.78 -10.27
CA ILE B 173 19.43 34.11 -9.51
C ILE B 173 19.42 32.61 -9.79
N GLU B 174 18.24 32.01 -9.81
CA GLU B 174 18.18 30.59 -10.05
C GLU B 174 18.64 30.26 -11.45
N ALA B 175 18.24 31.06 -12.45
CA ALA B 175 18.58 30.80 -13.87
C ALA B 175 20.07 30.56 -14.09
N LYS B 176 20.93 31.38 -13.48
CA LYS B 176 22.40 31.27 -13.58
C LYS B 176 22.97 30.93 -12.21
N TRP B 177 22.53 29.79 -11.69
CA TRP B 177 22.93 29.31 -10.36
C TRP B 177 24.41 28.99 -10.13
N GLU B 178 25.10 28.60 -11.18
CA GLU B 178 26.51 28.24 -11.06
C GLU B 178 27.40 29.47 -10.84
N LYS B 179 26.94 30.62 -11.31
CA LYS B 179 27.69 31.86 -11.16
C LYS B 179 27.31 32.62 -9.88
N ALA B 180 26.46 32.01 -9.07
CA ALA B 180 26.04 32.65 -7.83
C ALA B 180 26.97 32.32 -6.66
N GLY B 181 27.40 33.34 -5.92
CA GLY B 181 28.25 33.11 -4.79
C GLY B 181 27.43 32.69 -3.58
N PRO B 182 28.07 32.49 -2.41
CA PRO B 182 27.45 32.07 -1.15
C PRO B 182 26.30 32.98 -0.71
N GLU B 183 26.52 34.29 -0.81
CA GLU B 183 25.53 35.25 -0.40
C GLU B 183 24.37 35.26 -1.39
N GLU B 184 24.64 34.98 -2.66
CA GLU B 184 23.56 34.95 -3.61
C GLU B 184 22.72 33.67 -3.43
N GLN B 185 23.35 32.56 -3.02
CA GLN B 185 22.59 31.34 -2.81
C GLN B 185 21.72 31.46 -1.55
N LEU B 186 22.24 32.16 -0.55
CA LEU B 186 21.47 32.37 0.68
C LEU B 186 20.28 33.24 0.29
N GLU B 187 20.52 34.25 -0.54
CA GLU B 187 19.44 35.13 -0.96
C GLU B 187 18.33 34.25 -1.53
N ALA B 188 18.66 33.41 -2.52
CA ALA B 188 17.66 32.51 -3.10
C ALA B 188 17.04 31.60 -2.02
N ALA B 189 17.85 31.08 -1.10
CA ALA B 189 17.31 30.20 -0.05
C ALA B 189 16.35 30.97 0.84
N ALA B 190 16.71 32.21 1.19
CA ALA B 190 15.80 32.98 2.05
C ALA B 190 14.50 33.30 1.31
N ILE B 191 14.60 33.58 0.02
CA ILE B 191 13.46 33.88 -0.83
C ILE B 191 12.44 32.73 -0.93
N GLU B 192 12.94 31.53 -1.22
CA GLU B 192 12.09 30.35 -1.33
C GLU B 192 11.43 30.09 0.02
N GLY B 193 12.14 30.40 1.11
CA GLY B 193 11.54 30.17 2.41
C GLY B 193 10.35 31.09 2.60
N TRP B 194 10.55 32.37 2.30
CA TRP B 194 9.48 33.38 2.44
C TRP B 194 8.29 33.00 1.53
N LEU B 195 8.59 32.54 0.32
CA LEU B 195 7.53 32.10 -0.63
C LEU B 195 6.71 30.97 -0.02
N ILE B 196 7.39 29.96 0.56
CA ILE B 196 6.62 28.83 1.09
C ILE B 196 5.87 29.29 2.33
N VAL B 197 6.48 30.16 3.11
CA VAL B 197 5.75 30.70 4.23
C VAL B 197 4.45 31.33 3.63
N ASN B 198 4.58 32.10 2.55
CA ASN B 198 3.35 32.71 2.04
C ASN B 198 2.38 31.68 1.50
N VAL B 199 2.91 30.55 1.05
CA VAL B 199 2.04 29.49 0.56
C VAL B 199 1.25 28.95 1.75
N TRP B 200 1.98 28.70 2.83
CA TRP B 200 1.35 28.16 4.02
C TRP B 200 0.24 29.03 4.57
N ASP B 201 0.43 30.35 4.60
CA ASP B 201 -0.61 31.22 5.16
C ASP B 201 -1.87 31.11 4.30
N GLN B 202 -1.65 31.09 2.98
CA GLN B 202 -2.73 31.02 2.02
C GLN B 202 -3.60 29.75 2.23
N LEU B 203 -3.00 28.57 2.14
CA LEU B 203 -3.75 27.31 2.32
C LEU B 203 -4.39 27.08 3.68
N SER B 204 -3.67 27.40 4.75
CA SER B 204 -4.22 27.20 6.11
C SER B 204 -5.63 27.79 6.17
N ASP B 205 -5.85 28.90 5.46
CA ASP B 205 -7.17 29.53 5.46
C ASP B 205 -8.18 28.93 4.51
N GLU B 206 -7.71 28.09 3.60
CA GLU B 206 -8.61 27.44 2.67
C GLU B 206 -9.02 26.04 3.15
N SER C 1 34.40 27.84 -24.71
CA SER C 1 33.31 27.64 -23.71
C SER C 1 32.35 26.52 -24.16
N ALA C 2 31.86 25.75 -23.18
CA ALA C 2 30.96 24.64 -23.44
C ALA C 2 29.62 25.08 -24.02
N SER C 3 29.18 24.39 -25.07
CA SER C 3 27.91 24.73 -25.70
C SER C 3 27.25 23.50 -26.31
N PHE C 4 26.00 23.67 -26.72
CA PHE C 4 25.24 22.61 -27.37
C PHE C 4 25.59 22.67 -28.87
N ASP C 5 26.75 22.10 -29.22
CA ASP C 5 27.28 22.11 -30.60
C ASP C 5 27.07 20.85 -31.46
N GLY C 6 25.86 20.30 -31.39
CA GLY C 6 25.46 19.15 -32.17
C GLY C 6 24.37 19.63 -33.13
N PRO C 7 23.74 18.74 -33.90
CA PRO C 7 22.71 19.15 -34.85
C PRO C 7 21.47 19.79 -34.25
N LYS C 8 20.72 20.48 -35.11
CA LYS C 8 19.47 21.14 -34.71
C LYS C 8 18.37 20.51 -35.53
N PHE C 9 17.18 20.33 -34.95
CA PHE C 9 16.07 19.70 -35.69
C PHE C 9 14.80 20.56 -35.72
N LYS C 10 14.18 20.58 -36.89
CA LYS C 10 12.96 21.31 -37.08
C LYS C 10 11.83 20.37 -36.62
N THR C 12 7.64 19.71 -36.17
CA THR C 12 6.50 19.95 -37.05
C THR C 12 5.74 21.28 -36.80
N ASP C 13 6.03 21.99 -35.70
CA ASP C 13 5.36 23.29 -35.43
C ASP C 13 6.26 24.43 -35.94
N GLY C 14 7.33 24.08 -36.66
CA GLY C 14 8.22 25.09 -37.18
C GLY C 14 9.29 25.55 -36.20
N SER C 15 9.33 24.99 -34.99
CA SER C 15 10.36 25.39 -34.03
C SER C 15 11.57 24.48 -34.18
N TYR C 16 12.61 24.75 -33.42
CA TYR C 16 13.84 23.97 -33.48
C TYR C 16 14.38 23.50 -32.10
N VAL C 17 15.17 22.42 -32.11
CA VAL C 17 15.81 21.94 -30.90
C VAL C 17 17.32 21.75 -31.10
N GLN C 18 18.10 22.30 -30.19
CA GLN C 18 19.54 22.15 -30.28
C GLN C 18 19.96 21.05 -29.33
N THR C 19 20.91 20.25 -29.76
CA THR C 19 21.32 19.08 -28.99
C THR C 19 22.83 18.95 -28.74
N LYS C 20 23.16 18.11 -27.76
CA LYS C 20 24.54 17.82 -27.38
C LYS C 20 24.64 16.40 -26.89
N THR C 21 25.66 15.69 -27.35
CA THR C 21 25.84 14.33 -26.91
C THR C 21 27.21 14.22 -26.23
N ILE C 22 27.26 13.38 -25.20
CA ILE C 22 28.51 13.20 -24.51
C ILE C 22 28.68 11.80 -23.94
N ASP C 23 29.84 11.20 -24.22
CA ASP C 23 30.13 9.87 -23.67
C ASP C 23 30.92 10.25 -22.46
N VAL C 24 30.44 9.85 -21.28
CA VAL C 24 31.12 10.16 -20.03
C VAL C 24 32.14 9.07 -19.74
N GLY C 25 33.36 9.49 -19.41
CA GLY C 25 34.40 8.54 -19.06
C GLY C 25 34.62 8.70 -17.57
N SER C 26 35.47 9.67 -17.21
CA SER C 26 35.78 9.98 -15.83
C SER C 26 36.16 11.46 -15.59
N SER C 27 36.91 12.07 -16.50
CA SER C 27 37.28 13.49 -16.27
C SER C 27 36.36 14.53 -16.91
N THR C 28 35.19 14.10 -17.38
CA THR C 28 34.20 14.96 -18.05
C THR C 28 33.46 15.95 -17.13
N ASP C 29 33.48 17.24 -17.47
CA ASP C 29 32.76 18.22 -16.66
C ASP C 29 31.40 18.49 -17.31
N ILE C 30 30.31 17.87 -16.79
CA ILE C 30 28.99 18.08 -17.41
C ILE C 30 28.20 19.26 -16.85
N SER C 31 28.67 19.84 -15.74
CA SER C 31 27.94 20.94 -15.11
C SER C 31 27.54 22.08 -16.04
N PRO C 32 28.43 22.50 -16.98
CA PRO C 32 28.03 23.61 -17.89
C PRO C 32 26.71 23.31 -18.62
N TYR C 33 26.61 22.10 -19.17
CA TYR C 33 25.41 21.65 -19.89
C TYR C 33 24.16 21.59 -19.00
N LEU C 34 24.32 21.07 -17.78
CA LEU C 34 23.22 21.03 -16.81
C LEU C 34 22.75 22.50 -16.60
N SER C 35 23.69 23.41 -16.35
CA SER C 35 23.35 24.84 -16.15
C SER C 35 22.51 25.35 -17.35
N LEU C 36 22.96 25.05 -18.58
CA LEU C 36 22.19 25.44 -19.76
C LEU C 36 20.77 24.85 -19.77
N ILE C 37 20.61 23.63 -19.23
CA ILE C 37 19.28 23.01 -19.20
C ILE C 37 18.42 23.79 -18.19
N ARG C 38 18.97 23.96 -16.99
CA ARG C 38 18.24 24.67 -15.95
C ARG C 38 17.87 26.09 -16.37
N GLU C 39 18.86 26.88 -16.77
CA GLU C 39 18.62 28.26 -17.21
C GLU C 39 17.44 28.32 -18.20
N ASP C 40 17.54 27.51 -19.25
CA ASP C 40 16.49 27.49 -20.26
C ASP C 40 15.12 26.94 -19.73
N SER C 41 15.12 25.99 -18.79
CA SER C 41 13.84 25.45 -18.24
C SER C 41 13.19 26.55 -17.35
N ILE C 42 14.04 27.36 -16.71
CA ILE C 42 13.57 28.44 -15.85
C ILE C 42 13.12 29.67 -16.68
N LEU C 43 14.02 30.15 -17.54
CA LEU C 43 13.75 31.31 -18.39
C LEU C 43 12.53 31.19 -19.31
N ASN C 44 12.30 30.01 -19.88
CA ASN C 44 11.19 29.87 -20.84
C ASN C 44 10.55 28.48 -20.85
N GLY C 45 11.12 27.55 -20.07
CA GLY C 45 10.63 26.19 -20.06
C GLY C 45 9.67 25.95 -18.91
N ASN C 46 9.32 27.02 -18.21
CA ASN C 46 8.37 26.97 -17.11
C ASN C 46 8.74 25.97 -16.01
N ARG C 47 10.04 25.77 -15.84
CA ARG C 47 10.64 24.90 -14.81
C ARG C 47 10.35 23.41 -14.80
N ALA C 48 10.04 22.87 -15.96
CA ALA C 48 9.78 21.44 -16.03
C ALA C 48 10.65 20.93 -17.14
N VAL C 49 11.73 20.22 -16.78
CA VAL C 49 12.65 19.61 -17.76
C VAL C 49 12.12 18.22 -18.10
N ILE C 50 12.25 17.81 -19.36
CA ILE C 50 11.78 16.49 -19.74
C ILE C 50 13.06 15.64 -19.65
N PHE C 51 12.95 14.46 -19.03
CA PHE C 51 14.11 13.56 -18.85
C PHE C 51 13.75 12.12 -19.14
N ASP C 52 14.66 11.38 -19.79
CA ASP C 52 14.43 9.93 -20.00
C ASP C 52 15.71 9.15 -19.68
N VAL C 53 15.57 7.87 -19.34
CA VAL C 53 16.72 7.01 -19.02
C VAL C 53 16.74 5.72 -19.84
N TYR C 54 17.95 5.18 -19.99
CA TYR C 54 18.21 4.01 -20.80
C TYR C 54 19.18 3.12 -20.02
N TRP C 55 18.99 1.80 -20.15
CA TRP C 55 19.71 0.78 -19.39
C TRP C 55 20.58 -0.25 -20.16
N ASP C 56 21.65 -0.64 -19.50
CA ASP C 56 22.57 -1.70 -19.95
C ASP C 56 22.06 -2.90 -19.13
N VAL C 57 21.28 -3.79 -19.75
CA VAL C 57 20.76 -4.91 -19.00
C VAL C 57 21.89 -5.89 -18.70
N GLY C 58 21.74 -6.68 -17.64
CA GLY C 58 22.82 -7.59 -17.31
C GLY C 58 22.47 -8.74 -16.37
N PHE C 59 22.95 -9.93 -16.70
CA PHE C 59 22.72 -11.13 -15.89
C PHE C 59 23.67 -11.17 -14.69
N THR C 66 19.13 -9.43 -5.96
CA THR C 66 18.06 -9.20 -6.95
C THR C 66 18.56 -9.23 -8.39
N LYS C 67 18.06 -10.19 -9.18
CA LYS C 67 18.44 -10.34 -10.60
C LYS C 67 18.52 -8.99 -11.38
N THR C 68 17.68 -8.01 -11.01
CA THR C 68 17.74 -6.73 -11.71
C THR C 68 18.81 -5.82 -11.09
N SER C 69 19.68 -6.40 -10.25
CA SER C 69 20.67 -5.55 -9.63
C SER C 69 21.95 -5.42 -10.48
N GLY C 70 21.99 -6.13 -11.61
CA GLY C 70 23.13 -6.04 -12.52
C GLY C 70 22.88 -4.97 -13.60
N TRP C 71 21.62 -4.52 -13.75
CA TRP C 71 21.28 -3.48 -14.74
C TRP C 71 21.98 -2.18 -14.40
N SER C 72 22.58 -1.52 -15.39
CA SER C 72 23.28 -0.26 -15.14
C SER C 72 22.60 0.88 -15.96
N LEU C 73 22.41 2.05 -15.35
CA LEU C 73 21.71 3.17 -16.03
C LEU C 73 22.43 3.60 -17.29
N SER C 74 22.44 2.72 -18.29
CA SER C 74 23.18 2.93 -19.56
C SER C 74 23.26 4.32 -20.21
N SER C 75 22.11 4.97 -20.34
CA SER C 75 22.05 6.32 -20.87
C SER C 75 21.08 7.14 -20.06
N VAL C 76 21.25 8.45 -20.16
CA VAL C 76 20.39 9.41 -19.51
C VAL C 76 20.12 10.54 -20.50
N LYS C 77 18.85 10.79 -20.84
CA LYS C 77 18.57 11.94 -21.70
C LYS C 77 17.97 13.07 -20.85
N LEU C 78 18.52 14.28 -20.99
CA LEU C 78 18.00 15.44 -20.26
C LEU C 78 17.73 16.55 -21.24
N SER C 79 16.46 16.88 -21.45
CA SER C 79 16.16 17.94 -22.39
C SER C 79 14.95 18.80 -22.10
N THR C 80 14.96 20.00 -22.67
CA THR C 80 13.81 20.90 -22.58
C THR C 80 13.58 21.41 -24.02
N ARG C 81 12.70 22.37 -24.13
CA ARG C 81 12.34 23.04 -25.39
C ARG C 81 13.48 23.11 -26.48
N ASN C 82 14.51 23.91 -26.13
CA ASN C 82 15.70 24.28 -26.94
C ASN C 82 16.91 23.33 -26.94
N LEU C 83 17.02 22.49 -25.91
CA LEU C 83 18.18 21.65 -25.75
C LEU C 83 17.94 20.17 -25.53
N CYS C 84 19.00 19.40 -25.77
CA CYS C 84 18.95 17.96 -25.52
C CYS C 84 20.35 17.46 -25.18
N LEU C 85 20.45 16.77 -24.05
CA LEU C 85 21.73 16.24 -23.61
C LEU C 85 21.62 14.72 -23.49
N PHE C 86 22.58 14.00 -24.06
CA PHE C 86 22.58 12.55 -24.00
C PHE C 86 23.89 12.16 -23.36
N LEU C 87 23.82 11.51 -22.19
CA LEU C 87 25.03 11.07 -21.47
C LEU C 87 25.18 9.53 -21.45
N ARG C 88 26.20 9.02 -22.13
CA ARG C 88 26.44 7.57 -22.13
C ARG C 88 27.39 7.32 -20.96
N LEU C 89 27.02 6.42 -20.05
CA LEU C 89 27.88 6.22 -18.87
C LEU C 89 28.79 4.99 -18.83
N PRO C 90 29.85 5.05 -18.02
CA PRO C 90 30.78 3.92 -17.92
C PRO C 90 30.25 2.93 -16.87
N LYS C 91 31.05 1.90 -16.60
CA LYS C 91 30.67 0.89 -15.62
C LYS C 91 31.94 0.47 -14.88
N PRO C 92 32.10 0.88 -13.61
CA PRO C 92 31.19 1.66 -12.76
C PRO C 92 31.38 3.19 -12.91
N PHE C 93 30.55 3.97 -12.18
CA PHE C 93 30.62 5.44 -12.21
C PHE C 93 31.88 5.93 -11.49
N HIS C 94 32.24 7.17 -11.75
CA HIS C 94 33.36 7.81 -11.10
C HIS C 94 32.72 9.03 -10.41
N ASP C 95 33.50 9.71 -9.55
CA ASP C 95 33.04 10.86 -8.81
C ASP C 95 32.40 11.95 -9.66
N ASN C 96 32.82 12.07 -10.91
CA ASN C 96 32.25 13.11 -11.76
C ASN C 96 30.72 12.96 -12.04
N LEU C 97 30.10 11.84 -11.71
CA LEU C 97 28.65 11.74 -11.96
C LEU C 97 27.79 12.31 -10.78
N LYS C 98 28.46 12.61 -9.67
CA LYS C 98 27.79 13.20 -8.52
C LYS C 98 26.90 14.38 -8.94
N ASP C 99 27.43 15.29 -9.75
CA ASP C 99 26.62 16.43 -10.19
C ASP C 99 25.34 16.02 -10.95
N LEU C 100 25.32 14.81 -11.53
CA LEU C 100 24.11 14.34 -12.22
C LEU C 100 23.12 14.03 -11.10
N TYR C 101 23.60 13.36 -10.05
CA TYR C 101 22.81 13.01 -8.87
C TYR C 101 22.24 14.31 -8.28
N ARG C 102 23.09 15.34 -8.19
CA ARG C 102 22.64 16.64 -7.63
C ARG C 102 21.61 17.33 -8.49
N PHE C 103 21.85 17.36 -9.79
CA PHE C 103 20.91 18.01 -10.69
C PHE C 103 19.56 17.31 -10.52
N PHE C 104 19.58 15.97 -10.60
CA PHE C 104 18.35 15.18 -10.47
C PHE C 104 17.64 15.39 -9.11
N ALA C 105 18.34 16.02 -8.14
CA ALA C 105 17.72 16.27 -6.82
C ALA C 105 17.07 17.67 -6.64
N SER C 106 17.46 18.63 -7.46
CA SER C 106 16.92 19.98 -7.37
C SER C 106 15.39 20.16 -7.37
N LYS C 107 14.91 21.12 -6.58
CA LYS C 107 13.48 21.47 -6.52
C LYS C 107 13.20 22.75 -7.37
N PHE C 108 14.22 23.24 -8.06
CA PHE C 108 14.04 24.46 -8.92
C PHE C 108 13.15 24.05 -10.07
N VAL C 109 13.17 22.75 -10.39
CA VAL C 109 12.40 22.22 -11.51
C VAL C 109 11.72 20.89 -11.26
N THR C 110 10.78 20.56 -12.14
CA THR C 110 10.07 19.28 -12.07
C THR C 110 10.68 18.35 -13.15
N PHE C 111 11.03 17.11 -12.77
CA PHE C 111 11.60 16.14 -13.71
C PHE C 111 10.51 15.21 -14.27
N VAL C 112 10.40 15.23 -15.59
CA VAL C 112 9.40 14.51 -16.37
C VAL C 112 9.95 13.43 -17.32
N GLY C 113 9.38 12.22 -17.26
CA GLY C 113 9.83 11.18 -18.21
C GLY C 113 8.76 10.14 -18.42
N VAL C 114 8.81 9.41 -19.53
CA VAL C 114 7.81 8.36 -19.82
C VAL C 114 8.18 7.06 -19.13
N GLN C 115 7.19 6.38 -18.58
CA GLN C 115 7.46 5.14 -17.86
C GLN C 115 8.73 5.26 -16.99
N ILE C 116 8.62 5.70 -15.73
CA ILE C 116 9.80 5.83 -14.87
C ILE C 116 9.64 4.95 -13.62
N GLU C 117 8.43 4.40 -13.44
CA GLU C 117 8.12 3.54 -12.28
C GLU C 117 9.21 2.51 -12.01
N GLU C 118 9.46 1.62 -12.97
CA GLU C 118 10.56 0.68 -12.77
C GLU C 118 11.87 1.51 -12.78
N ASP C 119 11.94 2.54 -13.64
CA ASP C 119 13.15 3.39 -13.68
C ASP C 119 13.60 3.96 -12.31
N LEU C 120 12.71 4.67 -11.59
CA LEU C 120 13.07 5.28 -10.32
C LEU C 120 13.54 4.19 -9.34
N ASP C 121 12.81 3.05 -9.30
CA ASP C 121 13.17 1.95 -8.40
C ASP C 121 14.62 1.51 -8.71
N LEU C 122 14.85 1.12 -9.96
CA LEU C 122 16.17 0.67 -10.41
C LEU C 122 17.26 1.71 -10.16
N LEU C 123 16.99 2.96 -10.47
CA LEU C 123 18.01 3.98 -10.24
C LEU C 123 18.35 4.10 -8.72
N ARG C 124 17.31 4.06 -7.89
CA ARG C 124 17.48 4.12 -6.43
C ARG C 124 18.29 2.89 -5.95
N GLU C 125 17.81 1.71 -6.33
CA GLU C 125 18.37 0.44 -5.90
C GLU C 125 19.76 0.07 -6.37
N ASN C 126 20.11 0.40 -7.61
CA ASN C 126 21.45 0.00 -8.09
C ASN C 126 22.46 1.13 -8.22
N HIS C 127 22.07 2.38 -7.95
CA HIS C 127 23.02 3.55 -8.04
C HIS C 127 22.83 4.57 -6.90
N GLY C 128 21.82 4.39 -6.05
CA GLY C 128 21.60 5.37 -4.99
C GLY C 128 21.31 6.76 -5.58
N LEU C 129 20.77 6.80 -6.80
CA LEU C 129 20.46 8.07 -7.48
C LEU C 129 18.98 8.30 -7.28
N VAL C 130 18.63 9.34 -6.49
CA VAL C 130 17.25 9.68 -6.15
C VAL C 130 16.68 10.87 -6.92
N ILE C 131 15.48 10.74 -7.47
CA ILE C 131 14.88 11.88 -8.18
C ILE C 131 13.80 12.44 -7.23
N ARG C 132 14.16 13.49 -6.48
CA ARG C 132 13.23 14.02 -5.46
C ARG C 132 11.97 14.70 -5.98
N ASN C 133 12.05 15.30 -7.17
CA ASN C 133 10.89 16.05 -7.68
C ASN C 133 10.55 15.56 -9.07
N ALA C 134 9.94 14.36 -9.10
CA ALA C 134 9.57 13.67 -10.34
C ALA C 134 8.08 13.45 -10.50
N ILE C 135 7.63 13.31 -11.75
CA ILE C 135 6.23 13.02 -12.01
C ILE C 135 6.15 12.18 -13.28
N ASN C 136 5.21 11.22 -13.31
CA ASN C 136 4.95 10.36 -14.48
C ASN C 136 4.02 11.21 -15.38
N VAL C 137 4.52 11.59 -16.55
CA VAL C 137 3.75 12.45 -17.40
C VAL C 137 2.44 11.87 -17.93
N GLY C 138 2.46 10.62 -18.40
CA GLY C 138 1.24 10.03 -18.96
C GLY C 138 0.32 9.69 -17.84
N LYS C 139 0.90 9.54 -16.66
CA LYS C 139 0.11 9.20 -15.51
C LYS C 139 -0.73 10.41 -15.10
N LEU C 140 -0.14 11.60 -15.14
CA LEU C 140 -0.94 12.82 -14.81
C LEU C 140 -1.80 13.13 -16.06
N ALA C 141 -1.34 12.73 -17.25
CA ALA C 141 -2.10 12.98 -18.47
C ALA C 141 -3.51 12.35 -18.45
N ALA C 142 -3.60 11.11 -17.96
CA ALA C 142 -4.86 10.34 -17.91
C ALA C 142 -5.99 10.99 -17.10
N GLU C 143 -5.72 11.23 -15.82
CA GLU C 143 -6.71 11.81 -14.94
C GLU C 143 -7.06 13.21 -15.36
N ALA C 144 -6.07 14.01 -15.70
CA ALA C 144 -6.37 15.36 -16.12
C ALA C 144 -7.26 15.34 -17.35
N ARG C 145 -7.56 14.16 -17.91
CA ARG C 145 -8.41 14.18 -19.08
C ARG C 145 -9.60 13.25 -19.10
N GLY C 146 -9.84 12.50 -18.03
CA GLY C 146 -10.94 11.55 -17.98
C GLY C 146 -10.78 10.50 -19.08
N THR C 147 -9.63 9.84 -19.08
CA THR C 147 -9.33 8.84 -20.10
C THR C 147 -8.29 7.95 -19.44
N LEU C 148 -8.77 7.08 -18.56
CA LEU C 148 -7.95 6.17 -17.78
C LEU C 148 -6.85 5.47 -18.55
N VAL C 149 -7.02 5.31 -19.87
CA VAL C 149 -5.98 4.59 -20.62
C VAL C 149 -4.74 5.40 -20.97
N LEU C 150 -4.81 6.73 -20.77
CA LEU C 150 -3.68 7.62 -21.02
C LEU C 150 -2.55 7.24 -20.05
N GLU C 151 -2.94 6.56 -19.01
CA GLU C 151 -1.98 6.13 -18.01
C GLU C 151 -1.02 5.09 -18.61
N PHE C 152 -1.56 4.25 -19.50
CA PHE C 152 -0.82 3.14 -20.08
C PHE C 152 -0.36 3.35 -21.51
N LEU C 153 0.18 4.51 -21.81
CA LEU C 153 0.63 4.75 -23.18
C LEU C 153 2.13 4.91 -23.28
N GLY C 154 2.67 4.34 -24.36
CA GLY C 154 4.09 4.49 -24.66
C GLY C 154 4.28 5.94 -25.06
N THR C 155 5.52 6.41 -25.06
CA THR C 155 5.84 7.80 -25.33
C THR C 155 5.22 8.47 -26.55
N ARG C 156 5.21 7.76 -27.67
CA ARG C 156 4.66 8.34 -28.89
C ARG C 156 3.14 8.57 -28.81
N GLU C 157 2.41 7.51 -28.46
CA GLU C 157 0.95 7.61 -28.43
C GLU C 157 0.44 8.73 -27.45
N LEU C 158 0.97 8.81 -26.22
CA LEU C 158 0.56 9.82 -25.25
C LEU C 158 0.56 11.20 -25.94
N ALA C 159 1.66 11.52 -26.62
CA ALA C 159 1.77 12.78 -27.37
C ALA C 159 0.61 12.79 -28.39
N HIS C 160 0.48 11.69 -29.12
CA HIS C 160 -0.54 11.54 -30.15
C HIS C 160 -1.95 11.84 -29.64
N ARG C 161 -2.31 11.20 -28.52
CA ARG C 161 -3.63 11.29 -27.89
C ARG C 161 -3.98 12.51 -27.01
N VAL C 162 -2.99 13.35 -26.74
CA VAL C 162 -3.24 14.54 -25.95
C VAL C 162 -3.11 15.78 -26.84
N LEU C 163 -2.26 15.67 -27.87
CA LEU C 163 -1.98 16.76 -28.80
C LEU C 163 -2.46 16.44 -30.22
N TRP C 164 -2.48 15.16 -30.59
CA TRP C 164 -2.98 14.79 -31.91
C TRP C 164 -2.35 15.50 -33.10
N SER C 165 -1.02 15.45 -33.21
CA SER C 165 -0.34 16.08 -34.35
C SER C 165 0.15 15.01 -35.31
N ASP C 166 0.98 15.47 -36.25
CA ASP C 166 1.62 14.65 -37.30
C ASP C 166 2.85 13.93 -36.77
N LEU C 167 2.75 12.62 -36.62
CA LEU C 167 3.90 11.92 -36.10
C LEU C 167 4.57 11.06 -37.12
N GLY C 168 4.34 11.38 -38.39
CA GLY C 168 4.95 10.62 -39.47
C GLY C 168 6.44 10.45 -39.43
N GLN C 169 7.19 11.55 -39.22
CA GLN C 169 8.64 11.49 -39.15
C GLN C 169 9.14 10.59 -38.01
N LEU C 170 8.61 10.81 -36.81
CA LEU C 170 8.99 9.98 -35.69
C LEU C 170 8.50 8.55 -35.93
N ASP C 171 7.26 8.43 -36.36
CA ASP C 171 6.68 7.12 -36.57
C ASP C 171 7.52 6.36 -37.58
N SER C 172 8.02 7.08 -38.59
CA SER C 172 8.86 6.54 -39.66
C SER C 172 10.13 5.99 -39.08
N ILE C 173 10.83 6.79 -38.26
CA ILE C 173 12.07 6.32 -37.62
C ILE C 173 11.79 5.17 -36.59
N GLU C 174 10.98 5.39 -35.57
CA GLU C 174 10.73 4.31 -34.61
C GLU C 174 10.11 3.08 -35.26
N ALA C 175 9.97 3.14 -36.59
CA ALA C 175 9.41 2.03 -37.33
C ALA C 175 10.46 1.20 -38.03
N LYS C 176 11.75 1.52 -37.85
CA LYS C 176 12.88 0.75 -38.43
C LYS C 176 14.11 0.95 -37.54
N TRP C 177 13.88 0.99 -36.23
CA TRP C 177 14.90 1.25 -35.23
C TRP C 177 16.31 0.77 -35.55
N GLU C 178 16.52 -0.55 -35.61
CA GLU C 178 17.84 -1.11 -35.95
C GLU C 178 18.42 -0.52 -37.23
N LYS C 179 17.55 -0.08 -38.13
CA LYS C 179 18.04 0.51 -39.38
C LYS C 179 18.17 2.04 -39.21
N ALA C 180 19.03 2.44 -38.27
CA ALA C 180 19.28 3.86 -37.98
C ALA C 180 20.63 4.04 -37.27
N GLY C 181 21.43 4.98 -37.75
CA GLY C 181 22.71 5.21 -37.11
C GLY C 181 22.61 5.98 -35.79
N PRO C 182 23.75 6.28 -35.15
CA PRO C 182 23.86 7.01 -33.88
C PRO C 182 23.22 8.42 -33.98
N GLU C 183 23.48 9.10 -35.09
CA GLU C 183 22.95 10.43 -35.31
C GLU C 183 21.42 10.35 -35.43
N GLU C 184 20.93 9.27 -36.04
CA GLU C 184 19.51 9.07 -36.21
C GLU C 184 18.85 8.76 -34.86
N GLN C 185 19.57 8.10 -33.98
CA GLN C 185 19.01 7.78 -32.67
C GLN C 185 18.81 9.05 -31.87
N LEU C 186 19.78 9.98 -31.97
CA LEU C 186 19.69 11.27 -31.28
C LEU C 186 18.43 12.04 -31.77
N GLU C 187 18.18 12.00 -33.08
CA GLU C 187 17.02 12.68 -33.67
C GLU C 187 15.72 12.27 -32.96
N ALA C 188 15.50 10.95 -32.86
CA ALA C 188 14.31 10.47 -32.19
C ALA C 188 14.30 10.95 -30.72
N ALA C 189 15.47 10.86 -30.06
CA ALA C 189 15.61 11.26 -28.67
C ALA C 189 15.18 12.74 -28.52
N ALA C 190 15.85 13.62 -29.26
CA ALA C 190 15.54 15.02 -29.22
C ALA C 190 14.05 15.23 -29.54
N ILE C 191 13.53 14.53 -30.57
CA ILE C 191 12.09 14.64 -30.89
C ILE C 191 11.33 13.90 -29.73
N GLU C 192 11.98 12.94 -29.08
CA GLU C 192 11.34 12.17 -27.98
C GLU C 192 10.95 13.29 -27.03
N GLY C 193 11.91 14.17 -26.74
CA GLY C 193 11.63 15.27 -25.82
C GLY C 193 10.50 16.24 -26.15
N TRP C 194 10.77 17.10 -27.13
CA TRP C 194 9.83 18.13 -27.56
C TRP C 194 8.35 17.77 -27.36
N LEU C 195 7.97 16.60 -27.82
CA LEU C 195 6.56 16.14 -27.67
C LEU C 195 6.07 16.15 -26.20
N ILE C 196 6.88 15.57 -25.28
CA ILE C 196 6.50 15.49 -23.88
C ILE C 196 6.50 16.90 -23.31
N VAL C 197 7.51 17.69 -23.66
CA VAL C 197 7.53 19.12 -23.25
C VAL C 197 6.15 19.73 -23.54
N ASN C 198 5.65 19.54 -24.78
CA ASN C 198 4.34 20.10 -25.14
C ASN C 198 3.21 19.36 -24.42
N VAL C 199 3.43 18.07 -24.11
CA VAL C 199 2.43 17.34 -23.35
C VAL C 199 2.27 18.01 -21.95
N TRP C 200 3.41 18.28 -21.29
CA TRP C 200 3.39 18.89 -19.99
C TRP C 200 2.66 20.26 -20.02
N ASP C 201 3.07 21.09 -20.97
CA ASP C 201 2.49 22.41 -21.14
C ASP C 201 0.97 22.33 -21.29
N GLN C 202 0.47 21.34 -22.03
CA GLN C 202 -0.97 21.20 -22.16
C GLN C 202 -1.57 20.93 -20.74
N LEU C 203 -1.00 19.98 -20.01
CA LEU C 203 -1.48 19.69 -18.65
C LEU C 203 -1.06 20.79 -17.68
N SER C 204 -0.33 21.77 -18.17
CA SER C 204 0.14 22.90 -17.36
C SER C 204 -1.00 23.70 -16.71
N ASP C 205 -1.77 24.39 -17.54
CA ASP C 205 -2.84 25.22 -17.00
C ASP C 205 -4.24 24.69 -17.29
N GLU C 206 -4.36 23.38 -17.50
CA GLU C 206 -5.66 22.76 -17.77
C GLU C 206 -6.51 22.82 -16.50
N SER D 1 15.30 -10.58 -45.57
CA SER D 1 15.44 -12.02 -45.22
C SER D 1 14.29 -12.53 -44.35
N ALA D 2 14.46 -12.44 -43.03
CA ALA D 2 13.48 -12.92 -42.05
C ALA D 2 12.03 -12.58 -42.36
N SER D 3 11.15 -13.55 -42.11
CA SER D 3 9.73 -13.35 -42.37
C SER D 3 8.93 -14.42 -41.61
N PHE D 4 7.65 -14.16 -41.40
CA PHE D 4 6.84 -15.12 -40.67
C PHE D 4 6.38 -16.24 -41.58
N ASP D 5 7.28 -17.18 -41.85
CA ASP D 5 6.97 -18.28 -42.78
C ASP D 5 6.38 -19.55 -42.19
N GLY D 6 5.88 -19.48 -40.95
CA GLY D 6 5.24 -20.65 -40.37
C GLY D 6 3.76 -20.61 -40.74
N PRO D 7 2.91 -21.36 -40.04
CA PRO D 7 1.46 -21.39 -40.32
C PRO D 7 0.80 -19.97 -40.30
N LYS D 8 0.07 -19.64 -41.35
CA LYS D 8 -0.59 -18.35 -41.44
C LYS D 8 -2.07 -18.69 -41.26
N PHE D 9 -2.71 -18.15 -40.21
CA PHE D 9 -4.11 -18.45 -39.90
C PHE D 9 -5.12 -17.38 -40.30
N LYS D 10 -6.33 -17.82 -40.65
CA LYS D 10 -7.36 -16.89 -41.08
C LYS D 10 -8.33 -16.64 -39.93
N THR D 12 -11.79 -14.78 -37.89
CA THR D 12 -13.21 -14.82 -38.22
C THR D 12 -13.71 -13.70 -39.09
N ASP D 13 -12.99 -12.57 -39.14
CA ASP D 13 -13.41 -11.42 -39.94
C ASP D 13 -12.66 -11.41 -41.27
N GLY D 14 -12.09 -12.56 -41.61
CA GLY D 14 -11.37 -12.70 -42.84
C GLY D 14 -9.90 -12.32 -42.87
N SER D 15 -9.41 -11.63 -41.83
CA SER D 15 -8.00 -11.24 -41.79
C SER D 15 -7.07 -12.43 -41.53
N TYR D 16 -5.77 -12.24 -41.72
CA TYR D 16 -4.81 -13.32 -41.51
C TYR D 16 -3.75 -12.95 -40.48
N VAL D 17 -3.19 -13.95 -39.79
CA VAL D 17 -2.11 -13.70 -38.85
C VAL D 17 -0.96 -14.60 -39.30
N GLN D 18 0.17 -14.00 -39.65
CA GLN D 18 1.33 -14.79 -40.04
C GLN D 18 1.99 -15.25 -38.75
N THR D 19 2.80 -16.29 -38.82
CA THR D 19 3.43 -16.81 -37.60
C THR D 19 4.88 -17.23 -37.76
N LYS D 20 5.57 -17.29 -36.64
CA LYS D 20 6.94 -17.72 -36.63
C LYS D 20 7.26 -18.26 -35.24
N THR D 21 7.95 -19.39 -35.23
CA THR D 21 8.33 -20.06 -33.99
C THR D 21 9.79 -20.40 -33.97
N ILE D 22 10.49 -19.92 -32.96
CA ILE D 22 11.90 -20.23 -32.85
C ILE D 22 12.19 -21.01 -31.55
N ASP D 23 12.99 -22.06 -31.68
CA ASP D 23 13.40 -22.91 -30.54
C ASP D 23 14.66 -22.40 -29.92
N VAL D 24 14.63 -21.14 -29.53
CA VAL D 24 15.76 -20.46 -28.95
C VAL D 24 16.66 -21.39 -28.16
N GLY D 25 17.92 -21.44 -28.60
CA GLY D 25 18.93 -22.24 -27.93
C GLY D 25 19.76 -21.22 -27.20
N SER D 26 21.09 -21.30 -27.34
CA SER D 26 21.92 -20.32 -26.65
C SER D 26 22.85 -19.61 -27.58
N SER D 27 22.50 -19.50 -28.86
CA SER D 27 23.40 -18.86 -29.81
C SER D 27 22.69 -18.14 -30.96
N THR D 28 21.41 -18.44 -31.13
CA THR D 28 20.55 -17.86 -32.16
C THR D 28 20.44 -16.30 -32.14
N ASP D 29 19.86 -15.70 -33.19
CA ASP D 29 19.64 -14.25 -33.18
C ASP D 29 18.12 -14.01 -33.34
N ILE D 30 17.48 -13.44 -32.31
CA ILE D 30 16.05 -13.20 -32.39
C ILE D 30 15.69 -11.74 -32.74
N SER D 31 16.70 -10.89 -32.97
CA SER D 31 16.38 -9.50 -33.29
C SER D 31 15.39 -9.35 -34.46
N PRO D 32 15.80 -9.77 -35.69
CA PRO D 32 15.06 -9.73 -36.95
C PRO D 32 13.52 -9.90 -36.89
N TYR D 33 13.08 -10.82 -36.01
CA TYR D 33 11.66 -11.10 -35.83
C TYR D 33 11.07 -10.11 -34.81
N LEU D 34 11.92 -9.54 -33.95
CA LEU D 34 11.45 -8.52 -33.01
C LEU D 34 11.20 -7.24 -33.83
N SER D 35 12.02 -6.99 -34.85
CA SER D 35 11.83 -5.78 -35.65
C SER D 35 10.51 -5.77 -36.33
N LEU D 36 10.26 -6.83 -37.08
CA LEU D 36 8.97 -6.97 -37.77
C LEU D 36 7.77 -6.69 -36.83
N ILE D 37 7.66 -7.34 -35.67
CA ILE D 37 6.52 -7.00 -34.77
C ILE D 37 6.49 -5.46 -34.44
N ARG D 38 7.62 -4.86 -34.05
CA ARG D 38 7.68 -3.41 -33.72
C ARG D 38 7.38 -2.54 -34.97
N GLU D 39 7.63 -3.10 -36.15
CA GLU D 39 7.37 -2.40 -37.40
C GLU D 39 5.85 -2.44 -37.61
N ASP D 40 5.28 -3.65 -37.61
CA ASP D 40 3.80 -3.79 -37.79
C ASP D 40 3.03 -3.07 -36.67
N SER D 41 3.61 -3.08 -35.47
CA SER D 41 2.94 -2.42 -34.33
C SER D 41 2.94 -0.85 -34.43
N ILE D 42 3.94 -0.30 -35.08
CA ILE D 42 4.03 1.15 -35.18
C ILE D 42 3.36 1.62 -36.47
N LEU D 43 3.61 0.91 -37.57
CA LEU D 43 3.02 1.28 -38.84
C LEU D 43 1.59 0.74 -39.01
N ASN D 44 1.32 -0.47 -38.55
CA ASN D 44 -0.01 -1.06 -38.71
C ASN D 44 -0.86 -1.16 -37.44
N GLY D 45 -0.23 -1.10 -36.27
CA GLY D 45 -0.97 -1.28 -35.02
C GLY D 45 -1.02 -0.15 -33.99
N ASN D 46 -0.32 0.94 -34.30
CA ASN D 46 -0.29 2.05 -33.36
C ASN D 46 0.08 1.53 -31.95
N ARG D 47 1.39 1.39 -31.77
CA ARG D 47 2.03 0.97 -30.55
C ARG D 47 1.31 -0.07 -29.68
N ALA D 48 0.43 -0.81 -30.33
CA ALA D 48 -0.37 -1.89 -29.73
C ALA D 48 0.43 -3.14 -29.79
N VAL D 49 0.53 -3.84 -28.67
CA VAL D 49 1.28 -5.11 -28.64
C VAL D 49 0.61 -5.96 -27.57
N ILE D 50 0.19 -7.15 -27.95
CA ILE D 50 -0.47 -8.01 -27.01
C ILE D 50 0.36 -9.27 -26.82
N PHE D 51 0.71 -9.58 -25.57
CA PHE D 51 1.53 -10.76 -25.29
C PHE D 51 0.92 -11.77 -24.29
N ASP D 52 1.67 -12.81 -24.01
CA ASP D 52 1.27 -13.82 -23.03
C ASP D 52 2.55 -14.60 -22.72
N VAL D 53 2.65 -15.20 -21.53
CA VAL D 53 3.85 -15.96 -21.16
C VAL D 53 3.60 -17.42 -20.71
N TYR D 54 4.65 -18.21 -20.67
CA TYR D 54 4.45 -19.62 -20.31
C TYR D 54 5.66 -20.02 -19.49
N TRP D 55 5.36 -20.63 -18.35
CA TRP D 55 6.32 -21.05 -17.37
C TRP D 55 6.51 -22.57 -17.22
N ASP D 56 7.73 -22.91 -16.81
CA ASP D 56 8.16 -24.28 -16.47
C ASP D 56 8.04 -24.19 -14.95
N VAL D 57 7.15 -24.96 -14.34
CA VAL D 57 7.04 -24.85 -12.88
C VAL D 57 8.05 -25.86 -12.31
N GLY D 58 8.99 -25.34 -11.54
CA GLY D 58 10.01 -26.20 -10.95
C GLY D 58 9.82 -26.35 -9.45
N PHE D 59 10.41 -27.40 -8.87
CA PHE D 59 10.31 -27.67 -7.43
C PHE D 59 11.66 -27.52 -6.74
N THR D 66 11.63 -19.38 -0.74
CA THR D 66 10.80 -18.90 -1.87
C THR D 66 10.56 -20.02 -2.92
N LYS D 67 9.36 -20.62 -2.89
CA LYS D 67 8.98 -21.67 -3.84
C LYS D 67 8.83 -21.24 -5.34
N THR D 68 8.48 -19.97 -5.58
CA THR D 68 8.32 -19.52 -6.96
C THR D 68 9.66 -19.16 -7.58
N SER D 69 10.74 -19.31 -6.81
CA SER D 69 12.06 -18.96 -7.33
C SER D 69 12.43 -19.85 -8.52
N GLY D 70 12.02 -21.11 -8.45
CA GLY D 70 12.31 -22.04 -9.54
C GLY D 70 11.51 -21.80 -10.81
N TRP D 71 10.34 -21.18 -10.68
CA TRP D 71 9.50 -20.89 -11.87
C TRP D 71 10.42 -20.21 -12.87
N SER D 72 10.66 -20.85 -14.02
CA SER D 72 11.53 -20.29 -15.06
C SER D 72 10.71 -20.13 -16.30
N LEU D 73 11.01 -19.10 -17.09
CA LEU D 73 10.28 -18.79 -18.33
C LEU D 73 10.66 -19.82 -19.39
N SER D 74 9.65 -20.36 -20.09
CA SER D 74 9.90 -21.37 -21.13
C SER D 74 9.69 -20.82 -22.57
N SER D 75 8.80 -19.83 -22.68
CA SER D 75 8.53 -19.19 -23.96
C SER D 75 7.62 -18.00 -23.75
N VAL D 76 7.43 -17.23 -24.84
CA VAL D 76 6.58 -16.06 -24.82
C VAL D 76 5.90 -15.88 -26.16
N LYS D 77 4.72 -15.27 -26.12
CA LYS D 77 3.95 -14.95 -27.30
C LYS D 77 3.88 -13.41 -27.41
N LEU D 78 4.16 -12.88 -28.61
CA LEU D 78 4.14 -11.43 -28.93
C LEU D 78 3.24 -11.30 -30.15
N SER D 79 2.12 -10.61 -30.02
CA SER D 79 1.21 -10.44 -31.14
C SER D 79 0.97 -8.96 -31.39
N THR D 80 0.75 -8.61 -32.66
CA THR D 80 0.48 -7.24 -33.07
C THR D 80 -0.81 -7.26 -33.83
N ARG D 81 -0.75 -6.74 -35.05
CA ARG D 81 -1.88 -6.72 -35.95
C ARG D 81 -1.95 -7.99 -36.81
N ASN D 82 -0.90 -8.17 -37.62
CA ASN D 82 -0.84 -9.25 -38.58
C ASN D 82 0.23 -10.32 -38.29
N LEU D 83 0.74 -10.33 -37.07
CA LEU D 83 1.81 -11.26 -36.69
C LEU D 83 1.69 -11.89 -35.30
N CYS D 84 2.24 -13.11 -35.17
CA CYS D 84 2.29 -13.84 -33.91
C CYS D 84 3.69 -14.47 -33.87
N LEU D 85 4.52 -14.05 -32.91
CA LEU D 85 5.90 -14.56 -32.77
C LEU D 85 5.98 -15.42 -31.54
N PHE D 86 6.69 -16.56 -31.63
CA PHE D 86 6.88 -17.51 -30.54
C PHE D 86 8.39 -17.79 -30.24
N LEU D 87 8.82 -17.46 -29.03
CA LEU D 87 10.23 -17.72 -28.66
C LEU D 87 10.30 -18.80 -27.58
N ARG D 88 10.66 -20.04 -27.96
CA ARG D 88 10.76 -21.14 -26.99
C ARG D 88 12.19 -21.07 -26.48
N LEU D 89 12.28 -20.83 -25.16
CA LEU D 89 13.53 -20.57 -24.48
C LEU D 89 14.23 -21.69 -23.75
N PRO D 90 15.55 -21.64 -23.72
CA PRO D 90 16.30 -22.69 -23.04
C PRO D 90 16.24 -22.43 -21.54
N LYS D 91 17.08 -23.13 -20.77
CA LYS D 91 17.20 -22.98 -19.32
C LYS D 91 18.58 -23.55 -18.97
N PRO D 92 19.52 -22.69 -18.55
CA PRO D 92 19.38 -21.25 -18.36
C PRO D 92 19.42 -20.48 -19.68
N PHE D 93 19.35 -19.17 -19.55
CA PHE D 93 19.40 -18.25 -20.69
C PHE D 93 20.82 -17.85 -21.03
N HIS D 94 21.04 -17.45 -22.28
CA HIS D 94 22.35 -16.99 -22.71
C HIS D 94 22.17 -15.54 -23.15
N ASP D 95 23.30 -14.83 -23.26
CA ASP D 95 23.34 -13.44 -23.65
C ASP D 95 22.65 -13.04 -24.95
N ASN D 96 22.45 -14.00 -25.85
CA ASN D 96 21.80 -13.68 -27.10
C ASN D 96 20.35 -13.34 -26.78
N LEU D 97 19.97 -13.60 -25.54
CA LEU D 97 18.61 -13.28 -25.11
C LEU D 97 18.48 -11.89 -24.48
N LYS D 98 19.51 -11.05 -24.57
CA LYS D 98 19.41 -9.70 -24.01
C LYS D 98 18.41 -8.87 -24.82
N ASP D 99 18.32 -9.14 -26.13
CA ASP D 99 17.40 -8.43 -27.02
C ASP D 99 15.90 -8.59 -26.65
N LEU D 100 15.49 -9.76 -26.13
CA LEU D 100 14.10 -9.90 -25.71
C LEU D 100 13.82 -8.99 -24.50
N TYR D 101 14.81 -8.83 -23.61
CA TYR D 101 14.64 -7.97 -22.41
C TYR D 101 14.55 -6.47 -22.81
N ARG D 102 15.48 -6.00 -23.64
CA ARG D 102 15.44 -4.55 -24.01
C ARG D 102 14.15 -4.13 -24.74
N PHE D 103 13.55 -5.06 -25.48
CA PHE D 103 12.32 -4.82 -26.22
C PHE D 103 11.03 -5.02 -25.40
N PHE D 104 11.05 -5.94 -24.45
CA PHE D 104 9.88 -6.13 -23.63
C PHE D 104 9.74 -4.93 -22.68
N ALA D 105 10.85 -4.25 -22.40
CA ALA D 105 10.87 -3.09 -21.50
C ALA D 105 11.07 -1.82 -22.31
N SER D 106 10.52 -1.78 -23.52
CA SER D 106 10.62 -0.64 -24.44
C SER D 106 9.50 0.41 -24.26
N LYS D 107 9.83 1.70 -24.44
CA LYS D 107 8.87 2.83 -24.39
C LYS D 107 8.38 3.14 -25.85
N PHE D 108 9.15 2.65 -26.83
CA PHE D 108 8.84 2.85 -28.25
C PHE D 108 7.51 2.21 -28.51
N VAL D 109 7.09 1.34 -27.59
CA VAL D 109 5.86 0.58 -27.70
C VAL D 109 5.38 0.31 -26.27
N THR D 110 4.22 -0.35 -26.15
CA THR D 110 3.63 -0.76 -24.86
C THR D 110 3.50 -2.31 -24.86
N PHE D 111 3.27 -2.91 -23.68
CA PHE D 111 3.07 -4.38 -23.55
C PHE D 111 1.81 -4.83 -22.80
N VAL D 112 0.76 -5.00 -23.59
CA VAL D 112 -0.56 -5.38 -23.17
C VAL D 112 -0.51 -6.84 -22.80
N GLY D 113 -0.82 -7.15 -21.56
CA GLY D 113 -0.78 -8.54 -21.14
C GLY D 113 -2.11 -8.89 -20.52
N VAL D 114 -2.43 -10.17 -20.49
CA VAL D 114 -3.69 -10.62 -19.93
C VAL D 114 -3.28 -11.50 -18.74
N GLN D 115 -3.68 -11.09 -17.56
CA GLN D 115 -3.33 -11.84 -16.36
C GLN D 115 -1.80 -11.91 -16.19
N ILE D 116 -1.15 -10.74 -16.02
CA ILE D 116 0.34 -10.62 -15.87
C ILE D 116 1.01 -10.09 -14.55
N GLU D 117 0.24 -9.60 -13.57
CA GLU D 117 0.81 -9.08 -12.33
C GLU D 117 1.83 -10.13 -11.76
N GLU D 118 1.36 -11.33 -11.43
CA GLU D 118 2.26 -12.39 -10.92
C GLU D 118 3.44 -12.58 -11.87
N ASP D 119 3.14 -12.67 -13.17
CA ASP D 119 4.18 -12.83 -14.19
C ASP D 119 5.29 -11.77 -14.10
N LEU D 120 4.92 -10.50 -13.99
CA LEU D 120 5.91 -9.41 -13.90
C LEU D 120 6.76 -9.77 -12.66
N ASP D 121 6.09 -10.10 -11.54
CA ASP D 121 6.85 -10.48 -10.35
C ASP D 121 7.88 -11.57 -10.71
N LEU D 122 7.41 -12.75 -11.16
CA LEU D 122 8.35 -13.81 -11.51
C LEU D 122 9.42 -13.37 -12.53
N LEU D 123 9.03 -12.61 -13.57
CA LEU D 123 10.02 -12.12 -14.57
C LEU D 123 11.07 -11.17 -13.92
N ARG D 124 10.62 -10.20 -13.14
CA ARG D 124 11.58 -9.26 -12.51
C ARG D 124 12.40 -10.01 -11.44
N GLU D 125 11.71 -10.58 -10.46
CA GLU D 125 12.37 -11.27 -9.37
C GLU D 125 13.10 -12.57 -9.72
N ASN D 126 12.71 -13.24 -10.80
CA ASN D 126 13.35 -14.52 -11.10
C ASN D 126 14.39 -14.43 -12.20
N HIS D 127 14.24 -13.44 -13.12
CA HIS D 127 15.16 -13.39 -14.27
C HIS D 127 15.66 -11.98 -14.59
N GLY D 128 15.28 -11.02 -13.75
CA GLY D 128 15.66 -9.63 -13.96
C GLY D 128 14.93 -9.10 -15.18
N LEU D 129 13.78 -9.66 -15.47
CA LEU D 129 13.00 -9.26 -16.62
C LEU D 129 11.99 -8.19 -16.19
N VAL D 130 12.26 -6.97 -16.67
CA VAL D 130 11.48 -5.77 -16.37
C VAL D 130 10.75 -5.33 -17.65
N ILE D 131 9.48 -5.00 -17.49
CA ILE D 131 8.66 -4.49 -18.57
C ILE D 131 8.24 -3.07 -18.10
N ARG D 132 8.85 -2.04 -18.69
CA ARG D 132 8.54 -0.68 -18.22
C ARG D 132 7.16 -0.12 -18.62
N ASN D 133 6.65 -0.56 -19.76
CA ASN D 133 5.36 -0.05 -20.27
C ASN D 133 4.40 -1.24 -20.42
N ALA D 134 3.74 -1.58 -19.33
CA ALA D 134 2.84 -2.74 -19.35
C ALA D 134 1.42 -2.44 -18.93
N ILE D 135 0.46 -3.12 -19.56
CA ILE D 135 -0.91 -3.00 -19.07
C ILE D 135 -1.58 -4.37 -18.87
N ASN D 136 -2.19 -4.57 -17.70
CA ASN D 136 -2.98 -5.74 -17.36
C ASN D 136 -4.35 -5.17 -17.82
N VAL D 137 -4.69 -5.50 -19.07
CA VAL D 137 -5.85 -4.96 -19.74
C VAL D 137 -7.29 -5.23 -19.26
N GLY D 138 -7.49 -6.20 -18.36
CA GLY D 138 -8.84 -6.46 -17.85
C GLY D 138 -9.37 -5.31 -17.02
N LYS D 139 -8.49 -4.68 -16.25
CA LYS D 139 -8.87 -3.57 -15.37
C LYS D 139 -9.31 -2.34 -16.18
N LEU D 140 -8.49 -1.89 -17.12
CA LEU D 140 -8.87 -0.75 -17.97
C LEU D 140 -10.16 -1.15 -18.69
N ALA D 141 -10.26 -2.41 -19.13
CA ALA D 141 -11.48 -2.84 -19.83
C ALA D 141 -12.69 -2.69 -18.91
N ALA D 142 -12.57 -3.16 -17.68
CA ALA D 142 -13.67 -3.08 -16.71
C ALA D 142 -14.13 -1.63 -16.50
N GLU D 143 -13.18 -0.74 -16.20
CA GLU D 143 -13.50 0.66 -15.98
C GLU D 143 -14.04 1.35 -17.22
N ALA D 144 -13.30 1.24 -18.31
CA ALA D 144 -13.72 1.87 -19.57
C ALA D 144 -15.19 1.60 -19.76
N ARG D 145 -15.62 0.36 -19.56
CA ARG D 145 -17.01 0.13 -19.79
C ARG D 145 -18.00 -0.20 -18.68
N GLY D 146 -17.74 0.29 -17.46
CA GLY D 146 -18.65 0.03 -16.35
C GLY D 146 -19.08 -1.44 -16.17
N THR D 147 -18.12 -2.35 -16.20
CA THR D 147 -18.44 -3.78 -16.06
C THR D 147 -17.33 -4.34 -15.19
N LEU D 148 -17.60 -4.37 -13.87
CA LEU D 148 -16.65 -4.86 -12.88
C LEU D 148 -16.02 -6.20 -13.22
N VAL D 149 -16.85 -7.15 -13.67
CA VAL D 149 -16.33 -8.47 -13.94
C VAL D 149 -15.27 -8.62 -15.03
N LEU D 150 -14.96 -7.56 -15.81
CA LEU D 150 -13.95 -7.70 -16.89
C LEU D 150 -12.50 -7.86 -16.37
N GLU D 151 -12.18 -7.26 -15.23
CA GLU D 151 -10.83 -7.36 -14.69
C GLU D 151 -10.56 -8.82 -14.31
N PHE D 152 -11.65 -9.52 -13.94
CA PHE D 152 -11.60 -10.89 -13.44
C PHE D 152 -11.74 -12.02 -14.48
N LEU D 153 -12.20 -11.65 -15.67
CA LEU D 153 -12.35 -12.65 -16.72
C LEU D 153 -10.92 -13.02 -17.12
N GLY D 154 -10.74 -14.14 -17.82
CA GLY D 154 -9.40 -14.45 -18.28
C GLY D 154 -9.14 -13.87 -19.67
N THR D 155 -9.37 -14.69 -20.69
CA THR D 155 -9.06 -14.25 -22.02
C THR D 155 -10.18 -14.21 -23.06
N ARG D 156 -10.84 -15.35 -23.21
CA ARG D 156 -11.89 -15.53 -24.20
C ARG D 156 -13.17 -14.87 -23.76
N GLU D 157 -13.37 -14.78 -22.46
CA GLU D 157 -14.57 -14.18 -21.91
C GLU D 157 -14.41 -12.63 -21.81
N LEU D 158 -13.18 -12.09 -21.68
CA LEU D 158 -13.03 -10.62 -21.62
C LEU D 158 -13.46 -10.09 -22.99
N ALA D 159 -12.84 -10.61 -24.05
CA ALA D 159 -13.14 -10.18 -25.41
C ALA D 159 -14.57 -10.53 -25.77
N HIS D 160 -15.12 -11.61 -25.17
CA HIS D 160 -16.51 -11.97 -25.43
C HIS D 160 -17.41 -10.82 -24.95
N ARG D 161 -17.24 -10.48 -23.66
CA ARG D 161 -18.00 -9.46 -22.97
C ARG D 161 -17.71 -8.10 -23.55
N VAL D 162 -16.80 -8.06 -24.50
CA VAL D 162 -16.40 -6.81 -25.07
C VAL D 162 -16.37 -6.65 -26.59
N LEU D 163 -16.24 -7.73 -27.35
CA LEU D 163 -16.24 -7.63 -28.82
C LEU D 163 -17.33 -8.52 -29.40
N TRP D 164 -17.93 -9.36 -28.57
CA TRP D 164 -18.98 -10.28 -28.96
C TRP D 164 -18.77 -10.80 -30.37
N SER D 165 -17.63 -11.48 -30.57
CA SER D 165 -17.29 -12.03 -31.85
C SER D 165 -17.34 -13.58 -31.84
N ASP D 166 -17.21 -14.18 -33.01
CA ASP D 166 -17.27 -15.63 -33.15
C ASP D 166 -16.19 -16.43 -32.44
N LEU D 167 -16.59 -17.05 -31.34
CA LEU D 167 -15.65 -17.82 -30.55
C LEU D 167 -15.86 -19.34 -30.52
N GLY D 168 -16.65 -19.84 -31.46
CA GLY D 168 -16.87 -21.29 -31.49
C GLY D 168 -15.58 -22.07 -31.70
N GLN D 169 -14.88 -21.80 -32.78
CA GLN D 169 -13.65 -22.54 -33.08
C GLN D 169 -12.66 -22.50 -31.91
N LEU D 170 -12.47 -21.32 -31.33
CA LEU D 170 -11.55 -21.18 -30.19
C LEU D 170 -12.02 -22.08 -29.04
N ASP D 171 -13.30 -22.00 -28.73
CA ASP D 171 -13.82 -22.78 -27.63
C ASP D 171 -13.69 -24.23 -27.98
N SER D 172 -13.87 -24.57 -29.26
CA SER D 172 -13.81 -25.99 -29.60
C SER D 172 -12.44 -26.55 -29.28
N ILE D 173 -11.36 -25.82 -29.62
CA ILE D 173 -10.02 -26.35 -29.34
C ILE D 173 -9.66 -26.38 -27.83
N GLU D 174 -9.64 -25.21 -27.20
CA GLU D 174 -9.29 -25.17 -25.78
C GLU D 174 -10.11 -26.17 -24.97
N ALA D 175 -11.33 -26.46 -25.43
CA ALA D 175 -12.19 -27.42 -24.72
C ALA D 175 -11.49 -28.78 -24.58
N LYS D 176 -10.55 -29.06 -25.49
CA LYS D 176 -9.85 -30.33 -25.41
C LYS D 176 -8.36 -30.11 -25.54
N TRP D 177 -7.90 -29.08 -24.83
CA TRP D 177 -6.52 -28.67 -24.88
C TRP D 177 -5.54 -29.81 -24.91
N GLU D 178 -5.77 -30.81 -24.06
CA GLU D 178 -4.88 -31.94 -23.97
C GLU D 178 -4.79 -32.78 -25.26
N LYS D 179 -5.84 -32.81 -26.07
CA LYS D 179 -5.76 -33.60 -27.30
C LYS D 179 -5.31 -32.77 -28.50
N ALA D 180 -4.92 -31.52 -28.27
CA ALA D 180 -4.51 -30.62 -29.36
C ALA D 180 -3.05 -30.69 -29.79
N GLY D 181 -2.83 -30.75 -31.10
CA GLY D 181 -1.46 -30.78 -31.60
C GLY D 181 -0.75 -29.44 -31.35
N PRO D 182 0.58 -29.41 -31.28
CA PRO D 182 1.27 -28.14 -31.04
C PRO D 182 0.91 -27.11 -32.13
N GLU D 183 0.30 -27.59 -33.20
CA GLU D 183 -0.11 -26.73 -34.29
C GLU D 183 -1.42 -26.04 -33.97
N GLU D 184 -2.37 -26.82 -33.47
CA GLU D 184 -3.66 -26.27 -33.14
C GLU D 184 -3.55 -25.37 -31.91
N GLN D 185 -2.64 -25.70 -31.02
CA GLN D 185 -2.47 -24.88 -29.84
C GLN D 185 -1.92 -23.53 -30.30
N LEU D 186 -1.27 -23.49 -31.49
CA LEU D 186 -0.73 -22.24 -32.06
C LEU D 186 -1.94 -21.38 -32.47
N GLU D 187 -2.82 -21.98 -33.27
CA GLU D 187 -4.03 -21.31 -33.70
C GLU D 187 -4.79 -20.69 -32.51
N ALA D 188 -5.04 -21.50 -31.49
CA ALA D 188 -5.73 -21.01 -30.29
C ALA D 188 -5.03 -19.78 -29.66
N ALA D 189 -3.70 -19.73 -29.71
CA ALA D 189 -2.92 -18.63 -29.15
C ALA D 189 -2.94 -17.41 -30.08
N ALA D 190 -2.78 -17.65 -31.39
CA ALA D 190 -2.79 -16.55 -32.38
C ALA D 190 -4.18 -15.86 -32.36
N ILE D 191 -5.25 -16.65 -32.37
CA ILE D 191 -6.59 -16.10 -32.30
C ILE D 191 -6.84 -15.21 -31.02
N GLU D 192 -6.46 -15.69 -29.82
CA GLU D 192 -6.70 -14.90 -28.59
C GLU D 192 -5.82 -13.64 -28.56
N GLY D 193 -4.71 -13.68 -29.27
CA GLY D 193 -3.79 -12.54 -29.37
C GLY D 193 -4.43 -11.45 -30.22
N TRP D 194 -4.97 -11.88 -31.36
CA TRP D 194 -5.67 -11.01 -32.34
C TRP D 194 -6.88 -10.39 -31.60
N LEU D 195 -7.67 -11.24 -30.96
CA LEU D 195 -8.83 -10.78 -30.19
C LEU D 195 -8.46 -9.65 -29.20
N ILE D 196 -7.39 -9.87 -28.44
CA ILE D 196 -6.95 -8.91 -27.44
C ILE D 196 -6.40 -7.62 -28.05
N VAL D 197 -5.72 -7.72 -29.19
CA VAL D 197 -5.25 -6.50 -29.88
C VAL D 197 -6.55 -5.73 -30.20
N ASN D 198 -7.56 -6.44 -30.72
CA ASN D 198 -8.87 -5.81 -31.05
C ASN D 198 -9.56 -5.24 -29.81
N VAL D 199 -9.42 -5.96 -28.69
CA VAL D 199 -10.01 -5.51 -27.42
C VAL D 199 -9.34 -4.17 -27.10
N TRP D 200 -8.02 -4.15 -27.19
CA TRP D 200 -7.29 -2.92 -26.89
C TRP D 200 -7.42 -1.72 -27.87
N ASP D 201 -7.51 -1.99 -29.17
CA ASP D 201 -7.66 -0.93 -30.14
C ASP D 201 -8.93 -0.13 -29.78
N GLN D 202 -9.94 -0.88 -29.32
CA GLN D 202 -11.20 -0.34 -28.90
C GLN D 202 -11.05 0.46 -27.61
N LEU D 203 -10.43 -0.15 -26.60
CA LEU D 203 -10.24 0.51 -25.30
C LEU D 203 -9.49 1.84 -25.33
N SER D 204 -8.39 1.93 -26.08
CA SER D 204 -7.64 3.17 -26.14
C SER D 204 -8.49 4.31 -26.73
N ASP D 205 -9.55 3.95 -27.47
CA ASP D 205 -10.42 4.94 -28.11
C ASP D 205 -11.65 5.38 -27.35
N GLU D 206 -11.88 4.69 -26.23
CA GLU D 206 -13.02 4.93 -25.35
C GLU D 206 -12.65 5.82 -24.15
N SER E 1 -12.67 -45.59 -19.61
CA SER E 1 -12.36 -44.21 -20.10
C SER E 1 -12.34 -43.27 -18.90
N ALA E 2 -11.41 -42.31 -18.87
CA ALA E 2 -11.29 -41.36 -17.74
C ALA E 2 -12.66 -40.91 -17.28
N SER E 3 -13.01 -41.15 -16.03
CA SER E 3 -14.35 -40.80 -15.54
C SER E 3 -14.48 -40.49 -14.07
N PHE E 4 -15.45 -39.64 -13.74
CA PHE E 4 -15.80 -39.24 -12.37
C PHE E 4 -16.76 -40.31 -11.86
N ASP E 5 -16.20 -41.35 -11.24
CA ASP E 5 -16.98 -42.47 -10.73
C ASP E 5 -17.22 -42.50 -9.21
N GLY E 6 -17.33 -41.31 -8.62
CA GLY E 6 -17.55 -41.24 -7.19
C GLY E 6 -19.01 -40.96 -6.94
N PRO E 7 -19.42 -40.80 -5.67
CA PRO E 7 -20.82 -40.52 -5.33
C PRO E 7 -21.37 -39.34 -6.11
N LYS E 8 -22.67 -39.38 -6.39
CA LYS E 8 -23.36 -38.32 -7.12
C LYS E 8 -24.34 -37.65 -6.14
N PHE E 9 -24.59 -36.34 -6.28
CA PHE E 9 -25.51 -35.65 -5.37
C PHE E 9 -26.53 -34.85 -6.15
N LYS E 10 -27.71 -34.62 -5.55
CA LYS E 10 -28.75 -33.89 -6.23
C LYS E 10 -28.92 -32.55 -5.56
N THR E 12 -30.88 -28.57 -5.30
CA THR E 12 -32.27 -28.13 -5.18
C THR E 12 -32.79 -27.86 -6.60
N ASP E 13 -32.38 -28.70 -7.54
CA ASP E 13 -32.78 -28.49 -8.93
C ASP E 13 -32.57 -29.75 -9.76
N GLY E 14 -32.86 -30.90 -9.16
CA GLY E 14 -32.73 -32.18 -9.85
C GLY E 14 -31.38 -32.50 -10.47
N SER E 15 -30.53 -31.48 -10.69
CA SER E 15 -29.22 -31.69 -11.30
C SER E 15 -28.39 -32.67 -10.48
N TYR E 16 -27.37 -33.22 -11.14
CA TYR E 16 -26.51 -34.18 -10.49
C TYR E 16 -25.04 -33.91 -10.72
N VAL E 17 -24.32 -33.76 -9.61
CA VAL E 17 -22.90 -33.50 -9.66
C VAL E 17 -22.11 -34.80 -9.64
N GLN E 18 -21.23 -34.93 -10.63
CA GLN E 18 -20.34 -36.07 -10.78
C GLN E 18 -19.02 -35.81 -10.01
N THR E 19 -18.64 -36.69 -9.08
CA THR E 19 -17.39 -36.47 -8.32
C THR E 19 -16.28 -37.49 -8.53
N LYS E 20 -15.08 -37.12 -8.09
CA LYS E 20 -13.86 -37.96 -8.15
C LYS E 20 -12.85 -37.57 -7.03
N THR E 21 -12.25 -38.56 -6.36
CA THR E 21 -11.28 -38.26 -5.32
C THR E 21 -9.98 -39.02 -5.52
N ILE E 22 -8.90 -38.29 -5.77
CA ILE E 22 -7.63 -38.92 -6.00
C ILE E 22 -6.65 -38.72 -4.85
N ASP E 23 -6.19 -39.82 -4.27
CA ASP E 23 -5.20 -39.72 -3.22
C ASP E 23 -3.94 -39.81 -4.08
N VAL E 24 -3.50 -38.62 -4.49
CA VAL E 24 -2.36 -38.45 -5.35
C VAL E 24 -1.06 -38.94 -4.72
N GLY E 25 -0.29 -39.74 -5.45
CA GLY E 25 0.95 -40.21 -4.85
C GLY E 25 2.20 -39.52 -5.37
N SER E 26 3.20 -40.33 -5.71
CA SER E 26 4.47 -39.83 -6.24
C SER E 26 4.70 -40.59 -7.55
N SER E 27 3.58 -40.87 -8.21
CA SER E 27 3.55 -41.63 -9.45
C SER E 27 2.14 -41.63 -10.05
N THR E 28 1.27 -40.83 -9.47
CA THR E 28 -0.11 -40.71 -9.90
C THR E 28 -0.19 -39.64 -11.01
N ASP E 29 -1.14 -39.78 -11.93
CA ASP E 29 -1.36 -38.82 -13.00
C ASP E 29 -2.79 -38.28 -12.87
N ILE E 30 -2.94 -37.11 -12.27
CA ILE E 30 -4.26 -36.55 -12.04
C ILE E 30 -4.75 -35.76 -13.23
N SER E 31 -3.86 -35.55 -14.19
CA SER E 31 -4.21 -34.78 -15.35
C SER E 31 -5.48 -35.16 -16.12
N PRO E 32 -5.90 -36.46 -16.09
CA PRO E 32 -7.12 -36.72 -16.87
C PRO E 32 -8.39 -36.10 -16.28
N TYR E 33 -8.41 -35.89 -14.97
CA TYR E 33 -9.55 -35.30 -14.30
C TYR E 33 -9.50 -33.75 -14.37
N LEU E 34 -8.34 -33.12 -14.14
CA LEU E 34 -8.24 -31.66 -14.30
C LEU E 34 -8.56 -31.36 -15.76
N SER E 35 -8.17 -32.22 -16.70
CA SER E 35 -8.52 -31.93 -18.07
C SER E 35 -10.06 -32.00 -18.24
N LEU E 36 -10.70 -32.89 -17.48
CA LEU E 36 -12.16 -33.03 -17.53
C LEU E 36 -12.81 -31.86 -16.80
N ILE E 37 -12.07 -31.32 -15.84
CA ILE E 37 -12.57 -30.14 -15.15
C ILE E 37 -12.53 -28.96 -16.18
N ARG E 38 -11.42 -28.81 -16.89
CA ARG E 38 -11.28 -27.73 -17.83
C ARG E 38 -12.29 -27.81 -18.98
N GLU E 39 -12.46 -29.02 -19.53
CA GLU E 39 -13.40 -29.21 -20.63
C GLU E 39 -14.83 -28.81 -20.26
N ASP E 40 -15.35 -29.36 -19.16
CA ASP E 40 -16.72 -29.00 -18.77
C ASP E 40 -16.74 -27.51 -18.49
N SER E 41 -15.60 -26.96 -18.10
CA SER E 41 -15.55 -25.53 -17.81
C SER E 41 -15.75 -24.74 -19.11
N ILE E 42 -14.92 -25.04 -20.09
CA ILE E 42 -15.00 -24.34 -21.37
C ILE E 42 -16.34 -24.58 -22.12
N LEU E 43 -16.56 -25.82 -22.55
CA LEU E 43 -17.76 -26.23 -23.31
C LEU E 43 -19.11 -25.85 -22.74
N ASN E 44 -19.27 -25.93 -21.43
CA ASN E 44 -20.57 -25.63 -20.87
C ASN E 44 -20.54 -24.77 -19.63
N GLY E 45 -19.36 -24.28 -19.23
CA GLY E 45 -19.29 -23.49 -17.99
C GLY E 45 -18.88 -22.01 -17.99
N ASN E 46 -19.00 -21.32 -19.12
CA ASN E 46 -18.65 -19.91 -19.24
C ASN E 46 -17.28 -19.62 -18.65
N ARG E 47 -16.42 -20.63 -18.74
CA ARG E 47 -15.06 -20.56 -18.30
C ARG E 47 -14.77 -20.12 -16.85
N ALA E 48 -15.64 -20.57 -15.94
CA ALA E 48 -15.48 -20.37 -14.51
C ALA E 48 -15.22 -21.73 -13.88
N VAL E 49 -14.29 -21.75 -12.92
CA VAL E 49 -14.03 -22.95 -12.12
C VAL E 49 -14.06 -22.42 -10.68
N ILE E 50 -14.88 -23.03 -9.82
CA ILE E 50 -14.98 -22.59 -8.42
C ILE E 50 -14.03 -23.44 -7.58
N PHE E 51 -13.41 -22.89 -6.54
CA PHE E 51 -12.50 -23.75 -5.78
C PHE E 51 -12.41 -23.46 -4.30
N ASP E 52 -11.69 -24.32 -3.59
CA ASP E 52 -11.43 -24.12 -2.17
C ASP E 52 -10.19 -24.96 -1.87
N VAL E 53 -9.42 -24.57 -0.86
CA VAL E 53 -8.20 -25.31 -0.51
C VAL E 53 -8.33 -25.59 0.99
N TYR E 54 -7.67 -26.67 1.44
CA TYR E 54 -7.75 -27.13 2.84
C TYR E 54 -6.33 -27.50 3.25
N TRP E 55 -5.86 -26.90 4.34
CA TRP E 55 -4.52 -27.04 4.84
C TRP E 55 -4.33 -27.92 6.05
N ASP E 56 -3.12 -28.42 6.18
CA ASP E 56 -2.73 -29.13 7.36
C ASP E 56 -2.04 -27.96 8.13
N VAL E 57 -2.70 -27.48 9.19
CA VAL E 57 -2.18 -26.38 9.98
C VAL E 57 -0.85 -26.71 10.60
N GLY E 58 -0.08 -25.66 10.89
CA GLY E 58 1.23 -25.83 11.48
C GLY E 58 1.77 -24.71 12.34
N PHE E 59 2.80 -25.04 13.10
CA PHE E 59 3.43 -24.07 13.98
C PHE E 59 4.80 -23.54 13.48
N THR E 66 9.73 -18.86 10.34
CA THR E 66 8.68 -17.91 9.99
C THR E 66 7.25 -18.49 10.15
N LYS E 67 6.62 -18.13 11.27
CA LYS E 67 5.32 -18.58 11.74
C LYS E 67 4.20 -19.22 10.91
N THR E 68 3.79 -18.69 9.75
CA THR E 68 2.77 -19.41 9.01
C THR E 68 3.42 -20.54 8.21
N SER E 69 4.61 -20.91 8.66
CA SER E 69 5.37 -21.97 8.01
C SER E 69 4.78 -23.35 8.27
N GLY E 70 3.88 -23.47 9.24
CA GLY E 70 3.28 -24.79 9.49
C GLY E 70 2.11 -25.20 8.59
N TRP E 71 1.56 -24.29 7.78
CA TRP E 71 0.42 -24.69 6.96
C TRP E 71 0.88 -25.39 5.67
N SER E 72 0.17 -26.46 5.26
CA SER E 72 0.53 -27.22 4.06
C SER E 72 -0.69 -27.71 3.34
N LEU E 73 -0.80 -27.39 2.08
CA LEU E 73 -1.97 -27.76 1.28
C LEU E 73 -2.27 -29.26 1.44
N SER E 74 -3.39 -29.60 2.07
CA SER E 74 -3.72 -31.02 2.21
C SER E 74 -4.85 -31.42 1.25
N SER E 75 -5.72 -30.47 0.85
CA SER E 75 -6.78 -30.78 -0.11
C SER E 75 -7.15 -29.57 -1.01
N VAL E 76 -7.65 -29.89 -2.20
CA VAL E 76 -8.10 -28.91 -3.20
C VAL E 76 -9.42 -29.40 -3.76
N LYS E 77 -10.42 -28.53 -3.80
CA LYS E 77 -11.72 -28.86 -4.41
C LYS E 77 -11.89 -27.98 -5.66
N LEU E 78 -12.25 -28.58 -6.81
CA LEU E 78 -12.48 -27.87 -8.08
C LEU E 78 -13.89 -28.25 -8.52
N SER E 79 -14.76 -27.26 -8.62
CA SER E 79 -16.15 -27.50 -9.00
C SER E 79 -16.53 -26.74 -10.26
N THR E 80 -17.30 -27.42 -11.14
CA THR E 80 -17.83 -26.79 -12.36
C THR E 80 -19.33 -27.03 -12.19
N ARG E 81 -20.19 -26.46 -13.03
CA ARG E 81 -21.62 -26.70 -12.82
C ARG E 81 -21.97 -28.20 -12.70
N ASN E 82 -21.39 -29.01 -13.58
CA ASN E 82 -21.66 -30.44 -13.64
C ASN E 82 -20.81 -31.34 -12.74
N LEU E 83 -19.59 -30.91 -12.45
CA LEU E 83 -18.65 -31.72 -11.69
C LEU E 83 -18.07 -31.10 -10.43
N CYS E 84 -17.59 -31.98 -9.54
CA CYS E 84 -16.93 -31.55 -8.31
C CYS E 84 -15.77 -32.52 -8.09
N LEU E 85 -14.56 -32.03 -8.30
CA LEU E 85 -13.34 -32.85 -8.12
C LEU E 85 -12.65 -32.52 -6.79
N PHE E 86 -12.73 -33.46 -5.85
CA PHE E 86 -12.09 -33.25 -4.56
C PHE E 86 -10.76 -34.00 -4.55
N LEU E 87 -9.66 -33.28 -4.35
CA LEU E 87 -8.33 -33.89 -4.36
C LEU E 87 -7.70 -33.87 -2.97
N ARG E 88 -7.33 -35.04 -2.46
CA ARG E 88 -6.66 -35.11 -1.15
C ARG E 88 -5.19 -35.23 -1.51
N LEU E 89 -4.38 -34.30 -0.99
CA LEU E 89 -2.95 -34.26 -1.34
C LEU E 89 -1.95 -34.73 -0.30
N PRO E 90 -0.78 -35.21 -0.74
CA PRO E 90 0.16 -35.66 0.27
C PRO E 90 0.99 -34.49 0.80
N LYS E 91 1.97 -34.84 1.64
CA LYS E 91 2.87 -33.89 2.23
C LYS E 91 4.22 -34.59 2.43
N PRO E 92 5.26 -34.17 1.69
CA PRO E 92 5.28 -33.10 0.68
C PRO E 92 4.82 -33.60 -0.69
N PHE E 93 4.59 -32.66 -1.61
CA PHE E 93 4.17 -32.98 -2.96
C PHE E 93 5.29 -33.65 -3.71
N HIS E 94 4.93 -34.38 -4.77
CA HIS E 94 5.91 -35.00 -5.65
C HIS E 94 5.67 -34.37 -7.02
N ASP E 95 6.53 -34.69 -7.98
CA ASP E 95 6.44 -34.13 -9.32
C ASP E 95 5.12 -34.27 -10.05
N ASN E 96 4.44 -35.39 -9.84
CA ASN E 96 3.16 -35.60 -10.48
C ASN E 96 2.14 -34.46 -10.21
N LEU E 97 2.33 -33.68 -9.14
CA LEU E 97 1.41 -32.57 -8.89
C LEU E 97 1.67 -31.33 -9.77
N LYS E 98 2.74 -31.36 -10.58
CA LYS E 98 3.02 -30.25 -11.50
C LYS E 98 1.77 -29.96 -12.34
N ASP E 99 0.94 -30.98 -12.55
CA ASP E 99 -0.30 -30.83 -13.31
C ASP E 99 -1.22 -29.83 -12.58
N LEU E 100 -1.30 -29.92 -11.24
CA LEU E 100 -2.14 -28.99 -10.47
C LEU E 100 -1.59 -27.51 -10.57
N TYR E 101 -0.27 -27.33 -10.52
CA TYR E 101 0.30 -25.98 -10.65
C TYR E 101 -0.06 -25.43 -12.02
N ARG E 102 0.24 -26.21 -13.06
CA ARG E 102 -0.04 -25.81 -14.42
C ARG E 102 -1.52 -25.47 -14.57
N PHE E 103 -2.41 -26.30 -14.03
CA PHE E 103 -3.83 -26.00 -14.16
C PHE E 103 -4.21 -24.66 -13.53
N PHE E 104 -3.94 -24.51 -12.24
CA PHE E 104 -4.29 -23.29 -11.54
C PHE E 104 -3.68 -22.00 -12.12
N ALA E 105 -2.57 -22.11 -12.87
CA ALA E 105 -1.96 -20.92 -13.47
C ALA E 105 -2.66 -20.57 -14.80
N SER E 106 -3.68 -21.35 -15.17
CA SER E 106 -4.35 -21.14 -16.46
C SER E 106 -5.20 -19.87 -16.65
N LYS E 107 -5.10 -19.31 -17.85
CA LYS E 107 -5.83 -18.12 -18.24
C LYS E 107 -7.08 -18.50 -19.05
N PHE E 108 -7.25 -19.81 -19.32
CA PHE E 108 -8.44 -20.30 -20.05
C PHE E 108 -9.75 -20.07 -19.29
N VAL E 109 -9.67 -20.15 -17.95
CA VAL E 109 -10.81 -20.02 -17.07
C VAL E 109 -10.41 -19.18 -15.88
N THR E 110 -11.41 -18.71 -15.15
CA THR E 110 -11.23 -17.90 -13.95
C THR E 110 -11.47 -18.80 -12.74
N PHE E 111 -10.52 -18.76 -11.79
CA PHE E 111 -10.64 -19.56 -10.55
C PHE E 111 -11.41 -18.79 -9.50
N VAL E 112 -12.65 -19.25 -9.26
CA VAL E 112 -13.59 -18.58 -8.37
C VAL E 112 -13.53 -19.16 -6.96
N GLY E 113 -13.03 -18.34 -6.02
CA GLY E 113 -12.95 -18.76 -4.63
C GLY E 113 -13.70 -17.84 -3.70
N VAL E 114 -13.91 -18.29 -2.47
CA VAL E 114 -14.57 -17.50 -1.43
C VAL E 114 -13.56 -17.35 -0.28
N GLN E 115 -13.29 -16.10 0.09
CA GLN E 115 -12.33 -15.74 1.14
C GLN E 115 -10.98 -16.44 0.91
N ILE E 116 -10.36 -16.23 -0.26
CA ILE E 116 -9.04 -16.88 -0.56
C ILE E 116 -7.86 -15.90 -0.42
N GLU E 117 -8.08 -14.70 0.11
CA GLU E 117 -6.99 -13.71 0.21
C GLU E 117 -5.78 -14.28 1.00
N GLU E 118 -6.03 -14.91 2.14
CA GLU E 118 -4.94 -15.45 2.94
C GLU E 118 -4.43 -16.77 2.32
N ASP E 119 -5.35 -17.56 1.74
CA ASP E 119 -4.92 -18.83 1.15
C ASP E 119 -4.11 -18.59 -0.15
N LEU E 120 -4.50 -17.59 -0.94
CA LEU E 120 -3.75 -17.34 -2.17
C LEU E 120 -2.29 -17.05 -1.83
N ASP E 121 -2.08 -16.34 -0.72
CA ASP E 121 -0.74 -15.96 -0.30
C ASP E 121 -0.03 -17.13 0.37
N LEU E 122 -0.71 -17.84 1.27
CA LEU E 122 -0.07 -18.97 1.97
C LEU E 122 0.23 -20.00 0.87
N LEU E 123 -0.65 -20.08 -0.13
CA LEU E 123 -0.44 -21.03 -1.22
C LEU E 123 0.80 -20.62 -2.00
N ARG E 124 0.91 -19.33 -2.34
CA ARG E 124 2.05 -18.85 -3.10
C ARG E 124 3.35 -19.04 -2.31
N GLU E 125 3.35 -18.55 -1.06
CA GLU E 125 4.52 -18.62 -0.18
C GLU E 125 4.91 -20.05 0.23
N ASN E 126 3.90 -20.89 0.51
CA ASN E 126 4.16 -22.23 0.99
C ASN E 126 4.30 -23.34 -0.02
N HIS E 127 3.75 -23.14 -1.23
CA HIS E 127 3.84 -24.17 -2.29
C HIS E 127 4.34 -23.72 -3.66
N GLY E 128 4.25 -22.44 -3.96
CA GLY E 128 4.67 -21.96 -5.27
C GLY E 128 3.57 -22.28 -6.27
N LEU E 129 2.32 -22.34 -5.79
CA LEU E 129 1.17 -22.65 -6.64
C LEU E 129 0.52 -21.35 -7.07
N VAL E 130 1.01 -20.77 -8.15
CA VAL E 130 0.46 -19.51 -8.65
C VAL E 130 -0.83 -19.72 -9.48
N ILE E 131 -1.92 -19.05 -9.12
CA ILE E 131 -3.20 -19.12 -9.85
C ILE E 131 -3.33 -17.76 -10.56
N ARG E 132 -2.47 -17.53 -11.55
CA ARG E 132 -2.42 -16.25 -12.23
C ARG E 132 -3.78 -15.58 -12.45
N ASN E 133 -4.82 -16.40 -12.69
CA ASN E 133 -6.17 -15.92 -12.98
C ASN E 133 -7.17 -16.32 -11.89
N ALA E 134 -6.88 -15.88 -10.67
CA ALA E 134 -7.78 -16.18 -9.56
C ALA E 134 -8.63 -14.97 -9.35
N ILE E 135 -9.79 -15.22 -8.73
CA ILE E 135 -10.72 -14.17 -8.39
C ILE E 135 -11.25 -14.44 -6.97
N ASN E 136 -10.86 -13.62 -5.98
CA ASN E 136 -11.44 -13.86 -4.67
C ASN E 136 -12.83 -13.46 -5.09
N VAL E 137 -13.83 -14.33 -5.09
CA VAL E 137 -15.12 -13.83 -5.64
C VAL E 137 -15.89 -12.85 -4.77
N GLY E 138 -15.69 -12.94 -3.46
CA GLY E 138 -16.38 -12.06 -2.53
C GLY E 138 -16.62 -10.61 -2.94
N LYS E 139 -15.56 -9.82 -2.93
CA LYS E 139 -15.67 -8.39 -3.22
C LYS E 139 -16.56 -8.04 -4.42
N LEU E 140 -16.39 -8.75 -5.52
CA LEU E 140 -17.18 -8.48 -6.72
C LEU E 140 -18.66 -8.41 -6.32
N ALA E 141 -19.09 -9.36 -5.50
CA ALA E 141 -20.50 -9.37 -5.08
C ALA E 141 -20.86 -8.03 -4.44
N ALA E 142 -20.22 -7.69 -3.33
CA ALA E 142 -20.50 -6.43 -2.63
C ALA E 142 -20.59 -5.22 -3.59
N GLU E 143 -19.64 -5.10 -4.50
CA GLU E 143 -19.64 -3.98 -5.42
C GLU E 143 -20.79 -4.08 -6.43
N ALA E 144 -20.90 -5.23 -7.08
CA ALA E 144 -21.96 -5.46 -8.06
C ALA E 144 -23.32 -5.25 -7.44
N ARG E 145 -23.64 -6.03 -6.40
CA ARG E 145 -24.95 -5.91 -5.77
C ARG E 145 -25.13 -4.65 -4.92
N GLY E 146 -24.06 -3.92 -4.68
CA GLY E 146 -24.21 -2.73 -3.84
C GLY E 146 -24.60 -3.05 -2.38
N THR E 147 -24.03 -4.14 -1.84
CA THR E 147 -24.29 -4.59 -0.46
C THR E 147 -22.91 -4.78 0.20
N LEU E 148 -22.54 -3.89 1.11
CA LEU E 148 -21.23 -3.93 1.75
C LEU E 148 -20.86 -5.26 2.41
N VAL E 149 -21.85 -5.96 2.96
CA VAL E 149 -21.50 -7.18 3.68
C VAL E 149 -21.11 -8.42 2.88
N LEU E 150 -21.37 -8.44 1.57
CA LEU E 150 -21.07 -9.62 0.75
C LEU E 150 -19.58 -10.03 0.75
N GLU E 151 -18.66 -9.08 0.62
CA GLU E 151 -17.24 -9.42 0.66
C GLU E 151 -16.92 -9.94 2.09
N PHE E 152 -17.90 -9.89 3.00
CA PHE E 152 -17.72 -10.31 4.41
C PHE E 152 -18.64 -11.41 4.98
N LEU E 153 -18.75 -12.51 4.24
CA LEU E 153 -19.57 -13.66 4.64
C LEU E 153 -18.91 -14.97 4.28
N GLY E 154 -19.34 -16.05 4.91
CA GLY E 154 -18.78 -17.37 4.58
C GLY E 154 -19.36 -17.89 3.28
N THR E 155 -19.00 -19.11 2.86
CA THR E 155 -19.47 -19.59 1.56
C THR E 155 -21.01 -19.70 1.44
N ARG E 156 -21.63 -20.05 2.56
CA ARG E 156 -23.08 -20.23 2.57
C ARG E 156 -23.89 -18.96 2.63
N GLU E 157 -23.56 -18.10 3.59
CA GLU E 157 -24.27 -16.86 3.82
C GLU E 157 -24.19 -15.99 2.58
N LEU E 158 -23.06 -16.04 1.86
CA LEU E 158 -22.98 -15.26 0.62
C LEU E 158 -24.02 -15.85 -0.37
N ALA E 159 -24.11 -17.18 -0.42
CA ALA E 159 -25.08 -17.81 -1.33
C ALA E 159 -26.49 -17.39 -0.92
N HIS E 160 -26.77 -17.53 0.37
CA HIS E 160 -28.06 -17.15 0.91
C HIS E 160 -28.39 -15.70 0.52
N ARG E 161 -27.42 -14.79 0.73
CA ARG E 161 -27.65 -13.39 0.45
C ARG E 161 -27.65 -13.02 -1.01
N VAL E 162 -27.13 -13.90 -1.87
CA VAL E 162 -27.10 -13.61 -3.32
C VAL E 162 -28.18 -14.38 -4.10
N LEU E 163 -28.39 -15.64 -3.75
CA LEU E 163 -29.35 -16.47 -4.49
C LEU E 163 -30.63 -16.84 -3.72
N TRP E 164 -30.58 -16.70 -2.39
CA TRP E 164 -31.71 -17.00 -1.52
C TRP E 164 -32.37 -18.32 -1.83
N SER E 165 -31.58 -19.32 -2.22
CA SER E 165 -32.16 -20.61 -2.51
C SER E 165 -32.28 -21.40 -1.20
N ASP E 166 -32.61 -22.69 -1.31
CA ASP E 166 -32.81 -23.54 -0.14
C ASP E 166 -31.52 -24.18 0.34
N LEU E 167 -31.12 -23.82 1.56
CA LEU E 167 -29.87 -24.29 2.18
C LEU E 167 -30.15 -25.25 3.31
N GLY E 168 -31.36 -25.82 3.28
CA GLY E 168 -31.78 -26.74 4.31
C GLY E 168 -30.83 -27.90 4.56
N GLN E 169 -30.54 -28.66 3.53
CA GLN E 169 -29.63 -29.79 3.72
C GLN E 169 -28.26 -29.28 4.12
N LEU E 170 -27.90 -28.08 3.65
CA LEU E 170 -26.60 -27.53 3.97
C LEU E 170 -26.45 -27.13 5.43
N ASP E 171 -27.33 -26.29 5.94
CA ASP E 171 -27.16 -25.88 7.32
C ASP E 171 -27.16 -27.10 8.24
N SER E 172 -27.93 -28.13 7.88
CA SER E 172 -28.01 -29.32 8.73
C SER E 172 -26.69 -30.04 8.79
N ILE E 173 -26.13 -30.40 7.64
CA ILE E 173 -24.85 -31.10 7.68
C ILE E 173 -23.75 -30.28 8.37
N GLU E 174 -23.74 -28.96 8.18
CA GLU E 174 -22.63 -28.15 8.74
C GLU E 174 -22.71 -27.92 10.23
N ALA E 175 -23.94 -27.82 10.71
CA ALA E 175 -24.20 -27.62 12.12
C ALA E 175 -23.56 -28.74 12.92
N LYS E 176 -23.58 -29.96 12.40
CA LYS E 176 -22.94 -31.06 13.14
C LYS E 176 -21.76 -31.65 12.37
N TRP E 177 -20.84 -30.76 11.99
CA TRP E 177 -19.68 -31.10 11.17
C TRP E 177 -18.70 -32.16 11.68
N GLU E 178 -18.28 -32.06 12.93
CA GLU E 178 -17.29 -33.00 13.47
C GLU E 178 -17.82 -34.41 13.57
N LYS E 179 -19.12 -34.57 13.36
CA LYS E 179 -19.69 -35.89 13.45
C LYS E 179 -20.23 -36.40 12.11
N ALA E 180 -20.10 -35.56 11.07
CA ALA E 180 -20.57 -35.94 9.74
C ALA E 180 -19.66 -36.95 9.07
N GLY E 181 -20.27 -37.97 8.46
CA GLY E 181 -19.53 -38.99 7.74
C GLY E 181 -18.78 -38.38 6.57
N PRO E 182 -17.89 -39.15 5.89
CA PRO E 182 -17.12 -38.65 4.75
C PRO E 182 -17.97 -38.18 3.59
N GLU E 183 -18.99 -38.95 3.28
CA GLU E 183 -19.83 -38.61 2.16
C GLU E 183 -20.70 -37.42 2.48
N GLU E 184 -20.95 -37.19 3.76
CA GLU E 184 -21.73 -36.02 4.16
C GLU E 184 -20.87 -34.73 3.99
N GLN E 185 -19.57 -34.88 4.24
CA GLN E 185 -18.66 -33.77 4.14
C GLN E 185 -18.49 -33.47 2.65
N LEU E 186 -18.37 -34.51 1.82
CA LEU E 186 -18.27 -34.31 0.39
C LEU E 186 -19.57 -33.61 -0.03
N GLU E 187 -20.73 -34.16 0.35
CA GLU E 187 -21.99 -33.51 -0.07
C GLU E 187 -21.99 -32.01 0.28
N ALA E 188 -21.49 -31.65 1.46
CA ALA E 188 -21.45 -30.25 1.84
C ALA E 188 -20.53 -29.47 0.86
N ALA E 189 -19.40 -30.08 0.47
CA ALA E 189 -18.47 -29.47 -0.47
C ALA E 189 -19.17 -29.31 -1.81
N ALA E 190 -20.00 -30.30 -2.15
CA ALA E 190 -20.74 -30.28 -3.41
C ALA E 190 -21.70 -29.12 -3.42
N ILE E 191 -22.67 -29.12 -2.50
CA ILE E 191 -23.64 -28.02 -2.46
C ILE E 191 -22.95 -26.63 -2.45
N GLU E 192 -21.83 -26.48 -1.75
CA GLU E 192 -21.13 -25.18 -1.73
C GLU E 192 -20.48 -24.92 -3.10
N GLY E 193 -19.83 -25.93 -3.67
CA GLY E 193 -19.22 -25.75 -4.98
C GLY E 193 -20.31 -25.31 -5.98
N TRP E 194 -21.45 -26.02 -5.95
CA TRP E 194 -22.58 -25.70 -6.85
C TRP E 194 -23.20 -24.34 -6.47
N LEU E 195 -23.32 -24.06 -5.18
CA LEU E 195 -23.86 -22.76 -4.78
C LEU E 195 -23.03 -21.57 -5.34
N ILE E 196 -21.69 -21.69 -5.33
CA ILE E 196 -20.87 -20.59 -5.82
C ILE E 196 -20.74 -20.53 -7.33
N VAL E 197 -20.79 -21.69 -8.00
CA VAL E 197 -20.76 -21.71 -9.46
C VAL E 197 -22.04 -21.01 -9.94
N ASN E 198 -23.09 -21.01 -9.11
CA ASN E 198 -24.33 -20.30 -9.49
C ASN E 198 -24.14 -18.84 -9.12
N VAL E 199 -23.67 -18.56 -7.90
CA VAL E 199 -23.46 -17.15 -7.53
C VAL E 199 -22.65 -16.44 -8.63
N TRP E 200 -21.57 -17.07 -9.10
CA TRP E 200 -20.74 -16.48 -10.15
C TRP E 200 -21.53 -16.27 -11.45
N ASP E 201 -22.15 -17.33 -11.94
CA ASP E 201 -22.92 -17.25 -13.17
C ASP E 201 -23.95 -16.15 -13.00
N GLN E 202 -24.54 -16.03 -11.82
CA GLN E 202 -25.50 -14.96 -11.63
C GLN E 202 -24.77 -13.57 -11.55
N LEU E 203 -23.51 -13.53 -11.13
CA LEU E 203 -22.82 -12.24 -11.04
C LEU E 203 -22.13 -11.71 -12.30
N SER E 204 -21.48 -12.57 -13.07
CA SER E 204 -20.80 -12.07 -14.27
C SER E 204 -21.76 -11.49 -15.32
N ASP E 205 -23.05 -11.81 -15.23
CA ASP E 205 -24.00 -11.30 -16.21
C ASP E 205 -24.91 -10.14 -15.81
N GLU E 206 -24.74 -9.60 -14.61
CA GLU E 206 -25.59 -8.49 -14.17
C GLU E 206 -24.93 -7.12 -14.23
N SER F 1 -20.31 -34.83 30.36
CA SER F 1 -21.08 -33.89 29.45
C SER F 1 -20.22 -32.77 28.91
N ALA F 2 -20.40 -32.47 27.63
CA ALA F 2 -19.65 -31.37 27.02
C ALA F 2 -20.67 -30.26 26.78
N SER F 3 -21.00 -29.53 27.84
CA SER F 3 -21.96 -28.44 27.73
C SER F 3 -21.35 -27.22 28.38
N PHE F 4 -22.02 -26.09 28.23
CA PHE F 4 -21.56 -24.85 28.82
C PHE F 4 -22.13 -24.68 30.22
N ASP F 5 -21.36 -25.20 31.19
CA ASP F 5 -21.73 -25.19 32.59
C ASP F 5 -21.17 -24.11 33.53
N GLY F 6 -20.91 -22.92 33.00
CA GLY F 6 -20.44 -21.84 33.85
C GLY F 6 -21.64 -20.91 34.08
N PRO F 7 -21.47 -19.80 34.82
CA PRO F 7 -22.58 -18.88 35.08
C PRO F 7 -23.35 -18.30 33.88
N LYS F 8 -24.67 -18.14 34.07
CA LYS F 8 -25.55 -17.57 33.04
C LYS F 8 -25.62 -16.13 33.43
N PHE F 9 -25.70 -15.24 32.45
CA PHE F 9 -25.80 -13.84 32.76
C PHE F 9 -27.01 -13.30 32.05
N LYS F 10 -27.70 -12.35 32.69
CA LYS F 10 -28.90 -11.73 32.14
C LYS F 10 -28.54 -10.40 31.46
N THR F 12 -30.10 -7.40 28.55
CA THR F 12 -30.94 -6.23 28.68
C THR F 12 -32.26 -6.38 27.91
N ASP F 13 -32.36 -7.37 27.03
CA ASP F 13 -33.59 -7.59 26.27
C ASP F 13 -34.25 -8.88 26.76
N GLY F 14 -33.89 -9.30 27.98
CA GLY F 14 -34.47 -10.51 28.55
C GLY F 14 -33.70 -11.80 28.42
N SER F 15 -33.02 -11.97 27.29
CA SER F 15 -32.24 -13.18 27.03
C SER F 15 -31.10 -13.34 28.03
N TYR F 16 -30.49 -14.52 28.05
CA TYR F 16 -29.38 -14.82 28.93
C TYR F 16 -28.19 -15.34 28.13
N VAL F 17 -27.05 -15.48 28.81
CA VAL F 17 -25.85 -16.05 28.20
C VAL F 17 -25.18 -16.99 29.22
N GLN F 18 -24.84 -18.18 28.76
CA GLN F 18 -24.19 -19.26 29.50
C GLN F 18 -22.76 -18.92 29.95
N THR F 19 -21.83 -19.91 29.89
CA THR F 19 -20.35 -19.79 30.26
C THR F 19 -19.60 -21.10 30.04
N LYS F 20 -18.28 -21.00 29.89
CA LYS F 20 -17.37 -22.12 29.74
C LYS F 20 -15.96 -21.56 29.64
N THR F 21 -15.35 -21.45 30.82
CA THR F 21 -14.00 -20.94 30.98
C THR F 21 -13.09 -22.16 31.19
N ILE F 22 -12.08 -22.31 30.34
CA ILE F 22 -11.17 -23.44 30.52
C ILE F 22 -9.75 -22.89 30.65
N ASP F 23 -9.03 -23.46 31.60
CA ASP F 23 -7.62 -23.20 31.90
C ASP F 23 -6.81 -24.07 30.91
N VAL F 24 -7.15 -23.99 29.62
CA VAL F 24 -6.52 -24.83 28.61
C VAL F 24 -5.14 -25.33 28.96
N GLY F 25 -5.00 -26.66 29.08
CA GLY F 25 -3.72 -27.26 29.37
C GLY F 25 -3.30 -28.06 28.14
N SER F 26 -2.12 -28.66 28.23
CA SER F 26 -1.51 -29.42 27.15
C SER F 26 -2.29 -30.55 26.48
N SER F 27 -3.33 -31.04 27.12
CA SER F 27 -4.08 -32.13 26.51
C SER F 27 -5.58 -31.92 26.69
N THR F 28 -5.95 -30.66 26.90
CA THR F 28 -7.34 -30.26 27.06
C THR F 28 -7.98 -30.19 25.65
N ASP F 29 -8.88 -31.11 25.34
CA ASP F 29 -9.58 -31.15 24.07
C ASP F 29 -10.61 -30.02 24.05
N ILE F 30 -10.42 -29.00 23.24
CA ILE F 30 -11.39 -27.91 23.23
C ILE F 30 -12.29 -27.98 21.99
N SER F 31 -12.21 -29.08 21.26
CA SER F 31 -12.99 -29.24 20.04
C SER F 31 -14.49 -29.32 20.24
N PRO F 32 -14.96 -30.21 21.15
CA PRO F 32 -16.42 -30.31 21.36
C PRO F 32 -16.95 -28.96 21.78
N TYR F 33 -16.11 -28.16 22.45
CA TYR F 33 -16.57 -26.83 22.87
C TYR F 33 -16.63 -25.92 21.65
N LEU F 34 -15.70 -26.10 20.71
CA LEU F 34 -15.70 -25.31 19.48
C LEU F 34 -16.92 -25.72 18.55
N SER F 35 -17.38 -26.97 18.67
CA SER F 35 -18.52 -27.44 17.87
C SER F 35 -19.80 -26.66 18.13
N LEU F 36 -20.28 -26.69 19.38
CA LEU F 36 -21.50 -26.01 19.80
C LEU F 36 -21.49 -24.62 19.19
N ILE F 37 -20.58 -23.75 19.67
CA ILE F 37 -20.43 -22.39 19.16
C ILE F 37 -20.74 -22.40 17.66
N ARG F 38 -20.07 -23.28 16.92
CA ARG F 38 -20.32 -23.36 15.48
C ARG F 38 -21.80 -23.71 15.22
N GLU F 39 -22.25 -24.79 15.87
CA GLU F 39 -23.62 -25.23 15.72
C GLU F 39 -24.56 -24.07 16.09
N ASP F 40 -24.32 -23.44 17.23
CA ASP F 40 -25.15 -22.32 17.66
C ASP F 40 -25.12 -21.15 16.65
N SER F 41 -23.94 -20.81 16.13
CA SER F 41 -23.81 -19.71 15.16
C SER F 41 -24.63 -20.04 13.92
N ILE F 42 -24.41 -21.24 13.38
CA ILE F 42 -25.15 -21.67 12.18
C ILE F 42 -26.68 -21.83 12.40
N LEU F 43 -27.11 -22.46 13.49
CA LEU F 43 -28.56 -22.62 13.69
C LEU F 43 -29.23 -21.42 14.35
N ASN F 44 -28.51 -20.74 15.23
CA ASN F 44 -29.11 -19.63 16.00
C ASN F 44 -28.56 -18.21 15.83
N GLY F 45 -27.33 -18.09 15.32
CA GLY F 45 -26.72 -16.77 15.21
C GLY F 45 -26.37 -16.23 13.85
N ASN F 46 -26.99 -16.81 12.81
CA ASN F 46 -26.77 -16.39 11.45
C ASN F 46 -25.31 -16.52 11.01
N ARG F 47 -24.64 -17.56 11.50
CA ARG F 47 -23.29 -17.81 11.07
C ARG F 47 -22.17 -16.78 11.41
N ALA F 48 -22.44 -15.89 12.37
CA ALA F 48 -21.37 -15.01 12.83
C ALA F 48 -20.85 -15.57 14.17
N VAL F 49 -19.56 -15.40 14.39
CA VAL F 49 -18.91 -15.76 15.65
C VAL F 49 -18.13 -14.50 16.02
N ILE F 50 -18.58 -13.89 17.12
CA ILE F 50 -17.96 -12.68 17.62
C ILE F 50 -16.78 -13.10 18.49
N PHE F 51 -15.70 -12.34 18.42
CA PHE F 51 -14.52 -12.72 19.21
C PHE F 51 -13.72 -11.55 19.74
N ASP F 52 -12.70 -11.91 20.54
CA ASP F 52 -11.72 -10.97 21.12
C ASP F 52 -10.52 -11.82 21.59
N VAL F 53 -9.32 -11.21 21.63
CA VAL F 53 -8.09 -11.87 22.06
C VAL F 53 -7.44 -11.06 23.16
N TYR F 54 -6.71 -11.73 24.04
CA TYR F 54 -6.07 -11.12 25.17
C TYR F 54 -4.62 -11.58 25.09
N TRP F 55 -3.71 -10.63 25.29
CA TRP F 55 -2.28 -10.89 25.15
C TRP F 55 -1.49 -10.71 26.41
N ASP F 56 -0.55 -11.62 26.65
CA ASP F 56 0.33 -11.39 27.78
C ASP F 56 1.36 -10.50 27.10
N VAL F 57 1.75 -9.42 27.77
CA VAL F 57 2.73 -8.48 27.21
C VAL F 57 4.04 -9.21 26.93
N GLY F 58 4.96 -8.62 26.20
CA GLY F 58 6.19 -9.37 25.95
C GLY F 58 7.32 -8.68 25.21
N PHE F 59 8.40 -9.42 24.99
CA PHE F 59 9.60 -8.92 24.32
C PHE F 59 10.53 -10.05 23.84
N THR F 66 11.97 -8.89 16.26
CA THR F 66 10.97 -7.83 16.33
C THR F 66 10.39 -7.66 17.75
N LYS F 67 10.40 -6.42 18.24
CA LYS F 67 9.95 -6.10 19.57
C LYS F 67 8.56 -6.59 20.04
N THR F 68 7.62 -6.89 19.13
CA THR F 68 6.36 -7.46 19.59
C THR F 68 6.30 -9.01 19.50
N SER F 69 7.41 -9.66 19.11
CA SER F 69 7.47 -11.12 19.02
C SER F 69 7.34 -11.85 20.37
N GLY F 70 7.41 -11.08 21.45
CA GLY F 70 7.31 -11.64 22.80
C GLY F 70 5.90 -11.79 23.34
N TRP F 71 4.95 -10.96 22.88
CA TRP F 71 3.59 -11.10 23.41
C TRP F 71 3.08 -12.56 23.26
N SER F 72 2.19 -12.99 24.15
CA SER F 72 1.64 -14.36 24.08
C SER F 72 0.14 -14.25 23.98
N LEU F 73 -0.49 -15.11 23.19
CA LEU F 73 -1.97 -15.07 23.10
C LEU F 73 -2.54 -15.73 24.37
N SER F 74 -2.68 -14.95 25.43
CA SER F 74 -3.18 -15.51 26.70
C SER F 74 -4.65 -15.91 26.79
N SER F 75 -5.52 -15.33 25.97
CA SER F 75 -6.95 -15.71 26.00
C SER F 75 -7.69 -15.37 24.73
N VAL F 76 -8.89 -15.95 24.59
CA VAL F 76 -9.76 -15.71 23.43
C VAL F 76 -11.24 -15.81 23.87
N LYS F 77 -12.10 -14.95 23.30
CA LYS F 77 -13.54 -14.98 23.57
C LYS F 77 -14.29 -15.28 22.25
N LEU F 78 -15.25 -16.21 22.27
CA LEU F 78 -16.05 -16.55 21.08
C LEU F 78 -17.53 -16.39 21.43
N SER F 79 -18.22 -15.48 20.75
CA SER F 79 -19.64 -15.27 21.01
C SER F 79 -20.58 -15.45 19.81
N THR F 80 -21.64 -16.24 20.02
CA THR F 80 -22.68 -16.48 19.03
C THR F 80 -24.04 -16.13 19.70
N ARG F 81 -25.12 -16.67 19.14
CA ARG F 81 -26.45 -16.42 19.68
C ARG F 81 -26.50 -16.70 21.17
N ASN F 82 -26.17 -17.94 21.50
CA ASN F 82 -26.30 -18.45 22.85
C ASN F 82 -25.06 -19.01 23.55
N LEU F 83 -23.88 -18.62 23.10
CA LEU F 83 -22.66 -19.18 23.68
C LEU F 83 -21.42 -18.31 23.78
N CYS F 84 -20.64 -18.56 24.83
CA CYS F 84 -19.39 -17.86 25.06
C CYS F 84 -18.39 -18.72 25.79
N LEU F 85 -17.29 -18.99 25.10
CA LEU F 85 -16.19 -19.82 25.62
C LEU F 85 -14.96 -18.97 25.95
N PHE F 86 -14.34 -19.23 27.10
CA PHE F 86 -13.15 -18.45 27.44
C PHE F 86 -11.96 -19.39 27.61
N LEU F 87 -11.05 -19.36 26.64
CA LEU F 87 -9.86 -20.21 26.75
C LEU F 87 -8.71 -19.41 27.32
N ARG F 88 -8.17 -19.89 28.44
CA ARG F 88 -7.00 -19.20 29.00
C ARG F 88 -5.79 -20.03 28.60
N LEU F 89 -5.47 -19.86 27.31
CA LEU F 89 -4.40 -20.56 26.61
C LEU F 89 -3.11 -20.65 27.39
N PRO F 90 -2.33 -21.72 27.15
CA PRO F 90 -1.06 -21.87 27.88
C PRO F 90 0.17 -21.24 27.19
N LYS F 91 1.12 -20.82 27.98
CA LYS F 91 2.36 -20.31 27.41
C LYS F 91 3.43 -21.39 27.69
N PRO F 92 3.94 -22.08 26.64
CA PRO F 92 3.62 -21.94 25.21
C PRO F 92 2.53 -22.89 24.75
N PHE F 93 2.15 -22.75 23.49
CA PHE F 93 1.13 -23.59 22.84
C PHE F 93 1.63 -25.02 22.77
N HIS F 94 0.70 -25.98 22.87
CA HIS F 94 1.00 -27.39 22.71
C HIS F 94 0.21 -27.81 21.47
N ASP F 95 0.50 -28.99 20.97
CA ASP F 95 -0.15 -29.48 19.77
C ASP F 95 -1.64 -29.71 19.82
N ASN F 96 -2.22 -29.67 21.01
CA ASN F 96 -3.66 -29.81 21.12
C ASN F 96 -4.26 -28.55 20.54
N LEU F 97 -3.44 -27.51 20.34
CA LEU F 97 -4.03 -26.26 19.82
C LEU F 97 -4.28 -26.22 18.30
N LYS F 98 -3.95 -27.30 17.58
CA LYS F 98 -4.24 -27.31 16.14
C LYS F 98 -5.73 -27.09 15.91
N ASP F 99 -6.57 -27.73 16.72
CA ASP F 99 -8.01 -27.53 16.60
C ASP F 99 -8.31 -26.05 16.68
N LEU F 100 -7.54 -25.31 17.50
CA LEU F 100 -7.77 -23.85 17.56
C LEU F 100 -7.46 -23.23 16.19
N TYR F 101 -6.29 -23.56 15.62
CA TYR F 101 -5.89 -23.03 14.32
C TYR F 101 -6.86 -23.46 13.22
N ARG F 102 -7.13 -24.77 13.16
CA ARG F 102 -8.01 -25.30 12.15
C ARG F 102 -9.34 -24.56 12.25
N PHE F 103 -9.82 -24.35 13.49
CA PHE F 103 -11.09 -23.67 13.69
C PHE F 103 -11.12 -22.28 13.06
N PHE F 104 -10.14 -21.44 13.39
CA PHE F 104 -10.09 -20.06 12.84
C PHE F 104 -9.92 -19.97 11.32
N ALA F 105 -9.51 -21.06 10.66
CA ALA F 105 -9.34 -21.04 9.21
C ALA F 105 -10.57 -21.48 8.44
N SER F 106 -11.67 -21.75 9.15
CA SER F 106 -12.91 -22.23 8.50
C SER F 106 -13.62 -21.16 7.66
N LYS F 107 -14.37 -21.60 6.69
CA LYS F 107 -15.14 -20.70 5.83
C LYS F 107 -16.64 -20.89 6.13
N PHE F 108 -16.97 -21.59 7.22
CA PHE F 108 -18.39 -21.79 7.58
C PHE F 108 -18.95 -20.53 8.18
N VAL F 109 -18.08 -19.81 8.89
CA VAL F 109 -18.52 -18.63 9.61
C VAL F 109 -17.64 -17.39 9.42
N THR F 110 -18.26 -16.22 9.49
CA THR F 110 -17.50 -14.97 9.39
C THR F 110 -17.14 -14.77 10.86
N PHE F 111 -15.93 -14.25 11.12
CA PHE F 111 -15.41 -13.98 12.45
C PHE F 111 -15.56 -12.49 12.67
N VAL F 112 -16.27 -12.11 13.73
CA VAL F 112 -16.52 -10.70 13.97
C VAL F 112 -15.81 -10.20 15.21
N GLY F 113 -15.13 -9.07 15.07
CA GLY F 113 -14.40 -8.50 16.19
C GLY F 113 -14.31 -7.02 15.96
N VAL F 114 -13.93 -6.28 17.01
CA VAL F 114 -13.76 -4.84 16.92
C VAL F 114 -12.25 -4.70 16.96
N GLN F 115 -11.74 -3.59 16.41
CA GLN F 115 -10.31 -3.25 16.34
C GLN F 115 -9.33 -4.43 16.35
N ILE F 116 -9.35 -5.24 15.27
CA ILE F 116 -8.51 -6.44 15.20
C ILE F 116 -7.29 -6.42 14.23
N GLU F 117 -7.13 -5.32 13.48
CA GLU F 117 -6.00 -5.21 12.53
C GLU F 117 -4.69 -5.59 13.21
N GLU F 118 -4.41 -5.00 14.39
CA GLU F 118 -3.20 -5.28 15.13
C GLU F 118 -3.20 -6.69 15.73
N ASP F 119 -4.30 -7.12 16.37
CA ASP F 119 -4.30 -8.47 16.95
C ASP F 119 -4.02 -9.49 15.82
N LEU F 120 -4.60 -9.25 14.63
CA LEU F 120 -4.43 -10.22 13.51
C LEU F 120 -2.94 -10.34 13.07
N ASP F 121 -2.22 -9.23 12.93
CA ASP F 121 -0.80 -9.30 12.54
C ASP F 121 -0.05 -10.09 13.60
N LEU F 122 -0.38 -9.80 14.87
CA LEU F 122 0.22 -10.47 16.04
C LEU F 122 -0.05 -11.99 15.95
N LEU F 123 -1.32 -12.36 15.70
CA LEU F 123 -1.73 -13.75 15.55
C LEU F 123 -0.91 -14.42 14.45
N ARG F 124 -0.65 -13.68 13.37
CA ARG F 124 0.12 -14.19 12.23
C ARG F 124 1.62 -14.35 12.56
N GLU F 125 2.22 -13.26 13.00
CA GLU F 125 3.63 -13.20 13.30
C GLU F 125 4.00 -14.00 14.55
N ASN F 126 3.18 -13.95 15.60
CA ASN F 126 3.51 -14.67 16.82
C ASN F 126 2.93 -16.06 16.98
N HIS F 127 1.93 -16.41 16.19
CA HIS F 127 1.38 -17.75 16.33
C HIS F 127 1.14 -18.51 15.02
N GLY F 128 1.20 -17.83 13.86
CA GLY F 128 0.93 -18.54 12.61
C GLY F 128 -0.56 -18.90 12.47
N LEU F 129 -1.40 -18.21 13.26
CA LEU F 129 -2.86 -18.42 13.23
C LEU F 129 -3.42 -17.43 12.20
N VAL F 130 -4.20 -17.98 11.28
CA VAL F 130 -4.76 -17.23 10.17
C VAL F 130 -6.30 -17.26 10.26
N ILE F 131 -6.94 -16.10 10.27
CA ILE F 131 -8.40 -16.06 10.31
C ILE F 131 -8.80 -15.75 8.86
N ARG F 132 -8.98 -16.79 8.05
CA ARG F 132 -9.29 -16.59 6.66
C ARG F 132 -10.55 -15.74 6.38
N ASN F 133 -11.48 -15.69 7.35
CA ASN F 133 -12.77 -15.03 7.13
C ASN F 133 -13.12 -14.08 8.29
N ALA F 134 -12.36 -13.00 8.41
CA ALA F 134 -12.52 -12.01 9.46
C ALA F 134 -12.98 -10.63 8.98
N ILE F 135 -13.59 -9.88 9.90
CA ILE F 135 -14.01 -8.53 9.60
C ILE F 135 -13.83 -7.65 10.83
N ASN F 136 -13.07 -6.56 10.66
CA ASN F 136 -12.84 -5.57 11.70
C ASN F 136 -14.15 -4.80 11.53
N VAL F 137 -15.07 -4.97 12.49
CA VAL F 137 -16.45 -4.41 12.37
C VAL F 137 -16.71 -2.89 12.53
N GLY F 138 -15.75 -2.16 13.09
CA GLY F 138 -15.93 -0.71 13.25
C GLY F 138 -15.90 0.00 11.91
N LYS F 139 -15.15 -0.57 10.96
CA LYS F 139 -15.02 0.02 9.63
C LYS F 139 -16.32 -0.10 8.78
N LEU F 140 -16.91 -1.30 8.79
CA LEU F 140 -18.14 -1.58 8.07
C LEU F 140 -19.29 -0.81 8.74
N ALA F 141 -19.18 -0.62 10.06
CA ALA F 141 -20.21 0.09 10.80
C ALA F 141 -20.22 1.54 10.38
N ALA F 142 -19.04 2.14 10.44
CA ALA F 142 -18.89 3.54 10.13
C ALA F 142 -19.28 3.83 8.67
N GLU F 143 -18.87 2.89 7.81
CA GLU F 143 -19.07 2.99 6.39
C GLU F 143 -20.48 2.74 5.96
N ALA F 144 -21.12 1.71 6.50
CA ALA F 144 -22.50 1.43 6.12
C ALA F 144 -23.31 2.66 6.47
N ARG F 145 -22.84 3.39 7.49
CA ARG F 145 -23.52 4.56 8.01
C ARG F 145 -23.00 5.89 7.50
N GLY F 146 -21.86 5.92 6.85
CA GLY F 146 -21.33 7.20 6.40
C GLY F 146 -20.93 8.06 7.59
N THR F 147 -20.47 7.41 8.67
CA THR F 147 -20.06 8.13 9.86
C THR F 147 -18.70 7.57 10.26
N LEU F 148 -17.67 8.26 9.77
CA LEU F 148 -16.27 7.96 10.00
C LEU F 148 -15.86 7.60 11.42
N VAL F 149 -16.43 8.30 12.41
CA VAL F 149 -16.04 8.05 13.79
C VAL F 149 -16.27 6.62 14.29
N LEU F 150 -17.22 5.86 13.72
CA LEU F 150 -17.49 4.51 14.24
C LEU F 150 -16.29 3.57 14.04
N GLU F 151 -15.43 3.96 13.10
CA GLU F 151 -14.26 3.19 12.75
C GLU F 151 -13.23 3.19 13.86
N PHE F 152 -13.31 4.22 14.69
CA PHE F 152 -12.32 4.40 15.75
C PHE F 152 -12.88 4.23 17.15
N LEU F 153 -13.94 3.42 17.29
CA LEU F 153 -14.59 3.23 18.59
C LEU F 153 -14.23 1.90 19.22
N GLY F 154 -14.12 1.93 20.55
CA GLY F 154 -13.87 0.70 21.31
C GLY F 154 -15.18 -0.05 21.47
N THR F 155 -15.15 -1.24 22.08
CA THR F 155 -16.35 -2.08 22.24
C THR F 155 -17.58 -1.39 22.82
N ARG F 156 -17.54 -1.14 24.11
CA ARG F 156 -18.68 -0.51 24.79
C ARG F 156 -19.30 0.65 23.98
N GLU F 157 -18.41 1.52 23.47
CA GLU F 157 -18.80 2.69 22.72
C GLU F 157 -19.27 2.37 21.30
N LEU F 158 -18.75 1.30 20.69
CA LEU F 158 -19.25 0.91 19.39
C LEU F 158 -20.65 0.24 19.61
N ALA F 159 -20.91 -0.27 20.80
CA ALA F 159 -22.18 -0.94 21.05
C ALA F 159 -23.26 0.13 21.19
N HIS F 160 -22.84 1.29 21.65
CA HIS F 160 -23.72 2.43 21.83
C HIS F 160 -24.16 3.15 20.55
N ARG F 161 -23.23 3.38 19.62
CA ARG F 161 -23.59 4.09 18.39
C ARG F 161 -24.30 3.12 17.41
N VAL F 162 -24.68 1.96 17.92
CA VAL F 162 -25.40 0.98 17.12
C VAL F 162 -26.62 0.35 17.89
N LEU F 163 -26.66 0.46 19.22
CA LEU F 163 -27.74 -0.17 19.97
C LEU F 163 -28.45 0.68 21.03
N TRP F 164 -27.71 1.55 21.70
CA TRP F 164 -28.25 2.40 22.75
C TRP F 164 -28.75 1.64 23.96
N SER F 165 -28.82 0.31 23.85
CA SER F 165 -29.25 -0.54 24.95
C SER F 165 -28.56 -0.03 26.21
N ASP F 166 -29.15 -0.32 27.37
CA ASP F 166 -28.62 0.15 28.66
C ASP F 166 -27.23 -0.39 28.95
N LEU F 167 -26.28 0.54 29.04
CA LEU F 167 -24.88 0.20 29.26
C LEU F 167 -24.38 0.46 30.69
N GLY F 168 -25.31 0.84 31.58
CA GLY F 168 -24.97 1.14 32.96
C GLY F 168 -24.24 0.07 33.75
N GLN F 169 -24.70 -1.16 33.64
CA GLN F 169 -24.11 -2.30 34.33
C GLN F 169 -22.70 -2.60 33.76
N LEU F 170 -22.59 -2.58 32.43
CA LEU F 170 -21.29 -2.83 31.81
C LEU F 170 -20.34 -1.72 32.24
N ASP F 171 -20.80 -0.48 32.26
CA ASP F 171 -19.91 0.60 32.68
C ASP F 171 -19.55 0.53 34.14
N SER F 172 -20.48 0.05 35.00
CA SER F 172 -20.13 -0.01 36.41
C SER F 172 -19.02 -1.03 36.60
N ILE F 173 -19.09 -2.14 35.88
CA ILE F 173 -18.02 -3.14 36.02
C ILE F 173 -16.71 -2.61 35.39
N GLU F 174 -16.79 -2.08 34.17
CA GLU F 174 -15.56 -1.66 33.52
C GLU F 174 -14.87 -0.54 34.28
N ALA F 175 -15.65 0.44 34.71
CA ALA F 175 -15.14 1.59 35.47
C ALA F 175 -14.30 1.15 36.68
N LYS F 176 -14.61 -0.02 37.25
CA LYS F 176 -13.89 -0.48 38.42
C LYS F 176 -13.18 -1.80 38.14
N TRP F 177 -12.70 -1.94 36.91
CA TRP F 177 -12.06 -3.16 36.48
C TRP F 177 -10.93 -3.67 37.36
N GLU F 178 -10.11 -2.77 37.91
CA GLU F 178 -9.02 -3.22 38.76
C GLU F 178 -9.55 -4.05 39.94
N LYS F 179 -10.73 -3.72 40.45
CA LYS F 179 -11.29 -4.44 41.61
C LYS F 179 -12.24 -5.60 41.28
N ALA F 180 -12.71 -5.63 40.03
CA ALA F 180 -13.65 -6.65 39.61
C ALA F 180 -13.09 -8.05 39.63
N GLY F 181 -13.75 -8.92 40.40
CA GLY F 181 -13.32 -10.31 40.48
C GLY F 181 -13.52 -11.04 39.16
N PRO F 182 -13.03 -12.28 39.04
CA PRO F 182 -13.19 -13.01 37.78
C PRO F 182 -14.66 -13.11 37.36
N GLU F 183 -15.57 -13.02 38.33
CA GLU F 183 -16.98 -13.11 37.97
C GLU F 183 -17.53 -11.90 37.23
N GLU F 184 -17.36 -10.69 37.76
CA GLU F 184 -17.85 -9.52 37.04
C GLU F 184 -17.05 -9.31 35.73
N GLN F 185 -15.78 -9.72 35.74
CA GLN F 185 -14.91 -9.60 34.57
C GLN F 185 -15.43 -10.52 33.48
N LEU F 186 -15.86 -11.72 33.87
CA LEU F 186 -16.42 -12.65 32.90
C LEU F 186 -17.73 -12.08 32.34
N GLU F 187 -18.55 -11.47 33.21
CA GLU F 187 -19.85 -10.91 32.79
C GLU F 187 -19.68 -9.77 31.77
N ALA F 188 -18.64 -8.97 31.96
CA ALA F 188 -18.35 -7.86 31.05
C ALA F 188 -17.94 -8.47 29.70
N ALA F 189 -17.19 -9.57 29.73
CA ALA F 189 -16.82 -10.21 28.47
C ALA F 189 -18.03 -10.84 27.76
N ALA F 190 -18.95 -11.46 28.52
CA ALA F 190 -20.13 -12.05 27.91
C ALA F 190 -21.03 -10.93 27.37
N ILE F 191 -21.25 -9.89 28.17
CA ILE F 191 -22.08 -8.74 27.76
C ILE F 191 -21.62 -8.13 26.41
N GLU F 192 -20.37 -7.65 26.35
CA GLU F 192 -19.91 -7.07 25.11
C GLU F 192 -19.78 -8.19 24.03
N GLY F 193 -19.64 -9.44 24.46
CA GLY F 193 -19.54 -10.55 23.51
C GLY F 193 -20.89 -10.76 22.82
N TRP F 194 -21.97 -10.49 23.56
CA TRP F 194 -23.37 -10.58 23.10
C TRP F 194 -23.73 -9.31 22.33
N LEU F 195 -23.31 -8.17 22.92
CA LEU F 195 -23.54 -6.82 22.34
C LEU F 195 -23.01 -6.68 20.90
N ILE F 196 -21.83 -7.24 20.64
CA ILE F 196 -21.29 -7.11 19.29
C ILE F 196 -22.09 -8.04 18.35
N VAL F 197 -22.66 -9.11 18.90
CA VAL F 197 -23.52 -10.00 18.12
C VAL F 197 -24.72 -9.16 17.65
N ASN F 198 -25.27 -8.32 18.54
CA ASN F 198 -26.39 -7.48 18.15
C ASN F 198 -25.96 -6.41 17.13
N VAL F 199 -24.73 -5.88 17.28
CA VAL F 199 -24.21 -4.89 16.33
C VAL F 199 -24.15 -5.44 14.90
N TRP F 200 -23.63 -6.64 14.77
CA TRP F 200 -23.48 -7.29 13.49
C TRP F 200 -24.81 -7.74 12.88
N ASP F 201 -25.70 -8.30 13.69
CA ASP F 201 -26.98 -8.72 13.13
C ASP F 201 -27.61 -7.49 12.47
N GLN F 202 -27.60 -6.36 13.18
CA GLN F 202 -28.16 -5.12 12.67
C GLN F 202 -27.54 -4.64 11.35
N LEU F 203 -26.21 -4.52 11.31
CA LEU F 203 -25.54 -4.06 10.10
C LEU F 203 -25.69 -4.98 8.90
N SER F 204 -25.64 -6.30 9.11
CA SER F 204 -25.80 -7.16 7.95
C SER F 204 -27.24 -7.52 7.61
N ASP F 205 -28.11 -7.63 8.61
CA ASP F 205 -29.50 -7.96 8.34
C ASP F 205 -30.15 -6.77 7.64
N GLU F 206 -29.44 -5.66 7.66
CA GLU F 206 -29.90 -4.43 7.01
C GLU F 206 -30.03 -4.66 5.50
N SER A 1 -5.35 5.34 49.04
CA SER A 1 -5.71 6.80 49.00
C SER A 1 -5.07 7.53 47.80
N ALA A 2 -4.67 6.78 46.78
CA ALA A 2 -4.06 7.37 45.59
C ALA A 2 -4.97 8.46 45.00
N SER A 3 -4.42 9.61 44.66
CA SER A 3 -5.27 10.63 44.10
C SER A 3 -4.50 11.64 43.22
N PHE A 4 -5.20 12.33 42.33
CA PHE A 4 -4.54 13.31 41.49
C PHE A 4 -4.39 14.57 42.34
N ASP A 5 -3.33 14.55 43.14
CA ASP A 5 -3.05 15.61 44.07
C ASP A 5 -1.90 16.54 43.75
N GLY A 6 -1.30 16.39 42.55
CA GLY A 6 -0.22 17.27 42.16
C GLY A 6 -0.80 18.65 41.80
N PRO A 7 -0.04 19.57 41.15
CA PRO A 7 -0.64 20.86 40.81
C PRO A 7 -1.92 20.76 40.00
N LYS A 8 -2.90 21.62 40.32
CA LYS A 8 -4.15 21.63 39.55
C LYS A 8 -4.14 22.93 38.75
N PHE A 9 -4.51 22.86 37.47
CA PHE A 9 -4.54 24.06 36.61
C PHE A 9 -5.97 24.47 36.19
N LYS A 10 -6.16 25.77 35.99
CA LYS A 10 -7.46 26.39 35.61
C LYS A 10 -7.51 26.64 34.10
N THR A 12 -9.34 27.85 30.38
CA THR A 12 -9.97 29.09 29.98
C THR A 12 -11.48 29.15 30.21
N ASP A 13 -12.13 28.00 30.45
CA ASP A 13 -13.59 28.00 30.66
C ASP A 13 -13.87 27.97 32.15
N GLY A 14 -12.82 28.15 32.96
CA GLY A 14 -12.99 28.16 34.40
C GLY A 14 -12.83 26.83 35.12
N SER A 15 -12.88 25.73 34.38
CA SER A 15 -12.73 24.40 34.99
C SER A 15 -11.28 24.16 35.45
N TYR A 16 -11.08 23.14 36.28
CA TYR A 16 -9.76 22.81 36.83
C TYR A 16 -9.28 21.43 36.47
N VAL A 17 -8.04 21.36 35.96
CA VAL A 17 -7.43 20.08 35.62
C VAL A 17 -6.40 19.79 36.70
N GLN A 18 -6.62 18.75 37.50
CA GLN A 18 -5.63 18.41 38.51
C GLN A 18 -4.60 17.55 37.79
N THR A 19 -3.44 17.31 38.42
CA THR A 19 -2.41 16.49 37.76
C THR A 19 -1.75 15.51 38.74
N LYS A 20 -1.05 14.52 38.19
CA LYS A 20 -0.31 13.56 39.00
C LYS A 20 0.90 13.12 38.16
N THR A 21 2.07 13.21 38.76
CA THR A 21 3.31 12.79 38.12
C THR A 21 3.74 11.49 38.77
N ILE A 22 3.71 10.39 38.06
CA ILE A 22 4.18 9.19 38.69
C ILE A 22 5.56 8.88 38.17
N ASP A 23 6.56 9.07 39.01
CA ASP A 23 7.95 8.79 38.63
C ASP A 23 8.15 7.28 38.76
N VAL A 24 8.31 6.63 37.62
CA VAL A 24 8.45 5.20 37.60
C VAL A 24 9.91 4.77 37.60
N GLY A 25 10.26 4.02 38.63
CA GLY A 25 11.59 3.49 38.78
C GLY A 25 11.46 2.06 38.33
N SER A 26 12.10 1.13 39.05
CA SER A 26 12.06 -0.26 38.67
C SER A 26 10.88 -1.10 39.16
N SER A 27 10.32 -0.83 40.35
CA SER A 27 9.20 -1.68 40.78
C SER A 27 7.89 -0.97 41.12
N THR A 28 7.89 0.36 40.99
CA THR A 28 6.72 1.19 41.30
C THR A 28 5.37 0.66 40.79
N ASP A 29 4.37 0.64 41.66
CA ASP A 29 3.06 0.19 41.20
C ASP A 29 2.41 1.43 40.68
N ILE A 30 1.78 1.31 39.51
CA ILE A 30 1.14 2.44 38.87
C ILE A 30 -0.30 2.12 38.49
N SER A 31 -0.72 0.88 38.73
CA SER A 31 -2.06 0.50 38.35
C SER A 31 -3.11 1.39 39.04
N PRO A 32 -2.85 1.90 40.27
CA PRO A 32 -3.88 2.75 40.90
C PRO A 32 -4.19 4.06 40.14
N TYR A 33 -3.22 4.54 39.38
CA TYR A 33 -3.41 5.77 38.63
C TYR A 33 -4.10 5.47 37.30
N LEU A 34 -3.57 4.49 36.56
CA LEU A 34 -4.24 4.10 35.32
C LEU A 34 -5.69 3.71 35.66
N SER A 35 -5.86 3.00 36.79
CA SER A 35 -7.18 2.54 37.22
C SER A 35 -8.18 3.65 37.26
N LEU A 36 -7.78 4.78 37.85
CA LEU A 36 -8.67 5.93 37.91
C LEU A 36 -8.89 6.55 36.52
N ILE A 37 -7.85 6.56 35.67
CA ILE A 37 -7.96 7.09 34.30
C ILE A 37 -9.19 6.49 33.59
N ARG A 38 -9.14 5.17 33.41
CA ARG A 38 -10.20 4.44 32.75
C ARG A 38 -11.57 4.72 33.40
N GLU A 39 -11.56 5.00 34.69
CA GLU A 39 -12.78 5.32 35.44
C GLU A 39 -13.37 6.67 35.01
N ASP A 40 -12.55 7.73 35.11
CA ASP A 40 -13.02 9.07 34.76
C ASP A 40 -13.37 9.17 33.28
N SER A 41 -12.70 8.36 32.47
CA SER A 41 -12.97 8.34 31.03
C SER A 41 -14.33 7.68 30.76
N ILE A 42 -14.48 6.47 31.30
CA ILE A 42 -15.70 5.70 31.14
C ILE A 42 -16.99 6.38 31.70
N LEU A 43 -16.86 7.13 32.80
CA LEU A 43 -18.00 7.81 33.45
C LEU A 43 -18.46 9.12 32.82
N ASN A 44 -17.48 10.02 32.62
CA ASN A 44 -17.72 11.32 32.08
C ASN A 44 -16.94 11.65 30.78
N GLY A 45 -15.89 10.90 30.45
CA GLY A 45 -15.13 11.24 29.25
C GLY A 45 -15.57 10.59 27.92
N ASN A 46 -16.77 10.01 27.88
CA ASN A 46 -17.25 9.34 26.68
C ASN A 46 -16.22 8.30 26.21
N ARG A 47 -15.47 7.77 27.19
CA ARG A 47 -14.50 6.70 26.95
C ARG A 47 -13.29 6.98 26.09
N ALA A 48 -12.89 8.25 25.97
CA ALA A 48 -11.67 8.57 25.23
C ALA A 48 -10.65 8.82 26.35
N VAL A 49 -9.38 8.43 26.14
CA VAL A 49 -8.31 8.74 27.13
C VAL A 49 -7.40 9.65 26.34
N ILE A 50 -7.22 10.91 26.76
CA ILE A 50 -6.33 11.76 25.97
C ILE A 50 -4.86 11.53 26.33
N PHE A 51 -3.97 11.71 25.35
CA PHE A 51 -2.59 11.40 25.69
C PHE A 51 -1.51 11.93 24.81
N ASP A 52 -0.30 11.90 25.35
CA ASP A 52 0.90 12.27 24.57
C ASP A 52 2.07 11.39 24.99
N VAL A 53 3.14 11.44 24.17
CA VAL A 53 4.34 10.65 24.36
C VAL A 53 5.56 11.54 24.14
N TYR A 54 6.59 11.37 24.98
CA TYR A 54 7.77 12.23 24.90
C TYR A 54 8.95 11.31 24.84
N TRP A 55 9.83 11.56 23.86
CA TRP A 55 10.99 10.69 23.58
C TRP A 55 12.34 11.25 23.94
N ASP A 56 13.28 10.32 24.10
CA ASP A 56 14.73 10.54 24.29
C ASP A 56 15.25 10.31 22.85
N VAL A 57 16.01 11.26 22.29
CA VAL A 57 16.49 11.18 20.92
C VAL A 57 17.32 9.97 20.61
N GLY A 58 17.04 9.29 19.51
CA GLY A 58 17.91 8.20 19.12
C GLY A 58 18.99 8.99 18.38
N PHE A 59 20.25 8.56 18.47
CA PHE A 59 21.37 9.25 17.82
C PHE A 59 22.58 8.32 17.78
N THR A 66 20.59 1.03 11.31
CA THR A 66 20.51 0.73 12.73
C THR A 66 20.56 1.94 13.66
N LYS A 67 19.86 3.04 13.31
CA LYS A 67 19.87 4.28 14.12
C LYS A 67 18.49 4.97 14.20
N THR A 68 17.68 4.55 15.17
CA THR A 68 16.29 5.00 15.48
C THR A 68 15.79 4.19 16.70
N SER A 69 16.32 2.96 16.78
CA SER A 69 16.01 1.98 17.84
C SER A 69 16.41 2.52 19.22
N GLY A 70 17.25 3.55 19.15
CA GLY A 70 17.75 4.27 20.30
C GLY A 70 16.75 5.30 20.78
N TRP A 71 15.60 5.43 20.10
CA TRP A 71 14.58 6.35 20.60
C TRP A 71 13.75 5.51 21.60
N SER A 72 14.00 5.77 22.88
CA SER A 72 13.28 5.09 23.96
C SER A 72 12.16 5.95 24.50
N LEU A 73 11.06 5.31 24.81
CA LEU A 73 9.92 6.05 25.37
C LEU A 73 10.32 6.63 26.71
N SER A 74 10.62 7.92 26.70
CA SER A 74 11.07 8.64 27.88
C SER A 74 9.96 8.89 28.92
N SER A 75 8.86 9.54 28.54
CA SER A 75 7.76 9.78 29.48
C SER A 75 6.40 9.74 28.75
N VAL A 76 5.29 9.67 29.48
CA VAL A 76 3.98 9.64 28.80
C VAL A 76 2.95 10.35 29.60
N LYS A 77 2.07 11.06 28.91
CA LYS A 77 1.01 11.79 29.55
C LYS A 77 -0.39 11.32 29.11
N LEU A 78 -1.28 11.14 30.09
CA LEU A 78 -2.66 10.76 29.83
C LEU A 78 -3.51 11.86 30.56
N SER A 79 -4.41 12.53 29.84
CA SER A 79 -5.15 13.56 30.54
C SER A 79 -6.49 13.90 29.95
N THR A 80 -7.57 13.39 30.56
CA THR A 80 -8.91 13.71 30.04
C THR A 80 -9.28 15.12 30.52
N ARG A 81 -10.50 15.58 30.23
CA ARG A 81 -10.94 16.92 30.65
C ARG A 81 -10.64 17.19 32.13
N ASN A 82 -10.94 16.22 33.00
CA ASN A 82 -10.69 16.40 34.45
C ASN A 82 -9.27 16.36 34.98
N LEU A 83 -8.52 15.33 34.61
CA LEU A 83 -7.19 15.12 35.16
C LEU A 83 -6.11 15.03 34.12
N CYS A 84 -4.87 15.03 34.60
CA CYS A 84 -3.72 14.92 33.73
C CYS A 84 -2.74 14.01 34.45
N LEU A 85 -2.51 12.84 33.85
CA LEU A 85 -1.61 11.83 34.40
C LEU A 85 -0.31 11.73 33.61
N PHE A 86 0.81 12.06 34.26
CA PHE A 86 2.14 11.95 33.65
C PHE A 86 2.92 10.74 34.22
N LEU A 87 3.47 9.91 33.34
CA LEU A 87 4.26 8.78 33.83
C LEU A 87 5.75 8.97 33.40
N ARG A 88 6.65 9.08 34.37
CA ARG A 88 8.06 9.23 34.03
C ARG A 88 8.57 7.78 33.92
N LEU A 89 9.17 7.47 32.78
CA LEU A 89 9.58 6.08 32.51
C LEU A 89 11.04 5.76 32.84
N PRO A 90 11.30 4.61 33.50
CA PRO A 90 12.68 4.25 33.84
C PRO A 90 13.34 3.55 32.68
N LYS A 91 14.61 3.22 32.84
CA LYS A 91 15.28 2.53 31.77
C LYS A 91 14.73 1.10 31.67
N PRO A 92 15.06 0.25 32.64
CA PRO A 92 14.52 -1.11 32.52
C PRO A 92 13.01 -1.16 32.74
N PHE A 93 12.27 -1.20 31.63
CA PHE A 93 10.81 -1.28 31.64
C PHE A 93 10.23 -2.46 32.42
N HIS A 94 10.96 -3.02 33.38
CA HIS A 94 10.46 -4.17 34.10
C HIS A 94 8.94 -4.35 34.27
N ASP A 95 8.53 -5.60 34.20
CA ASP A 95 7.15 -6.04 34.32
C ASP A 95 6.17 -5.15 35.04
N ASN A 96 6.65 -4.34 35.97
CA ASN A 96 5.74 -3.44 36.66
C ASN A 96 5.22 -2.47 35.59
N LEU A 97 6.02 -2.21 34.55
CA LEU A 97 5.55 -1.31 33.50
C LEU A 97 4.64 -1.94 32.44
N LYS A 98 4.31 -3.22 32.54
CA LYS A 98 3.46 -3.82 31.51
C LYS A 98 2.01 -3.37 31.57
N ASP A 99 1.48 -3.16 32.78
CA ASP A 99 0.12 -2.70 32.89
C ASP A 99 -0.19 -1.52 31.95
N LEU A 100 0.85 -0.88 31.42
CA LEU A 100 0.68 0.26 30.51
C LEU A 100 0.43 -0.25 29.10
N TYR A 101 1.09 -1.37 28.74
CA TYR A 101 0.92 -2.00 27.43
C TYR A 101 -0.55 -2.47 27.34
N ARG A 102 -1.04 -3.10 28.41
CA ARG A 102 -2.42 -3.62 28.48
C ARG A 102 -3.41 -2.47 28.13
N PHE A 103 -3.51 -1.53 29.07
CA PHE A 103 -4.35 -0.32 28.99
C PHE A 103 -4.28 0.45 27.63
N PHE A 104 -3.08 0.86 27.24
CA PHE A 104 -2.87 1.60 26.01
C PHE A 104 -3.48 0.83 24.87
N ALA A 105 -3.43 -0.49 24.96
CA ALA A 105 -3.99 -1.38 23.93
C ALA A 105 -5.45 -1.73 24.18
N SER A 106 -5.99 -1.23 25.29
CA SER A 106 -7.37 -1.51 25.69
C SER A 106 -8.40 -1.29 24.61
N LYS A 107 -9.46 -2.07 24.71
CA LYS A 107 -10.59 -1.88 23.81
C LYS A 107 -11.81 -1.34 24.61
N PHE A 108 -11.55 -0.60 25.69
CA PHE A 108 -12.65 -0.02 26.54
C PHE A 108 -12.63 1.50 26.37
N VAL A 109 -11.49 2.02 25.90
CA VAL A 109 -11.32 3.45 25.67
C VAL A 109 -10.56 3.81 24.40
N THR A 110 -10.93 4.91 23.77
CA THR A 110 -10.21 5.38 22.58
C THR A 110 -9.03 6.26 22.98
N PHE A 111 -7.84 5.99 22.43
CA PHE A 111 -6.66 6.82 22.77
C PHE A 111 -6.55 7.94 21.74
N VAL A 112 -6.89 9.15 22.14
CA VAL A 112 -6.90 10.30 21.24
C VAL A 112 -5.57 11.06 21.27
N GLY A 113 -4.80 10.95 20.19
CA GLY A 113 -3.50 11.61 20.13
C GLY A 113 -3.40 12.49 18.90
N VAL A 114 -2.42 13.40 18.86
CA VAL A 114 -2.20 14.26 17.69
C VAL A 114 -0.87 13.87 17.03
N GLN A 115 -0.92 13.56 15.73
CA GLN A 115 0.25 13.13 14.96
C GLN A 115 0.88 11.91 15.72
N ILE A 116 0.49 10.70 15.35
CA ILE A 116 1.01 9.55 16.07
C ILE A 116 1.58 8.36 15.26
N GLU A 117 1.60 8.49 13.92
CA GLU A 117 2.12 7.41 13.06
C GLU A 117 3.47 6.97 13.69
N GLU A 118 4.44 7.93 13.65
CA GLU A 118 5.80 7.72 14.19
C GLU A 118 5.84 7.30 15.67
N ASP A 119 5.08 8.01 16.52
CA ASP A 119 4.98 7.71 17.92
C ASP A 119 4.64 6.21 18.13
N LEU A 120 3.64 5.70 17.38
CA LEU A 120 3.17 4.30 17.47
C LEU A 120 4.21 3.32 16.87
N ASP A 121 4.68 3.64 15.65
CA ASP A 121 5.66 2.79 14.98
C ASP A 121 6.93 2.73 15.80
N LEU A 122 7.35 3.88 16.34
CA LEU A 122 8.56 3.95 17.18
C LEU A 122 8.30 3.15 18.47
N LEU A 123 7.11 3.35 19.06
CA LEU A 123 6.75 2.65 20.29
C LEU A 123 6.69 1.12 20.02
N ARG A 124 6.28 0.77 18.79
CA ARG A 124 6.20 -0.63 18.39
C ARG A 124 7.57 -1.21 18.18
N GLU A 125 8.52 -0.39 17.71
CA GLU A 125 9.87 -0.84 17.49
C GLU A 125 10.81 -0.67 18.70
N ASN A 126 10.81 0.49 19.30
CA ASN A 126 11.79 0.67 20.36
C ASN A 126 11.43 0.09 21.70
N HIS A 127 10.15 -0.29 21.87
CA HIS A 127 9.66 -0.84 23.14
C HIS A 127 8.63 -1.96 23.08
N GLY A 128 8.28 -2.42 21.89
CA GLY A 128 7.29 -3.49 21.84
C GLY A 128 6.02 -3.14 22.62
N LEU A 129 5.41 -1.99 22.29
CA LEU A 129 4.17 -1.51 22.93
C LEU A 129 3.18 -1.25 21.80
N VAL A 130 1.96 -1.80 21.95
CA VAL A 130 0.88 -1.69 20.95
C VAL A 130 -0.38 -1.00 21.51
N ILE A 131 -0.91 0.00 20.78
CA ILE A 131 -2.14 0.66 21.22
C ILE A 131 -3.17 0.08 20.24
N ARG A 132 -3.79 -1.03 20.63
CA ARG A 132 -4.73 -1.68 19.71
C ARG A 132 -5.84 -0.78 19.19
N ASN A 133 -6.23 0.21 20.02
CA ASN A 133 -7.35 1.10 19.71
C ASN A 133 -6.96 2.55 19.98
N ALA A 134 -6.58 3.25 18.91
CA ALA A 134 -6.10 4.62 19.03
C ALA A 134 -6.58 5.52 17.90
N ILE A 135 -6.46 6.84 18.08
CA ILE A 135 -6.86 7.71 16.99
C ILE A 135 -6.11 9.04 16.76
N ASN A 136 -6.05 9.40 15.47
CA ASN A 136 -5.47 10.64 14.97
C ASN A 136 -6.66 11.65 14.83
N VAL A 137 -6.71 12.69 15.65
CA VAL A 137 -7.83 13.64 15.64
C VAL A 137 -7.79 14.76 14.56
N GLY A 138 -6.58 15.05 14.04
CA GLY A 138 -6.50 16.07 12.99
C GLY A 138 -7.10 15.55 11.68
N LYS A 139 -6.90 14.25 11.45
CA LYS A 139 -7.45 13.57 10.26
C LYS A 139 -8.99 13.52 10.41
N LEU A 140 -9.47 13.65 11.65
CA LEU A 140 -10.90 13.62 11.94
C LEU A 140 -11.47 15.01 11.71
N ALA A 141 -10.77 15.99 12.28
CA ALA A 141 -11.21 17.35 12.16
C ALA A 141 -11.20 17.70 10.68
N ALA A 142 -10.22 17.17 9.95
CA ALA A 142 -10.15 17.48 8.54
C ALA A 142 -11.40 16.90 7.89
N GLU A 143 -11.69 15.66 8.26
CA GLU A 143 -12.80 14.94 7.67
C GLU A 143 -14.19 15.19 8.25
N ALA A 144 -14.29 16.15 9.17
CA ALA A 144 -15.56 16.43 9.79
C ALA A 144 -15.74 17.94 9.89
N ARG A 145 -14.97 18.66 9.10
CA ARG A 145 -15.01 20.11 9.10
C ARG A 145 -14.93 20.63 7.66
N GLY A 146 -14.46 19.78 6.75
CA GLY A 146 -14.30 20.19 5.35
C GLY A 146 -13.09 21.12 5.05
N THR A 147 -12.14 21.17 6.01
CA THR A 147 -10.91 21.98 5.95
C THR A 147 -9.78 20.94 5.84
N LEU A 148 -9.11 20.87 4.69
CA LEU A 148 -8.06 19.89 4.49
C LEU A 148 -6.82 20.09 5.34
N VAL A 149 -6.49 21.34 5.62
CA VAL A 149 -5.27 21.61 6.37
C VAL A 149 -5.28 21.01 7.77
N LEU A 150 -6.47 20.74 8.32
CA LEU A 150 -6.56 20.19 9.69
C LEU A 150 -5.73 18.93 9.92
N GLU A 151 -5.53 18.15 8.87
CA GLU A 151 -4.73 16.93 9.02
C GLU A 151 -3.30 17.30 9.33
N PHE A 152 -2.92 18.51 8.90
CA PHE A 152 -1.52 19.00 9.00
C PHE A 152 -1.15 19.91 10.15
N LEU A 153 -2.06 20.02 11.09
CA LEU A 153 -1.86 20.87 12.26
C LEU A 153 -1.37 20.10 13.46
N GLY A 154 -0.65 20.82 14.33
CA GLY A 154 -0.14 20.26 15.56
C GLY A 154 -1.26 20.39 16.61
N THR A 155 -0.87 20.40 17.89
CA THR A 155 -1.82 20.45 18.99
C THR A 155 -2.53 21.80 19.15
N ARG A 156 -1.76 22.90 19.20
CA ARG A 156 -2.36 24.22 19.40
C ARG A 156 -3.12 24.74 18.18
N GLU A 157 -2.68 24.34 16.98
CA GLU A 157 -3.37 24.81 15.78
C GLU A 157 -4.61 23.94 15.45
N LEU A 158 -4.57 22.62 15.70
CA LEU A 158 -5.76 21.82 15.48
C LEU A 158 -6.86 22.31 16.46
N ALA A 159 -6.46 22.72 17.67
CA ALA A 159 -7.38 23.25 18.65
C ALA A 159 -7.88 24.59 18.10
N HIS A 160 -6.98 25.59 18.05
CA HIS A 160 -7.32 26.91 17.54
C HIS A 160 -8.32 26.82 16.37
N ARG A 161 -7.95 26.04 15.35
CA ARG A 161 -8.78 25.88 14.15
C ARG A 161 -10.06 25.07 14.40
N VAL A 162 -10.11 24.32 15.50
CA VAL A 162 -11.31 23.54 15.84
C VAL A 162 -12.10 24.24 16.99
N LEU A 163 -11.61 24.09 18.21
CA LEU A 163 -12.31 24.69 19.34
C LEU A 163 -12.55 26.15 19.10
N TRP A 164 -11.66 26.76 18.34
CA TRP A 164 -11.81 28.17 18.12
C TRP A 164 -11.98 28.87 19.47
N SER A 165 -11.03 28.63 20.37
CA SER A 165 -11.00 29.27 21.70
C SER A 165 -9.78 30.21 21.80
N ASP A 166 -9.50 30.75 23.00
CA ASP A 166 -8.38 31.68 23.19
C ASP A 166 -7.12 30.94 23.65
N LEU A 167 -6.02 31.22 22.96
CA LEU A 167 -4.75 30.57 23.23
C LEU A 167 -3.64 31.49 23.73
N GLY A 168 -3.95 32.40 24.65
CA GLY A 168 -2.91 33.29 25.14
C GLY A 168 -2.06 32.60 26.23
N GLN A 169 -2.72 31.90 27.14
CA GLN A 169 -1.96 31.31 28.24
C GLN A 169 -1.05 30.25 27.65
N LEU A 170 -1.64 29.19 27.11
CA LEU A 170 -0.84 28.15 26.48
C LEU A 170 0.32 28.79 25.72
N ASP A 171 0.00 29.77 24.88
CA ASP A 171 1.00 30.46 24.06
C ASP A 171 2.18 31.07 24.81
N SER A 172 1.90 31.72 25.92
CA SER A 172 2.97 32.36 26.72
C SER A 172 4.03 31.40 27.22
N ILE A 173 3.62 30.27 27.78
CA ILE A 173 4.57 29.26 28.26
C ILE A 173 5.28 28.76 27.04
N GLU A 174 4.52 28.70 25.95
CA GLU A 174 5.04 28.19 24.71
C GLU A 174 6.17 29.00 24.11
N ALA A 175 5.86 30.24 23.75
CA ALA A 175 6.85 31.14 23.16
C ALA A 175 8.27 30.94 23.68
N LYS A 176 8.43 30.88 25.01
CA LYS A 176 9.77 30.74 25.60
C LYS A 176 10.05 29.30 26.01
N TRP A 177 9.83 28.37 25.10
CA TRP A 177 10.00 26.98 25.47
C TRP A 177 11.34 26.63 26.10
N GLU A 178 12.34 27.48 26.00
CA GLU A 178 13.60 27.08 26.62
C GLU A 178 13.77 27.69 28.01
N LYS A 179 13.00 28.73 28.33
CA LYS A 179 13.10 29.37 29.66
C LYS A 179 12.05 28.89 30.65
N ALA A 180 10.88 28.50 30.14
CA ALA A 180 9.82 27.99 31.00
C ALA A 180 10.37 26.79 31.80
N GLY A 181 10.12 26.78 33.10
CA GLY A 181 10.60 25.68 33.92
C GLY A 181 9.70 24.46 33.83
N PRO A 182 10.09 23.38 34.47
CA PRO A 182 9.24 22.18 34.41
C PRO A 182 7.82 22.43 34.89
N GLU A 183 7.65 23.43 35.76
CA GLU A 183 6.32 23.74 36.26
C GLU A 183 5.36 24.23 35.15
N GLU A 184 5.78 25.25 34.39
CA GLU A 184 4.93 25.78 33.30
C GLU A 184 4.88 24.84 32.10
N GLN A 185 5.93 24.06 31.90
CA GLN A 185 5.97 23.11 30.79
C GLN A 185 4.97 22.05 31.16
N LEU A 186 4.84 21.80 32.47
CA LEU A 186 3.86 20.78 32.94
C LEU A 186 2.45 21.37 32.72
N GLU A 187 2.33 22.69 32.87
CA GLU A 187 1.04 23.35 32.69
C GLU A 187 0.65 23.36 31.19
N ALA A 188 1.64 23.60 30.31
CA ALA A 188 1.36 23.64 28.87
C ALA A 188 0.78 22.31 28.36
N ALA A 189 1.29 21.19 28.88
CA ALA A 189 0.78 19.87 28.52
C ALA A 189 -0.68 19.62 28.97
N ALA A 190 -1.02 20.03 30.19
CA ALA A 190 -2.39 19.77 30.68
C ALA A 190 -3.40 20.55 29.79
N ILE A 191 -3.20 21.86 29.67
CA ILE A 191 -4.06 22.68 28.79
C ILE A 191 -4.20 22.03 27.39
N GLU A 192 -3.07 21.78 26.70
CA GLU A 192 -3.18 21.20 25.34
C GLU A 192 -4.00 19.92 25.34
N GLY A 193 -3.87 19.10 26.38
CA GLY A 193 -4.72 17.90 26.40
C GLY A 193 -6.20 18.36 26.37
N TRP A 194 -6.67 18.89 27.50
CA TRP A 194 -8.05 19.39 27.65
C TRP A 194 -8.59 19.87 26.29
N LEU A 195 -7.74 20.64 25.59
CA LEU A 195 -8.10 21.11 24.24
C LEU A 195 -8.43 19.94 23.27
N ILE A 196 -7.70 18.82 23.38
CA ILE A 196 -7.93 17.65 22.51
C ILE A 196 -9.24 16.96 22.91
N VAL A 197 -9.44 16.68 24.21
CA VAL A 197 -10.72 16.10 24.66
C VAL A 197 -11.88 16.94 24.09
N ASN A 198 -11.74 18.27 24.18
CA ASN A 198 -12.75 19.23 23.67
C ASN A 198 -12.80 19.17 22.14
N VAL A 199 -11.63 19.19 21.46
CA VAL A 199 -11.62 19.08 20.03
C VAL A 199 -12.33 17.74 19.75
N TRP A 200 -11.97 16.74 20.52
CA TRP A 200 -12.56 15.41 20.35
C TRP A 200 -14.08 15.42 20.62
N ASP A 201 -14.46 16.00 21.76
CA ASP A 201 -15.87 16.07 22.13
C ASP A 201 -16.70 16.65 20.99
N GLN A 202 -16.22 17.72 20.37
CA GLN A 202 -16.95 18.30 19.26
C GLN A 202 -17.03 17.31 18.09
N LEU A 203 -15.88 16.83 17.66
CA LEU A 203 -15.82 15.89 16.54
C LEU A 203 -16.60 14.58 16.68
N SER A 204 -16.39 13.84 17.78
CA SER A 204 -17.06 12.56 17.95
C SER A 204 -18.60 12.59 17.88
N ASP A 205 -19.21 13.76 18.03
CA ASP A 205 -20.67 13.82 17.91
C ASP A 205 -21.20 14.69 16.78
N GLU A 206 -20.30 15.30 16.00
CA GLU A 206 -20.71 16.16 14.89
C GLU A 206 -20.55 15.43 13.55
N SER B 1 24.97 38.35 16.61
CA SER B 1 24.80 37.58 17.87
C SER B 1 23.81 36.41 17.70
N ALA B 2 23.36 35.91 18.86
CA ALA B 2 22.42 34.80 18.98
C ALA B 2 21.18 35.06 18.16
N SER B 3 21.05 36.28 17.66
CA SER B 3 19.94 36.62 16.81
C SER B 3 20.42 36.61 15.36
N PHE B 4 19.50 36.86 14.45
CA PHE B 4 19.80 36.78 13.04
C PHE B 4 20.45 38.03 12.46
N ASP B 5 21.78 38.06 12.60
CA ASP B 5 22.54 39.20 12.13
C ASP B 5 23.22 39.03 10.79
N GLY B 6 22.79 38.05 9.99
CA GLY B 6 23.39 37.90 8.68
C GLY B 6 22.73 38.90 7.73
N PRO B 7 22.94 38.79 6.40
CA PRO B 7 22.30 39.75 5.50
C PRO B 7 20.80 39.68 5.78
N LYS B 8 20.14 40.83 5.73
CA LYS B 8 18.71 40.94 6.01
C LYS B 8 17.86 41.05 4.74
N PHE B 9 18.19 40.24 3.72
CA PHE B 9 17.53 40.24 2.42
C PHE B 9 16.15 40.90 2.39
N LYS B 10 15.93 41.71 1.37
CA LYS B 10 14.71 42.47 1.18
C LYS B 10 13.89 41.74 0.18
N THR B 12 10.42 40.81 -2.15
CA THR B 12 9.75 41.33 -3.30
C THR B 12 8.73 42.33 -2.86
N ASP B 13 8.20 42.12 -1.67
CA ASP B 13 7.20 43.03 -1.16
C ASP B 13 7.94 43.96 -0.20
N GLY B 14 9.26 44.01 -0.44
CA GLY B 14 10.15 44.84 0.34
C GLY B 14 10.30 44.40 1.79
N SER B 15 9.91 43.16 2.11
CA SER B 15 10.02 42.76 3.51
C SER B 15 11.42 42.31 3.82
N TYR B 16 11.61 41.86 5.05
CA TYR B 16 12.91 41.43 5.48
C TYR B 16 13.04 40.08 6.10
N VAL B 17 14.23 39.52 5.94
CA VAL B 17 14.56 38.25 6.50
C VAL B 17 15.97 38.27 7.05
N GLN B 18 16.05 38.11 8.35
CA GLN B 18 17.31 38.05 9.01
C GLN B 18 17.88 36.64 8.79
N THR B 19 19.07 36.54 8.19
CA THR B 19 19.63 35.20 8.00
C THR B 19 20.73 34.89 9.01
N LYS B 20 21.12 33.63 9.05
CA LYS B 20 22.19 33.17 9.91
C LYS B 20 22.74 31.84 9.41
N THR B 21 24.05 31.79 9.14
CA THR B 21 24.68 30.56 8.67
C THR B 21 25.54 30.01 9.80
N ILE B 22 25.48 28.70 10.01
CA ILE B 22 26.25 28.10 11.07
C ILE B 22 26.92 26.77 10.69
N ASP B 23 28.25 26.78 10.53
CA ASP B 23 28.96 25.52 10.22
C ASP B 23 29.05 24.80 11.54
N VAL B 24 28.10 23.90 11.78
CA VAL B 24 28.10 23.19 13.03
C VAL B 24 29.41 22.45 13.22
N GLY B 25 30.29 23.05 14.01
CA GLY B 25 31.57 22.40 14.27
C GLY B 25 31.25 21.12 14.98
N SER B 26 31.68 21.01 16.23
CA SER B 26 31.44 19.81 17.01
C SER B 26 30.72 20.21 18.28
N SER B 27 31.02 21.40 18.74
CA SER B 27 30.51 21.92 19.98
C SER B 27 29.83 23.24 19.72
N THR B 28 29.01 23.26 18.68
CA THR B 28 28.31 24.47 18.34
C THR B 28 26.87 24.35 18.84
N ASP B 29 26.52 25.10 19.87
CA ASP B 29 25.16 25.09 20.40
C ASP B 29 24.21 25.68 19.32
N ILE B 30 23.26 24.91 18.81
CA ILE B 30 22.37 25.50 17.80
C ILE B 30 20.98 25.87 18.35
N SER B 31 20.67 25.44 19.57
CA SER B 31 19.35 25.72 20.15
C SER B 31 18.91 27.19 20.27
N PRO B 32 19.85 28.09 20.60
CA PRO B 32 19.42 29.49 20.71
C PRO B 32 18.79 30.01 19.39
N TYR B 33 19.26 29.49 18.25
CA TYR B 33 18.73 29.92 16.96
C TYR B 33 17.41 29.20 16.67
N LEU B 34 17.32 27.93 17.09
CA LEU B 34 16.09 27.17 16.91
C LEU B 34 14.96 27.83 17.78
N SER B 35 15.29 28.27 19.00
CA SER B 35 14.29 28.89 19.87
C SER B 35 13.73 30.16 19.27
N LEU B 36 14.56 30.95 18.56
CA LEU B 36 14.09 32.19 17.90
C LEU B 36 13.12 31.84 16.76
N ILE B 37 13.44 30.78 16.00
CA ILE B 37 12.59 30.30 14.91
C ILE B 37 11.20 29.88 15.46
N ARG B 38 11.18 29.11 16.55
CA ARG B 38 9.93 28.66 17.17
C ARG B 38 9.17 29.84 17.79
N GLU B 39 9.89 30.70 18.48
CA GLU B 39 9.24 31.86 19.08
C GLU B 39 8.51 32.70 18.01
N ASP B 40 9.17 32.96 16.87
CA ASP B 40 8.51 33.74 15.81
C ASP B 40 7.38 32.95 15.14
N SER B 41 7.54 31.63 15.00
CA SER B 41 6.51 30.78 14.36
C SER B 41 5.25 30.74 15.23
N ILE B 42 5.46 30.79 16.54
CA ILE B 42 4.34 30.76 17.47
C ILE B 42 3.72 32.16 17.70
N LEU B 43 4.55 33.20 17.77
CA LEU B 43 4.02 34.54 18.01
C LEU B 43 3.59 35.31 16.75
N ASN B 44 4.31 35.13 15.65
CA ASN B 44 4.02 35.86 14.41
C ASN B 44 3.85 35.02 13.15
N GLY B 45 4.18 33.72 13.24
CA GLY B 45 4.13 32.87 12.05
C GLY B 45 3.09 31.76 12.00
N ASN B 46 2.06 31.87 12.83
CA ASN B 46 0.98 30.92 12.80
C ASN B 46 1.34 29.46 12.96
N ARG B 47 2.45 29.20 13.67
CA ARG B 47 2.83 27.83 13.95
C ARG B 47 3.42 27.00 12.82
N ALA B 48 3.81 27.69 11.74
CA ALA B 48 4.47 26.99 10.64
C ALA B 48 5.96 27.30 10.68
N VAL B 49 6.75 26.28 10.32
CA VAL B 49 8.21 26.42 10.15
C VAL B 49 8.42 25.73 8.79
N ILE B 50 8.78 26.53 7.79
CA ILE B 50 8.99 26.02 6.44
C ILE B 50 10.43 25.47 6.39
N PHE B 51 10.64 24.35 5.70
CA PHE B 51 11.97 23.80 5.66
C PHE B 51 12.32 23.18 4.34
N ASP B 52 13.62 23.03 4.13
CA ASP B 52 14.18 22.38 2.95
C ASP B 52 15.47 21.69 3.46
N VAL B 53 15.95 20.69 2.71
CA VAL B 53 17.14 19.98 3.13
C VAL B 53 18.03 19.71 1.92
N TYR B 54 19.33 19.62 2.18
CA TYR B 54 20.34 19.46 1.15
C TYR B 54 21.25 18.31 1.57
N TRP B 55 21.60 17.47 0.59
CA TRP B 55 22.36 16.26 0.84
C TRP B 55 23.77 16.16 0.25
N ASP B 56 24.65 15.46 0.97
CA ASP B 56 26.00 15.16 0.46
C ASP B 56 25.62 13.80 -0.18
N VAL B 57 25.52 13.76 -1.51
CA VAL B 57 25.11 12.52 -2.18
C VAL B 57 26.23 11.48 -2.10
N GLY B 58 25.89 10.20 -2.30
CA GLY B 58 26.86 9.13 -2.20
C GLY B 58 27.08 8.11 -3.31
N PHE B 59 28.30 7.55 -3.30
CA PHE B 59 28.74 6.53 -4.24
C PHE B 59 29.24 5.32 -3.47
N THR B 66 23.02 -0.90 1.16
CA THR B 66 21.95 -0.20 0.43
C THR B 66 22.49 1.04 -0.29
N LYS B 67 22.26 1.11 -1.58
CA LYS B 67 22.76 2.22 -2.37
C LYS B 67 22.37 3.64 -2.04
N THR B 68 21.25 3.87 -1.35
CA THR B 68 20.84 5.24 -0.99
C THR B 68 21.57 5.64 0.28
N SER B 69 22.42 4.75 0.82
CA SER B 69 23.13 5.09 2.02
C SER B 69 24.32 6.06 1.81
N GLY B 70 24.63 6.42 0.56
CA GLY B 70 25.71 7.38 0.36
C GLY B 70 25.25 8.80 0.64
N TRP B 71 23.97 8.98 0.99
CA TRP B 71 23.49 10.36 1.22
C TRP B 71 23.52 10.76 2.69
N SER B 72 24.18 11.88 2.96
CA SER B 72 24.33 12.39 4.33
C SER B 72 23.83 13.83 4.37
N LEU B 73 23.10 14.20 5.44
CA LEU B 73 22.54 15.55 5.55
C LEU B 73 23.62 16.65 5.65
N SER B 74 23.58 17.62 4.74
CA SER B 74 24.61 18.65 4.73
C SER B 74 24.18 20.10 5.03
N SER B 75 22.89 20.41 4.88
CA SER B 75 22.37 21.77 5.16
C SER B 75 20.87 21.74 5.35
N VAL B 76 20.41 22.48 6.36
CA VAL B 76 18.99 22.57 6.66
C VAL B 76 18.61 24.07 6.66
N LYS B 77 17.52 24.40 5.99
CA LYS B 77 17.04 25.78 5.92
C LYS B 77 15.69 25.82 6.64
N LEU B 78 15.56 26.72 7.60
CA LEU B 78 14.32 26.86 8.36
C LEU B 78 13.84 28.30 8.16
N SER B 79 12.59 28.46 7.73
CA SER B 79 12.10 29.80 7.50
C SER B 79 10.79 30.07 8.18
N THR B 80 10.66 31.29 8.72
CA THR B 80 9.43 31.68 9.33
C THR B 80 9.09 33.08 8.86
N ARG B 81 8.00 33.60 9.39
CA ARG B 81 7.51 34.94 9.10
C ARG B 81 8.64 35.92 8.80
N ASN B 82 9.53 36.06 9.77
CA ASN B 82 10.64 37.00 9.72
C ASN B 82 12.08 36.45 9.67
N LEU B 83 12.24 35.13 9.71
CA LEU B 83 13.58 34.57 9.86
C LEU B 83 13.99 33.42 8.98
N CYS B 84 15.22 33.44 8.47
CA CYS B 84 15.74 32.32 7.69
C CYS B 84 17.06 31.84 8.32
N LEU B 85 17.08 30.58 8.77
CA LEU B 85 18.26 29.99 9.41
C LEU B 85 18.82 28.93 8.49
N PHE B 86 20.12 29.01 8.23
CA PHE B 86 20.77 28.04 7.36
C PHE B 86 21.93 27.38 8.12
N LEU B 87 21.73 26.11 8.43
CA LEU B 87 22.71 25.34 9.21
C LEU B 87 23.60 24.51 8.30
N ARG B 88 24.90 24.73 8.39
CA ARG B 88 25.83 23.94 7.59
C ARG B 88 26.40 22.88 8.54
N LEU B 89 25.99 21.65 8.28
CA LEU B 89 26.31 20.48 9.07
C LEU B 89 27.55 19.75 8.61
N PRO B 90 28.30 19.19 9.58
CA PRO B 90 29.52 18.47 9.22
C PRO B 90 29.15 17.07 8.76
N LYS B 91 30.18 16.34 8.31
CA LYS B 91 30.01 14.96 7.88
C LYS B 91 31.14 14.18 8.54
N PRO B 92 30.82 13.33 9.53
CA PRO B 92 29.45 13.11 10.00
C PRO B 92 28.98 14.17 11.04
N PHE B 93 27.77 13.95 11.58
CA PHE B 93 27.19 14.83 12.61
C PHE B 93 27.85 14.60 13.94
N HIS B 94 27.86 15.64 14.78
CA HIS B 94 28.33 15.46 16.16
C HIS B 94 27.10 15.54 17.07
N ASP B 95 27.30 15.34 18.38
CA ASP B 95 26.18 15.34 19.31
C ASP B 95 25.43 16.65 19.50
N ASN B 96 26.02 17.75 19.09
CA ASN B 96 25.35 19.03 19.27
C ASN B 96 24.06 19.05 18.45
N LEU B 97 23.97 18.14 17.48
CA LEU B 97 22.78 18.04 16.65
C LEU B 97 21.61 17.25 17.29
N LYS B 98 21.79 16.69 18.50
CA LYS B 98 20.64 16.02 19.14
C LYS B 98 19.53 17.05 19.32
N ASP B 99 19.93 18.31 19.61
CA ASP B 99 18.97 19.39 19.77
C ASP B 99 18.22 19.56 18.42
N LEU B 100 18.82 19.14 17.31
CA LEU B 100 18.06 19.25 16.03
C LEU B 100 17.06 18.09 15.87
N TYR B 101 17.26 16.98 16.58
CA TYR B 101 16.32 15.86 16.45
C TYR B 101 15.03 16.15 17.20
N ARG B 102 15.17 16.74 18.37
CA ARG B 102 14.01 17.15 19.15
C ARG B 102 13.20 18.07 18.25
N PHE B 103 13.63 19.33 18.19
CA PHE B 103 12.98 20.36 17.37
C PHE B 103 12.30 19.73 16.12
N PHE B 104 12.90 18.70 15.53
CA PHE B 104 12.26 18.10 14.37
C PHE B 104 11.08 17.17 14.71
N ALA B 105 10.90 16.87 16.00
CA ALA B 105 9.83 16.01 16.48
C ALA B 105 8.76 16.73 17.31
N SER B 106 8.92 18.05 17.47
CA SER B 106 7.97 18.88 18.29
C SER B 106 6.57 18.83 17.76
N LYS B 107 5.59 19.02 18.67
CA LYS B 107 4.16 19.07 18.27
C LYS B 107 3.59 20.49 18.37
N PHE B 108 4.48 21.45 18.59
CA PHE B 108 4.09 22.87 18.68
C PHE B 108 3.97 23.47 17.26
N VAL B 109 4.74 22.94 16.31
CA VAL B 109 4.71 23.48 14.95
C VAL B 109 4.52 22.47 13.84
N THR B 110 4.12 22.99 12.67
CA THR B 110 3.96 22.16 11.50
C THR B 110 5.17 22.43 10.62
N PHE B 111 5.83 21.36 10.19
CA PHE B 111 6.99 21.44 9.30
C PHE B 111 6.45 21.21 7.85
N VAL B 112 6.43 22.32 7.10
CA VAL B 112 5.90 22.36 5.75
C VAL B 112 7.03 22.37 4.74
N GLY B 113 6.95 21.47 3.75
CA GLY B 113 7.99 21.39 2.75
C GLY B 113 7.51 21.24 1.29
N VAL B 114 8.45 21.10 0.36
CA VAL B 114 8.08 20.92 -1.07
C VAL B 114 8.87 19.75 -1.69
N GLN B 115 8.17 18.63 -1.89
CA GLN B 115 8.73 17.37 -2.41
C GLN B 115 9.71 16.75 -1.37
N ILE B 116 9.20 16.44 -0.18
CA ILE B 116 10.00 15.89 0.92
C ILE B 116 9.77 14.39 1.19
N GLU B 117 9.03 13.73 0.31
CA GLU B 117 8.70 12.31 0.49
C GLU B 117 10.03 11.49 0.54
N GLU B 118 10.94 11.71 -0.41
CA GLU B 118 12.23 11.02 -0.39
C GLU B 118 13.08 11.56 0.79
N ASP B 119 13.14 12.88 0.97
CA ASP B 119 13.92 13.46 2.07
C ASP B 119 13.54 12.79 3.40
N LEU B 120 12.24 12.54 3.61
CA LEU B 120 11.82 11.93 4.86
C LEU B 120 12.27 10.51 4.99
N ASP B 121 12.22 9.72 3.92
CA ASP B 121 12.73 8.33 3.99
C ASP B 121 14.24 8.30 4.25
N LEU B 122 15.02 9.05 3.47
CA LEU B 122 16.50 9.12 3.61
C LEU B 122 16.90 9.58 5.00
N LEU B 123 16.24 10.62 5.50
CA LEU B 123 16.54 11.13 6.84
C LEU B 123 16.24 10.01 7.88
N ARG B 124 15.20 9.21 7.62
CA ARG B 124 14.84 8.11 8.55
C ARG B 124 15.80 6.90 8.39
N GLU B 125 16.09 6.49 7.16
CA GLU B 125 16.93 5.32 6.90
C GLU B 125 18.34 5.33 7.51
N ASN B 126 19.05 6.46 7.36
CA ASN B 126 20.45 6.64 7.77
C ASN B 126 20.69 7.47 8.98
N HIS B 127 19.76 8.40 9.27
CA HIS B 127 19.96 9.31 10.38
C HIS B 127 18.95 9.18 11.51
N GLY B 128 17.76 8.71 11.19
CA GLY B 128 16.72 8.58 12.20
C GLY B 128 16.31 10.02 12.52
N LEU B 129 16.35 10.87 11.51
CA LEU B 129 15.93 12.24 11.70
C LEU B 129 14.45 12.11 11.30
N VAL B 130 13.62 12.12 12.36
CA VAL B 130 12.16 11.98 12.27
C VAL B 130 11.44 13.31 12.37
N ILE B 131 10.44 13.57 11.54
CA ILE B 131 9.70 14.83 11.69
C ILE B 131 8.27 14.43 12.06
N ARG B 132 7.86 14.57 13.34
CA ARG B 132 6.54 14.07 13.68
C ARG B 132 5.36 14.76 13.04
N ASN B 133 5.52 16.06 12.75
CA ASN B 133 4.46 16.86 12.13
C ASN B 133 4.98 17.59 10.89
N ALA B 134 5.06 16.84 9.80
CA ALA B 134 5.56 17.35 8.52
C ALA B 134 4.48 17.43 7.46
N ILE B 135 4.66 18.33 6.51
CA ILE B 135 3.71 18.33 5.41
C ILE B 135 4.44 18.55 4.07
N ASN B 136 4.14 17.68 3.10
CA ASN B 136 4.66 17.71 1.73
C ASN B 136 3.55 18.58 1.09
N VAL B 137 3.67 19.92 1.27
CA VAL B 137 2.62 20.86 0.92
C VAL B 137 1.98 20.91 -0.49
N GLY B 138 2.71 20.49 -1.53
CA GLY B 138 2.19 20.51 -2.89
C GLY B 138 0.92 19.71 -3.05
N LYS B 139 0.83 18.57 -2.37
CA LYS B 139 -0.39 17.76 -2.45
C LYS B 139 -1.59 18.60 -1.91
N LEU B 140 -1.51 18.99 -0.63
CA LEU B 140 -2.55 19.81 0.00
C LEU B 140 -2.69 21.05 -0.92
N ALA B 141 -1.55 21.59 -1.38
CA ALA B 141 -1.59 22.78 -2.26
C ALA B 141 -2.63 22.63 -3.39
N ALA B 142 -2.69 21.41 -3.94
CA ALA B 142 -3.60 21.09 -5.04
C ALA B 142 -4.85 20.28 -4.69
N GLU B 143 -4.76 19.38 -3.70
CA GLU B 143 -5.95 18.59 -3.35
C GLU B 143 -6.98 19.55 -2.81
N ALA B 144 -6.52 20.70 -2.32
CA ALA B 144 -7.44 21.69 -1.81
C ALA B 144 -7.88 22.54 -2.97
N ARG B 145 -6.96 22.76 -3.90
CA ARG B 145 -7.23 23.62 -5.06
C ARG B 145 -7.97 22.99 -6.25
N GLY B 146 -7.96 21.67 -6.37
CA GLY B 146 -8.63 21.03 -7.51
C GLY B 146 -7.80 21.31 -8.76
N THR B 147 -6.48 21.18 -8.62
CA THR B 147 -5.55 21.42 -9.71
C THR B 147 -4.42 20.40 -9.54
N LEU B 148 -4.68 19.15 -9.95
CA LEU B 148 -3.73 18.05 -9.79
C LEU B 148 -2.28 18.43 -9.91
N VAL B 149 -2.02 19.37 -10.81
CA VAL B 149 -0.65 19.72 -11.13
C VAL B 149 0.23 20.40 -10.06
N LEU B 150 -0.40 20.95 -9.02
CA LEU B 150 0.35 21.60 -7.94
C LEU B 150 1.24 20.61 -7.18
N GLU B 151 0.79 19.36 -7.09
CA GLU B 151 1.57 18.34 -6.37
C GLU B 151 2.94 18.11 -7.07
N PHE B 152 2.97 18.36 -8.37
CA PHE B 152 4.16 18.12 -9.18
C PHE B 152 5.07 19.32 -9.41
N LEU B 153 4.70 20.46 -8.82
CA LEU B 153 5.51 21.67 -8.96
C LEU B 153 6.68 21.65 -7.96
N GLY B 154 7.74 22.41 -8.28
CA GLY B 154 8.91 22.50 -7.40
C GLY B 154 8.68 23.56 -6.32
N THR B 155 9.49 24.60 -6.21
CA THR B 155 9.18 25.51 -5.10
C THR B 155 8.68 26.85 -5.61
N ARG B 156 9.32 27.32 -6.67
CA ARG B 156 8.94 28.60 -7.28
C ARG B 156 7.60 28.50 -8.06
N GLU B 157 7.51 27.49 -8.91
CA GLU B 157 6.31 27.31 -9.70
C GLU B 157 5.14 26.96 -8.75
N LEU B 158 5.36 26.18 -7.69
CA LEU B 158 4.24 25.91 -6.76
C LEU B 158 3.69 27.22 -6.18
N ALA B 159 4.60 28.11 -5.76
CA ALA B 159 4.27 29.41 -5.17
C ALA B 159 3.55 30.34 -6.15
N HIS B 160 4.10 30.42 -7.35
CA HIS B 160 3.54 31.25 -8.38
C HIS B 160 2.17 30.71 -8.82
N ARG B 161 1.98 29.40 -8.77
CA ARG B 161 0.72 28.82 -9.24
C ARG B 161 -0.33 28.94 -8.17
N VAL B 162 0.07 29.39 -6.99
CA VAL B 162 -0.89 29.54 -5.90
C VAL B 162 -1.16 31.00 -5.51
N LEU B 163 -0.10 31.81 -5.43
CA LEU B 163 -0.14 33.22 -4.99
C LEU B 163 -0.06 34.35 -6.04
N TRP B 164 0.24 34.02 -7.31
CA TRP B 164 0.34 35.02 -8.38
C TRP B 164 1.35 36.12 -8.07
N SER B 165 1.91 36.06 -6.86
CA SER B 165 2.93 37.01 -6.38
C SER B 165 3.97 37.12 -7.50
N ASP B 166 4.85 38.15 -7.48
CA ASP B 166 5.87 38.35 -8.53
C ASP B 166 7.19 37.63 -8.32
N LEU B 167 7.56 36.78 -9.28
CA LEU B 167 8.78 35.97 -9.17
C LEU B 167 9.92 36.36 -10.10
N GLY B 168 9.72 37.48 -10.78
CA GLY B 168 10.70 37.99 -11.70
C GLY B 168 12.14 37.86 -11.24
N GLN B 169 12.41 38.30 -10.00
CA GLN B 169 13.78 38.29 -9.48
C GLN B 169 14.30 36.96 -8.98
N LEU B 170 13.41 36.10 -8.47
CA LEU B 170 13.90 34.82 -8.00
C LEU B 170 14.37 34.12 -9.26
N ASP B 171 13.53 34.22 -10.27
CA ASP B 171 13.85 33.59 -11.54
C ASP B 171 15.20 33.99 -12.10
N SER B 172 15.53 35.27 -12.04
CA SER B 172 16.81 35.66 -12.58
C SER B 172 17.94 35.09 -11.73
N ILE B 173 17.70 34.91 -10.43
CA ILE B 173 18.72 34.36 -9.56
C ILE B 173 19.04 32.90 -9.87
N GLU B 174 18.04 32.04 -9.75
CA GLU B 174 18.32 30.65 -9.97
C GLU B 174 18.69 30.36 -11.42
N ALA B 175 18.21 31.20 -12.35
CA ALA B 175 18.47 30.98 -13.78
C ALA B 175 19.96 30.89 -14.08
N LYS B 176 20.78 31.62 -13.31
CA LYS B 176 22.24 31.65 -13.44
C LYS B 176 22.90 31.07 -12.20
N TRP B 177 22.26 30.08 -11.60
CA TRP B 177 22.73 29.46 -10.37
C TRP B 177 24.23 29.19 -10.24
N GLU B 178 24.91 28.95 -11.36
CA GLU B 178 26.33 28.64 -11.31
C GLU B 178 27.23 29.84 -11.02
N LYS B 179 26.82 31.00 -11.49
CA LYS B 179 27.56 32.24 -11.34
C LYS B 179 27.28 32.98 -10.02
N ALA B 180 26.32 32.46 -9.25
CA ALA B 180 26.01 33.09 -7.99
C ALA B 180 26.88 32.50 -6.86
N GLY B 181 27.35 33.35 -5.95
CA GLY B 181 28.16 32.85 -4.86
C GLY B 181 27.30 32.52 -3.64
N PRO B 182 27.91 32.14 -2.49
CA PRO B 182 27.17 31.80 -1.27
C PRO B 182 26.18 32.90 -0.90
N GLU B 183 26.57 34.13 -1.21
CA GLU B 183 25.78 35.31 -0.94
C GLU B 183 24.42 35.27 -1.64
N GLU B 184 24.44 35.17 -2.97
CA GLU B 184 23.19 35.14 -3.71
C GLU B 184 22.43 33.81 -3.50
N GLN B 185 23.13 32.73 -3.16
CA GLN B 185 22.45 31.45 -2.93
C GLN B 185 21.61 31.52 -1.64
N LEU B 186 22.15 32.20 -0.62
CA LEU B 186 21.40 32.37 0.64
C LEU B 186 20.21 33.26 0.29
N GLU B 187 20.43 34.25 -0.56
CA GLU B 187 19.36 35.15 -0.95
C GLU B 187 18.24 34.27 -1.48
N ALA B 188 18.53 33.51 -2.54
CA ALA B 188 17.53 32.61 -3.11
C ALA B 188 16.89 31.68 -2.04
N ALA B 189 17.71 31.13 -1.15
CA ALA B 189 17.18 30.25 -0.10
C ALA B 189 16.22 31.05 0.78
N ALA B 190 16.56 32.30 1.07
CA ALA B 190 15.64 33.08 1.92
C ALA B 190 14.32 33.41 1.20
N ILE B 191 14.37 33.76 -0.09
CA ILE B 191 13.15 34.08 -0.86
C ILE B 191 12.21 32.85 -1.01
N GLU B 192 12.78 31.67 -1.24
CA GLU B 192 11.97 30.46 -1.38
C GLU B 192 11.32 30.17 -0.03
N GLY B 193 12.06 30.38 1.06
CA GLY B 193 11.48 30.13 2.37
C GLY B 193 10.29 31.06 2.57
N TRP B 194 10.49 32.33 2.22
CA TRP B 194 9.44 33.36 2.37
C TRP B 194 8.21 32.99 1.53
N LEU B 195 8.44 32.67 0.26
CA LEU B 195 7.34 32.25 -0.63
C LEU B 195 6.58 31.05 -0.06
N ILE B 196 7.28 30.10 0.57
CA ILE B 196 6.57 28.92 1.09
C ILE B 196 5.88 29.28 2.41
N VAL B 197 6.54 30.08 3.23
CA VAL B 197 5.90 30.51 4.45
C VAL B 197 4.55 31.13 3.97
N ASN B 198 4.57 31.97 2.93
CA ASN B 198 3.32 32.60 2.49
C ASN B 198 2.34 31.65 1.81
N VAL B 199 2.84 30.72 1.02
CA VAL B 199 1.98 29.75 0.34
C VAL B 199 1.19 29.03 1.44
N TRP B 200 1.89 28.74 2.54
CA TRP B 200 1.26 28.08 3.66
C TRP B 200 0.10 28.87 4.25
N ASP B 201 0.41 30.04 4.80
CA ASP B 201 -0.60 30.85 5.44
C ASP B 201 -1.80 31.01 4.47
N GLN B 202 -1.49 31.13 3.17
CA GLN B 202 -2.52 31.31 2.16
C GLN B 202 -3.43 30.08 2.13
N LEU B 203 -2.84 28.89 2.03
CA LEU B 203 -3.62 27.65 2.00
C LEU B 203 -4.29 27.32 3.32
N SER B 204 -3.55 27.54 4.41
CA SER B 204 -4.05 27.28 5.75
C SER B 204 -5.44 27.89 5.99
N ASP B 205 -5.79 28.94 5.24
CA ASP B 205 -7.10 29.55 5.41
C ASP B 205 -8.21 28.95 4.55
N GLU B 206 -7.83 28.00 3.70
CA GLU B 206 -8.81 27.35 2.85
C GLU B 206 -9.26 25.98 3.42
N SER C 1 33.15 29.35 -24.56
CA SER C 1 32.64 28.38 -23.56
C SER C 1 31.81 27.25 -24.18
N ALA C 2 31.04 26.56 -23.34
CA ALA C 2 30.18 25.44 -23.75
C ALA C 2 28.82 25.88 -24.34
N SER C 3 28.30 25.09 -25.28
CA SER C 3 27.02 25.42 -25.90
C SER C 3 26.40 24.15 -26.48
N PHE C 4 25.15 24.21 -26.91
CA PHE C 4 24.56 23.05 -27.52
C PHE C 4 24.83 23.01 -29.05
N ASP C 5 25.90 22.31 -29.42
CA ASP C 5 26.28 22.19 -30.84
C ASP C 5 26.08 20.75 -31.32
N GLY C 6 25.38 20.63 -32.42
CA GLY C 6 25.07 19.35 -33.00
C GLY C 6 23.86 19.68 -33.85
N PRO C 7 23.26 18.71 -34.52
CA PRO C 7 22.10 19.03 -35.35
C PRO C 7 20.98 19.77 -34.68
N LYS C 8 20.79 21.04 -35.04
CA LYS C 8 19.67 21.78 -34.49
C LYS C 8 18.54 21.21 -35.36
N PHE C 9 17.74 20.28 -34.83
CA PHE C 9 16.64 19.68 -35.60
C PHE C 9 15.40 20.54 -35.69
N LYS C 10 14.74 20.45 -36.84
CA LYS C 10 13.51 21.20 -37.06
C LYS C 10 12.34 20.32 -36.63
N THR C 12 8.10 19.64 -36.10
CA THR C 12 6.98 19.78 -37.05
C THR C 12 6.22 21.13 -37.06
N ASP C 13 6.13 21.83 -35.92
CA ASP C 13 5.42 23.14 -35.83
C ASP C 13 6.32 24.34 -36.21
N GLY C 14 7.44 24.07 -36.85
CA GLY C 14 8.32 25.13 -37.27
C GLY C 14 9.40 25.53 -36.27
N SER C 15 9.31 25.06 -35.02
CA SER C 15 10.33 25.42 -34.04
C SER C 15 11.53 24.51 -34.21
N TYR C 16 12.59 24.80 -33.47
CA TYR C 16 13.82 24.01 -33.54
C TYR C 16 14.29 23.50 -32.16
N VAL C 17 15.05 22.39 -32.19
CA VAL C 17 15.64 21.86 -30.97
C VAL C 17 17.16 21.80 -31.12
N GLN C 18 17.88 22.48 -30.26
CA GLN C 18 19.32 22.41 -30.33
C GLN C 18 19.72 21.25 -29.48
N THR C 19 20.63 20.45 -30.01
CA THR C 19 21.04 19.24 -29.34
C THR C 19 22.51 19.22 -28.90
N LYS C 20 22.82 18.27 -28.02
CA LYS C 20 24.17 18.00 -27.51
C LYS C 20 24.23 16.59 -27.00
N THR C 21 25.07 15.77 -27.63
CA THR C 21 25.27 14.41 -27.20
C THR C 21 26.61 14.47 -26.46
N ILE C 22 26.75 13.67 -25.40
CA ILE C 22 27.99 13.64 -24.63
C ILE C 22 28.43 12.29 -24.10
N ASP C 23 29.67 11.87 -24.43
CA ASP C 23 30.19 10.62 -23.91
C ASP C 23 31.04 10.90 -22.68
N VAL C 24 30.35 10.96 -21.55
CA VAL C 24 30.93 11.22 -20.23
C VAL C 24 32.03 10.23 -19.85
N GLY C 25 33.23 10.72 -19.69
CA GLY C 25 34.32 9.87 -19.26
C GLY C 25 34.50 10.26 -17.81
N SER C 26 35.39 9.62 -17.08
CA SER C 26 35.58 9.98 -15.68
C SER C 26 36.04 11.45 -15.64
N SER C 27 36.79 11.86 -16.66
CA SER C 27 37.26 13.25 -16.69
C SER C 27 36.21 14.30 -17.08
N THR C 28 35.14 13.88 -17.75
CA THR C 28 34.07 14.75 -18.26
C THR C 28 33.40 15.73 -17.26
N ASP C 29 33.33 17.01 -17.63
CA ASP C 29 32.67 17.98 -16.76
C ASP C 29 31.32 18.34 -17.40
N ILE C 30 30.21 17.76 -16.90
CA ILE C 30 28.89 18.03 -17.52
C ILE C 30 28.14 19.23 -16.92
N SER C 31 28.67 19.80 -15.83
CA SER C 31 27.98 20.92 -15.19
C SER C 31 27.60 22.08 -16.10
N PRO C 32 28.43 22.41 -17.12
CA PRO C 32 28.04 23.53 -17.98
C PRO C 32 26.71 23.26 -18.70
N TYR C 33 26.57 22.04 -19.21
CA TYR C 33 25.36 21.61 -19.92
C TYR C 33 24.12 21.57 -19.03
N LEU C 34 24.28 21.07 -17.79
CA LEU C 34 23.19 21.05 -16.82
C LEU C 34 22.71 22.51 -16.61
N SER C 35 23.66 23.43 -16.36
CA SER C 35 23.31 24.86 -16.19
C SER C 35 22.45 25.37 -17.37
N LEU C 36 22.91 25.14 -18.60
CA LEU C 36 22.13 25.52 -19.79
C LEU C 36 20.68 25.00 -19.75
N ILE C 37 20.52 23.70 -19.50
CA ILE C 37 19.19 23.09 -19.42
C ILE C 37 18.40 23.89 -18.35
N ARG C 38 19.10 24.20 -17.27
CA ARG C 38 18.46 24.95 -16.18
C ARG C 38 17.90 26.28 -16.63
N GLU C 39 18.75 27.11 -17.22
CA GLU C 39 18.37 28.43 -17.69
C GLU C 39 17.11 28.39 -18.57
N ASP C 40 17.15 27.63 -19.66
CA ASP C 40 15.98 27.56 -20.52
C ASP C 40 14.73 26.99 -19.79
N SER C 41 14.88 26.02 -18.90
CA SER C 41 13.70 25.47 -18.21
C SER C 41 13.09 26.61 -17.34
N ILE C 42 13.97 27.35 -16.66
CA ILE C 42 13.54 28.46 -15.80
C ILE C 42 13.08 29.66 -16.67
N LEU C 43 13.93 30.07 -17.60
CA LEU C 43 13.60 31.19 -18.50
C LEU C 43 12.47 30.90 -19.50
N ASN C 44 12.63 29.81 -20.25
CA ASN C 44 11.69 29.48 -21.32
C ASN C 44 10.77 28.28 -21.16
N GLY C 45 11.02 27.42 -20.17
CA GLY C 45 10.23 26.23 -20.04
C GLY C 45 9.35 26.04 -18.81
N ASN C 46 9.05 27.13 -18.09
CA ASN C 46 8.21 27.07 -16.90
C ASN C 46 8.67 26.01 -15.93
N ARG C 47 9.98 25.81 -15.87
CA ARG C 47 10.63 24.87 -14.99
C ARG C 47 10.42 23.37 -15.15
N ALA C 48 10.28 22.92 -16.41
CA ALA C 48 10.17 21.50 -16.67
C ALA C 48 11.46 21.07 -17.35
N VAL C 49 11.93 19.87 -17.01
CA VAL C 49 13.06 19.23 -17.70
C VAL C 49 12.50 17.83 -17.95
N ILE C 50 12.42 17.43 -19.22
CA ILE C 50 11.87 16.13 -19.55
C ILE C 50 12.96 15.02 -19.58
N PHE C 51 12.64 13.77 -19.24
CA PHE C 51 13.74 12.78 -19.29
C PHE C 51 13.40 11.34 -19.62
N ASP C 52 14.47 10.57 -19.74
CA ASP C 52 14.39 9.13 -19.92
C ASP C 52 15.77 8.55 -19.60
N VAL C 53 15.79 7.23 -19.39
CA VAL C 53 16.99 6.49 -19.09
C VAL C 53 16.87 5.25 -19.94
N TYR C 54 18.01 4.62 -20.18
CA TYR C 54 18.12 3.46 -21.07
C TYR C 54 19.02 2.47 -20.34
N TRP C 55 18.56 1.23 -20.25
CA TRP C 55 19.30 0.26 -19.47
C TRP C 55 20.13 -0.77 -20.26
N ASP C 56 21.14 -1.29 -19.56
CA ASP C 56 22.08 -2.33 -20.00
C ASP C 56 22.10 -3.43 -18.92
N VAL C 57 22.10 -4.70 -19.33
CA VAL C 57 22.17 -5.78 -18.33
C VAL C 57 23.17 -6.86 -18.68
N GLY C 58 23.64 -7.51 -17.63
CA GLY C 58 24.56 -8.60 -17.79
C GLY C 58 23.92 -9.88 -17.28
N PHE C 59 24.68 -10.96 -17.31
CA PHE C 59 24.17 -12.23 -16.83
C PHE C 59 25.14 -12.84 -15.82
N THR C 66 19.91 -10.01 -6.14
CA THR C 66 18.59 -9.86 -6.78
C THR C 66 18.74 -9.94 -8.31
N LYS C 67 17.75 -10.50 -8.97
CA LYS C 67 17.85 -10.66 -10.41
C LYS C 67 17.92 -9.37 -11.24
N THR C 68 17.70 -8.21 -10.60
CA THR C 68 17.76 -6.92 -11.29
C THR C 68 19.11 -6.25 -11.03
N SER C 69 19.89 -6.78 -10.09
CA SER C 69 21.17 -6.14 -9.84
C SER C 69 21.99 -6.18 -11.12
N GLY C 70 21.50 -6.94 -12.11
CA GLY C 70 22.19 -7.02 -13.38
C GLY C 70 22.06 -5.75 -14.21
N TRP C 71 21.03 -4.93 -13.99
CA TRP C 71 20.85 -3.73 -14.80
C TRP C 71 21.78 -2.61 -14.39
N SER C 72 22.14 -1.76 -15.34
CA SER C 72 23.03 -0.62 -15.05
C SER C 72 22.73 0.54 -16.00
N LEU C 73 22.62 1.75 -15.45
CA LEU C 73 22.28 2.95 -16.23
C LEU C 73 23.30 3.20 -17.35
N SER C 74 22.83 3.69 -18.49
CA SER C 74 23.73 3.85 -19.61
C SER C 74 23.48 5.07 -20.47
N SER C 75 22.32 5.70 -20.29
CA SER C 75 21.96 6.94 -21.00
C SER C 75 20.84 7.75 -20.32
N VAL C 76 20.95 9.08 -20.44
CA VAL C 76 19.96 10.01 -19.90
C VAL C 76 19.65 11.12 -20.89
N LYS C 77 18.37 11.44 -21.06
CA LYS C 77 17.93 12.55 -21.92
C LYS C 77 17.19 13.63 -21.10
N LEU C 78 17.49 14.90 -21.39
CA LEU C 78 16.86 16.01 -20.72
C LEU C 78 16.40 16.91 -21.88
N SER C 79 15.13 17.27 -21.86
CA SER C 79 14.58 18.14 -22.90
C SER C 79 13.87 19.34 -22.19
N THR C 80 14.04 20.53 -22.77
CA THR C 80 13.44 21.76 -22.29
C THR C 80 12.82 22.47 -23.49
N ARG C 81 12.15 23.57 -23.20
CA ARG C 81 11.55 24.37 -24.27
C ARG C 81 12.23 24.23 -25.65
N ASN C 82 13.54 24.51 -25.68
CA ASN C 82 14.25 24.52 -26.96
C ASN C 82 15.47 23.68 -27.00
N LEU C 83 15.70 22.88 -25.98
CA LEU C 83 16.95 22.10 -25.89
C LEU C 83 16.80 20.59 -25.66
N CYS C 84 17.77 19.81 -26.12
CA CYS C 84 17.78 18.36 -25.90
C CYS C 84 19.24 17.97 -25.65
N LEU C 85 19.50 17.60 -24.40
CA LEU C 85 20.84 17.19 -23.97
C LEU C 85 20.85 15.66 -23.78
N PHE C 86 21.71 14.95 -24.53
CA PHE C 86 21.81 13.48 -24.42
C PHE C 86 23.17 13.04 -23.82
N LEU C 87 23.12 12.32 -22.71
CA LEU C 87 24.35 11.90 -22.02
C LEU C 87 24.50 10.40 -22.07
N ARG C 88 25.65 9.92 -22.57
CA ARG C 88 25.93 8.49 -22.64
C ARG C 88 26.84 8.25 -21.46
N LEU C 89 26.45 7.35 -20.56
CA LEU C 89 27.22 7.12 -19.35
C LEU C 89 27.98 5.81 -19.31
N PRO C 90 29.10 5.79 -18.57
CA PRO C 90 30.04 4.68 -18.34
C PRO C 90 29.63 3.71 -17.22
N LYS C 91 30.44 2.68 -17.01
CA LYS C 91 30.20 1.73 -15.97
C LYS C 91 31.61 1.37 -15.56
N PRO C 92 32.04 1.75 -14.34
CA PRO C 92 31.27 2.43 -13.31
C PRO C 92 31.22 3.96 -13.38
N PHE C 93 30.30 4.55 -12.61
CA PHE C 93 30.22 6.01 -12.57
C PHE C 93 31.50 6.48 -11.90
N HIS C 94 31.68 7.79 -11.90
CA HIS C 94 32.82 8.39 -11.24
C HIS C 94 32.28 9.63 -10.56
N ASP C 95 32.96 10.06 -9.50
CA ASP C 95 32.53 11.22 -8.72
C ASP C 95 32.17 12.43 -9.55
N ASN C 96 32.88 12.61 -10.67
CA ASN C 96 32.63 13.76 -11.52
C ASN C 96 31.11 14.01 -11.70
N LEU C 97 30.34 12.93 -12.00
CA LEU C 97 28.89 12.98 -12.19
C LEU C 97 27.99 13.46 -11.01
N LYS C 98 28.56 13.54 -9.82
CA LYS C 98 27.83 14.02 -8.66
C LYS C 98 26.89 15.16 -9.10
N ASP C 99 27.34 15.95 -10.08
CA ASP C 99 26.56 17.07 -10.63
C ASP C 99 25.18 16.64 -11.18
N LEU C 100 25.15 15.54 -11.94
CA LEU C 100 23.90 15.08 -12.55
C LEU C 100 22.91 14.72 -11.48
N TYR C 101 23.37 13.85 -10.56
CA TYR C 101 22.61 13.37 -9.38
C TYR C 101 22.03 14.60 -8.63
N ARG C 102 22.87 15.61 -8.43
CA ARG C 102 22.44 16.85 -7.71
C ARG C 102 21.39 17.56 -8.49
N PHE C 103 21.55 17.53 -9.80
CA PHE C 103 20.55 18.17 -10.58
C PHE C 103 19.27 17.38 -10.51
N PHE C 104 19.37 16.05 -10.60
CA PHE C 104 18.18 15.20 -10.53
C PHE C 104 17.49 15.31 -9.15
N ALA C 105 18.26 15.70 -8.12
CA ALA C 105 17.67 15.87 -6.78
C ALA C 105 17.08 17.31 -6.67
N SER C 106 16.92 17.96 -7.81
CA SER C 106 16.43 19.35 -7.81
C SER C 106 14.91 19.56 -7.67
N LYS C 107 14.56 20.73 -7.10
CA LYS C 107 13.19 21.24 -6.83
C LYS C 107 13.00 22.63 -7.55
N PHE C 108 14.04 23.10 -8.22
CA PHE C 108 13.92 24.39 -8.96
C PHE C 108 13.03 24.10 -10.14
N VAL C 109 13.06 22.82 -10.55
CA VAL C 109 12.30 22.36 -11.70
C VAL C 109 11.63 21.02 -11.49
N THR C 110 10.87 20.60 -12.48
CA THR C 110 10.22 19.28 -12.48
C THR C 110 10.90 18.46 -13.62
N PHE C 111 11.02 17.15 -13.41
CA PHE C 111 11.66 16.25 -14.41
C PHE C 111 10.55 15.37 -15.07
N VAL C 112 9.87 15.93 -16.05
CA VAL C 112 8.74 15.32 -16.74
C VAL C 112 8.99 13.96 -17.44
N GLY C 113 8.16 12.97 -17.05
CA GLY C 113 8.23 11.60 -17.54
C GLY C 113 6.97 10.82 -18.00
N VAL C 114 7.25 9.73 -18.73
CA VAL C 114 6.24 8.84 -19.33
C VAL C 114 6.65 7.42 -18.90
N GLN C 115 5.68 6.63 -18.45
CA GLN C 115 5.92 5.26 -17.98
C GLN C 115 7.28 5.23 -17.32
N ILE C 116 7.37 5.87 -16.15
CA ILE C 116 8.62 5.93 -15.41
C ILE C 116 8.61 5.25 -14.05
N GLU C 117 7.46 4.74 -13.60
CA GLU C 117 7.44 4.13 -12.27
C GLU C 117 8.52 3.07 -12.03
N GLU C 118 8.48 2.03 -12.86
CA GLU C 118 9.42 0.94 -12.84
C GLU C 118 10.84 1.55 -12.97
N ASP C 119 11.01 2.52 -13.85
CA ASP C 119 12.35 3.09 -13.95
C ASP C 119 12.69 3.57 -12.54
N LEU C 120 11.72 4.17 -11.85
CA LEU C 120 12.02 4.61 -10.51
C LEU C 120 12.59 3.48 -9.59
N ASP C 121 12.24 2.20 -9.80
CA ASP C 121 12.76 1.04 -8.98
C ASP C 121 14.31 0.79 -9.15
N LEU C 122 14.80 0.76 -10.38
CA LEU C 122 16.26 0.55 -10.59
C LEU C 122 17.01 1.81 -10.13
N LEU C 123 16.61 2.95 -10.68
CA LEU C 123 17.27 4.19 -10.35
C LEU C 123 17.49 4.42 -8.85
N ARG C 124 16.73 3.75 -8.03
CA ARG C 124 16.93 3.93 -6.61
C ARG C 124 17.91 2.84 -6.16
N GLU C 125 17.49 1.59 -6.39
CA GLU C 125 18.20 0.40 -5.94
C GLU C 125 19.57 0.11 -6.48
N ASN C 126 19.78 0.27 -7.79
CA ASN C 126 21.09 -0.06 -8.36
C ASN C 126 22.08 1.08 -8.34
N HIS C 127 21.62 2.33 -8.33
CA HIS C 127 22.59 3.46 -8.36
C HIS C 127 22.47 4.47 -7.19
N GLY C 128 21.53 4.24 -6.28
CA GLY C 128 21.37 5.18 -5.18
C GLY C 128 21.08 6.57 -5.72
N LEU C 129 20.50 6.64 -6.93
CA LEU C 129 20.20 7.93 -7.53
C LEU C 129 18.75 8.23 -7.17
N VAL C 130 18.54 9.39 -6.55
CA VAL C 130 17.22 9.83 -6.11
C VAL C 130 16.67 11.02 -6.91
N ILE C 131 15.47 10.89 -7.44
CA ILE C 131 14.88 12.01 -8.19
C ILE C 131 13.79 12.61 -7.26
N ARG C 132 14.13 13.71 -6.56
CA ARG C 132 13.18 14.27 -5.58
C ARG C 132 11.92 14.91 -6.17
N ASN C 133 12.05 15.50 -7.35
CA ASN C 133 10.91 16.17 -7.97
C ASN C 133 10.67 15.47 -9.31
N ALA C 134 10.14 14.24 -9.24
CA ALA C 134 9.87 13.40 -10.41
C ALA C 134 8.39 13.24 -10.70
N ILE C 135 8.06 12.77 -11.92
CA ILE C 135 6.68 12.59 -12.28
C ILE C 135 6.49 11.78 -13.55
N ASN C 136 5.58 10.83 -13.44
CA ASN C 136 5.16 9.89 -14.49
C ASN C 136 3.91 10.56 -15.08
N VAL C 137 4.14 11.44 -16.06
CA VAL C 137 3.10 12.27 -16.65
C VAL C 137 1.85 11.58 -17.25
N GLY C 138 2.01 10.35 -17.73
CA GLY C 138 0.87 9.64 -18.30
C GLY C 138 -0.23 9.50 -17.26
N LYS C 139 0.16 9.31 -16.01
CA LYS C 139 -0.85 9.16 -14.98
C LYS C 139 -1.54 10.52 -14.76
N LEU C 140 -0.76 11.60 -14.70
CA LEU C 140 -1.41 12.93 -14.55
C LEU C 140 -2.33 13.16 -15.78
N ALA C 141 -1.80 12.87 -16.98
CA ALA C 141 -2.57 13.04 -18.22
C ALA C 141 -3.93 12.33 -18.10
N ALA C 142 -3.88 11.06 -17.71
CA ALA C 142 -5.09 10.25 -17.57
C ALA C 142 -6.10 10.93 -16.61
N GLU C 143 -5.62 11.35 -15.45
CA GLU C 143 -6.52 11.98 -14.49
C GLU C 143 -6.99 13.34 -14.97
N ALA C 144 -6.06 14.18 -15.39
CA ALA C 144 -6.40 15.53 -15.84
C ALA C 144 -7.42 15.50 -16.95
N ARG C 145 -7.08 14.83 -18.05
CA ARG C 145 -7.95 14.75 -19.20
C ARG C 145 -9.11 13.79 -19.03
N GLY C 146 -9.06 12.96 -17.99
CA GLY C 146 -10.12 11.97 -17.76
C GLY C 146 -10.11 10.81 -18.77
N THR C 147 -8.96 10.58 -19.40
CA THR C 147 -8.81 9.55 -20.44
C THR C 147 -7.91 8.46 -19.82
N LEU C 148 -8.52 7.36 -19.43
CA LEU C 148 -7.85 6.24 -18.76
C LEU C 148 -6.62 5.67 -19.45
N VAL C 149 -6.77 5.43 -20.74
CA VAL C 149 -5.72 4.81 -21.51
C VAL C 149 -4.39 5.59 -21.49
N LEU C 150 -4.45 6.93 -21.33
CA LEU C 150 -3.24 7.78 -21.34
C LEU C 150 -2.25 7.27 -20.30
N GLU C 151 -2.80 6.65 -19.28
CA GLU C 151 -2.00 6.10 -18.18
C GLU C 151 -0.92 5.04 -18.51
N PHE C 152 -1.11 4.25 -19.57
CA PHE C 152 -0.17 3.17 -19.89
C PHE C 152 0.44 3.31 -21.31
N LEU C 153 0.31 4.50 -21.88
CA LEU C 153 0.82 4.73 -23.26
C LEU C 153 2.30 5.02 -23.32
N GLY C 154 2.88 4.69 -24.48
CA GLY C 154 4.28 4.96 -24.75
C GLY C 154 4.47 6.46 -24.97
N THR C 155 5.72 6.84 -25.11
CA THR C 155 6.07 8.27 -25.27
C THR C 155 5.37 8.91 -26.46
N ARG C 156 5.52 8.29 -27.63
CA ARG C 156 4.91 8.79 -28.86
C ARG C 156 3.37 8.71 -28.79
N GLU C 157 2.85 7.55 -28.38
CA GLU C 157 1.42 7.37 -28.35
C GLU C 157 0.73 8.32 -27.35
N LEU C 158 1.40 8.64 -26.23
CA LEU C 158 0.82 9.53 -25.22
C LEU C 158 0.68 10.91 -25.88
N ALA C 159 1.75 11.36 -26.54
CA ALA C 159 1.74 12.65 -27.24
C ALA C 159 0.62 12.62 -28.30
N HIS C 160 0.44 11.46 -28.92
CA HIS C 160 -0.57 11.30 -29.94
C HIS C 160 -1.95 11.59 -29.38
N ARG C 161 -2.31 10.90 -28.30
CA ARG C 161 -3.63 11.03 -27.66
C ARG C 161 -3.86 12.36 -26.95
N VAL C 162 -2.77 13.04 -26.65
CA VAL C 162 -2.86 14.34 -26.02
C VAL C 162 -3.00 15.33 -27.17
N LEU C 163 -1.87 15.70 -27.78
CA LEU C 163 -1.71 16.66 -28.88
C LEU C 163 -2.33 16.32 -30.25
N TRP C 164 -2.33 15.06 -30.66
CA TRP C 164 -2.94 14.72 -31.94
C TRP C 164 -2.32 15.39 -33.16
N SER C 165 -0.98 15.43 -33.22
CA SER C 165 -0.31 16.02 -34.38
C SER C 165 0.20 14.90 -35.29
N ASP C 166 1.07 15.31 -36.24
CA ASP C 166 1.70 14.42 -37.22
C ASP C 166 2.97 13.76 -36.74
N LEU C 167 2.94 12.45 -36.66
CA LEU C 167 4.11 11.78 -36.15
C LEU C 167 4.79 10.89 -37.16
N GLY C 168 4.60 11.21 -38.44
CA GLY C 168 5.20 10.41 -39.51
C GLY C 168 6.71 10.34 -39.43
N GLN C 169 7.35 11.49 -39.18
CA GLN C 169 8.79 11.55 -39.08
C GLN C 169 9.28 10.67 -37.92
N LEU C 170 8.67 10.84 -36.74
CA LEU C 170 9.06 10.03 -35.60
C LEU C 170 8.83 8.55 -35.91
N ASP C 171 7.64 8.22 -36.39
CA ASP C 171 7.38 6.81 -36.68
C ASP C 171 8.33 6.31 -37.79
N SER C 172 8.67 7.17 -38.76
CA SER C 172 9.55 6.76 -39.86
C SER C 172 10.92 6.38 -39.37
N ILE C 173 11.26 6.84 -38.17
CA ILE C 173 12.57 6.49 -37.62
C ILE C 173 12.48 5.23 -36.70
N GLU C 174 11.60 5.25 -35.72
CA GLU C 174 11.51 4.12 -34.78
C GLU C 174 11.03 2.80 -35.39
N ALA C 175 10.23 2.88 -36.45
CA ALA C 175 9.73 1.68 -37.08
C ALA C 175 10.87 0.83 -37.64
N LYS C 176 11.99 1.47 -37.97
CA LYS C 176 13.15 0.74 -38.51
C LYS C 176 14.32 1.00 -37.55
N TRP C 177 13.98 1.14 -36.27
CA TRP C 177 14.97 1.45 -35.25
C TRP C 177 16.13 0.51 -35.25
N GLU C 178 15.84 -0.73 -35.58
CA GLU C 178 16.89 -1.72 -35.59
C GLU C 178 18.07 -1.36 -36.49
N LYS C 179 17.89 -0.48 -37.46
CA LYS C 179 19.01 -0.11 -38.32
C LYS C 179 19.15 1.40 -38.45
N ALA C 180 19.10 2.12 -37.34
CA ALA C 180 19.24 3.57 -37.43
C ALA C 180 20.64 4.06 -37.12
N GLY C 181 21.08 5.07 -37.84
CA GLY C 181 22.40 5.63 -37.55
C GLY C 181 22.29 6.39 -36.23
N PRO C 182 23.39 6.96 -35.74
CA PRO C 182 23.45 7.73 -34.49
C PRO C 182 22.53 8.94 -34.54
N GLU C 183 22.64 9.64 -35.67
CA GLU C 183 21.89 10.83 -36.04
C GLU C 183 20.36 10.69 -35.98
N GLU C 184 19.87 9.61 -36.56
CA GLU C 184 18.44 9.34 -36.56
C GLU C 184 17.99 9.02 -35.13
N GLN C 185 18.84 8.29 -34.38
CA GLN C 185 18.54 7.93 -33.00
C GLN C 185 18.38 9.23 -32.19
N LEU C 186 19.34 10.16 -32.33
CA LEU C 186 19.29 11.44 -31.58
C LEU C 186 18.00 12.18 -31.91
N GLU C 187 17.73 12.22 -33.21
CA GLU C 187 16.57 12.90 -33.72
C GLU C 187 15.30 12.44 -32.98
N ALA C 188 15.06 11.13 -32.97
CA ALA C 188 13.89 10.59 -32.31
C ALA C 188 13.86 10.95 -30.82
N ALA C 189 15.01 10.87 -30.16
CA ALA C 189 15.06 11.20 -28.76
C ALA C 189 14.71 12.71 -28.63
N ALA C 190 15.27 13.52 -29.53
CA ALA C 190 14.99 14.95 -29.51
C ALA C 190 13.47 15.25 -29.79
N ILE C 191 12.92 14.68 -30.87
CA ILE C 191 11.51 14.85 -31.20
C ILE C 191 10.61 14.42 -29.97
N GLU C 192 10.88 13.26 -29.36
CA GLU C 192 10.07 12.81 -28.22
C GLU C 192 10.29 13.74 -27.02
N GLY C 193 11.55 14.14 -26.81
CA GLY C 193 11.85 15.03 -25.69
C GLY C 193 11.03 16.29 -25.92
N TRP C 194 11.01 16.70 -27.19
CA TRP C 194 10.27 17.90 -27.60
C TRP C 194 8.77 17.68 -27.41
N LEU C 195 8.29 16.49 -27.75
CA LEU C 195 6.86 16.19 -27.61
C LEU C 195 6.39 16.16 -26.14
N ILE C 196 7.20 15.56 -25.24
CA ILE C 196 6.78 15.47 -23.84
C ILE C 196 6.79 16.87 -23.25
N VAL C 197 7.63 17.76 -23.81
CA VAL C 197 7.63 19.16 -23.37
C VAL C 197 6.26 19.78 -23.71
N ASN C 198 5.70 19.46 -24.88
CA ASN C 198 4.40 20.02 -25.24
C ASN C 198 3.25 19.30 -24.54
N VAL C 199 3.44 18.01 -24.24
CA VAL C 199 2.42 17.30 -23.49
C VAL C 199 2.32 17.95 -22.09
N TRP C 200 3.48 18.22 -21.49
CA TRP C 200 3.54 18.83 -20.18
C TRP C 200 2.88 20.22 -20.17
N ASP C 201 3.24 21.04 -21.14
CA ASP C 201 2.70 22.38 -21.27
C ASP C 201 1.18 22.31 -21.36
N GLN C 202 0.70 21.35 -22.15
CA GLN C 202 -0.74 21.17 -22.29
C GLN C 202 -1.36 20.72 -20.94
N LEU C 203 -0.62 19.95 -20.15
CA LEU C 203 -1.21 19.54 -18.85
C LEU C 203 -1.10 20.56 -17.73
N SER C 204 0.08 21.17 -17.55
CA SER C 204 0.30 22.10 -16.45
C SER C 204 -0.62 23.31 -16.42
N ASP C 205 -0.67 24.09 -17.50
CA ASP C 205 -1.58 25.22 -17.41
C ASP C 205 -2.91 24.91 -18.09
N GLU C 206 -3.44 23.71 -17.82
CA GLU C 206 -4.72 23.27 -18.41
C GLU C 206 -5.91 23.61 -17.50
N SER D 1 16.86 -10.97 -44.82
CA SER D 1 16.67 -12.45 -44.91
C SER D 1 15.53 -12.93 -44.01
N ALA D 2 15.66 -12.73 -42.70
CA ALA D 2 14.63 -13.17 -41.73
C ALA D 2 13.21 -12.88 -42.20
N SER D 3 12.31 -13.81 -41.92
CA SER D 3 10.91 -13.67 -42.28
C SER D 3 10.07 -14.63 -41.41
N PHE D 4 8.78 -14.34 -41.25
CA PHE D 4 7.93 -15.18 -40.44
C PHE D 4 7.42 -16.26 -41.36
N ASP D 5 8.29 -17.21 -41.65
CA ASP D 5 7.96 -18.27 -42.59
C ASP D 5 7.30 -19.48 -41.96
N GLY D 6 6.77 -19.35 -40.74
CA GLY D 6 6.11 -20.50 -40.14
C GLY D 6 4.64 -20.58 -40.57
N PRO D 7 3.82 -21.36 -39.86
CA PRO D 7 2.40 -21.47 -40.22
C PRO D 7 1.69 -20.11 -40.23
N LYS D 8 0.70 -19.99 -41.12
CA LYS D 8 -0.10 -18.77 -41.32
C LYS D 8 -1.57 -19.12 -41.06
N PHE D 9 -2.26 -18.29 -40.27
CA PHE D 9 -3.66 -18.56 -39.90
C PHE D 9 -4.64 -17.49 -40.35
N LYS D 10 -5.86 -17.91 -40.72
CA LYS D 10 -6.90 -16.99 -41.18
C LYS D 10 -7.87 -16.79 -40.04
N THR D 12 -11.30 -15.21 -37.98
CA THR D 12 -12.72 -15.19 -38.27
C THR D 12 -13.07 -14.02 -39.17
N ASP D 13 -12.21 -13.01 -39.26
CA ASP D 13 -12.54 -11.91 -40.12
C ASP D 13 -11.77 -11.95 -41.46
N GLY D 14 -11.21 -13.11 -41.77
CA GLY D 14 -10.49 -13.30 -43.01
C GLY D 14 -9.02 -12.86 -42.99
N SER D 15 -8.67 -11.89 -42.15
CA SER D 15 -7.29 -11.41 -42.07
C SER D 15 -6.38 -12.57 -41.74
N TYR D 16 -5.09 -12.34 -41.75
CA TYR D 16 -4.18 -13.43 -41.44
C TYR D 16 -3.12 -13.05 -40.43
N VAL D 17 -2.50 -14.07 -39.86
CA VAL D 17 -1.41 -13.86 -38.94
C VAL D 17 -0.30 -14.83 -39.39
N GLN D 18 0.90 -14.30 -39.63
CA GLN D 18 2.08 -15.10 -40.00
C GLN D 18 2.84 -15.43 -38.71
N THR D 19 3.40 -16.63 -38.58
CA THR D 19 4.15 -17.00 -37.36
C THR D 19 5.64 -17.35 -37.62
N LYS D 20 6.50 -17.03 -36.68
CA LYS D 20 7.92 -17.36 -36.85
C LYS D 20 8.36 -18.24 -35.72
N THR D 21 7.48 -19.12 -35.27
CA THR D 21 7.78 -20.00 -34.14
C THR D 21 9.17 -20.59 -34.14
N ILE D 22 10.06 -20.08 -33.29
CA ILE D 22 11.40 -20.65 -33.28
C ILE D 22 11.85 -21.15 -31.88
N ASP D 23 12.96 -21.90 -31.86
CA ASP D 23 13.59 -22.44 -30.63
C ASP D 23 14.84 -21.60 -30.40
N VAL D 24 15.04 -21.11 -29.18
CA VAL D 24 16.18 -20.25 -28.93
C VAL D 24 17.39 -20.94 -28.28
N GLY D 25 18.47 -21.02 -29.05
CA GLY D 25 19.67 -21.66 -28.55
C GLY D 25 20.64 -20.62 -28.02
N SER D 26 21.88 -21.04 -27.78
CA SER D 26 22.87 -20.13 -27.25
C SER D 26 23.44 -19.28 -28.36
N SER D 27 23.04 -19.52 -29.60
CA SER D 27 23.60 -18.76 -30.72
C SER D 27 22.54 -18.11 -31.56
N THR D 28 21.29 -18.47 -31.29
CA THR D 28 20.15 -17.92 -32.01
C THR D 28 20.09 -16.37 -31.93
N ASP D 29 20.47 -15.67 -33.00
CA ASP D 29 20.38 -14.22 -32.95
C ASP D 29 18.91 -13.95 -33.19
N ILE D 30 18.20 -13.46 -32.18
CA ILE D 30 16.76 -13.23 -32.34
C ILE D 30 16.42 -11.79 -32.72
N SER D 31 17.39 -10.90 -32.66
CA SER D 31 17.14 -9.49 -32.96
C SER D 31 16.43 -9.21 -34.28
N PRO D 32 16.83 -9.91 -35.36
CA PRO D 32 16.11 -9.59 -36.61
C PRO D 32 14.63 -9.90 -36.52
N TYR D 33 14.24 -10.87 -35.69
CA TYR D 33 12.82 -11.20 -35.56
C TYR D 33 12.17 -10.17 -34.63
N LEU D 34 12.90 -9.76 -33.60
CA LEU D 34 12.38 -8.72 -32.73
C LEU D 34 12.27 -7.40 -33.49
N SER D 35 13.01 -7.28 -34.59
CA SER D 35 12.94 -6.05 -35.39
C SER D 35 11.57 -6.08 -36.05
N LEU D 36 11.30 -7.07 -36.88
CA LEU D 36 10.02 -7.20 -37.55
C LEU D 36 8.87 -6.92 -36.56
N ILE D 37 9.08 -7.24 -35.29
CA ILE D 37 8.04 -6.93 -34.29
C ILE D 37 7.85 -5.40 -34.27
N ARG D 38 8.85 -4.71 -33.72
CA ARG D 38 8.84 -3.26 -33.59
C ARG D 38 8.23 -2.56 -34.82
N GLU D 39 8.74 -2.92 -35.98
CA GLU D 39 8.26 -2.32 -37.20
C GLU D 39 6.75 -2.58 -37.44
N ASP D 40 6.31 -3.83 -37.37
CA ASP D 40 4.90 -4.09 -37.62
C ASP D 40 4.05 -3.34 -36.57
N SER D 41 4.41 -3.45 -35.31
CA SER D 41 3.64 -2.72 -34.31
C SER D 41 3.67 -1.19 -34.60
N ILE D 42 4.84 -0.65 -34.81
CA ILE D 42 4.91 0.79 -35.03
C ILE D 42 4.32 1.20 -36.38
N LEU D 43 4.71 0.51 -37.45
CA LEU D 43 4.21 0.88 -38.76
C LEU D 43 2.78 0.53 -39.10
N ASN D 44 2.30 -0.60 -38.61
CA ASN D 44 0.97 -1.06 -38.92
C ASN D 44 0.04 -1.33 -37.75
N GLY D 45 0.50 -1.13 -36.51
CA GLY D 45 -0.34 -1.46 -35.37
C GLY D 45 -0.43 -0.70 -34.04
N ASN D 46 -0.44 0.63 -34.07
CA ASN D 46 -0.61 1.45 -32.86
C ASN D 46 0.55 1.38 -31.83
N ARG D 47 1.59 0.62 -32.16
CA ARG D 47 2.72 0.56 -31.27
C ARG D 47 2.35 -0.21 -29.96
N ALA D 48 1.50 -1.21 -30.11
CA ALA D 48 1.17 -2.11 -28.98
C ALA D 48 1.60 -3.50 -29.45
N VAL D 49 2.21 -4.30 -28.56
CA VAL D 49 2.54 -5.68 -28.93
C VAL D 49 1.75 -6.52 -27.91
N ILE D 50 0.98 -7.51 -28.36
CA ILE D 50 0.23 -8.30 -27.42
C ILE D 50 1.09 -9.52 -27.10
N PHE D 51 1.19 -9.83 -25.80
CA PHE D 51 2.02 -10.94 -25.34
C PHE D 51 1.37 -11.87 -24.30
N ASP D 52 2.07 -12.96 -24.04
CA ASP D 52 1.63 -13.91 -23.03
C ASP D 52 2.93 -14.62 -22.67
N VAL D 53 3.05 -15.14 -21.45
CA VAL D 53 4.25 -15.87 -21.05
C VAL D 53 3.87 -17.26 -20.54
N TYR D 54 4.76 -18.23 -20.73
CA TYR D 54 4.46 -19.60 -20.34
C TYR D 54 5.65 -20.03 -19.52
N TRP D 55 5.34 -20.63 -18.37
CA TRP D 55 6.30 -21.06 -17.39
C TRP D 55 6.50 -22.58 -17.25
N ASP D 56 7.74 -22.94 -16.93
CA ASP D 56 8.18 -24.31 -16.61
C ASP D 56 8.06 -24.26 -15.10
N VAL D 57 7.16 -25.05 -14.52
CA VAL D 57 7.03 -24.99 -13.07
C VAL D 57 8.04 -25.97 -12.46
N GLY D 58 8.97 -25.43 -11.69
CA GLY D 58 9.99 -26.28 -11.07
C GLY D 58 9.82 -26.39 -9.56
N PHE D 59 10.38 -27.46 -8.98
CA PHE D 59 10.29 -27.71 -7.54
C PHE D 59 11.66 -27.54 -6.86
N THR D 66 12.22 -17.66 -1.80
CA THR D 66 10.84 -17.63 -2.26
C THR D 66 10.53 -18.96 -2.91
N LYS D 67 9.45 -19.60 -2.47
CA LYS D 67 9.03 -20.89 -3.00
C LYS D 67 8.63 -20.93 -4.49
N THR D 68 8.50 -19.79 -5.19
CA THR D 68 8.15 -19.88 -6.63
C THR D 68 9.44 -19.77 -7.44
N SER D 69 10.53 -19.54 -6.72
CA SER D 69 11.85 -19.39 -7.33
C SER D 69 12.16 -20.46 -8.36
N GLY D 70 11.47 -21.59 -8.29
CA GLY D 70 11.69 -22.66 -9.25
C GLY D 70 10.97 -22.46 -10.59
N TRP D 71 10.21 -21.37 -10.72
CA TRP D 71 9.48 -21.08 -11.97
C TRP D 71 10.47 -20.45 -12.96
N SER D 72 10.42 -20.86 -14.24
CA SER D 72 11.32 -20.32 -15.26
C SER D 72 10.57 -20.13 -16.56
N LEU D 73 10.79 -18.97 -17.18
CA LEU D 73 10.13 -18.58 -18.44
C LEU D 73 10.52 -19.54 -19.56
N SER D 74 9.62 -20.45 -19.91
CA SER D 74 9.90 -21.45 -20.94
C SER D 74 9.78 -20.89 -22.38
N SER D 75 8.85 -19.97 -22.58
CA SER D 75 8.72 -19.38 -23.89
C SER D 75 8.06 -18.03 -23.80
N VAL D 76 8.32 -17.22 -24.82
CA VAL D 76 7.73 -15.89 -24.90
C VAL D 76 6.82 -15.83 -26.11
N LYS D 77 5.58 -15.38 -25.89
CA LYS D 77 4.64 -15.17 -27.00
C LYS D 77 4.62 -13.65 -27.25
N LEU D 78 5.14 -13.23 -28.40
CA LEU D 78 5.16 -11.81 -28.80
C LEU D 78 4.36 -11.67 -30.12
N SER D 79 3.26 -10.88 -30.11
CA SER D 79 2.35 -10.72 -31.27
C SER D 79 1.80 -9.32 -31.59
N THR D 80 1.25 -9.17 -32.80
CA THR D 80 0.60 -7.93 -33.24
C THR D 80 -0.63 -8.28 -34.09
N ARG D 81 -1.28 -7.27 -34.67
CA ARG D 81 -2.46 -7.53 -35.52
C ARG D 81 -2.09 -8.38 -36.74
N ASN D 82 -0.94 -8.08 -37.34
CA ASN D 82 -0.48 -8.78 -38.52
C ASN D 82 0.01 -10.18 -38.22
N LEU D 83 0.86 -10.32 -37.19
CA LEU D 83 1.50 -11.59 -36.84
C LEU D 83 1.58 -11.98 -35.37
N CYS D 84 2.18 -13.18 -35.13
CA CYS D 84 2.44 -13.73 -33.79
C CYS D 84 3.82 -14.39 -33.80
N LEU D 85 4.65 -14.02 -32.82
CA LEU D 85 6.01 -14.55 -32.69
C LEU D 85 6.10 -15.38 -31.41
N PHE D 86 6.21 -16.70 -31.56
CA PHE D 86 6.30 -17.59 -30.42
C PHE D 86 7.80 -18.01 -30.22
N LEU D 87 8.40 -17.58 -29.11
CA LEU D 87 9.80 -17.92 -28.80
C LEU D 87 9.89 -19.02 -27.72
N ARG D 88 10.60 -20.11 -28.04
CA ARG D 88 10.78 -21.20 -27.06
C ARG D 88 12.16 -20.86 -26.48
N LEU D 89 12.29 -20.94 -25.15
CA LEU D 89 13.51 -20.54 -24.46
C LEU D 89 14.26 -21.63 -23.73
N PRO D 90 15.58 -21.46 -23.58
CA PRO D 90 16.35 -22.48 -22.87
C PRO D 90 16.39 -22.23 -21.36
N LYS D 91 16.60 -23.29 -20.59
CA LYS D 91 16.68 -23.17 -19.13
C LYS D 91 18.06 -23.70 -18.71
N PRO D 92 18.97 -22.83 -18.24
CA PRO D 92 18.81 -21.38 -18.06
C PRO D 92 18.96 -20.65 -19.40
N PHE D 93 18.68 -19.35 -19.39
CA PHE D 93 18.83 -18.49 -20.58
C PHE D 93 20.30 -18.33 -20.92
N HIS D 94 20.59 -18.06 -22.19
CA HIS D 94 21.98 -17.84 -22.60
C HIS D 94 22.19 -16.33 -22.77
N ASP D 95 23.45 -15.93 -22.97
CA ASP D 95 23.78 -14.52 -23.09
C ASP D 95 23.08 -13.86 -24.25
N ASN D 96 22.67 -14.68 -25.21
CA ASN D 96 21.99 -14.15 -26.37
C ASN D 96 20.57 -13.71 -26.06
N LEU D 97 20.01 -14.12 -24.93
CA LEU D 97 18.67 -13.64 -24.67
C LEU D 97 18.74 -12.19 -24.17
N LYS D 98 19.93 -11.73 -23.79
CA LYS D 98 20.05 -10.36 -23.31
C LYS D 98 19.70 -9.34 -24.39
N ASP D 99 19.09 -9.83 -25.46
CA ASP D 99 18.68 -9.03 -26.59
C ASP D 99 17.21 -8.81 -26.39
N LEU D 100 16.53 -9.81 -25.82
CA LEU D 100 15.09 -9.67 -25.57
C LEU D 100 14.94 -8.91 -24.26
N TYR D 101 16.03 -8.81 -23.48
CA TYR D 101 16.01 -8.03 -22.22
C TYR D 101 15.91 -6.58 -22.60
N ARG D 102 16.33 -6.25 -23.81
CA ARG D 102 16.22 -4.83 -24.23
C ARG D 102 14.85 -4.58 -24.89
N PHE D 103 14.37 -5.56 -25.64
CA PHE D 103 13.09 -5.39 -26.29
C PHE D 103 12.04 -5.15 -25.23
N PHE D 104 12.02 -5.98 -24.17
CA PHE D 104 10.99 -5.78 -23.15
C PHE D 104 11.10 -4.46 -22.41
N ALA D 105 12.22 -3.77 -22.58
CA ALA D 105 12.42 -2.50 -21.90
C ALA D 105 11.98 -1.23 -22.70
N SER D 106 11.85 -1.36 -24.04
CA SER D 106 11.52 -0.18 -24.89
C SER D 106 10.17 0.46 -24.53
N LYS D 107 10.13 1.80 -24.62
CA LYS D 107 8.90 2.56 -24.37
C LYS D 107 8.23 2.91 -25.75
N PHE D 108 8.71 2.27 -26.82
CA PHE D 108 8.17 2.50 -28.18
C PHE D 108 6.75 1.91 -28.33
N VAL D 109 6.51 0.76 -27.71
CA VAL D 109 5.24 0.12 -27.81
C VAL D 109 4.58 -0.20 -26.47
N THR D 110 3.28 -0.41 -26.50
CA THR D 110 2.59 -0.83 -25.30
C THR D 110 2.65 -2.37 -25.40
N PHE D 111 3.52 -3.01 -24.60
CA PHE D 111 3.60 -4.48 -24.60
C PHE D 111 2.34 -4.83 -23.81
N VAL D 112 1.40 -5.48 -24.46
CA VAL D 112 0.10 -5.78 -23.82
C VAL D 112 -0.16 -7.28 -23.50
N GLY D 113 -0.85 -7.54 -22.36
CA GLY D 113 -1.17 -8.92 -21.99
C GLY D 113 -2.53 -9.06 -21.32
N VAL D 114 -2.77 -10.25 -20.74
CA VAL D 114 -3.99 -10.56 -20.00
C VAL D 114 -3.60 -11.34 -18.72
N GLN D 115 -4.04 -10.84 -17.56
CA GLN D 115 -3.75 -11.41 -16.25
C GLN D 115 -2.20 -11.62 -16.08
N ILE D 116 -1.45 -10.52 -16.04
CA ILE D 116 0.02 -10.57 -15.90
C ILE D 116 0.57 -10.02 -14.55
N GLU D 117 -0.32 -9.68 -13.61
CA GLU D 117 0.16 -9.12 -12.36
C GLU D 117 1.18 -10.07 -11.69
N GLU D 118 0.93 -11.37 -11.75
CA GLU D 118 1.80 -12.39 -11.17
C GLU D 118 2.93 -12.69 -12.16
N ASP D 119 2.65 -12.65 -13.46
CA ASP D 119 3.67 -12.87 -14.46
C ASP D 119 4.79 -11.84 -14.29
N LEU D 120 4.40 -10.61 -14.02
CA LEU D 120 5.37 -9.51 -13.88
C LEU D 120 6.24 -9.73 -12.64
N ASP D 121 5.61 -10.10 -11.53
CA ASP D 121 6.36 -10.34 -10.31
C ASP D 121 7.35 -11.48 -10.52
N LEU D 122 6.92 -12.55 -11.19
CA LEU D 122 7.79 -13.68 -11.44
C LEU D 122 8.87 -13.30 -12.49
N LEU D 123 8.47 -12.60 -13.56
CA LEU D 123 9.48 -12.17 -14.56
C LEU D 123 10.61 -11.35 -13.87
N ARG D 124 10.26 -10.39 -13.01
CA ARG D 124 11.30 -9.54 -12.36
C ARG D 124 12.08 -10.36 -11.28
N GLU D 125 11.37 -11.07 -10.43
CA GLU D 125 11.98 -11.84 -9.34
C GLU D 125 12.93 -12.97 -9.73
N ASN D 126 12.50 -13.78 -10.70
CA ASN D 126 13.28 -14.91 -11.09
C ASN D 126 14.33 -14.56 -12.12
N HIS D 127 14.10 -13.49 -12.89
CA HIS D 127 15.06 -13.18 -13.94
C HIS D 127 15.47 -11.70 -14.05
N GLY D 128 14.97 -10.86 -13.14
CA GLY D 128 15.30 -9.43 -13.17
C GLY D 128 15.14 -8.83 -14.55
N LEU D 129 13.94 -8.99 -15.09
CA LEU D 129 13.55 -8.50 -16.41
C LEU D 129 12.26 -7.70 -16.04
N VAL D 130 12.04 -6.57 -16.72
CA VAL D 130 10.89 -5.68 -16.45
C VAL D 130 10.17 -5.13 -17.70
N ILE D 131 8.85 -5.30 -17.79
CA ILE D 131 8.12 -4.75 -18.92
C ILE D 131 8.00 -3.29 -18.49
N ARG D 132 9.03 -2.51 -18.85
CA ARG D 132 9.01 -1.14 -18.39
C ARG D 132 7.63 -0.53 -18.56
N ASN D 133 6.94 -0.93 -19.63
CA ASN D 133 5.63 -0.36 -19.89
C ASN D 133 4.50 -1.40 -19.97
N ALA D 134 4.58 -2.39 -19.11
CA ALA D 134 3.57 -3.44 -19.05
C ALA D 134 2.20 -2.79 -18.94
N ILE D 135 1.19 -3.62 -18.99
CA ILE D 135 -0.19 -3.16 -18.78
C ILE D 135 -1.16 -4.33 -18.72
N ASN D 136 -1.54 -4.70 -17.49
CA ASN D 136 -2.51 -5.77 -17.28
C ASN D 136 -3.83 -5.16 -17.66
N VAL D 137 -4.30 -5.51 -18.87
CA VAL D 137 -5.48 -4.91 -19.48
C VAL D 137 -6.91 -5.11 -18.94
N GLY D 138 -7.17 -6.19 -18.16
CA GLY D 138 -8.51 -6.44 -17.65
C GLY D 138 -9.18 -5.27 -16.96
N LYS D 139 -8.42 -4.59 -16.11
CA LYS D 139 -8.93 -3.45 -15.35
C LYS D 139 -9.33 -2.26 -16.24
N LEU D 140 -8.45 -1.84 -17.15
CA LEU D 140 -8.79 -0.73 -18.07
C LEU D 140 -10.05 -1.13 -18.88
N ALA D 141 -10.21 -2.42 -19.14
CA ALA D 141 -11.40 -2.86 -19.88
C ALA D 141 -12.62 -2.73 -19.00
N ALA D 142 -12.50 -3.13 -17.73
CA ALA D 142 -13.60 -3.06 -16.78
C ALA D 142 -14.10 -1.62 -16.61
N GLU D 143 -13.16 -0.68 -16.43
CA GLU D 143 -13.51 0.72 -16.28
C GLU D 143 -14.26 1.29 -17.48
N ALA D 144 -13.63 1.17 -18.65
CA ALA D 144 -14.19 1.69 -19.91
C ALA D 144 -15.54 1.07 -20.22
N ARG D 145 -15.77 -0.17 -19.81
CA ARG D 145 -17.05 -0.73 -20.09
C ARG D 145 -18.02 -0.71 -18.93
N GLY D 146 -17.69 0.01 -17.85
CA GLY D 146 -18.57 0.03 -16.69
C GLY D 146 -18.97 -1.38 -16.27
N THR D 147 -18.00 -2.27 -16.13
CA THR D 147 -18.31 -3.65 -15.75
C THR D 147 -17.17 -4.16 -14.88
N LEU D 148 -17.45 -4.22 -13.57
CA LEU D 148 -16.49 -4.65 -12.56
C LEU D 148 -15.75 -5.94 -12.81
N VAL D 149 -16.44 -6.88 -13.46
CA VAL D 149 -15.92 -8.20 -13.69
C VAL D 149 -15.00 -8.45 -14.88
N LEU D 150 -14.73 -7.43 -15.73
CA LEU D 150 -13.83 -7.70 -16.89
C LEU D 150 -12.39 -7.89 -16.42
N GLU D 151 -12.07 -7.32 -15.26
CA GLU D 151 -10.74 -7.39 -14.68
C GLU D 151 -10.38 -8.81 -14.22
N PHE D 152 -11.41 -9.65 -14.07
CA PHE D 152 -11.25 -11.01 -13.55
C PHE D 152 -11.48 -12.14 -14.59
N LEU D 153 -11.61 -11.74 -15.85
CA LEU D 153 -11.85 -12.68 -16.94
C LEU D 153 -10.55 -13.16 -17.59
N GLY D 154 -10.58 -14.38 -18.13
CA GLY D 154 -9.43 -14.93 -18.83
C GLY D 154 -9.43 -14.37 -20.28
N THR D 155 -8.41 -14.74 -21.05
CA THR D 155 -8.23 -14.22 -22.40
C THR D 155 -9.46 -14.31 -23.30
N ARG D 156 -9.96 -15.54 -23.44
CA ARG D 156 -11.13 -15.83 -24.26
C ARG D 156 -12.36 -15.10 -23.71
N GLU D 157 -12.62 -15.26 -22.42
CA GLU D 157 -13.80 -14.61 -21.87
C GLU D 157 -13.69 -13.08 -21.96
N LEU D 158 -12.47 -12.56 -21.85
CA LEU D 158 -12.30 -11.11 -21.96
C LEU D 158 -12.64 -10.74 -23.42
N ALA D 159 -12.04 -11.43 -24.40
CA ALA D 159 -12.30 -11.10 -25.81
C ALA D 159 -13.80 -11.27 -26.09
N HIS D 160 -14.45 -12.17 -25.36
CA HIS D 160 -15.87 -12.41 -25.57
C HIS D 160 -16.77 -11.25 -25.18
N ARG D 161 -16.53 -10.72 -23.97
CA ARG D 161 -17.39 -9.68 -23.40
C ARG D 161 -17.09 -8.27 -23.87
N VAL D 162 -15.95 -8.12 -24.55
CA VAL D 162 -15.57 -6.85 -25.10
C VAL D 162 -15.94 -6.75 -26.60
N LEU D 163 -15.82 -7.84 -27.36
CA LEU D 163 -16.10 -7.84 -28.82
C LEU D 163 -17.24 -8.75 -29.32
N TRP D 164 -17.33 -9.97 -28.77
CA TRP D 164 -18.35 -10.94 -29.19
C TRP D 164 -18.10 -11.40 -30.65
N SER D 165 -16.85 -11.54 -31.06
CA SER D 165 -16.54 -11.97 -32.41
C SER D 165 -16.97 -13.43 -32.59
N ASP D 166 -16.22 -14.19 -33.41
CA ASP D 166 -16.59 -15.59 -33.64
C ASP D 166 -15.66 -16.57 -32.94
N LEU D 167 -16.18 -17.13 -31.85
CA LEU D 167 -15.44 -18.05 -31.02
C LEU D 167 -15.78 -19.54 -31.21
N GLY D 168 -15.20 -20.14 -32.26
CA GLY D 168 -15.37 -21.54 -32.56
C GLY D 168 -14.10 -22.36 -32.66
N GLN D 169 -13.16 -21.93 -33.51
CA GLN D 169 -11.89 -22.66 -33.62
C GLN D 169 -11.26 -22.77 -32.22
N LEU D 170 -11.17 -21.63 -31.53
CA LEU D 170 -10.58 -21.56 -30.17
C LEU D 170 -11.42 -22.27 -29.07
N ASP D 171 -12.73 -22.05 -29.04
CA ASP D 171 -13.58 -22.67 -28.02
C ASP D 171 -13.49 -24.15 -28.30
N SER D 172 -13.57 -24.54 -29.58
CA SER D 172 -13.49 -25.97 -29.88
C SER D 172 -12.13 -26.49 -29.40
N ILE D 173 -11.04 -25.82 -29.77
CA ILE D 173 -9.70 -26.25 -29.36
C ILE D 173 -9.55 -26.34 -27.81
N GLU D 174 -9.77 -25.21 -27.16
CA GLU D 174 -9.63 -25.15 -25.72
C GLU D 174 -10.49 -26.16 -24.95
N ALA D 175 -11.64 -26.52 -25.52
CA ALA D 175 -12.50 -27.50 -24.85
C ALA D 175 -11.75 -28.81 -24.62
N LYS D 176 -10.77 -29.12 -25.47
CA LYS D 176 -10.03 -30.36 -25.29
C LYS D 176 -8.55 -30.11 -25.49
N TRP D 177 -8.07 -29.09 -24.79
CA TRP D 177 -6.70 -28.67 -24.90
C TRP D 177 -5.68 -29.77 -24.90
N GLU D 178 -5.91 -30.78 -24.06
CA GLU D 178 -4.97 -31.89 -23.95
C GLU D 178 -4.85 -32.74 -25.23
N LYS D 179 -5.87 -32.77 -26.06
CA LYS D 179 -5.75 -33.58 -27.29
C LYS D 179 -5.24 -32.76 -28.49
N ALA D 180 -4.82 -31.53 -28.25
CA ALA D 180 -4.36 -30.65 -29.33
C ALA D 180 -2.89 -30.70 -29.69
N GLY D 181 -2.60 -30.83 -30.98
CA GLY D 181 -1.21 -30.85 -31.42
C GLY D 181 -0.53 -29.49 -31.25
N PRO D 182 0.80 -29.43 -31.29
CA PRO D 182 1.50 -28.15 -31.13
C PRO D 182 1.06 -27.13 -32.20
N GLU D 183 0.45 -27.63 -33.27
CA GLU D 183 -0.03 -26.78 -34.34
C GLU D 183 -1.32 -26.09 -33.95
N GLU D 184 -2.26 -26.85 -33.42
CA GLU D 184 -3.53 -26.27 -33.03
C GLU D 184 -3.37 -25.42 -31.76
N GLN D 185 -2.38 -25.74 -30.95
CA GLN D 185 -2.16 -24.96 -29.75
C GLN D 185 -1.57 -23.60 -30.18
N LEU D 186 -0.71 -23.62 -31.21
CA LEU D 186 -0.10 -22.39 -31.77
C LEU D 186 -1.28 -21.59 -32.40
N GLU D 187 -2.15 -22.27 -33.17
CA GLU D 187 -3.28 -21.54 -33.74
C GLU D 187 -4.10 -20.86 -32.63
N ALA D 188 -4.47 -21.63 -31.59
CA ALA D 188 -5.23 -21.09 -30.47
C ALA D 188 -4.52 -19.83 -29.90
N ALA D 189 -3.23 -19.96 -29.59
CA ALA D 189 -2.44 -18.84 -29.07
C ALA D 189 -2.71 -17.65 -29.99
N ALA D 190 -2.08 -17.65 -31.18
CA ALA D 190 -2.22 -16.57 -32.17
C ALA D 190 -3.65 -16.01 -32.20
N ILE D 191 -4.66 -16.87 -32.34
CA ILE D 191 -6.04 -16.39 -32.33
C ILE D 191 -6.26 -15.50 -31.07
N GLU D 192 -5.83 -15.95 -29.88
CA GLU D 192 -6.03 -15.15 -28.65
C GLU D 192 -5.38 -13.78 -28.79
N GLY D 193 -4.18 -13.75 -29.38
CA GLY D 193 -3.46 -12.51 -29.59
C GLY D 193 -4.34 -11.57 -30.39
N TRP D 194 -4.80 -12.05 -31.55
CA TRP D 194 -5.68 -11.30 -32.47
C TRP D 194 -6.90 -10.74 -31.73
N LEU D 195 -7.66 -11.59 -31.05
CA LEU D 195 -8.81 -11.09 -30.31
C LEU D 195 -8.44 -9.93 -29.37
N ILE D 196 -7.43 -10.17 -28.53
CA ILE D 196 -6.97 -9.17 -27.56
C ILE D 196 -6.42 -7.95 -28.30
N VAL D 197 -6.36 -8.06 -29.62
CA VAL D 197 -5.92 -6.94 -30.46
C VAL D 197 -7.14 -6.07 -30.53
N ASN D 198 -8.22 -6.69 -31.02
CA ASN D 198 -9.52 -6.01 -31.20
C ASN D 198 -9.99 -5.35 -29.90
N VAL D 199 -9.65 -5.99 -28.75
CA VAL D 199 -10.01 -5.45 -27.44
C VAL D 199 -9.20 -4.17 -27.18
N TRP D 200 -7.89 -4.27 -27.32
CA TRP D 200 -7.02 -3.12 -27.07
C TRP D 200 -7.32 -1.81 -27.86
N ASP D 201 -7.67 -1.96 -29.13
CA ASP D 201 -7.99 -0.83 -29.98
C ASP D 201 -9.42 -0.32 -29.65
N GLN D 202 -10.27 -1.20 -29.15
CA GLN D 202 -11.58 -0.77 -28.74
C GLN D 202 -11.37 0.23 -27.60
N LEU D 203 -10.82 -0.27 -26.50
CA LEU D 203 -10.56 0.55 -25.32
C LEU D 203 -9.54 1.67 -25.57
N SER D 204 -8.79 1.55 -26.67
CA SER D 204 -7.77 2.54 -27.03
C SER D 204 -8.36 3.94 -27.22
N ASP D 205 -9.60 4.02 -27.70
CA ASP D 205 -10.22 5.33 -27.96
C ASP D 205 -11.63 5.52 -27.41
N GLU D 206 -11.95 4.75 -26.36
CA GLU D 206 -13.24 4.79 -25.68
C GLU D 206 -13.15 5.75 -24.47
N SER E 1 -14.95 -45.62 -18.10
CA SER E 1 -13.60 -45.05 -17.82
C SER E 1 -13.71 -43.77 -16.96
N ALA E 2 -12.62 -42.98 -16.89
CA ALA E 2 -12.56 -41.71 -16.13
C ALA E 2 -13.85 -40.86 -16.12
N SER E 3 -14.39 -40.58 -14.95
CA SER E 3 -15.61 -39.76 -14.82
C SER E 3 -15.96 -39.59 -13.34
N PHE E 4 -16.82 -38.62 -13.02
CA PHE E 4 -17.23 -38.45 -11.62
C PHE E 4 -18.18 -39.60 -11.18
N ASP E 5 -17.61 -40.80 -11.27
CA ASP E 5 -18.32 -42.02 -10.90
C ASP E 5 -18.38 -42.20 -9.38
N GLY E 6 -18.81 -41.15 -8.68
CA GLY E 6 -18.95 -41.19 -7.23
C GLY E 6 -20.34 -40.70 -6.86
N PRO E 7 -20.52 -40.23 -5.61
CA PRO E 7 -21.83 -39.72 -5.20
C PRO E 7 -22.38 -38.65 -6.14
N LYS E 8 -23.67 -38.76 -6.45
CA LYS E 8 -24.35 -37.81 -7.32
C LYS E 8 -25.39 -37.10 -6.45
N PHE E 9 -25.20 -35.82 -6.14
CA PHE E 9 -26.16 -35.12 -5.28
C PHE E 9 -27.10 -34.25 -6.10
N LYS E 10 -28.36 -34.21 -5.70
CA LYS E 10 -29.33 -33.40 -6.41
C LYS E 10 -29.49 -32.11 -5.64
N THR E 12 -31.27 -28.50 -4.46
CA THR E 12 -32.61 -28.00 -4.19
C THR E 12 -33.42 -27.76 -5.46
N ASP E 13 -32.79 -27.16 -6.46
CA ASP E 13 -33.43 -26.80 -7.72
C ASP E 13 -33.91 -27.99 -8.54
N GLY E 14 -33.07 -29.01 -8.66
CA GLY E 14 -33.46 -30.16 -9.45
C GLY E 14 -32.31 -30.94 -10.06
N SER E 15 -31.24 -30.25 -10.42
CA SER E 15 -30.06 -30.88 -11.01
C SER E 15 -29.32 -31.75 -10.00
N TYR E 16 -28.53 -32.67 -10.52
CA TYR E 16 -27.73 -33.60 -9.72
C TYR E 16 -26.28 -33.24 -9.98
N VAL E 17 -25.54 -32.90 -8.93
CA VAL E 17 -24.13 -32.56 -9.10
C VAL E 17 -23.37 -33.85 -8.96
N GLN E 18 -22.55 -34.15 -9.96
CA GLN E 18 -21.74 -35.35 -9.94
C GLN E 18 -20.47 -35.09 -9.11
N THR E 19 -19.82 -36.15 -8.66
CA THR E 19 -18.61 -35.96 -7.87
C THR E 19 -17.54 -36.97 -8.16
N LYS E 20 -16.34 -36.62 -7.75
CA LYS E 20 -15.17 -37.47 -7.85
C LYS E 20 -14.14 -37.04 -6.82
N THR E 21 -13.73 -37.98 -5.98
CA THR E 21 -12.70 -37.73 -4.96
C THR E 21 -11.49 -38.54 -5.41
N ILE E 22 -10.28 -38.06 -5.09
CA ILE E 22 -9.05 -38.75 -5.47
C ILE E 22 -7.96 -38.52 -4.44
N ASP E 23 -7.38 -39.59 -3.90
CA ASP E 23 -6.28 -39.38 -2.97
C ASP E 23 -5.07 -39.39 -3.91
N VAL E 24 -4.25 -38.34 -3.88
CA VAL E 24 -3.10 -38.24 -4.78
C VAL E 24 -1.83 -38.79 -4.17
N GLY E 25 -1.11 -39.63 -4.89
CA GLY E 25 0.09 -40.18 -4.28
C GLY E 25 1.40 -39.73 -4.92
N SER E 26 2.26 -40.72 -5.16
CA SER E 26 3.55 -40.51 -5.78
C SER E 26 3.40 -40.53 -7.30
N SER E 27 2.63 -41.48 -7.80
CA SER E 27 2.48 -41.58 -9.24
C SER E 27 1.13 -41.15 -9.80
N THR E 28 0.13 -41.00 -8.94
CA THR E 28 -1.19 -40.59 -9.36
C THR E 28 -1.17 -39.57 -10.55
N ASP E 29 -2.06 -39.75 -11.51
CA ASP E 29 -2.18 -38.83 -12.65
C ASP E 29 -3.56 -38.12 -12.66
N ILE E 30 -3.61 -36.88 -12.23
CA ILE E 30 -4.90 -36.19 -12.19
C ILE E 30 -5.30 -35.45 -13.48
N SER E 31 -4.42 -35.41 -14.48
CA SER E 31 -4.73 -34.77 -15.77
C SER E 31 -6.13 -35.02 -16.34
N PRO E 32 -6.54 -36.32 -16.42
CA PRO E 32 -7.88 -36.59 -16.98
C PRO E 32 -9.01 -35.90 -16.24
N TYR E 33 -8.87 -35.76 -14.91
CA TYR E 33 -9.89 -35.12 -14.10
C TYR E 33 -9.77 -33.58 -14.10
N LEU E 34 -8.54 -33.05 -14.05
CA LEU E 34 -8.36 -31.59 -14.14
C LEU E 34 -8.92 -31.20 -15.50
N SER E 35 -8.86 -32.14 -16.46
CA SER E 35 -9.34 -31.85 -17.78
C SER E 35 -10.85 -31.93 -18.01
N LEU E 36 -11.55 -32.86 -17.35
CA LEU E 36 -13.01 -32.92 -17.52
C LEU E 36 -13.56 -31.61 -16.94
N ILE E 37 -12.91 -31.14 -15.87
CA ILE E 37 -13.31 -29.86 -15.26
C ILE E 37 -13.10 -28.70 -16.29
N ARG E 38 -11.94 -28.65 -16.93
CA ARG E 38 -11.69 -27.58 -17.87
C ARG E 38 -12.74 -27.63 -19.00
N GLU E 39 -12.90 -28.82 -19.57
CA GLU E 39 -13.87 -29.02 -20.65
C GLU E 39 -15.29 -28.54 -20.23
N ASP E 40 -15.82 -29.08 -19.13
CA ASP E 40 -17.16 -28.67 -18.65
C ASP E 40 -17.22 -27.18 -18.35
N SER E 41 -16.11 -26.59 -17.93
CA SER E 41 -16.12 -25.15 -17.60
C SER E 41 -16.28 -24.37 -18.90
N ILE E 42 -15.36 -24.58 -19.84
CA ILE E 42 -15.43 -23.91 -21.13
C ILE E 42 -16.78 -24.19 -21.86
N LEU E 43 -17.14 -25.47 -22.02
CA LEU E 43 -18.39 -25.83 -22.74
C LEU E 43 -19.69 -25.54 -21.99
N ASN E 44 -19.76 -25.93 -20.72
CA ASN E 44 -20.97 -25.73 -19.92
C ASN E 44 -20.95 -24.68 -18.81
N GLY E 45 -19.74 -24.25 -18.38
CA GLY E 45 -19.66 -23.28 -17.29
C GLY E 45 -19.28 -21.80 -17.51
N ASN E 46 -19.29 -21.33 -18.75
CA ASN E 46 -18.95 -19.93 -19.07
C ASN E 46 -17.61 -19.52 -18.49
N ARG E 47 -16.69 -20.44 -18.60
CA ARG E 47 -15.35 -20.22 -18.14
C ARG E 47 -15.23 -19.86 -16.67
N ALA E 48 -16.20 -20.31 -15.88
CA ALA E 48 -16.13 -20.09 -14.46
C ALA E 48 -15.77 -21.43 -13.85
N VAL E 49 -15.01 -21.39 -12.75
CA VAL E 49 -14.65 -22.60 -12.01
C VAL E 49 -14.50 -22.21 -10.53
N ILE E 50 -15.51 -22.55 -9.75
CA ILE E 50 -15.54 -22.20 -8.33
C ILE E 50 -14.58 -23.07 -7.55
N PHE E 51 -13.98 -22.52 -6.50
CA PHE E 51 -13.06 -23.31 -5.75
C PHE E 51 -13.00 -23.01 -4.23
N ASP E 52 -12.22 -23.82 -3.53
CA ASP E 52 -12.01 -23.65 -2.09
C ASP E 52 -10.82 -24.56 -1.84
N VAL E 53 -10.12 -24.34 -0.72
CA VAL E 53 -8.93 -25.13 -0.39
C VAL E 53 -8.88 -25.29 1.14
N TYR E 54 -8.24 -26.38 1.59
CA TYR E 54 -8.19 -26.70 3.03
C TYR E 54 -6.76 -26.97 3.40
N TRP E 55 -6.42 -26.58 4.62
CA TRP E 55 -5.07 -26.63 5.11
C TRP E 55 -4.74 -27.63 6.21
N ASP E 56 -3.49 -28.06 6.15
CA ASP E 56 -2.86 -28.93 7.11
C ASP E 56 -2.03 -27.94 8.01
N VAL E 57 -2.58 -27.63 9.18
CA VAL E 57 -1.99 -26.72 10.16
C VAL E 57 -0.84 -27.36 10.95
N GLY E 58 0.39 -27.04 10.59
CA GLY E 58 1.51 -27.60 11.31
C GLY E 58 2.25 -26.43 11.93
N PHE E 59 3.08 -26.70 12.93
CA PHE E 59 3.84 -25.65 13.58
C PHE E 59 5.30 -25.60 13.07
N THR E 66 7.08 -19.14 15.63
CA THR E 66 7.29 -19.34 14.21
C THR E 66 6.49 -20.56 13.69
N LYS E 67 5.19 -20.33 13.40
CA LYS E 67 4.33 -21.39 12.82
C LYS E 67 3.74 -21.02 11.41
N THR E 68 3.95 -19.74 11.04
CA THR E 68 3.53 -19.20 9.73
C THR E 68 3.78 -20.32 8.67
N SER E 69 5.03 -20.67 8.45
CA SER E 69 5.32 -21.70 7.44
C SER E 69 4.87 -23.14 7.80
N GLY E 70 4.25 -23.32 8.97
CA GLY E 70 3.79 -24.66 9.33
C GLY E 70 2.62 -25.12 8.47
N TRP E 71 2.02 -24.20 7.71
CA TRP E 71 0.87 -24.54 6.88
C TRP E 71 1.19 -25.21 5.54
N SER E 72 0.58 -26.38 5.30
CA SER E 72 0.73 -27.09 4.02
C SER E 72 -0.64 -27.45 3.59
N LEU E 73 -0.87 -27.39 2.29
CA LEU E 73 -2.17 -27.66 1.66
C LEU E 73 -2.50 -29.15 1.84
N SER E 74 -3.79 -29.46 1.94
CA SER E 74 -4.21 -30.86 2.11
C SER E 74 -5.39 -31.30 1.24
N SER E 75 -6.29 -30.39 0.84
CA SER E 75 -7.43 -30.76 -0.04
C SER E 75 -7.84 -29.54 -0.92
N VAL E 76 -8.44 -29.82 -2.07
CA VAL E 76 -8.87 -28.76 -3.02
C VAL E 76 -10.16 -29.15 -3.71
N LYS E 77 -11.17 -28.29 -3.59
CA LYS E 77 -12.45 -28.49 -4.25
C LYS E 77 -12.54 -27.61 -5.49
N LEU E 78 -12.87 -28.23 -6.65
CA LEU E 78 -13.05 -27.56 -7.94
C LEU E 78 -14.48 -27.95 -8.35
N SER E 79 -15.29 -26.95 -8.67
CA SER E 79 -16.69 -27.17 -9.03
C SER E 79 -17.15 -26.42 -10.29
N THR E 80 -17.96 -27.10 -11.11
CA THR E 80 -18.59 -26.43 -12.25
C THR E 80 -20.06 -26.74 -11.93
N ARG E 81 -21.00 -26.17 -12.69
CA ARG E 81 -22.41 -26.43 -12.42
C ARG E 81 -22.73 -27.94 -12.25
N ASN E 82 -22.19 -28.73 -13.18
CA ASN E 82 -22.45 -30.17 -13.24
C ASN E 82 -21.51 -31.06 -12.46
N LEU E 83 -20.24 -30.64 -12.44
CA LEU E 83 -19.13 -31.39 -11.82
C LEU E 83 -18.54 -30.86 -10.52
N CYS E 84 -18.20 -31.80 -9.64
CA CYS E 84 -17.58 -31.47 -8.36
C CYS E 84 -16.42 -32.43 -8.22
N LEU E 85 -15.21 -31.90 -8.38
CA LEU E 85 -14.00 -32.72 -8.21
C LEU E 85 -13.47 -32.34 -6.82
N PHE E 86 -13.04 -33.36 -6.06
CA PHE E 86 -12.47 -33.14 -4.74
C PHE E 86 -11.27 -34.03 -4.56
N LEU E 87 -10.09 -33.39 -4.49
CA LEU E 87 -8.80 -34.07 -4.37
C LEU E 87 -8.19 -33.90 -2.99
N ARG E 88 -7.76 -35.01 -2.39
CA ARG E 88 -7.10 -34.95 -1.09
C ARG E 88 -5.64 -34.91 -1.52
N LEU E 89 -4.77 -34.24 -0.76
CA LEU E 89 -3.35 -34.12 -1.19
C LEU E 89 -2.33 -34.62 -0.19
N PRO E 90 -1.20 -35.14 -0.68
CA PRO E 90 -0.18 -35.63 0.24
C PRO E 90 0.79 -34.54 0.71
N LYS E 91 1.77 -34.96 1.51
CA LYS E 91 2.82 -34.10 2.05
C LYS E 91 4.11 -34.89 2.15
N PRO E 92 5.13 -34.58 1.33
CA PRO E 92 5.19 -33.55 0.28
C PRO E 92 4.50 -33.95 -1.01
N PHE E 93 4.56 -33.01 -1.96
CA PHE E 93 4.02 -33.17 -3.28
C PHE E 93 5.09 -33.82 -4.16
N HIS E 94 4.69 -34.67 -5.10
CA HIS E 94 5.69 -35.21 -6.04
C HIS E 94 5.49 -34.43 -7.33
N ASP E 95 6.13 -34.86 -8.41
CA ASP E 95 6.00 -34.16 -9.69
C ASP E 95 4.64 -34.28 -10.35
N ASN E 96 3.83 -35.23 -9.89
CA ASN E 96 2.49 -35.43 -10.43
C ASN E 96 1.48 -34.29 -10.09
N LEU E 97 1.82 -33.42 -9.15
CA LEU E 97 0.92 -32.31 -8.86
C LEU E 97 1.09 -31.19 -9.91
N LYS E 98 2.26 -31.11 -10.56
CA LYS E 98 2.50 -30.07 -11.57
C LYS E 98 1.25 -29.74 -12.40
N ASP E 99 0.59 -30.77 -12.95
CA ASP E 99 -0.67 -30.62 -13.73
C ASP E 99 -1.72 -29.75 -13.04
N LEU E 100 -1.78 -29.82 -11.69
CA LEU E 100 -2.71 -29.05 -10.85
C LEU E 100 -2.29 -27.53 -10.72
N TYR E 101 -0.98 -27.24 -10.68
CA TYR E 101 -0.49 -25.85 -10.61
C TYR E 101 -0.72 -25.24 -12.01
N ARG E 102 -0.23 -25.95 -13.02
CA ARG E 102 -0.38 -25.53 -14.40
C ARG E 102 -1.87 -25.24 -14.60
N PHE E 103 -2.71 -25.99 -13.90
CA PHE E 103 -4.14 -25.75 -14.03
C PHE E 103 -4.64 -24.49 -13.30
N PHE E 104 -4.35 -24.41 -12.00
CA PHE E 104 -4.77 -23.31 -11.15
C PHE E 104 -4.28 -21.93 -11.62
N ALA E 105 -3.38 -21.93 -12.60
CA ALA E 105 -2.80 -20.68 -13.05
C ALA E 105 -3.24 -20.39 -14.47
N SER E 106 -3.64 -21.44 -15.17
CA SER E 106 -4.03 -21.32 -16.57
C SER E 106 -4.88 -20.10 -16.85
N LYS E 107 -4.58 -19.45 -17.96
CA LYS E 107 -5.31 -18.29 -18.37
C LYS E 107 -6.48 -18.72 -19.24
N PHE E 108 -6.81 -20.01 -19.21
CA PHE E 108 -7.97 -20.45 -19.98
C PHE E 108 -9.29 -20.12 -19.26
N VAL E 109 -9.24 -20.19 -17.92
CA VAL E 109 -10.42 -19.95 -17.10
C VAL E 109 -10.09 -19.04 -15.92
N THR E 110 -11.12 -18.80 -15.12
CA THR E 110 -11.06 -17.97 -13.91
C THR E 110 -11.47 -18.80 -12.70
N PHE E 111 -10.80 -18.53 -11.58
CA PHE E 111 -11.07 -19.21 -10.30
C PHE E 111 -11.75 -18.25 -9.31
N VAL E 112 -12.97 -18.64 -8.90
CA VAL E 112 -13.85 -17.88 -7.99
C VAL E 112 -13.85 -18.54 -6.58
N GLY E 113 -13.52 -17.76 -5.53
CA GLY E 113 -13.53 -18.30 -4.17
C GLY E 113 -14.28 -17.46 -3.16
N VAL E 114 -14.28 -17.84 -1.89
CA VAL E 114 -14.98 -17.10 -0.86
C VAL E 114 -14.10 -16.95 0.39
N GLN E 115 -13.46 -15.77 0.50
CA GLN E 115 -12.56 -15.41 1.60
C GLN E 115 -11.20 -16.06 1.30
N ILE E 116 -10.82 -16.05 0.02
CA ILE E 116 -9.56 -16.65 -0.38
C ILE E 116 -8.35 -15.73 -0.32
N GLU E 117 -8.48 -14.54 0.26
CA GLU E 117 -7.31 -13.64 0.27
C GLU E 117 -6.06 -14.24 0.98
N GLU E 118 -6.21 -14.80 2.18
CA GLU E 118 -5.07 -15.37 2.89
C GLU E 118 -4.62 -16.66 2.17
N ASP E 119 -5.58 -17.39 1.58
CA ASP E 119 -5.27 -18.62 0.84
C ASP E 119 -4.18 -18.38 -0.23
N LEU E 120 -4.29 -17.28 -0.96
CA LEU E 120 -3.30 -16.98 -2.00
C LEU E 120 -1.89 -16.71 -1.41
N ASP E 121 -1.80 -15.95 -0.32
CA ASP E 121 -0.49 -15.69 0.23
C ASP E 121 0.14 -17.02 0.66
N LEU E 122 -0.59 -17.83 1.42
CA LEU E 122 -0.05 -19.11 1.89
C LEU E 122 0.16 -20.05 0.69
N LEU E 123 -0.77 -20.06 -0.24
CA LEU E 123 -0.62 -20.96 -1.39
C LEU E 123 0.64 -20.61 -2.16
N ARG E 124 0.85 -19.32 -2.46
CA ARG E 124 2.02 -18.90 -3.23
C ARG E 124 3.31 -19.10 -2.43
N GLU E 125 3.33 -18.58 -1.19
CA GLU E 125 4.50 -18.65 -0.30
C GLU E 125 4.94 -20.04 0.11
N ASN E 126 3.97 -20.87 0.54
CA ASN E 126 4.28 -22.20 1.05
C ASN E 126 4.49 -23.28 0.03
N HIS E 127 3.98 -23.05 -1.18
CA HIS E 127 4.07 -24.05 -2.27
C HIS E 127 4.44 -23.52 -3.65
N GLY E 128 4.80 -22.25 -3.75
CA GLY E 128 5.15 -21.72 -5.06
C GLY E 128 3.99 -21.95 -6.02
N LEU E 129 2.76 -22.07 -5.50
CA LEU E 129 1.57 -22.27 -6.33
C LEU E 129 0.92 -20.90 -6.54
N VAL E 130 0.76 -20.52 -7.83
CA VAL E 130 0.22 -19.23 -8.23
C VAL E 130 -1.13 -19.29 -8.96
N ILE E 131 -2.14 -18.54 -8.52
CA ILE E 131 -3.40 -18.56 -9.26
C ILE E 131 -3.40 -17.21 -10.05
N ARG E 132 -2.82 -17.25 -11.26
CA ARG E 132 -2.70 -16.03 -12.05
C ARG E 132 -4.05 -15.33 -12.33
N ASN E 133 -5.14 -16.10 -12.34
CA ASN E 133 -6.46 -15.55 -12.65
C ASN E 133 -7.45 -16.02 -11.61
N ALA E 134 -7.50 -15.29 -10.50
CA ALA E 134 -8.40 -15.65 -9.41
C ALA E 134 -9.29 -14.49 -9.01
N ILE E 135 -10.39 -14.81 -8.35
CA ILE E 135 -11.25 -13.77 -7.80
C ILE E 135 -11.84 -14.19 -6.44
N ASN E 136 -11.62 -13.32 -5.44
CA ASN E 136 -12.13 -13.47 -4.10
C ASN E 136 -13.53 -12.88 -4.34
N VAL E 137 -14.46 -13.75 -4.74
CA VAL E 137 -15.78 -13.32 -5.17
C VAL E 137 -16.62 -12.38 -4.30
N GLY E 138 -16.41 -12.45 -2.97
CA GLY E 138 -17.14 -11.62 -2.04
C GLY E 138 -17.05 -10.12 -2.36
N LYS E 139 -15.87 -9.66 -2.74
CA LYS E 139 -15.74 -8.24 -3.02
C LYS E 139 -16.55 -7.84 -4.26
N LEU E 140 -16.44 -8.61 -5.33
CA LEU E 140 -17.21 -8.30 -6.52
C LEU E 140 -18.67 -8.22 -6.14
N ALA E 141 -19.15 -9.24 -5.41
CA ALA E 141 -20.56 -9.28 -4.99
C ALA E 141 -20.98 -7.99 -4.30
N ALA E 142 -20.24 -7.58 -3.28
CA ALA E 142 -20.57 -6.36 -2.54
C ALA E 142 -20.64 -5.12 -3.47
N GLU E 143 -19.70 -5.04 -4.41
CA GLU E 143 -19.65 -3.90 -5.31
C GLU E 143 -20.79 -3.96 -6.33
N ALA E 144 -20.94 -5.09 -7.01
CA ALA E 144 -21.98 -5.27 -8.01
C ALA E 144 -23.33 -5.00 -7.38
N ARG E 145 -23.59 -5.57 -6.20
CA ARG E 145 -24.86 -5.38 -5.55
C ARG E 145 -24.93 -4.09 -4.72
N GLY E 146 -23.80 -3.46 -4.45
CA GLY E 146 -23.83 -2.26 -3.60
C GLY E 146 -24.32 -2.62 -2.17
N THR E 147 -24.00 -3.83 -1.70
CA THR E 147 -24.38 -4.26 -0.34
C THR E 147 -23.06 -4.68 0.36
N LEU E 148 -22.38 -3.72 0.99
CA LEU E 148 -21.09 -3.93 1.66
C LEU E 148 -20.90 -5.31 2.28
N VAL E 149 -21.65 -5.55 3.35
CA VAL E 149 -21.53 -6.78 4.11
C VAL E 149 -21.26 -8.04 3.34
N LEU E 150 -21.63 -8.06 2.06
CA LEU E 150 -21.41 -9.25 1.27
C LEU E 150 -19.92 -9.58 1.24
N GLU E 151 -19.09 -8.59 1.57
CA GLU E 151 -17.65 -8.77 1.57
C GLU E 151 -17.11 -9.47 2.82
N PHE E 152 -17.99 -9.77 3.77
CA PHE E 152 -17.54 -10.36 5.03
C PHE E 152 -18.30 -11.62 5.49
N LEU E 153 -18.79 -12.40 4.52
CA LEU E 153 -19.55 -13.64 4.76
C LEU E 153 -18.83 -14.89 4.28
N GLY E 154 -19.16 -16.03 4.88
CA GLY E 154 -18.57 -17.32 4.48
C GLY E 154 -19.27 -17.87 3.24
N THR E 155 -18.87 -19.06 2.77
CA THR E 155 -19.45 -19.58 1.53
C THR E 155 -20.98 -19.74 1.55
N ARG E 156 -21.46 -20.46 2.54
CA ARG E 156 -22.89 -20.70 2.66
C ARG E 156 -23.70 -19.40 2.66
N GLU E 157 -23.35 -18.49 3.58
CA GLU E 157 -24.09 -17.25 3.74
C GLU E 157 -24.03 -16.39 2.50
N LEU E 158 -22.85 -16.29 1.88
CA LEU E 158 -22.76 -15.49 0.65
C LEU E 158 -23.87 -16.00 -0.31
N ALA E 159 -23.96 -17.32 -0.47
CA ALA E 159 -24.96 -17.90 -1.37
C ALA E 159 -26.36 -17.48 -0.91
N HIS E 160 -26.62 -17.65 0.38
CA HIS E 160 -27.90 -17.28 0.94
C HIS E 160 -28.26 -15.85 0.50
N ARG E 161 -27.35 -14.90 0.75
CA ARG E 161 -27.60 -13.51 0.44
C ARG E 161 -27.61 -13.12 -1.01
N VAL E 162 -27.05 -13.97 -1.89
CA VAL E 162 -27.05 -13.65 -3.33
C VAL E 162 -28.16 -14.43 -4.06
N LEU E 163 -28.45 -15.63 -3.59
CA LEU E 163 -29.44 -16.49 -4.25
C LEU E 163 -30.74 -16.72 -3.48
N TRP E 164 -30.60 -17.08 -2.19
CA TRP E 164 -31.71 -17.36 -1.29
C TRP E 164 -32.46 -18.67 -1.55
N SER E 165 -31.71 -19.74 -1.77
CA SER E 165 -32.32 -21.03 -1.98
C SER E 165 -32.23 -21.82 -0.66
N ASP E 166 -33.01 -22.90 -0.54
CA ASP E 166 -33.03 -23.69 0.69
C ASP E 166 -31.62 -24.04 1.11
N LEU E 167 -31.30 -23.75 2.37
CA LEU E 167 -29.94 -24.00 2.91
C LEU E 167 -29.93 -24.90 4.15
N GLY E 168 -31.14 -25.23 4.64
CA GLY E 168 -31.26 -26.12 5.80
C GLY E 168 -30.55 -27.45 5.59
N GLN E 169 -30.58 -27.97 4.38
CA GLN E 169 -29.88 -29.22 4.10
C GLN E 169 -28.39 -29.07 4.38
N LEU E 170 -27.73 -28.19 3.62
CA LEU E 170 -26.28 -27.96 3.76
C LEU E 170 -25.90 -27.75 5.23
N ASP E 171 -26.72 -26.97 5.91
CA ASP E 171 -26.49 -26.62 7.30
C ASP E 171 -26.48 -27.81 8.30
N SER E 172 -27.49 -28.66 8.22
CA SER E 172 -27.55 -29.76 9.17
C SER E 172 -26.32 -30.63 8.96
N ILE E 173 -25.70 -30.50 7.78
CA ILE E 173 -24.48 -31.26 7.51
C ILE E 173 -23.26 -30.59 8.14
N GLU E 174 -23.21 -29.26 8.13
CA GLU E 174 -22.06 -28.54 8.67
C GLU E 174 -22.20 -28.30 10.15
N ALA E 175 -23.43 -28.37 10.63
CA ALA E 175 -23.73 -28.20 12.04
C ALA E 175 -22.91 -29.18 12.90
N LYS E 176 -22.85 -30.44 12.49
CA LYS E 176 -22.09 -31.47 13.22
C LYS E 176 -20.92 -31.95 12.38
N TRP E 177 -20.11 -31.02 11.90
CA TRP E 177 -18.98 -31.36 11.06
C TRP E 177 -18.03 -32.44 11.58
N GLU E 178 -17.62 -32.34 12.83
CA GLU E 178 -16.64 -33.26 13.40
C GLU E 178 -17.11 -34.70 13.55
N LYS E 179 -18.40 -34.92 13.41
CA LYS E 179 -18.94 -36.27 13.51
C LYS E 179 -19.47 -36.73 12.14
N ALA E 180 -20.11 -35.83 11.42
CA ALA E 180 -20.64 -36.15 10.09
C ALA E 180 -19.58 -36.95 9.33
N GLY E 181 -20.02 -38.05 8.73
CA GLY E 181 -19.10 -38.89 7.98
C GLY E 181 -18.62 -38.24 6.70
N PRO E 182 -17.49 -38.72 6.13
CA PRO E 182 -16.81 -38.25 4.90
C PRO E 182 -17.76 -38.00 3.72
N GLU E 183 -18.81 -38.81 3.61
CA GLU E 183 -19.72 -38.65 2.50
C GLU E 183 -20.61 -37.43 2.65
N GLU E 184 -21.04 -37.15 3.87
CA GLU E 184 -21.86 -35.97 4.11
C GLU E 184 -20.99 -34.67 4.05
N GLN E 185 -19.72 -34.81 4.40
CA GLN E 185 -18.79 -33.69 4.43
C GLN E 185 -18.39 -33.39 3.01
N LEU E 186 -18.29 -34.45 2.19
CA LEU E 186 -17.96 -34.27 0.80
C LEU E 186 -19.22 -33.79 0.11
N GLU E 187 -20.38 -33.98 0.76
CA GLU E 187 -21.61 -33.54 0.12
C GLU E 187 -21.83 -32.04 0.36
N ALA E 188 -21.45 -31.58 1.55
CA ALA E 188 -21.58 -30.16 1.86
C ALA E 188 -20.59 -29.40 0.93
N ALA E 189 -19.46 -30.05 0.58
CA ALA E 189 -18.47 -29.47 -0.31
C ALA E 189 -19.06 -29.34 -1.69
N ALA E 190 -19.80 -30.37 -2.12
CA ALA E 190 -20.41 -30.36 -3.44
C ALA E 190 -21.48 -29.28 -3.49
N ILE E 191 -22.35 -29.23 -2.47
CA ILE E 191 -23.38 -28.19 -2.47
C ILE E 191 -22.76 -26.76 -2.55
N GLU E 192 -21.89 -26.40 -1.60
CA GLU E 192 -21.26 -25.06 -1.60
C GLU E 192 -20.71 -24.69 -2.96
N GLY E 193 -20.06 -25.65 -3.63
CA GLY E 193 -19.53 -25.38 -4.96
C GLY E 193 -20.66 -24.87 -5.87
N TRP E 194 -21.74 -25.65 -5.98
CA TRP E 194 -22.91 -25.33 -6.82
C TRP E 194 -23.46 -23.92 -6.53
N LEU E 195 -23.64 -23.61 -5.25
CA LEU E 195 -24.12 -22.29 -4.85
C LEU E 195 -23.24 -21.16 -5.41
N ILE E 196 -21.95 -21.20 -5.09
CA ILE E 196 -21.04 -20.17 -5.55
C ILE E 196 -21.02 -20.15 -7.08
N VAL E 197 -21.22 -21.31 -7.71
CA VAL E 197 -21.32 -21.39 -9.19
C VAL E 197 -22.50 -20.48 -9.62
N ASN E 198 -23.64 -20.61 -8.94
CA ASN E 198 -24.82 -19.81 -9.29
C ASN E 198 -24.59 -18.38 -8.84
N VAL E 199 -23.96 -18.20 -7.68
CA VAL E 199 -23.70 -16.82 -7.24
C VAL E 199 -22.92 -16.13 -8.36
N TRP E 200 -21.91 -16.83 -8.89
CA TRP E 200 -21.06 -16.31 -9.96
C TRP E 200 -21.81 -16.00 -11.28
N ASP E 201 -22.75 -16.85 -11.70
CA ASP E 201 -23.45 -16.55 -12.93
C ASP E 201 -24.33 -15.33 -12.72
N GLN E 202 -24.90 -15.21 -11.54
CA GLN E 202 -25.72 -14.03 -11.26
C GLN E 202 -24.85 -12.74 -11.34
N LEU E 203 -23.60 -12.81 -10.91
CA LEU E 203 -22.74 -11.62 -10.94
C LEU E 203 -22.06 -11.32 -12.28
N SER E 204 -21.61 -12.34 -13.01
CA SER E 204 -20.94 -12.07 -14.28
C SER E 204 -21.86 -11.63 -15.42
N ASP E 205 -23.14 -11.41 -15.12
CA ASP E 205 -24.07 -10.95 -16.15
C ASP E 205 -25.12 -9.94 -15.71
N GLU E 206 -25.14 -9.57 -14.43
CA GLU E 206 -26.12 -8.62 -13.92
C GLU E 206 -25.84 -7.15 -14.24
N SER F 1 -19.66 -34.83 30.11
CA SER F 1 -20.13 -34.05 28.90
C SER F 1 -19.60 -32.62 28.82
N ALA F 2 -19.73 -32.04 27.63
CA ALA F 2 -19.31 -30.67 27.33
C ALA F 2 -20.54 -29.76 27.25
N SER F 3 -20.66 -28.83 28.17
CA SER F 3 -21.80 -27.91 28.14
C SER F 3 -21.35 -26.60 28.74
N PHE F 4 -22.06 -25.53 28.42
CA PHE F 4 -21.73 -24.22 28.95
C PHE F 4 -22.20 -24.17 30.39
N ASP F 5 -21.48 -24.93 31.22
CA ASP F 5 -21.74 -25.10 32.65
C ASP F 5 -21.12 -24.06 33.59
N GLY F 6 -20.47 -23.04 33.05
CA GLY F 6 -19.93 -22.01 33.91
C GLY F 6 -21.15 -21.13 34.15
N PRO F 7 -21.03 -19.97 34.81
CA PRO F 7 -22.22 -19.13 35.05
C PRO F 7 -22.95 -18.57 33.82
N LYS F 8 -24.25 -18.28 34.02
CA LYS F 8 -25.12 -17.73 32.96
C LYS F 8 -25.44 -16.32 33.42
N PHE F 9 -25.48 -15.37 32.49
CA PHE F 9 -25.80 -14.00 32.84
C PHE F 9 -27.01 -13.56 32.08
N LYS F 10 -27.78 -12.63 32.66
CA LYS F 10 -28.99 -12.09 32.05
C LYS F 10 -28.67 -10.75 31.39
N THR F 12 -29.73 -7.06 29.22
CA THR F 12 -30.70 -6.00 29.42
C THR F 12 -32.06 -6.32 28.79
N ASP F 13 -32.07 -7.08 27.68
CA ASP F 13 -33.33 -7.41 27.02
C ASP F 13 -33.92 -8.67 27.67
N GLY F 14 -33.39 -9.03 28.84
CA GLY F 14 -33.88 -10.20 29.55
C GLY F 14 -33.43 -11.55 29.05
N SER F 15 -32.88 -11.61 27.85
CA SER F 15 -32.37 -12.88 27.30
C SER F 15 -31.16 -13.27 28.15
N TYR F 16 -30.68 -14.51 28.00
CA TYR F 16 -29.53 -14.97 28.76
C TYR F 16 -28.37 -15.45 27.87
N VAL F 17 -27.18 -15.53 28.47
CA VAL F 17 -26.00 -16.03 27.78
C VAL F 17 -25.36 -17.16 28.60
N GLN F 18 -25.16 -18.31 27.96
CA GLN F 18 -24.53 -19.47 28.61
C GLN F 18 -23.03 -19.33 28.41
N THR F 19 -22.29 -19.61 29.47
CA THR F 19 -20.83 -19.42 29.47
C THR F 19 -20.04 -20.68 29.82
N LYS F 20 -18.78 -20.71 29.39
CA LYS F 20 -17.87 -21.79 29.70
C LYS F 20 -16.44 -21.22 29.73
N THR F 21 -15.63 -21.70 30.67
CA THR F 21 -14.24 -21.26 30.81
C THR F 21 -13.28 -22.46 30.77
N ILE F 22 -12.42 -22.53 29.76
CA ILE F 22 -11.50 -23.65 29.70
C ILE F 22 -10.00 -23.29 29.81
N ASP F 23 -9.39 -23.83 30.86
CA ASP F 23 -7.97 -23.64 31.11
C ASP F 23 -7.19 -24.73 30.35
N VAL F 24 -6.82 -24.38 29.12
CA VAL F 24 -6.09 -25.28 28.27
C VAL F 24 -4.83 -25.68 29.02
N GLY F 25 -4.87 -26.87 29.62
CA GLY F 25 -3.71 -27.34 30.34
C GLY F 25 -2.67 -27.46 29.29
N SER F 26 -2.31 -28.68 28.90
CA SER F 26 -1.31 -28.93 27.86
C SER F 26 -1.70 -30.07 26.97
N SER F 27 -2.73 -30.80 27.37
CA SER F 27 -3.12 -31.97 26.60
C SER F 27 -4.65 -32.02 26.51
N THR F 28 -5.28 -30.87 26.75
CA THR F 28 -6.74 -30.75 26.71
C THR F 28 -7.31 -30.65 25.27
N ASP F 29 -8.50 -31.25 25.12
CA ASP F 29 -9.29 -31.31 23.89
C ASP F 29 -10.30 -30.19 23.97
N ILE F 30 -10.11 -29.12 23.20
CA ILE F 30 -11.05 -28.02 23.27
C ILE F 30 -12.05 -28.15 22.13
N SER F 31 -11.86 -29.19 21.34
CA SER F 31 -12.68 -29.45 20.18
C SER F 31 -14.15 -29.64 20.48
N PRO F 32 -14.50 -30.14 21.69
CA PRO F 32 -15.95 -30.30 21.94
C PRO F 32 -16.63 -28.95 22.14
N TYR F 33 -15.91 -27.99 22.71
CA TYR F 33 -16.52 -26.66 22.89
C TYR F 33 -16.50 -25.86 21.60
N LEU F 34 -15.46 -26.05 20.79
CA LEU F 34 -15.38 -25.35 19.50
C LEU F 34 -16.51 -25.81 18.53
N SER F 35 -16.82 -27.11 18.55
CA SER F 35 -17.88 -27.65 17.72
C SER F 35 -19.23 -27.08 18.20
N LEU F 36 -19.36 -26.86 19.51
CA LEU F 36 -20.61 -26.33 20.04
C LEU F 36 -20.76 -24.88 19.66
N ILE F 37 -19.62 -24.20 19.43
CA ILE F 37 -19.71 -22.80 19.07
C ILE F 37 -20.12 -22.75 17.59
N ARG F 38 -19.44 -23.54 16.77
CA ARG F 38 -19.72 -23.54 15.33
C ARG F 38 -21.10 -24.09 15.03
N GLU F 39 -21.50 -25.11 15.81
CA GLU F 39 -22.81 -25.75 15.63
C GLU F 39 -23.95 -24.76 15.84
N ASP F 40 -23.83 -23.96 16.91
CA ASP F 40 -24.85 -22.98 17.26
C ASP F 40 -24.82 -21.81 16.26
N SER F 41 -23.62 -21.35 15.94
CA SER F 41 -23.45 -20.24 15.01
C SER F 41 -24.32 -20.48 13.77
N ILE F 42 -24.24 -21.69 13.21
CA ILE F 42 -25.06 -21.98 12.04
C ILE F 42 -26.58 -22.11 12.31
N LEU F 43 -26.97 -22.82 13.37
CA LEU F 43 -28.41 -23.00 13.65
C LEU F 43 -29.17 -21.72 13.96
N ASN F 44 -28.66 -20.93 14.89
CA ASN F 44 -29.34 -19.70 15.29
C ASN F 44 -28.55 -18.41 15.06
N GLY F 45 -27.32 -18.54 14.54
CA GLY F 45 -26.47 -17.37 14.37
C GLY F 45 -26.30 -16.53 13.12
N ASN F 46 -26.89 -16.91 11.98
CA ASN F 46 -26.76 -16.12 10.74
C ASN F 46 -25.26 -15.95 10.37
N ARG F 47 -24.55 -17.08 10.41
CA ARG F 47 -23.14 -17.29 10.10
C ARG F 47 -22.06 -16.43 10.84
N ALA F 48 -22.42 -15.78 11.96
CA ALA F 48 -21.40 -15.05 12.72
C ALA F 48 -20.95 -15.68 14.07
N VAL F 49 -19.73 -15.29 14.42
CA VAL F 49 -19.05 -15.63 15.65
C VAL F 49 -18.30 -14.36 16.00
N ILE F 50 -18.68 -13.79 17.15
CA ILE F 50 -18.06 -12.57 17.63
C ILE F 50 -16.85 -13.05 18.42
N PHE F 51 -15.76 -12.32 18.30
CA PHE F 51 -14.55 -12.72 19.01
C PHE F 51 -13.64 -11.54 19.35
N ASP F 52 -13.01 -11.64 20.53
CA ASP F 52 -12.03 -10.67 21.04
C ASP F 52 -10.83 -11.57 21.41
N VAL F 53 -9.63 -10.99 21.60
CA VAL F 53 -8.44 -11.77 21.94
C VAL F 53 -7.60 -10.99 22.93
N TYR F 54 -6.84 -11.72 23.76
CA TYR F 54 -6.05 -11.14 24.83
C TYR F 54 -4.70 -11.83 24.87
N TRP F 55 -3.64 -11.01 24.96
CA TRP F 55 -2.26 -11.50 24.92
C TRP F 55 -1.50 -11.27 26.19
N ASP F 56 -0.32 -11.88 26.23
CA ASP F 56 0.62 -11.78 27.34
C ASP F 56 1.85 -11.06 26.73
N VAL F 57 2.15 -9.85 27.21
CA VAL F 57 3.28 -9.07 26.67
C VAL F 57 4.62 -9.62 27.18
N GLY F 58 5.38 -10.22 26.28
CA GLY F 58 6.68 -10.77 26.64
C GLY F 58 7.80 -10.19 25.78
N PHE F 59 9.05 -10.53 26.10
CA PHE F 59 10.19 -10.02 25.37
C PHE F 59 11.17 -11.10 24.92
N THR F 66 13.44 -9.38 17.97
CA THR F 66 12.71 -8.19 17.60
C THR F 66 12.07 -7.68 18.88
N LYS F 67 10.82 -7.20 18.79
CA LYS F 67 10.08 -6.66 19.93
C LYS F 67 8.65 -7.23 20.22
N THR F 68 7.65 -6.93 19.39
CA THR F 68 6.34 -7.51 19.69
C THR F 68 6.31 -9.07 19.57
N SER F 69 7.35 -9.66 18.99
CA SER F 69 7.43 -11.12 18.86
C SER F 69 7.33 -11.88 20.19
N GLY F 70 7.40 -11.13 21.29
CA GLY F 70 7.28 -11.72 22.62
C GLY F 70 5.81 -11.84 23.01
N TRP F 71 4.96 -11.01 22.39
CA TRP F 71 3.53 -11.09 22.72
C TRP F 71 2.96 -12.44 22.34
N SER F 72 2.28 -13.13 23.27
CA SER F 72 1.73 -14.42 22.87
C SER F 72 0.35 -14.58 23.47
N LEU F 73 -0.60 -14.89 22.60
CA LEU F 73 -2.01 -15.03 22.95
C LEU F 73 -2.22 -15.75 24.27
N SER F 74 -2.86 -15.06 25.22
CA SER F 74 -3.12 -15.65 26.54
C SER F 74 -4.59 -16.02 26.76
N SER F 75 -5.47 -15.55 25.89
CA SER F 75 -6.90 -15.89 26.03
C SER F 75 -7.68 -15.55 24.77
N VAL F 76 -8.78 -16.27 24.55
CA VAL F 76 -9.64 -16.07 23.37
C VAL F 76 -11.09 -16.10 23.84
N LYS F 77 -11.92 -15.17 23.33
CA LYS F 77 -13.34 -15.13 23.66
C LYS F 77 -14.25 -15.28 22.42
N LEU F 78 -14.99 -16.38 22.32
CA LEU F 78 -15.90 -16.59 21.19
C LEU F 78 -17.32 -16.39 21.72
N SER F 79 -18.06 -15.46 21.11
CA SER F 79 -19.41 -15.21 21.56
C SER F 79 -20.48 -15.36 20.48
N THR F 80 -21.65 -15.86 20.90
CA THR F 80 -22.82 -15.98 20.04
C THR F 80 -23.97 -15.24 20.77
N ARG F 81 -25.15 -15.36 20.21
CA ARG F 81 -26.35 -14.79 20.80
C ARG F 81 -26.50 -15.26 22.26
N ASN F 82 -26.58 -16.58 22.45
CA ASN F 82 -26.80 -17.18 23.78
C ASN F 82 -25.59 -17.94 24.38
N LEU F 83 -24.37 -17.69 23.90
CA LEU F 83 -23.22 -18.42 24.41
C LEU F 83 -21.92 -17.60 24.54
N CYS F 84 -21.14 -17.85 25.60
CA CYS F 84 -19.85 -17.18 25.76
C CYS F 84 -18.77 -18.23 26.02
N LEU F 85 -17.94 -18.51 25.02
CA LEU F 85 -16.85 -19.48 25.15
C LEU F 85 -15.56 -18.65 25.26
N PHE F 86 -15.16 -18.46 26.51
CA PHE F 86 -14.01 -17.65 26.91
C PHE F 86 -12.86 -18.60 27.23
N LEU F 87 -11.97 -18.79 26.26
CA LEU F 87 -10.86 -19.71 26.39
C LEU F 87 -9.62 -19.02 26.92
N ARG F 88 -9.28 -19.31 28.18
CA ARG F 88 -8.08 -18.72 28.71
C ARG F 88 -7.00 -19.63 28.12
N LEU F 89 -5.88 -19.08 27.69
CA LEU F 89 -4.88 -19.97 27.03
C LEU F 89 -3.58 -20.17 27.78
N PRO F 90 -2.91 -21.33 27.56
CA PRO F 90 -1.62 -21.60 28.23
C PRO F 90 -0.50 -21.01 27.38
N LYS F 91 0.68 -20.91 27.94
CA LYS F 91 1.87 -20.44 27.22
C LYS F 91 2.99 -21.39 27.64
N PRO F 92 3.68 -22.05 26.68
CA PRO F 92 3.50 -21.96 25.22
C PRO F 92 2.46 -22.93 24.72
N PHE F 93 2.08 -22.76 23.46
CA PHE F 93 1.11 -23.62 22.78
C PHE F 93 1.64 -25.04 22.73
N HIS F 94 0.73 -26.01 22.83
CA HIS F 94 1.07 -27.42 22.71
C HIS F 94 0.26 -27.84 21.47
N ASP F 95 0.53 -29.03 20.98
CA ASP F 95 -0.14 -29.52 19.80
C ASP F 95 -1.64 -29.71 19.89
N ASN F 96 -2.17 -29.67 21.10
CA ASN F 96 -3.63 -29.80 21.25
C ASN F 96 -4.24 -28.54 20.66
N LEU F 97 -3.42 -27.52 20.38
CA LEU F 97 -4.01 -26.28 19.85
C LEU F 97 -4.26 -26.23 18.33
N LYS F 98 -3.91 -27.30 17.61
CA LYS F 98 -4.19 -27.31 16.17
C LYS F 98 -5.69 -27.12 15.95
N ASP F 99 -6.49 -27.79 16.78
CA ASP F 99 -7.94 -27.63 16.70
C ASP F 99 -8.24 -26.13 16.71
N LEU F 100 -7.49 -25.38 17.52
CA LEU F 100 -7.70 -23.93 17.52
C LEU F 100 -7.31 -23.36 16.13
N TYR F 101 -6.10 -23.69 15.67
CA TYR F 101 -5.61 -23.20 14.38
C TYR F 101 -6.55 -23.60 13.25
N ARG F 102 -6.78 -24.92 13.12
CA ARG F 102 -7.64 -25.41 12.09
C ARG F 102 -8.93 -24.63 12.12
N PHE F 103 -9.49 -24.49 13.34
CA PHE F 103 -10.77 -23.83 13.56
C PHE F 103 -10.89 -22.39 13.06
N PHE F 104 -9.93 -21.54 13.42
CA PHE F 104 -9.95 -20.13 12.97
C PHE F 104 -9.88 -19.95 11.46
N ALA F 105 -9.39 -20.96 10.73
CA ALA F 105 -9.31 -20.86 9.27
C ALA F 105 -10.58 -21.33 8.60
N SER F 106 -11.63 -21.56 9.39
CA SER F 106 -12.90 -22.07 8.85
C SER F 106 -13.66 -21.08 7.94
N LYS F 107 -14.10 -21.58 6.80
CA LYS F 107 -14.89 -20.79 5.87
C LYS F 107 -16.38 -21.05 6.19
N PHE F 108 -16.67 -21.85 7.22
CA PHE F 108 -18.06 -22.12 7.56
C PHE F 108 -18.71 -20.95 8.20
N VAL F 109 -17.90 -20.16 8.88
CA VAL F 109 -18.41 -19.01 9.61
C VAL F 109 -17.55 -17.78 9.34
N THR F 110 -18.06 -16.61 9.75
CA THR F 110 -17.34 -15.35 9.65
C THR F 110 -17.02 -14.96 11.10
N PHE F 111 -15.78 -14.58 11.35
CA PHE F 111 -15.28 -14.17 12.65
C PHE F 111 -15.23 -12.64 12.71
N VAL F 112 -16.03 -12.05 13.61
CA VAL F 112 -16.18 -10.59 13.74
C VAL F 112 -15.54 -10.05 15.01
N GLY F 113 -14.80 -8.94 14.88
CA GLY F 113 -14.14 -8.36 16.04
C GLY F 113 -14.14 -6.83 16.05
N VAL F 114 -13.65 -6.26 17.17
CA VAL F 114 -13.57 -4.81 17.36
C VAL F 114 -12.12 -4.44 17.74
N GLN F 115 -11.59 -3.42 17.06
CA GLN F 115 -10.22 -2.92 17.20
C GLN F 115 -9.25 -4.08 17.32
N ILE F 116 -9.29 -4.90 16.27
CA ILE F 116 -8.54 -6.15 16.10
C ILE F 116 -7.47 -6.10 14.98
N GLU F 117 -7.37 -4.96 14.29
CA GLU F 117 -6.42 -4.86 13.18
C GLU F 117 -5.00 -5.32 13.59
N GLU F 118 -4.54 -4.89 14.78
CA GLU F 118 -3.22 -5.28 15.28
C GLU F 118 -3.19 -6.76 15.72
N ASP F 119 -4.22 -7.23 16.44
CA ASP F 119 -4.24 -8.61 16.91
C ASP F 119 -4.00 -9.57 15.73
N LEU F 120 -4.59 -9.27 14.57
CA LEU F 120 -4.43 -10.17 13.41
C LEU F 120 -2.94 -10.29 12.97
N ASP F 121 -2.23 -9.17 12.84
CA ASP F 121 -0.79 -9.22 12.46
C ASP F 121 -0.07 -10.12 13.47
N LEU F 122 -0.31 -9.81 14.76
CA LEU F 122 0.29 -10.53 15.91
C LEU F 122 0.04 -12.06 15.86
N LEU F 123 -1.20 -12.47 15.58
CA LEU F 123 -1.59 -13.88 15.46
C LEU F 123 -0.72 -14.55 14.38
N ARG F 124 -0.52 -13.83 13.29
CA ARG F 124 0.27 -14.30 12.15
C ARG F 124 1.78 -14.48 12.45
N GLU F 125 2.45 -13.37 12.76
CA GLU F 125 3.85 -13.33 13.04
C GLU F 125 4.21 -14.25 14.20
N ASN F 126 3.55 -14.04 15.34
CA ASN F 126 3.80 -14.81 16.55
C ASN F 126 3.33 -16.28 16.58
N HIS F 127 2.04 -16.50 16.38
CA HIS F 127 1.52 -17.85 16.44
C HIS F 127 1.33 -18.52 15.08
N GLY F 128 1.54 -17.81 13.97
CA GLY F 128 1.27 -18.44 12.70
C GLY F 128 -0.22 -18.75 12.67
N LEU F 129 -1.00 -17.89 13.36
CA LEU F 129 -2.46 -18.01 13.47
C LEU F 129 -3.09 -16.90 12.60
N VAL F 130 -3.73 -17.34 11.51
CA VAL F 130 -4.34 -16.49 10.50
C VAL F 130 -5.81 -16.83 10.49
N ILE F 131 -6.66 -15.84 10.35
CA ILE F 131 -8.08 -16.09 10.26
C ILE F 131 -8.36 -15.97 8.76
N ARG F 132 -8.81 -17.05 8.10
CA ARG F 132 -9.03 -16.98 6.67
C ARG F 132 -10.24 -16.13 6.22
N ASN F 133 -11.19 -15.88 7.15
CA ASN F 133 -12.46 -15.19 6.83
C ASN F 133 -12.95 -14.34 8.03
N ALA F 134 -12.60 -13.05 8.08
CA ALA F 134 -13.00 -12.25 9.23
C ALA F 134 -13.31 -10.78 9.02
N ILE F 135 -13.76 -10.09 10.09
CA ILE F 135 -14.03 -8.65 9.94
C ILE F 135 -13.80 -7.78 11.18
N ASN F 136 -13.22 -6.60 10.91
CA ASN F 136 -12.93 -5.55 11.88
C ASN F 136 -14.17 -4.67 11.66
N VAL F 137 -15.29 -5.10 12.24
CA VAL F 137 -16.64 -4.50 12.10
C VAL F 137 -16.79 -2.96 12.16
N GLY F 138 -16.12 -2.32 13.11
CA GLY F 138 -16.18 -0.86 13.24
C GLY F 138 -15.99 -0.14 11.91
N LYS F 139 -15.20 -0.73 11.01
CA LYS F 139 -14.95 -0.13 9.69
C LYS F 139 -16.21 -0.26 8.80
N LEU F 140 -16.83 -1.44 8.84
CA LEU F 140 -18.05 -1.71 8.08
C LEU F 140 -19.13 -0.80 8.69
N ALA F 141 -19.13 -0.65 10.01
CA ALA F 141 -20.14 0.18 10.65
C ALA F 141 -20.02 1.61 10.11
N ALA F 142 -18.79 2.13 10.11
CA ALA F 142 -18.59 3.49 9.64
C ALA F 142 -19.14 3.66 8.22
N GLU F 143 -19.03 2.63 7.40
CA GLU F 143 -19.51 2.76 6.03
C GLU F 143 -21.01 2.52 5.90
N ALA F 144 -21.61 1.83 6.88
CA ALA F 144 -23.06 1.52 6.88
C ALA F 144 -23.95 2.54 7.59
N ARG F 145 -23.47 3.14 8.66
CA ARG F 145 -24.25 4.12 9.35
C ARG F 145 -23.93 5.49 8.80
N GLY F 146 -22.83 5.57 8.05
CA GLY F 146 -22.42 6.86 7.51
C GLY F 146 -21.97 7.74 8.66
N THR F 147 -21.28 7.13 9.63
CA THR F 147 -20.77 7.83 10.82
C THR F 147 -19.32 7.47 11.03
N LEU F 148 -18.47 8.40 10.59
CA LEU F 148 -17.02 8.28 10.62
C LEU F 148 -16.39 7.81 11.92
N VAL F 149 -16.68 8.52 12.98
CA VAL F 149 -16.08 8.17 14.26
C VAL F 149 -16.22 6.69 14.65
N LEU F 150 -17.19 5.95 14.09
CA LEU F 150 -17.39 4.56 14.53
C LEU F 150 -16.23 3.57 14.26
N GLU F 151 -15.38 3.87 13.27
CA GLU F 151 -14.26 3.01 12.93
C GLU F 151 -13.14 3.16 13.94
N PHE F 152 -13.34 4.06 14.91
CA PHE F 152 -12.31 4.34 15.91
C PHE F 152 -12.86 4.27 17.33
N LEU F 153 -13.82 3.35 17.55
CA LEU F 153 -14.45 3.18 18.85
C LEU F 153 -14.06 1.88 19.50
N GLY F 154 -14.13 1.87 20.84
CA GLY F 154 -13.87 0.65 21.60
C GLY F 154 -15.14 -0.20 21.61
N THR F 155 -15.05 -1.43 22.13
CA THR F 155 -16.21 -2.36 22.13
C THR F 155 -17.49 -1.74 22.75
N ARG F 156 -17.39 -1.28 23.98
CA ARG F 156 -18.56 -0.68 24.62
C ARG F 156 -19.19 0.45 23.79
N GLU F 157 -18.37 1.48 23.53
CA GLU F 157 -18.78 2.66 22.82
C GLU F 157 -19.35 2.37 21.42
N LEU F 158 -18.77 1.43 20.67
CA LEU F 158 -19.36 1.10 19.40
C LEU F 158 -20.81 0.60 19.70
N ALA F 159 -20.95 -0.34 20.63
CA ALA F 159 -22.25 -0.91 20.96
C ALA F 159 -23.24 0.20 21.26
N HIS F 160 -22.80 1.15 22.07
CA HIS F 160 -23.61 2.31 22.43
C HIS F 160 -24.09 3.18 21.28
N ARG F 161 -23.19 3.47 20.35
CA ARG F 161 -23.48 4.34 19.22
C ARG F 161 -24.27 3.68 18.11
N VAL F 162 -24.23 2.35 18.07
CA VAL F 162 -24.96 1.58 17.08
C VAL F 162 -26.37 1.13 17.58
N LEU F 163 -26.48 0.63 18.81
CA LEU F 163 -27.76 0.11 19.31
C LEU F 163 -28.49 1.02 20.32
N TRP F 164 -27.78 2.02 20.86
CA TRP F 164 -28.35 2.94 21.85
C TRP F 164 -29.11 2.28 23.01
N SER F 165 -28.64 1.11 23.45
CA SER F 165 -29.26 0.38 24.56
C SER F 165 -28.64 0.85 25.88
N ASP F 166 -29.14 0.33 26.99
CA ASP F 166 -28.63 0.72 28.31
C ASP F 166 -27.33 0.02 28.59
N LEU F 167 -26.33 0.80 28.97
CA LEU F 167 -25.01 0.25 29.23
C LEU F 167 -24.51 0.45 30.65
N GLY F 168 -25.41 0.88 31.54
CA GLY F 168 -25.06 1.08 32.93
C GLY F 168 -24.59 -0.25 33.48
N GLN F 169 -25.28 -1.30 33.08
CA GLN F 169 -24.88 -2.63 33.51
C GLN F 169 -23.43 -2.82 33.04
N LEU F 170 -23.22 -2.84 31.71
CA LEU F 170 -21.88 -3.04 31.19
C LEU F 170 -20.80 -2.15 31.78
N ASP F 171 -21.10 -0.87 32.04
CA ASP F 171 -20.10 0.06 32.61
C ASP F 171 -19.67 -0.15 34.04
N SER F 172 -20.61 -0.56 34.88
CA SER F 172 -20.30 -0.78 36.29
C SER F 172 -18.98 -1.49 36.47
N ILE F 173 -18.88 -2.74 35.99
CA ILE F 173 -17.64 -3.51 36.10
C ILE F 173 -16.48 -2.67 35.53
N GLU F 174 -16.79 -1.86 34.51
CA GLU F 174 -15.78 -1.09 33.82
C GLU F 174 -14.89 -0.18 34.64
N ALA F 175 -15.48 0.90 35.15
CA ALA F 175 -14.77 1.88 35.97
C ALA F 175 -13.92 1.26 37.10
N LYS F 176 -14.37 0.12 37.62
CA LYS F 176 -13.65 -0.51 38.73
C LYS F 176 -13.02 -1.83 38.32
N TRP F 177 -12.46 -1.86 37.12
CA TRP F 177 -11.89 -3.07 36.60
C TRP F 177 -10.76 -3.75 37.37
N GLU F 178 -9.76 -3.00 37.83
CA GLU F 178 -8.67 -3.63 38.53
C GLU F 178 -9.13 -4.38 39.79
N LYS F 179 -10.32 -4.08 40.30
CA LYS F 179 -10.85 -4.72 41.51
C LYS F 179 -11.85 -5.86 41.19
N ALA F 180 -12.24 -5.95 39.92
CA ALA F 180 -13.19 -6.95 39.47
C ALA F 180 -12.72 -8.38 39.59
N GLY F 181 -13.46 -9.15 40.37
CA GLY F 181 -13.17 -10.57 40.53
C GLY F 181 -13.43 -11.29 39.21
N PRO F 182 -13.17 -12.60 39.14
CA PRO F 182 -13.39 -13.34 37.89
C PRO F 182 -14.80 -13.33 37.31
N GLU F 183 -15.84 -13.52 38.13
CA GLU F 183 -17.19 -13.50 37.55
C GLU F 183 -17.51 -12.10 37.09
N GLU F 184 -16.96 -11.10 37.78
CA GLU F 184 -17.18 -9.73 37.36
C GLU F 184 -16.59 -9.55 35.94
N GLN F 185 -15.37 -10.05 35.74
CA GLN F 185 -14.72 -9.95 34.42
C GLN F 185 -15.41 -10.80 33.40
N LEU F 186 -15.80 -12.00 33.81
CA LEU F 186 -16.49 -12.87 32.88
C LEU F 186 -17.79 -12.17 32.50
N GLU F 187 -18.52 -11.63 33.48
CA GLU F 187 -19.79 -10.94 33.21
C GLU F 187 -19.53 -9.82 32.20
N ALA F 188 -18.40 -9.13 32.39
CA ALA F 188 -18.03 -8.04 31.48
C ALA F 188 -17.61 -8.67 30.14
N ALA F 189 -16.86 -9.77 30.19
CA ALA F 189 -16.47 -10.49 29.00
C ALA F 189 -17.73 -10.91 28.23
N ALA F 190 -18.62 -11.68 28.90
CA ALA F 190 -19.83 -12.14 28.26
C ALA F 190 -20.71 -10.97 27.81
N ILE F 191 -20.87 -9.95 28.65
CA ILE F 191 -21.71 -8.83 28.21
C ILE F 191 -21.22 -8.20 26.89
N GLU F 192 -19.94 -7.82 26.85
CA GLU F 192 -19.42 -7.21 25.65
C GLU F 192 -19.70 -8.13 24.46
N GLY F 193 -19.52 -9.43 24.65
CA GLY F 193 -19.76 -10.37 23.57
C GLY F 193 -21.22 -10.29 23.12
N TRP F 194 -22.14 -10.21 24.08
CA TRP F 194 -23.57 -10.11 23.73
C TRP F 194 -23.76 -8.81 22.94
N LEU F 195 -23.15 -7.73 23.40
CA LEU F 195 -23.27 -6.44 22.71
C LEU F 195 -22.81 -6.49 21.26
N ILE F 196 -21.72 -7.22 21.00
CA ILE F 196 -21.23 -7.29 19.63
C ILE F 196 -22.01 -8.37 18.86
N VAL F 197 -22.40 -9.46 19.50
CA VAL F 197 -23.24 -10.35 18.71
C VAL F 197 -24.41 -9.48 18.26
N ASN F 198 -24.94 -8.61 19.14
CA ASN F 198 -26.07 -7.81 18.70
C ASN F 198 -25.77 -6.82 17.57
N VAL F 199 -24.60 -6.13 17.66
CA VAL F 199 -24.15 -5.18 16.63
C VAL F 199 -24.05 -5.79 15.24
N TRP F 200 -23.54 -7.00 15.14
CA TRP F 200 -23.42 -7.62 13.83
C TRP F 200 -24.80 -7.75 13.19
N ASP F 201 -25.74 -8.34 13.93
CA ASP F 201 -27.08 -8.51 13.38
C ASP F 201 -27.67 -7.13 13.01
N GLN F 202 -27.47 -6.15 13.86
CA GLN F 202 -28.02 -4.84 13.56
C GLN F 202 -27.38 -4.29 12.28
N LEU F 203 -26.17 -4.76 11.97
CA LEU F 203 -25.46 -4.29 10.81
C LEU F 203 -25.72 -4.96 9.47
N SER F 204 -25.51 -6.28 9.38
CA SER F 204 -25.68 -6.94 8.09
C SER F 204 -27.10 -7.04 7.54
N ASP F 205 -28.08 -6.59 8.30
CA ASP F 205 -29.45 -6.61 7.83
C ASP F 205 -29.78 -5.36 7.03
N GLU F 206 -29.05 -4.27 7.30
CA GLU F 206 -29.27 -2.97 6.63
C GLU F 206 -28.90 -2.86 5.14
N SER A 1 -5.98 5.27 49.22
CA SER A 1 -6.82 6.34 48.62
C SER A 1 -6.11 7.11 47.49
N ALA A 2 -5.55 6.38 46.53
CA ALA A 2 -4.87 7.04 45.42
C ALA A 2 -5.69 8.22 44.90
N SER A 3 -4.98 9.29 44.55
CA SER A 3 -5.63 10.46 44.04
C SER A 3 -4.63 11.33 43.27
N PHE A 4 -5.15 12.19 42.40
CA PHE A 4 -4.30 13.07 41.60
C PHE A 4 -4.02 14.28 42.46
N ASP A 5 -2.93 14.16 43.23
CA ASP A 5 -2.56 15.21 44.16
C ASP A 5 -1.36 16.08 43.78
N GLY A 6 -1.15 16.29 42.48
CA GLY A 6 -0.08 17.16 42.05
C GLY A 6 -0.74 18.52 41.78
N PRO A 7 -0.05 19.51 41.16
CA PRO A 7 -0.69 20.80 40.91
C PRO A 7 -1.94 20.74 40.05
N LYS A 8 -2.91 21.63 40.31
CA LYS A 8 -4.12 21.66 39.50
C LYS A 8 -4.08 22.93 38.64
N PHE A 9 -4.64 22.85 37.44
CA PHE A 9 -4.66 24.00 36.55
C PHE A 9 -6.08 24.41 36.13
N LYS A 10 -6.26 25.73 35.94
CA LYS A 10 -7.54 26.37 35.58
C LYS A 10 -7.62 26.60 34.07
N THR A 12 -9.41 27.78 30.37
CA THR A 12 -10.06 29.01 29.99
C THR A 12 -11.57 29.03 30.29
N ASP A 13 -12.18 27.87 30.50
CA ASP A 13 -13.63 27.86 30.76
C ASP A 13 -13.89 27.86 32.26
N GLY A 14 -12.83 28.06 33.03
CA GLY A 14 -12.96 28.10 34.49
C GLY A 14 -12.85 26.76 35.19
N SER A 15 -12.85 25.67 34.42
CA SER A 15 -12.73 24.34 35.00
C SER A 15 -11.29 24.05 35.45
N TYR A 16 -11.11 22.94 36.17
CA TYR A 16 -9.81 22.53 36.69
C TYR A 16 -9.49 21.10 36.33
N VAL A 17 -8.19 20.82 36.18
CA VAL A 17 -7.69 19.50 35.86
C VAL A 17 -6.83 19.00 37.02
N GLN A 18 -7.08 17.80 37.53
CA GLN A 18 -6.19 17.31 38.58
C GLN A 18 -5.11 16.45 37.91
N THR A 19 -3.84 16.76 38.20
CA THR A 19 -2.72 16.00 37.61
C THR A 19 -1.82 15.30 38.62
N LYS A 20 -1.15 14.25 38.13
CA LYS A 20 -0.17 13.51 38.92
C LYS A 20 0.99 13.21 37.94
N THR A 21 2.22 13.42 38.40
CA THR A 21 3.43 13.15 37.62
C THR A 21 4.16 12.15 38.51
N ILE A 22 4.39 10.94 37.99
CA ILE A 22 5.07 9.90 38.76
C ILE A 22 6.37 9.38 38.13
N ASP A 23 7.42 9.25 38.96
CA ASP A 23 8.71 8.70 38.52
C ASP A 23 8.52 7.20 38.71
N VAL A 24 8.43 6.47 37.61
CA VAL A 24 8.20 5.05 37.68
C VAL A 24 9.51 4.32 37.88
N GLY A 25 9.57 3.54 38.96
CA GLY A 25 10.77 2.79 39.27
C GLY A 25 10.51 1.32 39.07
N SER A 26 11.44 0.49 39.53
CA SER A 26 11.29 -0.96 39.36
C SER A 26 10.13 -1.51 40.18
N SER A 27 9.67 -0.78 41.19
CA SER A 27 8.56 -1.33 41.95
C SER A 27 7.32 -0.43 42.09
N THR A 28 7.36 0.75 41.50
CA THR A 28 6.24 1.68 41.58
C THR A 28 4.94 0.99 41.11
N ASP A 29 3.80 1.40 41.66
CA ASP A 29 2.51 0.81 41.28
C ASP A 29 1.61 1.85 40.62
N ILE A 30 1.48 1.76 39.31
CA ILE A 30 0.66 2.72 38.55
C ILE A 30 -0.76 2.28 38.19
N SER A 31 -1.09 1.02 38.43
CA SER A 31 -2.45 0.59 38.08
C SER A 31 -3.53 1.47 38.70
N PRO A 32 -3.35 1.91 39.97
CA PRO A 32 -4.38 2.77 40.58
C PRO A 32 -4.60 4.11 39.85
N TYR A 33 -3.51 4.64 39.30
CA TYR A 33 -3.58 5.91 38.57
C TYR A 33 -4.24 5.63 37.22
N LEU A 34 -3.73 4.62 36.51
CA LEU A 34 -4.38 4.24 35.25
C LEU A 34 -5.88 4.09 35.58
N SER A 35 -6.15 3.54 36.76
CA SER A 35 -7.50 3.31 37.27
C SER A 35 -8.36 4.58 37.23
N LEU A 36 -7.91 5.63 37.90
CA LEU A 36 -8.65 6.90 37.90
C LEU A 36 -8.83 7.42 36.45
N ILE A 37 -7.83 7.23 35.58
CA ILE A 37 -7.96 7.69 34.19
C ILE A 37 -9.11 6.90 33.49
N ARG A 38 -9.06 5.57 33.58
CA ARG A 38 -10.08 4.72 32.96
C ARG A 38 -11.50 5.06 33.49
N GLU A 39 -11.67 4.96 34.80
CA GLU A 39 -12.94 5.27 35.43
C GLU A 39 -13.46 6.66 34.99
N ASP A 40 -12.62 7.70 35.09
CA ASP A 40 -13.05 9.05 34.73
C ASP A 40 -13.39 9.17 33.24
N SER A 41 -12.66 8.43 32.42
CA SER A 41 -12.92 8.44 30.97
C SER A 41 -14.31 7.82 30.73
N ILE A 42 -14.48 6.61 31.24
CA ILE A 42 -15.75 5.90 31.09
C ILE A 42 -16.93 6.64 31.80
N LEU A 43 -16.73 7.06 33.05
CA LEU A 43 -17.82 7.72 33.79
C LEU A 43 -18.04 9.17 33.39
N ASN A 44 -17.03 9.83 32.85
CA ASN A 44 -17.22 11.22 32.49
C ASN A 44 -16.62 11.67 31.14
N GLY A 45 -16.24 10.75 30.25
CA GLY A 45 -15.68 11.22 28.98
C GLY A 45 -16.06 10.56 27.65
N ASN A 46 -17.16 9.80 27.62
CA ASN A 46 -17.59 9.08 26.41
C ASN A 46 -16.43 8.25 25.85
N ARG A 47 -15.67 7.67 26.75
CA ARG A 47 -14.57 6.81 26.40
C ARG A 47 -13.40 7.38 25.62
N ALA A 48 -12.96 8.55 26.05
CA ALA A 48 -11.76 9.15 25.47
C ALA A 48 -10.71 9.26 26.58
N VAL A 49 -9.46 8.89 26.23
CA VAL A 49 -8.30 9.03 27.13
C VAL A 49 -7.27 9.62 26.17
N ILE A 50 -7.03 10.92 26.28
CA ILE A 50 -6.12 11.61 25.37
C ILE A 50 -4.64 11.43 25.76
N PHE A 51 -3.74 11.46 24.77
CA PHE A 51 -2.33 11.22 25.13
C PHE A 51 -1.25 11.86 24.29
N ASP A 52 0.00 11.63 24.73
CA ASP A 52 1.23 12.10 24.04
C ASP A 52 2.36 11.23 24.65
N VAL A 53 3.46 10.99 23.91
CA VAL A 53 4.58 10.15 24.35
C VAL A 53 5.96 10.83 24.18
N TYR A 54 6.54 11.30 25.29
CA TYR A 54 7.78 12.08 25.25
C TYR A 54 8.94 11.12 25.17
N TRP A 55 9.82 11.35 24.19
CA TRP A 55 10.99 10.48 23.85
C TRP A 55 12.40 10.93 24.32
N ASP A 56 13.30 9.95 24.52
CA ASP A 56 14.74 10.13 24.85
C ASP A 56 15.44 9.82 23.48
N VAL A 57 15.79 10.92 22.81
CA VAL A 57 16.43 10.99 21.51
C VAL A 57 17.82 10.36 21.61
N GLY A 58 18.04 9.24 20.91
CA GLY A 58 19.35 8.57 20.98
C GLY A 58 19.74 8.00 19.62
N PHE A 59 20.94 7.43 19.49
CA PHE A 59 21.41 6.86 18.21
C PHE A 59 21.51 5.34 18.23
N THR A 66 19.79 0.02 12.11
CA THR A 66 18.50 0.72 11.96
C THR A 66 18.56 2.05 12.76
N LYS A 67 18.81 3.15 12.07
CA LYS A 67 18.98 4.43 12.72
C LYS A 67 17.93 4.94 13.67
N THR A 68 16.64 4.62 13.45
CA THR A 68 15.61 5.12 14.38
C THR A 68 15.52 4.18 15.59
N SER A 69 16.12 3.00 15.47
CA SER A 69 16.01 2.03 16.56
C SER A 69 16.54 2.65 17.83
N GLY A 70 17.25 3.74 17.67
CA GLY A 70 17.83 4.43 18.82
C GLY A 70 16.86 5.26 19.67
N TRP A 71 15.71 5.66 19.12
CA TRP A 71 14.76 6.46 19.91
C TRP A 71 14.28 5.54 20.99
N SER A 72 13.94 6.13 22.14
CA SER A 72 13.43 5.41 23.30
C SER A 72 12.32 6.25 23.96
N LEU A 73 11.49 5.59 24.77
CA LEU A 73 10.39 6.29 25.48
C LEU A 73 10.78 6.88 26.84
N SER A 74 10.66 8.20 27.01
CA SER A 74 11.04 8.85 28.26
C SER A 74 9.87 8.97 29.27
N SER A 75 8.76 9.58 28.87
CA SER A 75 7.58 9.69 29.74
C SER A 75 6.30 9.70 28.90
N VAL A 76 5.14 9.52 29.50
CA VAL A 76 3.91 9.54 28.68
C VAL A 76 2.87 10.37 29.42
N LYS A 77 2.00 11.04 28.66
CA LYS A 77 0.94 11.84 29.25
C LYS A 77 -0.43 11.27 28.88
N LEU A 78 -1.32 11.06 29.87
CA LEU A 78 -2.66 10.56 29.59
C LEU A 78 -3.65 11.64 30.10
N SER A 79 -4.43 12.22 29.18
CA SER A 79 -5.34 13.21 29.57
C SER A 79 -6.78 12.74 29.52
N THR A 80 -7.54 13.18 30.52
CA THR A 80 -8.97 12.92 30.62
C THR A 80 -9.53 14.34 30.85
N ARG A 81 -10.85 14.54 30.84
CA ARG A 81 -11.34 15.90 31.07
C ARG A 81 -10.99 16.39 32.46
N ASN A 82 -11.09 15.51 33.45
CA ASN A 82 -10.76 15.89 34.83
C ASN A 82 -9.30 15.66 35.24
N LEU A 83 -8.62 14.72 34.57
CA LEU A 83 -7.27 14.38 35.00
C LEU A 83 -6.24 14.27 33.92
N CYS A 84 -5.00 14.53 34.30
CA CYS A 84 -3.88 14.46 33.38
C CYS A 84 -2.81 13.67 34.14
N LEU A 85 -2.52 12.48 33.63
CA LEU A 85 -1.50 11.65 34.29
C LEU A 85 -0.22 11.59 33.47
N PHE A 86 0.90 11.91 34.15
CA PHE A 86 2.22 11.85 33.56
C PHE A 86 3.05 10.70 34.16
N LEU A 87 3.57 9.82 33.32
CA LEU A 87 4.42 8.73 33.82
C LEU A 87 5.85 9.01 33.30
N ARG A 88 6.80 9.28 34.19
CA ARG A 88 8.18 9.53 33.74
C ARG A 88 8.87 8.18 33.79
N LEU A 89 9.35 7.75 32.62
CA LEU A 89 9.90 6.39 32.42
C LEU A 89 11.41 6.13 32.25
N PRO A 90 11.95 5.08 32.91
CA PRO A 90 13.39 4.83 32.73
C PRO A 90 13.69 4.32 31.31
N LYS A 91 14.96 4.43 30.87
CA LYS A 91 15.37 3.91 29.57
C LYS A 91 15.10 2.40 29.55
N PRO A 92 15.57 1.68 30.62
CA PRO A 92 15.43 0.23 30.84
C PRO A 92 14.10 -0.07 31.60
N PHE A 93 13.12 -0.64 30.91
CA PHE A 93 11.85 -0.92 31.55
C PHE A 93 11.80 -2.21 32.34
N HIS A 94 11.14 -2.19 33.50
CA HIS A 94 11.00 -3.42 34.25
C HIS A 94 9.59 -3.95 34.04
N ASP A 95 9.32 -5.04 34.71
CA ASP A 95 8.08 -5.77 34.61
C ASP A 95 6.85 -5.07 35.16
N ASN A 96 7.05 -4.19 36.13
CA ASN A 96 5.92 -3.49 36.68
C ASN A 96 5.33 -2.63 35.55
N LEU A 97 6.18 -2.11 34.67
CA LEU A 97 5.66 -1.29 33.58
C LEU A 97 4.76 -2.01 32.58
N LYS A 98 4.56 -3.31 32.75
CA LYS A 98 3.69 -4.01 31.81
C LYS A 98 2.28 -3.53 31.98
N ASP A 99 1.96 -3.02 33.17
CA ASP A 99 0.62 -2.52 33.38
C ASP A 99 0.29 -1.44 32.33
N LEU A 100 1.29 -0.66 31.91
CA LEU A 100 1.05 0.40 30.95
C LEU A 100 0.77 -0.21 29.57
N TYR A 101 1.52 -1.25 29.19
CA TYR A 101 1.32 -1.89 27.89
C TYR A 101 -0.10 -2.46 27.83
N ARG A 102 -0.51 -3.15 28.89
CA ARG A 102 -1.86 -3.73 28.89
C ARG A 102 -2.90 -2.59 28.81
N PHE A 103 -2.63 -1.50 29.51
CA PHE A 103 -3.56 -0.41 29.53
C PHE A 103 -3.66 0.27 28.16
N PHE A 104 -2.55 0.35 27.44
CA PHE A 104 -2.57 0.99 26.12
C PHE A 104 -3.17 0.07 25.08
N ALA A 105 -3.24 -1.22 25.41
CA ALA A 105 -3.82 -2.21 24.50
C ALA A 105 -5.36 -2.35 24.68
N SER A 106 -5.89 -1.78 25.76
CA SER A 106 -7.32 -1.88 26.08
C SER A 106 -8.30 -1.36 25.04
N LYS A 107 -9.38 -2.10 24.87
CA LYS A 107 -10.45 -1.66 23.95
C LYS A 107 -11.60 -0.95 24.72
N PHE A 108 -11.42 -0.74 26.03
CA PHE A 108 -12.45 -0.09 26.89
C PHE A 108 -12.62 1.34 26.42
N VAL A 109 -11.49 1.96 26.06
CA VAL A 109 -11.44 3.34 25.60
C VAL A 109 -10.70 3.49 24.28
N THR A 110 -11.06 4.53 23.55
CA THR A 110 -10.38 4.84 22.29
C THR A 110 -9.23 5.75 22.68
N PHE A 111 -8.00 5.26 22.65
CA PHE A 111 -6.83 6.08 23.04
C PHE A 111 -6.73 7.19 21.97
N VAL A 112 -6.46 8.41 22.38
CA VAL A 112 -6.55 9.52 21.44
C VAL A 112 -5.30 10.41 21.22
N GLY A 113 -5.17 11.04 20.05
CA GLY A 113 -4.00 11.89 19.80
C GLY A 113 -3.87 12.73 18.53
N VAL A 114 -2.93 13.68 18.54
CA VAL A 114 -2.66 14.54 17.36
C VAL A 114 -1.33 14.11 16.72
N GLN A 115 -1.25 14.21 15.39
CA GLN A 115 -0.03 13.81 14.65
C GLN A 115 0.65 12.63 15.33
N ILE A 116 -0.02 11.49 15.32
CA ILE A 116 0.53 10.31 15.97
C ILE A 116 1.08 9.19 15.08
N GLU A 117 1.13 9.37 13.77
CA GLU A 117 1.61 8.24 12.94
C GLU A 117 3.09 7.92 13.13
N GLU A 118 3.95 8.93 13.04
CA GLU A 118 5.33 8.60 13.26
C GLU A 118 5.25 8.07 14.71
N ASP A 119 4.45 8.67 15.59
CA ASP A 119 4.39 8.06 16.95
C ASP A 119 3.87 6.59 16.93
N LEU A 120 3.14 6.12 15.92
CA LEU A 120 2.78 4.71 16.09
C LEU A 120 3.88 3.73 15.69
N ASP A 121 4.76 4.07 14.76
CA ASP A 121 5.82 3.11 14.44
C ASP A 121 6.90 3.05 15.50
N LEU A 122 7.21 4.16 16.15
CA LEU A 122 8.27 4.12 17.16
C LEU A 122 7.78 3.22 18.30
N LEU A 123 6.53 3.39 18.71
CA LEU A 123 6.01 2.51 19.77
C LEU A 123 6.12 1.11 19.21
N ARG A 124 5.48 0.87 18.09
CA ARG A 124 5.57 -0.47 17.56
C ARG A 124 7.02 -0.99 17.47
N GLU A 125 8.01 -0.12 17.24
CA GLU A 125 9.40 -0.58 17.10
C GLU A 125 10.35 -0.78 18.33
N ASN A 126 10.84 0.33 18.87
CA ASN A 126 11.82 0.29 19.97
C ASN A 126 11.40 -0.58 21.13
N HIS A 127 10.11 -0.57 21.38
CA HIS A 127 9.58 -1.28 22.52
C HIS A 127 8.46 -2.24 22.16
N GLY A 128 8.17 -2.30 20.86
CA GLY A 128 7.10 -3.19 20.36
C GLY A 128 5.76 -2.82 20.99
N LEU A 129 5.65 -1.59 21.50
CA LEU A 129 4.43 -1.07 22.14
C LEU A 129 3.25 -0.97 21.17
N VAL A 130 2.11 -1.57 21.55
CA VAL A 130 0.87 -1.61 20.74
C VAL A 130 -0.32 -0.90 21.41
N ILE A 131 -0.82 0.18 20.81
CA ILE A 131 -1.98 0.84 21.37
C ILE A 131 -3.03 0.37 20.40
N ARG A 132 -3.87 -0.58 20.83
CA ARG A 132 -4.82 -1.07 19.86
C ARG A 132 -5.79 -0.02 19.41
N ASN A 133 -6.49 0.60 20.37
CA ASN A 133 -7.53 1.58 20.08
C ASN A 133 -6.95 2.98 19.92
N ALA A 134 -6.06 3.08 18.93
CA ALA A 134 -5.41 4.32 18.61
C ALA A 134 -6.12 4.99 17.44
N ILE A 135 -6.25 6.31 17.56
CA ILE A 135 -6.79 7.15 16.51
C ILE A 135 -5.88 8.39 16.34
N ASN A 136 -5.37 8.59 15.11
CA ASN A 136 -4.54 9.73 14.69
C ASN A 136 -5.64 10.74 14.30
N VAL A 137 -6.11 11.44 15.33
CA VAL A 137 -7.26 12.36 15.37
C VAL A 137 -7.33 13.57 14.48
N GLY A 138 -6.20 13.96 13.89
CA GLY A 138 -6.20 15.12 12.98
C GLY A 138 -6.97 14.84 11.68
N LYS A 139 -6.82 13.62 11.19
CA LYS A 139 -7.47 13.16 9.94
C LYS A 139 -8.99 13.08 10.08
N LEU A 140 -9.45 12.69 11.26
CA LEU A 140 -10.88 12.61 11.48
C LEU A 140 -11.45 14.05 11.43
N ALA A 141 -10.73 15.02 11.99
CA ALA A 141 -11.20 16.39 12.01
C ALA A 141 -11.25 16.97 10.61
N ALA A 142 -10.21 16.72 9.83
CA ALA A 142 -10.15 17.24 8.49
C ALA A 142 -11.37 16.67 7.74
N GLU A 143 -11.61 15.38 7.88
CA GLU A 143 -12.71 14.76 7.16
C GLU A 143 -14.08 15.18 7.68
N ALA A 144 -14.22 15.21 9.00
CA ALA A 144 -15.47 15.60 9.63
C ALA A 144 -15.84 16.95 9.09
N ARG A 145 -14.91 17.89 9.19
CA ARG A 145 -15.13 19.28 8.77
C ARG A 145 -15.03 19.53 7.26
N GLY A 146 -14.26 18.73 6.54
CA GLY A 146 -14.05 18.94 5.12
C GLY A 146 -12.88 19.91 4.89
N THR A 147 -12.17 20.22 5.99
CA THR A 147 -11.04 21.14 6.00
C THR A 147 -9.78 20.29 5.92
N LEU A 148 -9.09 20.40 4.80
CA LEU A 148 -7.93 19.58 4.55
C LEU A 148 -6.71 19.87 5.40
N VAL A 149 -6.43 21.16 5.64
CA VAL A 149 -5.24 21.54 6.39
C VAL A 149 -5.25 21.08 7.85
N LEU A 150 -6.40 20.66 8.37
CA LEU A 150 -6.50 20.24 9.79
C LEU A 150 -5.70 18.98 10.14
N GLU A 151 -5.53 18.10 9.15
CA GLU A 151 -4.80 16.85 9.35
C GLU A 151 -3.32 17.14 9.44
N PHE A 152 -2.92 18.40 9.17
CA PHE A 152 -1.48 18.74 9.14
C PHE A 152 -1.03 19.82 10.12
N LEU A 153 -1.80 19.96 11.18
CA LEU A 153 -1.56 20.96 12.22
C LEU A 153 -1.04 20.36 13.53
N GLY A 154 -0.20 21.14 14.24
CA GLY A 154 0.29 20.69 15.56
C GLY A 154 -0.79 20.83 16.64
N THR A 155 -0.48 20.48 17.88
CA THR A 155 -1.48 20.50 18.95
C THR A 155 -2.19 21.85 19.22
N ARG A 156 -1.40 22.90 19.41
CA ARG A 156 -1.95 24.21 19.73
C ARG A 156 -2.84 24.69 18.60
N GLU A 157 -2.30 24.61 17.37
CA GLU A 157 -3.01 25.09 16.20
C GLU A 157 -4.27 24.27 15.92
N LEU A 158 -4.20 22.94 16.03
CA LEU A 158 -5.40 22.14 15.79
C LEU A 158 -6.51 22.58 16.78
N ALA A 159 -6.21 22.51 18.09
CA ALA A 159 -7.17 22.91 19.11
C ALA A 159 -7.74 24.33 18.82
N HIS A 160 -6.97 25.17 18.12
CA HIS A 160 -7.42 26.52 17.77
C HIS A 160 -8.45 26.49 16.62
N ARG A 161 -8.18 25.63 15.63
CA ARG A 161 -9.04 25.48 14.45
C ARG A 161 -10.20 24.49 14.64
N VAL A 162 -10.45 24.07 15.87
CA VAL A 162 -11.60 23.21 16.14
C VAL A 162 -12.39 23.82 17.33
N LEU A 163 -11.72 24.69 18.10
CA LEU A 163 -12.29 25.27 19.30
C LEU A 163 -12.28 26.79 19.42
N TRP A 164 -11.61 27.48 18.49
CA TRP A 164 -11.52 28.94 18.48
C TRP A 164 -11.50 29.57 19.88
N SER A 165 -10.87 28.87 20.84
CA SER A 165 -10.77 29.38 22.22
C SER A 165 -9.54 30.25 22.43
N ASP A 166 -9.41 30.83 23.63
CA ASP A 166 -8.29 31.72 23.90
C ASP A 166 -7.08 30.85 24.26
N LEU A 167 -6.03 31.04 23.46
CA LEU A 167 -4.78 30.31 23.58
C LEU A 167 -3.63 31.27 23.94
N GLY A 168 -3.95 32.37 24.64
CA GLY A 168 -2.91 33.33 25.00
C GLY A 168 -1.88 32.72 25.96
N GLN A 169 -2.40 32.05 26.99
CA GLN A 169 -1.56 31.47 28.02
C GLN A 169 -0.67 30.44 27.36
N LEU A 170 -1.26 29.35 26.86
CA LEU A 170 -0.48 28.30 26.19
C LEU A 170 0.73 28.85 25.37
N ASP A 171 0.51 29.90 24.58
CA ASP A 171 1.58 30.47 23.73
C ASP A 171 2.69 31.16 24.51
N SER A 172 2.35 31.71 25.67
CA SER A 172 3.37 32.40 26.45
C SER A 172 4.34 31.39 27.06
N ILE A 173 3.87 30.16 27.29
CA ILE A 173 4.74 29.11 27.81
C ILE A 173 5.50 28.50 26.60
N GLU A 174 4.74 28.10 25.58
CA GLU A 174 5.35 27.49 24.40
C GLU A 174 6.45 28.38 23.80
N ALA A 175 6.24 29.70 23.80
CA ALA A 175 7.24 30.61 23.26
C ALA A 175 8.59 30.58 24.04
N LYS A 176 8.53 30.31 25.35
CA LYS A 176 9.76 30.28 26.15
C LYS A 176 10.06 28.90 26.69
N TRP A 177 9.40 27.90 26.12
CA TRP A 177 9.53 26.50 26.52
C TRP A 177 10.78 26.12 27.30
N GLU A 178 11.94 26.15 26.64
CA GLU A 178 13.20 25.84 27.30
C GLU A 178 13.26 26.57 28.67
N LYS A 179 13.27 27.91 28.61
CA LYS A 179 13.32 28.80 29.79
C LYS A 179 12.09 28.74 30.69
N ALA A 180 10.96 28.22 30.19
CA ALA A 180 9.78 28.09 31.01
C ALA A 180 10.13 27.02 32.07
N GLY A 181 9.69 27.21 33.30
CA GLY A 181 10.00 26.20 34.30
C GLY A 181 9.34 24.85 34.04
N PRO A 182 9.82 23.82 34.73
CA PRO A 182 9.22 22.49 34.52
C PRO A 182 7.73 22.52 34.82
N GLU A 183 7.36 23.19 35.92
CA GLU A 183 5.96 23.31 36.30
C GLU A 183 5.14 23.98 35.15
N GLU A 184 5.70 24.98 34.49
CA GLU A 184 4.98 25.64 33.36
C GLU A 184 4.91 24.71 32.13
N GLN A 185 5.88 23.82 31.99
CA GLN A 185 5.86 22.89 30.86
C GLN A 185 4.75 21.91 31.20
N LEU A 186 4.47 21.77 32.49
CA LEU A 186 3.39 20.86 32.96
C LEU A 186 2.02 21.43 32.51
N GLU A 187 1.68 22.58 33.08
CA GLU A 187 0.43 23.29 32.76
C GLU A 187 0.16 23.14 31.24
N ALA A 188 1.13 23.56 30.40
CA ALA A 188 1.01 23.48 28.94
C ALA A 188 0.64 22.06 28.49
N ALA A 189 1.33 21.06 29.04
CA ALA A 189 0.97 19.68 28.72
C ALA A 189 -0.43 19.31 29.26
N ALA A 190 -0.69 19.61 30.53
CA ALA A 190 -2.01 19.26 31.09
C ALA A 190 -3.02 20.03 30.26
N ILE A 191 -2.62 21.23 29.78
CA ILE A 191 -3.51 22.04 28.95
C ILE A 191 -3.76 21.47 27.55
N GLU A 192 -2.76 20.77 27.01
CA GLU A 192 -2.84 20.17 25.65
C GLU A 192 -3.89 19.07 25.57
N GLY A 193 -3.96 18.30 26.66
CA GLY A 193 -4.91 17.20 26.75
C GLY A 193 -6.39 17.62 26.80
N TRP A 194 -6.70 18.67 27.57
CA TRP A 194 -8.06 19.22 27.74
C TRP A 194 -8.56 19.75 26.39
N LEU A 195 -7.71 20.56 25.75
CA LEU A 195 -8.04 21.08 24.43
C LEU A 195 -8.34 19.94 23.44
N ILE A 196 -7.57 18.84 23.50
CA ILE A 196 -7.79 17.72 22.59
C ILE A 196 -8.91 16.84 23.16
N VAL A 197 -9.01 16.71 24.50
CA VAL A 197 -10.14 15.93 25.03
C VAL A 197 -11.43 16.57 24.43
N ASN A 198 -11.46 17.90 24.40
CA ASN A 198 -12.60 18.61 23.84
C ASN A 198 -12.76 18.39 22.35
N VAL A 199 -11.60 18.30 21.64
CA VAL A 199 -11.58 18.06 20.21
C VAL A 199 -12.29 16.76 19.88
N TRP A 200 -11.98 15.71 20.63
CA TRP A 200 -12.63 14.43 20.43
C TRP A 200 -14.11 14.51 20.82
N ASP A 201 -14.36 14.95 22.05
CA ASP A 201 -15.71 15.06 22.55
C ASP A 201 -16.55 15.69 21.44
N GLN A 202 -16.14 16.86 20.93
CA GLN A 202 -16.86 17.50 19.84
C GLN A 202 -16.97 16.55 18.64
N LEU A 203 -15.97 16.60 17.77
CA LEU A 203 -15.93 15.73 16.60
C LEU A 203 -16.65 14.39 16.77
N SER A 204 -16.52 13.78 17.95
CA SER A 204 -17.15 12.48 18.19
C SER A 204 -18.69 12.51 18.05
N ASP A 205 -19.35 13.58 18.47
CA ASP A 205 -20.80 13.60 18.27
C ASP A 205 -21.45 14.83 17.63
N GLU A 206 -20.66 15.75 17.08
CA GLU A 206 -21.24 16.94 16.41
C GLU A 206 -21.98 16.51 15.14
N SER B 1 25.05 37.19 22.14
CA SER B 1 23.64 36.73 22.01
C SER B 1 23.40 36.05 20.66
N ALA B 2 22.21 35.48 20.50
CA ALA B 2 21.83 34.85 19.23
C ALA B 2 20.89 35.80 18.53
N SER B 3 21.29 36.24 17.34
CA SER B 3 20.46 37.15 16.60
C SER B 3 20.61 36.89 15.11
N PHE B 4 19.59 37.27 14.37
CA PHE B 4 19.58 37.06 12.93
C PHE B 4 20.13 38.30 12.26
N ASP B 5 21.45 38.32 12.20
CA ASP B 5 22.16 39.46 11.65
C ASP B 5 22.94 39.23 10.37
N GLY B 6 22.45 38.34 9.51
CA GLY B 6 23.12 38.11 8.26
C GLY B 6 22.56 39.10 7.23
N PRO B 7 22.68 38.82 5.93
CA PRO B 7 22.12 39.80 5.02
C PRO B 7 20.61 39.75 5.22
N LYS B 8 20.02 40.92 5.44
CA LYS B 8 18.60 41.05 5.63
C LYS B 8 18.10 41.37 4.21
N PHE B 9 17.55 40.37 3.49
CA PHE B 9 17.09 40.62 2.13
C PHE B 9 15.66 41.19 2.12
N LYS B 10 15.36 42.01 1.12
CA LYS B 10 14.04 42.64 0.99
C LYS B 10 13.19 41.92 -0.01
N THR B 12 9.71 41.25 -2.33
CA THR B 12 8.93 41.89 -3.35
C THR B 12 7.88 42.84 -2.84
N ASP B 13 7.22 42.50 -1.73
CA ASP B 13 6.16 43.35 -1.17
C ASP B 13 6.68 44.30 -0.07
N GLY B 14 7.98 44.54 -0.05
CA GLY B 14 8.49 45.44 0.97
C GLY B 14 8.83 44.83 2.33
N SER B 15 8.26 43.67 2.70
CA SER B 15 8.65 43.09 4.00
C SER B 15 10.10 42.63 3.83
N TYR B 16 10.76 42.34 4.95
CA TYR B 16 12.16 41.91 4.93
C TYR B 16 12.38 40.62 5.66
N VAL B 17 13.09 39.68 5.03
CA VAL B 17 13.40 38.45 5.74
C VAL B 17 14.75 38.68 6.36
N GLN B 18 14.80 38.51 7.67
CA GLN B 18 16.07 38.65 8.38
C GLN B 18 16.71 37.32 8.23
N THR B 19 18.00 37.30 8.01
CA THR B 19 18.66 36.03 7.86
C THR B 19 19.72 35.75 8.90
N LYS B 20 20.20 34.51 8.87
CA LYS B 20 21.28 34.04 9.73
C LYS B 20 21.75 32.69 9.24
N THR B 21 22.96 32.66 8.69
CA THR B 21 23.58 31.41 8.21
C THR B 21 24.54 30.87 9.26
N ILE B 22 24.60 29.55 9.44
CA ILE B 22 25.49 28.97 10.47
C ILE B 22 26.26 27.75 10.03
N ASP B 23 27.54 27.71 10.38
CA ASP B 23 28.36 26.58 10.03
C ASP B 23 28.56 25.79 11.32
N VAL B 24 27.71 24.79 11.52
CA VAL B 24 27.74 24.00 12.75
C VAL B 24 28.90 23.04 12.65
N GLY B 25 29.37 22.56 13.79
CA GLY B 25 30.48 21.61 13.74
C GLY B 25 30.28 20.60 14.82
N SER B 26 31.30 20.40 15.62
CA SER B 26 31.19 19.45 16.74
C SER B 26 30.82 20.18 18.01
N SER B 27 30.93 21.50 18.03
CA SER B 27 30.64 22.22 19.26
C SER B 27 29.57 23.31 19.21
N THR B 28 29.19 23.72 18.02
CA THR B 28 28.22 24.79 17.91
C THR B 28 26.87 24.57 18.64
N ASP B 29 26.34 25.62 19.24
CA ASP B 29 25.07 25.54 19.94
C ASP B 29 23.98 26.25 19.12
N ILE B 30 23.28 25.54 18.26
CA ILE B 30 22.21 26.17 17.47
C ILE B 30 20.84 26.25 18.16
N SER B 31 20.77 25.82 19.41
CA SER B 31 19.51 25.88 20.16
C SER B 31 18.90 27.30 20.28
N PRO B 32 19.73 28.33 20.55
CA PRO B 32 19.16 29.69 20.68
C PRO B 32 18.58 30.18 19.34
N TYR B 33 19.13 29.68 18.22
CA TYR B 33 18.62 30.06 16.90
C TYR B 33 17.36 29.22 16.63
N LEU B 34 17.39 27.94 17.04
CA LEU B 34 16.22 27.08 16.88
C LEU B 34 15.07 27.58 17.79
N SER B 35 15.40 28.27 18.88
CA SER B 35 14.37 28.78 19.77
C SER B 35 13.83 30.10 19.29
N LEU B 36 14.66 30.88 18.57
CA LEU B 36 14.20 32.16 18.01
C LEU B 36 13.29 31.83 16.81
N ILE B 37 13.66 30.74 16.10
CA ILE B 37 12.88 30.25 14.97
C ILE B 37 11.47 29.76 15.45
N ARG B 38 11.44 29.00 16.55
CA ARG B 38 10.19 28.47 17.11
C ARG B 38 9.37 29.60 17.75
N GLU B 39 10.08 30.48 18.42
CA GLU B 39 9.43 31.62 19.04
C GLU B 39 8.78 32.50 17.96
N ASP B 40 9.51 32.80 16.89
CA ASP B 40 8.98 33.64 15.81
C ASP B 40 7.78 32.95 15.16
N SER B 41 7.84 31.61 15.04
CA SER B 41 6.74 30.87 14.41
C SER B 41 5.48 30.95 15.28
N ILE B 42 5.62 30.62 16.56
CA ILE B 42 4.49 30.66 17.47
C ILE B 42 3.93 32.09 17.66
N LEU B 43 4.82 33.06 17.79
CA LEU B 43 4.38 34.43 18.01
C LEU B 43 4.00 35.22 16.75
N ASN B 44 4.82 35.12 15.71
CA ASN B 44 4.59 35.90 14.47
C ASN B 44 4.25 35.15 13.18
N GLY B 45 4.42 33.82 13.17
CA GLY B 45 4.18 33.09 11.94
C GLY B 45 3.16 31.97 12.00
N ASN B 46 2.22 32.10 12.95
CA ASN B 46 1.18 31.12 13.03
C ASN B 46 1.69 29.71 13.16
N ARG B 47 2.92 29.58 13.68
CA ARG B 47 3.53 28.27 13.87
C ARG B 47 3.66 27.57 12.52
N ALA B 48 4.26 28.26 11.54
CA ALA B 48 4.51 27.69 10.21
C ALA B 48 5.99 27.61 9.90
N VAL B 49 6.74 26.67 10.50
CA VAL B 49 8.19 26.60 10.15
C VAL B 49 8.33 25.85 8.80
N ILE B 50 8.80 26.61 7.80
CA ILE B 50 9.00 26.08 6.45
C ILE B 50 10.45 25.54 6.39
N PHE B 51 10.71 24.52 5.58
CA PHE B 51 12.06 23.99 5.54
C PHE B 51 12.51 23.38 4.22
N ASP B 52 13.76 22.91 4.25
CA ASP B 52 14.40 22.23 3.13
C ASP B 52 15.69 21.55 3.67
N VAL B 53 16.12 20.46 3.03
CA VAL B 53 17.31 19.75 3.46
C VAL B 53 18.23 19.49 2.26
N TYR B 54 19.52 19.41 2.55
CA TYR B 54 20.53 19.24 1.54
C TYR B 54 21.41 18.03 1.86
N TRP B 55 21.79 17.31 0.82
CA TRP B 55 22.55 16.09 1.04
C TRP B 55 23.91 16.01 0.37
N ASP B 56 24.78 15.26 1.01
CA ASP B 56 26.09 14.95 0.46
C ASP B 56 25.72 13.60 -0.19
N VAL B 57 25.71 13.54 -1.52
CA VAL B 57 25.33 12.33 -2.25
C VAL B 57 26.34 11.18 -2.03
N GLY B 58 25.91 9.94 -2.27
CA GLY B 58 26.77 8.77 -2.03
C GLY B 58 27.12 7.72 -3.09
N PHE B 59 28.34 7.19 -2.95
CA PHE B 59 28.89 6.14 -3.82
C PHE B 59 29.43 5.01 -2.92
N THR B 66 22.72 -0.38 0.84
CA THR B 66 22.02 0.37 -0.22
C THR B 66 22.72 1.67 -0.58
N LYS B 67 22.84 1.94 -1.88
CA LYS B 67 23.53 3.15 -2.32
C LYS B 67 23.08 4.46 -1.62
N THR B 68 21.77 4.56 -1.40
CA THR B 68 21.24 5.74 -0.74
C THR B 68 21.74 5.83 0.70
N SER B 69 22.08 4.70 1.32
CA SER B 69 22.53 4.75 2.72
C SER B 69 23.68 5.73 2.95
N GLY B 70 24.61 5.80 1.99
CA GLY B 70 25.74 6.72 2.07
C GLY B 70 25.23 8.13 2.34
N TRP B 71 24.39 8.64 1.41
CA TRP B 71 23.77 9.98 1.50
C TRP B 71 23.72 10.45 2.95
N SER B 72 24.38 11.57 3.23
CA SER B 72 24.41 12.10 4.58
C SER B 72 23.89 13.51 4.57
N LEU B 73 23.05 13.86 5.56
CA LEU B 73 22.49 15.20 5.59
C LEU B 73 23.63 16.20 5.73
N SER B 74 23.71 17.12 4.77
CA SER B 74 24.79 18.10 4.77
C SER B 74 24.33 19.53 5.06
N SER B 75 23.03 19.78 4.97
CA SER B 75 22.47 21.12 5.26
C SER B 75 20.94 21.09 5.42
N VAL B 76 20.39 22.16 6.00
CA VAL B 76 18.95 22.31 6.14
C VAL B 76 18.70 23.80 6.19
N LYS B 77 17.49 24.20 5.81
CA LYS B 77 17.10 25.61 5.83
C LYS B 77 15.79 25.66 6.60
N LEU B 78 15.67 26.61 7.53
CA LEU B 78 14.46 26.75 8.32
C LEU B 78 14.00 28.20 8.15
N SER B 79 12.75 28.37 7.70
CA SER B 79 12.30 29.74 7.51
C SER B 79 11.05 30.00 8.26
N THR B 80 11.02 31.12 8.98
CA THR B 80 9.81 31.46 9.69
C THR B 80 9.34 32.83 9.22
N ARG B 81 8.30 33.32 9.87
CA ARG B 81 7.70 34.62 9.57
C ARG B 81 8.73 35.65 9.08
N ASN B 82 9.88 35.71 9.75
CA ASN B 82 10.90 36.69 9.45
C ASN B 82 12.38 36.21 9.50
N LEU B 83 12.61 34.92 9.65
CA LEU B 83 13.97 34.42 9.82
C LEU B 83 14.36 33.29 8.89
N CYS B 84 15.66 33.01 8.81
CA CYS B 84 16.16 31.88 8.01
C CYS B 84 17.43 31.41 8.67
N LEU B 85 17.37 30.21 9.27
CA LEU B 85 18.52 29.62 9.90
C LEU B 85 18.95 28.63 8.85
N PHE B 86 20.07 28.92 8.18
CA PHE B 86 20.56 28.02 7.15
C PHE B 86 21.77 27.33 7.77
N LEU B 87 21.51 26.13 8.27
CA LEU B 87 22.49 25.29 8.94
C LEU B 87 23.22 24.40 7.95
N ARG B 88 24.53 24.53 7.96
CA ARG B 88 25.43 23.75 7.10
C ARG B 88 26.00 22.71 8.05
N LEU B 89 25.80 21.43 7.74
CA LEU B 89 26.21 20.40 8.68
C LEU B 89 27.46 19.63 8.31
N PRO B 90 28.24 19.19 9.31
CA PRO B 90 29.47 18.45 9.02
C PRO B 90 29.10 17.01 8.65
N LYS B 91 30.12 16.25 8.28
CA LYS B 91 29.95 14.84 7.93
C LYS B 91 31.10 14.09 8.62
N PRO B 92 30.80 13.24 9.61
CA PRO B 92 29.45 12.96 10.10
C PRO B 92 28.96 13.97 11.17
N PHE B 93 27.74 13.76 11.67
CA PHE B 93 27.17 14.60 12.73
C PHE B 93 27.84 14.35 14.05
N HIS B 94 27.84 15.35 14.93
CA HIS B 94 28.31 15.13 16.30
C HIS B 94 27.08 15.32 17.18
N ASP B 95 27.23 15.09 18.49
CA ASP B 95 26.13 15.16 19.43
C ASP B 95 25.43 16.51 19.59
N ASN B 96 26.08 17.57 19.15
CA ASN B 96 25.49 18.88 19.31
C ASN B 96 24.21 18.98 18.46
N LEU B 97 24.05 18.02 17.55
CA LEU B 97 22.84 18.01 16.72
C LEU B 97 21.66 17.24 17.35
N LYS B 98 21.79 16.70 18.57
CA LYS B 98 20.64 16.05 19.20
C LYS B 98 19.53 17.09 19.42
N ASP B 99 19.93 18.34 19.71
CA ASP B 99 18.97 19.43 19.89
C ASP B 99 18.12 19.53 18.60
N LEU B 100 18.74 19.38 17.41
CA LEU B 100 17.95 19.46 16.15
C LEU B 100 17.04 18.24 16.02
N TYR B 101 17.46 17.12 16.63
CA TYR B 101 16.66 15.90 16.56
C TYR B 101 15.35 16.22 17.32
N ARG B 102 15.48 16.95 18.42
CA ARG B 102 14.32 17.34 19.22
C ARG B 102 13.42 18.33 18.50
N PHE B 103 14.04 19.34 17.87
CA PHE B 103 13.32 20.36 17.11
C PHE B 103 12.36 19.78 16.00
N PHE B 104 12.92 19.00 15.07
CA PHE B 104 12.13 18.43 13.98
C PHE B 104 11.04 17.44 14.40
N ALA B 105 10.87 17.22 15.71
CA ALA B 105 9.83 16.31 16.19
C ALA B 105 8.78 17.13 16.96
N SER B 106 9.16 18.33 17.36
CA SER B 106 8.21 19.18 18.14
C SER B 106 6.84 19.23 17.54
N LYS B 107 5.81 19.13 18.39
CA LYS B 107 4.44 19.25 17.89
C LYS B 107 3.98 20.69 18.10
N PHE B 108 4.92 21.60 18.33
CA PHE B 108 4.51 23.03 18.50
C PHE B 108 4.14 23.73 17.18
N VAL B 109 4.86 23.36 16.12
CA VAL B 109 4.66 23.93 14.80
C VAL B 109 4.51 22.85 13.76
N THR B 110 4.05 23.23 12.58
CA THR B 110 3.93 22.29 11.48
C THR B 110 5.16 22.52 10.61
N PHE B 111 5.81 21.44 10.20
CA PHE B 111 6.98 21.52 9.33
C PHE B 111 6.50 21.41 7.86
N VAL B 112 6.60 22.54 7.18
CA VAL B 112 6.14 22.67 5.80
C VAL B 112 7.30 22.56 4.84
N GLY B 113 7.22 21.58 3.92
CA GLY B 113 8.30 21.39 2.96
C GLY B 113 7.76 21.19 1.54
N VAL B 114 8.65 21.23 0.55
CA VAL B 114 8.24 21.00 -0.86
C VAL B 114 9.00 19.76 -1.35
N GLN B 115 8.27 18.81 -1.94
CA GLN B 115 8.82 17.52 -2.42
C GLN B 115 9.80 16.93 -1.37
N ILE B 116 9.27 16.44 -0.24
CA ILE B 116 10.07 15.89 0.86
C ILE B 116 9.82 14.39 1.16
N GLU B 117 9.04 13.73 0.30
CA GLU B 117 8.70 12.32 0.53
C GLU B 117 10.02 11.48 0.59
N GLU B 118 10.94 11.72 -0.35
CA GLU B 118 12.23 11.02 -0.33
C GLU B 118 13.11 11.55 0.85
N ASP B 119 13.16 12.87 1.02
CA ASP B 119 13.93 13.48 2.11
C ASP B 119 13.54 12.91 3.47
N LEU B 120 12.24 12.85 3.75
CA LEU B 120 11.78 12.35 5.03
C LEU B 120 12.24 10.93 5.17
N ASP B 121 12.15 10.16 4.10
CA ASP B 121 12.58 8.77 4.16
C ASP B 121 14.13 8.61 4.26
N LEU B 122 14.90 9.58 3.74
CA LEU B 122 16.38 9.50 3.84
C LEU B 122 16.80 9.93 5.25
N LEU B 123 16.14 10.98 5.76
CA LEU B 123 16.35 11.48 7.13
C LEU B 123 16.16 10.33 8.17
N ARG B 124 15.00 9.67 8.09
CA ARG B 124 14.67 8.58 9.01
C ARG B 124 15.65 7.41 8.82
N GLU B 125 15.83 6.97 7.57
CA GLU B 125 16.68 5.82 7.32
C GLU B 125 18.16 6.06 7.53
N ASN B 126 18.67 7.20 7.06
CA ASN B 126 20.13 7.43 7.15
C ASN B 126 20.61 8.10 8.41
N HIS B 127 19.72 8.85 9.08
CA HIS B 127 20.11 9.55 10.29
C HIS B 127 19.23 9.30 11.53
N GLY B 128 18.17 8.50 11.38
CA GLY B 128 17.27 8.27 12.50
C GLY B 128 16.57 9.56 12.93
N LEU B 129 16.51 10.57 12.05
CA LEU B 129 15.87 11.84 12.34
C LEU B 129 14.38 11.77 11.97
N VAL B 130 13.55 12.06 12.98
CA VAL B 130 12.09 12.02 12.87
C VAL B 130 11.34 13.35 12.87
N ILE B 131 10.53 13.61 11.85
CA ILE B 131 9.76 14.85 11.91
C ILE B 131 8.32 14.41 12.17
N ARG B 132 7.92 14.36 13.45
CA ARG B 132 6.59 13.82 13.76
C ARG B 132 5.45 14.56 13.13
N ASN B 133 5.62 15.86 12.91
CA ASN B 133 4.57 16.71 12.34
C ASN B 133 5.14 17.41 11.10
N ALA B 134 4.86 16.88 9.90
CA ALA B 134 5.38 17.44 8.65
C ALA B 134 4.34 17.48 7.53
N ILE B 135 4.60 18.30 6.52
CA ILE B 135 3.68 18.26 5.37
C ILE B 135 4.41 18.65 4.06
N ASN B 136 4.16 17.88 3.00
CA ASN B 136 4.71 18.09 1.63
C ASN B 136 3.59 18.99 1.04
N VAL B 137 3.75 20.32 1.13
CA VAL B 137 2.71 21.24 0.77
C VAL B 137 2.12 21.20 -0.67
N GLY B 138 2.88 20.66 -1.64
CA GLY B 138 2.36 20.57 -3.00
C GLY B 138 1.17 19.65 -3.09
N LYS B 139 1.09 18.66 -2.21
CA LYS B 139 -0.06 17.74 -2.25
C LYS B 139 -1.34 18.39 -1.63
N LEU B 140 -1.21 19.02 -0.46
CA LEU B 140 -2.36 19.70 0.17
C LEU B 140 -2.83 20.73 -0.88
N ALA B 141 -1.87 21.49 -1.46
CA ALA B 141 -2.27 22.51 -2.45
C ALA B 141 -3.11 21.95 -3.60
N ALA B 142 -2.65 20.85 -4.19
CA ALA B 142 -3.39 20.24 -5.30
C ALA B 142 -4.82 19.98 -4.89
N GLU B 143 -4.98 19.37 -3.72
CA GLU B 143 -6.32 19.05 -3.22
C GLU B 143 -7.13 20.31 -2.92
N ALA B 144 -6.53 21.31 -2.30
CA ALA B 144 -7.21 22.55 -1.93
C ALA B 144 -7.74 23.32 -3.13
N ARG B 145 -6.85 23.49 -4.10
CA ARG B 145 -7.13 24.23 -5.32
C ARG B 145 -7.88 23.40 -6.37
N GLY B 146 -7.88 22.09 -6.21
CA GLY B 146 -8.53 21.25 -7.21
C GLY B 146 -7.76 21.40 -8.51
N THR B 147 -6.42 21.54 -8.38
CA THR B 147 -5.55 21.70 -9.53
C THR B 147 -4.50 20.59 -9.44
N LEU B 148 -4.79 19.46 -10.09
CA LEU B 148 -3.92 18.29 -10.02
C LEU B 148 -2.44 18.55 -10.07
N VAL B 149 -2.04 19.46 -10.96
CA VAL B 149 -0.64 19.71 -11.18
C VAL B 149 0.17 20.31 -10.01
N LEU B 150 -0.53 20.79 -8.99
CA LEU B 150 0.15 21.38 -7.83
C LEU B 150 1.06 20.37 -7.16
N GLU B 151 0.53 19.19 -6.86
CA GLU B 151 1.31 18.16 -6.19
C GLU B 151 2.67 17.88 -6.88
N PHE B 152 2.76 18.17 -8.17
CA PHE B 152 3.95 17.84 -8.90
C PHE B 152 4.89 18.98 -9.31
N LEU B 153 5.07 19.99 -8.45
CA LEU B 153 5.98 21.08 -8.83
C LEU B 153 7.02 21.44 -7.77
N GLY B 154 8.16 21.97 -8.25
CA GLY B 154 9.20 22.40 -7.35
C GLY B 154 8.82 23.70 -6.65
N THR B 155 9.69 24.15 -5.76
CA THR B 155 9.48 25.33 -4.91
C THR B 155 9.11 26.62 -5.62
N ARG B 156 9.90 27.02 -6.60
CA ARG B 156 9.60 28.28 -7.31
C ARG B 156 8.31 28.27 -8.12
N GLU B 157 7.99 27.12 -8.69
CA GLU B 157 6.81 27.08 -9.54
C GLU B 157 5.57 26.87 -8.67
N LEU B 158 5.70 26.15 -7.56
CA LEU B 158 4.55 25.98 -6.69
C LEU B 158 4.13 27.37 -6.17
N ALA B 159 5.10 28.20 -5.75
CA ALA B 159 4.78 29.53 -5.24
C ALA B 159 4.13 30.38 -6.35
N HIS B 160 4.61 30.17 -7.57
CA HIS B 160 4.07 30.87 -8.71
C HIS B 160 2.57 30.57 -8.91
N ARG B 161 2.21 29.29 -8.95
CA ARG B 161 0.81 28.92 -9.23
C ARG B 161 -0.11 29.25 -8.05
N VAL B 162 0.43 29.27 -6.83
CA VAL B 162 -0.43 29.55 -5.66
C VAL B 162 -0.55 31.07 -5.32
N LEU B 163 0.52 31.83 -5.51
CA LEU B 163 0.56 33.27 -5.15
C LEU B 163 0.48 34.25 -6.33
N TRP B 164 1.22 33.96 -7.41
CA TRP B 164 1.28 34.80 -8.61
C TRP B 164 2.03 36.13 -8.40
N SER B 165 3.24 36.05 -7.85
CA SER B 165 4.09 37.22 -7.55
C SER B 165 5.24 37.21 -8.54
N ASP B 166 6.12 38.21 -8.46
CA ASP B 166 7.25 38.26 -9.40
C ASP B 166 8.49 37.55 -8.84
N LEU B 167 9.05 36.68 -9.67
CA LEU B 167 10.20 35.86 -9.28
C LEU B 167 11.46 36.10 -10.09
N GLY B 168 11.49 37.25 -10.79
CA GLY B 168 12.64 37.57 -11.62
C GLY B 168 13.97 37.45 -10.91
N GLN B 169 14.03 38.00 -9.70
CA GLN B 169 15.23 38.02 -8.84
C GLN B 169 15.70 36.61 -8.45
N LEU B 170 14.78 35.80 -7.95
CA LEU B 170 15.10 34.44 -7.56
C LEU B 170 15.53 33.70 -8.86
N ASP B 171 14.73 33.79 -9.93
CA ASP B 171 15.10 33.11 -11.18
C ASP B 171 16.53 33.49 -11.64
N SER B 172 16.89 34.77 -11.47
CA SER B 172 18.21 35.24 -11.90
C SER B 172 19.37 34.53 -11.21
N ILE B 173 19.21 34.28 -9.91
CA ILE B 173 20.21 33.60 -9.14
C ILE B 173 20.27 32.12 -9.52
N GLU B 174 19.13 31.46 -9.45
CA GLU B 174 19.10 30.04 -9.74
C GLU B 174 19.46 29.64 -11.18
N ALA B 175 19.15 30.48 -12.18
CA ALA B 175 19.48 30.14 -13.59
C ALA B 175 21.00 30.00 -13.72
N LYS B 176 21.74 30.78 -12.94
CA LYS B 176 23.20 30.73 -12.95
C LYS B 176 23.73 30.18 -11.62
N TRP B 177 22.97 29.28 -11.02
CA TRP B 177 23.33 28.70 -9.73
C TRP B 177 24.82 28.36 -9.52
N GLU B 178 25.42 27.66 -10.48
CA GLU B 178 26.81 27.27 -10.37
C GLU B 178 27.77 28.47 -10.30
N LYS B 179 27.33 29.63 -10.76
CA LYS B 179 28.18 30.81 -10.70
C LYS B 179 27.90 31.63 -9.44
N ALA B 180 26.65 31.59 -8.97
CA ALA B 180 26.27 32.37 -7.81
C ALA B 180 27.13 32.10 -6.57
N GLY B 181 27.55 33.17 -5.90
CA GLY B 181 28.35 33.00 -4.71
C GLY B 181 27.48 32.64 -3.51
N PRO B 182 28.09 32.42 -2.33
CA PRO B 182 27.44 32.06 -1.07
C PRO B 182 26.29 33.00 -0.68
N GLU B 183 26.56 34.31 -0.77
CA GLU B 183 25.57 35.29 -0.38
C GLU B 183 24.42 35.27 -1.39
N GLU B 184 24.72 34.96 -2.65
CA GLU B 184 23.67 34.90 -3.63
C GLU B 184 22.86 33.61 -3.39
N GLN B 185 23.54 32.53 -2.99
CA GLN B 185 22.83 31.29 -2.72
C GLN B 185 21.97 31.42 -1.49
N LEU B 186 22.49 32.10 -0.47
CA LEU B 186 21.72 32.32 0.74
C LEU B 186 20.53 33.16 0.29
N GLU B 187 20.77 34.18 -0.54
CA GLU B 187 19.67 35.02 -0.99
C GLU B 187 18.60 34.15 -1.65
N ALA B 188 19.01 33.20 -2.50
CA ALA B 188 18.05 32.29 -3.14
C ALA B 188 17.43 31.34 -2.09
N ALA B 189 18.22 30.85 -1.14
CA ALA B 189 17.62 29.97 -0.13
C ALA B 189 16.62 30.80 0.68
N ALA B 190 17.08 31.90 1.24
CA ALA B 190 16.20 32.78 2.05
C ALA B 190 14.94 33.14 1.29
N ILE B 191 15.07 33.56 0.04
CA ILE B 191 13.93 33.88 -0.78
C ILE B 191 12.92 32.73 -0.86
N GLU B 192 13.41 31.55 -1.21
CA GLU B 192 12.52 30.40 -1.33
C GLU B 192 11.74 30.19 -0.06
N GLY B 193 12.34 30.52 1.09
CA GLY B 193 11.62 30.33 2.33
C GLY B 193 10.40 31.23 2.29
N TRP B 194 10.61 32.51 2.53
CA TRP B 194 9.52 33.50 2.50
C TRP B 194 8.38 33.08 1.57
N LEU B 195 8.71 32.73 0.32
CA LEU B 195 7.71 32.26 -0.66
C LEU B 195 6.89 31.08 -0.15
N ILE B 196 7.54 30.08 0.47
CA ILE B 196 6.80 28.92 0.96
C ILE B 196 6.24 29.25 2.33
N VAL B 197 6.88 30.14 3.05
CA VAL B 197 6.28 30.50 4.32
C VAL B 197 4.93 31.12 3.89
N ASN B 198 4.93 31.93 2.83
CA ASN B 198 3.67 32.57 2.43
C ASN B 198 2.68 31.69 1.71
N VAL B 199 3.18 30.93 0.73
CA VAL B 199 2.36 30.02 -0.08
C VAL B 199 1.51 29.13 0.79
N TRP B 200 2.00 28.87 2.02
CA TRP B 200 1.34 28.05 3.04
C TRP B 200 0.38 28.90 3.80
N ASP B 201 0.93 29.98 4.34
CA ASP B 201 0.18 30.93 5.11
C ASP B 201 -1.09 31.30 4.31
N GLN B 202 -1.05 31.15 2.98
CA GLN B 202 -2.21 31.46 2.18
C GLN B 202 -3.06 30.21 2.02
N LEU B 203 -2.38 29.09 1.79
CA LEU B 203 -3.08 27.82 1.63
C LEU B 203 -3.89 27.49 2.84
N SER B 204 -3.40 27.95 3.99
CA SER B 204 -4.10 27.71 5.22
C SER B 204 -5.31 28.64 5.44
N ASP B 205 -5.70 29.46 4.47
CA ASP B 205 -6.88 30.30 4.64
C ASP B 205 -7.88 30.01 3.56
N GLU B 206 -7.40 29.56 2.40
CA GLU B 206 -8.25 29.20 1.27
C GLU B 206 -9.02 27.91 1.53
N SER C 1 33.42 29.21 -21.15
CA SER C 1 31.99 28.98 -21.48
C SER C 1 31.82 27.90 -22.56
N ALA C 2 30.61 27.35 -22.65
CA ALA C 2 30.30 26.30 -23.61
C ALA C 2 28.87 26.39 -24.20
N SER C 3 28.54 25.44 -25.08
CA SER C 3 27.22 25.40 -25.70
C SER C 3 27.05 23.96 -26.16
N PHE C 4 25.88 23.67 -26.71
CA PHE C 4 25.57 22.35 -27.22
C PHE C 4 25.94 22.38 -28.72
N ASP C 5 27.18 22.00 -29.03
CA ASP C 5 27.75 22.00 -30.40
C ASP C 5 27.55 20.71 -31.20
N GLY C 6 26.64 19.86 -30.76
CA GLY C 6 26.38 18.65 -31.52
C GLY C 6 25.40 19.04 -32.60
N PRO C 7 24.78 18.07 -33.30
CA PRO C 7 23.82 18.44 -34.35
C PRO C 7 22.56 19.10 -33.82
N LYS C 8 21.92 19.90 -34.68
CA LYS C 8 20.71 20.59 -34.30
C LYS C 8 19.59 19.97 -35.11
N PHE C 9 18.35 20.04 -34.61
CA PHE C 9 17.20 19.44 -35.29
C PHE C 9 15.92 20.29 -35.33
N LYS C 10 15.04 19.97 -36.28
CA LYS C 10 13.75 20.66 -36.45
C LYS C 10 12.55 20.12 -35.62
N THR C 12 7.90 19.64 -36.23
CA THR C 12 6.76 19.77 -37.12
C THR C 12 6.04 21.14 -37.10
N ASP C 13 5.99 21.82 -35.94
CA ASP C 13 5.33 23.15 -35.76
C ASP C 13 6.27 24.29 -36.24
N GLY C 14 7.52 23.95 -36.49
CA GLY C 14 8.47 24.93 -36.94
C GLY C 14 9.28 25.62 -35.87
N SER C 15 10.07 24.83 -35.13
CA SER C 15 11.00 25.31 -34.09
C SER C 15 12.27 24.45 -34.17
N TYR C 16 13.25 24.75 -33.33
CA TYR C 16 14.53 24.03 -33.31
C TYR C 16 15.15 23.66 -31.92
N VAL C 17 15.85 22.52 -31.86
CA VAL C 17 16.50 22.05 -30.65
C VAL C 17 18.00 21.75 -30.85
N GLN C 18 18.81 22.25 -29.93
CA GLN C 18 20.25 22.03 -29.96
C GLN C 18 20.57 20.86 -29.05
N THR C 19 21.65 20.16 -29.34
CA THR C 19 22.02 18.93 -28.61
C THR C 19 23.51 18.79 -28.32
N LYS C 20 23.82 17.82 -27.47
CA LYS C 20 25.18 17.49 -27.08
C LYS C 20 25.30 16.03 -26.65
N THR C 21 26.24 15.31 -27.27
CA THR C 21 26.43 13.95 -26.82
C THR C 21 27.74 13.88 -26.08
N ILE C 22 27.80 13.03 -25.07
CA ILE C 22 29.03 12.90 -24.36
C ILE C 22 29.35 11.46 -23.92
N ASP C 23 30.55 11.03 -24.24
CA ASP C 23 31.04 9.72 -23.85
C ASP C 23 31.68 10.04 -22.50
N VAL C 24 30.84 10.07 -21.46
CA VAL C 24 31.29 10.35 -20.09
C VAL C 24 32.30 9.29 -19.68
N GLY C 25 33.49 9.73 -19.28
CA GLY C 25 34.51 8.81 -18.81
C GLY C 25 34.75 9.12 -17.34
N SER C 26 36.01 9.08 -16.89
CA SER C 26 36.31 9.37 -15.49
C SER C 26 36.69 10.84 -15.24
N SER C 27 37.30 11.48 -16.22
CA SER C 27 37.71 12.89 -16.06
C SER C 27 36.72 13.89 -16.66
N THR C 28 35.70 13.34 -17.30
CA THR C 28 34.69 14.16 -17.95
C THR C 28 33.97 15.13 -17.00
N ASP C 29 33.85 16.39 -17.42
CA ASP C 29 33.14 17.34 -16.58
C ASP C 29 31.82 17.69 -17.25
N ILE C 30 30.72 17.11 -16.75
CA ILE C 30 29.42 17.35 -17.32
C ILE C 30 28.74 18.57 -16.71
N SER C 31 29.33 19.14 -15.66
CA SER C 31 28.69 20.26 -14.98
C SER C 31 28.33 21.45 -15.87
N PRO C 32 29.18 21.79 -16.88
CA PRO C 32 28.82 22.93 -17.74
C PRO C 32 27.52 22.69 -18.52
N TYR C 33 27.28 21.45 -18.91
CA TYR C 33 26.07 21.14 -19.68
C TYR C 33 24.80 21.08 -18.80
N LEU C 34 24.88 20.43 -17.64
CA LEU C 34 23.73 20.40 -16.76
C LEU C 34 23.34 21.86 -16.39
N SER C 35 24.33 22.73 -16.19
CA SER C 35 24.04 24.11 -15.83
C SER C 35 23.32 24.80 -16.99
N LEU C 36 23.68 24.44 -18.23
CA LEU C 36 22.97 25.02 -19.36
C LEU C 36 21.52 24.48 -19.43
N ILE C 37 21.32 23.23 -19.03
CA ILE C 37 19.98 22.63 -19.07
C ILE C 37 19.17 23.36 -18.04
N ARG C 38 19.76 23.54 -16.87
CA ARG C 38 19.08 24.21 -15.76
C ARG C 38 18.73 25.66 -16.14
N GLU C 39 19.67 26.38 -16.75
CA GLU C 39 19.38 27.76 -17.12
C GLU C 39 18.24 27.84 -18.15
N ASP C 40 18.32 27.02 -19.19
CA ASP C 40 17.24 27.06 -20.19
C ASP C 40 15.86 26.71 -19.56
N SER C 41 15.84 25.69 -18.71
CA SER C 41 14.61 25.28 -18.06
C SER C 41 14.03 26.45 -17.24
N ILE C 42 14.86 27.12 -16.46
CA ILE C 42 14.35 28.20 -15.63
C ILE C 42 13.87 29.44 -16.36
N LEU C 43 14.62 29.87 -17.37
CA LEU C 43 14.27 31.11 -18.08
C LEU C 43 13.38 30.89 -19.29
N ASN C 44 13.47 29.70 -19.91
CA ASN C 44 12.69 29.37 -21.12
C ASN C 44 11.70 28.20 -21.03
N GLY C 45 12.05 27.14 -20.31
CA GLY C 45 11.16 25.99 -20.22
C GLY C 45 10.28 25.89 -18.98
N ASN C 46 10.23 26.95 -18.17
CA ASN C 46 9.39 26.93 -16.97
C ASN C 46 9.66 25.69 -16.08
N ARG C 47 10.91 25.59 -15.68
CA ARG C 47 11.35 24.56 -14.76
C ARG C 47 10.85 23.14 -15.02
N ALA C 48 10.69 22.82 -16.30
CA ALA C 48 10.35 21.47 -16.68
C ALA C 48 11.62 20.95 -17.32
N VAL C 49 12.06 19.77 -16.90
CA VAL C 49 13.17 19.12 -17.58
C VAL C 49 12.59 17.74 -17.84
N ILE C 50 12.43 17.41 -19.12
CA ILE C 50 11.89 16.13 -19.50
C ILE C 50 13.06 15.12 -19.54
N PHE C 51 12.84 13.87 -19.16
CA PHE C 51 13.99 12.96 -19.22
C PHE C 51 13.70 11.54 -19.62
N ASP C 52 14.79 10.81 -19.85
CA ASP C 52 14.68 9.37 -20.11
C ASP C 52 16.00 8.72 -19.65
N VAL C 53 15.95 7.42 -19.37
CA VAL C 53 17.10 6.67 -18.92
C VAL C 53 17.03 5.38 -19.70
N TYR C 54 18.21 4.81 -19.98
CA TYR C 54 18.42 3.63 -20.79
C TYR C 54 19.36 2.70 -20.05
N TRP C 55 18.94 1.44 -19.99
CA TRP C 55 19.65 0.42 -19.25
C TRP C 55 20.44 -0.61 -20.09
N ASP C 56 21.49 -1.11 -19.45
CA ASP C 56 22.34 -2.19 -19.94
C ASP C 56 21.96 -3.35 -18.99
N VAL C 57 21.39 -4.44 -19.52
CA VAL C 57 21.03 -5.57 -18.64
C VAL C 57 22.27 -6.37 -18.30
N GLY C 58 22.49 -6.54 -17.00
CA GLY C 58 23.63 -7.30 -16.53
C GLY C 58 23.18 -8.47 -15.67
N PHE C 59 24.14 -9.23 -15.13
CA PHE C 59 23.78 -10.38 -14.32
C PHE C 59 24.41 -10.34 -12.93
N THR C 66 17.53 -10.35 -6.66
CA THR C 66 18.85 -9.75 -6.92
C THR C 66 19.10 -9.45 -8.42
N LYS C 67 18.55 -10.28 -9.30
CA LYS C 67 18.69 -10.18 -10.78
C LYS C 67 18.87 -8.77 -11.41
N THR C 68 18.17 -7.80 -10.83
CA THR C 68 18.22 -6.44 -11.38
C THR C 68 19.44 -5.64 -10.97
N SER C 69 20.04 -5.97 -9.83
CA SER C 69 21.20 -5.22 -9.38
C SER C 69 22.29 -5.21 -10.45
N GLY C 70 22.11 -6.03 -11.48
CA GLY C 70 23.06 -6.08 -12.58
C GLY C 70 22.74 -5.02 -13.66
N TRP C 71 21.50 -4.55 -13.74
CA TRP C 71 21.12 -3.51 -14.73
C TRP C 71 21.90 -2.23 -14.45
N SER C 72 22.55 -1.68 -15.47
CA SER C 72 23.35 -0.45 -15.29
C SER C 72 22.85 0.73 -16.15
N LEU C 73 22.77 1.93 -15.56
CA LEU C 73 22.30 3.13 -16.29
C LEU C 73 23.31 3.53 -17.39
N SER C 74 22.98 3.20 -18.63
CA SER C 74 23.85 3.45 -19.76
C SER C 74 23.68 4.81 -20.37
N SER C 75 22.45 5.30 -20.34
CA SER C 75 22.12 6.64 -20.83
C SER C 75 21.06 7.36 -20.01
N VAL C 76 20.98 8.67 -20.26
CA VAL C 76 20.04 9.58 -19.64
C VAL C 76 19.79 10.72 -20.64
N LYS C 77 18.55 11.13 -20.84
CA LYS C 77 18.25 12.30 -21.69
C LYS C 77 17.56 13.38 -20.83
N LEU C 78 17.90 14.66 -21.07
CA LEU C 78 17.30 15.75 -20.32
C LEU C 78 16.89 16.79 -21.37
N SER C 79 15.62 16.75 -21.74
CA SER C 79 15.16 17.69 -22.74
C SER C 79 14.53 18.90 -22.10
N THR C 80 14.87 20.07 -22.63
CA THR C 80 14.31 21.29 -22.15
C THR C 80 13.75 22.03 -23.35
N ARG C 81 13.46 23.29 -23.13
CA ARG C 81 12.96 24.11 -24.23
C ARG C 81 13.86 24.07 -25.49
N ASN C 82 15.16 24.23 -25.32
CA ASN C 82 16.08 24.30 -26.47
C ASN C 82 17.22 23.25 -26.56
N LEU C 83 17.30 22.32 -25.62
CA LEU C 83 18.41 21.39 -25.64
C LEU C 83 18.13 19.90 -25.43
N CYS C 84 19.08 19.08 -25.85
CA CYS C 84 19.02 17.62 -25.61
C CYS C 84 20.44 17.26 -25.19
N LEU C 85 20.54 16.61 -24.06
CA LEU C 85 21.84 16.18 -23.56
C LEU C 85 21.72 14.66 -23.45
N PHE C 86 22.62 13.95 -24.09
CA PHE C 86 22.60 12.50 -24.05
C PHE C 86 23.96 12.10 -23.54
N LEU C 87 24.01 11.64 -22.29
CA LEU C 87 25.28 11.20 -21.69
C LEU C 87 25.30 9.67 -21.75
N ARG C 88 26.45 9.09 -22.11
CA ARG C 88 26.57 7.64 -22.14
C ARG C 88 27.48 7.31 -20.97
N LEU C 89 27.04 6.43 -20.07
CA LEU C 89 27.86 6.15 -18.88
C LEU C 89 28.75 4.91 -18.84
N PRO C 90 29.83 4.97 -18.05
CA PRO C 90 30.76 3.84 -17.92
C PRO C 90 30.27 2.88 -16.83
N LYS C 91 31.07 1.89 -16.51
CA LYS C 91 30.73 0.91 -15.48
C LYS C 91 32.01 0.61 -14.70
N PRO C 92 32.11 1.08 -13.44
CA PRO C 92 31.15 1.86 -12.67
C PRO C 92 31.35 3.36 -12.85
N PHE C 93 30.49 4.17 -12.19
CA PHE C 93 30.59 5.64 -12.27
C PHE C 93 31.85 6.11 -11.57
N HIS C 94 32.18 7.36 -11.82
CA HIS C 94 33.30 8.02 -11.17
C HIS C 94 32.64 9.23 -10.48
N ASP C 95 33.40 9.91 -9.61
CA ASP C 95 32.90 11.04 -8.87
C ASP C 95 32.31 12.17 -9.70
N ASN C 96 32.81 12.36 -10.93
CA ASN C 96 32.27 13.43 -11.75
C ASN C 96 30.73 13.37 -12.05
N LEU C 97 30.07 12.23 -11.82
CA LEU C 97 28.60 12.17 -12.04
C LEU C 97 27.73 12.67 -10.84
N LYS C 98 28.40 13.01 -9.75
CA LYS C 98 27.76 13.56 -8.56
C LYS C 98 26.82 14.68 -9.04
N ASP C 99 27.32 15.58 -9.90
CA ASP C 99 26.51 16.68 -10.41
C ASP C 99 25.20 16.21 -11.08
N LEU C 100 25.19 14.99 -11.62
CA LEU C 100 23.98 14.47 -12.27
C LEU C 100 23.00 14.13 -11.13
N TYR C 101 23.51 13.44 -10.10
CA TYR C 101 22.73 13.05 -8.91
C TYR C 101 22.14 14.33 -8.29
N ARG C 102 22.98 15.36 -8.13
CA ARG C 102 22.52 16.64 -7.53
C ARG C 102 21.53 17.30 -8.47
N PHE C 103 21.81 17.15 -9.77
CA PHE C 103 20.92 17.70 -10.77
C PHE C 103 19.50 17.18 -10.55
N PHE C 104 19.34 15.86 -10.61
CA PHE C 104 18.00 15.27 -10.44
C PHE C 104 17.38 15.44 -9.04
N ALA C 105 18.17 15.96 -8.09
CA ALA C 105 17.62 16.19 -6.72
C ALA C 105 16.97 17.59 -6.64
N SER C 106 17.16 18.39 -7.67
CA SER C 106 16.61 19.74 -7.69
C SER C 106 15.07 19.79 -7.61
N LYS C 107 14.59 20.82 -6.88
CA LYS C 107 13.16 21.14 -6.70
C LYS C 107 12.95 22.49 -7.48
N PHE C 108 13.95 22.87 -8.27
CA PHE C 108 13.79 24.11 -9.05
C PHE C 108 12.98 23.75 -10.27
N VAL C 109 12.92 22.45 -10.60
CA VAL C 109 12.15 22.04 -11.77
C VAL C 109 11.31 20.80 -11.59
N THR C 110 10.15 20.75 -12.20
CA THR C 110 9.38 19.50 -12.08
C THR C 110 9.82 18.54 -13.16
N PHE C 111 10.16 17.32 -12.73
CA PHE C 111 10.61 16.30 -13.64
C PHE C 111 9.46 15.51 -14.24
N VAL C 112 9.45 15.48 -15.57
CA VAL C 112 8.40 14.85 -16.31
C VAL C 112 9.01 13.75 -17.19
N GLY C 113 8.51 12.52 -17.02
CA GLY C 113 8.97 11.37 -17.77
C GLY C 113 7.81 10.46 -18.17
N VAL C 114 8.11 9.47 -19.02
CA VAL C 114 7.15 8.48 -19.51
C VAL C 114 7.54 7.07 -19.03
N GLN C 115 6.58 6.39 -18.42
CA GLN C 115 6.78 5.04 -17.85
C GLN C 115 8.09 4.94 -17.01
N ILE C 116 8.27 5.80 -15.99
CA ILE C 116 9.50 5.75 -15.16
C ILE C 116 9.28 5.10 -13.79
N GLU C 117 8.25 4.25 -13.63
CA GLU C 117 8.05 3.62 -12.31
C GLU C 117 9.19 2.64 -12.00
N GLU C 118 9.46 1.71 -12.91
CA GLU C 118 10.58 0.79 -12.70
C GLU C 118 11.89 1.62 -12.77
N ASP C 119 11.98 2.58 -13.69
CA ASP C 119 13.20 3.41 -13.79
C ASP C 119 13.66 4.01 -12.46
N LEU C 120 12.73 4.60 -11.68
CA LEU C 120 13.09 5.25 -10.42
C LEU C 120 13.58 4.20 -9.39
N ASP C 121 12.88 3.06 -9.32
CA ASP C 121 13.29 1.99 -8.38
C ASP C 121 14.72 1.51 -8.75
N LEU C 122 14.92 1.24 -10.03
CA LEU C 122 16.22 0.79 -10.53
C LEU C 122 17.28 1.84 -10.23
N LEU C 123 16.89 3.10 -10.32
CA LEU C 123 17.85 4.17 -10.04
C LEU C 123 18.25 4.27 -8.55
N ARG C 124 17.27 4.41 -7.68
CA ARG C 124 17.55 4.50 -6.24
C ARG C 124 18.24 3.21 -5.78
N GLU C 125 17.72 2.05 -6.20
CA GLU C 125 18.24 0.76 -5.76
C GLU C 125 19.59 0.41 -6.36
N ASN C 126 19.83 0.80 -7.61
CA ASN C 126 21.10 0.47 -8.21
C ASN C 126 22.14 1.54 -8.25
N HIS C 127 21.72 2.78 -8.50
CA HIS C 127 22.65 3.90 -8.56
C HIS C 127 22.40 4.88 -7.38
N GLY C 128 21.37 4.59 -6.58
CA GLY C 128 21.07 5.45 -5.43
C GLY C 128 20.80 6.86 -5.89
N LEU C 129 20.29 7.00 -7.11
CA LEU C 129 20.00 8.33 -7.63
C LEU C 129 18.55 8.64 -7.32
N VAL C 130 18.37 9.77 -6.64
CA VAL C 130 17.07 10.27 -6.26
C VAL C 130 16.74 11.47 -7.15
N ILE C 131 15.60 11.42 -7.84
CA ILE C 131 15.18 12.58 -8.63
C ILE C 131 14.09 13.00 -7.68
N ARG C 132 14.46 13.80 -6.68
CA ARG C 132 13.49 14.15 -5.65
C ARG C 132 12.16 14.64 -6.19
N ASN C 133 12.20 15.41 -7.29
CA ASN C 133 10.97 16.00 -7.83
C ASN C 133 10.68 15.45 -9.23
N ALA C 134 9.96 14.33 -9.27
CA ALA C 134 9.65 13.68 -10.54
C ALA C 134 8.17 13.40 -10.77
N ILE C 135 7.77 13.23 -12.05
CA ILE C 135 6.41 12.86 -12.36
C ILE C 135 6.38 11.90 -13.53
N ASN C 136 5.60 10.83 -13.32
CA ASN C 136 5.35 9.76 -14.29
C ASN C 136 4.14 10.40 -15.00
N VAL C 137 4.43 11.21 -16.02
CA VAL C 137 3.42 12.04 -16.68
C VAL C 137 2.15 11.40 -17.28
N GLY C 138 2.22 10.13 -17.63
CA GLY C 138 1.03 9.48 -18.20
C GLY C 138 -0.09 9.45 -17.17
N LYS C 139 0.28 9.31 -15.90
CA LYS C 139 -0.78 9.24 -14.90
C LYS C 139 -1.45 10.60 -14.73
N LEU C 140 -0.67 11.67 -14.74
CA LEU C 140 -1.33 13.01 -14.64
C LEU C 140 -2.22 13.20 -15.88
N ALA C 141 -1.70 12.86 -17.07
CA ALA C 141 -2.46 13.00 -18.31
C ALA C 141 -3.83 12.31 -18.18
N ALA C 142 -3.81 11.06 -17.72
CA ALA C 142 -5.04 10.26 -17.56
C ALA C 142 -6.02 10.93 -16.58
N GLU C 143 -5.52 11.32 -15.42
CA GLU C 143 -6.42 11.92 -14.43
C GLU C 143 -6.96 13.24 -14.94
N ALA C 144 -6.06 14.13 -15.36
CA ALA C 144 -6.46 15.45 -15.82
C ALA C 144 -7.51 15.40 -16.90
N ARG C 145 -7.22 14.61 -17.95
CA ARG C 145 -8.13 14.52 -19.08
C ARG C 145 -9.33 13.60 -18.94
N GLY C 146 -9.37 12.79 -17.89
CA GLY C 146 -10.48 11.86 -17.69
C GLY C 146 -10.48 10.73 -18.72
N THR C 147 -9.32 10.12 -18.92
CA THR C 147 -9.19 9.05 -19.92
C THR C 147 -8.14 8.09 -19.41
N LEU C 148 -8.55 7.25 -18.47
CA LEU C 148 -7.73 6.25 -17.81
C LEU C 148 -6.69 5.65 -18.74
N VAL C 149 -7.03 5.60 -20.04
CA VAL C 149 -6.13 5.02 -21.02
C VAL C 149 -4.75 5.66 -21.20
N LEU C 150 -4.66 7.00 -21.03
CA LEU C 150 -3.38 7.72 -21.23
C LEU C 150 -2.27 7.24 -20.31
N GLU C 151 -2.66 6.80 -19.13
CA GLU C 151 -1.71 6.31 -18.13
C GLU C 151 -0.86 5.12 -18.63
N PHE C 152 -1.33 4.45 -19.69
CA PHE C 152 -0.67 3.24 -20.17
C PHE C 152 0.06 3.37 -21.51
N LEU C 153 0.39 4.60 -21.89
CA LEU C 153 1.06 4.84 -23.18
C LEU C 153 2.56 5.13 -23.01
N GLY C 154 3.29 4.77 -24.08
CA GLY C 154 4.71 5.01 -24.24
C GLY C 154 4.94 6.41 -24.80
N THR C 155 6.20 6.76 -25.00
CA THR C 155 6.58 8.12 -25.45
C THR C 155 5.88 8.65 -26.71
N ARG C 156 6.20 8.10 -27.88
CA ARG C 156 5.64 8.57 -29.14
C ARG C 156 4.12 8.42 -29.22
N GLU C 157 3.59 7.48 -28.44
CA GLU C 157 2.17 7.21 -28.50
C GLU C 157 1.47 8.16 -27.55
N LEU C 158 2.09 8.45 -26.42
CA LEU C 158 1.46 9.39 -25.48
C LEU C 158 1.45 10.78 -26.19
N ALA C 159 2.58 11.21 -26.73
CA ALA C 159 2.62 12.52 -27.45
C ALA C 159 1.60 12.57 -28.61
N HIS C 160 1.43 11.44 -29.31
CA HIS C 160 0.45 11.36 -30.38
C HIS C 160 -0.93 11.65 -29.79
N ARG C 161 -1.23 11.05 -28.64
CA ARG C 161 -2.56 11.23 -28.09
C ARG C 161 -2.84 12.53 -27.33
N VAL C 162 -1.82 13.29 -27.02
CA VAL C 162 -2.04 14.59 -26.37
C VAL C 162 -1.92 15.69 -27.46
N LEU C 163 -0.86 15.63 -28.28
CA LEU C 163 -0.59 16.68 -29.26
C LEU C 163 -1.16 16.53 -30.65
N TRP C 164 -1.47 15.30 -31.06
CA TRP C 164 -2.02 15.07 -32.39
C TRP C 164 -1.19 15.72 -33.49
N SER C 165 0.11 15.58 -33.38
CA SER C 165 0.99 16.18 -34.39
C SER C 165 1.62 15.03 -35.17
N ASP C 166 2.05 15.29 -36.40
CA ASP C 166 2.65 14.26 -37.22
C ASP C 166 3.90 13.70 -36.62
N LEU C 167 4.06 12.39 -36.71
CA LEU C 167 5.22 11.73 -36.12
C LEU C 167 6.03 10.89 -37.10
N GLY C 168 5.80 11.14 -38.39
CA GLY C 168 6.46 10.40 -39.46
C GLY C 168 7.98 10.32 -39.35
N GLN C 169 8.64 11.43 -39.03
CA GLN C 169 10.11 11.41 -38.90
C GLN C 169 10.65 10.49 -37.81
N LEU C 170 9.92 10.45 -36.68
CA LEU C 170 10.31 9.63 -35.53
C LEU C 170 9.90 8.16 -35.76
N ASP C 171 8.71 7.96 -36.34
CA ASP C 171 8.29 6.57 -36.61
C ASP C 171 9.21 5.84 -37.58
N SER C 172 9.71 6.56 -38.61
CA SER C 172 10.57 5.94 -39.60
C SER C 172 11.92 5.61 -39.01
N ILE C 173 12.37 6.40 -38.04
CA ILE C 173 13.61 6.05 -37.42
C ILE C 173 13.32 4.88 -36.45
N GLU C 174 12.31 5.04 -35.60
CA GLU C 174 12.04 4.01 -34.60
C GLU C 174 11.68 2.68 -35.21
N ALA C 175 10.95 2.70 -36.34
CA ALA C 175 10.56 1.46 -36.99
C ALA C 175 11.78 0.69 -37.52
N LYS C 176 12.88 1.38 -37.82
CA LYS C 176 14.10 0.72 -38.30
C LYS C 176 15.15 0.90 -37.21
N TRP C 177 14.71 0.90 -35.96
CA TRP C 177 15.60 1.17 -34.86
C TRP C 177 16.96 0.49 -34.88
N GLU C 178 16.95 -0.83 -35.01
CA GLU C 178 18.17 -1.60 -35.02
C GLU C 178 19.02 -1.28 -36.26
N LYS C 179 18.46 -0.53 -37.20
CA LYS C 179 19.23 -0.15 -38.39
C LYS C 179 19.70 1.29 -38.33
N ALA C 180 19.23 2.07 -37.36
CA ALA C 180 19.64 3.48 -37.28
C ALA C 180 20.99 3.70 -36.61
N GLY C 181 21.83 4.55 -37.22
CA GLY C 181 23.12 4.84 -36.64
C GLY C 181 23.00 5.76 -35.44
N PRO C 182 24.08 5.93 -34.67
CA PRO C 182 24.18 6.78 -33.47
C PRO C 182 23.56 8.17 -33.69
N GLU C 183 23.85 8.72 -34.86
CA GLU C 183 23.36 10.03 -35.23
C GLU C 183 21.84 10.04 -35.38
N GLU C 184 21.30 9.00 -36.00
CA GLU C 184 19.86 8.89 -36.18
C GLU C 184 19.23 8.44 -34.84
N GLN C 185 20.00 7.73 -34.03
CA GLN C 185 19.50 7.27 -32.73
C GLN C 185 19.32 8.52 -31.90
N LEU C 186 20.36 9.36 -31.89
CA LEU C 186 20.34 10.63 -31.16
C LEU C 186 19.23 11.55 -31.69
N GLU C 187 19.10 11.68 -33.02
CA GLU C 187 18.06 12.54 -33.57
C GLU C 187 16.75 12.02 -32.99
N ALA C 188 16.57 10.71 -33.04
CA ALA C 188 15.40 10.05 -32.52
C ALA C 188 15.04 10.55 -31.10
N ALA C 189 15.98 10.37 -30.18
CA ALA C 189 15.79 10.78 -28.79
C ALA C 189 15.90 12.29 -28.54
N ALA C 190 16.05 13.10 -29.59
CA ALA C 190 16.08 14.51 -29.27
C ALA C 190 14.67 14.91 -29.59
N ILE C 191 14.08 14.24 -30.58
CA ILE C 191 12.67 14.50 -30.97
C ILE C 191 11.69 14.17 -29.80
N GLU C 192 11.77 12.98 -29.24
CA GLU C 192 10.90 12.57 -28.14
C GLU C 192 11.03 13.57 -27.00
N GLY C 193 12.21 14.17 -26.85
CA GLY C 193 12.38 15.13 -25.78
C GLY C 193 11.42 16.29 -26.03
N TRP C 194 11.41 16.77 -27.27
CA TRP C 194 10.55 17.90 -27.67
C TRP C 194 9.09 17.58 -27.44
N LEU C 195 8.69 16.38 -27.86
CA LEU C 195 7.31 15.95 -27.68
C LEU C 195 6.89 16.02 -26.22
N ILE C 196 7.68 15.42 -25.33
CA ILE C 196 7.25 15.40 -23.93
C ILE C 196 7.39 16.79 -23.31
N VAL C 197 8.39 17.58 -23.72
CA VAL C 197 8.47 18.97 -23.21
C VAL C 197 7.07 19.50 -23.62
N ASN C 198 6.72 19.39 -24.91
CA ASN C 198 5.41 19.89 -25.37
C ASN C 198 4.23 19.27 -24.66
N VAL C 199 4.20 17.94 -24.55
CA VAL C 199 3.14 17.26 -23.80
C VAL C 199 2.93 17.98 -22.45
N TRP C 200 4.04 18.17 -21.72
CA TRP C 200 4.00 18.85 -20.44
C TRP C 200 3.50 20.31 -20.48
N ASP C 201 3.60 20.94 -21.63
CA ASP C 201 3.12 22.31 -21.74
C ASP C 201 1.62 22.28 -21.62
N GLN C 202 1.01 21.35 -22.33
CA GLN C 202 -0.44 21.19 -22.35
C GLN C 202 -1.00 20.69 -20.99
N LEU C 203 -0.19 19.96 -20.24
CA LEU C 203 -0.69 19.53 -18.94
C LEU C 203 -0.68 20.59 -17.83
N SER C 204 0.47 21.19 -17.54
CA SER C 204 0.60 22.16 -16.45
C SER C 204 -0.35 23.37 -16.45
N ASP C 205 -0.30 24.23 -17.45
CA ASP C 205 -1.23 25.34 -17.38
C ASP C 205 -2.56 24.98 -18.06
N GLU C 206 -3.13 23.83 -17.69
CA GLU C 206 -4.40 23.37 -18.27
C GLU C 206 -5.62 23.71 -17.38
N SER D 1 17.07 -15.92 -44.82
CA SER D 1 16.62 -16.83 -43.74
C SER D 1 16.20 -16.05 -42.49
N ALA D 2 15.04 -15.39 -42.59
CA ALA D 2 14.49 -14.60 -41.49
C ALA D 2 13.13 -13.99 -41.87
N SER D 3 12.07 -14.76 -41.71
CA SER D 3 10.72 -14.30 -42.02
C SER D 3 9.64 -15.05 -41.23
N PHE D 4 8.40 -14.61 -41.32
CA PHE D 4 7.31 -15.24 -40.60
C PHE D 4 6.61 -16.22 -41.54
N ASP D 5 7.29 -17.30 -41.86
CA ASP D 5 6.72 -18.25 -42.81
C ASP D 5 6.17 -19.56 -42.26
N GLY D 6 5.47 -19.47 -41.13
CA GLY D 6 4.88 -20.67 -40.54
C GLY D 6 3.39 -20.69 -40.85
N PRO D 7 2.63 -21.54 -40.15
CA PRO D 7 1.19 -21.74 -40.26
C PRO D 7 0.36 -20.43 -40.10
N LYS D 8 0.13 -19.72 -41.20
CA LYS D 8 -0.65 -18.49 -41.21
C LYS D 8 -2.09 -18.96 -40.99
N PHE D 9 -2.85 -18.27 -40.12
CA PHE D 9 -4.23 -18.66 -39.77
C PHE D 9 -5.30 -17.65 -40.13
N LYS D 10 -6.49 -18.12 -40.53
CA LYS D 10 -7.56 -17.19 -40.86
C LYS D 10 -8.29 -16.82 -39.59
N THR D 12 -11.80 -14.61 -37.75
CA THR D 12 -13.23 -14.58 -38.03
C THR D 12 -13.76 -13.27 -38.57
N ASP D 13 -12.90 -12.48 -39.24
CA ASP D 13 -13.32 -11.21 -39.85
C ASP D 13 -12.67 -11.12 -41.23
N GLY D 14 -12.10 -12.24 -41.64
CA GLY D 14 -11.46 -12.31 -42.93
C GLY D 14 -9.94 -12.20 -42.94
N SER D 15 -9.36 -11.48 -41.98
CA SER D 15 -7.90 -11.31 -41.95
C SER D 15 -7.19 -12.61 -41.63
N TYR D 16 -5.90 -12.69 -41.99
CA TYR D 16 -5.10 -13.88 -41.74
C TYR D 16 -3.86 -13.45 -40.99
N VAL D 17 -3.78 -13.80 -39.70
CA VAL D 17 -2.64 -13.49 -38.86
C VAL D 17 -1.51 -14.44 -39.24
N GLN D 18 -0.35 -13.89 -39.57
CA GLN D 18 0.80 -14.69 -39.93
C GLN D 18 1.41 -15.33 -38.68
N THR D 19 2.36 -16.24 -38.85
CA THR D 19 2.94 -16.92 -37.67
C THR D 19 4.34 -17.42 -37.82
N LYS D 20 5.11 -17.26 -36.74
CA LYS D 20 6.46 -17.76 -36.69
C LYS D 20 6.80 -18.28 -35.28
N THR D 21 7.30 -19.52 -35.22
CA THR D 21 7.73 -20.13 -33.96
C THR D 21 9.26 -20.28 -33.93
N ILE D 22 9.89 -19.94 -32.81
CA ILE D 22 11.36 -20.09 -32.70
C ILE D 22 11.83 -20.86 -31.45
N ASP D 23 12.80 -21.78 -31.63
CA ASP D 23 13.39 -22.52 -30.48
C ASP D 23 14.72 -21.83 -30.25
N VAL D 24 14.86 -21.13 -29.13
CA VAL D 24 16.08 -20.39 -28.87
C VAL D 24 17.13 -21.17 -28.10
N GLY D 25 18.18 -21.55 -28.82
CA GLY D 25 19.23 -22.28 -28.16
C GLY D 25 20.11 -21.24 -27.55
N SER D 26 21.39 -21.33 -27.89
CA SER D 26 22.37 -20.41 -27.37
C SER D 26 22.90 -19.57 -28.50
N SER D 27 22.63 -19.97 -29.74
CA SER D 27 23.11 -19.24 -30.92
C SER D 27 22.08 -18.40 -31.60
N THR D 28 20.82 -18.68 -31.30
CA THR D 28 19.68 -17.99 -31.89
C THR D 28 19.75 -16.43 -31.92
N ASP D 29 19.30 -15.84 -33.04
CA ASP D 29 19.26 -14.39 -33.18
C ASP D 29 17.79 -13.97 -33.47
N ILE D 30 17.04 -13.70 -32.39
CA ILE D 30 15.65 -13.32 -32.45
C ILE D 30 15.41 -11.83 -32.78
N SER D 31 16.48 -11.08 -33.00
CA SER D 31 16.31 -9.66 -33.27
C SER D 31 15.75 -9.27 -34.66
N PRO D 32 15.66 -10.21 -35.63
CA PRO D 32 15.12 -9.85 -36.94
C PRO D 32 13.58 -9.95 -36.90
N TYR D 33 13.09 -10.82 -36.01
CA TYR D 33 11.68 -11.08 -35.80
C TYR D 33 11.13 -10.01 -34.81
N LEU D 34 11.95 -9.59 -33.85
CA LEU D 34 11.50 -8.54 -32.94
C LEU D 34 11.37 -7.25 -33.78
N SER D 35 12.29 -7.04 -34.71
CA SER D 35 12.21 -5.83 -35.52
C SER D 35 10.96 -5.83 -36.36
N LEU D 36 10.52 -7.00 -36.83
CA LEU D 36 9.27 -7.10 -37.60
C LEU D 36 8.02 -6.96 -36.69
N ILE D 37 8.12 -7.38 -35.43
CA ILE D 37 6.96 -7.21 -34.52
C ILE D 37 6.81 -5.68 -34.25
N ARG D 38 7.92 -4.99 -33.96
CA ARG D 38 7.92 -3.54 -33.68
C ARG D 38 7.53 -2.72 -34.93
N GLU D 39 7.95 -3.22 -36.10
CA GLU D 39 7.59 -2.54 -37.33
C GLU D 39 6.07 -2.71 -37.46
N ASP D 40 5.59 -3.95 -37.36
CA ASP D 40 4.14 -4.23 -37.44
C ASP D 40 3.37 -3.30 -36.49
N SER D 41 3.76 -3.30 -35.22
CA SER D 41 3.08 -2.47 -34.20
C SER D 41 3.02 -0.94 -34.51
N ILE D 42 4.14 -0.36 -34.87
CA ILE D 42 4.22 1.08 -35.14
C ILE D 42 3.52 1.50 -36.43
N LEU D 43 3.83 0.80 -37.52
CA LEU D 43 3.23 1.15 -38.81
C LEU D 43 1.79 0.68 -38.99
N ASN D 44 1.46 -0.52 -38.51
CA ASN D 44 0.12 -1.08 -38.67
C ASN D 44 -0.69 -1.34 -37.42
N GLY D 45 -0.05 -1.38 -36.25
CA GLY D 45 -0.77 -1.70 -35.03
C GLY D 45 -0.92 -0.65 -33.94
N ASN D 46 -0.66 0.60 -34.28
CA ASN D 46 -0.78 1.69 -33.33
C ASN D 46 -0.09 1.38 -32.02
N ARG D 47 1.09 0.82 -32.20
CA ARG D 47 2.00 0.55 -31.13
C ARG D 47 1.56 -0.33 -29.96
N ALA D 48 1.00 -1.48 -30.31
CA ALA D 48 0.60 -2.48 -29.30
C ALA D 48 1.16 -3.90 -29.50
N VAL D 49 2.11 -4.34 -28.69
CA VAL D 49 2.49 -5.72 -28.84
C VAL D 49 1.71 -6.41 -27.69
N ILE D 50 0.72 -7.24 -28.04
CA ILE D 50 -0.05 -7.90 -27.02
C ILE D 50 0.75 -9.13 -26.60
N PHE D 51 0.69 -9.52 -25.33
CA PHE D 51 1.48 -10.67 -24.97
C PHE D 51 0.88 -11.65 -23.96
N ASP D 52 1.44 -12.85 -23.92
CA ASP D 52 0.99 -13.84 -22.94
C ASP D 52 2.22 -14.65 -22.66
N VAL D 53 2.34 -15.18 -21.42
CA VAL D 53 3.49 -15.97 -21.04
C VAL D 53 3.12 -17.32 -20.39
N TYR D 54 3.94 -18.33 -20.65
CA TYR D 54 3.71 -19.70 -20.21
C TYR D 54 4.92 -20.20 -19.41
N TRP D 55 4.68 -20.65 -18.18
CA TRP D 55 5.75 -21.09 -17.25
C TRP D 55 5.93 -22.58 -16.92
N ASP D 56 7.21 -22.99 -16.84
CA ASP D 56 7.63 -24.37 -16.45
C ASP D 56 7.64 -24.28 -14.93
N VAL D 57 6.75 -24.98 -14.24
CA VAL D 57 6.80 -24.86 -12.78
C VAL D 57 7.85 -25.84 -12.28
N GLY D 58 8.85 -25.30 -11.59
CA GLY D 58 9.92 -26.16 -11.07
C GLY D 58 9.99 -26.06 -9.56
N PHE D 59 10.87 -26.86 -8.95
CA PHE D 59 11.04 -26.86 -7.50
C PHE D 59 12.44 -26.37 -7.12
N THR D 66 12.31 -19.10 -0.91
CA THR D 66 11.21 -18.65 -1.80
C THR D 66 10.85 -19.72 -2.84
N LYS D 67 9.70 -20.38 -2.67
CA LYS D 67 9.30 -21.40 -3.63
C LYS D 67 9.24 -20.98 -5.13
N THR D 68 8.38 -20.02 -5.49
CA THR D 68 8.27 -19.67 -6.91
C THR D 68 9.58 -19.30 -7.59
N SER D 69 10.65 -19.13 -6.81
CA SER D 69 11.93 -18.73 -7.42
C SER D 69 12.41 -19.71 -8.49
N GLY D 70 11.95 -20.96 -8.40
CA GLY D 70 12.33 -21.97 -9.38
C GLY D 70 11.43 -22.12 -10.59
N TRP D 71 10.60 -21.12 -10.88
CA TRP D 71 9.72 -21.20 -12.08
C TRP D 71 10.57 -20.78 -13.29
N SER D 72 10.38 -21.40 -14.45
CA SER D 72 11.15 -21.03 -15.66
C SER D 72 10.19 -20.59 -16.75
N LEU D 73 10.49 -19.51 -17.48
CA LEU D 73 9.63 -19.04 -18.58
C LEU D 73 9.70 -20.11 -19.70
N SER D 74 8.55 -20.64 -20.10
CA SER D 74 8.47 -21.70 -21.18
C SER D 74 8.49 -21.03 -22.53
N SER D 75 7.50 -20.17 -22.72
CA SER D 75 7.39 -19.47 -23.97
C SER D 75 6.86 -18.07 -23.78
N VAL D 76 7.06 -17.26 -24.82
CA VAL D 76 6.65 -15.88 -24.87
C VAL D 76 5.88 -15.76 -26.18
N LYS D 77 4.71 -15.15 -26.10
CA LYS D 77 3.88 -14.90 -27.26
C LYS D 77 3.78 -13.37 -27.43
N LEU D 78 4.05 -12.88 -28.64
CA LEU D 78 4.01 -11.45 -29.03
C LEU D 78 3.17 -11.40 -30.30
N SER D 79 2.01 -10.74 -30.25
CA SER D 79 1.12 -10.69 -31.41
C SER D 79 0.88 -9.26 -31.86
N THR D 80 1.28 -8.91 -33.08
CA THR D 80 1.06 -7.53 -33.52
C THR D 80 0.03 -7.57 -34.65
N ARG D 81 -0.57 -6.44 -34.96
CA ARG D 81 -1.56 -6.38 -36.06
C ARG D 81 -1.64 -7.64 -36.97
N ASN D 82 -0.52 -7.97 -37.62
CA ASN D 82 -0.49 -9.05 -38.58
C ASN D 82 0.43 -10.21 -38.27
N LEU D 83 1.10 -10.12 -37.13
CA LEU D 83 2.05 -11.12 -36.72
C LEU D 83 1.69 -11.74 -35.37
N CYS D 84 1.76 -13.08 -35.33
CA CYS D 84 1.51 -13.83 -34.12
C CYS D 84 2.79 -14.58 -34.02
N LEU D 85 3.64 -14.17 -33.09
CA LEU D 85 4.94 -14.85 -32.95
C LEU D 85 5.06 -15.58 -31.64
N PHE D 86 5.59 -16.80 -31.71
CA PHE D 86 5.75 -17.66 -30.54
C PHE D 86 7.20 -18.10 -30.33
N LEU D 87 7.81 -17.59 -29.27
CA LEU D 87 9.16 -17.92 -28.92
C LEU D 87 9.24 -19.06 -27.86
N ARG D 88 10.06 -20.07 -28.15
CA ARG D 88 10.26 -21.15 -27.16
C ARG D 88 11.62 -20.94 -26.54
N LEU D 89 11.67 -20.96 -25.21
CA LEU D 89 12.92 -20.69 -24.52
C LEU D 89 13.55 -21.86 -23.80
N PRO D 90 14.89 -21.81 -23.68
CA PRO D 90 15.75 -22.81 -23.02
C PRO D 90 15.89 -22.47 -21.54
N LYS D 91 16.71 -23.26 -20.83
CA LYS D 91 17.01 -23.05 -19.42
C LYS D 91 18.43 -23.60 -19.22
N PRO D 92 19.40 -22.74 -18.83
CA PRO D 92 19.28 -21.31 -18.55
C PRO D 92 19.39 -20.47 -19.80
N PHE D 93 19.15 -19.17 -19.63
CA PHE D 93 19.25 -18.19 -20.71
C PHE D 93 20.72 -17.91 -21.01
N HIS D 94 21.03 -17.60 -22.26
CA HIS D 94 22.40 -17.24 -22.62
C HIS D 94 22.32 -15.77 -23.09
N ASP D 95 23.49 -15.16 -23.30
CA ASP D 95 23.59 -13.77 -23.70
C ASP D 95 22.73 -13.29 -24.85
N ASN D 96 22.45 -14.16 -25.81
CA ASN D 96 21.65 -13.75 -26.95
C ASN D 96 20.23 -13.40 -26.53
N LEU D 97 19.88 -13.68 -25.29
CA LEU D 97 18.55 -13.31 -24.85
C LEU D 97 18.49 -11.86 -24.34
N LYS D 98 19.60 -11.13 -24.37
CA LYS D 98 19.55 -9.72 -23.94
C LYS D 98 18.52 -8.95 -24.79
N ASP D 99 18.52 -9.20 -26.11
CA ASP D 99 17.58 -8.53 -27.02
C ASP D 99 16.10 -8.70 -26.61
N LEU D 100 15.75 -9.78 -25.90
CA LEU D 100 14.38 -9.91 -25.46
C LEU D 100 14.13 -8.97 -24.27
N TYR D 101 15.10 -8.85 -23.36
CA TYR D 101 14.96 -7.94 -22.21
C TYR D 101 14.84 -6.50 -22.74
N ARG D 102 15.61 -6.17 -23.79
CA ARG D 102 15.55 -4.80 -24.36
C ARG D 102 14.19 -4.48 -24.95
N PHE D 103 13.64 -5.47 -25.65
CA PHE D 103 12.34 -5.36 -26.29
C PHE D 103 11.23 -5.09 -25.27
N PHE D 104 11.10 -5.98 -24.28
CA PHE D 104 10.07 -5.78 -23.29
C PHE D 104 10.21 -4.48 -22.47
N ALA D 105 11.36 -3.84 -22.56
CA ALA D 105 11.58 -2.59 -21.82
C ALA D 105 11.29 -1.32 -22.65
N SER D 106 10.89 -1.49 -23.91
CA SER D 106 10.62 -0.29 -24.72
C SER D 106 9.29 0.39 -24.27
N LYS D 107 9.25 1.70 -24.46
CA LYS D 107 8.10 2.57 -24.18
C LYS D 107 7.44 2.93 -25.53
N PHE D 108 8.01 2.42 -26.63
CA PHE D 108 7.46 2.68 -27.98
C PHE D 108 6.09 1.99 -28.23
N VAL D 109 5.74 0.94 -27.49
CA VAL D 109 4.44 0.28 -27.67
C VAL D 109 3.83 -0.11 -26.31
N THR D 110 2.57 -0.48 -26.29
CA THR D 110 1.99 -0.92 -25.01
C THR D 110 1.76 -2.46 -24.92
N PHE D 111 2.67 -3.14 -24.20
CA PHE D 111 2.61 -4.60 -24.01
C PHE D 111 1.33 -4.98 -23.29
N VAL D 112 0.36 -5.36 -24.10
CA VAL D 112 -0.92 -5.72 -23.58
C VAL D 112 -0.99 -7.21 -23.28
N GLY D 113 -1.19 -7.52 -22.00
CA GLY D 113 -1.31 -8.91 -21.57
C GLY D 113 -2.62 -9.09 -20.81
N VAL D 114 -2.92 -10.33 -20.42
CA VAL D 114 -4.15 -10.65 -19.65
C VAL D 114 -3.65 -11.22 -18.31
N GLN D 115 -4.35 -10.92 -17.21
CA GLN D 115 -3.97 -11.37 -15.87
C GLN D 115 -2.42 -11.45 -15.77
N ILE D 116 -1.76 -10.31 -15.85
CA ILE D 116 -0.31 -10.34 -15.82
C ILE D 116 0.38 -9.81 -14.53
N GLU D 117 -0.37 -9.70 -13.44
CA GLU D 117 0.23 -9.19 -12.23
C GLU D 117 1.42 -10.08 -11.76
N GLU D 118 1.17 -11.36 -11.52
CA GLU D 118 2.20 -12.33 -11.08
C GLU D 118 3.26 -12.62 -12.14
N ASP D 119 2.88 -12.60 -13.42
CA ASP D 119 3.86 -12.82 -14.48
C ASP D 119 4.96 -11.76 -14.39
N LEU D 120 4.56 -10.48 -14.37
CA LEU D 120 5.53 -9.39 -14.33
C LEU D 120 6.39 -9.59 -13.09
N ASP D 121 5.77 -10.02 -11.98
CA ASP D 121 6.53 -10.24 -10.75
C ASP D 121 7.53 -11.40 -10.78
N LEU D 122 7.14 -12.52 -11.40
CA LEU D 122 8.01 -13.67 -11.51
C LEU D 122 9.13 -13.32 -12.52
N LEU D 123 8.77 -12.59 -13.58
CA LEU D 123 9.79 -12.16 -14.57
C LEU D 123 10.87 -11.31 -13.85
N ARG D 124 10.45 -10.38 -12.97
CA ARG D 124 11.44 -9.53 -12.27
C ARG D 124 12.26 -10.39 -11.27
N GLU D 125 11.59 -11.27 -10.53
CA GLU D 125 12.25 -12.13 -9.55
C GLU D 125 13.07 -13.30 -10.15
N ASN D 126 12.42 -14.09 -10.99
CA ASN D 126 13.03 -15.28 -11.57
C ASN D 126 13.96 -14.97 -12.73
N HIS D 127 13.77 -13.81 -13.38
CA HIS D 127 14.59 -13.53 -14.56
C HIS D 127 15.17 -12.12 -14.67
N GLY D 128 14.78 -11.25 -13.73
CA GLY D 128 15.26 -9.87 -13.78
C GLY D 128 14.71 -9.24 -15.04
N LEU D 129 13.65 -9.84 -15.56
CA LEU D 129 13.05 -9.35 -16.78
C LEU D 129 12.00 -8.29 -16.40
N VAL D 130 12.37 -7.04 -16.67
CA VAL D 130 11.59 -5.83 -16.39
C VAL D 130 10.94 -5.40 -17.69
N ILE D 131 9.66 -5.11 -17.60
CA ILE D 131 8.93 -4.61 -18.75
C ILE D 131 8.58 -3.21 -18.24
N ARG D 132 9.18 -2.17 -18.82
CA ARG D 132 8.88 -0.85 -18.28
C ARG D 132 7.46 -0.36 -18.60
N ASN D 133 6.90 -0.83 -19.71
CA ASN D 133 5.59 -0.35 -20.13
C ASN D 133 4.59 -1.46 -20.54
N ALA D 134 3.88 -1.97 -19.55
CA ALA D 134 2.89 -3.03 -19.72
C ALA D 134 1.52 -2.60 -19.29
N ILE D 135 0.53 -3.36 -19.70
CA ILE D 135 -0.83 -3.19 -19.20
C ILE D 135 -1.52 -4.56 -19.23
N ASN D 136 -2.40 -4.79 -18.24
CA ASN D 136 -3.24 -5.97 -18.02
C ASN D 136 -4.69 -5.60 -18.48
N VAL D 137 -5.00 -6.03 -19.68
CA VAL D 137 -6.27 -5.83 -20.37
C VAL D 137 -7.59 -5.65 -19.60
N GLY D 138 -7.89 -6.60 -18.70
CA GLY D 138 -9.13 -6.54 -17.94
C GLY D 138 -9.30 -5.34 -17.04
N LYS D 139 -8.20 -4.87 -16.46
CA LYS D 139 -8.26 -3.74 -15.54
C LYS D 139 -8.53 -2.47 -16.34
N LEU D 140 -7.74 -2.18 -17.37
CA LEU D 140 -8.03 -1.01 -18.22
C LEU D 140 -9.51 -1.17 -18.57
N ALA D 141 -9.83 -2.32 -19.19
CA ALA D 141 -11.18 -2.65 -19.67
C ALA D 141 -12.27 -2.41 -18.66
N ALA D 142 -12.23 -3.11 -17.52
CA ALA D 142 -13.23 -2.94 -16.46
C ALA D 142 -13.48 -1.46 -16.13
N GLU D 143 -12.44 -0.78 -15.67
CA GLU D 143 -12.58 0.63 -15.35
C GLU D 143 -13.04 1.33 -16.60
N ALA D 144 -12.46 0.87 -17.69
CA ALA D 144 -12.75 1.43 -18.98
C ALA D 144 -14.23 1.50 -19.27
N ARG D 145 -14.95 0.42 -19.01
CA ARG D 145 -16.37 0.49 -19.35
C ARG D 145 -17.46 0.24 -18.34
N GLY D 146 -17.17 0.47 -17.06
CA GLY D 146 -18.19 0.29 -16.03
C GLY D 146 -18.71 -1.13 -15.81
N THR D 147 -17.80 -2.09 -15.65
CA THR D 147 -18.20 -3.47 -15.41
C THR D 147 -17.00 -4.11 -14.72
N LEU D 148 -17.13 -4.22 -13.40
CA LEU D 148 -16.11 -4.77 -12.51
C LEU D 148 -15.53 -6.12 -12.90
N VAL D 149 -16.42 -7.03 -13.25
CA VAL D 149 -16.05 -8.39 -13.53
C VAL D 149 -15.20 -8.60 -14.77
N LEU D 150 -14.87 -7.55 -15.54
CA LEU D 150 -14.05 -7.76 -16.76
C LEU D 150 -12.58 -7.88 -16.36
N GLU D 151 -12.25 -7.30 -15.22
CA GLU D 151 -10.89 -7.31 -14.72
C GLU D 151 -10.59 -8.74 -14.23
N PHE D 152 -11.65 -9.50 -13.97
CA PHE D 152 -11.55 -10.85 -13.40
C PHE D 152 -11.79 -11.98 -14.42
N LEU D 153 -12.01 -11.61 -15.67
CA LEU D 153 -12.24 -12.58 -16.71
C LEU D 153 -10.93 -13.14 -17.25
N GLY D 154 -11.04 -14.29 -17.91
CA GLY D 154 -9.87 -14.90 -18.52
C GLY D 154 -9.70 -14.30 -19.92
N THR D 155 -8.84 -14.90 -20.73
CA THR D 155 -8.54 -14.35 -22.03
C THR D 155 -9.68 -14.27 -23.07
N ARG D 156 -10.34 -15.41 -23.24
CA ARG D 156 -11.42 -15.56 -24.20
C ARG D 156 -12.65 -14.77 -23.74
N GLU D 157 -13.16 -15.15 -22.59
CA GLU D 157 -14.34 -14.52 -22.03
C GLU D 157 -14.25 -12.96 -22.12
N LEU D 158 -13.07 -12.36 -21.88
CA LEU D 158 -12.93 -10.90 -21.99
C LEU D 158 -13.16 -10.48 -23.47
N ALA D 159 -12.52 -11.19 -24.40
CA ALA D 159 -12.67 -10.87 -25.83
C ALA D 159 -14.16 -10.99 -26.09
N HIS D 160 -14.80 -11.92 -25.38
CA HIS D 160 -16.23 -12.13 -25.51
C HIS D 160 -17.06 -10.95 -24.94
N ARG D 161 -16.67 -10.45 -23.76
CA ARG D 161 -17.41 -9.39 -23.09
C ARG D 161 -17.18 -8.03 -23.72
N VAL D 162 -15.99 -7.89 -24.31
CA VAL D 162 -15.64 -6.68 -25.00
C VAL D 162 -16.14 -6.67 -26.47
N LEU D 163 -15.81 -7.68 -27.28
CA LEU D 163 -16.18 -7.72 -28.71
C LEU D 163 -17.35 -8.61 -29.19
N TRP D 164 -17.43 -9.86 -28.69
CA TRP D 164 -18.48 -10.77 -29.11
C TRP D 164 -18.27 -11.28 -30.56
N SER D 165 -17.05 -11.62 -30.93
CA SER D 165 -16.77 -12.10 -32.26
C SER D 165 -17.08 -13.61 -32.32
N ASP D 166 -16.56 -14.31 -33.32
CA ASP D 166 -16.84 -15.74 -33.45
C ASP D 166 -15.87 -16.62 -32.69
N LEU D 167 -16.30 -17.03 -31.51
CA LEU D 167 -15.48 -17.84 -30.64
C LEU D 167 -15.75 -19.34 -30.62
N GLY D 168 -16.59 -19.81 -31.54
CA GLY D 168 -16.86 -21.24 -31.57
C GLY D 168 -15.58 -22.04 -31.80
N GLN D 169 -14.85 -21.73 -32.86
CA GLN D 169 -13.63 -22.47 -33.16
C GLN D 169 -12.67 -22.46 -31.97
N LEU D 170 -12.44 -21.28 -31.39
CA LEU D 170 -11.54 -21.15 -30.24
C LEU D 170 -12.00 -22.08 -29.11
N ASP D 171 -13.28 -22.06 -28.79
CA ASP D 171 -13.78 -22.87 -27.73
C ASP D 171 -13.59 -24.33 -28.08
N SER D 172 -13.73 -24.68 -29.37
CA SER D 172 -13.59 -26.09 -29.72
C SER D 172 -12.19 -26.56 -29.30
N ILE D 173 -11.14 -25.89 -29.76
CA ILE D 173 -9.78 -26.29 -29.39
C ILE D 173 -9.64 -26.32 -27.85
N GLU D 174 -10.07 -25.23 -27.24
CA GLU D 174 -9.98 -25.13 -25.78
C GLU D 174 -10.75 -26.16 -24.99
N ALA D 175 -11.91 -26.56 -25.51
CA ALA D 175 -12.71 -27.53 -24.78
C ALA D 175 -12.01 -28.88 -24.70
N LYS D 176 -10.95 -29.05 -25.50
CA LYS D 176 -10.22 -30.33 -25.50
C LYS D 176 -8.75 -30.05 -25.63
N TRP D 177 -8.33 -28.98 -24.95
CA TRP D 177 -6.95 -28.54 -24.97
C TRP D 177 -5.97 -29.67 -24.97
N GLU D 178 -6.30 -30.68 -24.17
CA GLU D 178 -5.46 -31.85 -23.98
C GLU D 178 -5.17 -32.69 -25.23
N LYS D 179 -6.10 -32.77 -26.17
CA LYS D 179 -5.86 -33.59 -27.36
C LYS D 179 -5.39 -32.79 -28.58
N ALA D 180 -4.87 -31.59 -28.38
CA ALA D 180 -4.44 -30.73 -29.49
C ALA D 180 -2.96 -30.75 -29.81
N GLY D 181 -2.63 -30.87 -31.09
CA GLY D 181 -1.23 -30.85 -31.50
C GLY D 181 -0.60 -29.48 -31.27
N PRO D 182 0.73 -29.38 -31.25
CA PRO D 182 1.35 -28.07 -31.01
C PRO D 182 0.89 -27.08 -32.10
N GLU D 183 0.41 -27.60 -33.21
CA GLU D 183 -0.06 -26.77 -34.31
C GLU D 183 -1.35 -26.07 -33.97
N GLU D 184 -2.31 -26.83 -33.48
CA GLU D 184 -3.60 -26.26 -33.13
C GLU D 184 -3.49 -25.37 -31.90
N GLN D 185 -2.56 -25.69 -31.03
CA GLN D 185 -2.37 -24.87 -29.85
C GLN D 185 -1.85 -23.51 -30.29
N LEU D 186 -1.15 -23.48 -31.44
CA LEU D 186 -0.62 -22.21 -32.00
C LEU D 186 -1.87 -21.39 -32.41
N GLU D 187 -2.74 -22.05 -33.16
CA GLU D 187 -4.01 -21.47 -33.60
C GLU D 187 -4.71 -20.72 -32.44
N ALA D 188 -4.95 -21.43 -31.33
CA ALA D 188 -5.57 -20.80 -30.15
C ALA D 188 -4.79 -19.53 -29.70
N ALA D 189 -3.48 -19.64 -29.60
CA ALA D 189 -2.63 -18.51 -29.20
C ALA D 189 -2.65 -17.42 -30.29
N ALA D 190 -3.03 -17.79 -31.52
CA ALA D 190 -3.09 -16.86 -32.64
C ALA D 190 -4.45 -16.09 -32.61
N ILE D 191 -5.50 -16.81 -32.28
CA ILE D 191 -6.80 -16.20 -32.13
C ILE D 191 -6.88 -15.26 -30.87
N GLU D 192 -6.46 -15.75 -29.70
CA GLU D 192 -6.50 -14.96 -28.45
C GLU D 192 -5.67 -13.68 -28.55
N GLY D 193 -4.52 -13.76 -29.22
CA GLY D 193 -3.64 -12.62 -29.40
C GLY D 193 -4.29 -11.55 -30.27
N TRP D 194 -4.83 -12.01 -31.40
CA TRP D 194 -5.54 -11.17 -32.38
C TRP D 194 -6.73 -10.52 -31.64
N LEU D 195 -7.49 -11.36 -30.93
CA LEU D 195 -8.65 -10.87 -30.16
C LEU D 195 -8.29 -9.73 -29.17
N ILE D 196 -7.19 -9.89 -28.45
CA ILE D 196 -6.79 -8.93 -27.46
C ILE D 196 -6.22 -7.64 -28.06
N VAL D 197 -5.46 -7.75 -29.15
CA VAL D 197 -4.96 -6.53 -29.83
C VAL D 197 -6.25 -5.71 -30.19
N ASN D 198 -7.26 -6.38 -30.73
CA ASN D 198 -8.52 -5.68 -31.07
C ASN D 198 -9.21 -5.16 -29.80
N VAL D 199 -9.25 -6.01 -28.75
CA VAL D 199 -9.89 -5.62 -27.49
C VAL D 199 -9.24 -4.29 -27.14
N TRP D 200 -7.93 -4.26 -27.25
CA TRP D 200 -7.22 -3.04 -26.94
C TRP D 200 -7.54 -1.87 -27.94
N ASP D 201 -7.23 -2.05 -29.23
CA ASP D 201 -7.50 -1.00 -30.18
C ASP D 201 -8.81 -0.28 -29.87
N GLN D 202 -9.79 -1.07 -29.41
CA GLN D 202 -11.09 -0.56 -29.04
C GLN D 202 -11.05 0.27 -27.76
N LEU D 203 -10.52 -0.31 -26.68
CA LEU D 203 -10.46 0.38 -25.39
C LEU D 203 -9.68 1.70 -25.39
N SER D 204 -8.54 1.72 -26.07
CA SER D 204 -7.72 2.92 -26.10
C SER D 204 -8.31 4.01 -27.00
N ASP D 205 -9.65 3.97 -27.18
CA ASP D 205 -10.41 4.95 -27.98
C ASP D 205 -11.70 5.39 -27.31
N GLU D 206 -12.02 4.70 -26.20
CA GLU D 206 -13.22 4.96 -25.39
C GLU D 206 -13.05 6.18 -24.47
N SER E 1 -13.01 -45.67 -17.30
CA SER E 1 -11.94 -45.67 -16.27
C SER E 1 -11.87 -44.35 -15.49
N ALA E 2 -11.79 -43.23 -16.23
CA ALA E 2 -11.70 -41.86 -15.69
C ALA E 2 -12.94 -41.05 -16.03
N SER E 3 -13.85 -40.99 -15.06
CA SER E 3 -15.11 -40.28 -15.18
C SER E 3 -15.50 -39.84 -13.77
N PHE E 4 -16.54 -39.02 -13.65
CA PHE E 4 -17.02 -38.57 -12.35
C PHE E 4 -18.11 -39.57 -11.89
N ASP E 5 -17.67 -40.71 -11.37
CA ASP E 5 -18.56 -41.78 -10.93
C ASP E 5 -18.84 -41.91 -9.43
N GLY E 6 -18.41 -40.94 -8.64
CA GLY E 6 -18.68 -41.03 -7.21
C GLY E 6 -20.12 -40.65 -6.94
N PRO E 7 -20.46 -40.28 -5.70
CA PRO E 7 -21.84 -39.89 -5.42
C PRO E 7 -22.32 -38.70 -6.26
N LYS E 8 -23.60 -38.73 -6.61
CA LYS E 8 -24.23 -37.66 -7.35
C LYS E 8 -25.14 -37.01 -6.31
N PHE E 9 -25.23 -35.69 -6.26
CA PHE E 9 -26.10 -35.06 -5.27
C PHE E 9 -27.11 -34.20 -5.97
N LYS E 10 -28.38 -34.36 -5.63
CA LYS E 10 -29.41 -33.59 -6.26
C LYS E 10 -29.46 -32.25 -5.55
N THR E 12 -31.02 -28.39 -4.68
CA THR E 12 -32.36 -27.96 -4.35
C THR E 12 -33.21 -27.75 -5.61
N ASP E 13 -32.57 -27.37 -6.71
CA ASP E 13 -33.30 -27.14 -7.94
C ASP E 13 -33.43 -28.40 -8.78
N GLY E 14 -33.18 -29.55 -8.17
CA GLY E 14 -33.35 -30.79 -8.90
C GLY E 14 -32.24 -31.30 -9.79
N SER E 15 -31.31 -30.43 -10.17
CA SER E 15 -30.17 -30.81 -11.00
C SER E 15 -29.24 -31.68 -10.17
N TYR E 16 -28.25 -32.31 -10.82
CA TYR E 16 -27.31 -33.17 -10.11
C TYR E 16 -25.87 -32.73 -10.28
N VAL E 17 -25.04 -33.16 -9.35
CA VAL E 17 -23.61 -32.86 -9.39
C VAL E 17 -22.85 -34.18 -9.34
N GLN E 18 -22.00 -34.43 -10.32
CA GLN E 18 -21.20 -35.65 -10.31
C GLN E 18 -19.88 -35.43 -9.56
N THR E 19 -19.65 -36.22 -8.51
CA THR E 19 -18.44 -36.05 -7.71
C THR E 19 -17.31 -36.98 -8.13
N LYS E 20 -16.17 -36.78 -7.50
CA LYS E 20 -14.98 -37.59 -7.70
C LYS E 20 -13.90 -37.23 -6.69
N THR E 21 -13.26 -38.24 -6.10
CA THR E 21 -12.18 -38.03 -5.14
C THR E 21 -10.95 -38.80 -5.52
N ILE E 22 -9.79 -38.13 -5.52
CA ILE E 22 -8.55 -38.80 -5.87
C ILE E 22 -7.47 -38.62 -4.84
N ASP E 23 -7.25 -39.66 -4.02
CA ASP E 23 -6.21 -39.59 -3.03
C ASP E 23 -4.91 -39.67 -3.85
N VAL E 24 -4.43 -38.50 -4.30
CA VAL E 24 -3.23 -38.36 -5.15
C VAL E 24 -2.06 -38.87 -4.37
N GLY E 25 -1.19 -39.66 -4.99
CA GLY E 25 -0.06 -40.15 -4.22
C GLY E 25 1.29 -39.75 -4.78
N SER E 26 2.11 -40.77 -5.01
CA SER E 26 3.43 -40.60 -5.59
C SER E 26 3.32 -40.56 -7.11
N SER E 27 2.52 -41.44 -7.66
CA SER E 27 2.41 -41.49 -9.10
C SER E 27 1.04 -41.15 -9.70
N THR E 28 0.04 -40.95 -8.85
CA THR E 28 -1.28 -40.62 -9.32
C THR E 28 -1.26 -39.58 -10.48
N ASP E 29 -2.05 -39.83 -11.52
CA ASP E 29 -2.16 -38.90 -12.65
C ASP E 29 -3.55 -38.20 -12.63
N ILE E 30 -3.63 -37.07 -11.97
CA ILE E 30 -4.90 -36.36 -11.88
C ILE E 30 -5.19 -35.60 -13.16
N SER E 31 -4.20 -35.52 -14.04
CA SER E 31 -4.40 -34.77 -15.25
C SER E 31 -5.61 -35.11 -16.14
N PRO E 32 -6.13 -36.36 -16.12
CA PRO E 32 -7.29 -36.56 -17.03
C PRO E 32 -8.56 -35.94 -16.50
N TYR E 33 -8.69 -35.91 -15.17
CA TYR E 33 -9.86 -35.32 -14.52
C TYR E 33 -9.83 -33.80 -14.71
N LEU E 34 -8.67 -33.16 -14.51
CA LEU E 34 -8.52 -31.71 -14.75
C LEU E 34 -9.09 -31.42 -16.15
N SER E 35 -8.73 -32.24 -17.14
CA SER E 35 -9.26 -31.99 -18.47
C SER E 35 -10.79 -31.96 -18.40
N LEU E 36 -11.38 -32.89 -17.65
CA LEU E 36 -12.86 -32.93 -17.50
C LEU E 36 -13.36 -31.69 -16.75
N ILE E 37 -12.55 -31.19 -15.82
CA ILE E 37 -12.96 -29.97 -15.13
C ILE E 37 -12.91 -28.77 -16.14
N ARG E 38 -11.84 -28.69 -16.94
CA ARG E 38 -11.70 -27.59 -17.87
C ARG E 38 -12.77 -27.64 -18.98
N GLU E 39 -12.92 -28.81 -19.61
CA GLU E 39 -13.91 -28.97 -20.66
C GLU E 39 -15.33 -28.48 -20.26
N ASP E 40 -15.83 -28.93 -19.11
CA ASP E 40 -17.18 -28.52 -18.63
C ASP E 40 -17.34 -27.02 -18.31
N SER E 41 -16.31 -26.39 -17.76
CA SER E 41 -16.44 -24.96 -17.43
C SER E 41 -16.42 -24.14 -18.74
N ILE E 42 -15.60 -24.55 -19.70
CA ILE E 42 -15.54 -23.86 -20.98
C ILE E 42 -16.87 -24.14 -21.76
N LEU E 43 -17.26 -25.40 -21.87
CA LEU E 43 -18.50 -25.75 -22.62
C LEU E 43 -19.80 -25.50 -21.87
N ASN E 44 -19.87 -25.88 -20.61
CA ASN E 44 -21.09 -25.72 -19.82
C ASN E 44 -21.08 -24.69 -18.69
N GLY E 45 -19.90 -24.22 -18.24
CA GLY E 45 -19.85 -23.27 -17.15
C GLY E 45 -19.41 -21.81 -17.37
N ASN E 46 -19.56 -21.27 -18.58
CA ASN E 46 -19.18 -19.89 -18.90
C ASN E 46 -17.83 -19.49 -18.30
N ARG E 47 -17.01 -20.51 -18.13
CA ARG E 47 -15.70 -20.33 -17.60
C ARG E 47 -15.60 -19.95 -16.12
N ALA E 48 -15.88 -20.90 -15.23
CA ALA E 48 -15.76 -20.68 -13.79
C ALA E 48 -15.30 -21.93 -12.97
N VAL E 49 -14.01 -22.28 -13.04
CA VAL E 49 -13.65 -23.40 -12.22
C VAL E 49 -13.67 -22.85 -10.80
N ILE E 50 -14.61 -23.30 -9.96
CA ILE E 50 -14.68 -22.83 -8.58
C ILE E 50 -13.74 -23.72 -7.75
N PHE E 51 -13.07 -23.17 -6.74
CA PHE E 51 -12.17 -24.04 -5.97
C PHE E 51 -12.15 -23.75 -4.49
N ASP E 52 -11.42 -24.60 -3.77
CA ASP E 52 -11.17 -24.41 -2.35
C ASP E 52 -9.92 -25.22 -2.03
N VAL E 53 -9.12 -24.75 -1.09
CA VAL E 53 -7.89 -25.44 -0.75
C VAL E 53 -8.03 -25.84 0.70
N TYR E 54 -7.36 -26.92 1.09
CA TYR E 54 -7.43 -27.43 2.45
C TYR E 54 -6.05 -27.61 3.06
N TRP E 55 -5.83 -26.98 4.22
CA TRP E 55 -4.58 -26.94 4.93
C TRP E 55 -4.53 -27.85 6.16
N ASP E 56 -3.33 -28.32 6.45
CA ASP E 56 -3.02 -29.08 7.64
C ASP E 56 -2.00 -28.13 8.32
N VAL E 57 -1.57 -28.42 9.55
CA VAL E 57 -0.65 -27.55 10.29
C VAL E 57 0.00 -28.14 11.52
N GLY E 58 1.31 -28.22 11.51
CA GLY E 58 1.95 -28.77 12.67
C GLY E 58 2.68 -27.69 13.41
N PHE E 59 3.04 -28.01 14.64
CA PHE E 59 3.78 -27.07 15.48
C PHE E 59 5.20 -27.66 15.75
N THR E 66 9.57 -18.65 9.85
CA THR E 66 8.42 -17.77 10.06
C THR E 66 7.25 -18.56 10.65
N LYS E 67 6.25 -17.86 11.17
CA LYS E 67 5.15 -18.55 11.81
C LYS E 67 4.06 -19.27 11.01
N THR E 68 3.66 -18.81 9.82
CA THR E 68 2.64 -19.54 9.09
C THR E 68 3.28 -20.58 8.13
N SER E 69 4.58 -20.75 8.25
CA SER E 69 5.28 -21.69 7.39
C SER E 69 4.87 -23.14 7.71
N GLY E 70 4.08 -23.32 8.77
CA GLY E 70 3.65 -24.68 9.12
C GLY E 70 2.44 -25.16 8.32
N TRP E 71 1.79 -24.25 7.58
CA TRP E 71 0.63 -24.62 6.79
C TRP E 71 0.99 -25.40 5.54
N SER E 72 0.40 -26.60 5.38
CA SER E 72 0.66 -27.49 4.24
C SER E 72 -0.55 -27.60 3.37
N LEU E 73 -0.35 -27.80 2.09
CA LEU E 73 -1.52 -27.92 1.22
C LEU E 73 -1.91 -29.41 1.22
N SER E 74 -2.80 -29.81 2.10
CA SER E 74 -3.18 -31.21 2.14
C SER E 74 -4.04 -31.63 0.96
N SER E 75 -4.90 -30.73 0.47
CA SER E 75 -5.79 -31.07 -0.67
C SER E 75 -6.44 -29.82 -1.36
N VAL E 76 -6.77 -29.97 -2.65
CA VAL E 76 -7.43 -28.96 -3.52
C VAL E 76 -8.80 -29.51 -3.92
N LYS E 77 -9.79 -28.64 -4.12
CA LYS E 77 -11.13 -29.05 -4.63
C LYS E 77 -11.36 -28.22 -5.90
N LEU E 78 -11.82 -28.84 -7.00
CA LEU E 78 -12.12 -28.08 -8.22
C LEU E 78 -13.54 -28.49 -8.60
N SER E 79 -14.47 -27.52 -8.62
CA SER E 79 -15.87 -27.85 -8.91
C SER E 79 -16.53 -26.96 -9.95
N THR E 80 -17.54 -27.54 -10.62
CA THR E 80 -18.39 -26.83 -11.59
C THR E 80 -19.87 -27.20 -11.32
N ARG E 81 -20.72 -26.82 -12.27
CA ARG E 81 -22.15 -27.09 -12.17
C ARG E 81 -22.41 -28.56 -11.87
N ASN E 82 -21.70 -29.39 -12.63
CA ASN E 82 -21.83 -30.85 -12.59
C ASN E 82 -20.53 -31.68 -12.32
N LEU E 83 -19.39 -31.07 -11.91
CA LEU E 83 -18.15 -31.85 -11.73
C LEU E 83 -17.13 -31.46 -10.64
N CYS E 84 -16.68 -32.41 -9.79
CA CYS E 84 -15.71 -32.12 -8.71
C CYS E 84 -14.58 -33.20 -8.63
N LEU E 85 -13.33 -32.75 -8.73
CA LEU E 85 -12.21 -33.67 -8.68
C LEU E 85 -11.32 -33.44 -7.47
N PHE E 86 -11.81 -33.83 -6.31
CA PHE E 86 -11.09 -33.76 -5.04
C PHE E 86 -9.64 -34.30 -5.25
N LEU E 87 -8.64 -33.72 -4.57
CA LEU E 87 -7.27 -34.18 -4.72
C LEU E 87 -6.58 -34.13 -3.38
N ARG E 88 -6.16 -35.30 -2.92
CA ARG E 88 -5.45 -35.39 -1.64
C ARG E 88 -4.00 -35.51 -2.11
N LEU E 89 -3.10 -34.82 -1.42
CA LEU E 89 -1.69 -34.74 -1.74
C LEU E 89 -0.79 -35.25 -0.62
N PRO E 90 0.51 -35.09 -0.78
CA PRO E 90 1.29 -35.60 0.32
C PRO E 90 2.21 -34.47 0.69
N LYS E 91 3.29 -34.85 1.34
CA LYS E 91 4.29 -33.92 1.77
C LYS E 91 5.59 -34.72 1.91
N PRO E 92 6.58 -34.41 1.10
CA PRO E 92 6.54 -33.35 0.07
C PRO E 92 5.76 -33.76 -1.16
N PHE E 93 5.63 -32.81 -2.09
CA PHE E 93 4.94 -33.01 -3.36
C PHE E 93 5.94 -33.57 -4.36
N HIS E 94 5.69 -34.75 -4.92
CA HIS E 94 6.60 -35.28 -5.93
C HIS E 94 6.32 -34.45 -7.16
N ASP E 95 7.20 -34.57 -8.15
CA ASP E 95 7.03 -33.81 -9.39
C ASP E 95 5.75 -34.21 -10.10
N ASN E 96 5.08 -35.22 -9.55
CA ASN E 96 3.85 -35.69 -10.13
C ASN E 96 2.74 -34.61 -10.01
N LEU E 97 2.83 -33.76 -8.99
CA LEU E 97 1.83 -32.70 -8.78
C LEU E 97 2.05 -31.42 -9.62
N LYS E 98 3.06 -31.44 -10.48
CA LYS E 98 3.31 -30.30 -11.35
C LYS E 98 2.12 -30.09 -12.28
N ASP E 99 1.27 -31.11 -12.43
CA ASP E 99 0.09 -30.99 -13.26
C ASP E 99 -0.85 -29.98 -12.56
N LEU E 100 -0.88 -29.99 -11.20
CA LEU E 100 -1.74 -29.03 -10.48
C LEU E 100 -1.23 -27.56 -10.65
N TYR E 101 0.03 -27.29 -10.30
CA TYR E 101 0.58 -25.94 -10.46
C TYR E 101 0.30 -25.46 -11.89
N ARG E 102 0.67 -26.29 -12.86
CA ARG E 102 0.47 -25.93 -14.25
C ARG E 102 -0.98 -25.60 -14.53
N PHE E 103 -1.91 -26.44 -14.04
CA PHE E 103 -3.32 -26.20 -14.27
C PHE E 103 -3.79 -24.87 -13.73
N PHE E 104 -3.60 -24.68 -12.43
CA PHE E 104 -4.02 -23.47 -11.74
C PHE E 104 -3.58 -22.18 -12.44
N ALA E 105 -2.52 -22.24 -13.26
CA ALA E 105 -2.01 -21.06 -14.01
C ALA E 105 -2.94 -20.67 -15.18
N SER E 106 -4.06 -21.38 -15.33
CA SER E 106 -4.93 -21.10 -16.47
C SER E 106 -5.50 -19.71 -16.59
N LYS E 107 -5.89 -19.36 -17.82
CA LYS E 107 -6.46 -18.06 -18.21
C LYS E 107 -7.73 -18.28 -19.08
N PHE E 108 -8.02 -19.56 -19.32
CA PHE E 108 -9.19 -20.06 -20.07
C PHE E 108 -10.50 -19.88 -19.26
N VAL E 109 -10.44 -19.97 -17.92
CA VAL E 109 -11.65 -19.76 -17.10
C VAL E 109 -11.22 -18.96 -15.87
N THR E 110 -12.17 -18.40 -15.15
CA THR E 110 -11.88 -17.59 -13.95
C THR E 110 -11.95 -18.42 -12.66
N PHE E 111 -10.82 -18.52 -11.94
CA PHE E 111 -10.80 -19.32 -10.69
C PHE E 111 -11.51 -18.49 -9.64
N VAL E 112 -12.79 -18.84 -9.43
CA VAL E 112 -13.68 -18.14 -8.51
C VAL E 112 -13.37 -18.70 -7.14
N GLY E 113 -13.10 -17.80 -6.18
CA GLY E 113 -12.83 -18.20 -4.81
C GLY E 113 -13.78 -17.46 -3.91
N VAL E 114 -13.82 -17.84 -2.64
CA VAL E 114 -14.64 -17.20 -1.60
C VAL E 114 -13.75 -17.01 -0.40
N GLN E 115 -13.72 -15.77 0.12
CA GLN E 115 -12.88 -15.43 1.28
C GLN E 115 -11.45 -15.96 1.05
N ILE E 116 -10.82 -15.48 -0.03
CA ILE E 116 -9.50 -15.95 -0.34
C ILE E 116 -8.26 -15.11 0.02
N GLU E 117 -8.38 -14.07 0.84
CA GLU E 117 -7.15 -13.31 1.17
C GLU E 117 -5.93 -14.20 1.49
N GLU E 118 -6.01 -14.93 2.58
CA GLU E 118 -4.91 -15.79 2.96
C GLU E 118 -4.76 -16.94 1.98
N ASP E 119 -5.89 -17.47 1.48
CA ASP E 119 -5.84 -18.59 0.51
C ASP E 119 -4.88 -18.29 -0.63
N LEU E 120 -4.50 -17.02 -0.75
CA LEU E 120 -3.51 -16.65 -1.74
C LEU E 120 -2.16 -16.37 -1.02
N ASP E 121 -2.16 -15.62 0.07
CA ASP E 121 -0.85 -15.43 0.69
C ASP E 121 -0.28 -16.78 1.10
N LEU E 122 -1.15 -17.61 1.70
CA LEU E 122 -0.69 -18.88 2.19
C LEU E 122 -0.02 -19.69 1.12
N LEU E 123 -0.72 -19.94 0.02
CA LEU E 123 -0.25 -20.76 -1.09
C LEU E 123 1.02 -20.20 -1.75
N ARG E 124 1.04 -18.89 -1.96
CA ARG E 124 2.20 -18.28 -2.59
C ARG E 124 3.57 -18.74 -2.07
N GLU E 125 3.94 -18.22 -0.90
CA GLU E 125 5.21 -18.48 -0.23
C GLU E 125 5.42 -19.98 0.06
N ASN E 126 4.70 -20.49 1.07
CA ASN E 126 4.81 -21.88 1.52
C ASN E 126 5.33 -22.79 0.44
N HIS E 127 4.51 -22.91 -0.61
CA HIS E 127 4.75 -23.82 -1.73
C HIS E 127 4.99 -23.13 -3.08
N GLY E 128 4.28 -22.04 -3.33
CA GLY E 128 4.40 -21.42 -4.63
C GLY E 128 3.14 -21.79 -5.39
N LEU E 129 2.01 -21.94 -4.69
CA LEU E 129 0.82 -22.23 -5.44
C LEU E 129 0.56 -20.84 -6.05
N VAL E 130 0.65 -20.76 -7.39
CA VAL E 130 0.50 -19.48 -8.10
C VAL E 130 -0.74 -19.42 -8.93
N ILE E 131 -1.75 -18.70 -8.46
CA ILE E 131 -2.93 -18.60 -9.27
C ILE E 131 -2.70 -17.25 -9.98
N ARG E 132 -3.00 -17.19 -11.28
CA ARG E 132 -2.82 -15.96 -12.09
C ARG E 132 -4.19 -15.25 -12.25
N ASN E 133 -5.25 -16.03 -12.41
CA ASN E 133 -6.58 -15.52 -12.67
C ASN E 133 -7.54 -15.98 -11.60
N ALA E 134 -7.55 -15.27 -10.49
CA ALA E 134 -8.43 -15.64 -9.38
C ALA E 134 -9.34 -14.48 -9.00
N ILE E 135 -10.44 -14.79 -8.34
CA ILE E 135 -11.31 -13.75 -7.80
C ILE E 135 -11.89 -14.15 -6.44
N ASN E 136 -11.66 -13.28 -5.45
CA ASN E 136 -12.17 -13.44 -4.11
C ASN E 136 -13.58 -12.87 -4.35
N VAL E 137 -14.49 -13.75 -4.76
CA VAL E 137 -15.81 -13.34 -5.20
C VAL E 137 -16.67 -12.41 -4.32
N GLY E 138 -16.43 -12.45 -3.00
CA GLY E 138 -17.16 -11.62 -2.07
C GLY E 138 -17.12 -10.14 -2.39
N LYS E 139 -15.93 -9.61 -2.70
CA LYS E 139 -15.83 -8.19 -2.97
C LYS E 139 -16.61 -7.80 -4.24
N LEU E 140 -16.49 -8.59 -5.30
CA LEU E 140 -17.23 -8.29 -6.51
C LEU E 140 -18.73 -8.24 -6.15
N ALA E 141 -19.17 -9.24 -5.39
CA ALA E 141 -20.59 -9.31 -5.00
C ALA E 141 -21.05 -8.03 -4.28
N ALA E 142 -20.29 -7.59 -3.28
CA ALA E 142 -20.65 -6.37 -2.54
C ALA E 142 -20.74 -5.14 -3.47
N GLU E 143 -19.79 -5.02 -4.38
CA GLU E 143 -19.76 -3.89 -5.29
C GLU E 143 -20.88 -3.97 -6.33
N ALA E 144 -21.02 -5.13 -6.98
CA ALA E 144 -22.04 -5.33 -7.99
C ALA E 144 -23.44 -5.24 -7.40
N ARG E 145 -23.70 -5.96 -6.32
CA ARG E 145 -25.03 -5.91 -5.71
C ARG E 145 -25.24 -4.67 -4.85
N GLY E 146 -24.20 -3.88 -4.67
CA GLY E 146 -24.35 -2.68 -3.83
C GLY E 146 -24.70 -3.00 -2.36
N THR E 147 -24.20 -4.12 -1.85
CA THR E 147 -24.45 -4.54 -0.46
C THR E 147 -23.08 -4.84 0.18
N LEU E 148 -22.57 -3.91 0.99
CA LEU E 148 -21.26 -4.02 1.62
C LEU E 148 -20.95 -5.39 2.24
N VAL E 149 -21.72 -5.73 3.28
CA VAL E 149 -21.48 -6.95 4.03
C VAL E 149 -21.19 -8.22 3.24
N LEU E 150 -21.46 -8.21 1.94
CA LEU E 150 -21.23 -9.41 1.15
C LEU E 150 -19.73 -9.77 1.05
N GLU E 151 -18.86 -8.78 1.16
CA GLU E 151 -17.43 -9.05 1.10
C GLU E 151 -16.93 -9.76 2.37
N PHE E 152 -17.75 -9.75 3.42
CA PHE E 152 -17.38 -10.32 4.73
C PHE E 152 -18.19 -11.56 5.16
N LEU E 153 -18.79 -12.21 4.17
CA LEU E 153 -19.60 -13.40 4.42
C LEU E 153 -18.89 -14.69 4.07
N GLY E 154 -19.30 -15.77 4.74
CA GLY E 154 -18.75 -17.09 4.45
C GLY E 154 -19.39 -17.68 3.20
N THR E 155 -19.09 -18.95 2.89
CA THR E 155 -19.61 -19.50 1.64
C THR E 155 -21.14 -19.59 1.58
N ARG E 156 -21.71 -20.14 2.63
CA ARG E 156 -23.15 -20.32 2.69
C ARG E 156 -23.94 -19.02 2.70
N GLU E 157 -23.59 -18.15 3.63
CA GLU E 157 -24.27 -16.88 3.83
C GLU E 157 -24.17 -16.02 2.59
N LEU E 158 -23.03 -16.06 1.89
CA LEU E 158 -22.92 -15.28 0.65
C LEU E 158 -23.95 -15.84 -0.35
N ALA E 159 -23.98 -17.16 -0.51
CA ALA E 159 -24.92 -17.78 -1.45
C ALA E 159 -26.36 -17.43 -1.04
N HIS E 160 -26.65 -17.58 0.24
CA HIS E 160 -27.96 -17.27 0.78
C HIS E 160 -28.30 -15.80 0.50
N ARG E 161 -27.37 -14.90 0.85
CA ARG E 161 -27.62 -13.47 0.70
C ARG E 161 -27.65 -12.93 -0.72
N VAL E 162 -27.37 -13.79 -1.70
CA VAL E 162 -27.41 -13.34 -3.11
C VAL E 162 -28.36 -14.22 -3.95
N LEU E 163 -28.56 -15.47 -3.54
CA LEU E 163 -29.43 -16.37 -4.29
C LEU E 163 -30.79 -16.59 -3.62
N TRP E 164 -30.85 -16.36 -2.30
CA TRP E 164 -32.09 -16.53 -1.54
C TRP E 164 -32.69 -17.90 -1.74
N SER E 165 -31.84 -18.90 -1.95
CA SER E 165 -32.32 -20.25 -2.14
C SER E 165 -32.35 -20.97 -0.78
N ASP E 166 -32.89 -22.18 -0.80
CA ASP E 166 -33.06 -23.05 0.37
C ASP E 166 -31.78 -23.85 0.58
N LEU E 167 -31.21 -23.74 1.79
CA LEU E 167 -29.94 -24.38 2.16
C LEU E 167 -30.18 -25.37 3.26
N GLY E 168 -31.39 -25.94 3.26
CA GLY E 168 -31.78 -26.90 4.27
C GLY E 168 -30.80 -28.02 4.50
N GLN E 169 -30.49 -28.76 3.46
CA GLN E 169 -29.55 -29.87 3.59
C GLN E 169 -28.19 -29.35 4.04
N LEU E 170 -27.85 -28.14 3.60
CA LEU E 170 -26.56 -27.57 3.96
C LEU E 170 -26.48 -27.11 5.41
N ASP E 171 -27.45 -26.33 5.86
CA ASP E 171 -27.35 -25.87 7.23
C ASP E 171 -27.32 -27.05 8.20
N SER E 172 -28.00 -28.14 7.83
CA SER E 172 -28.06 -29.30 8.72
C SER E 172 -26.74 -30.02 8.76
N ILE E 173 -26.20 -30.38 7.60
CA ILE E 173 -24.91 -31.07 7.61
C ILE E 173 -23.83 -30.25 8.32
N GLU E 174 -23.83 -28.92 8.16
CA GLU E 174 -22.74 -28.12 8.77
C GLU E 174 -22.91 -27.84 10.23
N ALA E 175 -24.16 -27.71 10.64
CA ALA E 175 -24.51 -27.47 12.03
C ALA E 175 -23.93 -28.58 12.87
N LYS E 176 -23.93 -29.81 12.35
CA LYS E 176 -23.33 -30.89 13.13
C LYS E 176 -22.13 -31.46 12.39
N TRP E 177 -21.39 -30.55 11.77
CA TRP E 177 -20.21 -30.85 10.97
C TRP E 177 -19.38 -32.03 11.45
N GLU E 178 -18.91 -31.92 12.69
CA GLU E 178 -18.05 -32.92 13.31
C GLU E 178 -18.66 -34.30 13.43
N LYS E 179 -19.97 -34.42 13.25
CA LYS E 179 -20.61 -35.73 13.33
C LYS E 179 -20.71 -36.37 11.97
N ALA E 180 -21.52 -35.77 11.09
CA ALA E 180 -21.72 -36.28 9.74
C ALA E 180 -20.40 -36.67 9.06
N GLY E 181 -20.24 -37.98 8.81
CA GLY E 181 -19.04 -38.49 8.19
C GLY E 181 -18.67 -37.81 6.87
N PRO E 182 -17.48 -38.12 6.29
CA PRO E 182 -16.92 -37.59 5.04
C PRO E 182 -17.92 -37.59 3.88
N GLU E 183 -18.89 -38.47 4.01
CA GLU E 183 -19.93 -38.67 3.04
C GLU E 183 -20.83 -37.45 2.96
N GLU E 184 -21.45 -37.05 4.06
CA GLU E 184 -22.31 -35.86 4.06
C GLU E 184 -21.51 -34.53 3.89
N GLN E 185 -20.19 -34.61 4.06
CA GLN E 185 -19.37 -33.43 3.94
C GLN E 185 -19.15 -33.21 2.45
N LEU E 186 -18.52 -34.19 1.78
CA LEU E 186 -18.30 -34.09 0.36
C LEU E 186 -19.61 -33.56 -0.23
N GLU E 187 -20.74 -33.96 0.36
CA GLU E 187 -22.03 -33.47 -0.15
C GLU E 187 -22.08 -31.95 0.04
N ALA E 188 -21.84 -31.50 1.27
CA ALA E 188 -21.82 -30.08 1.61
C ALA E 188 -20.72 -29.38 0.75
N ALA E 189 -19.58 -30.05 0.55
CA ALA E 189 -18.49 -29.51 -0.27
C ALA E 189 -18.99 -29.35 -1.68
N ALA E 190 -19.73 -30.35 -2.17
CA ALA E 190 -20.26 -30.27 -3.53
C ALA E 190 -21.40 -29.27 -3.55
N ILE E 191 -22.24 -29.24 -2.52
CA ILE E 191 -23.31 -28.24 -2.52
C ILE E 191 -22.72 -26.81 -2.62
N GLU E 192 -21.83 -26.44 -1.70
CA GLU E 192 -21.21 -25.09 -1.72
C GLU E 192 -20.60 -24.77 -3.09
N GLY E 193 -19.93 -25.76 -3.70
CA GLY E 193 -19.35 -25.53 -5.02
C GLY E 193 -20.45 -25.10 -6.01
N TRP E 194 -21.62 -25.77 -5.93
CA TRP E 194 -22.77 -25.50 -6.81
C TRP E 194 -23.36 -24.10 -6.51
N LEU E 195 -23.52 -23.80 -5.23
CA LEU E 195 -24.04 -22.48 -4.84
C LEU E 195 -23.17 -21.33 -5.40
N ILE E 196 -21.86 -21.38 -5.13
CA ILE E 196 -20.99 -20.32 -5.58
C ILE E 196 -20.96 -20.27 -7.11
N VAL E 197 -21.12 -21.43 -7.75
CA VAL E 197 -21.22 -21.49 -9.23
C VAL E 197 -22.46 -20.64 -9.58
N ASN E 198 -23.53 -20.76 -8.79
CA ASN E 198 -24.76 -20.01 -9.06
C ASN E 198 -24.56 -18.56 -8.66
N VAL E 199 -23.86 -18.32 -7.55
CA VAL E 199 -23.63 -16.93 -7.15
C VAL E 199 -22.91 -16.23 -8.30
N TRP E 200 -21.83 -16.86 -8.80
CA TRP E 200 -21.02 -16.34 -9.90
C TRP E 200 -21.82 -16.18 -11.22
N ASP E 201 -22.74 -17.10 -11.48
CA ASP E 201 -23.56 -17.03 -12.68
C ASP E 201 -24.34 -15.75 -12.69
N GLN E 202 -24.91 -15.41 -11.56
CA GLN E 202 -25.67 -14.18 -11.48
C GLN E 202 -24.76 -12.91 -11.54
N LEU E 203 -23.62 -12.92 -10.88
CA LEU E 203 -22.76 -11.73 -10.89
C LEU E 203 -22.12 -11.36 -12.24
N SER E 204 -21.71 -12.37 -13.03
CA SER E 204 -21.11 -12.06 -14.32
C SER E 204 -22.07 -11.30 -15.24
N ASP E 205 -23.28 -11.84 -15.37
CA ASP E 205 -24.33 -11.24 -16.21
C ASP E 205 -24.79 -9.82 -15.87
N GLU E 206 -24.93 -9.52 -14.58
CA GLU E 206 -25.41 -8.21 -14.14
C GLU E 206 -24.43 -7.03 -14.17
N SER F 1 -19.69 -34.97 30.11
CA SER F 1 -20.14 -34.23 28.88
C SER F 1 -19.57 -32.81 28.77
N ALA F 2 -19.66 -32.26 27.57
CA ALA F 2 -19.20 -30.91 27.26
C ALA F 2 -20.40 -29.98 27.12
N SER F 3 -20.55 -29.05 28.07
CA SER F 3 -21.65 -28.11 28.00
C SER F 3 -21.24 -26.81 28.64
N PHE F 4 -21.99 -25.74 28.36
CA PHE F 4 -21.69 -24.44 28.91
C PHE F 4 -22.20 -24.38 30.34
N ASP F 5 -21.47 -25.11 31.20
CA ASP F 5 -21.79 -25.25 32.62
C ASP F 5 -21.21 -24.16 33.54
N GLY F 6 -20.43 -23.24 32.99
CA GLY F 6 -19.93 -22.16 33.81
C GLY F 6 -21.20 -21.35 34.01
N PRO F 7 -21.16 -20.21 34.70
CA PRO F 7 -22.35 -19.36 34.93
C PRO F 7 -23.02 -18.70 33.73
N LYS F 8 -24.34 -18.42 33.84
CA LYS F 8 -25.12 -17.78 32.77
C LYS F 8 -24.96 -16.30 33.02
N PHE F 9 -25.82 -15.51 32.38
CA PHE F 9 -25.81 -14.07 32.56
C PHE F 9 -27.05 -13.51 31.91
N LYS F 10 -27.81 -12.73 32.67
CA LYS F 10 -29.03 -12.11 32.16
C LYS F 10 -28.62 -10.83 31.48
N THR F 12 -29.62 -7.31 28.82
CA THR F 12 -30.55 -6.21 28.91
C THR F 12 -32.00 -6.55 28.61
N ASP F 13 -32.27 -6.99 27.38
CA ASP F 13 -33.62 -7.33 26.97
C ASP F 13 -34.04 -8.62 27.68
N GLY F 14 -33.54 -8.82 28.89
CA GLY F 14 -33.88 -9.99 29.68
C GLY F 14 -33.42 -11.32 29.14
N SER F 15 -32.92 -11.35 27.90
CA SER F 15 -32.41 -12.59 27.32
C SER F 15 -31.21 -13.01 28.18
N TYR F 16 -30.77 -14.25 28.06
CA TYR F 16 -29.65 -14.76 28.83
C TYR F 16 -28.48 -15.18 27.93
N VAL F 17 -27.28 -15.25 28.51
CA VAL F 17 -26.10 -15.70 27.80
C VAL F 17 -25.48 -16.88 28.54
N GLN F 18 -25.21 -17.95 27.79
CA GLN F 18 -24.62 -19.16 28.34
C GLN F 18 -23.10 -19.20 28.22
N THR F 19 -22.47 -18.89 29.33
CA THR F 19 -21.02 -18.82 29.50
C THR F 19 -20.41 -20.21 29.65
N LYS F 20 -19.09 -20.26 29.50
CA LYS F 20 -18.26 -21.45 29.70
C LYS F 20 -16.81 -21.01 29.59
N THR F 21 -16.02 -21.27 30.64
CA THR F 21 -14.61 -20.90 30.70
C THR F 21 -13.74 -22.16 30.75
N ILE F 22 -12.61 -22.15 30.05
CA ILE F 22 -11.73 -23.32 30.05
C ILE F 22 -10.24 -22.95 30.18
N ASP F 23 -9.53 -23.69 31.03
CA ASP F 23 -8.09 -23.55 31.22
C ASP F 23 -7.36 -24.64 30.41
N VAL F 24 -6.76 -24.22 29.29
CA VAL F 24 -6.09 -25.13 28.38
C VAL F 24 -4.66 -25.52 28.81
N GLY F 25 -4.44 -26.83 28.97
CA GLY F 25 -3.14 -27.33 29.35
C GLY F 25 -2.40 -27.95 28.15
N SER F 26 -1.22 -28.49 28.39
CA SER F 26 -0.41 -29.04 27.29
C SER F 26 -1.09 -30.22 26.70
N SER F 27 -1.86 -30.86 27.56
CA SER F 27 -2.49 -32.06 27.17
C SER F 27 -4.05 -31.90 27.00
N THR F 28 -4.59 -30.68 27.25
CA THR F 28 -6.05 -30.40 27.11
C THR F 28 -6.67 -30.54 25.68
N ASP F 29 -7.91 -31.05 25.61
CA ASP F 29 -8.68 -31.28 24.37
C ASP F 29 -9.96 -30.43 24.41
N ILE F 30 -9.87 -29.21 23.86
CA ILE F 30 -10.97 -28.21 23.88
C ILE F 30 -11.82 -28.30 22.62
N SER F 31 -11.38 -29.15 21.70
CA SER F 31 -12.09 -29.30 20.46
C SER F 31 -13.55 -29.63 20.66
N PRO F 32 -13.95 -30.13 21.86
CA PRO F 32 -15.38 -30.39 22.00
C PRO F 32 -16.23 -29.12 22.15
N TYR F 33 -15.69 -28.11 22.83
CA TYR F 33 -16.40 -26.84 23.03
C TYR F 33 -16.27 -25.95 21.82
N LEU F 34 -15.05 -25.83 21.31
CA LEU F 34 -14.83 -25.01 20.13
C LEU F 34 -15.88 -25.45 19.12
N SER F 35 -15.85 -26.74 18.78
CA SER F 35 -16.81 -27.26 17.82
C SER F 35 -18.27 -27.20 18.39
N LEU F 36 -18.41 -26.96 19.69
CA LEU F 36 -19.78 -26.83 20.16
C LEU F 36 -20.25 -25.50 19.69
N ILE F 37 -19.31 -24.55 19.74
CA ILE F 37 -19.52 -23.17 19.39
C ILE F 37 -20.07 -23.01 17.98
N ARG F 38 -19.49 -23.72 17.02
CA ARG F 38 -19.88 -23.63 15.61
C ARG F 38 -21.34 -23.97 15.32
N GLU F 39 -21.88 -24.95 16.05
CA GLU F 39 -23.26 -25.37 15.83
C GLU F 39 -24.26 -24.25 16.20
N ASP F 40 -23.99 -23.54 17.29
CA ASP F 40 -24.90 -22.49 17.69
C ASP F 40 -24.93 -21.37 16.63
N SER F 41 -23.77 -21.10 16.01
CA SER F 41 -23.67 -20.05 14.99
C SER F 41 -24.31 -20.52 13.68
N ILE F 42 -24.17 -21.81 13.36
CA ILE F 42 -24.80 -22.30 12.13
C ILE F 42 -26.34 -22.41 12.26
N LEU F 43 -26.82 -22.91 13.38
CA LEU F 43 -28.27 -23.07 13.57
C LEU F 43 -28.99 -21.84 14.12
N ASN F 44 -28.32 -21.09 15.00
CA ASN F 44 -28.95 -19.95 15.64
C ASN F 44 -28.45 -18.56 15.31
N GLY F 45 -27.24 -18.48 14.74
CA GLY F 45 -26.69 -17.16 14.48
C GLY F 45 -26.32 -16.65 13.09
N ASN F 46 -27.01 -17.09 12.05
CA ASN F 46 -26.69 -16.60 10.70
C ASN F 46 -25.17 -16.71 10.37
N ARG F 47 -24.49 -17.69 10.97
CA ARG F 47 -23.09 -17.90 10.67
C ARG F 47 -22.15 -16.71 10.97
N ALA F 48 -22.59 -15.77 11.81
CA ALA F 48 -21.73 -14.69 12.19
C ALA F 48 -21.23 -15.00 13.56
N VAL F 49 -19.92 -15.25 13.65
CA VAL F 49 -19.24 -15.50 14.94
C VAL F 49 -18.35 -14.28 15.36
N ILE F 50 -18.72 -13.62 16.45
CA ILE F 50 -17.97 -12.46 16.96
C ILE F 50 -16.80 -12.99 17.79
N PHE F 51 -15.85 -12.15 18.20
CA PHE F 51 -14.71 -12.62 19.03
C PHE F 51 -13.76 -11.52 19.49
N ASP F 52 -13.03 -11.81 20.58
CA ASP F 52 -12.01 -10.90 21.14
C ASP F 52 -10.79 -11.73 21.59
N VAL F 53 -9.65 -11.05 21.84
CA VAL F 53 -8.41 -11.71 22.26
C VAL F 53 -7.64 -10.94 23.32
N TYR F 54 -6.80 -11.64 24.08
CA TYR F 54 -6.06 -11.04 25.16
C TYR F 54 -4.64 -11.52 25.05
N TRP F 55 -3.71 -10.60 25.32
CA TRP F 55 -2.29 -10.87 25.17
C TRP F 55 -1.51 -10.76 26.46
N ASP F 56 -0.48 -11.58 26.58
CA ASP F 56 0.42 -11.50 27.71
C ASP F 56 1.72 -10.90 27.09
N VAL F 57 2.14 -9.75 27.59
CA VAL F 57 3.36 -9.11 27.05
C VAL F 57 4.55 -9.48 27.91
N GLY F 58 5.63 -9.95 27.31
CA GLY F 58 6.80 -10.29 28.11
C GLY F 58 7.96 -9.31 27.94
N PHE F 59 8.88 -9.31 28.89
CA PHE F 59 10.05 -8.44 28.78
C PHE F 59 11.32 -9.26 28.56
N THR F 66 13.66 -7.50 18.92
CA THR F 66 12.35 -7.81 18.36
C THR F 66 11.17 -7.91 19.38
N LYS F 67 10.77 -6.78 19.97
CA LYS F 67 9.74 -6.73 21.05
C LYS F 67 8.38 -7.43 20.93
N THR F 68 7.69 -7.11 19.83
CA THR F 68 6.41 -7.70 19.50
C THR F 68 6.48 -9.25 19.64
N SER F 69 7.42 -9.87 18.92
CA SER F 69 7.63 -11.33 18.97
C SER F 69 7.43 -11.84 20.39
N GLY F 70 7.58 -10.90 21.32
CA GLY F 70 7.40 -11.17 22.73
C GLY F 70 5.94 -11.19 23.17
N TRP F 71 4.98 -10.99 22.23
CA TRP F 71 3.51 -11.04 22.55
C TRP F 71 2.95 -12.45 22.29
N SER F 72 2.42 -13.17 23.31
CA SER F 72 1.86 -14.51 23.03
C SER F 72 0.41 -14.53 23.42
N LEU F 73 -0.43 -15.16 22.61
CA LEU F 73 -1.86 -15.23 22.89
C LEU F 73 -1.97 -16.00 24.19
N SER F 74 -2.55 -15.39 25.23
CA SER F 74 -2.69 -16.07 26.53
C SER F 74 -4.15 -16.37 26.87
N SER F 75 -5.04 -16.09 25.93
CA SER F 75 -6.47 -16.32 26.12
C SER F 75 -7.28 -15.87 24.93
N VAL F 76 -8.27 -16.69 24.57
CA VAL F 76 -9.18 -16.41 23.45
C VAL F 76 -10.58 -16.38 24.00
N LYS F 77 -11.31 -15.34 23.60
CA LYS F 77 -12.69 -15.16 24.00
C LYS F 77 -13.60 -15.32 22.79
N LEU F 78 -14.62 -16.18 22.91
CA LEU F 78 -15.60 -16.41 21.82
C LEU F 78 -17.03 -16.24 22.32
N SER F 79 -17.79 -15.28 21.74
CA SER F 79 -19.15 -15.07 22.21
C SER F 79 -20.19 -14.99 21.10
N THR F 80 -21.30 -15.75 21.24
CA THR F 80 -22.41 -15.71 20.28
C THR F 80 -23.62 -15.25 21.12
N ARG F 81 -24.77 -15.00 20.50
CA ARG F 81 -25.97 -14.60 21.23
C ARG F 81 -26.20 -15.42 22.51
N ASN F 82 -26.29 -16.74 22.37
CA ASN F 82 -26.53 -17.67 23.48
C ASN F 82 -25.30 -18.14 24.28
N LEU F 83 -24.13 -18.15 23.65
CA LEU F 83 -22.94 -18.68 24.31
C LEU F 83 -21.69 -17.82 24.44
N CYS F 84 -20.81 -18.25 25.35
CA CYS F 84 -19.53 -17.58 25.56
C CYS F 84 -18.46 -18.59 25.96
N LEU F 85 -17.49 -18.81 25.07
CA LEU F 85 -16.39 -19.76 25.34
C LEU F 85 -15.09 -18.96 25.58
N PHE F 86 -14.83 -18.68 26.85
CA PHE F 86 -13.63 -17.92 27.21
C PHE F 86 -12.50 -18.92 27.39
N LEU F 87 -11.63 -19.02 26.38
CA LEU F 87 -10.51 -19.98 26.46
C LEU F 87 -9.27 -19.33 27.03
N ARG F 88 -8.88 -19.73 28.24
CA ARG F 88 -7.67 -19.15 28.82
C ARG F 88 -6.49 -20.02 28.38
N LEU F 89 -5.57 -19.43 27.62
CA LEU F 89 -4.46 -20.19 27.03
C LEU F 89 -3.11 -20.22 27.71
N PRO F 90 -2.41 -21.35 27.64
CA PRO F 90 -1.07 -21.49 28.26
C PRO F 90 0.00 -20.97 27.31
N LYS F 91 1.24 -21.05 27.72
CA LYS F 91 2.38 -20.63 26.92
C LYS F 91 3.54 -21.61 27.27
N PRO F 92 4.09 -22.34 26.30
CA PRO F 92 3.80 -22.40 24.86
C PRO F 92 2.56 -23.18 24.56
N PHE F 93 2.18 -23.18 23.29
CA PHE F 93 1.05 -23.92 22.79
C PHE F 93 1.59 -25.32 22.48
N HIS F 94 0.82 -26.37 22.79
CA HIS F 94 1.22 -27.73 22.45
C HIS F 94 0.29 -28.09 21.28
N ASP F 95 0.44 -29.27 20.69
CA ASP F 95 -0.40 -29.65 19.54
C ASP F 95 -1.88 -29.68 19.84
N ASN F 96 -2.24 -29.65 21.12
CA ASN F 96 -3.67 -29.66 21.43
C ASN F 96 -4.34 -28.40 20.91
N LEU F 97 -3.63 -27.26 20.89
CA LEU F 97 -4.30 -26.04 20.40
C LEU F 97 -4.49 -26.01 18.89
N LYS F 98 -3.87 -26.93 18.14
CA LYS F 98 -4.05 -26.93 16.67
C LYS F 98 -5.55 -26.95 16.36
N ASP F 99 -6.33 -27.36 17.35
CA ASP F 99 -7.75 -27.42 17.20
C ASP F 99 -8.33 -26.00 17.09
N LEU F 100 -7.72 -25.03 17.81
CA LEU F 100 -8.20 -23.64 17.71
C LEU F 100 -7.88 -23.03 16.33
N TYR F 101 -6.69 -23.34 15.80
CA TYR F 101 -6.29 -22.83 14.48
C TYR F 101 -7.29 -23.25 13.41
N ARG F 102 -7.74 -24.51 13.47
CA ARG F 102 -8.66 -24.99 12.46
C ARG F 102 -9.98 -24.26 12.59
N PHE F 103 -10.40 -23.98 13.82
CA PHE F 103 -11.64 -23.27 14.00
C PHE F 103 -11.58 -21.85 13.38
N PHE F 104 -10.42 -21.20 13.51
CA PHE F 104 -10.29 -19.82 12.98
C PHE F 104 -10.10 -19.75 11.47
N ALA F 105 -9.82 -20.89 10.81
CA ALA F 105 -9.67 -20.89 9.36
C ALA F 105 -10.99 -21.18 8.62
N SER F 106 -12.08 -21.41 9.33
CA SER F 106 -13.33 -21.77 8.61
C SER F 106 -14.08 -20.64 7.85
N LYS F 107 -14.77 -21.03 6.80
CA LYS F 107 -15.57 -20.10 5.97
C LYS F 107 -17.10 -20.36 6.14
N PHE F 108 -17.44 -21.16 7.17
CA PHE F 108 -18.85 -21.44 7.52
C PHE F 108 -19.45 -20.25 8.28
N VAL F 109 -18.61 -19.58 9.08
CA VAL F 109 -18.98 -18.42 9.93
C VAL F 109 -18.06 -17.23 9.61
N THR F 110 -18.27 -16.10 10.27
CA THR F 110 -17.45 -14.88 10.10
C THR F 110 -16.92 -14.37 11.45
N PHE F 111 -15.61 -14.33 11.61
CA PHE F 111 -15.01 -13.81 12.82
C PHE F 111 -15.02 -12.30 12.71
N VAL F 112 -15.98 -11.72 13.44
CA VAL F 112 -16.25 -10.28 13.48
C VAL F 112 -15.61 -9.72 14.74
N GLY F 113 -14.58 -8.90 14.57
CA GLY F 113 -13.90 -8.36 15.73
C GLY F 113 -14.01 -6.85 15.92
N VAL F 114 -13.58 -6.40 17.10
CA VAL F 114 -13.57 -5.00 17.49
C VAL F 114 -12.08 -4.62 17.59
N GLN F 115 -11.63 -3.81 16.62
CA GLN F 115 -10.25 -3.35 16.47
C GLN F 115 -9.24 -4.51 16.58
N ILE F 116 -9.23 -5.36 15.55
CA ILE F 116 -8.35 -6.53 15.48
C ILE F 116 -7.22 -6.47 14.42
N GLU F 117 -7.13 -5.32 13.71
CA GLU F 117 -6.10 -5.16 12.66
C GLU F 117 -4.74 -5.65 13.16
N GLU F 118 -4.26 -5.15 14.31
CA GLU F 118 -2.98 -5.60 14.83
C GLU F 118 -3.06 -7.10 15.21
N ASP F 119 -4.23 -7.52 15.72
CA ASP F 119 -4.41 -8.91 16.14
C ASP F 119 -4.05 -9.94 15.09
N LEU F 120 -4.74 -9.88 13.95
CA LEU F 120 -4.51 -10.78 12.84
C LEU F 120 -3.00 -11.00 12.51
N ASP F 121 -2.17 -9.97 12.75
CA ASP F 121 -0.74 -10.07 12.46
C ASP F 121 0.12 -10.51 13.66
N LEU F 122 -0.24 -10.14 14.90
CA LEU F 122 0.43 -10.54 16.17
C LEU F 122 0.09 -12.01 16.55
N LEU F 123 -0.63 -12.68 15.64
CA LEU F 123 -1.08 -14.05 15.73
C LEU F 123 -0.49 -14.78 14.52
N ARG F 124 -0.65 -14.14 13.36
CA ARG F 124 -0.12 -14.68 12.13
C ARG F 124 1.42 -14.68 12.28
N GLU F 125 1.98 -13.55 12.76
CA GLU F 125 3.42 -13.40 12.88
C GLU F 125 4.06 -14.03 14.13
N ASN F 126 3.33 -14.11 15.25
CA ASN F 126 3.92 -14.67 16.46
C ASN F 126 3.43 -16.11 16.76
N HIS F 127 2.46 -16.57 16.00
CA HIS F 127 1.93 -17.89 16.28
C HIS F 127 1.48 -18.64 15.05
N GLY F 128 1.55 -18.03 13.85
CA GLY F 128 1.00 -18.72 12.69
C GLY F 128 -0.54 -18.83 12.82
N LEU F 129 -1.16 -17.96 13.64
CA LEU F 129 -2.62 -17.97 13.81
C LEU F 129 -3.25 -17.05 12.77
N VAL F 130 -4.00 -17.66 11.85
CA VAL F 130 -4.61 -16.96 10.72
C VAL F 130 -6.12 -17.00 10.94
N ILE F 131 -6.86 -16.07 10.30
CA ILE F 131 -8.31 -16.03 10.37
C ILE F 131 -8.83 -15.69 8.94
N ARG F 132 -9.43 -16.68 8.28
CA ARG F 132 -9.88 -16.50 6.91
C ARG F 132 -11.11 -15.59 6.68
N ASN F 133 -11.91 -15.37 7.71
CA ASN F 133 -13.13 -14.56 7.52
C ASN F 133 -13.20 -13.55 8.64
N ALA F 134 -12.50 -12.44 8.44
CA ALA F 134 -12.40 -11.35 9.39
C ALA F 134 -13.22 -10.13 8.99
N ILE F 135 -13.38 -9.20 9.92
CA ILE F 135 -14.11 -7.97 9.70
C ILE F 135 -14.21 -7.09 10.94
N ASN F 136 -13.59 -5.90 10.88
CA ASN F 136 -13.62 -4.91 11.97
C ASN F 136 -15.04 -4.36 12.04
N VAL F 137 -15.68 -4.46 13.21
CA VAL F 137 -17.06 -3.98 13.35
C VAL F 137 -17.20 -2.48 13.00
N GLY F 138 -16.27 -1.66 13.49
CA GLY F 138 -16.30 -0.24 13.19
C GLY F 138 -16.27 0.14 11.72
N LYS F 139 -15.25 -0.35 11.00
CA LYS F 139 -15.07 -0.08 9.58
C LYS F 139 -16.34 -0.28 8.73
N LEU F 140 -16.95 -1.46 8.84
CA LEU F 140 -18.18 -1.76 8.12
C LEU F 140 -19.25 -0.86 8.73
N ALA F 141 -19.21 -0.66 10.04
CA ALA F 141 -20.21 0.17 10.71
C ALA F 141 -20.10 1.59 10.15
N ALA F 142 -18.87 2.10 10.13
CA ALA F 142 -18.66 3.46 9.65
C ALA F 142 -19.11 3.61 8.20
N GLU F 143 -18.84 2.60 7.38
CA GLU F 143 -19.21 2.75 5.98
C GLU F 143 -20.71 2.62 5.83
N ALA F 144 -21.33 1.68 6.53
CA ALA F 144 -22.77 1.46 6.43
C ALA F 144 -23.57 2.68 6.89
N ARG F 145 -23.25 3.16 8.08
CA ARG F 145 -23.90 4.30 8.68
C ARG F 145 -23.47 5.60 8.03
N GLY F 146 -22.36 5.58 7.29
CA GLY F 146 -21.90 6.83 6.71
C GLY F 146 -21.39 7.74 7.83
N THR F 147 -20.88 7.12 8.91
CA THR F 147 -20.37 7.87 10.06
C THR F 147 -18.94 7.43 10.37
N LEU F 148 -18.01 8.24 9.88
CA LEU F 148 -16.57 8.04 10.03
C LEU F 148 -16.03 7.65 11.40
N VAL F 149 -16.53 8.32 12.45
CA VAL F 149 -16.01 8.05 13.78
C VAL F 149 -16.26 6.64 14.33
N LEU F 150 -17.23 5.88 13.80
CA LEU F 150 -17.48 4.54 14.36
C LEU F 150 -16.28 3.61 14.13
N GLU F 151 -15.40 4.06 13.24
CA GLU F 151 -14.22 3.30 12.88
C GLU F 151 -13.23 3.26 14.01
N PHE F 152 -13.26 4.33 14.81
CA PHE F 152 -12.31 4.53 15.92
C PHE F 152 -12.86 4.22 17.29
N LEU F 153 -13.96 3.45 17.37
CA LEU F 153 -14.59 3.15 18.66
C LEU F 153 -14.18 1.84 19.28
N GLY F 154 -14.12 1.86 20.60
CA GLY F 154 -13.83 0.65 21.37
C GLY F 154 -15.15 -0.13 21.50
N THR F 155 -15.09 -1.29 22.16
CA THR F 155 -16.30 -2.15 22.30
C THR F 155 -17.55 -1.48 22.87
N ARG F 156 -17.54 -1.23 24.17
CA ARG F 156 -18.72 -0.64 24.82
C ARG F 156 -19.30 0.57 24.06
N GLU F 157 -18.40 1.47 23.65
CA GLU F 157 -18.77 2.70 22.98
C GLU F 157 -19.36 2.45 21.58
N LEU F 158 -18.79 1.53 20.82
CA LEU F 158 -19.37 1.21 19.56
C LEU F 158 -20.82 0.67 19.86
N ALA F 159 -20.90 -0.30 20.77
CA ALA F 159 -22.19 -0.92 21.10
C ALA F 159 -23.21 0.18 21.40
N HIS F 160 -22.75 1.18 22.14
CA HIS F 160 -23.58 2.32 22.49
C HIS F 160 -24.09 3.18 21.34
N ARG F 161 -23.17 3.51 20.41
CA ARG F 161 -23.48 4.38 19.28
C ARG F 161 -24.27 3.70 18.18
N VAL F 162 -24.25 2.37 18.18
CA VAL F 162 -24.98 1.58 17.20
C VAL F 162 -26.39 1.13 17.72
N LEU F 163 -26.49 0.68 18.97
CA LEU F 163 -27.75 0.16 19.50
C LEU F 163 -28.49 1.04 20.53
N TRP F 164 -27.76 1.95 21.18
CA TRP F 164 -28.32 2.85 22.20
C TRP F 164 -29.08 2.17 23.34
N SER F 165 -28.66 0.97 23.72
CA SER F 165 -29.28 0.21 24.81
C SER F 165 -28.63 0.63 26.13
N ASP F 166 -29.12 0.08 27.26
CA ASP F 166 -28.56 0.41 28.57
C ASP F 166 -27.22 -0.22 28.81
N LEU F 167 -26.23 0.62 29.06
CA LEU F 167 -24.86 0.15 29.28
C LEU F 167 -24.34 0.50 30.67
N GLY F 168 -25.26 0.91 31.55
CA GLY F 168 -24.91 1.27 32.91
C GLY F 168 -24.22 0.19 33.72
N GLN F 169 -24.69 -1.03 33.56
CA GLN F 169 -24.14 -2.19 34.25
C GLN F 169 -22.74 -2.51 33.69
N LEU F 170 -22.62 -2.52 32.37
CA LEU F 170 -21.32 -2.80 31.76
C LEU F 170 -20.36 -1.71 32.22
N ASP F 171 -20.82 -0.45 32.25
CA ASP F 171 -19.93 0.63 32.68
C ASP F 171 -19.51 0.51 34.12
N SER F 172 -20.43 0.12 35.03
CA SER F 172 -19.99 0.02 36.41
C SER F 172 -19.28 -1.30 36.58
N ILE F 173 -19.37 -2.17 35.57
CA ILE F 173 -18.64 -3.43 35.68
C ILE F 173 -17.22 -3.26 35.15
N GLU F 174 -16.93 -2.15 34.45
CA GLU F 174 -15.58 -1.94 33.93
C GLU F 174 -14.90 -0.74 34.53
N ALA F 175 -15.71 0.22 34.99
CA ALA F 175 -15.20 1.44 35.61
C ALA F 175 -14.25 1.11 36.77
N LYS F 176 -14.45 -0.05 37.40
CA LYS F 176 -13.62 -0.45 38.52
C LYS F 176 -12.97 -1.81 38.26
N TRP F 177 -12.48 -1.96 37.04
CA TRP F 177 -11.89 -3.20 36.60
C TRP F 177 -10.74 -3.77 37.40
N GLU F 178 -9.83 -2.93 37.90
CA GLU F 178 -8.72 -3.48 38.65
C GLU F 178 -9.21 -4.28 39.86
N LYS F 179 -10.41 -3.95 40.37
CA LYS F 179 -10.97 -4.63 41.54
C LYS F 179 -11.95 -5.77 41.21
N ALA F 180 -12.37 -5.83 39.94
CA ALA F 180 -13.31 -6.83 39.49
C ALA F 180 -12.83 -8.25 39.63
N GLY F 181 -13.57 -9.02 40.44
CA GLY F 181 -13.25 -10.43 40.62
C GLY F 181 -13.46 -11.19 39.30
N PRO F 182 -13.12 -12.48 39.26
CA PRO F 182 -13.30 -13.22 38.01
C PRO F 182 -14.74 -13.27 37.52
N GLU F 183 -15.72 -13.22 38.42
CA GLU F 183 -17.09 -13.28 37.92
C GLU F 183 -17.51 -11.96 37.30
N GLU F 184 -17.14 -10.83 37.91
CA GLU F 184 -17.48 -9.55 37.30
C GLU F 184 -16.74 -9.44 35.95
N GLN F 185 -15.52 -9.96 35.90
CA GLN F 185 -14.73 -9.93 34.67
C GLN F 185 -15.15 -11.00 33.68
N LEU F 186 -15.58 -12.17 34.16
CA LEU F 186 -16.04 -13.18 33.21
C LEU F 186 -17.33 -12.62 32.68
N GLU F 187 -18.13 -12.04 33.58
CA GLU F 187 -19.41 -11.44 33.21
C GLU F 187 -19.20 -10.26 32.29
N ALA F 188 -18.17 -9.47 32.60
CA ALA F 188 -17.84 -8.31 31.78
C ALA F 188 -17.44 -8.88 30.40
N ALA F 189 -16.62 -9.92 30.40
CA ALA F 189 -16.23 -10.62 29.20
C ALA F 189 -17.48 -11.11 28.46
N ALA F 190 -18.23 -12.04 29.11
CA ALA F 190 -19.44 -12.64 28.53
C ALA F 190 -20.32 -11.61 27.91
N ILE F 191 -20.62 -10.59 28.69
CA ILE F 191 -21.46 -9.52 28.22
C ILE F 191 -21.04 -8.90 26.88
N GLU F 192 -19.88 -8.23 26.84
CA GLU F 192 -19.45 -7.59 25.62
C GLU F 192 -19.61 -8.51 24.40
N GLY F 193 -19.45 -9.82 24.58
CA GLY F 193 -19.59 -10.74 23.46
C GLY F 193 -21.03 -10.76 22.92
N TRP F 194 -21.99 -10.81 23.85
CA TRP F 194 -23.42 -10.82 23.48
C TRP F 194 -23.70 -9.58 22.68
N LEU F 195 -23.22 -8.45 23.23
CA LEU F 195 -23.35 -7.12 22.65
C LEU F 195 -22.84 -6.99 21.23
N ILE F 196 -21.66 -7.55 20.95
CA ILE F 196 -21.14 -7.43 19.61
C ILE F 196 -22.02 -8.29 18.71
N VAL F 197 -22.49 -9.42 19.21
CA VAL F 197 -23.44 -10.19 18.41
C VAL F 197 -24.58 -9.23 18.05
N ASN F 198 -25.06 -8.44 19.03
CA ASN F 198 -26.16 -7.52 18.77
C ASN F 198 -25.87 -6.45 17.73
N VAL F 199 -24.73 -5.73 17.89
CA VAL F 199 -24.35 -4.71 16.92
C VAL F 199 -24.35 -5.30 15.51
N TRP F 200 -23.67 -6.43 15.33
CA TRP F 200 -23.63 -7.07 14.02
C TRP F 200 -25.03 -7.33 13.53
N ASP F 201 -25.94 -7.64 14.46
CA ASP F 201 -27.34 -7.91 14.09
C ASP F 201 -27.84 -6.70 13.29
N GLN F 202 -27.73 -5.53 13.88
CA GLN F 202 -28.20 -4.36 13.20
C GLN F 202 -27.44 -4.16 11.88
N LEU F 203 -26.15 -4.42 11.92
CA LEU F 203 -25.31 -4.21 10.76
C LEU F 203 -25.61 -4.98 9.50
N SER F 204 -25.49 -6.30 9.54
CA SER F 204 -25.72 -7.11 8.34
C SER F 204 -27.12 -6.94 7.76
N ASP F 205 -27.93 -6.13 8.44
CA ASP F 205 -29.26 -5.85 7.93
C ASP F 205 -29.55 -4.35 7.97
N GLU F 206 -29.34 -3.72 6.82
CA GLU F 206 -29.54 -2.29 6.61
C GLU F 206 -29.74 -1.99 5.11
N SER A 1 -5.54 5.54 49.09
CA SER A 1 -5.86 7.00 49.02
C SER A 1 -5.28 7.68 47.77
N ALA A 2 -5.04 6.90 46.72
CA ALA A 2 -4.50 7.43 45.46
C ALA A 2 -5.41 8.55 44.90
N SER A 3 -4.81 9.68 44.53
CA SER A 3 -5.60 10.76 43.99
C SER A 3 -4.80 11.75 43.10
N PHE A 4 -5.45 12.36 42.13
CA PHE A 4 -4.74 13.33 41.31
C PHE A 4 -4.57 14.58 42.19
N ASP A 5 -3.51 14.53 42.99
CA ASP A 5 -3.20 15.56 43.95
C ASP A 5 -2.04 16.48 43.69
N GLY A 6 -1.39 16.36 42.52
CA GLY A 6 -0.29 17.24 42.20
C GLY A 6 -0.84 18.62 41.83
N PRO A 7 -0.06 19.54 41.21
CA PRO A 7 -0.63 20.85 40.87
C PRO A 7 -1.90 20.79 40.04
N LYS A 8 -2.85 21.68 40.30
CA LYS A 8 -4.07 21.70 39.50
C LYS A 8 -4.06 22.97 38.62
N PHE A 9 -4.68 22.88 37.45
CA PHE A 9 -4.73 24.03 36.54
C PHE A 9 -6.16 24.39 36.11
N LYS A 10 -6.38 25.69 35.90
CA LYS A 10 -7.68 26.29 35.53
C LYS A 10 -7.82 26.51 34.02
N THR A 12 -9.70 27.62 30.35
CA THR A 12 -10.44 28.80 29.95
C THR A 12 -11.97 28.63 30.11
N ASP A 13 -12.38 27.60 30.84
CA ASP A 13 -13.81 27.35 31.04
C ASP A 13 -14.14 27.46 32.55
N GLY A 14 -13.10 27.68 33.33
CA GLY A 14 -13.29 27.79 34.77
C GLY A 14 -13.00 26.47 35.48
N SER A 15 -12.85 25.39 34.74
CA SER A 15 -12.54 24.09 35.35
C SER A 15 -11.09 23.97 35.78
N TYR A 16 -10.80 22.91 36.53
CA TYR A 16 -9.47 22.67 37.06
C TYR A 16 -9.00 21.26 36.79
N VAL A 17 -7.87 21.15 36.09
CA VAL A 17 -7.32 19.85 35.78
C VAL A 17 -6.42 19.47 36.95
N GLN A 18 -6.66 18.30 37.54
CA GLN A 18 -5.81 17.86 38.62
C GLN A 18 -4.75 16.87 38.14
N THR A 19 -3.47 17.18 38.42
CA THR A 19 -2.32 16.34 38.02
C THR A 19 -2.04 15.18 38.99
N LYS A 20 -1.24 14.21 38.53
CA LYS A 20 -0.74 13.10 39.31
C LYS A 20 0.35 12.57 38.42
N THR A 21 1.57 13.05 38.71
CA THR A 21 2.79 12.70 37.99
C THR A 21 3.58 11.69 38.80
N ILE A 22 3.80 10.54 38.23
CA ILE A 22 4.54 9.59 38.98
C ILE A 22 5.81 9.15 38.30
N ASP A 23 6.92 9.24 39.03
CA ASP A 23 8.22 8.82 38.52
C ASP A 23 8.21 7.30 38.70
N VAL A 24 7.93 6.59 37.62
CA VAL A 24 7.85 5.16 37.69
C VAL A 24 9.23 4.65 38.03
N GLY A 25 9.27 3.64 38.89
CA GLY A 25 10.53 3.05 39.30
C GLY A 25 10.37 1.56 39.25
N SER A 26 11.27 0.84 39.90
CA SER A 26 11.21 -0.61 39.91
C SER A 26 10.00 -1.17 40.65
N SER A 27 9.44 -0.42 41.59
CA SER A 27 8.29 -0.99 42.30
C SER A 27 7.06 -0.11 42.33
N THR A 28 7.18 1.08 41.77
CA THR A 28 6.08 2.01 41.74
C THR A 28 4.82 1.24 41.28
N ASP A 29 3.64 1.68 41.67
CA ASP A 29 2.41 0.99 41.28
C ASP A 29 1.45 1.95 40.61
N ILE A 30 1.49 1.95 39.28
CA ILE A 30 0.67 2.86 38.46
C ILE A 30 -0.76 2.42 38.19
N SER A 31 -1.11 1.19 38.50
CA SER A 31 -2.49 0.78 38.24
C SER A 31 -3.50 1.64 39.04
N PRO A 32 -3.12 2.16 40.22
CA PRO A 32 -4.13 2.98 40.90
C PRO A 32 -4.47 4.27 40.13
N TYR A 33 -3.43 5.03 39.77
CA TYR A 33 -3.65 6.27 39.03
C TYR A 33 -4.00 6.02 37.56
N LEU A 34 -3.82 4.77 37.10
CA LEU A 34 -4.20 4.42 35.73
C LEU A 34 -5.70 4.05 35.68
N SER A 35 -6.23 3.58 36.82
CA SER A 35 -7.64 3.20 36.89
C SER A 35 -8.50 4.46 37.01
N LEU A 36 -8.02 5.47 37.74
CA LEU A 36 -8.74 6.75 37.87
C LEU A 36 -8.89 7.35 36.45
N ILE A 37 -7.89 7.18 35.59
CA ILE A 37 -8.00 7.72 34.22
C ILE A 37 -9.13 6.93 33.50
N ARG A 38 -9.08 5.60 33.58
CA ARG A 38 -10.08 4.75 32.95
C ARG A 38 -11.51 5.07 33.48
N GLU A 39 -11.64 5.12 34.79
CA GLU A 39 -12.92 5.42 35.43
C GLU A 39 -13.49 6.77 34.96
N ASP A 40 -12.67 7.83 35.05
CA ASP A 40 -13.12 9.17 34.68
C ASP A 40 -13.44 9.27 33.18
N SER A 41 -12.75 8.47 32.38
CA SER A 41 -13.00 8.47 30.93
C SER A 41 -14.39 7.84 30.67
N ILE A 42 -14.54 6.62 31.16
CA ILE A 42 -15.80 5.90 31.00
C ILE A 42 -17.02 6.63 31.64
N LEU A 43 -16.84 7.24 32.82
CA LEU A 43 -17.93 7.94 33.51
C LEU A 43 -18.33 9.28 32.91
N ASN A 44 -17.33 10.13 32.65
CA ASN A 44 -17.56 11.45 32.13
C ASN A 44 -16.87 11.74 30.77
N GLY A 45 -15.80 11.04 30.42
CA GLY A 45 -15.14 11.34 29.16
C GLY A 45 -15.60 10.65 27.86
N ASN A 46 -16.75 9.98 27.89
CA ASN A 46 -17.25 9.26 26.72
C ASN A 46 -16.20 8.22 26.24
N ARG A 47 -15.44 7.71 27.20
CA ARG A 47 -14.46 6.65 26.95
C ARG A 47 -13.27 6.97 26.03
N ALA A 48 -12.87 8.24 26.00
CA ALA A 48 -11.68 8.62 25.22
C ALA A 48 -10.60 8.96 26.23
N VAL A 49 -9.32 8.74 25.85
CA VAL A 49 -8.15 9.14 26.65
C VAL A 49 -7.28 9.96 25.66
N ILE A 50 -6.93 11.19 26.05
CA ILE A 50 -6.14 12.07 25.20
C ILE A 50 -4.69 11.86 25.62
N PHE A 51 -3.82 11.60 24.64
CA PHE A 51 -2.44 11.30 25.00
C PHE A 51 -1.38 11.94 24.16
N ASP A 52 -0.14 11.70 24.56
CA ASP A 52 1.02 12.17 23.82
C ASP A 52 2.19 11.40 24.42
N VAL A 53 3.25 11.21 23.62
CA VAL A 53 4.43 10.51 24.13
C VAL A 53 5.65 11.40 23.85
N TYR A 54 6.71 11.24 24.65
CA TYR A 54 7.91 12.07 24.52
C TYR A 54 9.10 11.13 24.48
N TRP A 55 10.10 11.47 23.66
CA TRP A 55 11.24 10.58 23.44
C TRP A 55 12.56 11.13 24.02
N ASP A 56 13.44 10.26 24.52
CA ASP A 56 14.78 10.66 25.05
C ASP A 56 15.87 10.39 23.99
N VAL A 57 15.63 10.85 22.76
CA VAL A 57 16.51 10.68 21.61
C VAL A 57 18.00 10.45 21.95
N GLY A 58 18.55 9.39 21.39
CA GLY A 58 19.95 9.03 21.62
C GLY A 58 20.67 8.72 20.31
N PHE A 59 21.98 8.52 20.36
CA PHE A 59 22.69 8.24 19.11
C PHE A 59 23.26 6.83 19.06
N THR A 66 19.70 0.06 11.97
CA THR A 66 18.42 0.80 11.86
C THR A 66 18.55 2.11 12.69
N LYS A 67 18.77 3.23 12.01
CA LYS A 67 18.99 4.48 12.70
C LYS A 67 17.93 4.97 13.65
N THR A 68 16.65 4.66 13.42
CA THR A 68 15.61 5.13 14.35
C THR A 68 15.51 4.19 15.54
N SER A 69 16.10 3.01 15.42
CA SER A 69 15.97 2.02 16.49
C SER A 69 16.40 2.59 17.83
N GLY A 70 17.13 3.69 17.77
CA GLY A 70 17.59 4.32 19.00
C GLY A 70 16.52 5.06 19.79
N TRP A 71 15.54 5.66 19.11
CA TRP A 71 14.49 6.42 19.84
C TRP A 71 14.00 5.64 21.02
N SER A 72 14.03 6.30 22.18
CA SER A 72 13.59 5.69 23.42
C SER A 72 12.59 6.61 24.17
N LEU A 73 11.61 5.96 24.80
CA LEU A 73 10.52 6.61 25.54
C LEU A 73 10.87 7.13 26.96
N SER A 74 10.73 8.44 27.18
CA SER A 74 11.06 9.04 28.49
C SER A 74 9.80 9.31 29.36
N SER A 75 8.75 9.86 28.78
CA SER A 75 7.50 10.09 29.53
C SER A 75 6.26 9.87 28.67
N VAL A 76 5.09 9.73 29.28
CA VAL A 76 3.87 9.58 28.48
C VAL A 76 2.82 10.42 29.16
N LYS A 77 1.90 10.98 28.39
CA LYS A 77 0.80 11.77 28.91
C LYS A 77 -0.49 10.98 28.62
N LEU A 78 -1.42 10.94 29.59
CA LEU A 78 -2.71 10.25 29.43
C LEU A 78 -3.67 11.05 30.35
N SER A 79 -4.64 11.72 29.73
CA SER A 79 -5.55 12.53 30.50
C SER A 79 -6.96 12.61 29.96
N THR A 80 -7.91 13.04 30.81
CA THR A 80 -9.29 13.30 30.36
C THR A 80 -9.51 14.83 30.59
N ARG A 81 -10.68 15.35 30.24
CA ARG A 81 -11.00 16.79 30.43
C ARG A 81 -10.62 17.38 31.79
N ASN A 82 -10.80 16.56 32.85
CA ASN A 82 -10.53 16.93 34.25
C ASN A 82 -9.23 16.37 34.81
N LEU A 83 -8.67 15.37 34.16
CA LEU A 83 -7.48 14.75 34.72
C LEU A 83 -6.34 14.67 33.73
N CYS A 84 -5.13 14.52 34.26
CA CYS A 84 -3.95 14.40 33.44
C CYS A 84 -2.92 13.52 34.16
N LEU A 85 -2.55 12.43 33.53
CA LEU A 85 -1.56 11.56 34.17
C LEU A 85 -0.28 11.53 33.36
N PHE A 86 0.82 11.93 34.02
CA PHE A 86 2.15 11.93 33.44
C PHE A 86 2.95 10.74 34.04
N LEU A 87 3.55 9.91 33.18
CA LEU A 87 4.36 8.81 33.69
C LEU A 87 5.82 9.05 33.21
N ARG A 88 6.74 9.28 34.14
CA ARG A 88 8.15 9.48 33.75
C ARG A 88 8.83 8.14 33.91
N LEU A 89 9.23 7.57 32.77
CA LEU A 89 9.78 6.21 32.71
C LEU A 89 11.26 5.99 33.04
N PRO A 90 11.67 4.73 33.29
CA PRO A 90 13.07 4.44 33.61
C PRO A 90 13.75 4.01 32.32
N LYS A 91 15.07 4.21 32.24
CA LYS A 91 15.86 3.87 31.03
C LYS A 91 15.82 2.37 30.83
N PRO A 92 15.69 1.63 31.94
CA PRO A 92 15.60 0.17 31.87
C PRO A 92 14.11 -0.24 32.04
N PHE A 93 13.42 -0.53 30.95
CA PHE A 93 12.02 -0.94 31.02
C PHE A 93 11.96 -2.18 31.92
N HIS A 94 11.62 -2.00 33.19
CA HIS A 94 11.55 -3.14 34.08
C HIS A 94 10.30 -3.95 33.90
N ASP A 95 10.21 -4.99 34.68
CA ASP A 95 9.05 -5.88 34.62
C ASP A 95 7.73 -5.20 34.84
N ASN A 96 7.67 -4.29 35.82
CA ASN A 96 6.44 -3.61 36.15
C ASN A 96 5.93 -2.57 35.15
N LEU A 97 5.93 -2.88 33.86
CA LEU A 97 5.43 -1.97 32.85
C LEU A 97 4.27 -2.64 32.09
N LYS A 98 3.97 -3.87 32.47
CA LYS A 98 2.89 -4.58 31.79
C LYS A 98 1.57 -3.84 32.00
N ASP A 99 1.41 -3.17 33.14
CA ASP A 99 0.20 -2.39 33.38
C ASP A 99 0.04 -1.22 32.38
N LEU A 100 1.09 -0.42 32.17
CA LEU A 100 0.99 0.69 31.23
C LEU A 100 0.69 0.05 29.87
N TYR A 101 1.48 -0.96 29.49
CA TYR A 101 1.31 -1.65 28.21
C TYR A 101 -0.10 -2.25 28.10
N ARG A 102 -0.59 -2.90 29.14
CA ARG A 102 -1.94 -3.47 29.06
C ARG A 102 -2.99 -2.33 28.95
N PHE A 103 -2.67 -1.17 29.48
CA PHE A 103 -3.59 -0.04 29.41
C PHE A 103 -3.68 0.47 27.97
N PHE A 104 -2.52 0.61 27.32
CA PHE A 104 -2.49 1.11 25.95
C PHE A 104 -3.13 0.17 24.95
N ALA A 105 -3.20 -1.12 25.30
CA ALA A 105 -3.84 -2.11 24.41
C ALA A 105 -5.37 -2.25 24.65
N SER A 106 -5.88 -1.61 25.70
CA SER A 106 -7.29 -1.71 26.05
C SER A 106 -8.31 -1.25 25.02
N LYS A 107 -9.36 -2.05 24.83
CA LYS A 107 -10.44 -1.66 23.91
C LYS A 107 -11.61 -0.95 24.66
N PHE A 108 -11.44 -0.74 25.97
CA PHE A 108 -12.51 -0.08 26.79
C PHE A 108 -12.68 1.35 26.32
N VAL A 109 -11.53 1.94 25.93
CA VAL A 109 -11.48 3.31 25.47
C VAL A 109 -10.72 3.48 24.16
N THR A 110 -10.87 4.66 23.58
CA THR A 110 -10.17 5.03 22.34
C THR A 110 -9.07 6.03 22.66
N PHE A 111 -7.83 5.73 22.23
CA PHE A 111 -6.69 6.66 22.47
C PHE A 111 -6.58 7.61 21.29
N VAL A 112 -6.92 8.86 21.56
CA VAL A 112 -6.98 9.94 20.59
C VAL A 112 -5.64 10.69 20.60
N GLY A 113 -5.05 10.90 19.42
CA GLY A 113 -3.76 11.59 19.35
C GLY A 113 -3.65 12.58 18.19
N VAL A 114 -2.58 13.39 18.22
CA VAL A 114 -2.28 14.40 17.19
C VAL A 114 -0.92 14.06 16.54
N GLN A 115 -0.93 13.81 15.22
CA GLN A 115 0.28 13.42 14.46
C GLN A 115 0.99 12.26 15.16
N ILE A 116 0.24 11.20 15.37
CA ILE A 116 0.77 10.03 16.05
C ILE A 116 1.35 8.91 15.15
N GLU A 117 1.45 9.14 13.85
CA GLU A 117 1.97 8.08 12.94
C GLU A 117 3.37 7.49 13.30
N GLU A 118 4.43 8.33 13.31
CA GLU A 118 5.77 7.82 13.68
C GLU A 118 5.80 7.41 15.17
N ASP A 119 5.07 8.14 16.01
CA ASP A 119 5.00 7.80 17.44
C ASP A 119 4.58 6.32 17.59
N LEU A 120 3.50 5.92 16.90
CA LEU A 120 3.01 4.53 16.97
C LEU A 120 4.02 3.49 16.42
N ASP A 121 4.57 3.75 15.23
CA ASP A 121 5.55 2.83 14.66
C ASP A 121 6.76 2.73 15.59
N LEU A 122 7.13 3.87 16.16
CA LEU A 122 8.29 3.91 17.06
C LEU A 122 7.99 3.19 18.39
N LEU A 123 6.85 3.49 19.00
CA LEU A 123 6.47 2.86 20.27
C LEU A 123 6.48 1.30 20.11
N ARG A 124 5.99 0.83 18.93
CA ARG A 124 5.92 -0.61 18.62
C ARG A 124 7.27 -1.24 18.23
N GLU A 125 7.94 -0.69 17.22
CA GLU A 125 9.23 -1.21 16.79
C GLU A 125 10.28 -1.06 17.89
N ASN A 126 10.13 -0.04 18.75
CA ASN A 126 11.18 0.18 19.74
C ASN A 126 10.89 -0.35 21.13
N HIS A 127 9.62 -0.50 21.46
CA HIS A 127 9.23 -0.98 22.80
C HIS A 127 8.25 -2.15 22.78
N GLY A 128 7.76 -2.48 21.60
CA GLY A 128 6.78 -3.55 21.49
C GLY A 128 5.46 -3.09 22.11
N LEU A 129 5.28 -1.77 22.20
CA LEU A 129 4.06 -1.20 22.79
C LEU A 129 3.09 -0.89 21.65
N VAL A 130 1.94 -1.58 21.69
CA VAL A 130 0.86 -1.52 20.70
C VAL A 130 -0.39 -0.82 21.26
N ILE A 131 -0.92 0.15 20.54
CA ILE A 131 -2.14 0.81 21.00
C ILE A 131 -3.18 0.24 20.03
N ARG A 132 -4.01 -0.67 20.52
CA ARG A 132 -4.95 -1.32 19.63
C ARG A 132 -6.06 -0.44 19.11
N ASN A 133 -6.51 0.52 19.92
CA ASN A 133 -7.61 1.43 19.57
C ASN A 133 -7.17 2.88 19.70
N ALA A 134 -6.54 3.39 18.64
CA ALA A 134 -6.02 4.74 18.66
C ALA A 134 -6.59 5.61 17.54
N ILE A 135 -6.49 6.93 17.71
CA ILE A 135 -6.96 7.79 16.67
C ILE A 135 -6.22 9.13 16.51
N ASN A 136 -6.11 9.57 15.25
CA ASN A 136 -5.54 10.85 14.88
C ASN A 136 -6.72 11.82 14.65
N VAL A 137 -6.88 12.79 15.56
CA VAL A 137 -7.95 13.76 15.48
C VAL A 137 -7.84 14.72 14.25
N GLY A 138 -6.62 15.17 13.91
CA GLY A 138 -6.51 16.06 12.75
C GLY A 138 -7.06 15.41 11.48
N LYS A 139 -6.77 14.11 11.34
CA LYS A 139 -7.21 13.30 10.19
C LYS A 139 -8.74 13.19 10.17
N LEU A 140 -9.33 12.87 11.31
CA LEU A 140 -10.76 12.78 11.40
C LEU A 140 -11.36 14.19 11.34
N ALA A 141 -10.67 15.17 11.94
CA ALA A 141 -11.16 16.54 11.96
C ALA A 141 -11.20 17.14 10.57
N ALA A 142 -10.18 16.85 9.76
CA ALA A 142 -10.15 17.40 8.43
C ALA A 142 -11.38 16.88 7.70
N GLU A 143 -11.64 15.59 7.86
CA GLU A 143 -12.75 14.96 7.16
C GLU A 143 -14.12 15.33 7.68
N ALA A 144 -14.25 15.43 8.99
CA ALA A 144 -15.51 15.77 9.60
C ALA A 144 -15.88 17.16 9.09
N ARG A 145 -15.10 18.13 9.53
CA ARG A 145 -15.30 19.54 9.21
C ARG A 145 -15.31 19.84 7.70
N GLY A 146 -14.33 19.31 6.98
CA GLY A 146 -14.19 19.58 5.55
C GLY A 146 -13.24 20.79 5.35
N THR A 147 -12.06 20.72 5.98
CA THR A 147 -10.99 21.74 5.93
C THR A 147 -9.78 20.83 5.86
N LEU A 148 -9.15 20.74 4.69
CA LEU A 148 -8.02 19.85 4.48
C LEU A 148 -6.80 20.07 5.33
N VAL A 149 -6.46 21.33 5.61
CA VAL A 149 -5.25 21.61 6.35
C VAL A 149 -5.25 21.05 7.78
N LEU A 150 -6.44 20.77 8.32
CA LEU A 150 -6.53 20.27 9.71
C LEU A 150 -5.72 18.98 9.99
N GLU A 151 -5.56 18.14 8.99
CA GLU A 151 -4.82 16.90 9.16
C GLU A 151 -3.36 17.18 9.36
N PHE A 152 -2.93 18.40 9.02
CA PHE A 152 -1.49 18.75 9.06
C PHE A 152 -1.07 19.80 10.07
N LEU A 153 -1.85 19.91 11.14
CA LEU A 153 -1.62 20.88 12.21
C LEU A 153 -1.11 20.27 13.51
N GLY A 154 -0.30 21.04 14.25
CA GLY A 154 0.20 20.61 15.56
C GLY A 154 -0.86 20.79 16.67
N THR A 155 -0.49 20.50 17.92
CA THR A 155 -1.46 20.56 19.02
C THR A 155 -2.10 21.93 19.36
N ARG A 156 -1.27 22.91 19.67
CA ARG A 156 -1.77 24.21 20.09
C ARG A 156 -2.65 24.70 18.96
N GLU A 157 -2.03 24.69 17.78
CA GLU A 157 -2.63 25.19 16.55
C GLU A 157 -3.91 24.50 16.11
N LEU A 158 -4.00 23.17 16.26
CA LEU A 158 -5.24 22.50 15.83
C LEU A 158 -6.40 22.99 16.73
N ALA A 159 -6.19 22.95 18.05
CA ALA A 159 -7.22 23.42 18.97
C ALA A 159 -7.75 24.77 18.47
N HIS A 160 -6.85 25.59 17.93
CA HIS A 160 -7.21 26.90 17.38
C HIS A 160 -8.27 26.85 16.27
N ARG A 161 -7.92 26.17 15.16
CA ARG A 161 -8.79 26.08 13.98
C ARG A 161 -10.12 25.32 14.16
N VAL A 162 -10.20 24.47 15.18
CA VAL A 162 -11.41 23.69 15.45
C VAL A 162 -12.37 24.37 16.46
N LEU A 163 -11.82 24.68 17.66
CA LEU A 163 -12.52 25.25 18.79
C LEU A 163 -12.58 26.77 18.78
N TRP A 164 -11.53 27.41 18.28
CA TRP A 164 -11.43 28.86 18.21
C TRP A 164 -11.43 29.50 19.59
N SER A 165 -11.02 28.73 20.60
CA SER A 165 -10.97 29.20 22.00
C SER A 165 -9.78 30.12 22.30
N ASP A 166 -9.64 30.56 23.56
CA ASP A 166 -8.55 31.49 23.90
C ASP A 166 -7.33 30.61 24.24
N LEU A 167 -6.24 30.89 23.54
CA LEU A 167 -5.00 30.13 23.69
C LEU A 167 -3.88 31.03 24.20
N GLY A 168 -4.25 32.18 24.78
CA GLY A 168 -3.21 33.07 25.26
C GLY A 168 -2.33 32.37 26.30
N GLN A 169 -2.96 31.60 27.18
CA GLN A 169 -2.16 30.99 28.22
C GLN A 169 -1.15 30.10 27.59
N LEU A 170 -1.61 28.96 27.08
CA LEU A 170 -0.73 28.02 26.41
C LEU A 170 0.26 28.75 25.50
N ASP A 171 -0.21 29.75 24.76
CA ASP A 171 0.67 30.50 23.88
C ASP A 171 1.77 31.14 24.70
N SER A 172 1.36 31.71 25.82
CA SER A 172 2.29 32.35 26.73
C SER A 172 3.42 31.43 27.23
N ILE A 173 3.10 30.18 27.57
CA ILE A 173 4.12 29.27 28.09
C ILE A 173 5.05 28.75 27.02
N GLU A 174 4.49 28.44 25.86
CA GLU A 174 5.27 27.88 24.80
C GLU A 174 6.16 28.89 24.09
N ALA A 175 5.73 30.15 24.05
CA ALA A 175 6.50 31.20 23.39
C ALA A 175 7.99 31.08 23.69
N LYS A 176 8.34 30.77 24.94
CA LYS A 176 9.77 30.67 25.35
C LYS A 176 10.01 29.29 25.97
N TRP A 177 9.75 28.25 25.19
CA TRP A 177 9.83 26.88 25.68
C TRP A 177 11.02 26.41 26.51
N GLU A 178 12.25 26.63 26.04
CA GLU A 178 13.45 26.17 26.76
C GLU A 178 13.75 26.95 28.06
N LYS A 179 13.17 28.14 28.20
CA LYS A 179 13.37 28.93 29.43
C LYS A 179 12.21 28.67 30.38
N ALA A 180 11.29 27.77 29.96
CA ALA A 180 10.16 27.40 30.80
C ALA A 180 10.60 26.26 31.75
N GLY A 181 10.47 26.51 33.04
CA GLY A 181 10.84 25.49 34.00
C GLY A 181 9.88 24.31 33.95
N PRO A 182 10.21 23.23 34.64
CA PRO A 182 9.30 22.08 34.59
C PRO A 182 7.87 22.37 35.03
N GLU A 183 7.67 23.43 35.80
CA GLU A 183 6.33 23.78 36.29
C GLU A 183 5.38 24.25 35.15
N GLU A 184 5.82 25.25 34.38
CA GLU A 184 4.99 25.78 33.28
C GLU A 184 4.90 24.83 32.08
N GLN A 185 5.95 24.05 31.86
CA GLN A 185 5.94 23.11 30.74
C GLN A 185 4.95 22.04 31.14
N LEU A 186 4.84 21.80 32.44
CA LEU A 186 3.87 20.79 32.94
C LEU A 186 2.45 21.37 32.73
N GLU A 187 2.31 22.68 32.95
CA GLU A 187 1.00 23.31 32.77
C GLU A 187 0.60 23.30 31.28
N ALA A 188 1.59 23.59 30.41
CA ALA A 188 1.32 23.62 28.98
C ALA A 188 0.81 22.26 28.48
N ALA A 189 1.40 21.18 29.00
CA ALA A 189 0.96 19.84 28.64
C ALA A 189 -0.49 19.55 29.11
N ALA A 190 -0.79 19.79 30.38
CA ALA A 190 -2.14 19.48 30.87
C ALA A 190 -3.13 20.32 30.03
N ILE A 191 -2.74 21.56 29.71
CA ILE A 191 -3.62 22.43 28.91
C ILE A 191 -3.89 21.84 27.50
N GLU A 192 -2.84 21.40 26.80
CA GLU A 192 -3.04 20.84 25.45
C GLU A 192 -3.93 19.60 25.47
N GLY A 193 -3.80 18.81 26.52
CA GLY A 193 -4.64 17.60 26.63
C GLY A 193 -6.14 17.93 26.72
N TRP A 194 -6.47 18.99 27.46
CA TRP A 194 -7.86 19.46 27.67
C TRP A 194 -8.40 19.98 26.33
N LEU A 195 -7.55 20.72 25.62
CA LEU A 195 -7.94 21.22 24.28
C LEU A 195 -8.29 20.05 23.32
N ILE A 196 -7.53 18.95 23.37
CA ILE A 196 -7.80 17.82 22.47
C ILE A 196 -9.00 17.03 23.00
N VAL A 197 -9.19 16.99 24.33
CA VAL A 197 -10.40 16.33 24.86
C VAL A 197 -11.63 17.08 24.27
N ASN A 198 -11.57 18.42 24.30
CA ASN A 198 -12.65 19.29 23.76
C ASN A 198 -12.75 19.09 22.25
N VAL A 199 -11.58 19.03 21.57
CA VAL A 199 -11.60 18.80 20.13
C VAL A 199 -12.32 17.47 19.93
N TRP A 200 -11.92 16.45 20.66
CA TRP A 200 -12.54 15.14 20.51
C TRP A 200 -14.02 15.09 20.92
N ASP A 201 -14.35 15.67 22.07
CA ASP A 201 -15.73 15.64 22.53
C ASP A 201 -16.58 16.08 21.34
N GLN A 202 -16.19 17.20 20.72
CA GLN A 202 -16.92 17.69 19.56
C GLN A 202 -17.00 16.66 18.44
N LEU A 203 -15.97 16.63 17.60
CA LEU A 203 -15.91 15.69 16.50
C LEU A 203 -16.63 14.36 16.76
N SER A 204 -16.50 13.83 17.98
CA SER A 204 -17.13 12.55 18.32
C SER A 204 -18.67 12.56 18.13
N ASP A 205 -19.36 13.63 18.51
CA ASP A 205 -20.80 13.63 18.29
C ASP A 205 -21.45 14.84 17.61
N GLU A 206 -20.67 15.76 17.04
CA GLU A 206 -21.25 16.92 16.36
C GLU A 206 -21.94 16.47 15.08
N SER B 1 25.23 38.06 22.10
CA SER B 1 23.80 38.15 21.65
C SER B 1 23.44 37.08 20.60
N ALA B 2 22.14 36.86 20.42
CA ALA B 2 21.66 35.88 19.46
C ALA B 2 20.47 36.39 18.66
N SER B 3 20.77 36.98 17.52
CA SER B 3 19.76 37.50 16.61
C SER B 3 20.29 37.19 15.19
N PHE B 4 19.49 37.53 14.20
CA PHE B 4 19.87 37.23 12.82
C PHE B 4 20.87 38.21 12.22
N ASP B 5 22.12 38.14 12.67
CA ASP B 5 23.13 39.07 12.17
C ASP B 5 23.80 38.73 10.85
N GLY B 6 23.14 37.90 10.05
CA GLY B 6 23.68 37.59 8.75
C GLY B 6 23.05 38.60 7.80
N PRO B 7 23.34 38.53 6.49
CA PRO B 7 22.70 39.51 5.58
C PRO B 7 21.19 39.47 5.67
N LYS B 8 20.58 40.64 5.51
CA LYS B 8 19.11 40.82 5.56
C LYS B 8 18.61 41.02 4.12
N PHE B 9 17.41 40.52 3.79
CA PHE B 9 16.86 40.71 2.43
C PHE B 9 15.43 41.29 2.47
N LYS B 10 15.13 42.22 1.57
CA LYS B 10 13.80 42.82 1.50
C LYS B 10 13.12 42.05 0.38
N THR B 12 9.78 41.36 -2.35
CA THR B 12 9.04 42.05 -3.38
C THR B 12 7.86 42.87 -2.88
N ASP B 13 7.19 42.42 -1.83
CA ASP B 13 6.02 43.13 -1.31
C ASP B 13 6.37 44.19 -0.26
N GLY B 14 7.63 44.29 0.13
CA GLY B 14 7.90 45.28 1.14
C GLY B 14 8.05 44.75 2.55
N SER B 15 8.15 43.43 2.74
CA SER B 15 8.41 42.91 4.09
C SER B 15 9.88 42.52 4.05
N TYR B 16 10.44 42.24 5.24
CA TYR B 16 11.83 41.85 5.37
C TYR B 16 12.05 40.44 5.91
N VAL B 17 13.15 39.83 5.50
CA VAL B 17 13.51 38.54 6.04
C VAL B 17 14.91 38.66 6.54
N GLN B 18 15.05 38.40 7.84
CA GLN B 18 16.34 38.45 8.50
C GLN B 18 16.95 37.09 8.30
N THR B 19 18.26 37.01 8.24
CA THR B 19 18.89 35.71 8.08
C THR B 19 20.01 35.44 9.08
N LYS B 20 20.32 34.15 9.24
CA LYS B 20 21.42 33.71 10.08
C LYS B 20 21.96 32.45 9.45
N THR B 21 23.28 32.37 9.25
CA THR B 21 23.88 31.15 8.69
C THR B 21 24.95 30.65 9.63
N ILE B 22 24.93 29.35 9.90
CA ILE B 22 25.93 28.80 10.81
C ILE B 22 26.57 27.54 10.31
N ASP B 23 27.87 27.44 10.52
CA ASP B 23 28.61 26.26 10.13
C ASP B 23 28.70 25.45 11.42
N VAL B 24 28.06 24.28 11.39
CA VAL B 24 28.00 23.47 12.58
C VAL B 24 29.12 22.43 12.65
N GLY B 25 29.78 22.38 13.81
CA GLY B 25 30.85 21.43 13.99
C GLY B 25 30.46 20.51 15.11
N SER B 26 31.33 20.39 16.10
CA SER B 26 31.08 19.51 17.24
C SER B 26 30.83 20.29 18.52
N SER B 27 30.70 21.61 18.41
CA SER B 27 30.51 22.40 19.63
C SER B 27 29.42 23.44 19.52
N THR B 28 29.20 23.92 18.30
CA THR B 28 28.23 24.94 18.05
C THR B 28 26.90 24.75 18.80
N ASP B 29 26.28 25.85 19.23
CA ASP B 29 25.01 25.75 19.91
C ASP B 29 23.87 26.41 19.11
N ILE B 30 23.25 25.68 18.20
CA ILE B 30 22.15 26.24 17.41
C ILE B 30 20.79 26.32 18.15
N SER B 31 20.79 25.97 19.43
CA SER B 31 19.53 26.04 20.22
C SER B 31 18.86 27.42 20.30
N PRO B 32 19.65 28.48 20.58
CA PRO B 32 19.06 29.82 20.67
C PRO B 32 18.47 30.27 19.31
N TYR B 33 19.08 29.79 18.22
CA TYR B 33 18.59 30.13 16.88
C TYR B 33 17.31 29.31 16.64
N LEU B 34 17.30 28.04 17.04
CA LEU B 34 16.10 27.23 16.90
C LEU B 34 14.96 27.84 17.80
N SER B 35 15.30 28.26 19.03
CA SER B 35 14.30 28.84 19.92
C SER B 35 13.74 30.12 19.37
N LEU B 36 14.58 30.97 18.74
CA LEU B 36 14.12 32.22 18.13
C LEU B 36 13.09 31.88 17.03
N ILE B 37 13.45 30.96 16.13
CA ILE B 37 12.53 30.52 15.05
C ILE B 37 11.21 29.94 15.59
N ARG B 38 11.26 29.12 16.64
CA ARG B 38 10.04 28.55 17.21
C ARG B 38 9.23 29.67 17.88
N GLU B 39 9.91 30.52 18.63
CA GLU B 39 9.22 31.62 19.29
C GLU B 39 8.60 32.50 18.18
N ASP B 40 9.34 32.72 17.10
CA ASP B 40 8.84 33.55 16.01
C ASP B 40 7.67 32.87 15.29
N SER B 41 7.71 31.52 15.20
CA SER B 41 6.64 30.80 14.49
C SER B 41 5.33 30.82 15.29
N ILE B 42 5.42 30.46 16.57
CA ILE B 42 4.24 30.45 17.42
C ILE B 42 3.75 31.89 17.67
N LEU B 43 4.69 32.80 17.92
CA LEU B 43 4.35 34.19 18.20
C LEU B 43 3.91 35.07 17.02
N ASN B 44 4.43 34.80 15.84
CA ASN B 44 4.11 35.66 14.68
C ASN B 44 3.61 34.94 13.43
N GLY B 45 3.50 33.61 13.47
CA GLY B 45 3.09 32.90 12.26
C GLY B 45 2.25 31.62 12.20
N ASN B 46 1.12 31.63 12.89
CA ASN B 46 0.16 30.53 12.92
C ASN B 46 0.85 29.18 12.95
N ARG B 47 1.99 29.19 13.65
CA ARG B 47 2.82 28.03 13.91
C ARG B 47 3.34 27.15 12.76
N ALA B 48 4.03 27.81 11.82
CA ALA B 48 4.67 27.12 10.71
C ALA B 48 6.19 27.34 10.67
N VAL B 49 6.95 26.25 10.53
CA VAL B 49 8.43 26.33 10.33
C VAL B 49 8.59 25.68 8.94
N ILE B 50 8.99 26.50 7.96
CA ILE B 50 9.19 26.01 6.60
C ILE B 50 10.63 25.48 6.53
N PHE B 51 10.84 24.28 5.95
CA PHE B 51 12.19 23.75 5.89
C PHE B 51 12.47 23.14 4.56
N ASP B 52 13.76 23.01 4.28
CA ASP B 52 14.28 22.38 3.08
C ASP B 52 15.59 21.71 3.58
N VAL B 53 15.96 20.59 2.96
CA VAL B 53 17.15 19.89 3.33
C VAL B 53 17.92 19.72 2.04
N TYR B 54 19.25 19.63 2.18
CA TYR B 54 20.16 19.55 1.06
C TYR B 54 21.09 18.40 1.40
N TRP B 55 21.40 17.62 0.37
CA TRP B 55 22.17 16.42 0.51
C TRP B 55 23.53 16.38 -0.14
N ASP B 56 24.46 15.64 0.48
CA ASP B 56 25.80 15.36 -0.07
C ASP B 56 25.57 13.96 -0.63
N VAL B 57 25.98 13.71 -1.86
CA VAL B 57 25.79 12.41 -2.52
C VAL B 57 26.51 11.23 -1.88
N GLY B 58 25.83 10.09 -1.86
CA GLY B 58 26.38 8.88 -1.24
C GLY B 58 26.40 7.58 -2.01
N PHE B 59 27.55 6.92 -1.95
CA PHE B 59 27.75 5.63 -2.63
C PHE B 59 27.88 4.47 -1.64
N THR B 66 22.71 -0.93 1.08
CA THR B 66 21.79 -0.28 0.13
C THR B 66 22.43 1.01 -0.40
N LYS B 67 22.40 1.21 -1.72
CA LYS B 67 23.03 2.39 -2.31
C LYS B 67 22.67 3.78 -1.80
N THR B 68 21.44 4.01 -1.34
CA THR B 68 21.10 5.34 -0.84
C THR B 68 21.60 5.54 0.58
N SER B 69 22.14 4.50 1.24
CA SER B 69 22.59 4.71 2.61
C SER B 69 23.77 5.68 2.76
N GLY B 70 24.48 5.91 1.64
CA GLY B 70 25.63 6.81 1.62
C GLY B 70 25.22 8.28 1.68
N TRP B 71 24.00 8.62 1.26
CA TRP B 71 23.57 10.04 1.31
C TRP B 71 23.65 10.57 2.75
N SER B 72 24.17 11.78 2.90
CA SER B 72 24.33 12.36 4.24
C SER B 72 23.80 13.78 4.25
N LEU B 73 23.05 14.15 5.30
CA LEU B 73 22.46 15.48 5.39
C LEU B 73 23.51 16.60 5.53
N SER B 74 23.50 17.55 4.60
CA SER B 74 24.52 18.59 4.60
C SER B 74 24.07 20.05 4.89
N SER B 75 22.78 20.34 4.78
CA SER B 75 22.25 21.69 5.08
C SER B 75 20.74 21.63 5.29
N VAL B 76 20.26 22.48 6.21
CA VAL B 76 18.85 22.59 6.56
C VAL B 76 18.50 24.09 6.65
N LYS B 77 17.29 24.44 6.21
CA LYS B 77 16.79 25.81 6.23
C LYS B 77 15.45 25.77 6.97
N LEU B 78 15.22 26.77 7.82
CA LEU B 78 13.99 26.88 8.60
C LEU B 78 13.52 28.32 8.40
N SER B 79 12.34 28.50 7.80
CA SER B 79 11.83 29.85 7.57
C SER B 79 10.46 30.15 8.18
N THR B 80 10.28 31.42 8.53
CA THR B 80 9.06 31.93 9.09
C THR B 80 8.78 33.29 8.50
N ARG B 81 7.61 33.75 8.90
CA ARG B 81 7.07 35.06 8.61
C ARG B 81 8.17 36.05 8.39
N ASN B 82 8.85 36.32 9.50
CA ASN B 82 9.93 37.29 9.59
C ASN B 82 11.34 36.73 9.52
N LEU B 83 11.48 35.42 9.72
CA LEU B 83 12.79 34.80 9.85
C LEU B 83 13.19 33.64 8.98
N CYS B 84 14.48 33.37 9.03
CA CYS B 84 14.99 32.28 8.24
C CYS B 84 16.47 31.97 8.59
N LEU B 85 16.69 30.73 8.99
CA LEU B 85 18.00 30.25 9.41
C LEU B 85 18.47 29.23 8.44
N PHE B 86 19.80 29.15 8.29
CA PHE B 86 20.43 28.19 7.39
C PHE B 86 21.66 27.59 8.07
N LEU B 87 21.68 26.26 8.19
CA LEU B 87 22.78 25.58 8.87
C LEU B 87 23.58 24.78 7.85
N ARG B 88 24.84 24.49 8.18
CA ARG B 88 25.69 23.69 7.31
C ARG B 88 26.21 22.61 8.26
N LEU B 89 25.87 21.35 7.95
CA LEU B 89 26.23 20.25 8.84
C LEU B 89 27.47 19.51 8.44
N PRO B 90 28.24 19.01 9.44
CA PRO B 90 29.45 18.29 9.12
C PRO B 90 29.09 16.86 8.71
N LYS B 91 30.11 16.11 8.30
CA LYS B 91 29.94 14.71 7.93
C LYS B 91 31.06 13.94 8.62
N PRO B 92 30.74 13.11 9.62
CA PRO B 92 29.38 12.88 10.11
C PRO B 92 28.92 13.93 11.15
N PHE B 93 27.69 13.75 11.64
CA PHE B 93 27.11 14.63 12.67
C PHE B 93 27.83 14.54 13.98
N HIS B 94 27.81 15.61 14.76
CA HIS B 94 28.34 15.57 16.11
C HIS B 94 27.11 15.64 17.04
N ASP B 95 27.32 15.44 18.35
CA ASP B 95 26.20 15.43 19.28
C ASP B 95 25.39 16.71 19.50
N ASN B 96 25.91 17.84 19.08
CA ASN B 96 25.21 19.09 19.27
C ASN B 96 23.91 19.11 18.44
N LEU B 97 23.89 18.29 17.40
CA LEU B 97 22.72 18.20 16.54
C LEU B 97 21.54 17.43 17.15
N LYS B 98 21.75 16.71 18.26
CA LYS B 98 20.60 16.03 18.87
C LYS B 98 19.47 17.07 19.08
N ASP B 99 19.81 18.37 19.08
CA ASP B 99 18.75 19.39 19.28
C ASP B 99 17.92 19.69 18.01
N LEU B 100 18.50 19.44 16.85
CA LEU B 100 17.76 19.62 15.60
C LEU B 100 16.74 18.46 15.62
N TYR B 101 17.16 17.24 15.99
CA TYR B 101 16.21 16.11 16.03
C TYR B 101 15.05 16.44 17.00
N ARG B 102 15.39 16.65 18.26
CA ARG B 102 14.38 17.01 19.24
C ARG B 102 13.54 18.14 18.66
N PHE B 103 14.21 19.15 18.09
CA PHE B 103 13.49 20.26 17.48
C PHE B 103 12.56 19.75 16.37
N PHE B 104 13.09 18.92 15.47
CA PHE B 104 12.30 18.42 14.34
C PHE B 104 11.15 17.48 14.72
N ALA B 105 11.17 16.94 15.95
CA ALA B 105 10.08 16.06 16.39
C ALA B 105 8.96 16.90 16.99
N SER B 106 9.15 18.20 17.06
CA SER B 106 8.15 19.08 17.68
C SER B 106 6.78 19.16 17.03
N LYS B 107 5.76 18.87 17.84
CA LYS B 107 4.39 18.99 17.37
C LYS B 107 3.84 20.36 17.85
N PHE B 108 4.73 21.32 18.13
CA PHE B 108 4.28 22.71 18.53
C PHE B 108 3.85 23.51 17.28
N VAL B 109 4.47 23.21 16.15
CA VAL B 109 4.11 23.87 14.89
C VAL B 109 4.27 22.86 13.76
N THR B 110 4.01 23.28 12.54
CA THR B 110 4.11 22.41 11.39
C THR B 110 5.34 22.72 10.53
N PHE B 111 6.04 21.69 10.10
CA PHE B 111 7.24 21.82 9.26
C PHE B 111 6.81 21.78 7.78
N VAL B 112 6.67 22.95 7.21
CA VAL B 112 6.23 23.05 5.83
C VAL B 112 7.38 22.87 4.85
N GLY B 113 7.22 21.92 3.91
CA GLY B 113 8.27 21.65 2.94
C GLY B 113 7.72 21.35 1.54
N VAL B 114 8.57 21.42 0.52
CA VAL B 114 8.13 21.13 -0.85
C VAL B 114 8.91 19.89 -1.36
N GLN B 115 8.20 18.96 -1.99
CA GLN B 115 8.80 17.70 -2.49
C GLN B 115 9.81 17.10 -1.47
N ILE B 116 9.30 16.58 -0.34
CA ILE B 116 10.12 16.02 0.73
C ILE B 116 9.83 14.54 1.01
N GLU B 117 9.09 13.86 0.13
CA GLU B 117 8.75 12.47 0.40
C GLU B 117 10.05 11.61 0.45
N GLU B 118 10.94 11.79 -0.51
CA GLU B 118 12.22 11.06 -0.49
C GLU B 118 13.07 11.54 0.72
N ASP B 119 13.12 12.86 0.96
CA ASP B 119 13.89 13.39 2.10
C ASP B 119 13.50 12.67 3.40
N LEU B 120 12.20 12.38 3.59
CA LEU B 120 11.77 11.73 4.83
C LEU B 120 12.34 10.36 5.00
N ASP B 121 12.28 9.49 3.97
CA ASP B 121 12.89 8.14 4.09
C ASP B 121 14.42 8.25 4.30
N LEU B 122 15.10 9.06 3.48
CA LEU B 122 16.56 9.22 3.59
C LEU B 122 16.92 9.74 4.99
N LEU B 123 16.22 10.79 5.43
CA LEU B 123 16.47 11.36 6.75
C LEU B 123 16.19 10.23 7.81
N ARG B 124 15.07 9.51 7.66
CA ARG B 124 14.72 8.41 8.58
C ARG B 124 15.80 7.31 8.55
N GLU B 125 16.05 6.77 7.36
CA GLU B 125 17.00 5.68 7.19
C GLU B 125 18.48 6.06 7.27
N ASN B 126 18.80 7.34 7.17
CA ASN B 126 20.26 7.66 7.18
C ASN B 126 20.72 8.38 8.41
N HIS B 127 19.77 9.04 9.12
CA HIS B 127 20.13 9.77 10.32
C HIS B 127 19.22 9.48 11.54
N GLY B 128 18.22 8.60 11.37
CA GLY B 128 17.30 8.31 12.46
C GLY B 128 16.59 9.57 12.96
N LEU B 129 16.51 10.60 12.11
CA LEU B 129 15.88 11.86 12.46
C LEU B 129 14.39 11.81 12.09
N VAL B 130 13.55 12.07 13.10
CA VAL B 130 12.08 12.03 12.97
C VAL B 130 11.34 13.37 12.91
N ILE B 131 10.63 13.66 11.82
CA ILE B 131 9.87 14.90 11.84
C ILE B 131 8.42 14.45 12.03
N ARG B 132 7.83 14.69 13.21
CA ARG B 132 6.49 14.16 13.42
C ARG B 132 5.37 15.00 12.79
N ASN B 133 5.59 16.31 12.71
CA ASN B 133 4.57 17.22 12.20
C ASN B 133 5.01 17.83 10.90
N ALA B 134 5.12 16.96 9.89
CA ALA B 134 5.54 17.30 8.55
C ALA B 134 4.36 17.19 7.60
N ILE B 135 4.43 17.94 6.50
CA ILE B 135 3.44 17.84 5.44
C ILE B 135 4.21 18.16 4.16
N ASN B 136 3.94 17.41 3.09
CA ASN B 136 4.53 17.60 1.75
C ASN B 136 3.43 18.56 1.18
N VAL B 137 3.68 19.87 1.22
CA VAL B 137 2.63 20.83 0.89
C VAL B 137 1.98 20.91 -0.52
N GLY B 138 2.72 20.51 -1.56
CA GLY B 138 2.22 20.55 -2.92
C GLY B 138 0.93 19.78 -3.07
N LYS B 139 0.84 18.65 -2.37
CA LYS B 139 -0.40 17.86 -2.43
C LYS B 139 -1.57 18.69 -1.83
N LEU B 140 -1.31 19.40 -0.72
CA LEU B 140 -2.35 20.23 -0.08
C LEU B 140 -2.82 21.27 -1.09
N ALA B 141 -1.87 21.96 -1.74
CA ALA B 141 -2.27 22.99 -2.72
C ALA B 141 -3.11 22.38 -3.84
N ALA B 142 -2.69 21.23 -4.35
CA ALA B 142 -3.42 20.56 -5.44
C ALA B 142 -4.87 20.32 -5.05
N GLU B 143 -5.06 19.74 -3.85
CA GLU B 143 -6.41 19.45 -3.38
C GLU B 143 -7.18 20.72 -3.05
N ALA B 144 -6.49 21.72 -2.53
CA ALA B 144 -7.11 22.98 -2.16
C ALA B 144 -7.49 23.87 -3.34
N ARG B 145 -6.62 23.93 -4.34
CA ARG B 145 -6.88 24.77 -5.49
C ARG B 145 -7.43 24.05 -6.73
N GLY B 146 -7.79 22.78 -6.60
CA GLY B 146 -8.31 22.05 -7.75
C GLY B 146 -7.36 22.11 -8.96
N THR B 147 -6.06 22.14 -8.67
CA THR B 147 -5.04 22.24 -9.72
C THR B 147 -4.12 21.03 -9.59
N LEU B 148 -4.33 20.04 -10.45
CA LEU B 148 -3.55 18.81 -10.37
C LEU B 148 -2.03 18.91 -10.29
N VAL B 149 -1.43 19.60 -11.25
CA VAL B 149 0.02 19.68 -11.35
C VAL B 149 0.77 20.19 -10.08
N LEU B 150 0.22 21.21 -9.39
CA LEU B 150 0.84 21.79 -8.18
C LEU B 150 1.47 20.73 -7.29
N GLU B 151 0.89 19.52 -7.28
CA GLU B 151 1.45 18.45 -6.45
C GLU B 151 2.85 18.04 -6.97
N PHE B 152 3.10 18.37 -8.23
CA PHE B 152 4.34 17.99 -8.87
C PHE B 152 5.23 19.16 -9.27
N LEU B 153 5.09 20.29 -8.56
CA LEU B 153 5.90 21.47 -8.86
C LEU B 153 7.03 21.64 -7.84
N GLY B 154 8.17 22.18 -8.30
CA GLY B 154 9.28 22.44 -7.42
C GLY B 154 8.97 23.72 -6.64
N THR B 155 9.89 24.10 -5.75
CA THR B 155 9.67 25.24 -4.85
C THR B 155 9.28 26.53 -5.54
N ARG B 156 10.11 27.02 -6.45
CA ARG B 156 9.78 28.29 -7.11
C ARG B 156 8.48 28.24 -7.88
N GLU B 157 8.34 27.19 -8.67
CA GLU B 157 7.18 27.08 -9.55
C GLU B 157 5.91 26.97 -8.73
N LEU B 158 5.97 26.24 -7.63
CA LEU B 158 4.79 26.15 -6.81
C LEU B 158 4.47 27.60 -6.35
N ALA B 159 5.44 28.34 -5.81
CA ALA B 159 5.14 29.71 -5.41
C ALA B 159 4.49 30.47 -6.56
N HIS B 160 5.08 30.34 -7.75
CA HIS B 160 4.54 30.97 -8.94
C HIS B 160 3.04 30.67 -8.95
N ARG B 161 2.74 29.38 -8.90
CA ARG B 161 1.38 28.87 -8.96
C ARG B 161 0.56 28.94 -7.69
N VAL B 162 0.82 29.95 -6.87
CA VAL B 162 0.05 30.12 -5.64
C VAL B 162 0.02 31.59 -5.23
N LEU B 163 1.17 32.25 -5.27
CA LEU B 163 1.22 33.64 -4.83
C LEU B 163 1.38 34.72 -5.90
N TRP B 164 1.88 34.34 -7.07
CA TRP B 164 2.12 35.30 -8.15
C TRP B 164 3.16 36.38 -7.73
N SER B 165 4.31 36.02 -7.15
CA SER B 165 5.33 37.02 -6.73
C SER B 165 6.48 37.01 -7.74
N ASP B 166 6.71 38.13 -8.42
CA ASP B 166 7.76 38.22 -9.44
C ASP B 166 9.03 37.61 -8.88
N LEU B 167 9.41 36.50 -9.49
CA LEU B 167 10.55 35.70 -9.07
C LEU B 167 11.82 36.12 -9.78
N GLY B 168 11.88 37.43 -10.07
CA GLY B 168 12.98 38.01 -10.81
C GLY B 168 14.36 37.59 -10.36
N GLN B 169 14.69 38.09 -9.18
CA GLN B 169 15.95 37.87 -8.47
C GLN B 169 16.28 36.37 -8.32
N LEU B 170 15.49 35.69 -7.50
CA LEU B 170 15.70 34.28 -7.28
C LEU B 170 16.02 33.64 -8.67
N ASP B 171 15.14 33.79 -9.65
CA ASP B 171 15.42 33.21 -10.96
C ASP B 171 16.82 33.52 -11.51
N SER B 172 17.26 34.77 -11.36
CA SER B 172 18.58 35.16 -11.90
C SER B 172 19.71 34.45 -11.18
N ILE B 173 19.57 34.25 -9.86
CA ILE B 173 20.58 33.55 -9.07
C ILE B 173 20.60 32.08 -9.45
N GLU B 174 19.44 31.43 -9.36
CA GLU B 174 19.38 30.02 -9.64
C GLU B 174 19.77 29.60 -11.06
N ALA B 175 19.50 30.45 -12.07
CA ALA B 175 19.86 30.13 -13.47
C ALA B 175 21.39 30.05 -13.57
N LYS B 176 22.07 30.83 -12.74
CA LYS B 176 23.52 30.82 -12.73
C LYS B 176 23.99 30.18 -11.44
N TRP B 177 23.18 29.30 -10.90
CA TRP B 177 23.51 28.66 -9.63
C TRP B 177 24.96 28.16 -9.53
N GLU B 178 25.48 27.58 -10.60
CA GLU B 178 26.83 27.06 -10.60
C GLU B 178 27.89 28.11 -10.29
N LYS B 179 27.58 29.38 -10.51
CA LYS B 179 28.55 30.43 -10.23
C LYS B 179 28.00 31.61 -9.42
N ALA B 180 26.86 31.44 -8.79
CA ALA B 180 26.25 32.53 -8.04
C ALA B 180 26.98 33.00 -6.77
N GLY B 181 26.87 34.30 -6.51
CA GLY B 181 27.47 34.89 -5.32
C GLY B 181 27.09 34.14 -4.05
N PRO B 182 27.78 34.39 -2.92
CA PRO B 182 27.40 33.65 -1.71
C PRO B 182 26.13 34.23 -1.15
N GLU B 183 26.07 35.55 -1.13
CA GLU B 183 24.87 36.20 -0.65
C GLU B 183 23.68 35.71 -1.49
N GLU B 184 23.76 35.87 -2.82
CA GLU B 184 22.69 35.47 -3.73
C GLU B 184 22.13 34.06 -3.49
N GLN B 185 23.00 33.07 -3.29
CA GLN B 185 22.55 31.72 -3.05
C GLN B 185 21.81 31.63 -1.70
N LEU B 186 22.31 32.35 -0.70
CA LEU B 186 21.62 32.38 0.59
C LEU B 186 20.38 33.21 0.31
N GLU B 187 20.51 34.21 -0.56
CA GLU B 187 19.40 35.08 -0.89
C GLU B 187 18.29 34.24 -1.52
N ALA B 188 18.65 33.36 -2.47
CA ALA B 188 17.66 32.48 -3.08
C ALA B 188 16.97 31.61 -2.00
N ALA B 189 17.77 31.08 -1.06
CA ALA B 189 17.22 30.24 0.00
C ALA B 189 16.26 31.05 0.86
N ALA B 190 16.55 32.34 1.05
CA ALA B 190 15.63 33.13 1.87
C ALA B 190 14.31 33.45 1.16
N ILE B 191 14.34 33.80 -0.13
CA ILE B 191 13.11 34.10 -0.88
C ILE B 191 12.22 32.84 -1.04
N GLU B 192 12.84 31.68 -1.31
CA GLU B 192 12.10 30.43 -1.44
C GLU B 192 11.55 30.11 -0.06
N GLY B 193 12.35 30.42 0.95
CA GLY B 193 11.91 30.14 2.30
C GLY B 193 10.75 31.03 2.63
N TRP B 194 10.77 32.26 2.13
CA TRP B 194 9.72 33.26 2.39
C TRP B 194 8.46 32.93 1.61
N LEU B 195 8.62 32.56 0.33
CA LEU B 195 7.49 32.17 -0.53
C LEU B 195 6.67 31.01 0.04
N ILE B 196 7.33 30.03 0.66
CA ILE B 196 6.57 28.89 1.16
C ILE B 196 5.82 29.27 2.44
N VAL B 197 6.43 30.12 3.25
CA VAL B 197 5.72 30.59 4.43
C VAL B 197 4.39 31.21 3.89
N ASN B 198 4.45 32.05 2.85
CA ASN B 198 3.21 32.68 2.35
C ASN B 198 2.24 31.69 1.70
N VAL B 199 2.77 30.71 0.96
CA VAL B 199 1.92 29.71 0.32
C VAL B 199 1.15 29.01 1.44
N TRP B 200 1.85 28.69 2.53
CA TRP B 200 1.23 28.04 3.65
C TRP B 200 0.10 28.89 4.23
N ASP B 201 0.41 30.13 4.58
CA ASP B 201 -0.60 31.00 5.18
C ASP B 201 -1.84 31.08 4.28
N GLN B 202 -1.64 31.18 2.97
CA GLN B 202 -2.76 31.30 2.06
C GLN B 202 -3.57 29.99 2.10
N LEU B 203 -2.92 28.84 1.89
CA LEU B 203 -3.64 27.56 1.93
C LEU B 203 -4.28 27.35 3.29
N SER B 204 -3.55 27.76 4.30
CA SER B 204 -4.02 27.66 5.68
C SER B 204 -5.42 28.25 5.88
N ASP B 205 -5.87 29.17 5.03
CA ASP B 205 -7.20 29.75 5.19
C ASP B 205 -8.33 29.29 4.28
N GLU B 206 -7.98 28.81 3.09
CA GLU B 206 -8.96 28.33 2.12
C GLU B 206 -9.83 27.12 2.54
N SER C 1 34.30 27.40 -21.34
CA SER C 1 34.15 26.03 -20.77
C SER C 1 33.62 25.04 -21.79
N ALA C 2 32.40 25.26 -22.30
CA ALA C 2 31.79 24.37 -23.25
C ALA C 2 30.37 24.77 -23.73
N SER C 3 29.92 24.19 -24.85
CA SER C 3 28.59 24.46 -25.39
C SER C 3 28.01 23.13 -25.91
N PHE C 4 26.85 23.15 -26.54
CA PHE C 4 26.31 21.89 -27.05
C PHE C 4 26.77 21.72 -28.53
N ASP C 5 28.07 21.44 -28.77
CA ASP C 5 28.66 21.25 -30.13
C ASP C 5 28.13 20.08 -30.99
N GLY C 6 26.87 19.74 -30.78
CA GLY C 6 26.29 18.67 -31.58
C GLY C 6 25.32 19.16 -32.61
N PRO C 7 24.71 18.26 -33.39
CA PRO C 7 23.74 18.63 -34.43
C PRO C 7 22.53 19.39 -33.91
N LYS C 8 22.09 20.38 -34.66
CA LYS C 8 20.93 21.16 -34.24
C LYS C 8 19.75 20.64 -35.00
N PHE C 9 19.08 19.65 -34.40
CA PHE C 9 17.96 19.00 -35.03
C PHE C 9 16.75 19.92 -35.31
N LYS C 10 16.13 19.69 -36.46
CA LYS C 10 14.99 20.44 -36.94
C LYS C 10 13.66 19.88 -36.43
N THR C 12 9.43 19.64 -36.09
CA THR C 12 8.33 19.76 -37.06
C THR C 12 7.70 21.15 -37.18
N ASP C 13 8.15 22.08 -36.32
CA ASP C 13 7.59 23.43 -36.28
C ASP C 13 8.61 24.50 -36.62
N GLY C 14 9.73 24.11 -37.20
CA GLY C 14 10.71 25.11 -37.52
C GLY C 14 11.71 25.41 -36.41
N SER C 15 11.36 25.15 -35.13
CA SER C 15 12.28 25.38 -34.05
C SER C 15 13.35 24.28 -34.07
N TYR C 16 14.47 24.53 -33.40
CA TYR C 16 15.59 23.57 -33.36
C TYR C 16 16.11 23.13 -31.97
N VAL C 17 16.72 21.95 -31.89
CA VAL C 17 17.28 21.49 -30.62
C VAL C 17 18.81 21.29 -30.70
N GLN C 18 19.56 21.99 -29.85
CA GLN C 18 21.01 21.87 -29.80
C GLN C 18 21.45 20.50 -29.27
N THR C 19 22.58 20.00 -29.76
CA THR C 19 23.06 18.66 -29.39
C THR C 19 24.38 18.68 -28.60
N LYS C 20 24.58 17.77 -27.64
CA LYS C 20 25.84 17.75 -26.91
C LYS C 20 26.15 16.37 -26.42
N THR C 21 25.74 15.38 -27.22
CA THR C 21 25.95 13.99 -26.85
C THR C 21 27.33 13.82 -26.26
N ILE C 22 27.38 13.41 -25.00
CA ILE C 22 28.66 13.23 -24.39
C ILE C 22 28.84 11.80 -23.88
N ASP C 23 29.98 11.20 -24.19
CA ASP C 23 30.27 9.88 -23.68
C ASP C 23 31.09 10.19 -22.46
N VAL C 24 30.44 10.19 -21.31
CA VAL C 24 31.08 10.48 -20.04
C VAL C 24 32.12 9.39 -19.76
N GLY C 25 33.31 9.82 -19.35
CA GLY C 25 34.38 8.88 -18.99
C GLY C 25 34.62 9.10 -17.51
N SER C 26 35.85 8.93 -17.02
CA SER C 26 36.10 9.14 -15.60
C SER C 26 36.56 10.58 -15.29
N SER C 27 36.94 11.34 -16.32
CA SER C 27 37.37 12.73 -16.11
C SER C 27 36.48 13.82 -16.76
N THR C 28 35.41 13.38 -17.41
CA THR C 28 34.47 14.30 -18.07
C THR C 28 33.78 15.29 -17.10
N ASP C 29 33.58 16.52 -17.55
CA ASP C 29 32.88 17.50 -16.73
C ASP C 29 31.55 17.85 -17.41
N ILE C 30 30.45 17.22 -16.96
CA ILE C 30 29.13 17.44 -17.55
C ILE C 30 28.44 18.63 -16.91
N SER C 31 29.08 19.22 -15.90
CA SER C 31 28.43 20.32 -15.20
C SER C 31 28.08 21.57 -16.02
N PRO C 32 28.93 21.96 -17.00
CA PRO C 32 28.60 23.16 -17.79
C PRO C 32 27.32 22.90 -18.60
N TYR C 33 27.10 21.64 -18.95
CA TYR C 33 25.92 21.26 -19.72
C TYR C 33 24.66 21.24 -18.83
N LEU C 34 24.71 20.53 -17.70
CA LEU C 34 23.55 20.55 -16.81
C LEU C 34 23.19 22.01 -16.44
N SER C 35 24.20 22.87 -16.27
CA SER C 35 23.93 24.27 -15.91
C SER C 35 23.17 24.96 -17.05
N LEU C 36 23.50 24.61 -18.30
CA LEU C 36 22.77 25.18 -19.41
C LEU C 36 21.33 24.58 -19.51
N ILE C 37 21.16 23.34 -19.06
CA ILE C 37 19.85 22.70 -19.11
C ILE C 37 19.06 23.44 -18.06
N ARG C 38 19.69 23.62 -16.91
CA ARG C 38 19.04 24.31 -15.79
C ARG C 38 18.67 25.76 -16.16
N GLU C 39 19.56 26.45 -16.88
CA GLU C 39 19.22 27.84 -17.22
C GLU C 39 18.05 27.88 -18.22
N ASP C 40 18.11 27.05 -19.25
CA ASP C 40 17.03 27.03 -20.24
C ASP C 40 15.64 26.77 -19.58
N SER C 41 15.54 25.72 -18.77
CA SER C 41 14.29 25.34 -18.12
C SER C 41 13.76 26.51 -17.26
N ILE C 42 14.64 27.15 -16.51
CA ILE C 42 14.19 28.23 -15.63
C ILE C 42 13.73 29.50 -16.33
N LEU C 43 14.39 29.88 -17.41
CA LEU C 43 14.04 31.12 -18.12
C LEU C 43 13.10 30.94 -19.30
N ASN C 44 13.13 29.74 -19.91
CA ASN C 44 12.32 29.46 -21.11
C ASN C 44 11.46 28.19 -21.10
N GLY C 45 11.40 27.45 -20.00
CA GLY C 45 10.63 26.23 -20.00
C GLY C 45 9.65 25.98 -18.86
N ASN C 46 9.26 27.02 -18.13
CA ASN C 46 8.29 26.90 -17.03
C ASN C 46 8.70 25.92 -15.93
N ARG C 47 10.00 25.64 -15.83
CA ARG C 47 10.59 24.74 -14.83
C ARG C 47 10.28 23.24 -14.87
N ALA C 48 11.15 22.55 -15.62
CA ALA C 48 11.15 21.13 -15.82
C ALA C 48 12.28 20.63 -16.74
N VAL C 49 12.64 19.37 -16.56
CA VAL C 49 13.69 18.76 -17.34
C VAL C 49 13.14 17.40 -17.80
N ILE C 50 13.27 17.13 -19.11
CA ILE C 50 12.86 15.88 -19.71
C ILE C 50 14.03 14.89 -19.64
N PHE C 51 13.72 13.66 -19.27
CA PHE C 51 14.77 12.64 -19.18
C PHE C 51 14.32 11.28 -19.63
N ASP C 52 15.32 10.41 -19.85
CA ASP C 52 15.10 8.99 -20.08
C ASP C 52 16.40 8.32 -19.56
N VAL C 53 16.39 7.02 -19.26
CA VAL C 53 17.58 6.39 -18.73
C VAL C 53 17.78 5.04 -19.42
N TYR C 54 19.05 4.66 -19.59
CA TYR C 54 19.39 3.47 -20.32
C TYR C 54 20.21 2.50 -19.56
N TRP C 55 19.62 1.32 -19.45
CA TRP C 55 20.15 0.19 -18.77
C TRP C 55 20.93 -0.68 -19.76
N ASP C 56 22.14 -1.05 -19.38
CA ASP C 56 22.99 -1.93 -20.19
C ASP C 56 22.67 -3.38 -19.68
N VAL C 57 21.38 -3.59 -19.39
CA VAL C 57 20.88 -4.85 -18.86
C VAL C 57 21.90 -6.01 -18.84
N GLY C 58 22.19 -6.49 -17.64
CA GLY C 58 23.16 -7.56 -17.52
C GLY C 58 22.74 -8.62 -16.50
N PHE C 59 23.22 -9.85 -16.70
CA PHE C 59 22.93 -10.94 -15.78
C PHE C 59 24.00 -10.94 -14.68
N THR C 66 19.64 -10.17 -6.09
CA THR C 66 18.36 -9.91 -6.76
C THR C 66 18.54 -10.00 -8.29
N LYS C 67 17.53 -10.49 -8.99
CA LYS C 67 17.69 -10.64 -10.41
C LYS C 67 17.76 -9.35 -11.26
N THR C 68 17.41 -8.20 -10.67
CA THR C 68 17.50 -6.93 -11.41
C THR C 68 18.80 -6.22 -11.03
N SER C 69 19.54 -6.80 -10.09
CA SER C 69 20.77 -6.16 -9.69
C SER C 69 21.67 -6.19 -10.90
N GLY C 70 21.28 -6.99 -11.89
CA GLY C 70 22.05 -7.12 -13.10
C GLY C 70 22.01 -5.89 -14.00
N TRP C 71 20.99 -5.04 -13.87
CA TRP C 71 20.92 -3.88 -14.75
C TRP C 71 21.89 -2.83 -14.25
N SER C 72 22.19 -1.86 -15.10
CA SER C 72 23.14 -0.81 -14.72
C SER C 72 23.02 0.32 -15.76
N LEU C 73 22.78 1.54 -15.29
CA LEU C 73 22.56 2.73 -16.14
C LEU C 73 23.66 2.92 -17.19
N SER C 74 23.27 3.26 -18.42
CA SER C 74 24.19 3.39 -19.51
C SER C 74 23.96 4.70 -20.27
N SER C 75 22.71 5.17 -20.32
CA SER C 75 22.45 6.46 -20.94
C SER C 75 21.45 7.28 -20.12
N VAL C 76 21.60 8.60 -20.22
CA VAL C 76 20.72 9.56 -19.58
C VAL C 76 20.44 10.74 -20.52
N LYS C 77 19.17 11.05 -20.76
CA LYS C 77 18.83 12.23 -21.59
C LYS C 77 18.09 13.32 -20.80
N LEU C 78 18.42 14.61 -21.03
CA LEU C 78 17.74 15.72 -20.38
C LEU C 78 17.26 16.72 -21.45
N SER C 79 15.94 16.79 -21.65
CA SER C 79 15.43 17.70 -22.66
C SER C 79 14.73 18.90 -22.05
N THR C 80 14.97 20.06 -22.64
CA THR C 80 14.32 21.29 -22.21
C THR C 80 13.78 22.00 -23.45
N ARG C 81 13.40 23.24 -23.27
CA ARG C 81 12.91 24.03 -24.41
C ARG C 81 13.87 23.99 -25.63
N ASN C 82 15.16 24.15 -25.40
CA ASN C 82 16.13 24.21 -26.51
C ASN C 82 17.26 23.18 -26.45
N LEU C 83 17.48 22.62 -25.28
CA LEU C 83 18.61 21.75 -25.12
C LEU C 83 18.45 20.26 -25.04
N CYS C 84 19.43 19.55 -25.60
CA CYS C 84 19.45 18.10 -25.44
C CYS C 84 20.80 17.55 -25.01
N LEU C 85 20.89 17.22 -23.73
CA LEU C 85 22.09 16.60 -23.17
C LEU C 85 21.78 15.09 -23.14
N PHE C 86 22.42 14.30 -24.02
CA PHE C 86 22.19 12.86 -24.04
C PHE C 86 23.46 12.21 -23.53
N LEU C 87 23.52 12.01 -22.22
CA LEU C 87 24.70 11.43 -21.57
C LEU C 87 24.82 9.92 -21.72
N ARG C 88 25.82 9.48 -22.50
CA ARG C 88 26.05 8.05 -22.66
C ARG C 88 26.91 7.83 -21.43
N LEU C 89 26.61 6.82 -20.60
CA LEU C 89 27.36 6.64 -19.35
C LEU C 89 28.25 5.42 -19.18
N PRO C 90 29.35 5.56 -18.44
CA PRO C 90 30.30 4.47 -18.21
C PRO C 90 29.86 3.46 -17.13
N LYS C 91 30.55 2.34 -17.10
CA LYS C 91 30.28 1.31 -16.12
C LYS C 91 31.66 0.85 -15.70
N PRO C 92 32.04 1.02 -14.43
CA PRO C 92 31.28 1.62 -13.33
C PRO C 92 31.28 3.16 -13.33
N PHE C 93 30.55 3.73 -12.38
CA PHE C 93 30.44 5.18 -12.18
C PHE C 93 31.69 5.70 -11.45
N HIS C 94 32.17 6.88 -11.80
CA HIS C 94 33.30 7.45 -11.08
C HIS C 94 32.77 8.69 -10.36
N ASP C 95 33.59 9.22 -9.46
CA ASP C 95 33.27 10.40 -8.67
C ASP C 95 32.73 11.51 -9.52
N ASN C 96 33.23 11.59 -10.74
CA ASN C 96 32.75 12.62 -11.67
C ASN C 96 31.25 12.43 -11.91
N LEU C 97 30.73 11.24 -11.63
CA LEU C 97 29.30 11.10 -11.85
C LEU C 97 28.54 11.56 -10.61
N LYS C 98 29.26 11.83 -9.53
CA LYS C 98 28.60 12.30 -8.33
C LYS C 98 27.71 13.41 -8.83
N ASP C 99 28.22 14.19 -9.77
CA ASP C 99 27.52 15.32 -10.35
C ASP C 99 26.15 15.08 -10.96
N LEU C 100 25.90 13.90 -11.51
CA LEU C 100 24.55 13.68 -12.07
C LEU C 100 23.58 13.54 -10.88
N TYR C 101 24.03 12.86 -9.82
CA TYR C 101 23.20 12.67 -8.62
C TYR C 101 22.70 13.98 -8.06
N ARG C 102 23.61 14.92 -7.81
CA ARG C 102 23.20 16.20 -7.27
C ARG C 102 22.16 16.89 -8.19
N PHE C 103 22.42 16.88 -9.50
CA PHE C 103 21.49 17.51 -10.43
C PHE C 103 20.14 16.81 -10.33
N PHE C 104 20.15 15.47 -10.34
CA PHE C 104 18.92 14.72 -10.22
C PHE C 104 18.22 14.91 -8.87
N ALA C 105 18.92 15.47 -7.91
CA ALA C 105 18.28 15.63 -6.60
C ALA C 105 17.80 17.07 -6.46
N SER C 106 18.06 17.84 -7.51
CA SER C 106 17.72 19.25 -7.56
C SER C 106 16.23 19.53 -7.42
N LYS C 107 15.89 20.54 -6.63
CA LYS C 107 14.50 20.91 -6.45
C LYS C 107 14.31 22.25 -7.18
N PHE C 108 15.25 22.57 -8.07
CA PHE C 108 15.18 23.80 -8.83
C PHE C 108 14.12 23.67 -9.92
N VAL C 109 13.87 22.42 -10.31
CA VAL C 109 12.89 22.06 -11.35
C VAL C 109 12.26 20.70 -11.17
N THR C 110 11.33 20.38 -12.10
CA THR C 110 10.63 19.07 -12.17
C THR C 110 11.15 18.24 -13.37
N PHE C 111 11.50 16.97 -13.08
CA PHE C 111 11.98 16.02 -14.07
C PHE C 111 10.75 15.23 -14.52
N VAL C 112 10.32 15.53 -15.75
CA VAL C 112 9.14 15.00 -16.38
C VAL C 112 9.48 13.77 -17.23
N GLY C 113 8.78 12.67 -16.94
CA GLY C 113 8.98 11.40 -17.63
C GLY C 113 7.70 10.65 -18.01
N VAL C 114 7.87 9.60 -18.82
CA VAL C 114 6.79 8.74 -19.30
C VAL C 114 7.17 7.31 -18.86
N GLN C 115 6.18 6.53 -18.41
CA GLN C 115 6.41 5.18 -17.89
C GLN C 115 7.72 5.12 -17.09
N ILE C 116 7.78 5.84 -15.97
CA ILE C 116 8.98 5.86 -15.14
C ILE C 116 8.83 5.09 -13.83
N GLU C 117 7.87 4.19 -13.71
CA GLU C 117 7.75 3.47 -12.42
C GLU C 117 8.87 2.45 -12.13
N GLU C 118 9.04 1.44 -12.99
CA GLU C 118 10.16 0.52 -12.79
C GLU C 118 11.43 1.44 -12.82
N ASP C 119 11.42 2.52 -13.61
CA ASP C 119 12.60 3.38 -13.65
C ASP C 119 13.11 3.82 -12.26
N LEU C 120 12.36 4.68 -11.54
CA LEU C 120 12.85 5.14 -10.23
C LEU C 120 13.40 3.95 -9.41
N ASP C 121 12.80 2.77 -9.58
CA ASP C 121 13.24 1.53 -8.89
C ASP C 121 14.67 1.04 -9.16
N LEU C 122 15.00 0.91 -10.43
CA LEU C 122 16.36 0.48 -10.79
C LEU C 122 17.31 1.59 -10.41
N LEU C 123 16.93 2.82 -10.74
CA LEU C 123 17.83 3.92 -10.44
C LEU C 123 18.07 4.02 -8.91
N ARG C 124 16.98 3.94 -8.17
CA ARG C 124 17.10 4.02 -6.73
C ARG C 124 18.07 2.95 -6.26
N GLU C 125 17.62 1.69 -6.43
CA GLU C 125 18.31 0.50 -5.94
C GLU C 125 19.68 0.18 -6.50
N ASN C 126 19.83 0.29 -7.81
CA ASN C 126 21.12 -0.08 -8.41
C ASN C 126 22.13 1.03 -8.36
N HIS C 127 21.70 2.28 -8.26
CA HIS C 127 22.69 3.39 -8.26
C HIS C 127 22.60 4.37 -7.07
N GLY C 128 21.59 4.23 -6.21
CA GLY C 128 21.47 5.18 -5.11
C GLY C 128 21.27 6.57 -5.68
N LEU C 129 20.77 6.64 -6.93
CA LEU C 129 20.53 7.94 -7.58
C LEU C 129 19.07 8.22 -7.32
N VAL C 130 18.81 9.30 -6.55
CA VAL C 130 17.46 9.70 -6.13
C VAL C 130 16.82 10.89 -6.86
N ILE C 131 15.57 10.73 -7.30
CA ILE C 131 14.90 11.88 -7.95
C ILE C 131 13.91 12.43 -6.88
N ARG C 132 14.04 13.71 -6.51
CA ARG C 132 13.12 14.18 -5.45
C ARG C 132 11.78 14.75 -5.94
N ASN C 133 11.72 15.20 -7.19
CA ASN C 133 10.49 15.78 -7.67
C ASN C 133 10.22 15.37 -9.10
N ALA C 134 9.65 14.15 -9.24
CA ALA C 134 9.35 13.53 -10.52
C ALA C 134 7.83 13.49 -10.79
N ILE C 135 7.45 13.17 -12.04
CA ILE C 135 6.04 13.05 -12.32
C ILE C 135 5.89 12.10 -13.52
N ASN C 136 5.11 11.04 -13.31
CA ASN C 136 4.79 10.04 -14.33
C ASN C 136 3.50 10.60 -14.95
N VAL C 137 3.66 11.19 -16.13
CA VAL C 137 2.61 11.90 -16.86
C VAL C 137 1.25 11.25 -17.11
N GLY C 138 1.21 10.25 -17.99
CA GLY C 138 -0.02 9.54 -18.31
C GLY C 138 -1.00 9.49 -17.13
N LYS C 139 -0.53 9.02 -15.98
CA LYS C 139 -1.36 8.95 -14.79
C LYS C 139 -2.03 10.35 -14.63
N LEU C 140 -1.24 11.41 -14.42
CA LEU C 140 -1.84 12.77 -14.33
C LEU C 140 -2.70 13.08 -15.58
N ALA C 141 -2.10 12.89 -16.77
CA ALA C 141 -2.80 13.12 -18.03
C ALA C 141 -4.13 12.39 -17.95
N ALA C 142 -4.06 11.10 -17.65
CA ALA C 142 -5.25 10.27 -17.53
C ALA C 142 -6.21 10.96 -16.51
N GLU C 143 -5.65 11.46 -15.43
CA GLU C 143 -6.51 12.11 -14.43
C GLU C 143 -6.97 13.47 -14.92
N ALA C 144 -6.03 14.26 -15.44
CA ALA C 144 -6.37 15.60 -15.91
C ALA C 144 -7.43 15.52 -16.98
N ARG C 145 -7.08 14.85 -18.08
CA ARG C 145 -8.03 14.70 -19.17
C ARG C 145 -9.10 13.66 -18.87
N GLY C 146 -8.91 12.91 -17.80
CA GLY C 146 -9.88 11.87 -17.43
C GLY C 146 -9.96 10.67 -18.38
N THR C 147 -8.92 10.51 -19.19
CA THR C 147 -8.83 9.44 -20.22
C THR C 147 -7.89 8.35 -19.71
N LEU C 148 -8.46 7.18 -19.42
CA LEU C 148 -7.74 6.04 -18.85
C LEU C 148 -6.46 5.59 -19.54
N VAL C 149 -6.60 5.32 -20.82
CA VAL C 149 -5.48 4.79 -21.58
C VAL C 149 -4.25 5.71 -21.57
N LEU C 150 -4.39 6.98 -21.15
CA LEU C 150 -3.25 7.90 -21.16
C LEU C 150 -2.08 7.40 -20.30
N GLU C 151 -2.38 6.51 -19.37
CA GLU C 151 -1.36 5.91 -18.50
C GLU C 151 -0.70 4.67 -19.23
N PHE C 152 -1.00 4.42 -20.51
CA PHE C 152 -0.43 3.19 -21.05
C PHE C 152 0.11 3.11 -22.49
N LEU C 153 0.91 4.13 -22.85
CA LEU C 153 1.54 4.24 -24.13
C LEU C 153 3.06 4.56 -23.94
N GLY C 154 3.82 4.39 -25.02
CA GLY C 154 5.24 4.66 -24.94
C GLY C 154 5.56 6.11 -25.24
N THR C 155 6.84 6.47 -25.28
CA THR C 155 7.19 7.88 -25.49
C THR C 155 6.76 8.46 -26.82
N ARG C 156 6.69 7.68 -27.89
CA ARG C 156 6.28 8.31 -29.15
C ARG C 156 4.81 8.58 -28.98
N GLU C 157 4.16 7.51 -28.48
CA GLU C 157 2.73 7.37 -28.31
C GLU C 157 2.04 8.33 -27.42
N LEU C 158 2.52 8.56 -26.21
CA LEU C 158 1.80 9.58 -25.44
C LEU C 158 1.72 10.73 -26.44
N ALA C 159 2.88 11.14 -26.98
CA ALA C 159 2.97 12.24 -27.98
C ALA C 159 1.76 12.34 -28.90
N HIS C 160 1.56 11.27 -29.64
CA HIS C 160 0.43 11.14 -30.55
C HIS C 160 -0.84 11.69 -29.88
N ARG C 161 -1.12 11.24 -28.66
CA ARG C 161 -2.34 11.68 -28.03
C ARG C 161 -2.35 12.96 -27.15
N VAL C 162 -1.22 13.66 -26.97
CA VAL C 162 -1.32 14.91 -26.21
C VAL C 162 -1.05 16.16 -27.11
N LEU C 163 -0.87 15.98 -28.41
CA LEU C 163 -0.57 17.11 -29.28
C LEU C 163 -1.02 16.84 -30.71
N TRP C 164 -1.24 15.57 -31.05
CA TRP C 164 -1.67 15.20 -32.38
C TRP C 164 -0.87 15.82 -33.53
N SER C 165 0.44 15.81 -33.42
CA SER C 165 1.22 16.39 -34.52
C SER C 165 1.75 15.22 -35.36
N ASP C 166 2.49 15.56 -36.43
CA ASP C 166 3.02 14.52 -37.29
C ASP C 166 4.21 13.86 -36.65
N LEU C 167 4.22 12.55 -36.68
CA LEU C 167 5.31 11.79 -36.06
C LEU C 167 6.08 10.94 -37.07
N GLY C 168 5.89 11.27 -38.34
CA GLY C 168 6.52 10.53 -39.42
C GLY C 168 8.05 10.39 -39.33
N GLN C 169 8.74 11.48 -39.02
CA GLN C 169 10.21 11.42 -38.91
C GLN C 169 10.71 10.51 -37.81
N LEU C 170 10.04 10.57 -36.66
CA LEU C 170 10.41 9.77 -35.49
C LEU C 170 10.06 8.30 -35.76
N ASP C 171 8.86 8.04 -36.26
CA ASP C 171 8.53 6.64 -36.53
C ASP C 171 9.48 5.95 -37.51
N SER C 172 10.09 6.70 -38.45
CA SER C 172 10.95 6.03 -39.43
C SER C 172 12.31 5.64 -38.88
N ILE C 173 12.78 6.40 -37.89
CA ILE C 173 14.03 6.08 -37.25
C ILE C 173 13.81 4.95 -36.19
N GLU C 174 12.60 4.88 -35.62
CA GLU C 174 12.38 3.88 -34.60
C GLU C 174 11.86 2.63 -35.23
N ALA C 175 11.30 2.73 -36.44
CA ALA C 175 10.80 1.53 -37.10
C ALA C 175 12.02 0.73 -37.61
N LYS C 176 13.14 1.40 -37.81
CA LYS C 176 14.37 0.72 -38.26
C LYS C 176 15.41 0.89 -37.16
N TRP C 177 15.00 0.83 -35.91
CA TRP C 177 15.96 1.09 -34.85
C TRP C 177 17.22 0.24 -34.95
N GLU C 178 17.04 -1.02 -35.29
CA GLU C 178 18.17 -1.93 -35.42
C GLU C 178 19.15 -1.44 -36.49
N LYS C 179 18.65 -0.67 -37.46
CA LYS C 179 19.53 -0.14 -38.50
C LYS C 179 19.76 1.35 -38.40
N ALA C 180 19.17 1.99 -37.40
CA ALA C 180 19.33 3.43 -37.28
C ALA C 180 20.74 3.86 -36.87
N GLY C 181 21.29 4.84 -37.56
CA GLY C 181 22.61 5.31 -37.19
C GLY C 181 22.49 6.14 -35.92
N PRO C 182 23.63 6.62 -35.37
CA PRO C 182 23.73 7.45 -34.17
C PRO C 182 22.88 8.73 -34.27
N GLU C 183 23.05 9.40 -35.41
CA GLU C 183 22.35 10.63 -35.73
C GLU C 183 20.80 10.50 -35.77
N GLU C 184 20.33 9.41 -36.37
CA GLU C 184 18.90 9.15 -36.48
C GLU C 184 18.28 8.79 -35.12
N GLN C 185 18.94 7.91 -34.35
CA GLN C 185 18.41 7.52 -33.07
C GLN C 185 18.54 8.73 -32.13
N LEU C 186 19.71 9.39 -32.15
CA LEU C 186 19.90 10.60 -31.32
C LEU C 186 18.83 11.63 -31.77
N GLU C 187 18.48 11.63 -33.06
CA GLU C 187 17.42 12.55 -33.56
C GLU C 187 16.09 12.16 -32.91
N ALA C 188 15.82 10.85 -32.85
CA ALA C 188 14.56 10.41 -32.24
C ALA C 188 14.47 10.85 -30.76
N ALA C 189 15.60 10.79 -30.05
CA ALA C 189 15.66 11.17 -28.64
C ALA C 189 15.18 12.64 -28.48
N ALA C 190 15.86 13.55 -29.19
CA ALA C 190 15.53 14.95 -29.14
C ALA C 190 14.07 15.22 -29.54
N ILE C 191 13.56 14.53 -30.57
CA ILE C 191 12.14 14.69 -31.02
C ILE C 191 11.14 14.26 -29.87
N GLU C 192 11.40 13.13 -29.21
CA GLU C 192 10.52 12.66 -28.14
C GLU C 192 10.69 13.61 -26.96
N GLY C 193 11.94 14.06 -26.74
CA GLY C 193 12.20 14.98 -25.63
C GLY C 193 11.35 16.21 -25.91
N TRP C 194 11.40 16.65 -27.16
CA TRP C 194 10.66 17.83 -27.58
C TRP C 194 9.17 17.64 -27.40
N LEU C 195 8.68 16.45 -27.72
CA LEU C 195 7.25 16.17 -27.59
C LEU C 195 6.80 16.15 -26.12
N ILE C 196 7.55 15.51 -25.24
CA ILE C 196 7.08 15.45 -23.86
C ILE C 196 7.11 16.86 -23.26
N VAL C 197 8.00 17.72 -23.76
CA VAL C 197 8.00 19.13 -23.32
C VAL C 197 6.65 19.74 -23.79
N ASN C 198 6.16 19.33 -24.97
CA ASN C 198 4.88 19.87 -25.45
C ASN C 198 3.71 19.28 -24.66
N VAL C 199 3.81 17.99 -24.36
CA VAL C 199 2.78 17.34 -23.54
C VAL C 199 2.71 18.04 -22.15
N TRP C 200 3.87 18.18 -21.51
CA TRP C 200 3.93 18.80 -20.20
C TRP C 200 3.40 20.23 -20.17
N ASP C 201 3.81 21.03 -21.14
CA ASP C 201 3.37 22.39 -21.14
C ASP C 201 1.88 22.41 -21.36
N GLN C 202 1.38 21.41 -22.12
CA GLN C 202 -0.04 21.28 -22.37
C GLN C 202 -0.71 20.74 -21.09
N LEU C 203 0.05 20.04 -20.27
CA LEU C 203 -0.51 19.55 -19.00
C LEU C 203 -0.66 20.58 -17.86
N SER C 204 0.45 21.17 -17.40
CA SER C 204 0.41 22.12 -16.28
C SER C 204 -0.36 23.39 -16.54
N ASP C 205 -0.43 23.82 -17.80
CA ASP C 205 -1.14 25.04 -18.08
C ASP C 205 -2.61 24.80 -18.43
N GLU C 206 -3.52 25.42 -17.66
CA GLU C 206 -4.99 25.30 -17.90
C GLU C 206 -5.92 25.97 -16.88
N SER D 1 16.81 -10.99 -44.78
CA SER D 1 16.60 -12.47 -44.86
C SER D 1 15.46 -12.96 -43.97
N ALA D 2 15.57 -12.76 -42.66
CA ALA D 2 14.54 -13.19 -41.71
C ALA D 2 13.12 -12.90 -42.19
N SER D 3 12.21 -13.82 -41.91
CA SER D 3 10.81 -13.67 -42.27
C SER D 3 9.95 -14.60 -41.41
N PHE D 4 8.65 -14.33 -41.34
CA PHE D 4 7.79 -15.17 -40.52
C PHE D 4 7.29 -16.26 -41.43
N ASP D 5 8.20 -17.17 -41.72
CA ASP D 5 7.89 -18.26 -42.65
C ASP D 5 7.24 -19.48 -42.00
N GLY D 6 6.75 -19.33 -40.77
CA GLY D 6 6.10 -20.47 -40.14
C GLY D 6 4.64 -20.57 -40.57
N PRO D 7 3.83 -21.35 -39.87
CA PRO D 7 2.41 -21.49 -40.23
C PRO D 7 1.68 -20.14 -40.25
N LYS D 8 0.71 -20.02 -41.16
CA LYS D 8 -0.09 -18.82 -41.38
C LYS D 8 -1.56 -19.17 -41.08
N PHE D 9 -2.23 -18.32 -40.29
CA PHE D 9 -3.62 -18.58 -39.89
C PHE D 9 -4.61 -17.53 -40.35
N LYS D 10 -5.81 -17.96 -40.75
CA LYS D 10 -6.85 -17.03 -41.22
C LYS D 10 -7.80 -16.83 -40.06
N THR D 12 -11.18 -15.32 -37.98
CA THR D 12 -12.60 -15.31 -38.28
C THR D 12 -12.92 -14.14 -39.19
N ASP D 13 -12.15 -13.06 -39.11
CA ASP D 13 -12.46 -11.95 -39.98
C ASP D 13 -11.79 -12.09 -41.36
N GLY D 14 -11.14 -13.22 -41.59
CA GLY D 14 -10.50 -13.44 -42.87
C GLY D 14 -9.05 -12.97 -42.92
N SER D 15 -8.70 -11.98 -42.09
CA SER D 15 -7.32 -11.48 -42.08
C SER D 15 -6.39 -12.62 -41.77
N TYR D 16 -5.10 -12.37 -41.78
CA TYR D 16 -4.18 -13.45 -41.49
C TYR D 16 -3.12 -13.05 -40.49
N VAL D 17 -2.49 -14.07 -39.90
CA VAL D 17 -1.40 -13.83 -38.98
C VAL D 17 -0.26 -14.76 -39.40
N GLN D 18 0.91 -14.21 -39.71
CA GLN D 18 2.11 -14.99 -40.07
C GLN D 18 2.80 -15.37 -38.74
N THR D 19 3.39 -16.57 -38.64
CA THR D 19 4.08 -16.97 -37.38
C THR D 19 5.57 -17.38 -37.53
N LYS D 20 6.23 -17.57 -36.41
CA LYS D 20 7.65 -17.91 -36.38
C LYS D 20 8.06 -18.33 -34.99
N THR D 21 8.73 -19.47 -34.92
CA THR D 21 9.16 -20.00 -33.65
C THR D 21 10.68 -20.14 -33.72
N ILE D 22 11.39 -19.52 -32.79
CA ILE D 22 12.83 -19.64 -32.80
C ILE D 22 13.32 -20.43 -31.57
N ASP D 23 14.20 -21.39 -31.85
CA ASP D 23 14.80 -22.27 -30.86
C ASP D 23 16.08 -21.57 -30.39
N VAL D 24 15.97 -20.78 -29.32
CA VAL D 24 17.11 -20.05 -28.78
C VAL D 24 18.04 -20.93 -27.92
N GLY D 25 19.03 -21.52 -28.57
CA GLY D 25 19.96 -22.37 -27.87
C GLY D 25 21.20 -21.64 -27.36
N SER D 26 22.01 -21.13 -28.28
CA SER D 26 23.23 -20.47 -27.91
C SER D 26 23.56 -19.36 -28.89
N SER D 27 23.93 -19.74 -30.11
CA SER D 27 24.29 -18.80 -31.16
C SER D 27 23.13 -18.05 -31.82
N THR D 28 21.90 -18.38 -31.44
CA THR D 28 20.72 -17.76 -32.05
C THR D 28 20.67 -16.21 -31.95
N ASP D 29 20.78 -15.52 -33.08
CA ASP D 29 20.71 -14.06 -33.02
C ASP D 29 19.27 -13.70 -33.27
N ILE D 30 18.50 -13.51 -32.19
CA ILE D 30 17.07 -13.21 -32.35
C ILE D 30 16.79 -11.77 -32.79
N SER D 31 17.82 -10.95 -32.85
CA SER D 31 17.62 -9.55 -33.26
C SER D 31 16.67 -9.33 -34.40
N PRO D 32 16.99 -9.94 -35.56
CA PRO D 32 16.12 -9.77 -36.73
C PRO D 32 14.64 -9.94 -36.46
N TYR D 33 14.27 -10.91 -35.62
CA TYR D 33 12.86 -11.12 -35.34
C TYR D 33 12.31 -10.04 -34.40
N LEU D 34 12.98 -9.80 -33.29
CA LEU D 34 12.52 -8.72 -32.41
C LEU D 34 12.40 -7.41 -33.19
N SER D 35 13.27 -7.21 -34.17
CA SER D 35 13.20 -5.98 -34.99
C SER D 35 12.01 -6.06 -35.89
N LEU D 36 11.86 -7.18 -36.59
CA LEU D 36 10.77 -7.30 -37.50
C LEU D 36 9.49 -7.01 -36.74
N ILE D 37 9.47 -7.39 -35.47
CA ILE D 37 8.30 -7.15 -34.63
C ILE D 37 8.17 -5.67 -34.23
N ARG D 38 9.28 -5.04 -33.84
CA ARG D 38 9.20 -3.63 -33.48
C ARG D 38 8.66 -2.93 -34.73
N GLU D 39 9.28 -3.30 -35.83
CA GLU D 39 8.98 -2.80 -37.14
C GLU D 39 7.48 -2.71 -37.39
N ASP D 40 6.81 -3.86 -37.27
CA ASP D 40 5.39 -4.00 -37.49
C ASP D 40 4.56 -3.11 -36.55
N SER D 41 4.75 -3.27 -35.25
CA SER D 41 4.00 -2.44 -34.35
C SER D 41 4.11 -0.96 -34.74
N ILE D 42 5.33 -0.45 -34.85
CA ILE D 42 5.46 0.95 -35.14
C ILE D 42 4.74 1.37 -36.42
N LEU D 43 5.16 0.86 -37.57
CA LEU D 43 4.51 1.28 -38.81
C LEU D 43 3.14 0.68 -39.05
N ASN D 44 2.82 -0.38 -38.32
CA ASN D 44 1.54 -1.09 -38.43
C ASN D 44 0.77 -1.13 -37.10
N GLY D 45 1.11 -2.15 -36.32
CA GLY D 45 0.47 -2.42 -35.03
C GLY D 45 0.29 -1.36 -33.96
N ASN D 46 0.19 -0.10 -34.39
CA ASN D 46 0.03 1.06 -33.51
C ASN D 46 0.86 1.01 -32.20
N ARG D 47 2.13 0.67 -32.34
CA ARG D 47 3.11 0.68 -31.26
C ARG D 47 2.81 -0.04 -29.92
N ALA D 48 2.30 -1.26 -30.03
CA ALA D 48 2.04 -2.13 -28.86
C ALA D 48 2.36 -3.52 -29.37
N VAL D 49 2.66 -4.43 -28.46
CA VAL D 49 2.90 -5.80 -28.82
C VAL D 49 2.00 -6.56 -27.82
N ILE D 50 1.22 -7.54 -28.29
CA ILE D 50 0.41 -8.27 -27.36
C ILE D 50 1.37 -9.34 -26.84
N PHE D 51 1.15 -9.84 -25.64
CA PHE D 51 2.10 -10.86 -25.16
C PHE D 51 1.52 -11.80 -24.09
N ASP D 52 2.18 -12.94 -23.96
CA ASP D 52 1.81 -13.89 -22.93
C ASP D 52 3.13 -14.60 -22.64
N VAL D 53 3.30 -15.12 -21.42
CA VAL D 53 4.51 -15.86 -21.07
C VAL D 53 4.05 -17.21 -20.52
N TYR D 54 4.88 -18.23 -20.70
CA TYR D 54 4.49 -19.56 -20.25
C TYR D 54 5.65 -20.07 -19.39
N TRP D 55 5.29 -20.62 -18.24
CA TRP D 55 6.18 -21.14 -17.22
C TRP D 55 6.33 -22.66 -17.31
N ASP D 56 7.54 -23.14 -17.03
CA ASP D 56 7.80 -24.57 -17.02
C ASP D 56 8.04 -25.21 -15.64
N VAL D 57 7.51 -24.54 -14.62
CA VAL D 57 7.58 -24.95 -13.22
C VAL D 57 8.30 -26.28 -12.93
N GLY D 58 9.47 -26.21 -12.32
CA GLY D 58 10.19 -27.42 -11.95
C GLY D 58 10.31 -27.41 -10.44
N PHE D 59 10.03 -28.53 -9.79
CA PHE D 59 10.11 -28.62 -8.33
C PHE D 59 11.52 -28.39 -7.77
N THR D 66 12.71 -18.29 -1.79
CA THR D 66 11.31 -18.07 -2.14
C THR D 66 10.75 -19.32 -2.83
N LYS D 67 9.66 -19.87 -2.30
CA LYS D 67 9.07 -21.05 -2.87
C LYS D 67 8.65 -20.89 -4.33
N THR D 68 8.63 -19.66 -4.86
CA THR D 68 8.28 -19.48 -6.27
C THR D 68 9.55 -19.64 -7.11
N SER D 69 10.58 -20.24 -6.50
CA SER D 69 11.85 -20.50 -7.18
C SER D 69 11.52 -21.60 -8.19
N GLY D 70 10.32 -22.16 -8.03
CA GLY D 70 9.90 -23.18 -8.96
C GLY D 70 9.47 -22.71 -10.36
N TRP D 71 9.60 -21.43 -10.68
CA TRP D 71 9.13 -20.99 -12.01
C TRP D 71 10.19 -20.50 -13.01
N SER D 72 10.24 -21.13 -14.20
CA SER D 72 11.17 -20.78 -15.27
C SER D 72 10.39 -20.35 -16.49
N LEU D 73 10.65 -19.13 -16.97
CA LEU D 73 9.96 -18.57 -18.15
C LEU D 73 10.21 -19.50 -19.33
N SER D 74 9.22 -20.35 -19.62
CA SER D 74 9.36 -21.35 -20.67
C SER D 74 9.07 -20.86 -22.11
N SER D 75 8.13 -19.95 -22.26
CA SER D 75 7.87 -19.41 -23.58
C SER D 75 7.19 -18.05 -23.50
N VAL D 76 7.56 -17.18 -24.44
CA VAL D 76 6.99 -15.84 -24.52
C VAL D 76 6.47 -15.73 -25.92
N LYS D 77 5.22 -15.29 -26.03
CA LYS D 77 4.56 -15.03 -27.30
C LYS D 77 4.50 -13.50 -27.46
N LEU D 78 4.91 -12.99 -28.62
CA LEU D 78 4.87 -11.54 -28.93
C LEU D 78 4.00 -11.39 -30.17
N SER D 79 2.86 -10.69 -30.02
CA SER D 79 1.88 -10.50 -31.08
C SER D 79 1.70 -9.03 -31.45
N THR D 80 1.71 -8.74 -32.76
CA THR D 80 1.53 -7.38 -33.27
C THR D 80 0.47 -7.52 -34.37
N ARG D 81 0.13 -6.44 -35.07
CA ARG D 81 -0.85 -6.52 -36.18
C ARG D 81 -0.61 -7.78 -37.08
N ASN D 82 0.56 -7.91 -37.68
CA ASN D 82 0.83 -9.04 -38.58
C ASN D 82 1.84 -10.13 -38.16
N LEU D 83 2.34 -10.08 -36.94
CA LEU D 83 3.36 -11.03 -36.59
C LEU D 83 3.23 -11.76 -35.28
N CYS D 84 3.70 -13.01 -35.26
CA CYS D 84 3.67 -13.76 -34.04
C CYS D 84 4.97 -14.57 -33.96
N LEU D 85 5.89 -14.05 -33.14
CA LEU D 85 7.16 -14.71 -32.91
C LEU D 85 6.94 -15.38 -31.58
N PHE D 86 6.46 -16.62 -31.61
CA PHE D 86 6.24 -17.41 -30.41
C PHE D 86 7.68 -17.88 -30.09
N LEU D 87 8.21 -17.48 -28.95
CA LEU D 87 9.54 -17.92 -28.58
C LEU D 87 9.48 -19.07 -27.55
N ARG D 88 9.96 -20.24 -27.97
CA ARG D 88 10.00 -21.40 -27.05
C ARG D 88 11.41 -21.35 -26.51
N LEU D 89 11.52 -20.98 -25.23
CA LEU D 89 12.79 -20.78 -24.56
C LEU D 89 13.43 -21.95 -23.85
N PRO D 90 14.77 -21.88 -23.66
CA PRO D 90 15.64 -22.86 -23.00
C PRO D 90 15.85 -22.49 -21.53
N LYS D 91 16.69 -23.27 -20.84
CA LYS D 91 17.05 -23.03 -19.44
C LYS D 91 18.48 -23.56 -19.28
N PRO D 92 19.44 -22.70 -18.89
CA PRO D 92 19.33 -21.28 -18.58
C PRO D 92 19.46 -20.41 -19.82
N PHE D 93 19.18 -19.13 -19.64
CA PHE D 93 19.30 -18.13 -20.71
C PHE D 93 20.76 -17.87 -21.01
N HIS D 94 21.06 -17.55 -22.27
CA HIS D 94 22.43 -17.21 -22.65
C HIS D 94 22.35 -15.74 -23.13
N ASP D 95 23.52 -15.14 -23.35
CA ASP D 95 23.62 -13.75 -23.76
C ASP D 95 22.73 -13.26 -24.89
N ASN D 96 22.46 -14.11 -25.87
CA ASN D 96 21.62 -13.70 -26.99
C ASN D 96 20.20 -13.37 -26.54
N LEU D 97 19.87 -13.71 -25.30
CA LEU D 97 18.55 -13.34 -24.85
C LEU D 97 18.51 -11.90 -24.33
N LYS D 98 19.65 -11.22 -24.31
CA LYS D 98 19.66 -9.83 -23.87
C LYS D 98 18.70 -8.99 -24.76
N ASP D 99 18.62 -9.32 -26.05
CA ASP D 99 17.73 -8.62 -26.98
C ASP D 99 16.27 -8.65 -26.48
N LEU D 100 15.81 -9.79 -25.96
CA LEU D 100 14.45 -9.87 -25.45
C LEU D 100 14.25 -8.93 -24.24
N TYR D 101 15.24 -8.84 -23.34
CA TYR D 101 15.13 -7.93 -22.18
C TYR D 101 15.02 -6.48 -22.68
N ARG D 102 15.89 -6.11 -23.61
CA ARG D 102 15.86 -4.71 -24.14
C ARG D 102 14.51 -4.45 -24.80
N PHE D 103 14.04 -5.42 -25.57
CA PHE D 103 12.77 -5.30 -26.23
C PHE D 103 11.66 -5.09 -25.21
N PHE D 104 11.63 -5.93 -24.17
CA PHE D 104 10.57 -5.76 -23.19
C PHE D 104 10.60 -4.43 -22.41
N ALA D 105 11.79 -3.89 -22.23
CA ALA D 105 11.96 -2.63 -21.51
C ALA D 105 11.68 -1.37 -22.39
N SER D 106 11.32 -1.59 -23.66
CA SER D 106 11.08 -0.47 -24.59
C SER D 106 9.87 0.43 -24.27
N LYS D 107 10.01 1.73 -24.55
CA LYS D 107 8.94 2.72 -24.36
C LYS D 107 8.32 3.11 -25.75
N PHE D 108 8.74 2.39 -26.80
CA PHE D 108 8.21 2.63 -28.16
C PHE D 108 6.81 2.01 -28.23
N VAL D 109 6.55 1.03 -27.37
CA VAL D 109 5.28 0.34 -27.43
C VAL D 109 4.68 -0.10 -26.06
N THR D 110 3.43 -0.51 -26.10
CA THR D 110 2.77 -1.05 -24.92
C THR D 110 2.41 -2.54 -25.15
N PHE D 111 2.72 -3.35 -24.13
CA PHE D 111 2.50 -4.80 -24.08
C PHE D 111 1.15 -5.05 -23.38
N VAL D 112 0.16 -5.42 -24.18
CA VAL D 112 -1.19 -5.64 -23.73
C VAL D 112 -1.42 -7.05 -23.19
N GLY D 113 -1.53 -7.15 -21.86
CA GLY D 113 -1.75 -8.44 -21.23
C GLY D 113 -3.12 -8.65 -20.57
N VAL D 114 -3.49 -9.92 -20.40
CA VAL D 114 -4.76 -10.28 -19.77
C VAL D 114 -4.36 -11.13 -18.55
N GLN D 115 -4.83 -10.74 -17.37
CA GLN D 115 -4.51 -11.44 -16.14
C GLN D 115 -2.99 -11.66 -16.18
N ILE D 116 -2.27 -10.55 -16.24
CA ILE D 116 -0.84 -10.60 -16.31
C ILE D 116 -0.22 -9.86 -15.13
N GLU D 117 -0.82 -9.94 -13.93
CA GLU D 117 -0.23 -9.26 -12.78
C GLU D 117 0.74 -10.20 -12.03
N GLU D 118 0.37 -11.48 -11.88
CA GLU D 118 1.25 -12.43 -11.21
C GLU D 118 2.43 -12.69 -12.14
N ASP D 119 2.19 -12.72 -13.45
CA ASP D 119 3.24 -12.92 -14.43
C ASP D 119 4.37 -11.91 -14.24
N LEU D 120 3.97 -10.68 -13.95
CA LEU D 120 4.97 -9.62 -13.82
C LEU D 120 5.81 -9.82 -12.57
N ASP D 121 5.20 -10.36 -11.51
CA ASP D 121 6.00 -10.56 -10.32
C ASP D 121 6.99 -11.71 -10.52
N LEU D 122 6.61 -12.75 -11.25
CA LEU D 122 7.53 -13.84 -11.48
C LEU D 122 8.62 -13.40 -12.49
N LEU D 123 8.23 -12.67 -13.54
CA LEU D 123 9.24 -12.21 -14.49
C LEU D 123 10.40 -11.44 -13.80
N ARG D 124 10.08 -10.45 -12.96
CA ARG D 124 11.14 -9.64 -12.29
C ARG D 124 11.98 -10.45 -11.27
N GLU D 125 11.31 -11.18 -10.39
CA GLU D 125 11.99 -11.97 -9.35
C GLU D 125 12.89 -13.10 -9.80
N ASN D 126 12.46 -13.83 -10.83
CA ASN D 126 13.21 -14.97 -11.26
C ASN D 126 14.10 -14.69 -12.45
N HIS D 127 13.71 -13.73 -13.31
CA HIS D 127 14.50 -13.48 -14.53
C HIS D 127 15.16 -12.09 -14.61
N GLY D 128 14.88 -11.23 -13.62
CA GLY D 128 15.44 -9.87 -13.62
C GLY D 128 15.12 -9.14 -14.91
N LEU D 129 14.02 -9.57 -15.51
CA LEU D 129 13.50 -9.07 -16.77
C LEU D 129 12.27 -8.19 -16.37
N VAL D 130 12.24 -6.97 -16.89
CA VAL D 130 11.18 -6.00 -16.56
C VAL D 130 10.64 -5.32 -17.82
N ILE D 131 9.36 -4.95 -17.77
CA ILE D 131 8.71 -4.28 -18.88
C ILE D 131 8.26 -2.86 -18.40
N ARG D 132 8.97 -1.82 -18.86
CA ARG D 132 8.67 -0.45 -18.40
C ARG D 132 7.35 0.20 -18.88
N ASN D 133 6.63 -0.51 -19.75
CA ASN D 133 5.39 0.01 -20.34
C ASN D 133 4.41 -1.17 -20.51
N ALA D 134 3.83 -1.59 -19.40
CA ALA D 134 2.92 -2.75 -19.37
C ALA D 134 1.50 -2.39 -18.94
N ILE D 135 0.49 -3.03 -19.52
CA ILE D 135 -0.86 -2.79 -19.04
C ILE D 135 -1.61 -4.08 -18.67
N ASN D 136 -2.33 -4.07 -17.54
CA ASN D 136 -3.14 -5.22 -17.11
C ASN D 136 -4.60 -4.87 -17.44
N VAL D 137 -4.80 -4.30 -18.64
CA VAL D 137 -6.08 -3.91 -19.19
C VAL D 137 -7.39 -4.37 -18.51
N GLY D 138 -7.29 -5.30 -17.55
CA GLY D 138 -8.48 -5.81 -16.90
C GLY D 138 -9.34 -4.73 -16.28
N LYS D 139 -8.76 -3.98 -15.35
CA LYS D 139 -9.46 -2.89 -14.75
C LYS D 139 -9.94 -1.95 -15.86
N LEU D 140 -9.10 -1.76 -16.88
CA LEU D 140 -9.42 -0.88 -18.05
C LEU D 140 -10.75 -1.26 -18.70
N ALA D 141 -10.89 -2.48 -19.18
CA ALA D 141 -12.15 -2.86 -19.78
C ALA D 141 -13.31 -2.72 -18.76
N ALA D 142 -13.13 -3.27 -17.55
CA ALA D 142 -14.18 -3.16 -16.53
C ALA D 142 -14.62 -1.72 -16.47
N GLU D 143 -13.66 -0.84 -16.17
CA GLU D 143 -13.89 0.59 -16.07
C GLU D 143 -14.40 1.24 -17.35
N ALA D 144 -13.65 1.05 -18.44
CA ALA D 144 -14.00 1.63 -19.73
C ALA D 144 -15.43 1.36 -20.13
N ARG D 145 -15.81 0.10 -20.31
CA ARG D 145 -17.15 -0.13 -20.74
C ARG D 145 -18.28 -0.34 -19.71
N GLY D 146 -17.91 -0.38 -18.43
CA GLY D 146 -18.93 -0.62 -17.42
C GLY D 146 -19.25 -2.10 -17.21
N THR D 147 -18.23 -2.86 -16.83
CA THR D 147 -18.43 -4.27 -16.56
C THR D 147 -17.34 -4.68 -15.57
N LEU D 148 -17.70 -4.70 -14.27
CA LEU D 148 -16.77 -5.05 -13.17
C LEU D 148 -15.98 -6.34 -13.36
N VAL D 149 -16.64 -7.40 -13.84
CA VAL D 149 -15.97 -8.70 -14.02
C VAL D 149 -14.77 -8.72 -15.00
N LEU D 150 -14.86 -8.01 -16.14
CA LEU D 150 -13.77 -7.99 -17.14
C LEU D 150 -12.37 -8.03 -16.53
N GLU D 151 -12.18 -7.45 -15.36
CA GLU D 151 -10.88 -7.40 -14.69
C GLU D 151 -10.46 -8.81 -14.20
N PHE D 152 -11.40 -9.74 -14.17
CA PHE D 152 -11.17 -11.08 -13.64
C PHE D 152 -11.42 -12.20 -14.67
N LEU D 153 -11.49 -11.83 -15.95
CA LEU D 153 -11.73 -12.76 -17.03
C LEU D 153 -10.43 -13.23 -17.67
N GLY D 154 -10.43 -14.47 -18.17
CA GLY D 154 -9.27 -15.02 -18.86
C GLY D 154 -9.25 -14.48 -20.30
N THR D 155 -8.23 -14.88 -21.07
CA THR D 155 -8.04 -14.36 -22.42
C THR D 155 -9.26 -14.47 -23.31
N ARG D 156 -9.74 -15.69 -23.50
CA ARG D 156 -10.89 -15.98 -24.33
C ARG D 156 -12.12 -15.23 -23.79
N GLU D 157 -12.46 -15.48 -22.53
CA GLU D 157 -13.65 -14.88 -21.97
C GLU D 157 -13.57 -13.35 -22.08
N LEU D 158 -12.38 -12.80 -21.88
CA LEU D 158 -12.21 -11.36 -22.00
C LEU D 158 -12.48 -10.98 -23.47
N ALA D 159 -11.82 -11.64 -24.42
CA ALA D 159 -12.05 -11.26 -25.83
C ALA D 159 -13.54 -11.45 -26.18
N HIS D 160 -14.23 -12.27 -25.42
CA HIS D 160 -15.64 -12.51 -25.71
C HIS D 160 -16.56 -11.39 -25.27
N ARG D 161 -16.33 -10.88 -24.07
CA ARG D 161 -17.17 -9.84 -23.47
C ARG D 161 -16.89 -8.45 -24.00
N VAL D 162 -15.75 -8.30 -24.66
CA VAL D 162 -15.38 -7.03 -25.25
C VAL D 162 -15.71 -7.03 -26.76
N LEU D 163 -15.25 -8.04 -27.51
CA LEU D 163 -15.48 -8.08 -28.97
C LEU D 163 -16.75 -8.82 -29.43
N TRP D 164 -17.06 -9.97 -28.83
CA TRP D 164 -18.24 -10.77 -29.20
C TRP D 164 -18.11 -11.42 -30.59
N SER D 165 -16.90 -11.62 -31.08
CA SER D 165 -16.72 -12.25 -32.38
C SER D 165 -16.95 -13.77 -32.26
N ASP D 166 -16.63 -14.53 -33.30
CA ASP D 166 -16.84 -15.96 -33.20
C ASP D 166 -15.66 -16.73 -32.65
N LEU D 167 -15.90 -17.29 -31.47
CA LEU D 167 -14.88 -18.03 -30.73
C LEU D 167 -15.11 -19.55 -30.74
N GLY D 168 -16.12 -20.01 -31.48
CA GLY D 168 -16.43 -21.43 -31.54
C GLY D 168 -15.18 -22.25 -31.84
N GLN D 169 -14.44 -21.86 -32.86
CA GLN D 169 -13.21 -22.60 -33.20
C GLN D 169 -12.16 -22.57 -32.07
N LEU D 170 -11.93 -21.41 -31.47
CA LEU D 170 -10.94 -21.33 -30.38
C LEU D 170 -11.33 -22.25 -29.21
N ASP D 171 -12.62 -22.27 -28.84
CA ASP D 171 -13.11 -23.10 -27.75
C ASP D 171 -12.96 -24.60 -28.04
N SER D 172 -13.24 -25.01 -29.28
CA SER D 172 -13.11 -26.44 -29.59
C SER D 172 -11.64 -26.82 -29.40
N ILE D 173 -10.72 -25.94 -29.79
CA ILE D 173 -9.31 -26.28 -29.61
C ILE D 173 -8.88 -26.30 -28.14
N GLU D 174 -9.33 -25.32 -27.35
CA GLU D 174 -8.90 -25.28 -25.96
C GLU D 174 -9.61 -26.30 -25.08
N ALA D 175 -10.90 -26.57 -25.37
CA ALA D 175 -11.65 -27.55 -24.57
C ALA D 175 -10.93 -28.91 -24.50
N LYS D 176 -10.07 -29.19 -25.48
CA LYS D 176 -9.36 -30.46 -25.52
C LYS D 176 -7.85 -30.30 -25.63
N TRP D 177 -7.33 -29.35 -24.87
CA TRP D 177 -5.92 -28.99 -24.85
C TRP D 177 -5.01 -30.17 -24.54
N GLU D 178 -5.48 -31.09 -23.71
CA GLU D 178 -4.66 -32.23 -23.37
C GLU D 178 -4.25 -32.98 -24.65
N LYS D 179 -5.09 -32.91 -25.67
CA LYS D 179 -4.83 -33.61 -26.93
C LYS D 179 -4.12 -32.77 -28.00
N ALA D 180 -4.10 -31.47 -27.81
CA ALA D 180 -3.49 -30.54 -28.76
C ALA D 180 -2.03 -30.74 -29.17
N GLY D 181 -1.81 -30.97 -30.45
CA GLY D 181 -0.44 -31.11 -30.93
C GLY D 181 0.15 -29.72 -31.13
N PRO D 182 1.47 -29.61 -31.16
CA PRO D 182 2.26 -28.40 -31.35
C PRO D 182 1.62 -27.33 -32.23
N GLU D 183 1.41 -27.65 -33.50
CA GLU D 183 0.84 -26.70 -34.42
C GLU D 183 -0.50 -26.20 -33.93
N GLU D 184 -1.27 -27.10 -33.32
CA GLU D 184 -2.57 -26.71 -32.77
C GLU D 184 -2.40 -25.82 -31.51
N GLN D 185 -1.29 -25.97 -30.78
CA GLN D 185 -1.07 -25.11 -29.61
C GLN D 185 -0.75 -23.73 -30.19
N LEU D 186 0.19 -23.71 -31.15
CA LEU D 186 0.60 -22.51 -31.86
C LEU D 186 -0.63 -21.83 -32.48
N GLU D 187 -1.55 -22.61 -33.05
CA GLU D 187 -2.78 -22.02 -33.62
C GLU D 187 -3.53 -21.23 -32.55
N ALA D 188 -3.60 -21.80 -31.35
CA ALA D 188 -4.29 -21.17 -30.23
C ALA D 188 -3.61 -19.86 -29.79
N ALA D 189 -2.28 -19.86 -29.79
CA ALA D 189 -1.52 -18.69 -29.38
C ALA D 189 -1.71 -17.55 -30.38
N ALA D 190 -1.72 -17.90 -31.67
CA ALA D 190 -1.89 -16.88 -32.71
C ALA D 190 -3.29 -16.34 -32.52
N ILE D 191 -4.25 -17.26 -32.30
CA ILE D 191 -5.62 -16.82 -32.07
C ILE D 191 -5.67 -16.03 -30.74
N GLU D 192 -5.00 -16.50 -29.69
CA GLU D 192 -5.02 -15.71 -28.44
C GLU D 192 -4.61 -14.24 -28.77
N GLY D 193 -3.44 -14.07 -29.39
CA GLY D 193 -2.90 -12.74 -29.71
C GLY D 193 -3.73 -11.79 -30.57
N TRP D 194 -4.21 -12.28 -31.71
CA TRP D 194 -5.04 -11.47 -32.64
C TRP D 194 -6.23 -10.90 -31.86
N LEU D 195 -6.94 -11.78 -31.15
CA LEU D 195 -8.06 -11.33 -30.34
C LEU D 195 -7.52 -10.28 -29.35
N ILE D 196 -6.31 -10.48 -28.83
CA ILE D 196 -5.83 -9.48 -27.88
C ILE D 196 -5.43 -8.16 -28.57
N VAL D 197 -4.98 -8.22 -29.82
CA VAL D 197 -4.65 -7.02 -30.60
C VAL D 197 -5.99 -6.32 -30.86
N ASN D 198 -6.98 -7.13 -31.20
CA ASN D 198 -8.31 -6.60 -31.46
C ASN D 198 -8.98 -5.99 -30.28
N VAL D 199 -8.54 -6.38 -29.08
CA VAL D 199 -9.08 -5.83 -27.84
C VAL D 199 -8.41 -4.53 -27.44
N TRP D 200 -7.12 -4.42 -27.72
CA TRP D 200 -6.35 -3.22 -27.40
C TRP D 200 -6.85 -2.00 -28.22
N ASP D 201 -7.25 -2.27 -29.46
CA ASP D 201 -7.78 -1.22 -30.31
C ASP D 201 -9.20 -0.84 -29.83
N GLN D 202 -10.04 -1.84 -29.61
CA GLN D 202 -11.37 -1.52 -29.14
C GLN D 202 -11.31 -0.49 -28.02
N LEU D 203 -10.62 -0.80 -26.90
CA LEU D 203 -10.54 0.13 -25.75
C LEU D 203 -9.66 1.36 -25.89
N SER D 204 -8.58 1.27 -26.65
CA SER D 204 -7.66 2.40 -26.80
C SER D 204 -8.35 3.68 -27.31
N ASP D 205 -9.60 3.55 -27.79
CA ASP D 205 -10.35 4.70 -28.31
C ASP D 205 -11.41 5.27 -27.42
N GLU D 206 -11.54 4.59 -26.28
CA GLU D 206 -12.46 4.94 -25.22
C GLU D 206 -11.56 5.62 -24.17
N SER E 1 -13.01 -45.25 -19.22
CA SER E 1 -12.62 -43.82 -19.39
C SER E 1 -12.80 -43.09 -18.05
N ALA E 2 -12.08 -41.99 -17.85
CA ALA E 2 -12.19 -41.25 -16.60
C ALA E 2 -13.58 -40.62 -16.52
N SER E 3 -14.22 -40.73 -15.36
CA SER E 3 -15.54 -40.13 -15.21
C SER E 3 -15.75 -39.75 -13.76
N PHE E 4 -16.77 -38.93 -13.53
CA PHE E 4 -17.12 -38.53 -12.17
C PHE E 4 -18.20 -39.51 -11.72
N ASP E 5 -17.72 -40.69 -11.32
CA ASP E 5 -18.57 -41.79 -10.87
C ASP E 5 -18.52 -42.02 -9.36
N GLY E 6 -18.92 -41.00 -8.60
CA GLY E 6 -18.97 -41.12 -7.16
C GLY E 6 -20.35 -40.72 -6.64
N PRO E 7 -20.48 -40.42 -5.34
CA PRO E 7 -21.77 -40.03 -4.78
C PRO E 7 -22.27 -38.78 -5.47
N LYS E 8 -23.26 -38.95 -6.34
CA LYS E 8 -23.87 -37.84 -7.06
C LYS E 8 -24.75 -37.13 -6.02
N PHE E 9 -25.16 -35.90 -6.28
CA PHE E 9 -26.02 -35.22 -5.31
C PHE E 9 -27.10 -34.41 -6.00
N LYS E 10 -28.28 -34.42 -5.43
CA LYS E 10 -29.40 -33.70 -6.01
C LYS E 10 -29.44 -32.32 -5.38
N THR E 12 -31.00 -28.45 -4.72
CA THR E 12 -32.35 -27.99 -4.44
C THR E 12 -33.14 -27.73 -5.72
N ASP E 13 -32.47 -27.34 -6.79
CA ASP E 13 -33.13 -27.05 -8.06
C ASP E 13 -33.41 -28.35 -8.79
N GLY E 14 -33.05 -29.47 -8.17
CA GLY E 14 -33.33 -30.74 -8.82
C GLY E 14 -32.26 -31.27 -9.75
N SER E 15 -31.32 -30.40 -10.15
CA SER E 15 -30.21 -30.79 -11.01
C SER E 15 -29.26 -31.65 -10.20
N TYR E 16 -28.26 -32.24 -10.86
CA TYR E 16 -27.32 -33.10 -10.14
C TYR E 16 -25.87 -32.68 -10.31
N VAL E 17 -25.04 -33.11 -9.37
CA VAL E 17 -23.62 -32.82 -9.41
C VAL E 17 -22.86 -34.15 -9.37
N GLN E 18 -22.03 -34.41 -10.35
CA GLN E 18 -21.25 -35.62 -10.34
C GLN E 18 -19.95 -35.43 -9.56
N THR E 19 -19.77 -36.20 -8.49
CA THR E 19 -18.58 -36.05 -7.67
C THR E 19 -17.46 -36.97 -8.11
N LYS E 20 -16.30 -36.71 -7.53
CA LYS E 20 -15.11 -37.51 -7.73
C LYS E 20 -14.04 -37.11 -6.72
N THR E 21 -13.55 -38.08 -5.96
CA THR E 21 -12.50 -37.84 -4.97
C THR E 21 -11.27 -38.61 -5.40
N ILE E 22 -10.10 -37.99 -5.29
CA ILE E 22 -8.86 -38.63 -5.67
C ILE E 22 -7.82 -38.53 -4.60
N ASP E 23 -7.39 -39.68 -4.09
CA ASP E 23 -6.37 -39.74 -3.07
C ASP E 23 -5.05 -39.65 -3.84
N VAL E 24 -4.44 -38.45 -3.87
CA VAL E 24 -3.19 -38.25 -4.63
C VAL E 24 -1.96 -38.78 -3.92
N GLY E 25 -1.20 -39.63 -4.59
CA GLY E 25 0.00 -40.16 -3.94
C GLY E 25 1.22 -39.58 -4.63
N SER E 26 2.20 -40.44 -4.91
CA SER E 26 3.40 -40.01 -5.61
C SER E 26 3.27 -40.43 -7.08
N SER E 27 2.24 -41.22 -7.38
CA SER E 27 2.08 -41.69 -8.75
C SER E 27 0.85 -41.12 -9.44
N THR E 28 -0.25 -41.02 -8.71
CA THR E 28 -1.51 -40.53 -9.22
C THR E 28 -1.41 -39.51 -10.38
N ASP E 29 -2.19 -39.73 -11.42
CA ASP E 29 -2.24 -38.80 -12.56
C ASP E 29 -3.63 -38.10 -12.61
N ILE E 30 -3.68 -36.85 -12.20
CA ILE E 30 -4.96 -36.16 -12.20
C ILE E 30 -5.36 -35.44 -13.50
N SER E 31 -4.46 -35.41 -14.48
CA SER E 31 -4.78 -34.77 -15.79
C SER E 31 -6.17 -35.03 -16.37
N PRO E 32 -6.57 -36.32 -16.45
CA PRO E 32 -7.88 -36.62 -17.03
C PRO E 32 -9.02 -35.90 -16.30
N TYR E 33 -8.89 -35.78 -14.97
CA TYR E 33 -9.91 -35.12 -14.15
C TYR E 33 -9.76 -33.58 -14.21
N LEU E 34 -8.53 -33.09 -14.38
CA LEU E 34 -8.29 -31.64 -14.54
C LEU E 34 -8.86 -31.33 -15.94
N SER E 35 -8.61 -32.22 -16.91
CA SER E 35 -9.12 -31.95 -18.24
C SER E 35 -10.66 -31.95 -18.30
N LEU E 36 -11.31 -32.90 -17.62
CA LEU E 36 -12.79 -32.93 -17.62
C LEU E 36 -13.34 -31.68 -16.97
N ILE E 37 -12.71 -31.26 -15.87
CA ILE E 37 -13.14 -30.03 -15.22
C ILE E 37 -12.96 -28.81 -16.17
N ARG E 38 -11.82 -28.71 -16.85
CA ARG E 38 -11.61 -27.57 -17.70
C ARG E 38 -12.51 -27.65 -18.93
N GLU E 39 -12.80 -28.88 -19.37
CA GLU E 39 -13.67 -29.06 -20.53
C GLU E 39 -15.11 -28.62 -20.22
N ASP E 40 -15.66 -29.11 -19.10
CA ASP E 40 -17.02 -28.72 -18.70
C ASP E 40 -17.10 -27.23 -18.40
N SER E 41 -16.01 -26.64 -17.94
CA SER E 41 -16.06 -25.19 -17.64
C SER E 41 -16.22 -24.46 -18.97
N ILE E 42 -15.25 -24.63 -19.86
CA ILE E 42 -15.29 -23.99 -21.18
C ILE E 42 -16.65 -24.26 -21.92
N LEU E 43 -16.96 -25.53 -22.17
CA LEU E 43 -18.19 -25.92 -22.91
C LEU E 43 -19.52 -25.62 -22.17
N ASN E 44 -19.60 -25.97 -20.90
CA ASN E 44 -20.83 -25.77 -20.12
C ASN E 44 -20.83 -24.69 -19.04
N GLY E 45 -19.66 -24.24 -18.58
CA GLY E 45 -19.64 -23.26 -17.50
C GLY E 45 -19.16 -21.81 -17.70
N ASN E 46 -19.01 -21.36 -18.94
CA ASN E 46 -18.57 -19.99 -19.23
C ASN E 46 -17.18 -19.69 -18.67
N ARG E 47 -16.32 -20.69 -18.74
CA ARG E 47 -14.95 -20.59 -18.31
C ARG E 47 -14.65 -20.14 -16.85
N ALA E 48 -15.53 -20.58 -15.94
CA ALA E 48 -15.38 -20.37 -14.51
C ALA E 48 -15.13 -21.73 -13.85
N VAL E 49 -14.25 -21.73 -12.84
CA VAL E 49 -14.02 -22.92 -12.03
C VAL E 49 -14.09 -22.46 -10.56
N ILE E 50 -15.12 -22.87 -9.84
CA ILE E 50 -15.26 -22.45 -8.44
C ILE E 50 -14.34 -23.30 -7.59
N PHE E 51 -13.70 -22.73 -6.56
CA PHE E 51 -12.80 -23.58 -5.79
C PHE E 51 -12.73 -23.27 -4.29
N ASP E 52 -12.00 -24.12 -3.57
CA ASP E 52 -11.78 -23.89 -2.14
C ASP E 52 -10.55 -24.73 -1.80
N VAL E 53 -9.85 -24.40 -0.72
CA VAL E 53 -8.63 -25.10 -0.33
C VAL E 53 -8.68 -25.34 1.19
N TYR E 54 -8.04 -26.43 1.62
CA TYR E 54 -8.07 -26.89 3.03
C TYR E 54 -6.65 -27.22 3.46
N TRP E 55 -6.29 -26.67 4.61
CA TRP E 55 -4.98 -26.73 5.18
C TRP E 55 -4.79 -27.65 6.40
N ASP E 56 -3.62 -28.27 6.44
CA ASP E 56 -3.17 -29.05 7.57
C ASP E 56 -2.15 -28.03 8.19
N VAL E 57 -2.41 -27.57 9.40
CA VAL E 57 -1.54 -26.62 10.07
C VAL E 57 -0.41 -27.38 10.77
N GLY E 58 0.80 -26.81 10.78
CA GLY E 58 1.91 -27.50 11.41
C GLY E 58 2.94 -26.61 12.10
N PHE E 59 2.54 -25.95 13.18
CA PHE E 59 3.43 -25.04 13.93
C PHE E 59 4.88 -25.07 13.41
N THR E 66 9.57 -18.60 10.68
CA THR E 66 8.33 -17.98 10.24
C THR E 66 7.10 -18.91 10.43
N LYS E 67 6.21 -18.59 11.36
CA LYS E 67 5.06 -19.46 11.69
C LYS E 67 4.07 -20.00 10.63
N THR E 68 3.66 -19.19 9.67
CA THR E 68 2.75 -19.72 8.68
C THR E 68 3.46 -20.67 7.70
N SER E 69 4.77 -20.56 7.64
CA SER E 69 5.57 -21.40 6.74
C SER E 69 5.32 -22.87 7.03
N GLY E 70 5.08 -23.18 8.32
CA GLY E 70 4.83 -24.56 8.71
C GLY E 70 3.53 -25.17 8.21
N TRP E 71 2.73 -24.43 7.43
CA TRP E 71 1.50 -25.02 6.92
C TRP E 71 1.75 -25.81 5.62
N SER E 72 0.71 -26.53 5.16
CA SER E 72 0.74 -27.34 3.94
C SER E 72 -0.67 -27.59 3.49
N LEU E 73 -0.89 -27.44 2.19
CA LEU E 73 -2.21 -27.59 1.53
C LEU E 73 -2.60 -29.07 1.46
N SER E 74 -3.25 -29.60 2.49
CA SER E 74 -3.62 -31.02 2.44
C SER E 74 -4.65 -31.39 1.36
N SER E 75 -5.65 -30.53 1.08
CA SER E 75 -6.63 -30.85 0.02
C SER E 75 -6.95 -29.63 -0.90
N VAL E 76 -7.38 -29.95 -2.12
CA VAL E 76 -7.79 -28.98 -3.16
C VAL E 76 -9.06 -29.48 -3.79
N LYS E 77 -10.07 -28.61 -3.88
CA LYS E 77 -11.35 -28.96 -4.55
C LYS E 77 -11.39 -28.18 -5.87
N LEU E 78 -11.61 -28.83 -7.02
CA LEU E 78 -11.71 -28.10 -8.30
C LEU E 78 -13.05 -28.51 -8.86
N SER E 79 -13.88 -27.56 -9.30
CA SER E 79 -15.23 -27.95 -9.79
C SER E 79 -16.05 -26.98 -10.66
N THR E 80 -17.12 -27.55 -11.26
CA THR E 80 -18.11 -26.80 -12.08
C THR E 80 -19.56 -27.10 -11.62
N ARG E 81 -20.56 -26.52 -12.30
CA ARG E 81 -21.97 -26.75 -11.94
C ARG E 81 -22.30 -28.24 -12.06
N ASN E 82 -21.61 -28.91 -13.00
CA ASN E 82 -21.75 -30.34 -13.32
C ASN E 82 -20.90 -31.31 -12.52
N LEU E 83 -19.63 -30.94 -12.34
CA LEU E 83 -18.63 -31.77 -11.67
C LEU E 83 -18.01 -31.19 -10.42
N CYS E 84 -17.45 -32.07 -9.59
CA CYS E 84 -16.75 -31.66 -8.37
C CYS E 84 -15.57 -32.62 -8.17
N LEU E 85 -14.37 -32.09 -8.37
CA LEU E 85 -13.12 -32.86 -8.22
C LEU E 85 -12.44 -32.53 -6.87
N PHE E 86 -12.48 -33.49 -5.95
CA PHE E 86 -11.85 -33.28 -4.65
C PHE E 86 -10.48 -33.99 -4.64
N LEU E 87 -9.40 -33.27 -4.40
CA LEU E 87 -8.07 -33.88 -4.40
C LEU E 87 -7.47 -33.87 -3.00
N ARG E 88 -7.15 -35.05 -2.47
CA ARG E 88 -6.52 -35.14 -1.14
C ARG E 88 -5.05 -35.26 -1.52
N LEU E 89 -4.23 -34.36 -1.00
CA LEU E 89 -2.81 -34.31 -1.37
C LEU E 89 -1.78 -34.78 -0.35
N PRO E 90 -0.63 -35.27 -0.81
CA PRO E 90 0.32 -35.70 0.20
C PRO E 90 1.15 -34.53 0.69
N LYS E 91 2.03 -34.85 1.63
CA LYS E 91 2.91 -33.87 2.23
C LYS E 91 4.25 -34.56 2.47
N PRO E 92 5.31 -34.15 1.74
CA PRO E 92 5.34 -33.09 0.72
C PRO E 92 4.83 -33.57 -0.63
N PHE E 93 4.56 -32.62 -1.53
CA PHE E 93 4.07 -32.93 -2.85
C PHE E 93 5.11 -33.69 -3.64
N HIS E 94 4.65 -34.46 -4.62
CA HIS E 94 5.55 -35.18 -5.49
C HIS E 94 5.59 -34.49 -6.84
N ASP E 95 6.60 -34.83 -7.64
CA ASP E 95 6.78 -34.24 -8.95
C ASP E 95 5.53 -34.29 -9.81
N ASN E 96 4.78 -35.38 -9.70
CA ASN E 96 3.58 -35.50 -10.51
C ASN E 96 2.48 -34.47 -10.19
N LEU E 97 2.70 -33.60 -9.20
CA LEU E 97 1.69 -32.56 -8.89
C LEU E 97 1.85 -31.31 -9.78
N LYS E 98 2.87 -31.31 -10.64
CA LYS E 98 3.07 -30.20 -11.57
C LYS E 98 1.70 -29.85 -12.20
N ASP E 99 1.02 -30.87 -12.77
CA ASP E 99 -0.30 -30.69 -13.38
C ASP E 99 -1.19 -29.73 -12.58
N LEU E 100 -1.29 -29.89 -11.23
CA LEU E 100 -2.12 -28.98 -10.43
C LEU E 100 -1.58 -27.50 -10.56
N TYR E 101 -0.27 -27.29 -10.48
CA TYR E 101 0.28 -25.94 -10.65
C TYR E 101 -0.08 -25.44 -12.05
N ARG E 102 0.23 -26.25 -13.06
CA ARG E 102 -0.07 -25.91 -14.45
C ARG E 102 -1.53 -25.50 -14.58
N PHE E 103 -2.44 -26.39 -14.15
CA PHE E 103 -3.86 -26.09 -14.21
C PHE E 103 -4.18 -24.77 -13.51
N PHE E 104 -3.45 -24.52 -12.43
CA PHE E 104 -3.66 -23.31 -11.64
C PHE E 104 -3.07 -22.01 -12.25
N ALA E 105 -2.05 -22.15 -13.09
CA ALA E 105 -1.46 -20.98 -13.74
C ALA E 105 -2.08 -20.63 -15.12
N SER E 106 -3.06 -21.42 -15.58
CA SER E 106 -3.67 -21.16 -16.90
C SER E 106 -4.56 -19.92 -16.95
N LYS E 107 -4.78 -19.44 -18.16
CA LYS E 107 -5.62 -18.29 -18.41
C LYS E 107 -6.87 -18.66 -19.19
N PHE E 108 -7.11 -19.95 -19.38
CA PHE E 108 -8.34 -20.39 -20.09
C PHE E 108 -9.62 -20.13 -19.30
N VAL E 109 -9.50 -20.25 -17.97
CA VAL E 109 -10.62 -20.10 -17.06
C VAL E 109 -10.17 -19.30 -15.86
N THR E 110 -11.17 -18.80 -15.12
CA THR E 110 -10.99 -18.02 -13.90
C THR E 110 -11.39 -18.87 -12.72
N PHE E 111 -10.61 -18.74 -11.63
CA PHE E 111 -10.91 -19.45 -10.38
C PHE E 111 -11.72 -18.50 -9.50
N VAL E 112 -12.85 -19.00 -8.97
CA VAL E 112 -13.80 -18.20 -8.16
C VAL E 112 -13.85 -18.78 -6.72
N GLY E 113 -13.51 -17.95 -5.71
CA GLY E 113 -13.58 -18.42 -4.33
C GLY E 113 -14.23 -17.46 -3.36
N VAL E 114 -14.37 -17.88 -2.12
CA VAL E 114 -14.97 -17.05 -1.08
C VAL E 114 -13.97 -16.98 0.08
N GLN E 115 -13.65 -15.75 0.49
CA GLN E 115 -12.68 -15.47 1.57
C GLN E 115 -11.39 -16.22 1.20
N ILE E 116 -10.79 -15.84 0.08
CA ILE E 116 -9.59 -16.55 -0.30
C ILE E 116 -8.33 -15.72 -0.43
N GLU E 117 -8.28 -14.53 0.17
CA GLU E 117 -7.07 -13.70 0.04
C GLU E 117 -5.84 -14.35 0.73
N GLU E 118 -5.99 -14.80 1.98
CA GLU E 118 -4.89 -15.42 2.72
C GLU E 118 -4.46 -16.76 2.08
N ASP E 119 -5.43 -17.53 1.56
CA ASP E 119 -5.10 -18.80 0.91
C ASP E 119 -4.13 -18.55 -0.28
N LEU E 120 -4.38 -17.49 -1.05
CA LEU E 120 -3.51 -17.21 -2.20
C LEU E 120 -2.06 -16.99 -1.79
N ASP E 121 -1.82 -16.36 -0.64
CA ASP E 121 -0.47 -16.09 -0.18
C ASP E 121 0.19 -17.33 0.42
N LEU E 122 -0.57 -18.11 1.22
CA LEU E 122 0.02 -19.33 1.82
C LEU E 122 0.40 -20.24 0.64
N LEU E 123 -0.46 -20.28 -0.36
CA LEU E 123 -0.17 -21.09 -1.55
C LEU E 123 1.13 -20.62 -2.23
N ARG E 124 1.24 -19.31 -2.44
CA ARG E 124 2.44 -18.78 -3.09
C ARG E 124 3.68 -18.95 -2.21
N GLU E 125 3.62 -18.49 -0.95
CA GLU E 125 4.74 -18.56 -0.02
C GLU E 125 5.16 -19.97 0.42
N ASN E 126 4.17 -20.82 0.73
CA ASN E 126 4.43 -22.17 1.25
C ASN E 126 4.71 -23.22 0.20
N HIS E 127 4.10 -23.03 -0.97
CA HIS E 127 4.23 -24.02 -2.06
C HIS E 127 4.69 -23.45 -3.40
N GLY E 128 5.06 -22.16 -3.44
CA GLY E 128 5.48 -21.58 -4.70
C GLY E 128 4.36 -21.73 -5.70
N LEU E 129 3.15 -21.97 -5.18
CA LEU E 129 1.97 -22.13 -6.02
C LEU E 129 1.34 -20.75 -6.23
N VAL E 130 1.19 -20.37 -7.50
CA VAL E 130 0.63 -19.07 -7.89
C VAL E 130 -0.56 -19.23 -8.82
N ILE E 131 -1.69 -18.59 -8.50
CA ILE E 131 -2.84 -18.69 -9.40
C ILE E 131 -2.92 -17.33 -10.17
N ARG E 132 -2.35 -17.30 -11.37
CA ARG E 132 -2.32 -16.07 -12.16
C ARG E 132 -3.71 -15.43 -12.37
N ASN E 133 -4.74 -16.24 -12.64
CA ASN E 133 -6.10 -15.75 -12.95
C ASN E 133 -7.15 -16.17 -11.91
N ALA E 134 -7.26 -15.42 -10.82
CA ALA E 134 -8.23 -15.77 -9.76
C ALA E 134 -9.13 -14.62 -9.33
N ILE E 135 -10.31 -14.95 -8.79
CA ILE E 135 -11.17 -13.92 -8.24
C ILE E 135 -11.80 -14.30 -6.88
N ASN E 136 -11.95 -13.31 -6.01
CA ASN E 136 -12.56 -13.51 -4.72
C ASN E 136 -13.90 -12.76 -4.81
N VAL E 137 -14.95 -13.52 -5.09
CA VAL E 137 -16.29 -13.01 -5.33
C VAL E 137 -16.81 -12.01 -4.30
N GLY E 138 -16.96 -12.42 -3.03
CA GLY E 138 -17.45 -11.56 -1.97
C GLY E 138 -17.23 -10.08 -2.23
N LYS E 139 -16.02 -9.73 -2.62
CA LYS E 139 -15.69 -8.34 -2.86
C LYS E 139 -16.46 -7.85 -4.10
N LEU E 140 -16.38 -8.59 -5.20
CA LEU E 140 -17.12 -8.19 -6.39
C LEU E 140 -18.59 -8.08 -5.98
N ALA E 141 -19.08 -9.12 -5.31
CA ALA E 141 -20.49 -9.15 -4.87
C ALA E 141 -20.92 -7.86 -4.19
N ALA E 142 -20.21 -7.47 -3.14
CA ALA E 142 -20.56 -6.24 -2.40
C ALA E 142 -20.65 -5.00 -3.32
N GLU E 143 -19.68 -4.83 -4.21
CA GLU E 143 -19.65 -3.67 -5.09
C GLU E 143 -20.69 -3.77 -6.20
N ALA E 144 -20.71 -4.93 -6.86
CA ALA E 144 -21.63 -5.20 -7.92
C ALA E 144 -23.06 -5.17 -7.42
N ARG E 145 -23.39 -6.03 -6.46
CA ARG E 145 -24.75 -6.08 -5.94
C ARG E 145 -25.14 -4.93 -5.02
N GLY E 146 -24.22 -4.00 -4.78
CA GLY E 146 -24.55 -2.88 -3.91
C GLY E 146 -24.85 -3.20 -2.43
N THR E 147 -24.26 -4.29 -1.93
CA THR E 147 -24.46 -4.72 -0.54
C THR E 147 -23.08 -4.88 0.13
N LEU E 148 -22.73 -3.97 1.03
CA LEU E 148 -21.42 -3.97 1.69
C LEU E 148 -21.04 -5.30 2.33
N VAL E 149 -21.90 -5.80 3.22
CA VAL E 149 -21.58 -7.01 3.95
C VAL E 149 -21.24 -8.26 3.14
N LEU E 150 -21.64 -8.30 1.87
CA LEU E 150 -21.37 -9.49 1.06
C LEU E 150 -19.87 -9.82 1.04
N GLU E 151 -19.05 -8.79 1.16
CA GLU E 151 -17.61 -8.98 1.15
C GLU E 151 -17.05 -9.75 2.37
N PHE E 152 -17.82 -9.72 3.47
CA PHE E 152 -17.40 -10.33 4.74
C PHE E 152 -18.20 -11.56 5.16
N LEU E 153 -18.76 -12.25 4.16
CA LEU E 153 -19.57 -13.44 4.40
C LEU E 153 -18.85 -14.72 4.06
N GLY E 154 -19.24 -15.80 4.72
CA GLY E 154 -18.68 -17.12 4.43
C GLY E 154 -19.35 -17.71 3.19
N THR E 155 -19.04 -18.97 2.85
CA THR E 155 -19.61 -19.51 1.62
C THR E 155 -21.15 -19.60 1.62
N ARG E 156 -21.66 -20.29 2.61
CA ARG E 156 -23.10 -20.48 2.72
C ARG E 156 -23.89 -19.18 2.71
N GLU E 157 -23.56 -18.29 3.64
CA GLU E 157 -24.26 -17.03 3.81
C GLU E 157 -24.16 -16.16 2.56
N LEU E 158 -23.00 -16.15 1.90
CA LEU E 158 -22.91 -15.36 0.67
C LEU E 158 -23.98 -15.92 -0.31
N ALA E 159 -24.13 -17.24 -0.37
CA ALA E 159 -25.11 -17.84 -1.28
C ALA E 159 -26.51 -17.36 -0.88
N HIS E 160 -26.76 -17.36 0.41
CA HIS E 160 -28.03 -16.91 0.95
C HIS E 160 -28.34 -15.45 0.51
N ARG E 161 -27.38 -14.53 0.65
CA ARG E 161 -27.64 -13.13 0.29
C ARG E 161 -27.68 -12.90 -1.20
N VAL E 162 -27.07 -13.79 -1.99
CA VAL E 162 -27.05 -13.61 -3.45
C VAL E 162 -28.15 -14.42 -4.17
N LEU E 163 -28.40 -15.64 -3.72
CA LEU E 163 -29.37 -16.51 -4.39
C LEU E 163 -30.64 -16.84 -3.61
N TRP E 164 -30.53 -16.84 -2.29
CA TRP E 164 -31.65 -17.15 -1.40
C TRP E 164 -32.33 -18.47 -1.72
N SER E 165 -31.54 -19.46 -2.11
CA SER E 165 -32.12 -20.74 -2.40
C SER E 165 -32.18 -21.57 -1.10
N ASP E 166 -32.52 -22.85 -1.24
CA ASP E 166 -32.69 -23.74 -0.10
C ASP E 166 -31.40 -24.21 0.52
N LEU E 167 -31.18 -23.82 1.79
CA LEU E 167 -29.94 -24.11 2.54
C LEU E 167 -30.07 -24.98 3.80
N GLY E 168 -31.30 -25.41 4.10
CA GLY E 168 -31.53 -26.25 5.27
C GLY E 168 -30.71 -27.54 5.25
N GLN E 169 -30.62 -28.18 4.10
CA GLN E 169 -29.84 -29.40 4.01
C GLN E 169 -28.38 -29.10 4.32
N LEU E 170 -27.82 -28.10 3.65
CA LEU E 170 -26.42 -27.74 3.86
C LEU E 170 -26.15 -27.46 5.33
N ASP E 171 -27.01 -26.64 5.92
CA ASP E 171 -26.85 -26.25 7.31
C ASP E 171 -26.85 -27.46 8.26
N SER E 172 -27.74 -28.41 7.98
CA SER E 172 -27.82 -29.57 8.87
C SER E 172 -26.49 -30.30 8.91
N ILE E 173 -25.86 -30.48 7.75
CA ILE E 173 -24.57 -31.16 7.77
C ILE E 173 -23.51 -30.33 8.50
N GLU E 174 -23.29 -29.10 8.06
CA GLU E 174 -22.25 -28.25 8.65
C GLU E 174 -22.41 -28.07 10.13
N ALA E 175 -23.64 -27.85 10.57
CA ALA E 175 -23.92 -27.70 11.99
C ALA E 175 -23.39 -28.93 12.71
N LYS E 176 -23.48 -30.10 12.07
CA LYS E 176 -22.98 -31.31 12.71
C LYS E 176 -21.68 -31.81 12.08
N TRP E 177 -20.79 -30.87 11.76
CA TRP E 177 -19.54 -31.17 11.08
C TRP E 177 -18.59 -32.21 11.67
N GLU E 178 -18.25 -32.07 12.95
CA GLU E 178 -17.31 -32.98 13.57
C GLU E 178 -17.82 -34.39 13.63
N LYS E 179 -19.12 -34.55 13.43
CA LYS E 179 -19.71 -35.87 13.47
C LYS E 179 -20.22 -36.34 12.12
N ALA E 180 -19.97 -35.56 11.08
CA ALA E 180 -20.42 -35.92 9.74
C ALA E 180 -19.48 -36.93 9.10
N GLY E 181 -20.07 -37.96 8.47
CA GLY E 181 -19.29 -38.98 7.79
C GLY E 181 -18.61 -38.37 6.57
N PRO E 182 -17.66 -39.09 5.92
CA PRO E 182 -16.93 -38.62 4.74
C PRO E 182 -17.81 -38.19 3.58
N GLU E 183 -18.86 -38.96 3.31
CA GLU E 183 -19.71 -38.65 2.19
C GLU E 183 -20.59 -37.45 2.49
N GLU E 184 -20.86 -37.23 3.76
CA GLU E 184 -21.67 -36.06 4.15
C GLU E 184 -20.83 -34.75 3.99
N GLN E 185 -19.54 -34.85 4.30
CA GLN E 185 -18.66 -33.71 4.23
C GLN E 185 -18.44 -33.43 2.76
N LEU E 186 -18.34 -34.49 1.95
CA LEU E 186 -18.18 -34.32 0.53
C LEU E 186 -19.47 -33.64 0.06
N GLU E 187 -20.64 -34.17 0.45
CA GLU E 187 -21.89 -33.56 0.00
C GLU E 187 -21.93 -32.06 0.32
N ALA E 188 -21.42 -31.69 1.51
CA ALA E 188 -21.40 -30.28 1.88
C ALA E 188 -20.42 -29.52 0.96
N ALA E 189 -19.29 -30.16 0.61
CA ALA E 189 -18.30 -29.56 -0.27
C ALA E 189 -18.86 -29.41 -1.67
N ALA E 190 -19.55 -30.46 -2.13
CA ALA E 190 -20.13 -30.42 -3.47
C ALA E 190 -21.26 -29.42 -3.51
N ILE E 191 -22.11 -29.38 -2.48
CA ILE E 191 -23.18 -28.40 -2.50
C ILE E 191 -22.60 -26.95 -2.56
N GLU E 192 -21.52 -26.72 -1.83
CA GLU E 192 -20.90 -25.39 -1.83
C GLU E 192 -20.30 -25.08 -3.21
N GLY E 193 -19.63 -26.06 -3.82
CA GLY E 193 -19.07 -25.83 -5.14
C GLY E 193 -20.20 -25.38 -6.08
N TRP E 194 -21.34 -26.09 -6.01
CA TRP E 194 -22.51 -25.77 -6.84
C TRP E 194 -23.15 -24.43 -6.39
N LEU E 195 -23.20 -24.20 -5.07
CA LEU E 195 -23.75 -22.92 -4.60
C LEU E 195 -22.96 -21.68 -5.10
N ILE E 196 -21.65 -21.80 -5.31
CA ILE E 196 -20.89 -20.66 -5.78
C ILE E 196 -20.80 -20.52 -7.29
N VAL E 197 -20.88 -21.64 -8.01
CA VAL E 197 -20.90 -21.61 -9.47
C VAL E 197 -22.15 -20.81 -9.89
N ASN E 198 -23.23 -20.91 -9.11
CA ASN E 198 -24.46 -20.15 -9.43
C ASN E 198 -24.28 -18.70 -9.01
N VAL E 199 -23.68 -18.46 -7.85
CA VAL E 199 -23.46 -17.05 -7.46
C VAL E 199 -22.66 -16.35 -8.58
N TRP E 200 -21.60 -17.01 -9.05
CA TRP E 200 -20.75 -16.46 -10.12
C TRP E 200 -21.52 -16.26 -11.43
N ASP E 201 -22.20 -17.31 -11.88
CA ASP E 201 -22.96 -17.22 -13.12
C ASP E 201 -24.00 -16.14 -12.95
N GLN E 202 -24.61 -16.05 -11.76
CA GLN E 202 -25.58 -14.98 -11.56
C GLN E 202 -24.82 -13.62 -11.47
N LEU E 203 -23.50 -13.62 -11.30
CA LEU E 203 -22.78 -12.35 -11.23
C LEU E 203 -22.06 -11.91 -12.51
N SER E 204 -21.26 -12.78 -13.10
CA SER E 204 -20.55 -12.41 -14.32
C SER E 204 -21.46 -12.10 -15.49
N ASP E 205 -22.62 -12.75 -15.55
CA ASP E 205 -23.57 -12.56 -16.63
C ASP E 205 -24.19 -11.19 -16.53
N GLU E 206 -23.36 -10.23 -16.12
CA GLU E 206 -23.74 -8.84 -15.94
C GLU E 206 -22.51 -8.04 -15.45
N SER F 1 -19.18 -34.52 30.64
CA SER F 1 -19.36 -34.17 29.19
C SER F 1 -19.18 -32.66 28.96
N ALA F 2 -19.21 -32.26 27.68
CA ALA F 2 -19.04 -30.86 27.26
C ALA F 2 -20.31 -30.01 27.26
N SER F 3 -20.39 -29.06 28.20
CA SER F 3 -21.56 -28.20 28.31
C SER F 3 -21.19 -26.81 28.79
N PHE F 4 -22.05 -25.85 28.49
CA PHE F 4 -21.86 -24.45 28.90
C PHE F 4 -22.68 -24.21 30.18
N ASP F 5 -22.10 -24.68 31.27
CA ASP F 5 -22.71 -24.64 32.59
C ASP F 5 -22.16 -23.59 33.55
N GLY F 6 -21.24 -22.73 33.08
CA GLY F 6 -20.72 -21.68 33.96
C GLY F 6 -21.85 -20.67 34.19
N PRO F 7 -21.56 -19.55 34.89
CA PRO F 7 -22.60 -18.54 35.15
C PRO F 7 -23.40 -18.08 33.93
N LYS F 8 -24.70 -17.90 34.14
CA LYS F 8 -25.63 -17.44 33.10
C LYS F 8 -25.80 -15.98 33.38
N PHE F 9 -25.85 -15.18 32.34
CA PHE F 9 -26.05 -13.77 32.52
C PHE F 9 -27.24 -13.43 31.66
N LYS F 10 -28.15 -12.60 32.18
CA LYS F 10 -29.32 -12.23 31.40
C LYS F 10 -28.99 -10.86 30.81
N THR F 12 -29.92 -7.16 28.82
CA THR F 12 -30.93 -6.15 29.05
C THR F 12 -32.14 -6.28 28.15
N ASP F 13 -32.23 -7.38 27.40
CA ASP F 13 -33.38 -7.62 26.54
C ASP F 13 -34.13 -8.86 27.05
N GLY F 14 -33.64 -9.45 28.14
CA GLY F 14 -34.30 -10.62 28.70
C GLY F 14 -33.63 -11.96 28.48
N SER F 15 -32.95 -12.12 27.35
CA SER F 15 -32.25 -13.35 27.01
C SER F 15 -31.12 -13.63 27.98
N TYR F 16 -30.53 -14.83 27.90
CA TYR F 16 -29.43 -15.19 28.77
C TYR F 16 -28.21 -15.65 27.98
N VAL F 17 -27.05 -15.67 28.65
CA VAL F 17 -25.82 -16.13 28.07
C VAL F 17 -25.18 -17.21 28.98
N GLN F 18 -25.00 -18.40 28.42
CA GLN F 18 -24.40 -19.55 29.10
C GLN F 18 -22.90 -19.24 29.10
N THR F 19 -22.12 -20.02 29.84
CA THR F 19 -20.68 -19.70 29.96
C THR F 19 -19.80 -20.94 30.12
N LYS F 20 -18.54 -20.82 29.69
CA LYS F 20 -17.57 -21.89 29.80
C LYS F 20 -16.18 -21.26 29.75
N THR F 21 -15.43 -21.46 30.83
CA THR F 21 -14.07 -20.96 30.96
C THR F 21 -13.17 -22.20 30.97
N ILE F 22 -12.36 -22.37 29.94
CA ILE F 22 -11.48 -23.53 29.91
C ILE F 22 -9.99 -23.17 30.02
N ASP F 23 -9.33 -23.79 31.00
CA ASP F 23 -7.89 -23.64 31.22
C ASP F 23 -7.15 -24.70 30.40
N VAL F 24 -6.66 -24.24 29.24
CA VAL F 24 -5.97 -25.11 28.29
C VAL F 24 -4.50 -25.39 28.60
N GLY F 25 -4.22 -26.66 28.93
CA GLY F 25 -2.86 -27.05 29.19
C GLY F 25 -2.22 -27.71 27.97
N SER F 26 -1.75 -28.94 28.12
CA SER F 26 -1.09 -29.60 27.01
C SER F 26 -1.96 -30.64 26.30
N SER F 27 -2.92 -31.18 27.02
CA SER F 27 -3.81 -32.20 26.49
C SER F 27 -5.28 -31.81 26.61
N THR F 28 -5.57 -30.59 27.04
CA THR F 28 -6.95 -30.12 27.16
C THR F 28 -7.62 -30.25 25.77
N ASP F 29 -8.54 -31.19 25.60
CA ASP F 29 -9.22 -31.36 24.32
C ASP F 29 -10.27 -30.30 24.21
N ILE F 30 -10.04 -29.29 23.37
CA ILE F 30 -11.01 -28.20 23.26
C ILE F 30 -11.97 -28.47 22.11
N SER F 31 -11.49 -29.26 21.17
CA SER F 31 -12.24 -29.62 19.99
C SER F 31 -13.71 -29.88 20.20
N PRO F 32 -14.11 -30.70 21.20
CA PRO F 32 -15.56 -30.88 21.29
C PRO F 32 -16.31 -29.54 21.58
N TYR F 33 -15.68 -28.65 22.37
CA TYR F 33 -16.30 -27.36 22.70
C TYR F 33 -16.38 -26.39 21.54
N LEU F 34 -15.29 -26.27 20.79
CA LEU F 34 -15.29 -25.40 19.61
C LEU F 34 -16.49 -25.85 18.76
N SER F 35 -16.69 -27.18 18.74
CA SER F 35 -17.80 -27.76 18.01
C SER F 35 -19.11 -27.16 18.51
N LEU F 36 -19.23 -26.87 19.82
CA LEU F 36 -20.49 -26.30 20.26
C LEU F 36 -20.67 -24.91 19.69
N ILE F 37 -19.58 -24.31 19.18
CA ILE F 37 -19.71 -22.99 18.61
C ILE F 37 -19.91 -23.09 17.10
N ARG F 38 -19.27 -24.05 16.46
CA ARG F 38 -19.42 -24.20 15.01
C ARG F 38 -20.86 -24.46 14.67
N GLU F 39 -21.46 -25.41 15.39
CA GLU F 39 -22.86 -25.84 15.19
C GLU F 39 -23.84 -24.77 15.60
N ASP F 40 -23.52 -24.13 16.73
CA ASP F 40 -24.35 -23.13 17.33
C ASP F 40 -24.47 -21.89 16.45
N SER F 41 -23.51 -21.72 15.56
CA SER F 41 -23.47 -20.56 14.66
C SER F 41 -24.07 -20.92 13.30
N ILE F 42 -23.86 -22.16 12.88
CA ILE F 42 -24.42 -22.60 11.62
C ILE F 42 -25.92 -22.73 11.78
N LEU F 43 -26.33 -23.21 12.95
CA LEU F 43 -27.71 -23.46 13.29
C LEU F 43 -28.52 -22.36 13.94
N ASN F 44 -27.90 -21.53 14.76
CA ASN F 44 -28.69 -20.55 15.44
C ASN F 44 -28.40 -19.12 15.18
N GLY F 45 -27.11 -18.82 15.04
CA GLY F 45 -26.68 -17.45 14.88
C GLY F 45 -26.31 -16.96 13.49
N ASN F 46 -27.05 -17.42 12.49
CA ASN F 46 -26.78 -16.96 11.14
C ASN F 46 -25.28 -16.84 10.85
N ARG F 47 -24.53 -17.86 11.26
CA ARG F 47 -23.11 -17.96 10.98
C ARG F 47 -22.16 -16.80 11.35
N ALA F 48 -22.21 -16.41 12.63
CA ALA F 48 -21.30 -15.38 13.13
C ALA F 48 -20.69 -15.76 14.49
N VAL F 49 -19.36 -15.80 14.54
CA VAL F 49 -18.66 -16.08 15.80
C VAL F 49 -17.87 -14.84 16.21
N ILE F 50 -18.36 -14.19 17.26
CA ILE F 50 -17.70 -12.99 17.76
C ILE F 50 -16.55 -13.32 18.70
N PHE F 51 -15.47 -12.53 18.57
CA PHE F 51 -14.31 -12.77 19.40
C PHE F 51 -13.63 -11.50 19.88
N ASP F 52 -12.63 -11.71 20.73
CA ASP F 52 -11.76 -10.67 21.26
C ASP F 52 -10.55 -11.37 21.91
N VAL F 53 -9.35 -11.25 21.34
CA VAL F 53 -8.20 -11.90 21.95
C VAL F 53 -7.56 -10.83 22.82
N TYR F 54 -6.93 -11.27 23.91
CA TYR F 54 -6.27 -10.41 24.89
C TYR F 54 -4.87 -10.99 24.91
N TRP F 55 -3.88 -10.22 25.35
CA TRP F 55 -2.49 -10.65 25.29
C TRP F 55 -1.70 -10.56 26.57
N ASP F 56 -0.65 -11.39 26.65
CA ASP F 56 0.30 -11.33 27.75
C ASP F 56 1.56 -10.75 27.07
N VAL F 57 2.16 -9.74 27.68
CA VAL F 57 3.37 -9.12 27.08
C VAL F 57 4.57 -9.48 27.95
N GLY F 58 5.66 -9.95 27.35
CA GLY F 58 6.82 -10.28 28.15
C GLY F 58 7.98 -9.31 27.99
N PHE F 59 8.91 -9.33 28.95
CA PHE F 59 10.09 -8.48 28.87
C PHE F 59 11.37 -9.31 28.77
N THR F 66 12.59 -8.61 17.20
CA THR F 66 11.50 -7.61 17.06
C THR F 66 10.82 -7.39 18.41
N LYS F 67 10.59 -6.14 18.75
CA LYS F 67 10.02 -5.81 20.04
C LYS F 67 8.65 -6.31 20.46
N THR F 68 7.80 -6.70 19.50
CA THR F 68 6.49 -7.25 19.85
C THR F 68 6.60 -8.78 19.94
N SER F 69 7.84 -9.28 20.08
CA SER F 69 8.14 -10.70 20.20
C SER F 69 7.58 -11.34 21.43
N GLY F 70 7.64 -10.60 22.53
CA GLY F 70 7.15 -11.09 23.80
C GLY F 70 5.65 -11.20 23.86
N TRP F 71 4.94 -10.89 22.77
CA TRP F 71 3.47 -11.00 22.81
C TRP F 71 2.96 -12.40 22.47
N SER F 72 2.36 -13.09 23.46
CA SER F 72 1.88 -14.45 23.23
C SER F 72 0.36 -14.51 23.32
N LEU F 73 -0.30 -15.36 22.55
CA LEU F 73 -1.79 -15.39 22.62
C LEU F 73 -2.15 -15.89 23.99
N SER F 74 -3.11 -15.24 24.64
CA SER F 74 -3.52 -15.62 25.97
C SER F 74 -5.00 -15.78 26.29
N SER F 75 -5.90 -15.11 25.55
CA SER F 75 -7.33 -15.26 25.85
C SER F 75 -8.25 -15.01 24.68
N VAL F 76 -9.07 -16.01 24.32
CA VAL F 76 -10.00 -15.90 23.20
C VAL F 76 -11.47 -16.02 23.70
N LYS F 77 -12.40 -15.34 23.02
CA LYS F 77 -13.84 -15.35 23.30
C LYS F 77 -14.63 -15.68 22.01
N LEU F 78 -15.10 -16.92 21.86
CA LEU F 78 -15.84 -17.34 20.67
C LEU F 78 -17.29 -17.28 21.10
N SER F 79 -17.95 -16.21 20.68
CA SER F 79 -19.31 -15.98 21.07
C SER F 79 -20.38 -15.82 20.03
N THR F 80 -21.59 -16.22 20.47
CA THR F 80 -22.81 -16.09 19.70
C THR F 80 -23.83 -15.41 20.67
N ARG F 81 -25.02 -15.13 20.18
CA ARG F 81 -26.04 -14.56 21.03
C ARG F 81 -26.33 -15.45 22.28
N ASN F 82 -26.52 -16.75 22.10
CA ASN F 82 -26.80 -17.67 23.21
C ASN F 82 -25.82 -17.56 24.34
N LEU F 83 -24.54 -17.60 23.97
CA LEU F 83 -23.51 -17.60 24.96
C LEU F 83 -22.15 -17.01 24.62
N CYS F 84 -21.27 -17.09 25.62
CA CYS F 84 -19.90 -16.63 25.48
C CYS F 84 -19.03 -17.82 25.93
N LEU F 85 -17.83 -17.91 25.38
CA LEU F 85 -16.89 -19.01 25.66
C LEU F 85 -15.46 -18.42 25.74
N PHE F 86 -14.59 -19.06 26.52
CA PHE F 86 -13.19 -18.60 26.67
C PHE F 86 -12.20 -19.76 26.69
N LEU F 87 -10.93 -19.40 26.59
CA LEU F 87 -9.82 -20.34 26.65
C LEU F 87 -8.58 -19.63 27.21
N ARG F 88 -8.13 -20.04 28.40
CA ARG F 88 -6.90 -19.44 28.92
C ARG F 88 -5.86 -20.45 28.46
N LEU F 89 -4.84 -19.97 27.76
CA LEU F 89 -3.88 -20.90 27.17
C LEU F 89 -2.50 -21.07 27.78
N PRO F 90 -1.74 -22.02 27.24
CA PRO F 90 -0.45 -22.04 27.92
C PRO F 90 0.59 -21.31 27.06
N LYS F 91 1.76 -21.13 27.62
CA LYS F 91 2.82 -20.47 26.91
C LYS F 91 4.02 -21.46 26.88
N PRO F 92 4.18 -22.21 25.78
CA PRO F 92 3.41 -22.27 24.54
C PRO F 92 2.23 -23.22 24.63
N PHE F 93 1.46 -23.33 23.55
CA PHE F 93 0.32 -24.26 23.51
C PHE F 93 0.90 -25.66 23.23
N HIS F 94 0.11 -26.49 22.55
CA HIS F 94 0.48 -27.84 22.11
C HIS F 94 -0.47 -28.11 20.92
N ASP F 95 -0.33 -29.24 20.23
CA ASP F 95 -1.16 -29.59 19.04
C ASP F 95 -2.68 -29.71 19.22
N ASN F 96 -3.12 -29.77 20.47
CA ASN F 96 -4.55 -29.87 20.74
C ASN F 96 -5.12 -28.53 20.28
N LEU F 97 -4.53 -27.43 20.78
CA LEU F 97 -5.01 -26.10 20.39
C LEU F 97 -5.04 -25.93 18.87
N LYS F 98 -4.30 -26.79 18.13
CA LYS F 98 -4.32 -26.73 16.66
C LYS F 98 -5.76 -26.68 16.13
N ASP F 99 -6.71 -27.14 16.95
CA ASP F 99 -8.12 -27.12 16.56
C ASP F 99 -8.70 -25.70 16.59
N LEU F 100 -8.20 -24.85 17.49
CA LEU F 100 -8.66 -23.45 17.50
C LEU F 100 -8.30 -22.86 16.10
N TYR F 101 -7.12 -23.20 15.60
CA TYR F 101 -6.63 -22.72 14.29
C TYR F 101 -7.55 -23.12 13.12
N ARG F 102 -7.79 -24.43 12.97
CA ARG F 102 -8.61 -24.93 11.87
C ARG F 102 -9.99 -24.23 11.90
N PHE F 103 -10.53 -24.04 13.11
CA PHE F 103 -11.83 -23.39 13.32
C PHE F 103 -11.82 -21.85 13.07
N PHE F 104 -10.81 -21.17 13.63
CA PHE F 104 -10.72 -19.70 13.47
C PHE F 104 -10.62 -19.40 11.97
N ALA F 105 -10.17 -20.40 11.19
CA ALA F 105 -9.99 -20.21 9.76
C ALA F 105 -11.02 -20.82 8.79
N SER F 106 -12.03 -21.54 9.30
CA SER F 106 -13.01 -22.17 8.38
C SER F 106 -13.78 -21.08 7.61
N LYS F 107 -14.58 -21.48 6.65
CA LYS F 107 -15.38 -20.53 5.86
C LYS F 107 -16.90 -20.73 6.10
N PHE F 108 -17.21 -21.46 7.17
CA PHE F 108 -18.64 -21.71 7.54
C PHE F 108 -19.30 -20.41 7.97
N VAL F 109 -18.47 -19.47 8.42
CA VAL F 109 -18.98 -18.20 8.93
C VAL F 109 -17.93 -17.11 9.09
N THR F 110 -18.43 -15.93 9.42
CA THR F 110 -17.61 -14.75 9.62
C THR F 110 -17.40 -14.54 11.12
N PHE F 111 -16.16 -14.20 11.45
CA PHE F 111 -15.72 -13.96 12.80
C PHE F 111 -15.80 -12.46 13.11
N VAL F 112 -16.74 -12.04 13.96
CA VAL F 112 -16.86 -10.62 14.25
C VAL F 112 -16.10 -10.21 15.50
N GLY F 113 -15.41 -9.06 15.43
CA GLY F 113 -14.64 -8.58 16.55
C GLY F 113 -14.67 -7.08 16.44
N VAL F 114 -13.82 -6.41 17.25
CA VAL F 114 -13.70 -4.95 17.25
C VAL F 114 -12.24 -4.60 17.54
N GLN F 115 -11.70 -3.63 16.79
CA GLN F 115 -10.32 -3.20 16.95
C GLN F 115 -9.38 -4.41 16.78
N ILE F 116 -9.58 -5.09 15.65
CA ILE F 116 -8.84 -6.31 15.34
C ILE F 116 -7.62 -6.14 14.45
N GLU F 117 -7.21 -4.88 14.24
CA GLU F 117 -6.06 -4.64 13.35
C GLU F 117 -4.72 -5.10 13.94
N GLU F 118 -4.30 -4.55 15.06
CA GLU F 118 -3.02 -4.97 15.58
C GLU F 118 -3.14 -6.36 16.23
N ASP F 119 -4.33 -6.71 16.70
CA ASP F 119 -4.44 -7.99 17.35
C ASP F 119 -4.01 -8.99 16.34
N LEU F 120 -4.58 -8.81 15.13
CA LEU F 120 -4.40 -9.68 14.00
C LEU F 120 -2.96 -9.80 13.49
N ASP F 121 -2.21 -8.72 13.50
CA ASP F 121 -0.81 -8.81 13.05
C ASP F 121 -0.10 -9.58 14.14
N LEU F 122 -0.54 -9.38 15.37
CA LEU F 122 0.06 -10.09 16.50
C LEU F 122 -0.23 -11.56 16.32
N LEU F 123 -1.52 -11.88 16.19
CA LEU F 123 -1.89 -13.27 16.03
C LEU F 123 -0.97 -13.94 15.02
N ARG F 124 -1.13 -13.65 13.72
CA ARG F 124 -0.35 -14.25 12.62
C ARG F 124 1.17 -14.26 12.81
N GLU F 125 1.72 -13.18 13.38
CA GLU F 125 3.16 -13.08 13.55
C GLU F 125 3.87 -13.98 14.57
N ASN F 126 3.46 -13.93 15.83
CA ASN F 126 4.12 -14.75 16.83
C ASN F 126 3.54 -16.19 16.87
N HIS F 127 2.64 -16.50 15.94
CA HIS F 127 2.04 -17.83 15.94
C HIS F 127 1.71 -18.38 14.53
N GLY F 128 1.24 -17.53 13.62
CA GLY F 128 0.84 -18.07 12.31
C GLY F 128 -0.61 -18.55 12.32
N LEU F 129 -1.42 -17.93 13.18
CA LEU F 129 -2.86 -18.24 13.30
C LEU F 129 -3.48 -17.31 12.23
N VAL F 130 -4.32 -17.89 11.38
CA VAL F 130 -4.92 -17.16 10.26
C VAL F 130 -6.47 -17.18 10.37
N ILE F 131 -7.09 -15.99 10.31
CA ILE F 131 -8.55 -15.91 10.35
C ILE F 131 -8.99 -15.55 8.91
N ARG F 132 -9.24 -16.57 8.10
CA ARG F 132 -9.58 -16.34 6.71
C ARG F 132 -10.83 -15.49 6.47
N ASN F 133 -11.72 -15.47 7.46
CA ASN F 133 -12.99 -14.75 7.31
C ASN F 133 -13.21 -13.90 8.55
N ALA F 134 -12.45 -12.80 8.66
CA ALA F 134 -12.50 -11.89 9.78
C ALA F 134 -13.07 -10.54 9.35
N ILE F 135 -13.76 -9.86 10.27
CA ILE F 135 -14.26 -8.53 9.91
C ILE F 135 -14.10 -7.54 11.04
N ASN F 136 -13.30 -6.50 10.79
CA ASN F 136 -13.08 -5.41 11.74
C ASN F 136 -14.33 -4.58 11.43
N VAL F 137 -15.37 -4.73 12.24
CA VAL F 137 -16.66 -4.07 11.99
C VAL F 137 -16.79 -2.56 12.27
N GLY F 138 -15.85 -2.03 13.06
CA GLY F 138 -15.86 -0.60 13.37
C GLY F 138 -15.96 0.17 12.07
N LYS F 139 -15.25 -0.27 11.05
CA LYS F 139 -15.31 0.41 9.76
C LYS F 139 -16.62 0.08 9.03
N LEU F 140 -17.25 -1.04 9.41
CA LEU F 140 -18.51 -1.48 8.82
C LEU F 140 -19.57 -0.52 9.32
N ALA F 141 -19.66 -0.37 10.65
CA ALA F 141 -20.63 0.49 11.30
C ALA F 141 -20.42 1.95 10.94
N ALA F 142 -19.18 2.34 10.69
CA ALA F 142 -18.92 3.72 10.37
C ALA F 142 -19.41 3.98 8.92
N GLU F 143 -19.04 3.05 8.04
CA GLU F 143 -19.33 3.17 6.64
C GLU F 143 -20.79 2.94 6.30
N ALA F 144 -21.27 1.72 6.48
CA ALA F 144 -22.66 1.42 6.16
C ALA F 144 -23.52 2.58 6.64
N ARG F 145 -23.14 3.13 7.79
CA ARG F 145 -23.88 4.22 8.43
C ARG F 145 -23.46 5.61 8.02
N GLY F 146 -22.38 5.75 7.25
CA GLY F 146 -21.94 7.09 6.90
C GLY F 146 -21.60 7.89 8.16
N THR F 147 -21.00 7.23 9.15
CA THR F 147 -20.60 7.87 10.42
C THR F 147 -19.17 7.49 10.75
N LEU F 148 -18.26 8.30 10.21
CA LEU F 148 -16.82 8.18 10.32
C LEU F 148 -16.24 7.74 11.66
N VAL F 149 -16.66 8.41 12.74
CA VAL F 149 -16.10 8.11 14.04
C VAL F 149 -16.26 6.65 14.52
N LEU F 150 -17.25 5.90 14.01
CA LEU F 150 -17.47 4.54 14.54
C LEU F 150 -16.26 3.61 14.30
N GLU F 151 -15.47 3.94 13.28
CA GLU F 151 -14.28 3.18 12.92
C GLU F 151 -13.30 3.15 14.07
N PHE F 152 -13.27 4.28 14.78
CA PHE F 152 -12.33 4.52 15.89
C PHE F 152 -12.90 4.19 17.27
N LEU F 153 -14.00 3.43 17.31
CA LEU F 153 -14.68 3.10 18.58
C LEU F 153 -14.43 1.69 19.07
N GLY F 154 -14.19 1.57 20.36
CA GLY F 154 -14.02 0.27 21.01
C GLY F 154 -15.32 -0.54 20.93
N THR F 155 -15.65 -1.32 21.95
CA THR F 155 -16.88 -2.13 21.90
C THR F 155 -18.12 -1.38 22.38
N ARG F 156 -18.03 -0.79 23.56
CA ARG F 156 -19.20 -0.10 24.13
C ARG F 156 -19.77 1.10 23.37
N GLU F 157 -18.89 2.01 22.94
CA GLU F 157 -19.33 3.22 22.23
C GLU F 157 -19.84 2.87 20.81
N LEU F 158 -19.16 1.96 20.08
CA LEU F 158 -19.64 1.61 18.74
C LEU F 158 -21.09 1.02 18.80
N ALA F 159 -21.32 0.08 19.71
CA ALA F 159 -22.65 -0.52 19.83
C ALA F 159 -23.62 0.54 20.35
N HIS F 160 -23.09 1.38 21.24
CA HIS F 160 -23.87 2.46 21.82
C HIS F 160 -24.27 3.41 20.71
N ARG F 161 -23.38 3.58 19.74
CA ARG F 161 -23.61 4.47 18.62
C ARG F 161 -24.34 3.77 17.49
N VAL F 162 -24.22 2.45 17.42
CA VAL F 162 -24.91 1.71 16.37
C VAL F 162 -26.30 1.21 16.80
N LEU F 163 -26.57 1.12 18.11
CA LEU F 163 -27.85 0.62 18.62
C LEU F 163 -28.44 1.47 19.74
N TRP F 164 -27.67 2.43 20.27
CA TRP F 164 -28.12 3.25 21.40
C TRP F 164 -29.00 2.47 22.37
N SER F 165 -28.48 1.36 22.87
CA SER F 165 -29.21 0.50 23.79
C SER F 165 -28.69 0.58 25.20
N ASP F 166 -29.43 -0.04 26.12
CA ASP F 166 -29.07 -0.06 27.52
C ASP F 166 -27.73 -0.72 27.74
N LEU F 167 -26.85 0.06 28.36
CA LEU F 167 -25.48 -0.36 28.66
C LEU F 167 -25.07 -0.07 30.11
N GLY F 168 -25.89 0.69 30.84
CA GLY F 168 -25.59 1.02 32.23
C GLY F 168 -24.91 -0.08 33.04
N GLN F 169 -25.40 -1.31 32.90
CA GLN F 169 -24.80 -2.41 33.62
C GLN F 169 -23.30 -2.50 33.23
N LEU F 170 -23.03 -2.56 31.93
CA LEU F 170 -21.66 -2.65 31.47
C LEU F 170 -20.79 -1.49 31.91
N ASP F 171 -21.28 -0.25 31.78
CA ASP F 171 -20.43 0.87 32.17
C ASP F 171 -20.09 0.88 33.67
N SER F 172 -21.04 0.48 34.54
CA SER F 172 -20.74 0.52 35.97
C SER F 172 -19.65 -0.48 36.24
N ILE F 173 -19.64 -1.55 35.47
CA ILE F 173 -18.60 -2.52 35.66
C ILE F 173 -17.24 -2.01 35.09
N GLU F 174 -17.20 -1.70 33.81
CA GLU F 174 -15.93 -1.30 33.23
C GLU F 174 -15.22 -0.09 33.86
N ALA F 175 -15.96 0.97 34.18
CA ALA F 175 -15.35 2.16 34.78
C ALA F 175 -14.71 1.93 36.17
N LYS F 176 -14.77 0.71 36.68
CA LYS F 176 -14.18 0.42 37.98
C LYS F 176 -13.59 -0.96 37.80
N TRP F 177 -13.01 -1.17 36.63
CA TRP F 177 -12.42 -2.44 36.26
C TRP F 177 -11.49 -3.08 37.27
N GLU F 178 -10.62 -2.28 37.87
CA GLU F 178 -9.66 -2.76 38.87
C GLU F 178 -10.32 -3.53 40.02
N LYS F 179 -11.50 -3.08 40.43
CA LYS F 179 -12.24 -3.69 41.53
C LYS F 179 -13.21 -4.77 41.04
N ALA F 180 -12.81 -5.50 39.99
CA ALA F 180 -13.64 -6.56 39.44
C ALA F 180 -13.13 -7.95 39.83
N GLY F 181 -14.06 -8.80 40.25
CA GLY F 181 -13.70 -10.16 40.63
C GLY F 181 -13.51 -11.10 39.45
N PRO F 182 -12.75 -12.19 39.65
CA PRO F 182 -12.50 -13.17 38.59
C PRO F 182 -13.74 -13.71 37.91
N GLU F 183 -14.93 -13.40 38.44
CA GLU F 183 -16.17 -13.86 37.81
C GLU F 183 -16.92 -12.65 37.24
N GLU F 184 -16.72 -11.47 37.81
CA GLU F 184 -17.37 -10.28 37.25
C GLU F 184 -16.69 -9.92 35.91
N GLN F 185 -15.39 -10.20 35.82
CA GLN F 185 -14.68 -9.92 34.58
C GLN F 185 -15.22 -10.81 33.50
N LEU F 186 -15.60 -12.03 33.87
CA LEU F 186 -16.17 -12.94 32.89
C LEU F 186 -17.48 -12.38 32.40
N GLU F 187 -18.24 -11.76 33.31
CA GLU F 187 -19.54 -11.18 33.01
C GLU F 187 -19.49 -10.06 31.97
N ALA F 188 -18.62 -9.08 32.21
CA ALA F 188 -18.46 -7.95 31.31
C ALA F 188 -18.08 -8.49 29.92
N ALA F 189 -17.24 -9.51 29.88
CA ALA F 189 -16.87 -10.09 28.59
C ALA F 189 -18.05 -10.78 27.88
N ALA F 190 -18.95 -11.45 28.63
CA ALA F 190 -20.08 -12.09 27.99
C ALA F 190 -20.97 -10.97 27.42
N ILE F 191 -21.18 -9.92 28.21
CA ILE F 191 -21.99 -8.77 27.76
C ILE F 191 -21.45 -8.19 26.42
N GLU F 192 -20.14 -7.91 26.35
CA GLU F 192 -19.58 -7.37 25.11
C GLU F 192 -19.77 -8.32 23.91
N GLY F 193 -19.75 -9.64 24.14
CA GLY F 193 -19.98 -10.55 23.02
C GLY F 193 -21.42 -10.31 22.53
N TRP F 194 -22.37 -10.34 23.46
CA TRP F 194 -23.80 -10.11 23.15
C TRP F 194 -24.02 -8.72 22.49
N LEU F 195 -23.32 -7.69 22.97
CA LEU F 195 -23.46 -6.34 22.37
C LEU F 195 -22.94 -6.29 20.94
N ILE F 196 -21.85 -7.00 20.66
CA ILE F 196 -21.31 -6.99 19.30
C ILE F 196 -22.15 -7.87 18.38
N VAL F 197 -22.79 -8.90 18.94
CA VAL F 197 -23.70 -9.77 18.18
C VAL F 197 -24.82 -8.86 17.65
N ASN F 198 -25.40 -8.04 18.54
CA ASN F 198 -26.46 -7.08 18.19
C ASN F 198 -26.00 -5.95 17.26
N VAL F 199 -24.70 -5.64 17.29
CA VAL F 199 -24.14 -4.65 16.39
C VAL F 199 -24.09 -5.30 15.00
N TRP F 200 -23.53 -6.49 14.94
CA TRP F 200 -23.40 -7.25 13.71
C TRP F 200 -24.75 -7.41 13.01
N ASP F 201 -25.60 -8.27 13.55
CA ASP F 201 -26.90 -8.52 12.92
C ASP F 201 -27.58 -7.19 12.53
N GLN F 202 -27.46 -6.19 13.38
CA GLN F 202 -28.07 -4.92 13.02
C GLN F 202 -27.49 -4.47 11.66
N LEU F 203 -26.17 -4.42 11.54
CA LEU F 203 -25.55 -3.98 10.30
C LEU F 203 -25.68 -4.95 9.14
N SER F 204 -25.67 -6.25 9.43
CA SER F 204 -25.77 -7.23 8.35
C SER F 204 -27.14 -7.14 7.65
N ASP F 205 -28.15 -6.65 8.36
CA ASP F 205 -29.47 -6.49 7.76
C ASP F 205 -29.33 -5.77 6.40
N GLU F 206 -28.29 -4.95 6.29
CA GLU F 206 -27.95 -4.20 5.05
C GLU F 206 -27.26 -5.08 4.01
N SER A 1 -5.91 5.53 49.39
CA SER A 1 -6.33 5.72 47.97
C SER A 1 -5.41 6.64 47.19
N ALA A 2 -5.25 6.29 45.92
CA ALA A 2 -4.46 7.08 45.00
C ALA A 2 -5.24 8.39 44.71
N SER A 3 -4.51 9.45 44.45
CA SER A 3 -5.17 10.69 44.19
C SER A 3 -4.28 11.60 43.32
N PHE A 4 -4.90 12.49 42.56
CA PHE A 4 -4.16 13.42 41.71
C PHE A 4 -3.94 14.72 42.51
N ASP A 5 -2.98 14.65 43.41
CA ASP A 5 -2.65 15.75 44.29
C ASP A 5 -1.52 16.64 43.82
N GLY A 6 -1.07 16.44 42.58
CA GLY A 6 -0.04 17.29 42.06
C GLY A 6 -0.69 18.64 41.78
N PRO A 7 0.02 19.64 41.21
CA PRO A 7 -0.61 20.93 40.93
C PRO A 7 -1.84 20.91 40.05
N LYS A 8 -2.84 21.74 40.37
CA LYS A 8 -4.01 21.82 39.52
C LYS A 8 -3.88 23.13 38.70
N PHE A 9 -4.32 23.10 37.46
CA PHE A 9 -4.22 24.28 36.60
C PHE A 9 -5.62 24.75 36.20
N LYS A 10 -5.83 26.06 36.16
CA LYS A 10 -7.12 26.67 35.76
C LYS A 10 -7.15 26.84 34.25
N THR A 12 -9.48 27.84 30.66
CA THR A 12 -10.29 28.98 30.27
C THR A 12 -11.78 28.75 30.61
N ASP A 13 -12.25 27.51 30.67
CA ASP A 13 -13.68 27.34 30.95
C ASP A 13 -13.99 27.52 32.44
N GLY A 14 -12.97 27.83 33.22
CA GLY A 14 -13.17 28.02 34.65
C GLY A 14 -12.81 26.78 35.44
N SER A 15 -12.79 25.61 34.79
CA SER A 15 -12.45 24.35 35.46
C SER A 15 -10.96 24.27 35.77
N TYR A 16 -10.62 23.29 36.59
CA TYR A 16 -9.26 23.07 37.03
C TYR A 16 -8.92 21.66 36.69
N VAL A 17 -7.82 21.47 35.96
CA VAL A 17 -7.39 20.14 35.60
C VAL A 17 -6.52 19.63 36.72
N GLN A 18 -6.85 18.44 37.22
CA GLN A 18 -6.07 17.83 38.29
C GLN A 18 -4.96 16.97 37.65
N THR A 19 -3.71 17.27 38.02
CA THR A 19 -2.56 16.53 37.46
C THR A 19 -1.84 15.68 38.50
N LYS A 20 -1.03 14.73 38.01
CA LYS A 20 -0.22 13.86 38.86
C LYS A 20 0.97 13.39 38.01
N THR A 21 2.14 13.37 38.64
CA THR A 21 3.37 12.94 37.98
C THR A 21 4.02 11.82 38.81
N ILE A 22 4.33 10.71 38.16
CA ILE A 22 4.99 9.60 38.83
C ILE A 22 6.35 9.23 38.22
N ASP A 23 7.39 9.11 39.06
CA ASP A 23 8.71 8.65 38.59
C ASP A 23 8.52 7.15 38.72
N VAL A 24 8.60 6.44 37.61
CA VAL A 24 8.40 5.02 37.63
C VAL A 24 9.75 4.32 37.74
N GLY A 25 9.93 3.59 38.84
CA GLY A 25 11.17 2.86 39.07
C GLY A 25 10.83 1.43 38.72
N SER A 26 11.72 0.47 39.01
CA SER A 26 11.39 -0.91 38.66
C SER A 26 10.39 -1.59 39.59
N SER A 27 9.92 -0.88 40.62
CA SER A 27 8.94 -1.50 41.49
C SER A 27 7.58 -0.79 41.48
N THR A 28 7.63 0.53 41.41
CA THR A 28 6.46 1.41 41.40
C THR A 28 5.18 0.78 40.83
N ASP A 29 4.18 0.51 41.67
CA ASP A 29 2.94 -0.08 41.15
C ASP A 29 2.12 1.04 40.66
N ILE A 30 2.03 1.17 39.34
CA ILE A 30 1.30 2.27 38.76
C ILE A 30 -0.16 1.97 38.45
N SER A 31 -0.59 0.72 38.62
CA SER A 31 -1.96 0.43 38.30
C SER A 31 -2.89 1.36 39.08
N PRO A 32 -2.49 1.81 40.30
CA PRO A 32 -3.41 2.70 41.00
C PRO A 32 -3.80 3.92 40.16
N TYR A 33 -2.79 4.72 39.82
CA TYR A 33 -3.00 5.93 39.05
C TYR A 33 -3.59 5.70 37.64
N LEU A 34 -3.30 4.55 37.03
CA LEU A 34 -3.89 4.21 35.73
C LEU A 34 -5.42 3.99 35.86
N SER A 35 -5.84 3.37 36.97
CA SER A 35 -7.26 3.12 37.19
C SER A 35 -7.95 4.42 37.49
N LEU A 36 -7.23 5.42 37.98
CA LEU A 36 -7.89 6.71 38.18
C LEU A 36 -8.27 7.24 36.78
N ILE A 37 -7.38 7.04 35.81
CA ILE A 37 -7.63 7.48 34.45
C ILE A 37 -8.75 6.60 33.89
N ARG A 38 -8.55 5.27 33.92
CA ARG A 38 -9.52 4.31 33.41
C ARG A 38 -10.87 4.59 34.08
N GLU A 39 -10.88 4.47 35.39
CA GLU A 39 -12.13 4.73 36.11
C GLU A 39 -12.75 6.02 35.57
N ASP A 40 -11.96 7.09 35.59
CA ASP A 40 -12.48 8.38 35.16
C ASP A 40 -12.99 8.42 33.74
N SER A 41 -12.08 8.42 32.78
CA SER A 41 -12.51 8.42 31.38
C SER A 41 -13.86 7.69 31.18
N ILE A 42 -14.01 6.54 31.83
CA ILE A 42 -15.24 5.75 31.72
C ILE A 42 -16.48 6.50 32.31
N LEU A 43 -16.45 6.75 33.61
CA LEU A 43 -17.61 7.38 34.22
C LEU A 43 -17.93 8.73 33.65
N ASN A 44 -16.91 9.51 33.28
CA ASN A 44 -17.18 10.86 32.75
C ASN A 44 -16.57 11.32 31.40
N GLY A 45 -15.57 10.58 30.88
CA GLY A 45 -14.94 11.04 29.65
C GLY A 45 -15.48 10.47 28.34
N ASN A 46 -16.61 9.77 28.41
CA ASN A 46 -17.18 9.17 27.21
C ASN A 46 -16.16 8.30 26.48
N ARG A 47 -15.38 7.59 27.29
CA ARG A 47 -14.41 6.62 26.80
C ARG A 47 -13.33 7.08 25.85
N ALA A 48 -13.04 8.38 25.85
CA ALA A 48 -11.91 8.87 25.06
C ALA A 48 -10.79 9.11 26.06
N VAL A 49 -9.55 8.79 25.66
CA VAL A 49 -8.36 9.12 26.45
C VAL A 49 -7.40 9.75 25.43
N ILE A 50 -7.16 11.05 25.61
CA ILE A 50 -6.31 11.82 24.74
C ILE A 50 -4.92 11.47 25.20
N PHE A 51 -3.96 11.48 24.28
CA PHE A 51 -2.60 11.13 24.64
C PHE A 51 -1.55 11.75 23.76
N ASP A 52 -0.33 11.87 24.29
CA ASP A 52 0.80 12.37 23.50
C ASP A 52 1.99 11.62 24.08
N VAL A 53 3.15 11.72 23.45
CA VAL A 53 4.31 11.01 24.00
C VAL A 53 5.64 11.83 24.09
N TYR A 54 6.60 11.40 24.89
CA TYR A 54 7.81 12.21 25.02
C TYR A 54 8.95 11.24 25.02
N TRP A 55 9.88 11.45 24.08
CA TRP A 55 11.04 10.56 23.80
C TRP A 55 12.44 11.05 24.20
N ASP A 56 13.36 10.09 24.40
CA ASP A 56 14.81 10.31 24.62
C ASP A 56 15.33 10.00 23.18
N VAL A 57 15.73 11.05 22.47
CA VAL A 57 16.17 10.98 21.08
C VAL A 57 17.40 10.11 20.91
N GLY A 58 17.39 9.19 19.97
CA GLY A 58 18.56 8.33 19.80
C GLY A 58 19.35 8.27 18.51
N PHE A 59 20.63 7.90 18.63
CA PHE A 59 21.53 7.69 17.50
C PHE A 59 21.86 6.19 17.40
N THR A 66 18.55 -0.56 12.96
CA THR A 66 17.69 0.44 12.31
C THR A 66 18.05 1.84 12.78
N LYS A 67 17.99 2.79 11.87
CA LYS A 67 18.44 4.11 12.23
C LYS A 67 17.73 4.95 13.28
N THR A 68 16.58 4.48 13.82
CA THR A 68 15.86 5.18 14.96
C THR A 68 15.61 4.25 16.18
N SER A 69 16.22 3.07 16.17
CA SER A 69 16.02 2.07 17.26
C SER A 69 16.45 2.58 18.63
N GLY A 70 17.40 3.50 18.60
CA GLY A 70 17.95 4.09 19.81
C GLY A 70 17.05 5.15 20.43
N TRP A 71 15.82 5.38 19.93
CA TRP A 71 14.95 6.34 20.61
C TRP A 71 14.13 5.59 21.65
N SER A 72 14.19 6.12 22.84
CA SER A 72 13.51 5.57 24.00
C SER A 72 12.34 6.48 24.32
N LEU A 73 11.32 5.88 24.92
CA LEU A 73 10.10 6.59 25.32
C LEU A 73 10.39 7.08 26.75
N SER A 74 10.40 8.40 26.92
CA SER A 74 10.70 9.01 28.21
C SER A 74 9.46 9.24 29.13
N SER A 75 8.30 9.49 28.51
CA SER A 75 7.03 9.69 29.24
C SER A 75 5.86 9.76 28.28
N VAL A 76 4.67 9.51 28.79
CA VAL A 76 3.49 9.55 27.96
C VAL A 76 2.56 10.41 28.79
N LYS A 77 1.63 11.11 28.13
CA LYS A 77 0.64 11.95 28.80
C LYS A 77 -0.70 11.25 28.57
N LEU A 78 -1.55 11.12 29.60
CA LEU A 78 -2.88 10.50 29.45
C LEU A 78 -3.89 11.53 30.04
N SER A 79 -4.70 12.11 29.16
CA SER A 79 -5.64 13.07 29.64
C SER A 79 -7.13 12.75 29.49
N THR A 80 -7.90 12.91 30.58
CA THR A 80 -9.36 12.79 30.46
C THR A 80 -9.80 14.23 30.76
N ARG A 81 -11.10 14.52 30.81
CA ARG A 81 -11.48 15.92 31.10
C ARG A 81 -11.09 16.37 32.50
N ASN A 82 -11.17 15.47 33.47
CA ASN A 82 -10.82 15.84 34.85
C ASN A 82 -9.36 15.64 35.31
N LEU A 83 -8.59 14.79 34.62
CA LEU A 83 -7.26 14.49 35.13
C LEU A 83 -6.16 14.44 34.10
N CYS A 84 -4.94 14.74 34.55
CA CYS A 84 -3.77 14.70 33.68
C CYS A 84 -2.65 14.00 34.45
N LEU A 85 -2.36 12.78 33.99
CA LEU A 85 -1.33 11.92 34.56
C LEU A 85 -0.04 11.98 33.73
N PHE A 86 1.09 12.28 34.37
CA PHE A 86 2.36 12.33 33.67
C PHE A 86 3.27 11.19 34.16
N LEU A 87 3.43 10.16 33.34
CA LEU A 87 4.26 9.01 33.71
C LEU A 87 5.69 9.17 33.14
N ARG A 88 6.69 9.21 34.01
CA ARG A 88 8.07 9.37 33.56
C ARG A 88 8.78 8.04 33.79
N LEU A 89 9.13 7.41 32.66
CA LEU A 89 9.71 6.06 32.60
C LEU A 89 11.19 5.85 32.94
N PRO A 90 11.57 4.66 33.43
CA PRO A 90 12.98 4.38 33.76
C PRO A 90 13.58 3.76 32.52
N LYS A 91 14.90 3.58 32.48
CA LYS A 91 15.46 3.01 31.27
C LYS A 91 15.16 1.53 31.19
N PRO A 92 15.83 0.73 32.03
CA PRO A 92 15.41 -0.65 31.83
C PRO A 92 13.95 -0.70 32.33
N PHE A 93 13.03 -1.15 31.48
CA PHE A 93 11.65 -1.26 31.88
C PHE A 93 11.50 -2.60 32.63
N HIS A 94 10.69 -2.65 33.68
CA HIS A 94 10.49 -3.93 34.35
C HIS A 94 9.03 -4.39 34.31
N ASP A 95 8.77 -5.56 34.89
CA ASP A 95 7.45 -6.14 34.89
C ASP A 95 6.34 -5.21 35.34
N ASN A 96 6.68 -4.33 36.28
CA ASN A 96 5.69 -3.38 36.78
C ASN A 96 5.24 -2.52 35.60
N LEU A 97 6.19 -2.05 34.78
CA LEU A 97 5.76 -1.23 33.64
C LEU A 97 4.92 -1.97 32.64
N LYS A 98 4.86 -3.29 32.74
CA LYS A 98 4.04 -4.02 31.78
C LYS A 98 2.63 -3.59 32.01
N ASP A 99 2.39 -3.04 33.21
CA ASP A 99 1.06 -2.58 33.51
C ASP A 99 0.67 -1.50 32.49
N LEU A 100 1.63 -0.64 32.09
CA LEU A 100 1.29 0.42 31.14
C LEU A 100 0.90 -0.21 29.80
N TYR A 101 1.60 -1.27 29.40
CA TYR A 101 1.31 -1.93 28.12
C TYR A 101 -0.14 -2.42 28.07
N ARG A 102 -0.58 -3.04 29.15
CA ARG A 102 -1.96 -3.53 29.17
C ARG A 102 -2.97 -2.36 29.16
N PHE A 103 -2.58 -1.25 29.77
CA PHE A 103 -3.49 -0.11 29.79
C PHE A 103 -3.67 0.38 28.36
N PHE A 104 -2.59 0.51 27.60
CA PHE A 104 -2.70 1.00 26.23
C PHE A 104 -3.28 -0.03 25.27
N ALA A 105 -3.33 -1.28 25.72
CA ALA A 105 -3.89 -2.39 24.91
C ALA A 105 -5.44 -2.49 24.95
N SER A 106 -6.14 -1.55 25.55
CA SER A 106 -7.60 -1.72 25.64
C SER A 106 -8.46 -1.19 24.53
N LYS A 107 -9.61 -1.84 24.43
CA LYS A 107 -10.67 -1.46 23.51
C LYS A 107 -11.90 -1.02 24.37
N PHE A 108 -11.66 -0.33 25.49
CA PHE A 108 -12.78 0.16 26.37
C PHE A 108 -12.82 1.68 26.17
N VAL A 109 -11.72 2.21 25.61
CA VAL A 109 -11.59 3.65 25.34
C VAL A 109 -10.79 3.95 24.08
N THR A 110 -11.06 5.08 23.44
CA THR A 110 -10.27 5.49 22.27
C THR A 110 -9.10 6.41 22.66
N PHE A 111 -7.93 6.19 22.04
CA PHE A 111 -6.77 7.07 22.30
C PHE A 111 -6.74 8.14 21.21
N VAL A 112 -7.09 9.34 21.62
CA VAL A 112 -7.19 10.53 20.78
C VAL A 112 -5.81 11.21 20.76
N GLY A 113 -5.17 11.26 19.60
CA GLY A 113 -3.84 11.86 19.51
C GLY A 113 -3.68 12.84 18.36
N VAL A 114 -2.69 13.74 18.48
CA VAL A 114 -2.36 14.74 17.44
C VAL A 114 -0.98 14.38 16.83
N GLN A 115 -0.95 14.10 15.53
CA GLN A 115 0.29 13.70 14.82
C GLN A 115 1.02 12.53 15.51
N ILE A 116 0.33 11.40 15.62
CA ILE A 116 0.91 10.26 16.29
C ILE A 116 1.33 9.11 15.33
N GLU A 117 1.33 9.36 14.02
CA GLU A 117 1.71 8.28 13.08
C GLU A 117 3.12 7.77 13.32
N GLU A 118 4.09 8.68 13.27
CA GLU A 118 5.46 8.27 13.49
C GLU A 118 5.49 7.72 14.92
N ASP A 119 4.92 8.41 15.89
CA ASP A 119 4.92 7.85 17.26
C ASP A 119 4.48 6.35 17.29
N LEU A 120 3.41 5.97 16.59
CA LEU A 120 2.99 4.53 16.64
C LEU A 120 4.05 3.51 16.15
N ASP A 121 4.68 3.77 15.00
CA ASP A 121 5.69 2.82 14.54
C ASP A 121 6.86 2.77 15.53
N LEU A 122 7.17 3.91 16.16
CA LEU A 122 8.28 3.94 17.11
C LEU A 122 7.86 3.17 18.38
N LEU A 123 6.71 3.50 18.95
CA LEU A 123 6.23 2.80 20.16
C LEU A 123 6.34 1.27 19.90
N ARG A 124 5.84 0.85 18.73
CA ARG A 124 5.85 -0.56 18.35
C ARG A 124 7.22 -1.19 18.08
N GLU A 125 7.94 -0.68 17.08
CA GLU A 125 9.25 -1.22 16.73
C GLU A 125 10.30 -1.09 17.84
N ASN A 126 10.20 -0.04 18.67
CA ASN A 126 11.27 0.16 19.65
C ASN A 126 10.95 -0.36 21.05
N HIS A 127 9.69 -0.68 21.32
CA HIS A 127 9.31 -1.11 22.69
C HIS A 127 8.31 -2.25 22.82
N GLY A 128 7.82 -2.74 21.70
CA GLY A 128 6.83 -3.80 21.74
C GLY A 128 5.49 -3.28 22.29
N LEU A 129 5.31 -1.95 22.32
CA LEU A 129 4.07 -1.35 22.84
C LEU A 129 3.15 -1.12 21.63
N VAL A 130 1.94 -1.71 21.71
CA VAL A 130 0.94 -1.68 20.63
C VAL A 130 -0.33 -0.93 21.00
N ILE A 131 -0.74 0.01 20.16
CA ILE A 131 -2.01 0.64 20.44
C ILE A 131 -2.85 -0.15 19.42
N ARG A 132 -4.15 -0.29 19.67
CA ARG A 132 -5.01 -1.06 18.75
C ARG A 132 -6.26 -0.23 18.48
N ASN A 133 -6.48 0.83 19.28
CA ASN A 133 -7.66 1.72 19.15
C ASN A 133 -7.24 3.18 19.17
N ALA A 134 -6.67 3.63 18.06
CA ALA A 134 -6.15 4.99 17.93
C ALA A 134 -6.83 5.84 16.84
N ILE A 135 -6.29 7.05 16.69
CA ILE A 135 -6.73 7.98 15.71
C ILE A 135 -5.87 9.25 15.90
N ASN A 136 -5.35 9.73 14.76
CA ASN A 136 -4.55 10.97 14.60
C ASN A 136 -5.77 11.92 14.58
N VAL A 137 -6.17 12.43 15.73
CA VAL A 137 -7.40 13.20 15.80
C VAL A 137 -7.56 14.31 14.77
N GLY A 138 -6.46 14.88 14.28
CA GLY A 138 -6.58 15.94 13.27
C GLY A 138 -7.05 15.41 11.91
N LYS A 139 -6.69 14.16 11.64
CA LYS A 139 -7.05 13.43 10.43
C LYS A 139 -8.57 13.27 10.34
N LEU A 140 -9.15 12.67 11.38
CA LEU A 140 -10.56 12.48 11.45
C LEU A 140 -11.27 13.87 11.42
N ALA A 141 -10.63 14.89 11.98
CA ALA A 141 -11.21 16.24 12.02
C ALA A 141 -11.29 16.85 10.63
N ALA A 142 -10.23 16.67 9.86
CA ALA A 142 -10.18 17.22 8.53
C ALA A 142 -11.38 16.68 7.74
N GLU A 143 -11.60 15.37 7.82
CA GLU A 143 -12.68 14.75 7.06
C GLU A 143 -14.03 15.12 7.63
N ALA A 144 -14.17 14.91 8.92
CA ALA A 144 -15.40 15.21 9.63
C ALA A 144 -15.85 16.61 9.28
N ARG A 145 -14.91 17.55 9.20
CA ARG A 145 -15.26 18.93 8.91
C ARG A 145 -15.09 19.26 7.43
N GLY A 146 -14.50 18.34 6.68
CA GLY A 146 -14.23 18.57 5.27
C GLY A 146 -13.22 19.69 5.09
N THR A 147 -12.29 19.82 6.05
CA THR A 147 -11.27 20.89 5.99
C THR A 147 -9.87 20.31 5.88
N LEU A 148 -9.18 20.66 4.79
CA LEU A 148 -7.86 20.13 4.57
C LEU A 148 -6.88 20.37 5.67
N VAL A 149 -6.30 21.56 5.71
CA VAL A 149 -5.27 21.88 6.66
C VAL A 149 -5.32 21.26 8.05
N LEU A 150 -6.45 21.37 8.76
CA LEU A 150 -6.54 20.80 10.14
C LEU A 150 -5.80 19.46 10.24
N GLU A 151 -5.74 18.76 9.11
CA GLU A 151 -5.13 17.43 9.07
C GLU A 151 -3.67 17.44 9.49
N PHE A 152 -2.93 18.36 8.89
CA PHE A 152 -1.47 18.51 9.05
C PHE A 152 -1.06 19.64 10.00
N LEU A 153 -1.86 19.78 11.04
CA LEU A 153 -1.66 20.82 12.06
C LEU A 153 -1.05 20.34 13.37
N GLY A 154 -0.16 21.16 13.96
CA GLY A 154 0.42 20.82 15.26
C GLY A 154 -0.68 20.78 16.33
N THR A 155 -0.36 20.34 17.55
CA THR A 155 -1.39 20.18 18.58
C THR A 155 -2.31 21.37 18.90
N ARG A 156 -1.68 22.55 19.05
CA ARG A 156 -2.39 23.79 19.37
C ARG A 156 -3.24 24.31 18.22
N GLU A 157 -2.62 24.45 17.03
CA GLU A 157 -3.33 24.98 15.87
C GLU A 157 -4.59 24.13 15.58
N LEU A 158 -4.51 22.80 15.75
CA LEU A 158 -5.71 21.99 15.55
C LEU A 158 -6.80 22.53 16.53
N ALA A 159 -6.48 22.58 17.82
CA ALA A 159 -7.38 23.09 18.83
C ALA A 159 -7.84 24.52 18.41
N HIS A 160 -6.90 25.36 17.97
CA HIS A 160 -7.26 26.71 17.52
C HIS A 160 -8.33 26.66 16.41
N ARG A 161 -8.01 25.92 15.34
CA ARG A 161 -8.90 25.81 14.18
C ARG A 161 -10.17 25.01 14.45
N VAL A 162 -10.26 24.38 15.62
CA VAL A 162 -11.46 23.62 15.96
C VAL A 162 -12.27 24.33 17.10
N LEU A 163 -11.56 25.10 17.95
CA LEU A 163 -12.16 25.72 19.11
C LEU A 163 -12.19 27.26 19.24
N TRP A 164 -11.28 27.98 18.59
CA TRP A 164 -11.24 29.45 18.69
C TRP A 164 -11.27 29.87 20.18
N SER A 165 -10.77 29.01 21.06
CA SER A 165 -10.74 29.32 22.50
C SER A 165 -9.46 30.08 22.80
N ASP A 166 -9.40 30.78 23.92
CA ASP A 166 -8.22 31.58 24.20
C ASP A 166 -6.99 30.70 24.46
N LEU A 167 -5.96 30.98 23.66
CA LEU A 167 -4.68 30.28 23.68
C LEU A 167 -3.57 31.30 24.02
N GLY A 168 -3.97 32.46 24.57
CA GLY A 168 -2.99 33.49 24.89
C GLY A 168 -1.83 32.91 25.66
N GLN A 169 -2.18 32.35 26.82
CA GLN A 169 -1.32 31.76 27.85
C GLN A 169 -0.50 30.64 27.25
N LEU A 170 -1.15 29.83 26.40
CA LEU A 170 -0.44 28.73 25.78
C LEU A 170 0.71 29.23 24.89
N ASP A 171 0.39 30.06 23.92
CA ASP A 171 1.40 30.63 23.02
C ASP A 171 2.52 31.19 23.84
N SER A 172 2.16 31.98 24.86
CA SER A 172 3.20 32.64 25.62
C SER A 172 4.12 31.66 26.33
N ILE A 173 3.61 30.47 26.70
CA ILE A 173 4.51 29.50 27.33
C ILE A 173 5.39 28.79 26.28
N GLU A 174 4.78 28.28 25.22
CA GLU A 174 5.56 27.57 24.22
C GLU A 174 6.56 28.41 23.47
N ALA A 175 6.26 29.70 23.32
CA ALA A 175 7.14 30.61 22.62
C ALA A 175 8.51 30.70 23.32
N LYS A 176 8.56 30.52 24.65
CA LYS A 176 9.83 30.61 25.39
C LYS A 176 10.08 29.26 26.05
N TRP A 177 9.78 28.21 25.30
CA TRP A 177 9.86 26.84 25.80
C TRP A 177 11.08 26.41 26.60
N GLU A 178 12.28 26.64 26.06
CA GLU A 178 13.54 26.24 26.71
C GLU A 178 13.83 26.91 28.09
N LYS A 179 13.33 28.13 28.28
CA LYS A 179 13.52 28.84 29.57
C LYS A 179 12.46 28.35 30.53
N ALA A 180 11.29 27.95 29.99
CA ALA A 180 10.23 27.45 30.85
C ALA A 180 10.79 26.32 31.73
N GLY A 181 10.49 26.39 33.03
CA GLY A 181 10.95 25.39 33.96
C GLY A 181 10.02 24.18 33.96
N PRO A 182 10.42 23.09 34.61
CA PRO A 182 9.55 21.91 34.60
C PRO A 182 8.09 22.07 35.03
N GLU A 183 7.82 23.05 35.91
CA GLU A 183 6.46 23.25 36.39
C GLU A 183 5.64 23.91 35.27
N GLU A 184 6.27 24.87 34.59
CA GLU A 184 5.63 25.51 33.43
C GLU A 184 5.48 24.47 32.32
N GLN A 185 6.44 23.54 32.18
CA GLN A 185 6.33 22.53 31.10
C GLN A 185 5.06 21.71 31.31
N LEU A 186 4.91 21.13 32.50
CA LEU A 186 3.71 20.35 32.84
C LEU A 186 2.48 21.26 32.59
N GLU A 187 2.60 22.53 32.97
CA GLU A 187 1.50 23.49 32.78
C GLU A 187 1.08 23.50 31.31
N ALA A 188 2.06 23.57 30.41
CA ALA A 188 1.72 23.57 29.00
C ALA A 188 1.13 22.19 28.70
N ALA A 189 1.86 21.14 29.11
CA ALA A 189 1.41 19.79 28.92
C ALA A 189 -0.01 19.65 29.46
N ALA A 190 -0.30 20.19 30.64
CA ALA A 190 -1.66 20.04 31.09
C ALA A 190 -2.54 20.93 30.19
N ILE A 191 -2.07 22.16 29.90
CA ILE A 191 -2.87 23.07 29.07
C ILE A 191 -2.90 22.61 27.64
N GLU A 192 -2.21 21.51 27.38
CA GLU A 192 -2.31 20.97 26.06
C GLU A 192 -3.27 19.78 26.23
N GLY A 193 -3.13 19.03 27.31
CA GLY A 193 -4.04 17.89 27.53
C GLY A 193 -5.48 18.39 27.60
N TRP A 194 -5.66 19.69 27.82
CA TRP A 194 -7.03 20.24 27.86
C TRP A 194 -7.62 20.80 26.58
N LEU A 195 -6.80 21.46 25.79
CA LEU A 195 -7.35 21.97 24.54
C LEU A 195 -7.80 20.74 23.77
N ILE A 196 -6.90 19.77 23.67
CA ILE A 196 -7.17 18.53 22.91
C ILE A 196 -8.30 17.68 23.47
N VAL A 197 -8.42 17.63 24.81
CA VAL A 197 -9.54 16.89 25.40
C VAL A 197 -10.84 17.63 24.96
N ASN A 198 -10.82 18.96 24.89
CA ASN A 198 -12.03 19.65 24.43
C ASN A 198 -12.30 19.35 22.94
N VAL A 199 -11.24 19.07 22.15
CA VAL A 199 -11.38 18.75 20.74
C VAL A 199 -12.18 17.47 20.43
N TRP A 200 -11.80 16.33 20.98
CA TRP A 200 -12.52 15.09 20.67
C TRP A 200 -14.05 15.21 20.89
N ASP A 201 -14.44 16.16 21.74
CA ASP A 201 -15.85 16.36 22.02
C ASP A 201 -16.54 17.34 21.05
N GLN A 202 -15.83 18.37 20.63
CA GLN A 202 -16.39 19.35 19.73
C GLN A 202 -16.85 18.63 18.49
N LEU A 203 -16.00 17.73 17.99
CA LEU A 203 -16.33 16.98 16.79
C LEU A 203 -17.57 16.13 17.02
N SER A 204 -17.54 15.37 18.12
CA SER A 204 -18.59 14.46 18.50
C SER A 204 -19.98 15.04 18.55
N ASP A 205 -20.09 16.33 18.91
CA ASP A 205 -21.40 16.98 18.99
C ASP A 205 -21.80 17.80 17.77
N GLU A 206 -21.31 17.39 16.61
CA GLU A 206 -21.66 18.09 15.39
C GLU A 206 -21.87 17.09 14.25
N SER B 1 25.52 37.81 22.04
CA SER B 1 24.24 37.05 22.15
C SER B 1 23.89 36.29 20.83
N ALA B 2 22.80 35.52 20.83
CA ALA B 2 22.40 34.78 19.63
C ALA B 2 21.64 35.63 18.61
N SER B 3 22.23 35.80 17.42
CA SER B 3 21.53 36.58 16.42
C SER B 3 21.82 36.27 14.96
N PHE B 4 20.79 36.41 14.14
CA PHE B 4 20.91 36.17 12.72
C PHE B 4 21.71 37.39 12.20
N ASP B 5 23.04 37.37 12.39
CA ASP B 5 23.87 38.48 11.94
C ASP B 5 24.41 38.37 10.50
N GLY B 6 23.55 37.87 9.63
CA GLY B 6 23.88 37.77 8.23
C GLY B 6 23.05 38.80 7.48
N PRO B 7 23.07 38.76 6.15
CA PRO B 7 22.33 39.68 5.29
C PRO B 7 20.82 39.66 5.59
N LYS B 8 20.17 40.79 5.34
CA LYS B 8 18.72 40.96 5.54
C LYS B 8 18.23 41.16 4.09
N PHE B 9 17.05 40.63 3.72
CA PHE B 9 16.57 40.83 2.34
C PHE B 9 15.16 41.39 2.26
N LYS B 10 14.92 42.17 1.20
CA LYS B 10 13.62 42.79 0.97
C LYS B 10 12.79 41.97 -0.01
N THR B 12 9.00 40.89 -2.05
CA THR B 12 8.03 41.42 -2.98
C THR B 12 7.14 42.49 -2.41
N ASP B 13 6.82 42.37 -1.14
CA ASP B 13 5.94 43.37 -0.53
C ASP B 13 6.72 44.36 0.38
N GLY B 14 8.04 44.37 0.28
CA GLY B 14 8.83 45.26 1.11
C GLY B 14 9.16 44.70 2.49
N SER B 15 8.68 43.48 2.81
CA SER B 15 9.00 42.89 4.12
C SER B 15 10.42 42.33 4.14
N TYR B 16 10.89 42.09 5.35
CA TYR B 16 12.23 41.58 5.59
C TYR B 16 12.34 40.18 6.14
N VAL B 17 13.58 39.68 6.09
CA VAL B 17 13.97 38.41 6.61
C VAL B 17 15.42 38.55 6.97
N GLN B 18 15.73 38.13 8.17
CA GLN B 18 17.06 38.17 8.71
C GLN B 18 17.68 36.79 8.55
N THR B 19 18.95 36.67 8.18
CA THR B 19 19.53 35.33 8.06
C THR B 19 20.65 35.03 9.05
N LYS B 20 20.95 33.75 9.18
CA LYS B 20 22.05 33.29 10.01
C LYS B 20 22.58 31.98 9.44
N THR B 21 23.90 31.87 9.29
CA THR B 21 24.50 30.64 8.76
C THR B 21 25.45 30.04 9.78
N ILE B 22 25.21 28.79 10.16
CA ILE B 22 26.07 28.14 11.12
C ILE B 22 26.83 26.98 10.51
N ASP B 23 28.16 27.05 10.59
CA ASP B 23 29.02 25.97 10.11
C ASP B 23 29.07 25.07 11.32
N VAL B 24 28.06 24.22 11.43
CA VAL B 24 27.98 23.36 12.57
C VAL B 24 29.11 22.34 12.61
N GLY B 25 29.96 22.48 13.61
CA GLY B 25 31.05 21.53 13.75
C GLY B 25 30.49 20.51 14.68
N SER B 26 31.35 19.83 15.41
CA SER B 26 30.84 18.84 16.35
C SER B 26 30.76 19.46 17.75
N SER B 27 30.92 20.76 17.86
CA SER B 27 30.89 21.38 19.17
C SER B 27 29.79 22.38 19.39
N THR B 28 29.52 23.15 18.34
CA THR B 28 28.55 24.21 18.33
C THR B 28 27.12 23.93 18.89
N ASP B 29 26.61 24.88 19.67
CA ASP B 29 25.25 24.83 20.24
C ASP B 29 24.34 25.61 19.28
N ILE B 30 23.28 25.01 18.74
CA ILE B 30 22.41 25.77 17.83
C ILE B 30 21.00 26.05 18.42
N SER B 31 20.68 25.41 19.55
CA SER B 31 19.37 25.54 20.23
C SER B 31 18.84 26.98 20.37
N PRO B 32 19.73 27.94 20.74
CA PRO B 32 19.23 29.32 20.86
C PRO B 32 18.59 29.85 19.57
N TYR B 33 19.19 29.53 18.42
CA TYR B 33 18.65 30.01 17.13
C TYR B 33 17.29 29.33 16.89
N LEU B 34 17.21 28.02 17.14
CA LEU B 34 15.95 27.31 16.99
C LEU B 34 14.78 27.99 17.85
N SER B 35 15.02 28.37 19.13
CA SER B 35 13.97 28.98 19.98
C SER B 35 13.34 30.12 19.21
N LEU B 36 14.18 31.13 18.86
CA LEU B 36 13.76 32.32 18.11
C LEU B 36 12.74 31.90 17.03
N ILE B 37 13.17 31.06 16.10
CA ILE B 37 12.31 30.51 15.03
C ILE B 37 10.94 30.02 15.59
N ARG B 38 10.93 29.09 16.57
CA ARG B 38 9.65 28.66 17.12
C ARG B 38 8.94 29.91 17.69
N GLU B 39 9.71 30.80 18.29
CA GLU B 39 9.13 32.02 18.84
C GLU B 39 8.45 32.92 17.75
N ASP B 40 9.06 33.08 16.57
CA ASP B 40 8.40 33.89 15.52
C ASP B 40 7.21 33.12 14.93
N SER B 41 7.45 31.93 14.37
CA SER B 41 6.36 31.11 13.83
C SER B 41 5.22 31.07 14.85
N ILE B 42 5.54 30.87 16.14
CA ILE B 42 4.49 30.81 17.15
C ILE B 42 3.76 32.15 17.28
N LEU B 43 4.42 33.15 17.87
CA LEU B 43 3.79 34.45 18.08
C LEU B 43 3.55 35.25 16.81
N ASN B 44 4.37 35.02 15.79
CA ASN B 44 4.25 35.81 14.56
C ASN B 44 3.84 35.09 13.27
N GLY B 45 4.24 33.81 13.12
CA GLY B 45 3.98 33.10 11.88
C GLY B 45 3.07 31.87 11.90
N ASN B 46 1.99 31.99 12.65
CA ASN B 46 0.99 30.95 12.72
C ASN B 46 1.54 29.53 12.66
N ARG B 47 2.35 29.25 13.68
CA ARG B 47 2.95 27.96 13.91
C ARG B 47 3.40 27.14 12.70
N ALA B 48 3.83 27.85 11.65
CA ALA B 48 4.38 27.21 10.47
C ALA B 48 5.89 27.38 10.46
N VAL B 49 6.57 26.35 9.93
CA VAL B 49 8.03 26.36 9.70
C VAL B 49 8.24 25.58 8.37
N ILE B 50 8.54 26.36 7.33
CA ILE B 50 8.75 25.86 5.98
C ILE B 50 10.19 25.32 5.88
N PHE B 51 10.35 24.06 5.49
CA PHE B 51 11.69 23.55 5.41
C PHE B 51 12.11 22.96 4.12
N ASP B 52 13.42 22.76 4.02
CA ASP B 52 14.07 22.14 2.89
C ASP B 52 15.35 21.51 3.45
N VAL B 53 15.96 20.59 2.68
CA VAL B 53 17.15 19.92 3.13
C VAL B 53 18.14 19.66 1.98
N TYR B 54 19.42 19.51 2.34
CA TYR B 54 20.47 19.37 1.37
C TYR B 54 21.34 18.13 1.69
N TRP B 55 21.71 17.41 0.63
CA TRP B 55 22.44 16.16 0.80
C TRP B 55 23.83 16.01 0.18
N ASP B 56 24.76 15.45 0.95
CA ASP B 56 26.09 15.11 0.41
C ASP B 56 25.67 13.74 -0.18
N VAL B 57 25.58 13.66 -1.51
CA VAL B 57 25.15 12.41 -2.16
C VAL B 57 26.24 11.33 -2.07
N GLY B 58 25.89 10.07 -2.30
CA GLY B 58 26.85 8.98 -2.19
C GLY B 58 27.05 7.87 -3.23
N PHE B 59 28.23 7.25 -3.14
CA PHE B 59 28.66 6.13 -3.99
C PHE B 59 29.07 4.95 -3.09
N THR B 66 22.43 -0.27 2.12
CA THR B 66 21.80 -0.18 0.81
C THR B 66 22.32 0.98 -0.08
N LYS B 67 22.01 0.91 -1.36
CA LYS B 67 22.45 1.88 -2.35
C LYS B 67 22.34 3.36 -2.02
N THR B 68 21.38 3.79 -1.21
CA THR B 68 21.28 5.21 -0.85
C THR B 68 21.60 5.37 0.60
N SER B 69 21.99 4.30 1.30
CA SER B 69 22.27 4.49 2.72
C SER B 69 23.47 5.42 2.86
N GLY B 70 24.18 5.59 1.73
CA GLY B 70 25.34 6.45 1.67
C GLY B 70 25.08 7.94 1.53
N TRP B 71 23.83 8.38 1.45
CA TRP B 71 23.55 9.83 1.38
C TRP B 71 23.62 10.42 2.78
N SER B 72 24.13 11.64 2.92
CA SER B 72 24.25 12.24 4.25
C SER B 72 23.79 13.68 4.27
N LEU B 73 23.10 14.08 5.34
CA LEU B 73 22.55 15.44 5.44
C LEU B 73 23.61 16.57 5.56
N SER B 74 23.54 17.54 4.65
CA SER B 74 24.55 18.59 4.63
C SER B 74 24.10 20.04 4.94
N SER B 75 22.79 20.32 4.85
CA SER B 75 22.23 21.65 5.19
C SER B 75 20.71 21.52 5.35
N VAL B 76 20.13 22.49 6.07
CA VAL B 76 18.71 22.60 6.35
C VAL B 76 18.39 24.10 6.46
N LYS B 77 17.23 24.50 5.95
CA LYS B 77 16.78 25.89 6.00
C LYS B 77 15.43 25.91 6.73
N LEU B 78 15.31 26.73 7.77
CA LEU B 78 14.07 26.81 8.54
C LEU B 78 13.56 28.24 8.38
N SER B 79 12.33 28.38 7.84
CA SER B 79 11.77 29.70 7.65
C SER B 79 10.54 29.98 8.50
N THR B 80 10.58 31.13 9.17
CA THR B 80 9.47 31.54 10.01
C THR B 80 9.22 32.97 9.59
N ARG B 81 8.00 33.44 9.86
CA ARG B 81 7.57 34.82 9.52
C ARG B 81 8.72 35.76 9.17
N ASN B 82 9.54 36.07 10.17
CA ASN B 82 10.68 36.99 9.99
C ASN B 82 12.10 36.42 9.77
N LEU B 83 12.25 35.10 9.77
CA LEU B 83 13.60 34.55 9.79
C LEU B 83 13.95 33.41 8.86
N CYS B 84 15.21 33.39 8.42
CA CYS B 84 15.72 32.28 7.61
C CYS B 84 17.04 31.82 8.26
N LEU B 85 17.05 30.58 8.79
CA LEU B 85 18.24 30.02 9.44
C LEU B 85 18.82 28.97 8.54
N PHE B 86 20.14 29.00 8.37
CA PHE B 86 20.79 28.04 7.50
C PHE B 86 21.99 27.36 8.21
N LEU B 87 21.85 26.06 8.43
CA LEU B 87 22.88 25.27 9.13
C LEU B 87 23.59 24.34 8.16
N ARG B 88 24.92 24.27 8.27
CA ARG B 88 25.74 23.39 7.45
C ARG B 88 26.28 22.32 8.43
N LEU B 89 25.96 21.05 8.15
CA LEU B 89 26.31 19.95 9.03
C LEU B 89 27.54 19.13 8.64
N PRO B 90 28.18 18.47 9.64
CA PRO B 90 29.36 17.65 9.41
C PRO B 90 28.95 16.17 9.20
N LYS B 91 29.93 15.38 8.79
CA LYS B 91 29.72 13.97 8.55
C LYS B 91 30.98 13.43 9.17
N PRO B 92 30.86 12.73 10.30
CA PRO B 92 29.63 12.41 11.02
C PRO B 92 29.08 13.59 11.82
N PHE B 93 27.92 13.39 12.46
CA PHE B 93 27.34 14.41 13.31
C PHE B 93 28.27 14.44 14.53
N HIS B 94 27.64 14.23 15.69
CA HIS B 94 28.14 14.19 17.05
C HIS B 94 26.87 14.51 17.91
N ASP B 95 26.97 14.49 19.26
CA ASP B 95 25.84 14.69 20.19
C ASP B 95 25.00 15.98 20.10
N ASN B 96 25.63 17.08 19.69
CA ASN B 96 24.99 18.37 19.61
C ASN B 96 23.85 18.38 18.58
N LEU B 97 24.01 17.66 17.47
CA LEU B 97 22.91 17.63 16.49
C LEU B 97 21.62 17.00 17.05
N LYS B 98 21.69 16.30 18.20
CA LYS B 98 20.46 15.74 18.78
C LYS B 98 19.33 16.80 18.93
N ASP B 99 19.59 17.91 19.65
CA ASP B 99 18.56 18.95 19.79
C ASP B 99 17.92 19.40 18.42
N LEU B 100 18.63 19.33 17.29
CA LEU B 100 17.96 19.70 16.00
C LEU B 100 16.91 18.59 15.76
N TYR B 101 17.27 17.32 15.99
CA TYR B 101 16.27 16.25 15.80
C TYR B 101 15.10 16.69 16.72
N ARG B 102 15.38 16.74 18.01
CA ARG B 102 14.39 17.15 19.01
C ARG B 102 13.46 18.27 18.54
N PHE B 103 14.01 19.32 17.92
CA PHE B 103 13.18 20.43 17.40
C PHE B 103 12.29 19.97 16.21
N PHE B 104 12.91 19.33 15.19
CA PHE B 104 12.19 18.89 13.99
C PHE B 104 11.03 17.91 14.30
N ALA B 105 11.11 17.11 15.38
CA ALA B 105 10.02 16.20 15.63
C ALA B 105 9.09 16.76 16.68
N SER B 106 9.21 18.05 16.98
CA SER B 106 8.34 18.74 17.97
C SER B 106 6.90 18.84 17.52
N LYS B 107 5.96 18.89 18.47
CA LYS B 107 4.56 19.05 18.04
C LYS B 107 4.07 20.46 18.32
N PHE B 108 4.97 21.41 18.55
CA PHE B 108 4.46 22.79 18.82
C PHE B 108 4.16 23.56 17.54
N VAL B 109 4.84 23.15 16.47
CA VAL B 109 4.66 23.82 15.19
C VAL B 109 4.29 22.78 14.18
N THR B 110 4.35 23.21 12.93
CA THR B 110 4.12 22.37 11.77
C THR B 110 5.27 22.55 10.81
N PHE B 111 5.90 21.45 10.45
CA PHE B 111 7.02 21.44 9.51
C PHE B 111 6.48 21.12 8.08
N VAL B 112 6.36 22.19 7.29
CA VAL B 112 5.82 22.18 5.94
C VAL B 112 6.98 22.12 4.97
N GLY B 113 6.84 21.34 3.89
CA GLY B 113 7.91 21.25 2.90
C GLY B 113 7.49 21.18 1.42
N VAL B 114 8.45 21.11 0.49
CA VAL B 114 8.11 21.01 -0.95
C VAL B 114 8.92 19.84 -1.56
N GLN B 115 8.18 18.80 -1.99
CA GLN B 115 8.76 17.56 -2.55
C GLN B 115 9.74 16.90 -1.52
N ILE B 116 9.25 16.66 -0.30
CA ILE B 116 10.06 16.09 0.77
C ILE B 116 9.78 14.60 0.98
N GLU B 117 9.08 13.96 0.04
CA GLU B 117 8.75 12.56 0.25
C GLU B 117 10.06 11.70 0.32
N GLU B 118 10.89 11.79 -0.70
CA GLU B 118 12.17 11.06 -0.64
C GLU B 118 13.00 11.62 0.55
N ASP B 119 13.03 12.95 0.72
CA ASP B 119 13.77 13.53 1.83
C ASP B 119 13.44 12.85 3.16
N LEU B 120 12.14 12.69 3.46
CA LEU B 120 11.78 12.10 4.73
C LEU B 120 12.24 10.69 4.84
N ASP B 121 12.14 9.90 3.76
CA ASP B 121 12.65 8.50 3.79
C ASP B 121 14.16 8.46 4.10
N LEU B 122 14.95 9.36 3.50
CA LEU B 122 16.42 9.37 3.73
C LEU B 122 16.78 9.92 5.10
N LEU B 123 16.08 10.98 5.54
CA LEU B 123 16.31 11.55 6.87
C LEU B 123 16.14 10.42 7.94
N ARG B 124 15.01 9.70 7.87
CA ARG B 124 14.72 8.59 8.79
C ARG B 124 15.68 7.41 8.56
N GLU B 125 15.82 6.97 7.31
CA GLU B 125 16.64 5.80 7.04
C GLU B 125 18.10 5.93 7.39
N ASN B 126 18.70 7.06 7.01
CA ASN B 126 20.16 7.22 7.20
C ASN B 126 20.53 7.84 8.51
N HIS B 127 19.72 8.80 9.00
CA HIS B 127 20.02 9.49 10.23
C HIS B 127 19.09 9.16 11.41
N GLY B 128 18.01 8.44 11.12
CA GLY B 128 17.06 8.13 12.17
C GLY B 128 16.36 9.42 12.59
N LEU B 129 16.26 10.38 11.67
CA LEU B 129 15.57 11.64 11.91
C LEU B 129 14.13 11.51 11.37
N VAL B 130 13.17 11.69 12.27
CA VAL B 130 11.74 11.57 11.96
C VAL B 130 11.02 12.93 12.19
N ILE B 131 10.26 13.41 11.21
CA ILE B 131 9.49 14.63 11.43
C ILE B 131 8.10 14.10 11.79
N ARG B 132 7.62 14.34 13.01
CA ARG B 132 6.34 13.79 13.45
C ARG B 132 5.12 14.48 12.85
N ASN B 133 5.30 15.72 12.38
CA ASN B 133 4.22 16.55 11.84
C ASN B 133 4.69 17.28 10.60
N ALA B 134 5.19 16.52 9.64
CA ALA B 134 5.68 17.02 8.38
C ALA B 134 4.54 17.01 7.36
N ILE B 135 4.53 18.03 6.50
CA ILE B 135 3.55 17.97 5.42
C ILE B 135 4.31 18.25 4.12
N ASN B 136 4.04 17.42 3.10
CA ASN B 136 4.60 17.50 1.75
C ASN B 136 3.51 18.43 1.12
N VAL B 137 3.70 19.76 1.14
CA VAL B 137 2.62 20.66 0.75
C VAL B 137 2.19 20.83 -0.75
N GLY B 138 1.97 19.73 -1.48
CA GLY B 138 1.59 19.89 -2.87
C GLY B 138 0.20 19.41 -3.13
N LYS B 139 -0.03 18.17 -2.72
CA LYS B 139 -1.36 17.62 -2.80
C LYS B 139 -2.19 18.74 -2.21
N LEU B 140 -1.82 19.25 -1.02
CA LEU B 140 -2.55 20.37 -0.36
C LEU B 140 -2.96 21.48 -1.34
N ALA B 141 -1.99 22.15 -1.95
CA ALA B 141 -2.34 23.23 -2.90
C ALA B 141 -3.21 22.65 -4.03
N ALA B 142 -2.71 21.63 -4.71
CA ALA B 142 -3.42 20.98 -5.81
C ALA B 142 -4.85 20.67 -5.42
N GLU B 143 -4.96 20.09 -4.22
CA GLU B 143 -6.23 19.66 -3.64
C GLU B 143 -7.07 20.81 -3.14
N ALA B 144 -6.43 21.88 -2.71
CA ALA B 144 -7.16 23.03 -2.21
C ALA B 144 -7.63 23.86 -3.40
N ARG B 145 -6.85 23.79 -4.48
CA ARG B 145 -7.13 24.53 -5.69
C ARG B 145 -7.75 23.74 -6.87
N GLY B 146 -7.91 22.43 -6.73
CA GLY B 146 -8.45 21.66 -7.84
C GLY B 146 -7.52 21.85 -9.05
N THR B 147 -6.21 21.82 -8.79
CA THR B 147 -5.20 22.02 -9.84
C THR B 147 -4.16 20.90 -9.72
N LEU B 148 -4.41 19.80 -10.40
CA LEU B 148 -3.54 18.63 -10.30
C LEU B 148 -2.03 18.80 -10.27
N VAL B 149 -1.49 19.54 -11.23
CA VAL B 149 -0.03 19.67 -11.38
C VAL B 149 0.73 20.27 -10.18
N LEU B 150 0.01 20.99 -9.30
CA LEU B 150 0.60 21.62 -8.10
C LEU B 150 1.35 20.60 -7.27
N GLU B 151 1.08 19.32 -7.51
CA GLU B 151 1.76 18.26 -6.76
C GLU B 151 3.25 18.07 -7.18
N PHE B 152 3.50 18.28 -8.46
CA PHE B 152 4.83 18.09 -9.07
C PHE B 152 5.59 19.37 -9.36
N LEU B 153 5.19 20.47 -8.72
CA LEU B 153 5.86 21.74 -8.93
C LEU B 153 7.03 21.89 -7.96
N GLY B 154 8.12 22.47 -8.47
CA GLY B 154 9.27 22.72 -7.65
C GLY B 154 8.90 23.88 -6.71
N THR B 155 9.83 24.30 -5.87
CA THR B 155 9.55 25.33 -4.87
C THR B 155 9.02 26.62 -5.45
N ARG B 156 9.74 27.17 -6.42
CA ARG B 156 9.31 28.44 -7.02
C ARG B 156 8.06 28.28 -7.87
N GLU B 157 7.89 27.10 -8.46
CA GLU B 157 6.74 26.98 -9.34
C GLU B 157 5.47 26.71 -8.51
N LEU B 158 5.61 26.02 -7.37
CA LEU B 158 4.41 25.82 -6.54
C LEU B 158 3.91 27.19 -6.05
N ALA B 159 4.84 28.08 -5.71
CA ALA B 159 4.54 29.44 -5.21
C ALA B 159 3.90 30.31 -6.30
N HIS B 160 4.43 30.16 -7.50
CA HIS B 160 3.91 30.89 -8.64
C HIS B 160 2.42 30.58 -8.83
N ARG B 161 2.07 29.29 -8.79
CA ARG B 161 0.68 28.86 -9.06
C ARG B 161 -0.25 29.15 -7.90
N VAL B 162 0.27 29.15 -6.68
CA VAL B 162 -0.57 29.41 -5.51
C VAL B 162 -0.76 30.91 -5.20
N LEU B 163 0.31 31.72 -5.41
CA LEU B 163 0.32 33.17 -5.08
C LEU B 163 0.40 34.16 -6.26
N TRP B 164 1.05 33.78 -7.36
CA TRP B 164 1.21 34.66 -8.54
C TRP B 164 1.91 35.96 -8.15
N SER B 165 3.09 35.82 -7.55
CA SER B 165 3.91 36.91 -7.06
C SER B 165 4.97 37.16 -8.11
N ASP B 166 5.65 38.29 -7.99
CA ASP B 166 6.71 38.63 -8.90
C ASP B 166 7.87 37.73 -8.53
N LEU B 167 8.41 37.00 -9.52
CA LEU B 167 9.49 36.06 -9.24
C LEU B 167 10.69 36.30 -10.12
N GLY B 168 10.82 37.55 -10.55
CA GLY B 168 11.89 37.91 -11.45
C GLY B 168 13.26 37.76 -10.80
N GLN B 169 13.39 38.27 -9.58
CA GLN B 169 14.68 38.24 -8.86
C GLN B 169 15.11 36.79 -8.56
N LEU B 170 14.20 36.01 -8.00
CA LEU B 170 14.49 34.63 -7.71
C LEU B 170 14.90 33.93 -9.03
N ASP B 171 14.10 34.11 -10.07
CA ASP B 171 14.42 33.49 -11.36
C ASP B 171 15.81 33.85 -11.89
N SER B 172 16.15 35.15 -11.92
CA SER B 172 17.47 35.49 -12.45
C SER B 172 18.61 34.85 -11.65
N ILE B 173 18.40 34.63 -10.34
CA ILE B 173 19.45 34.00 -9.54
C ILE B 173 19.58 32.49 -9.80
N GLU B 174 18.47 31.76 -9.75
CA GLU B 174 18.59 30.34 -9.93
C GLU B 174 19.05 29.88 -11.32
N ALA B 175 18.72 30.65 -12.37
CA ALA B 175 19.12 30.27 -13.75
C ALA B 175 20.64 30.12 -13.83
N LYS B 176 21.36 30.95 -13.08
CA LYS B 176 22.81 30.92 -13.04
C LYS B 176 23.38 30.47 -11.70
N TRP B 177 22.68 29.55 -11.03
CA TRP B 177 23.05 29.05 -9.70
C TRP B 177 24.55 28.86 -9.39
N GLU B 178 25.24 28.10 -10.24
CA GLU B 178 26.66 27.83 -10.11
C GLU B 178 27.55 29.07 -10.34
N LYS B 179 26.98 30.17 -10.81
CA LYS B 179 27.74 31.41 -11.00
C LYS B 179 27.40 32.36 -9.85
N ALA B 180 26.28 32.10 -9.19
CA ALA B 180 25.88 32.96 -8.10
C ALA B 180 26.79 32.69 -6.88
N GLY B 181 27.17 33.76 -6.18
CA GLY B 181 28.02 33.57 -5.02
C GLY B 181 27.27 33.06 -3.79
N PRO B 182 27.94 32.99 -2.62
CA PRO B 182 27.34 32.50 -1.38
C PRO B 182 26.13 33.35 -0.95
N GLU B 183 26.27 34.67 -1.01
CA GLU B 183 25.18 35.53 -0.60
C GLU B 183 23.95 35.45 -1.51
N GLU B 184 24.13 35.38 -2.84
CA GLU B 184 22.97 35.32 -3.70
C GLU B 184 22.19 33.99 -3.54
N GLN B 185 22.87 32.90 -3.24
CA GLN B 185 22.19 31.63 -3.04
C GLN B 185 21.35 31.75 -1.76
N LEU B 186 21.80 32.61 -0.84
CA LEU B 186 21.08 32.87 0.42
C LEU B 186 19.76 33.59 0.08
N GLU B 187 19.88 34.68 -0.66
CA GLU B 187 18.74 35.44 -1.05
C GLU B 187 17.66 34.57 -1.68
N ALA B 188 18.06 33.67 -2.59
CA ALA B 188 17.07 32.79 -3.21
C ALA B 188 16.38 31.86 -2.16
N ALA B 189 17.16 31.29 -1.25
CA ALA B 189 16.61 30.40 -0.23
C ALA B 189 15.69 31.22 0.70
N ALA B 190 16.10 32.44 1.07
CA ALA B 190 15.23 33.24 1.92
C ALA B 190 13.92 33.59 1.22
N ILE B 191 13.95 34.06 -0.03
CA ILE B 191 12.69 34.38 -0.78
C ILE B 191 11.76 33.13 -0.75
N GLU B 192 12.24 32.03 -1.33
CA GLU B 192 11.47 30.79 -1.40
C GLU B 192 10.88 30.44 -0.02
N GLY B 193 11.57 30.78 1.07
CA GLY B 193 11.00 30.46 2.38
C GLY B 193 9.67 31.19 2.58
N TRP B 194 9.69 32.49 2.30
CA TRP B 194 8.52 33.37 2.43
C TRP B 194 7.39 33.11 1.41
N LEU B 195 7.75 32.69 0.20
CA LEU B 195 6.77 32.35 -0.84
C LEU B 195 5.87 31.12 -0.45
N ILE B 196 6.38 30.22 0.40
CA ILE B 196 5.60 29.01 0.77
C ILE B 196 4.98 29.22 2.20
N VAL B 197 5.68 30.00 3.06
CA VAL B 197 5.12 30.36 4.38
C VAL B 197 3.73 30.99 4.04
N ASN B 198 3.70 31.87 3.03
CA ASN B 198 2.45 32.52 2.61
C ASN B 198 1.54 31.49 1.93
N VAL B 199 2.13 30.58 1.14
CA VAL B 199 1.35 29.52 0.48
C VAL B 199 0.58 28.80 1.61
N TRP B 200 1.31 28.36 2.63
CA TRP B 200 0.72 27.66 3.77
C TRP B 200 -0.33 28.50 4.53
N ASP B 201 -0.03 29.77 4.74
CA ASP B 201 -1.00 30.63 5.46
C ASP B 201 -2.29 30.70 4.63
N GLN B 202 -2.14 30.80 3.30
CA GLN B 202 -3.30 30.87 2.42
C GLN B 202 -4.06 29.52 2.49
N LEU B 203 -3.36 28.38 2.44
CA LEU B 203 -3.99 27.04 2.52
C LEU B 203 -4.55 26.63 3.91
N SER B 204 -4.04 27.23 4.97
CA SER B 204 -4.56 26.89 6.30
C SER B 204 -5.93 27.53 6.38
N ASP B 205 -6.11 28.63 5.63
CA ASP B 205 -7.37 29.36 5.61
C ASP B 205 -8.46 28.84 4.67
N GLU B 206 -8.08 28.00 3.71
CA GLU B 206 -9.04 27.44 2.77
C GLU B 206 -9.62 26.09 3.23
N SER C 1 34.48 27.70 -24.68
CA SER C 1 33.42 27.49 -23.66
C SER C 1 32.45 26.38 -24.10
N ALA C 2 31.94 25.64 -23.12
CA ALA C 2 31.01 24.55 -23.36
C ALA C 2 29.69 25.02 -23.97
N SER C 3 29.28 24.35 -25.05
CA SER C 3 28.04 24.72 -25.72
C SER C 3 27.34 23.50 -26.29
N PHE C 4 26.09 23.70 -26.69
CA PHE C 4 25.30 22.64 -27.31
C PHE C 4 25.67 22.68 -28.81
N ASP C 5 26.86 22.16 -29.12
CA ASP C 5 27.41 22.15 -30.50
C ASP C 5 27.20 20.90 -31.35
N GLY C 6 26.21 20.08 -30.97
CA GLY C 6 25.88 18.92 -31.78
C GLY C 6 24.84 19.41 -32.77
N PRO C 7 24.23 18.52 -33.57
CA PRO C 7 23.23 18.96 -34.54
C PRO C 7 21.97 19.58 -33.98
N LYS C 8 21.28 20.35 -34.81
CA LYS C 8 20.04 20.97 -34.38
C LYS C 8 19.02 20.26 -35.22
N PHE C 9 17.75 20.27 -34.82
CA PHE C 9 16.69 19.63 -35.59
C PHE C 9 15.46 20.51 -35.68
N LYS C 10 14.84 20.50 -36.85
CA LYS C 10 13.63 21.26 -37.06
C LYS C 10 12.48 20.35 -36.64
N THR C 12 8.24 19.60 -36.13
CA THR C 12 7.11 19.74 -37.08
C THR C 12 6.37 21.08 -37.09
N ASP C 13 6.28 21.77 -35.93
CA ASP C 13 5.60 23.09 -35.80
C ASP C 13 6.48 24.25 -36.31
N GLY C 14 7.68 23.90 -36.76
CA GLY C 14 8.58 24.91 -37.28
C GLY C 14 9.62 25.41 -36.30
N SER C 15 9.54 24.99 -35.03
CA SER C 15 10.56 25.44 -34.07
C SER C 15 11.75 24.50 -34.19
N TYR C 16 12.79 24.77 -33.43
CA TYR C 16 14.02 23.98 -33.46
C TYR C 16 14.52 23.46 -32.08
N VAL C 17 15.33 22.39 -32.13
CA VAL C 17 15.96 21.84 -30.93
C VAL C 17 17.48 21.73 -31.08
N GLN C 18 18.21 22.29 -30.13
CA GLN C 18 19.65 22.15 -30.19
C GLN C 18 20.07 21.00 -29.32
N THR C 19 20.92 20.18 -29.92
CA THR C 19 21.43 18.92 -29.39
C THR C 19 22.90 18.93 -28.92
N LYS C 20 23.18 18.12 -27.90
CA LYS C 20 24.52 17.92 -27.35
C LYS C 20 24.57 16.52 -26.84
N THR C 21 25.54 15.77 -27.34
CA THR C 21 25.69 14.40 -26.88
C THR C 21 27.06 14.24 -26.24
N ILE C 22 27.15 13.39 -25.23
CA ILE C 22 28.42 13.19 -24.60
C ILE C 22 28.63 11.80 -24.00
N ASP C 23 29.79 11.20 -24.27
CA ASP C 23 30.11 9.91 -23.67
C ASP C 23 30.85 10.39 -22.45
N VAL C 24 30.50 9.86 -21.30
CA VAL C 24 31.13 10.26 -20.04
C VAL C 24 32.22 9.26 -19.64
N GLY C 25 33.39 9.81 -19.29
CA GLY C 25 34.51 9.00 -18.81
C GLY C 25 34.83 9.64 -17.44
N SER C 26 35.57 8.97 -16.55
CA SER C 26 35.83 9.53 -15.20
C SER C 26 36.45 10.91 -15.28
N SER C 27 37.07 11.22 -16.40
CA SER C 27 37.69 12.53 -16.57
C SER C 27 36.62 13.55 -17.01
N THR C 28 35.60 13.04 -17.69
CA THR C 28 34.52 13.86 -18.21
C THR C 28 33.83 14.76 -17.15
N ASP C 29 33.94 16.06 -17.35
CA ASP C 29 33.27 16.97 -16.43
C ASP C 29 31.99 17.39 -17.13
N ILE C 30 30.88 16.74 -16.76
CA ILE C 30 29.60 17.01 -17.36
C ILE C 30 28.96 18.24 -16.76
N SER C 31 29.61 18.83 -15.76
CA SER C 31 29.01 19.96 -15.05
C SER C 31 28.62 21.18 -15.90
N PRO C 32 29.36 21.46 -17.00
CA PRO C 32 28.96 22.63 -17.79
C PRO C 32 27.67 22.43 -18.55
N TYR C 33 27.37 21.19 -18.92
CA TYR C 33 26.16 20.93 -19.67
C TYR C 33 24.91 20.82 -18.79
N LEU C 34 25.03 20.22 -17.61
CA LEU C 34 23.88 20.16 -16.72
C LEU C 34 23.51 21.62 -16.36
N SER C 35 24.51 22.47 -16.17
CA SER C 35 24.20 23.84 -15.81
C SER C 35 23.57 24.57 -16.99
N LEU C 36 23.90 24.19 -18.22
CA LEU C 36 23.24 24.84 -19.33
C LEU C 36 21.77 24.36 -19.36
N ILE C 37 21.54 23.10 -19.03
CA ILE C 37 20.18 22.56 -19.03
C ILE C 37 19.37 23.31 -18.00
N ARG C 38 19.96 23.50 -16.84
CA ARG C 38 19.29 24.21 -15.73
C ARG C 38 18.93 25.66 -16.06
N GLU C 39 19.86 26.38 -16.67
CA GLU C 39 19.57 27.77 -17.00
C GLU C 39 18.46 27.81 -18.06
N ASP C 40 18.57 26.99 -19.09
CA ASP C 40 17.52 27.01 -20.10
C ASP C 40 16.16 26.51 -19.54
N SER C 41 16.23 25.62 -18.56
CA SER C 41 14.98 25.17 -17.98
C SER C 41 14.38 26.38 -17.20
N ILE C 42 15.17 27.04 -16.37
CA ILE C 42 14.62 28.14 -15.59
C ILE C 42 14.14 29.34 -16.36
N LEU C 43 14.94 29.83 -17.30
CA LEU C 43 14.55 31.05 -18.02
C LEU C 43 13.69 30.79 -19.23
N ASN C 44 13.87 29.63 -19.87
CA ASN C 44 13.11 29.26 -21.09
C ASN C 44 12.09 28.11 -21.03
N GLY C 45 12.38 27.05 -20.28
CA GLY C 45 11.46 25.92 -20.21
C GLY C 45 10.46 25.83 -19.07
N ASN C 46 10.14 26.95 -18.43
CA ASN C 46 9.15 26.84 -17.36
C ASN C 46 9.60 25.90 -16.23
N ARG C 47 10.89 25.64 -16.09
CA ARG C 47 11.38 24.79 -15.01
C ARG C 47 11.01 23.30 -15.08
N ALA C 48 10.56 22.83 -16.24
CA ALA C 48 10.33 21.41 -16.37
C ALA C 48 11.57 20.95 -17.13
N VAL C 49 12.11 19.79 -16.74
CA VAL C 49 13.19 19.20 -17.51
C VAL C 49 12.60 17.84 -17.85
N ILE C 50 12.43 17.58 -19.13
CA ILE C 50 11.87 16.33 -19.56
C ILE C 50 13.00 15.27 -19.58
N PHE C 51 12.72 14.04 -19.17
CA PHE C 51 13.82 13.05 -19.20
C PHE C 51 13.41 11.66 -19.57
N ASP C 52 14.42 10.87 -19.94
CA ASP C 52 14.17 9.44 -20.17
C ASP C 52 15.49 8.79 -19.77
N VAL C 53 15.43 7.51 -19.45
CA VAL C 53 16.62 6.73 -19.06
C VAL C 53 16.53 5.43 -19.81
N TYR C 54 17.65 5.06 -20.41
CA TYR C 54 17.82 3.87 -21.26
C TYR C 54 18.67 2.85 -20.44
N TRP C 55 18.31 1.56 -20.47
CA TRP C 55 18.99 0.56 -19.59
C TRP C 55 19.73 -0.61 -20.23
N ASP C 56 21.01 -0.73 -19.89
CA ASP C 56 21.80 -1.86 -20.38
C ASP C 56 21.64 -3.01 -19.38
N VAL C 57 20.90 -4.03 -19.78
CA VAL C 57 20.62 -5.14 -18.93
C VAL C 57 21.82 -6.04 -18.68
N GLY C 58 21.96 -6.47 -17.45
CA GLY C 58 23.10 -7.31 -17.11
C GLY C 58 22.72 -8.31 -16.04
N PHE C 59 23.40 -9.46 -16.06
CA PHE C 59 23.15 -10.51 -15.08
C PHE C 59 24.15 -10.35 -13.93
N THR C 66 19.46 -10.29 -6.06
CA THR C 66 18.21 -9.94 -6.76
C THR C 66 18.43 -10.01 -8.28
N LYS C 67 17.46 -10.51 -9.02
CA LYS C 67 17.67 -10.64 -10.44
C LYS C 67 17.76 -9.34 -11.29
N THR C 68 17.42 -8.18 -10.71
CA THR C 68 17.50 -6.92 -11.45
C THR C 68 18.77 -6.17 -11.01
N SER C 69 19.49 -6.71 -10.04
CA SER C 69 20.66 -6.01 -9.58
C SER C 69 21.68 -5.93 -10.70
N GLY C 70 21.44 -6.66 -11.77
CA GLY C 70 22.36 -6.63 -12.90
C GLY C 70 22.16 -5.47 -13.88
N TRP C 71 21.11 -4.65 -13.73
CA TRP C 71 20.90 -3.53 -14.69
C TRP C 71 21.70 -2.28 -14.35
N SER C 72 22.31 -1.65 -15.35
CA SER C 72 23.06 -0.40 -15.06
C SER C 72 22.66 0.79 -15.94
N LEU C 73 22.60 1.99 -15.34
CA LEU C 73 22.19 3.19 -16.07
C LEU C 73 23.19 3.44 -17.19
N SER C 74 22.68 3.70 -18.39
CA SER C 74 23.57 3.81 -19.50
C SER C 74 23.28 4.90 -20.51
N SER C 75 22.17 5.60 -20.31
CA SER C 75 21.75 6.76 -21.09
C SER C 75 20.62 7.56 -20.44
N VAL C 76 20.83 8.88 -20.40
CA VAL C 76 19.87 9.84 -19.86
C VAL C 76 19.60 10.93 -20.89
N LYS C 77 18.34 11.36 -21.00
CA LYS C 77 17.94 12.47 -21.88
C LYS C 77 17.23 13.56 -21.04
N LEU C 78 17.56 14.84 -21.31
CA LEU C 78 16.95 15.95 -20.62
C LEU C 78 16.55 16.89 -21.76
N SER C 79 15.27 17.23 -21.83
CA SER C 79 14.76 18.12 -22.86
C SER C 79 14.02 19.31 -22.15
N THR C 80 14.21 20.51 -22.69
CA THR C 80 13.61 21.71 -22.20
C THR C 80 12.96 22.44 -23.36
N ARG C 81 12.30 23.54 -23.05
CA ARG C 81 11.70 24.34 -24.11
C ARG C 81 12.50 24.23 -25.43
N ASN C 82 13.81 24.50 -25.31
CA ASN C 82 14.69 24.58 -26.48
C ASN C 82 15.77 23.59 -26.76
N LEU C 83 16.19 22.85 -25.73
CA LEU C 83 17.34 21.98 -25.82
C LEU C 83 17.15 20.49 -25.55
N CYS C 84 18.13 19.70 -25.99
CA CYS C 84 18.13 18.27 -25.74
C CYS C 84 19.55 17.82 -25.48
N LEU C 85 19.78 17.46 -24.23
CA LEU C 85 21.07 16.99 -23.76
C LEU C 85 21.07 15.44 -23.65
N PHE C 86 22.00 14.77 -24.35
CA PHE C 86 22.10 13.29 -24.32
C PHE C 86 23.43 12.82 -23.71
N LEU C 87 23.36 12.13 -22.57
CA LEU C 87 24.55 11.68 -21.85
C LEU C 87 24.70 10.14 -21.91
N ARG C 88 25.87 9.66 -22.32
CA ARG C 88 26.13 8.21 -22.37
C ARG C 88 27.06 7.90 -21.19
N LEU C 89 26.74 6.86 -20.41
CA LEU C 89 27.54 6.59 -19.19
C LEU C 89 28.39 5.33 -19.10
N PRO C 90 29.49 5.38 -18.32
CA PRO C 90 30.36 4.22 -18.17
C PRO C 90 29.80 3.23 -17.12
N LYS C 91 30.24 1.99 -17.21
CA LYS C 91 29.80 1.01 -16.24
C LYS C 91 31.01 0.45 -15.55
N PRO C 92 31.15 0.65 -14.23
CA PRO C 92 30.25 1.36 -13.32
C PRO C 92 30.63 2.85 -13.38
N PHE C 93 29.87 3.70 -12.66
CA PHE C 93 30.13 5.15 -12.64
C PHE C 93 31.43 5.52 -11.95
N HIS C 94 31.90 6.74 -12.22
CA HIS C 94 33.09 7.28 -11.60
C HIS C 94 32.68 8.44 -10.70
N ASP C 95 33.62 8.91 -9.88
CA ASP C 95 33.41 10.03 -8.99
C ASP C 95 32.67 11.13 -9.68
N ASN C 96 33.30 11.63 -10.74
CA ASN C 96 32.76 12.73 -11.52
C ASN C 96 31.24 12.64 -11.82
N LEU C 97 30.61 11.52 -11.53
CA LEU C 97 29.17 11.50 -11.81
C LEU C 97 28.33 12.05 -10.61
N LYS C 98 29.01 12.43 -9.55
CA LYS C 98 28.34 13.02 -8.39
C LYS C 98 27.46 14.17 -8.92
N ASP C 99 27.96 14.94 -9.89
CA ASP C 99 27.14 16.06 -10.43
C ASP C 99 25.80 15.61 -10.97
N LEU C 100 25.76 14.41 -11.53
CA LEU C 100 24.48 13.90 -12.05
C LEU C 100 23.55 13.59 -10.86
N TYR C 101 24.06 12.89 -9.83
CA TYR C 101 23.27 12.55 -8.65
C TYR C 101 22.80 13.83 -7.98
N ARG C 102 23.73 14.70 -7.64
CA ARG C 102 23.34 15.96 -7.02
C ARG C 102 22.29 16.64 -7.92
N PHE C 103 22.56 16.70 -9.23
CA PHE C 103 21.67 17.33 -10.21
C PHE C 103 20.28 16.69 -10.28
N PHE C 104 20.20 15.36 -10.21
CA PHE C 104 18.92 14.71 -10.27
C PHE C 104 17.85 15.07 -9.23
N ALA C 105 18.25 15.42 -8.00
CA ALA C 105 17.20 15.76 -7.03
C ALA C 105 17.09 17.24 -6.62
N SER C 106 16.99 18.12 -7.61
CA SER C 106 16.90 19.55 -7.32
C SER C 106 15.45 20.07 -7.28
N LYS C 107 15.13 20.94 -6.32
CA LYS C 107 13.77 21.48 -6.25
C LYS C 107 13.57 22.60 -7.30
N PHE C 108 14.61 22.90 -8.07
CA PHE C 108 14.52 23.98 -9.09
C PHE C 108 13.72 23.48 -10.28
N VAL C 109 14.01 22.26 -10.71
CA VAL C 109 13.32 21.68 -11.83
C VAL C 109 12.56 20.42 -11.44
N THR C 110 11.57 20.07 -12.28
CA THR C 110 10.70 18.91 -12.15
C THR C 110 10.98 17.88 -13.27
N PHE C 111 11.61 16.76 -12.91
CA PHE C 111 11.94 15.69 -13.84
C PHE C 111 10.64 15.02 -14.30
N VAL C 112 10.35 15.27 -15.56
CA VAL C 112 9.17 14.80 -16.24
C VAL C 112 9.60 13.60 -17.09
N GLY C 113 9.20 12.41 -16.64
CA GLY C 113 9.51 11.16 -17.30
C GLY C 113 8.25 10.46 -17.78
N VAL C 114 8.43 9.52 -18.71
CA VAL C 114 7.31 8.74 -19.26
C VAL C 114 7.57 7.26 -19.05
N GLN C 115 6.65 6.63 -18.34
CA GLN C 115 6.76 5.22 -17.97
C GLN C 115 8.07 5.01 -17.16
N ILE C 116 8.26 5.84 -16.13
CA ILE C 116 9.47 5.79 -15.31
C ILE C 116 9.25 5.14 -13.94
N GLU C 117 8.15 4.42 -13.74
CA GLU C 117 7.95 3.82 -12.41
C GLU C 117 9.05 2.81 -12.04
N GLU C 118 9.36 1.86 -12.95
CA GLU C 118 10.45 0.92 -12.68
C GLU C 118 11.80 1.67 -12.79
N ASP C 119 11.92 2.61 -13.73
CA ASP C 119 13.16 3.38 -13.86
C ASP C 119 13.63 3.99 -12.53
N LEU C 120 12.70 4.54 -11.73
CA LEU C 120 13.07 5.20 -10.47
C LEU C 120 13.54 4.13 -9.45
N ASP C 121 12.83 2.98 -9.42
CA ASP C 121 13.20 1.90 -8.51
C ASP C 121 14.62 1.37 -8.87
N LEU C 122 14.95 1.37 -10.16
CA LEU C 122 16.26 0.89 -10.61
C LEU C 122 17.35 1.89 -10.26
N LEU C 123 17.04 3.16 -10.36
CA LEU C 123 18.03 4.20 -10.03
C LEU C 123 18.54 4.12 -8.56
N ARG C 124 17.60 3.89 -7.64
CA ARG C 124 17.92 3.79 -6.20
C ARG C 124 18.37 2.36 -5.80
N GLU C 125 17.71 1.33 -6.32
CA GLU C 125 18.02 -0.04 -5.95
C GLU C 125 19.42 -0.39 -6.43
N ASN C 126 19.62 -0.31 -7.75
CA ASN C 126 20.92 -0.67 -8.37
C ASN C 126 22.09 0.28 -8.13
N HIS C 127 21.89 1.60 -8.27
CA HIS C 127 23.03 2.55 -8.10
C HIS C 127 22.76 3.54 -6.97
N GLY C 128 21.64 3.37 -6.27
CA GLY C 128 21.28 4.24 -5.19
C GLY C 128 21.26 5.68 -5.60
N LEU C 129 20.51 5.98 -6.66
CA LEU C 129 20.34 7.31 -7.23
C LEU C 129 18.83 7.52 -7.08
N VAL C 130 18.39 8.66 -6.50
CA VAL C 130 16.94 8.95 -6.25
C VAL C 130 16.60 10.26 -6.88
N ILE C 131 15.39 10.42 -7.39
CA ILE C 131 15.03 11.73 -7.98
C ILE C 131 14.00 12.30 -7.03
N ARG C 132 14.44 13.30 -6.25
CA ARG C 132 13.51 13.81 -5.24
C ARG C 132 12.31 14.45 -5.89
N ASN C 133 12.41 14.86 -7.15
CA ASN C 133 11.27 15.53 -7.72
C ASN C 133 11.04 15.31 -9.22
N ALA C 134 10.09 14.43 -9.51
CA ALA C 134 9.78 14.14 -10.89
C ALA C 134 8.37 13.65 -10.99
N ILE C 135 7.89 13.45 -12.21
CA ILE C 135 6.58 12.88 -12.40
C ILE C 135 6.71 11.92 -13.55
N ASN C 136 5.87 10.88 -13.51
CA ASN C 136 5.80 9.85 -14.54
C ASN C 136 4.66 10.40 -15.44
N VAL C 137 4.85 11.57 -16.06
CA VAL C 137 3.83 12.29 -16.85
C VAL C 137 2.58 11.52 -17.38
N GLY C 138 2.71 10.23 -17.64
CA GLY C 138 1.54 9.52 -18.16
C GLY C 138 0.37 9.47 -17.20
N LYS C 139 0.65 9.36 -15.91
CA LYS C 139 -0.46 9.25 -14.99
C LYS C 139 -1.19 10.57 -14.77
N LEU C 140 -0.48 11.69 -14.84
CA LEU C 140 -1.20 12.98 -14.68
C LEU C 140 -2.17 13.18 -15.87
N ALA C 141 -1.70 12.87 -17.08
CA ALA C 141 -2.54 12.99 -18.29
C ALA C 141 -3.90 12.31 -18.11
N ALA C 142 -3.86 11.05 -17.70
CA ALA C 142 -5.07 10.24 -17.50
C ALA C 142 -6.08 10.94 -16.54
N GLU C 143 -5.59 11.37 -15.39
CA GLU C 143 -6.48 12.00 -14.43
C GLU C 143 -6.97 13.35 -14.93
N ALA C 144 -6.05 14.18 -15.41
CA ALA C 144 -6.42 15.51 -15.87
C ALA C 144 -7.43 15.50 -16.99
N ARG C 145 -7.10 14.80 -18.09
CA ARG C 145 -7.97 14.75 -19.24
C ARG C 145 -9.17 13.82 -19.23
N GLY C 146 -9.26 12.94 -18.23
CA GLY C 146 -10.38 11.99 -18.18
C GLY C 146 -10.27 10.94 -19.29
N THR C 147 -9.06 10.43 -19.49
CA THR C 147 -8.81 9.44 -20.54
C THR C 147 -7.90 8.42 -19.87
N LEU C 148 -8.48 7.31 -19.44
CA LEU C 148 -7.79 6.25 -18.71
C LEU C 148 -6.56 5.67 -19.41
N VAL C 149 -6.71 5.49 -20.71
CA VAL C 149 -5.65 4.86 -21.50
C VAL C 149 -4.26 5.55 -21.50
N LEU C 150 -4.21 6.90 -21.45
CA LEU C 150 -2.95 7.67 -21.53
C LEU C 150 -1.92 7.19 -20.51
N GLU C 151 -2.37 6.64 -19.39
CA GLU C 151 -1.46 6.13 -18.36
C GLU C 151 -0.55 4.97 -18.91
N PHE C 152 -1.03 4.30 -19.98
CA PHE C 152 -0.36 3.11 -20.49
C PHE C 152 0.30 3.19 -21.90
N LEU C 153 0.61 4.42 -22.33
CA LEU C 153 1.20 4.67 -23.63
C LEU C 153 2.73 4.92 -23.54
N GLY C 154 3.43 4.55 -24.62
CA GLY C 154 4.86 4.79 -24.71
C GLY C 154 5.06 6.26 -25.03
N THR C 155 6.31 6.67 -25.15
CA THR C 155 6.64 8.08 -25.40
C THR C 155 5.92 8.66 -26.64
N ARG C 156 6.17 8.09 -27.81
CA ARG C 156 5.58 8.59 -29.04
C ARG C 156 4.05 8.52 -28.99
N GLU C 157 3.52 7.44 -28.42
CA GLU C 157 2.10 7.26 -28.42
C GLU C 157 1.42 8.22 -27.47
N LEU C 158 2.05 8.52 -26.33
CA LEU C 158 1.44 9.48 -25.41
C LEU C 158 1.42 10.86 -26.12
N ALA C 159 2.56 11.25 -26.72
CA ALA C 159 2.59 12.56 -27.44
C ALA C 159 1.57 12.58 -28.61
N HIS C 160 1.37 11.44 -29.27
CA HIS C 160 0.39 11.34 -30.33
C HIS C 160 -0.99 11.64 -29.75
N ARG C 161 -1.30 11.03 -28.61
CA ARG C 161 -2.63 11.20 -28.07
C ARG C 161 -2.93 12.49 -27.33
N VAL C 162 -1.92 13.27 -26.99
CA VAL C 162 -2.13 14.55 -26.36
C VAL C 162 -1.96 15.64 -27.45
N LEU C 163 -0.95 15.51 -28.32
CA LEU C 163 -0.64 16.54 -29.30
C LEU C 163 -1.19 16.41 -30.70
N TRP C 164 -1.50 15.19 -31.12
CA TRP C 164 -2.03 14.97 -32.45
C TRP C 164 -1.16 15.66 -33.50
N SER C 165 0.13 15.44 -33.40
CA SER C 165 1.04 16.09 -34.34
C SER C 165 1.66 15.09 -35.32
N ASP C 166 2.43 15.63 -36.25
CA ASP C 166 3.10 14.85 -37.26
C ASP C 166 4.27 14.11 -36.68
N LEU C 167 4.18 12.79 -36.66
CA LEU C 167 5.23 11.97 -36.07
C LEU C 167 5.99 11.14 -37.10
N GLY C 168 5.85 11.54 -38.36
CA GLY C 168 6.49 10.80 -39.45
C GLY C 168 7.98 10.52 -39.35
N GLN C 169 8.76 11.53 -39.04
CA GLN C 169 10.21 11.30 -38.92
C GLN C 169 10.57 10.29 -37.84
N LEU C 170 10.01 10.49 -36.66
CA LEU C 170 10.27 9.63 -35.50
C LEU C 170 9.84 8.17 -35.76
N ASP C 171 8.65 7.97 -36.34
CA ASP C 171 8.22 6.60 -36.63
C ASP C 171 9.14 5.85 -37.60
N SER C 172 9.62 6.54 -38.63
CA SER C 172 10.47 5.92 -39.63
C SER C 172 11.84 5.61 -39.03
N ILE C 173 12.27 6.39 -38.06
CA ILE C 173 13.53 6.06 -37.45
C ILE C 173 13.27 4.87 -36.48
N GLU C 174 12.30 5.03 -35.58
CA GLU C 174 12.08 4.00 -34.59
C GLU C 174 11.66 2.69 -35.20
N ALA C 175 10.90 2.72 -36.29
CA ALA C 175 10.47 1.49 -36.93
C ALA C 175 11.67 0.71 -37.49
N LYS C 176 12.76 1.40 -37.80
CA LYS C 176 13.98 0.72 -38.31
C LYS C 176 15.04 0.94 -37.23
N TRP C 177 14.57 1.03 -35.98
CA TRP C 177 15.46 1.36 -34.88
C TRP C 177 16.84 0.77 -34.95
N GLU C 178 16.87 -0.55 -34.94
CA GLU C 178 18.08 -1.30 -34.98
C GLU C 178 18.91 -0.97 -36.23
N LYS C 179 18.26 -0.53 -37.30
CA LYS C 179 19.03 -0.16 -38.49
C LYS C 179 19.53 1.27 -38.39
N ALA C 180 19.20 1.97 -37.29
CA ALA C 180 19.62 3.36 -37.16
C ALA C 180 20.97 3.59 -36.48
N GLY C 181 21.80 4.41 -37.11
CA GLY C 181 23.10 4.75 -36.55
C GLY C 181 22.95 5.72 -35.39
N PRO C 182 24.05 5.98 -34.67
CA PRO C 182 24.16 6.88 -33.51
C PRO C 182 23.50 8.26 -33.74
N GLU C 183 23.74 8.84 -34.91
CA GLU C 183 23.20 10.14 -35.24
C GLU C 183 21.67 10.12 -35.39
N GLU C 184 21.15 9.06 -36.01
CA GLU C 184 19.71 8.90 -36.20
C GLU C 184 19.03 8.63 -34.85
N GLN C 185 19.67 7.82 -34.01
CA GLN C 185 19.09 7.51 -32.71
C GLN C 185 18.99 8.77 -31.90
N LEU C 186 20.05 9.58 -31.96
CA LEU C 186 20.07 10.86 -31.25
C LEU C 186 18.91 11.76 -31.77
N GLU C 187 18.61 11.72 -33.08
CA GLU C 187 17.49 12.53 -33.61
C GLU C 187 16.21 12.09 -32.90
N ALA C 188 15.98 10.77 -32.82
CA ALA C 188 14.78 10.30 -32.13
C ALA C 188 14.78 10.85 -30.67
N ALA C 189 15.93 10.70 -30.00
CA ALA C 189 16.13 11.17 -28.63
C ALA C 189 15.65 12.64 -28.51
N ALA C 190 16.23 13.52 -29.33
CA ALA C 190 15.84 14.90 -29.24
C ALA C 190 14.37 15.11 -29.59
N ILE C 191 13.86 14.40 -30.61
CA ILE C 191 12.42 14.54 -31.01
C ILE C 191 11.43 14.16 -29.85
N GLU C 192 11.63 13.02 -29.21
CA GLU C 192 10.74 12.58 -28.12
C GLU C 192 11.00 13.54 -26.96
N GLY C 193 12.23 14.05 -26.87
CA GLY C 193 12.55 14.97 -25.78
C GLY C 193 11.66 16.18 -26.00
N TRP C 194 11.77 16.72 -27.22
CA TRP C 194 11.00 17.90 -27.62
C TRP C 194 9.54 17.63 -27.46
N LEU C 195 9.12 16.44 -27.87
CA LEU C 195 7.73 16.07 -27.74
C LEU C 195 7.21 16.11 -26.31
N ILE C 196 7.85 15.39 -25.40
CA ILE C 196 7.28 15.37 -24.05
C ILE C 196 7.30 16.77 -23.46
N VAL C 197 8.18 17.65 -23.96
CA VAL C 197 8.17 19.04 -23.48
C VAL C 197 6.79 19.65 -23.86
N ASN C 198 6.28 19.40 -25.08
CA ASN C 198 4.99 19.98 -25.45
C ASN C 198 3.83 19.31 -24.71
N VAL C 199 3.95 18.00 -24.50
CA VAL C 199 2.94 17.28 -23.74
C VAL C 199 2.73 17.94 -22.35
N TRP C 200 3.84 18.11 -21.62
CA TRP C 200 3.79 18.70 -20.29
C TRP C 200 3.36 20.15 -20.23
N ASP C 201 3.93 20.97 -21.10
CA ASP C 201 3.60 22.36 -21.04
C ASP C 201 2.13 22.50 -21.31
N GLN C 202 1.58 21.52 -22.02
CA GLN C 202 0.16 21.49 -22.33
C GLN C 202 -0.66 21.20 -21.06
N LEU C 203 -0.54 20.01 -20.49
CA LEU C 203 -1.32 19.68 -19.28
C LEU C 203 -1.11 20.61 -18.06
N SER C 204 0.01 21.31 -17.99
CA SER C 204 0.29 22.15 -16.84
C SER C 204 -0.71 23.29 -16.55
N ASP C 205 -1.23 23.98 -17.56
CA ASP C 205 -2.19 25.00 -17.17
C ASP C 205 -3.63 24.63 -17.50
N GLU C 206 -3.89 23.32 -17.60
CA GLU C 206 -5.23 22.82 -17.91
C GLU C 206 -6.23 22.90 -16.74
N SER D 1 16.19 -10.40 -44.43
CA SER D 1 15.45 -11.44 -45.20
C SER D 1 14.40 -12.19 -44.38
N ALA D 2 14.47 -12.10 -43.05
CA ALA D 2 13.53 -12.78 -42.14
C ALA D 2 12.07 -12.48 -42.41
N SER D 3 11.21 -13.46 -42.16
CA SER D 3 9.79 -13.28 -42.41
C SER D 3 9.00 -14.35 -41.64
N PHE D 4 7.71 -14.10 -41.44
CA PHE D 4 6.92 -15.06 -40.70
C PHE D 4 6.48 -16.21 -41.59
N ASP D 5 7.42 -17.10 -41.86
CA ASP D 5 7.14 -18.22 -42.77
C ASP D 5 6.64 -19.49 -42.10
N GLY D 6 6.25 -19.39 -40.83
CA GLY D 6 5.71 -20.57 -40.17
C GLY D 6 4.23 -20.67 -40.56
N PRO D 7 3.45 -21.44 -39.85
CA PRO D 7 2.01 -21.58 -40.16
C PRO D 7 1.24 -20.22 -40.24
N LYS D 8 0.35 -20.12 -41.22
CA LYS D 8 -0.46 -18.93 -41.46
C LYS D 8 -1.89 -19.30 -41.06
N PHE D 9 -2.57 -18.42 -40.29
CA PHE D 9 -3.92 -18.68 -39.79
C PHE D 9 -4.99 -17.67 -40.18
N LYS D 10 -6.08 -18.15 -40.76
CA LYS D 10 -7.17 -17.27 -41.20
C LYS D 10 -7.97 -16.94 -39.98
N THR D 12 -11.28 -15.10 -38.06
CA THR D 12 -12.69 -14.97 -38.36
C THR D 12 -13.02 -13.71 -39.14
N ASP D 13 -12.22 -12.67 -38.98
CA ASP D 13 -12.51 -11.43 -39.70
C ASP D 13 -12.13 -11.59 -41.16
N GLY D 14 -11.44 -12.69 -41.47
CA GLY D 14 -11.03 -12.92 -42.82
C GLY D 14 -9.57 -12.55 -43.04
N SER D 15 -8.94 -11.90 -42.05
CA SER D 15 -7.53 -11.52 -42.17
C SER D 15 -6.74 -12.77 -41.83
N TYR D 16 -5.45 -12.78 -42.13
CA TYR D 16 -4.65 -13.97 -41.82
C TYR D 16 -3.48 -13.54 -40.97
N VAL D 17 -3.48 -13.96 -39.70
CA VAL D 17 -2.39 -13.65 -38.81
C VAL D 17 -1.33 -14.66 -39.13
N GLN D 18 -0.13 -14.19 -39.44
CA GLN D 18 0.98 -15.06 -39.73
C GLN D 18 1.75 -15.30 -38.44
N THR D 19 2.46 -16.42 -38.36
CA THR D 19 3.23 -16.75 -37.15
C THR D 19 4.66 -17.08 -37.51
N LYS D 20 5.43 -17.45 -36.50
CA LYS D 20 6.80 -17.84 -36.62
C LYS D 20 7.21 -18.35 -35.24
N THR D 21 7.93 -19.47 -35.24
CA THR D 21 8.39 -20.09 -34.00
C THR D 21 9.87 -20.31 -34.03
N ILE D 22 10.55 -19.87 -32.99
CA ILE D 22 11.96 -20.11 -32.95
C ILE D 22 12.41 -20.73 -31.58
N ASP D 23 13.24 -21.76 -31.65
CA ASP D 23 13.79 -22.43 -30.44
C ASP D 23 15.10 -21.68 -30.26
N VAL D 24 15.14 -20.81 -29.25
CA VAL D 24 16.30 -20.01 -29.04
C VAL D 24 17.46 -20.79 -28.52
N GLY D 25 18.48 -20.86 -29.36
CA GLY D 25 19.64 -21.62 -28.96
C GLY D 25 20.42 -20.83 -27.96
N SER D 26 21.55 -21.40 -27.57
CA SER D 26 22.40 -20.77 -26.60
C SER D 26 23.03 -19.62 -27.32
N SER D 27 23.17 -19.75 -28.62
CA SER D 27 23.85 -18.74 -29.44
C SER D 27 23.01 -18.09 -30.55
N THR D 28 21.70 -18.20 -30.44
CA THR D 28 20.81 -17.61 -31.43
C THR D 28 20.54 -16.09 -31.28
N ASP D 29 20.64 -15.36 -32.40
CA ASP D 29 20.36 -13.93 -32.41
C ASP D 29 18.91 -13.87 -32.83
N ILE D 30 18.06 -13.29 -31.98
CA ILE D 30 16.63 -13.22 -32.29
C ILE D 30 16.25 -11.83 -32.82
N SER D 31 17.19 -10.92 -32.88
CA SER D 31 16.91 -9.56 -33.31
C SER D 31 15.88 -9.29 -34.44
N PRO D 32 16.24 -9.61 -35.71
CA PRO D 32 15.38 -9.41 -36.88
C PRO D 32 13.91 -9.79 -36.70
N TYR D 33 13.64 -10.80 -35.85
CA TYR D 33 12.27 -11.21 -35.60
C TYR D 33 11.66 -10.19 -34.63
N LEU D 34 12.40 -9.85 -33.57
CA LEU D 34 11.88 -8.79 -32.70
C LEU D 34 11.77 -7.51 -33.53
N SER D 35 12.75 -7.29 -34.42
CA SER D 35 12.75 -6.08 -35.26
C SER D 35 11.51 -6.04 -36.12
N LEU D 36 11.12 -7.17 -36.69
CA LEU D 36 9.92 -7.20 -37.50
C LEU D 36 8.69 -6.90 -36.61
N ILE D 37 8.64 -7.53 -35.43
CA ILE D 37 7.51 -7.27 -34.53
C ILE D 37 7.50 -5.75 -34.23
N ARG D 38 8.65 -5.18 -33.86
CA ARG D 38 8.69 -3.74 -33.57
C ARG D 38 8.11 -2.98 -34.76
N GLU D 39 8.67 -3.25 -35.93
CA GLU D 39 8.22 -2.59 -37.14
C GLU D 39 6.70 -2.75 -37.39
N ASP D 40 6.18 -3.98 -37.36
CA ASP D 40 4.75 -4.15 -37.62
C ASP D 40 3.90 -3.39 -36.59
N SER D 41 4.28 -3.41 -35.31
CA SER D 41 3.51 -2.69 -34.32
C SER D 41 3.44 -1.14 -34.57
N ILE D 42 4.52 -0.56 -35.08
CA ILE D 42 4.52 0.88 -35.30
C ILE D 42 3.75 1.32 -36.55
N LEU D 43 3.93 0.60 -37.64
CA LEU D 43 3.26 1.01 -38.89
C LEU D 43 1.76 0.77 -38.89
N ASN D 44 1.30 -0.34 -38.31
CA ASN D 44 -0.14 -0.65 -38.25
C ASN D 44 -0.51 -1.53 -37.06
N GLY D 45 0.15 -1.33 -35.92
CA GLY D 45 -0.11 -2.13 -34.74
C GLY D 45 -0.82 -1.41 -33.58
N ASN D 46 -0.86 -0.08 -33.71
CA ASN D 46 -1.49 0.83 -32.75
C ASN D 46 -0.65 0.93 -31.51
N ARG D 47 0.64 0.91 -31.80
CA ARG D 47 1.66 1.05 -30.79
C ARG D 47 1.56 -0.02 -29.69
N ALA D 48 1.05 -1.17 -30.12
CA ALA D 48 0.89 -2.38 -29.28
C ALA D 48 1.81 -3.55 -29.71
N VAL D 49 2.26 -4.34 -28.73
CA VAL D 49 3.01 -5.57 -28.94
C VAL D 49 2.29 -6.42 -27.92
N ILE D 50 1.59 -7.45 -28.39
CA ILE D 50 0.86 -8.31 -27.50
C ILE D 50 1.80 -9.49 -27.14
N PHE D 51 2.14 -9.59 -25.85
CA PHE D 51 3.03 -10.60 -25.27
C PHE D 51 2.34 -11.59 -24.39
N ASP D 52 2.85 -12.81 -24.45
CA ASP D 52 2.34 -13.89 -23.63
C ASP D 52 3.54 -14.43 -22.86
N VAL D 53 3.30 -14.95 -21.66
CA VAL D 53 4.34 -15.53 -20.80
C VAL D 53 3.98 -16.99 -20.43
N TYR D 54 4.93 -17.90 -20.59
CA TYR D 54 4.63 -19.27 -20.21
C TYR D 54 5.70 -19.64 -19.16
N TRP D 55 5.48 -20.72 -18.44
CA TRP D 55 6.38 -21.09 -17.39
C TRP D 55 6.62 -22.60 -17.23
N ASP D 56 7.87 -22.93 -16.94
CA ASP D 56 8.36 -24.28 -16.62
C ASP D 56 8.19 -24.22 -15.10
N VAL D 57 7.28 -25.01 -14.54
CA VAL D 57 7.10 -24.94 -13.10
C VAL D 57 8.09 -25.93 -12.47
N GLY D 58 9.01 -25.40 -11.68
CA GLY D 58 10.02 -26.25 -11.04
C GLY D 58 9.83 -26.37 -9.54
N PHE D 59 10.41 -27.42 -8.94
CA PHE D 59 10.33 -27.67 -7.50
C PHE D 59 11.69 -27.49 -6.82
N THR D 66 13.19 -19.24 -1.58
CA THR D 66 11.86 -18.78 -2.00
C THR D 66 11.06 -19.84 -2.81
N LYS D 67 9.87 -20.19 -2.33
CA LYS D 67 9.05 -21.19 -2.97
C LYS D 67 8.56 -20.93 -4.39
N THR D 68 8.61 -19.68 -4.87
CA THR D 68 8.20 -19.41 -6.26
C THR D 68 9.46 -19.22 -7.09
N SER D 69 10.60 -19.06 -6.42
CA SER D 69 11.85 -18.82 -7.15
C SER D 69 12.19 -19.99 -8.04
N GLY D 70 11.43 -21.08 -7.92
CA GLY D 70 11.65 -22.24 -8.76
C GLY D 70 11.05 -22.16 -10.17
N TRP D 71 10.22 -21.16 -10.45
CA TRP D 71 9.59 -21.02 -11.80
C TRP D 71 10.61 -20.47 -12.81
N SER D 72 10.53 -20.91 -14.08
CA SER D 72 11.45 -20.45 -15.14
C SER D 72 10.70 -20.17 -16.41
N LEU D 73 11.16 -19.16 -17.16
CA LEU D 73 10.53 -18.73 -18.43
C LEU D 73 10.95 -19.55 -19.66
N SER D 74 10.09 -20.50 -20.06
CA SER D 74 10.37 -21.40 -21.19
C SER D 74 10.10 -20.84 -22.62
N SER D 75 9.16 -19.89 -22.69
CA SER D 75 8.80 -19.25 -23.94
C SER D 75 8.16 -17.93 -23.58
N VAL D 76 7.89 -17.16 -24.63
CA VAL D 76 7.16 -15.90 -24.51
C VAL D 76 6.67 -15.71 -25.90
N LYS D 77 5.41 -15.30 -26.04
CA LYS D 77 4.79 -15.02 -27.34
C LYS D 77 4.70 -13.48 -27.50
N LEU D 78 5.01 -12.97 -28.69
CA LEU D 78 4.90 -11.51 -29.01
C LEU D 78 4.03 -11.44 -30.25
N SER D 79 2.91 -10.71 -30.14
CA SER D 79 1.93 -10.56 -31.22
C SER D 79 1.58 -9.13 -31.58
N THR D 80 1.48 -8.86 -32.88
CA THR D 80 1.13 -7.52 -33.36
C THR D 80 0.01 -7.72 -34.38
N ARG D 81 -0.48 -6.63 -34.95
CA ARG D 81 -1.53 -6.65 -36.00
C ARG D 81 -1.50 -7.87 -36.96
N ASN D 82 -0.31 -8.19 -37.48
CA ASN D 82 -0.20 -9.24 -38.48
C ASN D 82 0.80 -10.37 -38.23
N LEU D 83 1.42 -10.35 -37.06
CA LEU D 83 2.46 -11.29 -36.71
C LEU D 83 2.34 -11.96 -35.34
N CYS D 84 2.79 -13.21 -35.23
CA CYS D 84 2.81 -13.92 -33.95
C CYS D 84 4.19 -14.61 -33.86
N LEU D 85 5.01 -14.16 -32.90
CA LEU D 85 6.34 -14.70 -32.69
C LEU D 85 6.31 -15.50 -31.40
N PHE D 86 6.95 -16.66 -31.40
CA PHE D 86 7.01 -17.54 -30.22
C PHE D 86 8.51 -17.88 -29.97
N LEU D 87 9.08 -17.36 -28.89
CA LEU D 87 10.50 -17.70 -28.60
C LEU D 87 10.58 -18.78 -27.51
N ARG D 88 11.15 -19.94 -27.87
CA ARG D 88 11.29 -21.07 -26.90
C ARG D 88 12.72 -20.96 -26.42
N LEU D 89 12.82 -20.74 -25.10
CA LEU D 89 14.07 -20.44 -24.39
C LEU D 89 14.75 -21.51 -23.58
N PRO D 90 16.05 -21.32 -23.31
CA PRO D 90 16.75 -22.32 -22.50
C PRO D 90 16.69 -22.08 -21.00
N LYS D 91 17.02 -23.12 -20.24
CA LYS D 91 17.04 -23.03 -18.78
C LYS D 91 18.44 -23.51 -18.40
N PRO D 92 19.33 -22.59 -18.03
CA PRO D 92 19.08 -21.15 -17.96
C PRO D 92 19.18 -20.49 -19.34
N PHE D 93 18.98 -19.17 -19.36
CA PHE D 93 19.09 -18.36 -20.57
C PHE D 93 20.56 -18.15 -20.87
N HIS D 94 20.88 -17.70 -22.06
CA HIS D 94 22.26 -17.37 -22.41
C HIS D 94 22.28 -15.91 -22.84
N ASP D 95 23.48 -15.34 -22.99
CA ASP D 95 23.64 -13.95 -23.34
C ASP D 95 22.88 -13.47 -24.54
N ASN D 96 22.61 -14.38 -25.47
CA ASN D 96 21.88 -14.02 -26.67
C ASN D 96 20.47 -13.60 -26.31
N LEU D 97 20.04 -13.84 -25.09
CA LEU D 97 18.72 -13.40 -24.74
C LEU D 97 18.75 -11.92 -24.34
N LYS D 98 19.93 -11.32 -24.27
CA LYS D 98 19.99 -9.89 -23.95
C LYS D 98 19.12 -9.03 -24.92
N ASP D 99 18.85 -9.51 -26.13
CA ASP D 99 18.02 -8.77 -27.09
C ASP D 99 16.65 -8.59 -26.43
N LEU D 100 15.92 -9.71 -26.28
CA LEU D 100 14.61 -9.75 -25.67
C LEU D 100 14.54 -8.92 -24.38
N TYR D 101 15.61 -8.91 -23.56
CA TYR D 101 15.60 -8.10 -22.34
C TYR D 101 15.50 -6.65 -22.77
N ARG D 102 16.06 -6.30 -23.92
CA ARG D 102 15.94 -4.90 -24.39
C ARG D 102 14.54 -4.66 -24.95
N PHE D 103 14.00 -5.68 -25.59
CA PHE D 103 12.67 -5.59 -26.16
C PHE D 103 11.64 -5.28 -25.08
N PHE D 104 11.68 -6.02 -23.99
CA PHE D 104 10.70 -5.77 -22.94
C PHE D 104 10.95 -4.49 -22.13
N ALA D 105 12.04 -3.83 -22.45
CA ALA D 105 12.40 -2.61 -21.74
C ALA D 105 12.15 -1.29 -22.51
N SER D 106 12.08 -1.35 -23.86
CA SER D 106 11.95 -0.09 -24.62
C SER D 106 10.55 0.47 -24.51
N LYS D 107 10.48 1.79 -24.47
CA LYS D 107 9.22 2.52 -24.35
C LYS D 107 8.59 2.85 -25.74
N PHE D 108 9.09 2.23 -26.81
CA PHE D 108 8.52 2.50 -28.12
C PHE D 108 7.05 2.05 -28.04
N VAL D 109 6.83 0.77 -27.79
CA VAL D 109 5.51 0.22 -27.72
C VAL D 109 4.99 -0.04 -26.28
N THR D 110 3.71 -0.36 -26.20
CA THR D 110 3.06 -0.73 -24.95
C THR D 110 2.81 -2.27 -25.00
N PHE D 111 3.15 -2.95 -23.90
CA PHE D 111 2.96 -4.42 -23.77
C PHE D 111 1.62 -4.70 -23.08
N VAL D 112 0.76 -5.35 -23.85
CA VAL D 112 -0.58 -5.59 -23.40
C VAL D 112 -0.85 -7.06 -23.09
N GLY D 113 -1.23 -7.34 -21.84
CA GLY D 113 -1.53 -8.72 -21.43
C GLY D 113 -2.85 -8.89 -20.68
N VAL D 114 -3.17 -10.14 -20.28
CA VAL D 114 -4.38 -10.47 -19.52
C VAL D 114 -3.89 -11.22 -18.26
N GLN D 115 -4.39 -10.85 -17.07
CA GLN D 115 -4.01 -11.46 -15.80
C GLN D 115 -2.46 -11.67 -15.70
N ILE D 116 -1.71 -10.59 -15.94
CA ILE D 116 -0.26 -10.68 -15.92
C ILE D 116 0.44 -10.14 -14.62
N GLU D 117 -0.34 -9.77 -13.60
CA GLU D 117 0.30 -9.19 -12.42
C GLU D 117 1.35 -10.15 -11.78
N GLU D 118 0.97 -11.38 -11.49
CA GLU D 118 1.86 -12.39 -10.88
C GLU D 118 3.04 -12.56 -11.84
N ASP D 119 2.73 -12.62 -13.15
CA ASP D 119 3.73 -12.74 -14.19
C ASP D 119 4.87 -11.70 -14.08
N LEU D 120 4.51 -10.43 -14.00
CA LEU D 120 5.53 -9.37 -13.94
C LEU D 120 6.41 -9.61 -12.71
N ASP D 121 5.80 -9.99 -11.58
CA ASP D 121 6.58 -10.23 -10.37
C ASP D 121 7.59 -11.36 -10.56
N LEU D 122 7.12 -12.47 -11.15
CA LEU D 122 7.94 -13.63 -11.40
C LEU D 122 9.01 -13.29 -12.47
N LEU D 123 8.62 -12.58 -13.53
CA LEU D 123 9.62 -12.18 -14.55
C LEU D 123 10.74 -11.32 -13.88
N ARG D 124 10.36 -10.36 -13.04
CA ARG D 124 11.39 -9.49 -12.39
C ARG D 124 12.20 -10.31 -11.33
N GLU D 125 11.50 -11.07 -10.49
CA GLU D 125 12.12 -11.87 -9.44
C GLU D 125 13.13 -12.95 -9.84
N ASN D 126 12.87 -13.64 -10.95
CA ASN D 126 13.75 -14.73 -11.35
C ASN D 126 14.68 -14.44 -12.49
N HIS D 127 14.29 -13.50 -13.35
CA HIS D 127 15.09 -13.30 -14.56
C HIS D 127 15.60 -11.89 -14.76
N GLY D 128 15.18 -11.00 -13.86
CA GLY D 128 15.56 -9.60 -13.93
C GLY D 128 14.96 -8.98 -15.18
N LEU D 129 13.79 -9.47 -15.57
CA LEU D 129 13.09 -8.99 -16.74
C LEU D 129 11.99 -8.04 -16.23
N VAL D 130 12.06 -6.80 -16.75
CA VAL D 130 11.18 -5.69 -16.35
C VAL D 130 10.33 -5.10 -17.51
N ILE D 131 9.01 -5.11 -17.38
CA ILE D 131 8.14 -4.52 -18.38
C ILE D 131 7.74 -3.07 -17.99
N ARG D 132 8.39 -2.09 -18.61
CA ARG D 132 8.15 -0.69 -18.30
C ARG D 132 6.81 -0.21 -18.81
N ASN D 133 6.33 -0.84 -19.88
CA ASN D 133 5.05 -0.38 -20.45
C ASN D 133 4.01 -1.49 -20.85
N ALA D 134 3.45 -2.18 -19.84
CA ALA D 134 2.39 -3.23 -20.01
C ALA D 134 1.10 -2.62 -19.50
N ILE D 135 0.03 -3.39 -19.56
CA ILE D 135 -1.25 -2.98 -19.03
C ILE D 135 -2.20 -4.18 -18.81
N ASN D 136 -2.48 -4.51 -17.54
CA ASN D 136 -3.42 -5.55 -17.12
C ASN D 136 -4.71 -4.93 -17.73
N VAL D 137 -4.99 -5.34 -18.97
CA VAL D 137 -6.10 -4.82 -19.74
C VAL D 137 -7.54 -5.11 -19.24
N GLY D 138 -7.71 -6.08 -18.32
CA GLY D 138 -9.02 -6.37 -17.78
C GLY D 138 -9.57 -5.24 -16.92
N LYS D 139 -8.70 -4.60 -16.15
CA LYS D 139 -9.11 -3.49 -15.26
C LYS D 139 -9.62 -2.29 -16.09
N LEU D 140 -8.86 -1.89 -17.12
CA LEU D 140 -9.25 -0.78 -18.01
C LEU D 140 -10.53 -1.21 -18.75
N ALA D 141 -10.59 -2.48 -19.17
CA ALA D 141 -11.79 -2.91 -19.86
C ALA D 141 -12.98 -2.76 -18.89
N ALA D 142 -12.84 -3.26 -17.66
CA ALA D 142 -13.92 -3.17 -16.69
C ALA D 142 -14.42 -1.73 -16.60
N GLU D 143 -13.48 -0.83 -16.34
CA GLU D 143 -13.78 0.59 -16.23
C GLU D 143 -14.34 1.25 -17.48
N ALA D 144 -13.64 1.08 -18.60
CA ALA D 144 -14.06 1.68 -19.88
C ALA D 144 -15.45 1.24 -20.26
N ARG D 145 -15.94 0.15 -19.68
CA ARG D 145 -17.28 -0.23 -20.00
C ARG D 145 -18.23 -0.58 -18.86
N GLY D 146 -18.04 0.05 -17.70
CA GLY D 146 -18.92 -0.24 -16.57
C GLY D 146 -19.27 -1.73 -16.45
N THR D 147 -18.26 -2.57 -16.26
CA THR D 147 -18.50 -4.00 -16.16
C THR D 147 -17.33 -4.53 -15.33
N LEU D 148 -17.55 -4.64 -14.01
CA LEU D 148 -16.54 -5.09 -13.04
C LEU D 148 -15.82 -6.41 -13.36
N VAL D 149 -16.57 -7.46 -13.75
CA VAL D 149 -15.97 -8.77 -14.02
C VAL D 149 -14.81 -8.81 -15.05
N LEU D 150 -14.83 -7.96 -16.09
CA LEU D 150 -13.76 -7.97 -17.12
C LEU D 150 -12.35 -8.05 -16.51
N GLU D 151 -12.15 -7.52 -15.30
CA GLU D 151 -10.82 -7.53 -14.65
C GLU D 151 -10.36 -8.96 -14.30
N PHE D 152 -11.29 -9.93 -14.29
CA PHE D 152 -11.03 -11.32 -13.91
C PHE D 152 -11.16 -12.37 -15.02
N LEU D 153 -11.27 -11.92 -16.25
CA LEU D 153 -11.40 -12.80 -17.40
C LEU D 153 -10.05 -13.27 -17.95
N GLY D 154 -10.01 -14.54 -18.38
CA GLY D 154 -8.81 -15.15 -18.99
C GLY D 154 -8.69 -14.70 -20.45
N THR D 155 -7.61 -15.11 -21.13
CA THR D 155 -7.38 -14.60 -22.50
C THR D 155 -8.51 -14.66 -23.46
N ARG D 156 -9.05 -15.85 -23.64
CA ARG D 156 -10.15 -16.05 -24.57
C ARG D 156 -11.40 -15.34 -24.09
N GLU D 157 -11.75 -15.57 -22.83
CA GLU D 157 -12.99 -15.06 -22.30
C GLU D 157 -13.02 -13.56 -22.33
N LEU D 158 -11.93 -12.91 -21.94
CA LEU D 158 -11.92 -11.46 -21.99
C LEU D 158 -12.23 -11.04 -23.45
N ALA D 159 -11.55 -11.62 -24.43
CA ALA D 159 -11.83 -11.19 -25.82
C ALA D 159 -13.30 -11.37 -26.17
N HIS D 160 -13.96 -12.34 -25.54
CA HIS D 160 -15.35 -12.62 -25.84
C HIS D 160 -16.33 -11.54 -25.43
N ARG D 161 -16.10 -10.95 -24.25
CA ARG D 161 -16.98 -9.93 -23.67
C ARG D 161 -16.79 -8.52 -24.21
N VAL D 162 -15.73 -8.34 -25.00
CA VAL D 162 -15.44 -7.03 -25.58
C VAL D 162 -15.53 -6.97 -27.11
N LEU D 163 -15.53 -8.12 -27.77
CA LEU D 163 -15.61 -8.14 -29.23
C LEU D 163 -16.87 -8.86 -29.69
N TRP D 164 -17.45 -9.68 -28.80
CA TRP D 164 -18.66 -10.43 -29.11
C TRP D 164 -18.55 -11.16 -30.45
N SER D 165 -17.35 -11.61 -30.82
CA SER D 165 -17.15 -12.32 -32.06
C SER D 165 -17.17 -13.84 -31.82
N ASP D 166 -17.24 -14.63 -32.90
CA ASP D 166 -17.26 -16.08 -32.73
C ASP D 166 -15.91 -16.70 -32.44
N LEU D 167 -15.89 -17.45 -31.34
CA LEU D 167 -14.69 -18.10 -30.86
C LEU D 167 -14.87 -19.64 -30.84
N GLY D 168 -15.81 -20.13 -31.65
CA GLY D 168 -16.09 -21.56 -31.71
C GLY D 168 -14.84 -22.36 -32.02
N GLN D 169 -14.03 -21.83 -32.91
CA GLN D 169 -12.78 -22.50 -33.29
C GLN D 169 -11.74 -22.60 -32.14
N LEU D 170 -11.36 -21.45 -31.57
CA LEU D 170 -10.37 -21.42 -30.47
C LEU D 170 -10.74 -22.38 -29.33
N ASP D 171 -12.03 -22.42 -28.95
CA ASP D 171 -12.45 -23.28 -27.87
C ASP D 171 -12.20 -24.80 -28.11
N SER D 172 -12.20 -25.20 -29.38
CA SER D 172 -12.04 -26.63 -29.72
C SER D 172 -10.65 -27.19 -29.34
N ILE D 173 -9.59 -26.44 -29.67
CA ILE D 173 -8.23 -26.85 -29.33
C ILE D 173 -7.98 -26.70 -27.80
N GLU D 174 -8.49 -25.63 -27.20
CA GLU D 174 -8.24 -25.43 -25.79
C GLU D 174 -9.07 -26.40 -24.95
N ALA D 175 -10.32 -26.66 -25.34
CA ALA D 175 -11.20 -27.58 -24.59
C ALA D 175 -10.59 -28.98 -24.48
N LYS D 176 -9.84 -29.38 -25.51
CA LYS D 176 -9.18 -30.68 -25.51
C LYS D 176 -7.70 -30.44 -25.71
N TRP D 177 -7.22 -29.44 -24.96
CA TRP D 177 -5.86 -28.97 -24.99
C TRP D 177 -4.79 -30.02 -24.84
N GLU D 178 -4.94 -30.91 -23.86
CA GLU D 178 -3.94 -31.92 -23.63
C GLU D 178 -3.75 -32.77 -24.89
N LYS D 179 -4.81 -32.90 -25.65
CA LYS D 179 -4.77 -33.68 -26.88
C LYS D 179 -4.18 -32.90 -28.08
N ALA D 180 -3.93 -31.60 -27.87
CA ALA D 180 -3.40 -30.75 -28.94
C ALA D 180 -1.92 -30.85 -29.32
N GLY D 181 -1.67 -31.08 -30.60
CA GLY D 181 -0.30 -31.14 -31.07
C GLY D 181 0.24 -29.72 -31.15
N PRO D 182 1.56 -29.55 -31.12
CA PRO D 182 2.28 -28.28 -31.18
C PRO D 182 1.66 -27.27 -32.15
N GLU D 183 1.51 -27.66 -33.41
CA GLU D 183 0.98 -26.74 -34.39
C GLU D 183 -0.35 -26.22 -33.94
N GLU D 184 -1.17 -27.10 -33.36
CA GLU D 184 -2.47 -26.67 -32.83
C GLU D 184 -2.30 -25.85 -31.52
N GLN D 185 -1.19 -26.02 -30.80
CA GLN D 185 -0.96 -25.23 -29.59
C GLN D 185 -0.58 -23.83 -30.15
N LEU D 186 0.35 -23.80 -31.10
CA LEU D 186 0.81 -22.61 -31.78
C LEU D 186 -0.39 -21.91 -32.39
N GLU D 187 -1.31 -22.67 -33.00
CA GLU D 187 -2.51 -22.10 -33.60
C GLU D 187 -3.31 -21.30 -32.58
N ALA D 188 -3.59 -21.89 -31.43
CA ALA D 188 -4.35 -21.23 -30.37
C ALA D 188 -3.68 -19.93 -29.87
N ALA D 189 -2.37 -19.96 -29.76
CA ALA D 189 -1.59 -18.82 -29.29
C ALA D 189 -1.74 -17.64 -30.25
N ALA D 190 -1.60 -17.92 -31.54
CA ALA D 190 -1.69 -16.88 -32.56
C ALA D 190 -3.08 -16.37 -32.62
N ILE D 191 -4.07 -17.27 -32.52
CA ILE D 191 -5.47 -16.85 -32.58
C ILE D 191 -5.54 -15.77 -31.50
N GLU D 192 -5.40 -16.25 -30.24
CA GLU D 192 -5.47 -15.42 -29.04
C GLU D 192 -4.66 -14.13 -29.07
N GLY D 193 -3.49 -14.15 -29.71
CA GLY D 193 -2.70 -12.93 -29.77
C GLY D 193 -3.42 -11.88 -30.62
N TRP D 194 -3.85 -12.31 -31.79
CA TRP D 194 -4.61 -11.47 -32.72
C TRP D 194 -5.85 -11.03 -31.94
N LEU D 195 -6.38 -11.93 -31.10
CA LEU D 195 -7.53 -11.58 -30.32
C LEU D 195 -7.13 -10.48 -29.33
N ILE D 196 -6.01 -10.61 -28.61
CA ILE D 196 -5.71 -9.49 -27.72
C ILE D 196 -5.24 -8.23 -28.52
N VAL D 197 -4.75 -8.38 -29.73
CA VAL D 197 -4.35 -7.19 -30.53
C VAL D 197 -5.66 -6.47 -30.72
N ASN D 198 -6.59 -7.11 -31.41
CA ASN D 198 -7.86 -6.50 -31.56
C ASN D 198 -8.25 -5.75 -30.25
N VAL D 199 -8.09 -6.39 -29.09
CA VAL D 199 -8.48 -5.73 -27.84
C VAL D 199 -7.89 -4.40 -27.49
N TRP D 200 -6.60 -4.23 -27.76
CA TRP D 200 -5.93 -2.99 -27.47
C TRP D 200 -6.48 -1.87 -28.37
N ASP D 201 -6.69 -2.18 -29.64
CA ASP D 201 -7.17 -1.20 -30.58
C ASP D 201 -8.45 -0.60 -30.11
N GLN D 202 -9.38 -1.47 -29.74
CA GLN D 202 -10.67 -1.02 -29.26
C GLN D 202 -10.50 -0.05 -28.12
N LEU D 203 -10.45 -0.59 -26.90
CA LEU D 203 -10.35 0.20 -25.67
C LEU D 203 -9.52 1.49 -25.71
N SER D 204 -8.36 1.46 -26.36
CA SER D 204 -7.53 2.66 -26.38
C SER D 204 -8.18 3.80 -27.16
N ASP D 205 -9.47 3.67 -27.50
CA ASP D 205 -10.22 4.71 -28.21
C ASP D 205 -11.32 5.30 -27.38
N GLU D 206 -11.47 4.66 -26.22
CA GLU D 206 -12.43 5.02 -25.20
C GLU D 206 -11.55 5.72 -24.13
N SER E 1 -12.95 -45.33 -19.20
CA SER E 1 -12.50 -43.92 -19.44
C SER E 1 -12.59 -43.16 -18.11
N ALA E 2 -11.79 -42.10 -17.96
CA ALA E 2 -11.80 -41.31 -16.73
C ALA E 2 -13.20 -40.76 -16.60
N SER E 3 -13.80 -40.93 -15.42
CA SER E 3 -15.16 -40.47 -15.24
C SER E 3 -15.37 -40.01 -13.81
N PHE E 4 -16.38 -39.18 -13.62
CA PHE E 4 -16.74 -38.72 -12.30
C PHE E 4 -17.82 -39.71 -11.84
N ASP E 5 -17.34 -40.86 -11.40
CA ASP E 5 -18.19 -41.97 -10.95
C ASP E 5 -18.30 -42.07 -9.43
N GLY E 6 -17.72 -41.11 -8.72
CA GLY E 6 -17.78 -41.16 -7.28
C GLY E 6 -19.19 -40.89 -6.89
N PRO E 7 -19.49 -40.76 -5.60
CA PRO E 7 -20.89 -40.47 -5.23
C PRO E 7 -21.43 -39.37 -6.11
N LYS E 8 -22.66 -39.57 -6.57
CA LYS E 8 -23.33 -38.61 -7.42
C LYS E 8 -24.38 -37.92 -6.55
N PHE E 9 -24.04 -36.74 -6.02
CA PHE E 9 -24.98 -36.07 -5.15
C PHE E 9 -26.05 -35.48 -6.02
N LYS E 10 -27.20 -35.15 -5.45
CA LYS E 10 -28.32 -34.60 -6.23
C LYS E 10 -28.40 -33.20 -5.81
N THR E 12 -30.27 -29.64 -5.36
CA THR E 12 -31.61 -29.05 -5.17
C THR E 12 -32.38 -28.76 -6.45
N ASP E 13 -31.84 -27.89 -7.28
CA ASP E 13 -32.47 -27.53 -8.54
C ASP E 13 -32.90 -28.78 -9.30
N GLY E 14 -32.17 -29.87 -9.11
CA GLY E 14 -32.52 -31.09 -9.80
C GLY E 14 -31.40 -31.63 -10.67
N SER E 15 -30.19 -31.10 -10.52
CA SER E 15 -29.05 -31.58 -11.30
C SER E 15 -28.25 -32.64 -10.56
N TYR E 16 -27.20 -33.14 -11.22
CA TYR E 16 -26.38 -34.18 -10.65
C TYR E 16 -24.90 -33.96 -10.83
N VAL E 17 -24.24 -33.72 -9.70
CA VAL E 17 -22.81 -33.48 -9.69
C VAL E 17 -22.07 -34.79 -9.59
N GLN E 18 -21.08 -34.96 -10.45
CA GLN E 18 -20.23 -36.14 -10.42
C GLN E 18 -18.88 -35.85 -9.80
N THR E 19 -18.38 -36.79 -9.02
CA THR E 19 -17.10 -36.60 -8.34
C THR E 19 -16.06 -37.66 -8.62
N LYS E 20 -14.81 -37.30 -8.33
CA LYS E 20 -13.66 -38.19 -8.46
C LYS E 20 -12.73 -38.03 -7.25
N THR E 21 -13.30 -37.94 -6.05
CA THR E 21 -12.48 -37.74 -4.85
C THR E 21 -11.25 -38.59 -4.97
N ILE E 22 -10.12 -37.96 -5.28
CA ILE E 22 -8.85 -38.66 -5.42
C ILE E 22 -7.97 -38.48 -4.22
N ASP E 23 -7.35 -39.58 -3.81
CA ASP E 23 -6.38 -39.54 -2.75
C ASP E 23 -5.10 -39.50 -3.61
N VAL E 24 -4.42 -38.36 -3.65
CA VAL E 24 -3.21 -38.21 -4.47
C VAL E 24 -1.95 -38.72 -3.80
N GLY E 25 -1.29 -39.69 -4.42
CA GLY E 25 -0.08 -40.22 -3.80
C GLY E 25 1.09 -39.52 -4.44
N SER E 26 2.19 -40.26 -4.65
CA SER E 26 3.35 -39.69 -5.32
C SER E 26 3.28 -40.12 -6.78
N SER E 27 2.32 -40.98 -7.09
CA SER E 27 2.22 -41.49 -8.43
C SER E 27 0.92 -41.19 -9.18
N THR E 28 -0.15 -40.92 -8.44
CA THR E 28 -1.42 -40.65 -9.07
C THR E 28 -1.28 -39.66 -10.25
N ASP E 29 -1.47 -40.13 -11.48
CA ASP E 29 -1.38 -39.26 -12.63
C ASP E 29 -2.67 -38.48 -12.66
N ILE E 30 -2.62 -37.18 -12.45
CA ILE E 30 -3.86 -36.48 -12.45
C ILE E 30 -4.01 -35.80 -13.78
N SER E 31 -3.02 -35.99 -14.65
CA SER E 31 -3.05 -35.38 -16.00
C SER E 31 -4.46 -35.37 -16.65
N PRO E 32 -5.13 -36.56 -16.76
CA PRO E 32 -6.48 -36.68 -17.35
C PRO E 32 -7.69 -36.11 -16.58
N TYR E 33 -7.64 -36.01 -15.23
CA TYR E 33 -8.77 -35.46 -14.46
C TYR E 33 -8.94 -33.92 -14.57
N LEU E 34 -7.88 -33.15 -14.33
CA LEU E 34 -7.96 -31.70 -14.50
C LEU E 34 -8.21 -31.44 -15.99
N SER E 35 -7.87 -32.41 -16.87
CA SER E 35 -8.17 -32.17 -18.27
C SER E 35 -9.69 -32.19 -18.43
N LEU E 36 -10.35 -33.11 -17.73
CA LEU E 36 -11.79 -33.24 -17.79
C LEU E 36 -12.45 -32.01 -17.21
N ILE E 37 -11.92 -31.59 -16.06
CA ILE E 37 -12.40 -30.40 -15.42
C ILE E 37 -12.22 -29.21 -16.43
N ARG E 38 -11.05 -29.10 -17.03
CA ARG E 38 -10.82 -28.02 -17.96
C ARG E 38 -11.79 -28.07 -19.13
N GLU E 39 -11.85 -29.23 -19.79
CA GLU E 39 -12.73 -29.40 -20.95
C GLU E 39 -14.12 -29.00 -20.63
N ASP E 40 -14.56 -29.45 -19.47
CA ASP E 40 -15.91 -29.16 -19.06
C ASP E 40 -16.12 -27.66 -18.79
N SER E 41 -15.15 -27.05 -18.12
CA SER E 41 -15.27 -25.62 -17.86
C SER E 41 -15.49 -24.84 -19.17
N ILE E 42 -14.75 -25.22 -20.19
CA ILE E 42 -14.84 -24.51 -21.46
C ILE E 42 -16.18 -24.68 -22.21
N LEU E 43 -16.67 -25.90 -22.30
CA LEU E 43 -17.92 -26.22 -23.04
C LEU E 43 -19.22 -25.90 -22.29
N ASN E 44 -19.29 -26.25 -21.01
CA ASN E 44 -20.51 -26.03 -20.23
C ASN E 44 -20.53 -24.99 -19.14
N GLY E 45 -19.38 -24.74 -18.49
CA GLY E 45 -19.36 -23.79 -17.38
C GLY E 45 -18.71 -22.41 -17.56
N ASN E 46 -18.70 -21.92 -18.80
CA ASN E 46 -18.14 -20.63 -19.20
C ASN E 46 -16.77 -20.21 -18.62
N ARG E 47 -15.72 -20.96 -18.98
CA ARG E 47 -14.32 -20.72 -18.55
C ARG E 47 -14.01 -20.34 -17.06
N ALA E 48 -14.83 -20.93 -16.20
CA ALA E 48 -14.78 -20.79 -14.75
C ALA E 48 -14.60 -22.14 -14.08
N VAL E 49 -13.70 -22.16 -13.11
CA VAL E 49 -13.55 -23.38 -12.34
C VAL E 49 -13.70 -22.88 -10.92
N ILE E 50 -14.74 -23.32 -10.22
CA ILE E 50 -14.90 -22.90 -8.82
C ILE E 50 -13.98 -23.81 -8.02
N PHE E 51 -13.12 -23.23 -7.20
CA PHE E 51 -12.24 -24.08 -6.42
C PHE E 51 -12.42 -23.75 -4.97
N ASP E 52 -12.04 -24.68 -4.12
CA ASP E 52 -12.05 -24.32 -2.73
C ASP E 52 -10.73 -24.80 -2.15
N VAL E 53 -10.40 -24.38 -0.93
CA VAL E 53 -9.11 -24.78 -0.37
C VAL E 53 -9.20 -25.27 1.09
N TYR E 54 -8.25 -26.12 1.48
CA TYR E 54 -8.25 -26.70 2.83
C TYR E 54 -6.79 -26.78 3.17
N TRP E 55 -6.47 -26.80 4.46
CA TRP E 55 -5.10 -26.77 4.96
C TRP E 55 -4.85 -27.68 6.16
N ASP E 56 -3.61 -28.16 6.25
CA ASP E 56 -3.15 -28.89 7.41
C ASP E 56 -2.26 -27.83 8.11
N VAL E 57 -2.46 -27.58 9.40
CA VAL E 57 -1.64 -26.61 10.10
C VAL E 57 -0.50 -27.30 10.85
N GLY E 58 0.73 -26.89 10.57
CA GLY E 58 1.87 -27.49 11.23
C GLY E 58 2.70 -26.35 11.81
N PHE E 59 4.00 -26.56 12.02
CA PHE E 59 4.85 -25.53 12.60
C PHE E 59 6.19 -25.25 11.94
N THR E 66 9.53 -16.31 10.40
CA THR E 66 9.02 -17.54 9.83
C THR E 66 8.03 -18.12 10.85
N LYS E 67 6.71 -17.87 10.64
CA LYS E 67 5.64 -18.37 11.51
C LYS E 67 4.45 -19.13 10.91
N THR E 68 4.00 -18.84 9.69
CA THR E 68 2.90 -19.61 9.12
C THR E 68 3.45 -20.61 8.08
N SER E 69 4.76 -20.71 7.97
CA SER E 69 5.38 -21.58 6.99
C SER E 69 5.11 -23.09 7.19
N GLY E 70 4.50 -23.46 8.33
CA GLY E 70 4.19 -24.88 8.57
C GLY E 70 2.85 -25.33 8.00
N TRP E 71 2.06 -24.38 7.50
CA TRP E 71 0.76 -24.72 6.92
C TRP E 71 0.98 -25.53 5.64
N SER E 72 0.29 -26.68 5.52
CA SER E 72 0.39 -27.59 4.37
C SER E 72 -0.92 -27.62 3.65
N LEU E 73 -0.92 -27.54 2.32
CA LEU E 73 -2.18 -27.56 1.55
C LEU E 73 -2.63 -29.02 1.48
N SER E 74 -3.50 -29.47 2.39
CA SER E 74 -3.92 -30.88 2.37
C SER E 74 -5.01 -31.29 1.35
N SER E 75 -5.95 -30.40 1.00
CA SER E 75 -6.97 -30.75 -0.01
C SER E 75 -7.28 -29.54 -0.93
N VAL E 76 -7.84 -29.86 -2.10
CA VAL E 76 -8.25 -28.87 -3.12
C VAL E 76 -9.54 -29.35 -3.73
N LYS E 77 -10.52 -28.47 -3.81
CA LYS E 77 -11.81 -28.78 -4.47
C LYS E 77 -11.89 -27.95 -5.77
N LEU E 78 -12.34 -28.55 -6.89
CA LEU E 78 -12.50 -27.85 -8.18
C LEU E 78 -13.89 -28.22 -8.69
N SER E 79 -14.78 -27.21 -8.77
CA SER E 79 -16.15 -27.44 -9.20
C SER E 79 -16.48 -26.71 -10.51
N THR E 80 -17.05 -27.46 -11.47
CA THR E 80 -17.49 -26.86 -12.75
C THR E 80 -18.95 -27.23 -12.63
N ARG E 81 -19.88 -26.52 -13.26
CA ARG E 81 -21.29 -26.89 -13.03
C ARG E 81 -21.56 -28.39 -12.92
N ASN E 82 -20.96 -29.20 -13.79
CA ASN E 82 -21.19 -30.65 -13.80
C ASN E 82 -20.29 -31.53 -12.94
N LEU E 83 -19.03 -31.13 -12.77
CA LEU E 83 -18.06 -31.91 -12.02
C LEU E 83 -17.58 -31.33 -10.71
N CYS E 84 -16.85 -32.18 -9.99
CA CYS E 84 -16.26 -31.84 -8.70
C CYS E 84 -15.11 -32.82 -8.42
N LEU E 85 -13.89 -32.29 -8.55
CA LEU E 85 -12.65 -33.03 -8.33
C LEU E 85 -12.04 -32.65 -6.97
N PHE E 86 -11.89 -33.65 -6.12
CA PHE E 86 -11.33 -33.46 -4.78
C PHE E 86 -9.99 -34.22 -4.59
N LEU E 87 -8.87 -33.51 -4.66
CA LEU E 87 -7.56 -34.15 -4.48
C LEU E 87 -7.15 -34.01 -3.02
N ARG E 88 -6.81 -35.15 -2.41
CA ARG E 88 -6.30 -35.16 -1.06
C ARG E 88 -4.86 -35.30 -1.45
N LEU E 89 -4.00 -34.41 -0.97
CA LEU E 89 -2.61 -34.38 -1.39
C LEU E 89 -1.56 -34.85 -0.37
N PRO E 90 -0.42 -35.32 -0.85
CA PRO E 90 0.56 -35.75 0.14
C PRO E 90 1.43 -34.61 0.58
N LYS E 91 2.13 -34.83 1.69
CA LYS E 91 3.03 -33.87 2.25
C LYS E 91 4.37 -34.57 2.45
N PRO E 92 5.41 -34.14 1.72
CA PRO E 92 5.43 -33.06 0.73
C PRO E 92 4.93 -33.53 -0.61
N PHE E 93 4.59 -32.58 -1.49
CA PHE E 93 4.12 -32.90 -2.83
C PHE E 93 5.16 -33.66 -3.61
N HIS E 94 4.69 -34.42 -4.60
CA HIS E 94 5.59 -35.12 -5.49
C HIS E 94 5.51 -34.48 -6.87
N ASP E 95 6.47 -34.80 -7.69
CA ASP E 95 6.56 -34.27 -9.05
C ASP E 95 5.28 -34.36 -9.84
N ASN E 96 4.52 -35.43 -9.60
CA ASN E 96 3.27 -35.60 -10.33
C ASN E 96 2.28 -34.44 -10.06
N LEU E 97 2.45 -33.68 -8.98
CA LEU E 97 1.54 -32.55 -8.73
C LEU E 97 1.98 -31.28 -9.47
N LYS E 98 3.10 -31.36 -10.22
CA LYS E 98 3.57 -30.23 -11.01
C LYS E 98 2.56 -29.92 -12.10
N ASP E 99 1.90 -30.96 -12.60
CA ASP E 99 0.85 -30.74 -13.58
C ASP E 99 -0.20 -29.91 -12.89
N LEU E 100 -0.39 -30.11 -11.57
CA LEU E 100 -1.38 -29.29 -10.86
C LEU E 100 -0.90 -27.80 -10.87
N TYR E 101 0.40 -27.55 -11.04
CA TYR E 101 0.80 -26.14 -11.04
C TYR E 101 0.29 -25.38 -12.26
N ARG E 102 0.09 -26.14 -13.33
CA ARG E 102 -0.39 -25.57 -14.59
C ARG E 102 -1.90 -25.31 -14.61
N PHE E 103 -2.69 -26.20 -14.01
CA PHE E 103 -4.14 -25.95 -14.02
C PHE E 103 -4.43 -24.59 -13.38
N PHE E 104 -4.04 -24.45 -12.11
CA PHE E 104 -4.28 -23.23 -11.38
C PHE E 104 -3.57 -21.97 -11.97
N ALA E 105 -2.46 -22.14 -12.70
CA ALA E 105 -1.80 -20.97 -13.26
C ALA E 105 -2.33 -20.65 -14.66
N SER E 106 -3.14 -21.56 -15.24
CA SER E 106 -3.64 -21.34 -16.61
C SER E 106 -4.49 -20.10 -16.75
N LYS E 107 -4.39 -19.52 -17.94
CA LYS E 107 -5.15 -18.34 -18.27
C LYS E 107 -6.26 -18.77 -19.22
N PHE E 108 -6.48 -20.08 -19.36
CA PHE E 108 -7.57 -20.49 -20.22
C PHE E 108 -8.89 -20.28 -19.49
N VAL E 109 -8.86 -20.52 -18.17
CA VAL E 109 -10.00 -20.37 -17.29
C VAL E 109 -9.49 -19.56 -16.10
N THR E 110 -10.45 -18.99 -15.35
CA THR E 110 -10.22 -18.19 -14.15
C THR E 110 -10.52 -19.17 -13.02
N PHE E 111 -10.26 -18.77 -11.78
CA PHE E 111 -10.57 -19.58 -10.57
C PHE E 111 -11.46 -18.75 -9.65
N VAL E 112 -12.57 -19.35 -9.19
CA VAL E 112 -13.56 -18.62 -8.39
C VAL E 112 -13.62 -19.14 -6.93
N GLY E 113 -13.17 -18.28 -6.00
CA GLY E 113 -13.22 -18.64 -4.60
C GLY E 113 -13.92 -17.65 -3.71
N VAL E 114 -14.10 -18.02 -2.45
CA VAL E 114 -14.70 -17.17 -1.42
C VAL E 114 -13.65 -17.13 -0.31
N GLN E 115 -13.36 -15.92 0.18
CA GLN E 115 -12.33 -15.65 1.21
C GLN E 115 -11.06 -16.45 0.86
N ILE E 116 -10.35 -16.06 -0.19
CA ILE E 116 -9.10 -16.78 -0.56
C ILE E 116 -7.86 -15.86 -0.52
N GLU E 117 -8.01 -14.63 -0.04
CA GLU E 117 -6.88 -13.70 -0.04
C GLU E 117 -5.77 -14.25 0.91
N GLU E 118 -6.14 -14.71 2.10
CA GLU E 118 -5.13 -15.24 3.01
C GLU E 118 -4.69 -16.58 2.42
N ASP E 119 -5.63 -17.34 1.81
CA ASP E 119 -5.24 -18.62 1.24
C ASP E 119 -4.22 -18.41 0.12
N LEU E 120 -4.49 -17.43 -0.76
CA LEU E 120 -3.58 -17.16 -1.88
C LEU E 120 -2.11 -16.92 -1.48
N ASP E 121 -1.86 -16.31 -0.33
CA ASP E 121 -0.48 -16.08 0.10
C ASP E 121 0.19 -17.34 0.66
N LEU E 122 -0.59 -18.26 1.22
CA LEU E 122 0.04 -19.49 1.78
C LEU E 122 0.59 -20.38 0.65
N LEU E 123 -0.14 -20.47 -0.44
CA LEU E 123 0.29 -21.25 -1.63
C LEU E 123 1.63 -20.69 -2.19
N ARG E 124 1.71 -19.36 -2.23
CA ARG E 124 2.92 -18.68 -2.72
C ARG E 124 4.15 -18.94 -1.86
N GLU E 125 4.12 -18.44 -0.62
CA GLU E 125 5.20 -18.59 0.34
C GLU E 125 5.57 -20.06 0.67
N ASN E 126 4.58 -20.92 0.91
CA ASN E 126 4.81 -22.31 1.31
C ASN E 126 4.99 -23.32 0.18
N HIS E 127 4.20 -23.15 -0.89
CA HIS E 127 4.21 -24.07 -2.04
C HIS E 127 4.66 -23.42 -3.33
N GLY E 128 4.82 -22.09 -3.31
CA GLY E 128 5.20 -21.42 -4.53
C GLY E 128 4.16 -21.72 -5.59
N LEU E 129 2.92 -22.05 -5.16
CA LEU E 129 1.86 -22.33 -6.12
C LEU E 129 1.21 -20.98 -6.50
N VAL E 130 1.27 -20.68 -7.80
CA VAL E 130 0.76 -19.41 -8.36
C VAL E 130 -0.54 -19.54 -9.16
N ILE E 131 -1.57 -18.78 -8.78
CA ILE E 131 -2.82 -18.81 -9.55
C ILE E 131 -2.89 -17.42 -10.25
N ARG E 132 -2.38 -17.36 -11.48
CA ARG E 132 -2.34 -16.08 -12.20
C ARG E 132 -3.72 -15.43 -12.43
N ASN E 133 -4.75 -16.24 -12.71
CA ASN E 133 -6.11 -15.78 -13.06
C ASN E 133 -7.18 -16.17 -12.02
N ALA E 134 -7.35 -15.37 -10.97
CA ALA E 134 -8.34 -15.73 -9.92
C ALA E 134 -9.18 -14.57 -9.37
N ILE E 135 -10.31 -14.90 -8.75
CA ILE E 135 -11.11 -13.87 -8.08
C ILE E 135 -11.65 -14.27 -6.69
N ASN E 136 -11.62 -13.32 -5.76
CA ASN E 136 -12.12 -13.49 -4.42
C ASN E 136 -13.55 -12.91 -4.44
N VAL E 137 -14.57 -13.77 -4.35
CA VAL E 137 -15.93 -13.24 -4.54
C VAL E 137 -16.80 -12.61 -3.40
N GLY E 138 -16.16 -11.76 -2.59
CA GLY E 138 -16.85 -11.05 -1.53
C GLY E 138 -17.20 -9.63 -2.00
N LYS E 139 -16.23 -8.86 -2.49
CA LYS E 139 -16.48 -7.50 -2.95
C LYS E 139 -17.31 -7.44 -4.26
N LEU E 140 -16.99 -8.29 -5.24
CA LEU E 140 -17.78 -8.26 -6.48
C LEU E 140 -19.28 -8.30 -6.17
N ALA E 141 -19.65 -9.15 -5.22
CA ALA E 141 -21.06 -9.29 -4.84
C ALA E 141 -21.47 -8.06 -4.04
N ALA E 142 -20.62 -7.57 -3.13
CA ALA E 142 -20.99 -6.39 -2.36
C ALA E 142 -21.14 -5.18 -3.31
N GLU E 143 -20.24 -5.06 -4.28
CA GLU E 143 -20.27 -3.95 -5.20
C GLU E 143 -21.37 -4.00 -6.26
N ALA E 144 -21.48 -5.12 -6.96
CA ALA E 144 -22.50 -5.27 -8.00
C ALA E 144 -23.90 -5.31 -7.38
N ARG E 145 -24.01 -5.68 -6.11
CA ARG E 145 -25.32 -5.74 -5.48
C ARG E 145 -25.56 -4.58 -4.49
N GLY E 146 -24.60 -3.68 -4.37
CA GLY E 146 -24.77 -2.58 -3.41
C GLY E 146 -24.87 -3.00 -1.93
N THR E 147 -24.75 -4.30 -1.68
CA THR E 147 -24.85 -4.81 -0.32
C THR E 147 -23.45 -4.87 0.32
N LEU E 148 -23.15 -3.90 1.20
CA LEU E 148 -21.86 -3.81 1.84
C LEU E 148 -21.44 -5.08 2.53
N VAL E 149 -22.24 -5.48 3.52
CA VAL E 149 -21.91 -6.62 4.29
C VAL E 149 -21.47 -7.81 3.48
N LEU E 150 -21.93 -7.92 2.24
CA LEU E 150 -21.56 -9.09 1.45
C LEU E 150 -20.05 -9.36 1.40
N GLU E 151 -19.25 -8.31 1.56
CA GLU E 151 -17.78 -8.46 1.54
C GLU E 151 -17.15 -9.42 2.55
N PHE E 152 -17.83 -9.61 3.66
CA PHE E 152 -17.30 -10.46 4.72
C PHE E 152 -18.00 -11.85 4.79
N LEU E 153 -18.31 -12.45 3.64
CA LEU E 153 -19.00 -13.76 3.61
C LEU E 153 -18.30 -15.04 3.15
N GLY E 154 -18.34 -16.07 4.00
CA GLY E 154 -17.80 -17.36 3.63
C GLY E 154 -18.62 -18.02 2.48
N THR E 155 -18.39 -19.32 2.28
CA THR E 155 -19.02 -20.09 1.19
C THR E 155 -20.55 -20.22 1.24
N ARG E 156 -21.03 -21.01 2.19
CA ARG E 156 -22.49 -21.21 2.31
C ARG E 156 -23.22 -19.87 2.40
N GLU E 157 -22.69 -18.95 3.20
CA GLU E 157 -23.37 -17.67 3.40
C GLU E 157 -23.40 -16.80 2.16
N LEU E 158 -22.37 -16.90 1.32
CA LEU E 158 -22.35 -16.14 0.07
C LEU E 158 -23.29 -16.90 -0.89
N ALA E 159 -23.23 -18.22 -0.80
CA ALA E 159 -24.09 -19.09 -1.59
C ALA E 159 -25.52 -18.55 -1.38
N HIS E 160 -25.93 -18.47 -0.11
CA HIS E 160 -27.27 -17.99 0.20
C HIS E 160 -27.57 -16.60 -0.32
N ARG E 161 -26.89 -15.59 0.22
CA ARG E 161 -27.12 -14.21 -0.21
C ARG E 161 -27.05 -13.90 -1.71
N VAL E 162 -26.55 -14.81 -2.54
CA VAL E 162 -26.51 -14.52 -3.97
C VAL E 162 -27.47 -15.49 -4.69
N LEU E 163 -27.90 -16.54 -3.98
CA LEU E 163 -28.82 -17.54 -4.55
C LEU E 163 -30.22 -17.63 -3.89
N TRP E 164 -30.31 -17.23 -2.62
CA TRP E 164 -31.59 -17.25 -1.92
C TRP E 164 -32.33 -18.57 -2.00
N SER E 165 -31.62 -19.62 -2.36
CA SER E 165 -32.26 -20.90 -2.42
C SER E 165 -32.27 -21.49 -1.00
N ASP E 166 -32.72 -22.74 -0.88
CA ASP E 166 -32.81 -23.42 0.42
C ASP E 166 -31.60 -24.36 0.54
N LEU E 167 -30.95 -24.35 1.71
CA LEU E 167 -29.74 -25.13 1.92
C LEU E 167 -29.78 -25.95 3.22
N GLY E 168 -30.69 -26.92 3.29
CA GLY E 168 -30.82 -27.75 4.47
C GLY E 168 -29.91 -28.94 4.41
N GLN E 169 -29.68 -29.44 3.20
CA GLN E 169 -28.80 -30.59 3.02
C GLN E 169 -27.38 -30.26 3.48
N LEU E 170 -26.83 -29.12 3.02
CA LEU E 170 -25.49 -28.67 3.34
C LEU E 170 -25.40 -28.28 4.82
N ASP E 171 -26.41 -27.52 5.27
CA ASP E 171 -26.50 -27.08 6.65
C ASP E 171 -26.45 -28.30 7.61
N SER E 172 -27.23 -29.33 7.28
CA SER E 172 -27.26 -30.48 8.17
C SER E 172 -25.89 -31.05 8.45
N ILE E 173 -25.06 -31.21 7.42
CA ILE E 173 -23.72 -31.73 7.63
C ILE E 173 -22.86 -30.73 8.42
N GLU E 174 -22.36 -29.70 7.73
CA GLU E 174 -21.57 -28.67 8.39
C GLU E 174 -21.98 -28.42 9.81
N ALA E 175 -23.21 -28.00 10.06
CA ALA E 175 -23.64 -27.73 11.43
C ALA E 175 -23.36 -28.91 12.34
N LYS E 176 -23.08 -30.06 11.74
CA LYS E 176 -22.75 -31.26 12.48
C LYS E 176 -21.38 -31.79 12.04
N TRP E 177 -20.63 -30.93 11.35
CA TRP E 177 -19.31 -31.29 10.83
C TRP E 177 -18.48 -32.09 11.81
N GLU E 178 -18.57 -31.71 13.07
CA GLU E 178 -17.79 -32.34 14.12
C GLU E 178 -17.87 -33.85 13.97
N LYS E 179 -19.09 -34.34 13.79
CA LYS E 179 -19.28 -35.76 13.64
C LYS E 179 -19.79 -36.04 12.26
N ALA E 180 -19.02 -35.61 11.25
CA ALA E 180 -19.39 -35.79 9.85
C ALA E 180 -18.51 -36.84 9.20
N GLY E 181 -19.12 -37.77 8.45
CA GLY E 181 -18.35 -38.80 7.80
C GLY E 181 -17.72 -38.37 6.47
N PRO E 182 -16.67 -39.05 6.01
CA PRO E 182 -15.93 -38.79 4.76
C PRO E 182 -16.78 -38.49 3.54
N GLU E 183 -17.66 -39.43 3.19
CA GLU E 183 -18.49 -39.21 2.01
C GLU E 183 -19.40 -38.05 2.26
N GLU E 184 -19.96 -37.97 3.46
CA GLU E 184 -20.84 -36.83 3.78
C GLU E 184 -20.04 -35.47 3.69
N GLN E 185 -18.83 -35.42 4.22
CA GLN E 185 -18.08 -34.20 4.11
C GLN E 185 -17.83 -33.98 2.60
N LEU E 186 -17.81 -35.07 1.81
CA LEU E 186 -17.62 -34.94 0.38
C LEU E 186 -18.85 -34.31 -0.28
N GLU E 187 -20.05 -34.84 -0.02
CA GLU E 187 -21.25 -34.23 -0.60
C GLU E 187 -21.08 -32.74 -0.41
N ALA E 188 -20.69 -32.44 0.83
CA ALA E 188 -20.49 -31.09 1.30
C ALA E 188 -19.57 -30.25 0.39
N ALA E 189 -18.38 -30.74 0.05
CA ALA E 189 -17.47 -29.99 -0.82
C ALA E 189 -17.95 -30.02 -2.26
N ALA E 190 -18.78 -31.02 -2.60
CA ALA E 190 -19.31 -31.02 -3.95
C ALA E 190 -20.39 -29.97 -3.87
N ILE E 191 -21.20 -30.00 -2.82
CA ILE E 191 -22.24 -29.00 -2.70
C ILE E 191 -21.65 -27.60 -2.50
N GLU E 192 -20.81 -27.43 -1.50
CA GLU E 192 -20.19 -26.12 -1.30
C GLU E 192 -19.90 -25.62 -2.75
N GLY E 193 -19.31 -26.48 -3.59
CA GLY E 193 -18.91 -26.11 -4.95
C GLY E 193 -19.95 -25.72 -5.99
N TRP E 194 -20.99 -26.56 -6.17
CA TRP E 194 -22.06 -26.28 -7.13
C TRP E 194 -22.70 -24.94 -6.79
N LEU E 195 -22.72 -24.59 -5.51
CA LEU E 195 -23.27 -23.31 -5.11
C LEU E 195 -22.39 -22.20 -5.73
N ILE E 196 -21.09 -22.36 -5.60
CA ILE E 196 -20.18 -21.38 -6.15
C ILE E 196 -20.11 -21.41 -7.67
N VAL E 197 -20.39 -22.53 -8.30
CA VAL E 197 -20.38 -22.44 -9.73
C VAL E 197 -21.56 -21.54 -9.99
N ASN E 198 -22.70 -21.83 -9.35
CA ASN E 198 -23.89 -20.98 -9.53
C ASN E 198 -23.56 -19.51 -9.28
N VAL E 199 -23.08 -19.18 -8.08
CA VAL E 199 -22.73 -17.79 -7.82
C VAL E 199 -21.95 -17.16 -8.98
N TRP E 200 -20.88 -17.83 -9.44
CA TRP E 200 -20.13 -17.27 -10.56
C TRP E 200 -21.09 -17.00 -11.72
N ASP E 201 -22.20 -17.74 -11.78
CA ASP E 201 -23.12 -17.54 -12.89
C ASP E 201 -23.96 -16.28 -12.84
N GLN E 202 -24.53 -15.95 -11.69
CA GLN E 202 -25.32 -14.73 -11.60
C GLN E 202 -24.53 -13.40 -11.73
N LEU E 203 -23.58 -13.16 -10.84
CA LEU E 203 -22.81 -11.90 -10.87
C LEU E 203 -22.20 -11.55 -12.24
N SER E 204 -21.77 -12.55 -12.99
CA SER E 204 -21.19 -12.28 -14.30
C SER E 204 -22.21 -11.58 -15.23
N ASP E 205 -23.39 -12.17 -15.35
CA ASP E 205 -24.48 -11.64 -16.17
C ASP E 205 -24.90 -10.19 -15.86
N GLU E 206 -25.21 -9.93 -14.59
CA GLU E 206 -25.65 -8.60 -14.15
C GLU E 206 -24.59 -7.49 -14.19
N SER F 1 -19.61 -34.81 30.12
CA SER F 1 -19.99 -34.06 28.86
C SER F 1 -19.50 -32.60 28.84
N ALA F 2 -19.58 -32.01 27.64
CA ALA F 2 -19.19 -30.61 27.38
C ALA F 2 -20.46 -29.76 27.40
N SER F 3 -20.58 -28.88 28.39
CA SER F 3 -21.75 -28.04 28.48
C SER F 3 -21.35 -26.64 28.88
N PHE F 4 -22.19 -25.68 28.52
CA PHE F 4 -21.97 -24.28 28.85
C PHE F 4 -22.75 -24.06 30.15
N ASP F 5 -22.16 -24.63 31.20
CA ASP F 5 -22.73 -24.62 32.54
C ASP F 5 -22.12 -23.61 33.52
N GLY F 6 -21.15 -22.83 33.06
CA GLY F 6 -20.59 -21.81 33.93
C GLY F 6 -21.67 -20.76 34.17
N PRO F 7 -21.35 -19.64 34.85
CA PRO F 7 -22.35 -18.60 35.10
C PRO F 7 -23.23 -18.19 33.92
N LYS F 8 -24.53 -18.02 34.20
CA LYS F 8 -25.52 -17.62 33.21
C LYS F 8 -25.70 -16.14 33.46
N PHE F 9 -25.70 -15.33 32.41
CA PHE F 9 -25.91 -13.93 32.61
C PHE F 9 -27.12 -13.55 31.80
N LYS F 10 -27.94 -12.64 32.34
CA LYS F 10 -29.15 -12.17 31.66
C LYS F 10 -28.83 -10.80 31.09
N THR F 12 -29.79 -6.99 29.06
CA THR F 12 -30.72 -5.91 29.35
C THR F 12 -32.14 -6.27 28.95
N ASP F 13 -32.32 -6.73 27.72
CA ASP F 13 -33.62 -7.12 27.20
C ASP F 13 -34.01 -8.45 27.81
N GLY F 14 -33.46 -8.77 28.97
CA GLY F 14 -33.79 -10.00 29.67
C GLY F 14 -33.48 -11.30 28.94
N SER F 15 -32.88 -11.23 27.76
CA SER F 15 -32.52 -12.45 27.04
C SER F 15 -31.42 -13.15 27.85
N TYR F 16 -31.11 -14.40 27.50
CA TYR F 16 -30.09 -15.15 28.22
C TYR F 16 -28.78 -15.38 27.44
N VAL F 17 -27.66 -15.26 28.16
CA VAL F 17 -26.36 -15.49 27.60
C VAL F 17 -25.73 -16.64 28.38
N GLN F 18 -25.45 -17.74 27.68
CA GLN F 18 -24.84 -18.93 28.29
C GLN F 18 -23.32 -19.01 28.11
N THR F 19 -22.62 -19.03 29.23
CA THR F 19 -21.17 -19.01 29.24
C THR F 19 -20.55 -20.39 29.44
N LYS F 20 -19.22 -20.38 29.39
CA LYS F 20 -18.34 -21.51 29.66
C LYS F 20 -16.90 -21.03 29.54
N THR F 21 -16.10 -21.27 30.58
CA THR F 21 -14.69 -20.86 30.62
C THR F 21 -13.81 -22.11 30.75
N ILE F 22 -12.58 -22.06 30.26
CA ILE F 22 -11.67 -23.22 30.36
C ILE F 22 -10.19 -22.84 30.47
N ASP F 23 -9.48 -23.56 31.35
CA ASP F 23 -8.02 -23.48 31.53
C ASP F 23 -7.46 -24.51 30.52
N VAL F 24 -6.82 -24.03 29.45
CA VAL F 24 -6.30 -24.94 28.44
C VAL F 24 -4.87 -25.41 28.73
N GLY F 25 -4.75 -26.65 29.22
CA GLY F 25 -3.46 -27.22 29.50
C GLY F 25 -2.97 -27.89 28.21
N SER F 26 -1.71 -28.31 28.23
CA SER F 26 -1.06 -28.91 27.05
C SER F 26 -1.73 -30.18 26.58
N SER F 27 -2.70 -30.64 27.35
CA SER F 27 -3.36 -31.89 26.99
C SER F 27 -4.87 -31.73 26.81
N THR F 28 -5.40 -30.58 27.20
CA THR F 28 -6.83 -30.30 27.07
C THR F 28 -7.31 -30.37 25.59
N ASP F 29 -8.50 -30.94 25.41
CA ASP F 29 -9.14 -31.10 24.11
C ASP F 29 -10.22 -30.07 23.95
N ILE F 30 -10.10 -29.17 22.98
CA ILE F 30 -11.14 -28.18 22.85
C ILE F 30 -12.31 -28.54 21.92
N SER F 31 -12.09 -29.50 21.05
CA SER F 31 -13.08 -30.04 20.11
C SER F 31 -14.54 -29.77 20.44
N PRO F 32 -15.03 -30.29 21.59
CA PRO F 32 -16.44 -30.12 22.04
C PRO F 32 -16.89 -28.69 22.29
N TYR F 33 -15.96 -27.80 22.65
CA TYR F 33 -16.41 -26.43 22.85
C TYR F 33 -16.32 -25.66 21.52
N LEU F 34 -15.35 -25.99 20.66
CA LEU F 34 -15.27 -25.33 19.33
C LEU F 34 -16.46 -25.80 18.44
N SER F 35 -16.77 -27.11 18.49
CA SER F 35 -17.86 -27.66 17.71
C SER F 35 -19.20 -27.11 18.22
N LEU F 36 -19.33 -26.91 19.54
CA LEU F 36 -20.57 -26.38 20.07
C LEU F 36 -20.69 -24.93 19.69
N ILE F 37 -19.54 -24.27 19.51
CA ILE F 37 -19.61 -22.87 19.17
C ILE F 37 -20.12 -22.78 17.72
N ARG F 38 -19.50 -23.49 16.80
CA ARG F 38 -19.90 -23.42 15.39
C ARG F 38 -21.26 -24.01 15.11
N GLU F 39 -21.59 -25.09 15.82
CA GLU F 39 -22.88 -25.79 15.65
C GLU F 39 -24.02 -24.79 15.88
N ASP F 40 -23.88 -24.01 16.97
CA ASP F 40 -24.90 -23.02 17.33
C ASP F 40 -24.78 -21.86 16.36
N SER F 41 -23.55 -21.52 16.02
CA SER F 41 -23.31 -20.43 15.10
C SER F 41 -24.20 -20.68 13.89
N ILE F 42 -24.12 -21.89 13.33
CA ILE F 42 -24.95 -22.17 12.17
C ILE F 42 -26.46 -22.26 12.50
N LEU F 43 -26.86 -23.16 13.39
CA LEU F 43 -28.29 -23.30 13.71
C LEU F 43 -29.09 -22.01 13.82
N ASN F 44 -28.72 -21.11 14.72
CA ASN F 44 -29.49 -19.87 14.83
C ASN F 44 -28.67 -18.61 15.05
N GLY F 45 -27.38 -18.63 14.67
CA GLY F 45 -26.53 -17.48 14.93
C GLY F 45 -26.11 -16.47 13.86
N ASN F 46 -26.74 -16.55 12.69
CA ASN F 46 -26.42 -15.61 11.62
C ASN F 46 -25.20 -16.14 10.84
N ARG F 47 -24.62 -17.27 11.27
CA ARG F 47 -23.48 -17.89 10.57
C ARG F 47 -22.12 -17.19 10.69
N ALA F 48 -21.96 -16.47 11.81
CA ALA F 48 -20.70 -15.82 12.12
C ALA F 48 -20.37 -16.06 13.61
N VAL F 49 -19.12 -15.84 13.97
CA VAL F 49 -18.71 -15.99 15.37
C VAL F 49 -18.07 -14.67 15.84
N ILE F 50 -18.51 -14.20 17.02
CA ILE F 50 -17.99 -12.97 17.57
C ILE F 50 -16.79 -13.27 18.47
N PHE F 51 -15.76 -12.43 18.38
CA PHE F 51 -14.57 -12.71 19.18
C PHE F 51 -13.77 -11.51 19.70
N ASP F 52 -12.83 -11.85 20.59
CA ASP F 52 -11.87 -10.90 21.16
C ASP F 52 -10.66 -11.76 21.63
N VAL F 53 -9.46 -11.15 21.69
CA VAL F 53 -8.25 -11.84 22.12
C VAL F 53 -7.50 -10.94 23.07
N TYR F 54 -6.87 -11.55 24.07
CA TYR F 54 -6.15 -10.87 25.11
C TYR F 54 -4.74 -11.37 25.03
N TRP F 55 -3.79 -10.49 25.34
CA TRP F 55 -2.38 -10.80 25.21
C TRP F 55 -1.59 -10.62 26.48
N ASP F 56 -0.60 -11.49 26.66
CA ASP F 56 0.30 -11.35 27.76
C ASP F 56 1.49 -10.68 27.06
N VAL F 57 1.72 -9.44 27.42
CA VAL F 57 2.76 -8.66 26.80
C VAL F 57 4.14 -9.22 27.14
N GLY F 58 5.11 -8.99 26.29
CA GLY F 58 6.43 -9.52 26.55
C GLY F 58 7.60 -8.63 26.14
N PHE F 59 8.72 -8.77 26.86
CA PHE F 59 9.92 -8.00 26.57
C PHE F 59 10.89 -8.84 25.72
N THR F 66 12.38 -8.62 16.73
CA THR F 66 11.29 -7.63 16.67
C THR F 66 10.60 -7.51 18.04
N LYS F 67 10.47 -6.29 18.53
CA LYS F 67 9.89 -6.05 19.84
C LYS F 67 8.52 -6.66 20.15
N THR F 68 7.63 -6.86 19.18
CA THR F 68 6.38 -7.51 19.53
C THR F 68 6.38 -9.09 19.50
N SER F 69 7.51 -9.73 19.10
CA SER F 69 7.62 -11.21 19.08
C SER F 69 7.40 -11.80 20.48
N GLY F 70 7.65 -10.96 21.47
CA GLY F 70 7.47 -11.35 22.87
C GLY F 70 6.02 -11.40 23.31
N TRP F 71 5.09 -10.77 22.56
CA TRP F 71 3.66 -10.84 22.98
C TRP F 71 3.15 -12.29 22.95
N SER F 72 2.34 -12.67 23.94
CA SER F 72 1.78 -14.00 23.93
C SER F 72 0.29 -13.92 24.15
N LEU F 73 -0.43 -14.61 23.28
CA LEU F 73 -1.89 -14.67 23.26
C LEU F 73 -2.49 -15.36 24.50
N SER F 74 -2.96 -14.58 25.48
CA SER F 74 -3.50 -15.16 26.72
C SER F 74 -4.98 -15.58 26.79
N SER F 75 -5.85 -15.04 25.94
CA SER F 75 -7.27 -15.47 26.01
C SER F 75 -8.04 -15.23 24.75
N VAL F 76 -8.91 -16.19 24.40
CA VAL F 76 -9.73 -16.08 23.20
C VAL F 76 -11.21 -16.15 23.57
N LYS F 77 -11.97 -15.07 23.33
CA LYS F 77 -13.41 -15.10 23.60
C LYS F 77 -14.14 -15.40 22.28
N LEU F 78 -15.24 -16.16 22.33
CA LEU F 78 -16.04 -16.49 21.14
C LEU F 78 -17.52 -16.35 21.50
N SER F 79 -18.23 -15.51 20.76
CA SER F 79 -19.66 -15.32 20.98
C SER F 79 -20.47 -15.68 19.72
N THR F 80 -21.70 -16.19 19.95
CA THR F 80 -22.68 -16.54 18.93
C THR F 80 -24.04 -16.11 19.54
N ARG F 81 -25.09 -16.05 18.73
CA ARG F 81 -26.44 -15.70 19.19
C ARG F 81 -26.65 -16.09 20.67
N ASN F 82 -26.38 -17.35 21.02
CA ASN F 82 -26.62 -17.80 22.40
C ASN F 82 -25.49 -18.33 23.26
N LEU F 83 -24.24 -18.11 22.87
CA LEU F 83 -23.12 -18.64 23.62
C LEU F 83 -21.86 -17.79 23.57
N CYS F 84 -21.13 -17.79 24.69
CA CYS F 84 -19.88 -17.08 24.83
C CYS F 84 -18.94 -18.05 25.55
N LEU F 85 -17.90 -18.47 24.83
CA LEU F 85 -16.88 -19.39 25.31
C LEU F 85 -15.61 -18.58 25.61
N PHE F 86 -15.04 -18.80 26.78
CA PHE F 86 -13.85 -18.07 27.16
C PHE F 86 -12.72 -19.09 27.32
N LEU F 87 -11.63 -18.92 26.55
CA LEU F 87 -10.50 -19.87 26.64
C LEU F 87 -9.22 -19.26 27.22
N ARG F 88 -8.69 -19.85 28.30
CA ARG F 88 -7.42 -19.33 28.84
C ARG F 88 -6.29 -20.23 28.33
N LEU F 89 -5.30 -19.63 27.67
CA LEU F 89 -4.25 -20.42 27.02
C LEU F 89 -2.87 -20.42 27.66
N PRO F 90 -2.12 -21.53 27.53
CA PRO F 90 -0.77 -21.58 28.13
C PRO F 90 0.26 -21.00 27.14
N LYS F 91 1.53 -21.18 27.46
CA LYS F 91 2.62 -20.74 26.60
C LYS F 91 3.81 -21.70 26.94
N PRO F 92 4.34 -22.43 25.94
CA PRO F 92 3.97 -22.48 24.53
C PRO F 92 2.72 -23.30 24.31
N PHE F 93 2.28 -23.33 23.05
CA PHE F 93 1.10 -24.06 22.63
C PHE F 93 1.54 -25.49 22.27
N HIS F 94 0.65 -26.46 22.47
CA HIS F 94 0.92 -27.85 22.07
C HIS F 94 -0.11 -28.12 20.93
N ASP F 95 -0.04 -29.28 20.26
CA ASP F 95 -0.96 -29.58 19.12
C ASP F 95 -2.45 -29.64 19.43
N ASN F 96 -2.80 -29.64 20.71
CA ASN F 96 -4.20 -29.64 21.11
C ASN F 96 -4.75 -28.28 20.71
N LEU F 97 -3.88 -27.27 20.58
CA LEU F 97 -4.46 -25.98 20.16
C LEU F 97 -4.65 -25.93 18.65
N LYS F 98 -4.15 -26.94 17.91
CA LYS F 98 -4.36 -26.96 16.45
C LYS F 98 -5.86 -26.88 16.08
N ASP F 99 -6.73 -27.33 16.96
CA ASP F 99 -8.17 -27.25 16.68
C ASP F 99 -8.63 -25.79 16.71
N LEU F 100 -8.05 -24.96 17.59
CA LEU F 100 -8.44 -23.53 17.57
C LEU F 100 -8.05 -22.95 16.19
N TYR F 101 -6.82 -23.27 15.72
CA TYR F 101 -6.34 -22.80 14.41
C TYR F 101 -7.29 -23.25 13.30
N ARG F 102 -7.74 -24.50 13.33
CA ARG F 102 -8.61 -25.00 12.28
C ARG F 102 -9.94 -24.28 12.36
N PHE F 103 -10.40 -24.05 13.58
CA PHE F 103 -11.66 -23.36 13.79
C PHE F 103 -11.57 -21.88 13.34
N PHE F 104 -10.46 -21.24 13.70
CA PHE F 104 -10.30 -19.82 13.34
C PHE F 104 -10.10 -19.67 11.83
N ALA F 105 -9.53 -20.69 11.15
CA ALA F 105 -9.38 -20.59 9.71
C ALA F 105 -10.69 -20.95 9.08
N SER F 106 -11.54 -21.63 9.85
CA SER F 106 -12.80 -22.11 9.31
C SER F 106 -13.49 -21.07 8.42
N LYS F 107 -13.86 -21.49 7.22
CA LYS F 107 -14.59 -20.62 6.35
C LYS F 107 -16.06 -21.03 6.54
N PHE F 108 -16.36 -21.82 7.58
CA PHE F 108 -17.74 -22.22 7.80
C PHE F 108 -18.54 -21.11 8.36
N VAL F 109 -17.85 -20.16 8.97
CA VAL F 109 -18.47 -19.02 9.61
C VAL F 109 -17.59 -17.79 9.32
N THR F 110 -18.07 -16.61 9.72
CA THR F 110 -17.33 -15.35 9.59
C THR F 110 -17.02 -14.96 11.05
N PHE F 111 -15.77 -14.62 11.32
CA PHE F 111 -15.30 -14.22 12.65
C PHE F 111 -15.28 -12.69 12.75
N VAL F 112 -16.09 -12.13 13.66
CA VAL F 112 -16.27 -10.68 13.80
C VAL F 112 -15.61 -10.09 15.05
N GLY F 113 -14.91 -8.97 14.87
CA GLY F 113 -14.25 -8.35 16.01
C GLY F 113 -14.27 -6.83 15.92
N VAL F 114 -13.83 -6.17 17.00
CA VAL F 114 -13.75 -4.73 17.10
C VAL F 114 -12.25 -4.44 17.25
N GLN F 115 -11.80 -3.36 16.60
CA GLN F 115 -10.40 -2.90 16.55
C GLN F 115 -9.44 -4.09 16.54
N ILE F 116 -9.57 -4.90 15.50
CA ILE F 116 -8.80 -6.13 15.35
C ILE F 116 -7.60 -6.07 14.40
N GLU F 117 -7.11 -4.86 14.10
CA GLU F 117 -5.98 -4.77 13.17
C GLU F 117 -4.66 -5.27 13.80
N GLU F 118 -4.18 -4.61 14.84
CA GLU F 118 -2.92 -5.07 15.42
C GLU F 118 -3.11 -6.51 15.87
N ASP F 119 -4.34 -6.84 16.33
CA ASP F 119 -4.61 -8.17 16.78
C ASP F 119 -4.28 -9.21 15.71
N LEU F 120 -4.82 -9.04 14.51
CA LEU F 120 -4.57 -10.06 13.48
C LEU F 120 -3.07 -10.14 13.09
N ASP F 121 -2.34 -9.03 13.21
CA ASP F 121 -0.89 -9.06 12.88
C ASP F 121 -0.14 -9.81 13.99
N LEU F 122 -0.73 -9.82 15.17
CA LEU F 122 -0.13 -10.53 16.31
C LEU F 122 -0.31 -12.06 16.09
N LEU F 123 -1.53 -12.48 15.73
CA LEU F 123 -1.81 -13.89 15.43
C LEU F 123 -0.86 -14.49 14.41
N ARG F 124 -0.75 -13.82 13.27
CA ARG F 124 0.12 -14.29 12.19
C ARG F 124 1.58 -14.42 12.66
N GLU F 125 2.05 -13.38 13.33
CA GLU F 125 3.41 -13.33 13.79
C GLU F 125 3.73 -13.95 15.16
N ASN F 126 2.81 -13.99 16.09
CA ASN F 126 3.18 -14.57 17.33
C ASN F 126 2.65 -16.01 17.41
N HIS F 127 1.68 -16.35 16.56
CA HIS F 127 1.17 -17.71 16.58
C HIS F 127 0.99 -18.37 15.23
N GLY F 128 1.26 -17.64 14.13
CA GLY F 128 1.08 -18.27 12.84
C GLY F 128 -0.36 -18.77 12.73
N LEU F 129 -1.29 -18.06 13.40
CA LEU F 129 -2.72 -18.39 13.38
C LEU F 129 -3.31 -17.49 12.30
N VAL F 130 -3.93 -18.14 11.33
CA VAL F 130 -4.48 -17.48 10.17
C VAL F 130 -5.98 -17.43 10.32
N ILE F 131 -6.55 -16.24 10.53
CA ILE F 131 -7.98 -16.23 10.59
C ILE F 131 -8.37 -15.86 9.16
N ARG F 132 -8.86 -16.85 8.39
CA ARG F 132 -9.16 -16.57 7.00
C ARG F 132 -10.38 -15.70 6.71
N ASN F 133 -11.30 -15.61 7.67
CA ASN F 133 -12.53 -14.88 7.39
C ASN F 133 -13.08 -14.06 8.59
N ALA F 134 -12.44 -12.93 8.91
CA ALA F 134 -12.85 -12.07 10.04
C ALA F 134 -13.32 -10.70 9.60
N ILE F 135 -13.78 -9.90 10.57
CA ILE F 135 -14.10 -8.49 10.30
C ILE F 135 -13.82 -7.61 11.51
N ASN F 136 -13.09 -6.52 11.24
CA ASN F 136 -12.77 -5.47 12.19
C ASN F 136 -14.05 -4.65 11.90
N VAL F 137 -15.15 -5.10 12.51
CA VAL F 137 -16.52 -4.56 12.26
C VAL F 137 -16.76 -3.03 12.26
N GLY F 138 -16.08 -2.32 13.17
CA GLY F 138 -16.22 -0.87 13.23
C GLY F 138 -15.95 -0.20 11.88
N LYS F 139 -15.16 -0.87 11.03
CA LYS F 139 -14.83 -0.32 9.70
C LYS F 139 -16.05 -0.54 8.76
N LEU F 140 -16.68 -1.71 8.83
CA LEU F 140 -17.86 -1.97 8.03
C LEU F 140 -18.84 -0.91 8.54
N ALA F 141 -18.97 -0.79 9.86
CA ALA F 141 -19.89 0.19 10.41
C ALA F 141 -19.66 1.59 9.85
N ALA F 142 -18.52 2.20 10.12
CA ALA F 142 -18.29 3.54 9.60
C ALA F 142 -18.89 3.69 8.19
N GLU F 143 -18.80 2.64 7.38
CA GLU F 143 -19.31 2.76 6.03
C GLU F 143 -20.82 2.64 5.98
N ALA F 144 -21.40 1.61 6.58
CA ALA F 144 -22.86 1.40 6.55
C ALA F 144 -23.67 2.58 7.06
N ARG F 145 -23.44 2.93 8.33
CA ARG F 145 -24.12 4.04 8.97
C ARG F 145 -23.67 5.37 8.41
N GLY F 146 -22.65 5.37 7.55
CA GLY F 146 -22.17 6.65 7.04
C GLY F 146 -21.79 7.56 8.21
N THR F 147 -21.08 7.01 9.20
CA THR F 147 -20.65 7.77 10.39
C THR F 147 -19.19 7.43 10.69
N LEU F 148 -18.33 8.31 10.17
CA LEU F 148 -16.89 8.25 10.25
C LEU F 148 -16.19 7.77 11.53
N VAL F 149 -16.54 8.40 12.64
CA VAL F 149 -15.88 8.04 13.89
C VAL F 149 -16.16 6.60 14.36
N LEU F 150 -17.11 5.90 13.73
CA LEU F 150 -17.46 4.54 14.18
C LEU F 150 -16.27 3.57 14.05
N GLU F 151 -15.40 3.92 13.12
CA GLU F 151 -14.22 3.15 12.80
C GLU F 151 -13.20 3.18 13.91
N PHE F 152 -13.30 4.21 14.74
CA PHE F 152 -12.31 4.42 15.81
C PHE F 152 -12.89 4.32 17.21
N LEU F 153 -13.93 3.47 17.36
CA LEU F 153 -14.59 3.30 18.66
C LEU F 153 -14.27 1.96 19.27
N GLY F 154 -14.34 1.93 20.60
CA GLY F 154 -14.14 0.68 21.32
C GLY F 154 -15.44 -0.13 21.22
N THR F 155 -15.36 -1.41 21.57
CA THR F 155 -16.48 -2.36 21.51
C THR F 155 -17.81 -1.78 22.02
N ARG F 156 -17.79 -1.17 23.20
CA ARG F 156 -19.02 -0.58 23.76
C ARG F 156 -19.51 0.59 22.89
N GLU F 157 -18.61 1.56 22.66
CA GLU F 157 -18.97 2.72 21.85
C GLU F 157 -19.48 2.29 20.49
N LEU F 158 -18.95 1.22 19.95
CA LEU F 158 -19.52 0.77 18.69
C LEU F 158 -20.96 0.17 18.94
N ALA F 159 -21.18 -0.44 20.10
CA ALA F 159 -22.49 -1.02 20.38
C ALA F 159 -23.49 0.12 20.60
N HIS F 160 -23.02 1.21 21.19
CA HIS F 160 -23.85 2.37 21.44
C HIS F 160 -24.22 3.15 20.19
N ARG F 161 -23.22 3.55 19.40
CA ARG F 161 -23.52 4.33 18.22
C ARG F 161 -24.24 3.54 17.14
N VAL F 162 -24.27 2.21 17.29
CA VAL F 162 -24.93 1.36 16.32
C VAL F 162 -26.31 0.83 16.76
N LEU F 163 -26.49 0.50 18.05
CA LEU F 163 -27.73 -0.05 18.57
C LEU F 163 -28.45 0.90 19.53
N TRP F 164 -27.75 1.90 20.06
CA TRP F 164 -28.41 2.83 21.00
C TRP F 164 -29.10 2.17 22.22
N SER F 165 -28.65 0.98 22.61
CA SER F 165 -29.25 0.26 23.73
C SER F 165 -28.66 0.62 25.07
N ASP F 166 -29.31 0.13 26.13
CA ASP F 166 -28.88 0.38 27.48
C ASP F 166 -27.59 -0.35 27.76
N LEU F 167 -26.68 0.38 28.42
CA LEU F 167 -25.36 -0.13 28.75
C LEU F 167 -24.94 0.17 30.18
N GLY F 168 -25.80 0.83 30.95
CA GLY F 168 -25.48 1.18 32.33
C GLY F 168 -24.82 0.06 33.13
N GLN F 169 -25.31 -1.14 32.96
CA GLN F 169 -24.74 -2.27 33.66
C GLN F 169 -23.26 -2.43 33.24
N LEU F 170 -23.02 -2.46 31.93
CA LEU F 170 -21.65 -2.60 31.46
C LEU F 170 -20.77 -1.46 31.93
N ASP F 171 -21.26 -0.24 31.86
CA ASP F 171 -20.39 0.87 32.28
C ASP F 171 -20.01 0.88 33.77
N SER F 172 -20.92 0.52 34.70
CA SER F 172 -20.51 0.58 36.12
C SER F 172 -19.50 -0.52 36.33
N ILE F 173 -19.60 -1.58 35.55
CA ILE F 173 -18.62 -2.61 35.72
C ILE F 173 -17.24 -2.13 35.18
N GLU F 174 -17.16 -1.81 33.91
CA GLU F 174 -15.86 -1.44 33.37
C GLU F 174 -15.22 -0.25 34.10
N ALA F 175 -16.07 0.67 34.56
CA ALA F 175 -15.63 1.85 35.30
C ALA F 175 -14.71 1.55 36.49
N LYS F 176 -14.80 0.32 37.03
CA LYS F 176 -14.02 -0.06 38.19
C LYS F 176 -13.41 -1.42 37.90
N TRP F 177 -12.90 -1.57 36.69
CA TRP F 177 -12.33 -2.83 36.24
C TRP F 177 -11.46 -3.62 37.19
N GLU F 178 -10.41 -3.00 37.73
CA GLU F 178 -9.51 -3.72 38.63
C GLU F 178 -10.10 -4.05 40.02
N LYS F 179 -11.28 -3.53 40.32
CA LYS F 179 -11.92 -3.83 41.62
C LYS F 179 -13.04 -4.84 41.42
N ALA F 180 -13.41 -5.04 40.15
CA ALA F 180 -14.48 -5.95 39.74
C ALA F 180 -14.04 -7.41 39.83
N GLY F 181 -14.90 -8.22 40.47
CA GLY F 181 -14.62 -9.63 40.62
C GLY F 181 -14.51 -10.34 39.27
N PRO F 182 -13.68 -11.40 39.17
CA PRO F 182 -13.49 -12.14 37.92
C PRO F 182 -14.80 -12.63 37.33
N GLU F 183 -15.76 -12.98 38.18
CA GLU F 183 -17.02 -13.42 37.60
C GLU F 183 -17.68 -12.23 36.91
N GLU F 184 -17.56 -11.03 37.48
CA GLU F 184 -18.14 -9.85 36.83
C GLU F 184 -17.40 -9.41 35.54
N GLN F 185 -16.10 -9.68 35.48
CA GLN F 185 -15.32 -9.32 34.30
C GLN F 185 -15.77 -10.20 33.14
N LEU F 186 -16.23 -11.41 33.45
CA LEU F 186 -16.75 -12.29 32.41
C LEU F 186 -18.10 -11.73 31.93
N GLU F 187 -18.88 -11.17 32.86
CA GLU F 187 -20.21 -10.60 32.53
C GLU F 187 -20.06 -9.54 31.43
N ALA F 188 -19.18 -8.57 31.68
CA ALA F 188 -18.92 -7.52 30.70
C ALA F 188 -18.53 -8.18 29.36
N ALA F 189 -17.66 -9.20 29.41
CA ALA F 189 -17.25 -9.87 28.17
C ALA F 189 -18.45 -10.54 27.45
N ALA F 190 -19.28 -11.28 28.19
CA ALA F 190 -20.44 -11.93 27.57
C ALA F 190 -21.32 -10.84 26.90
N ILE F 191 -21.59 -9.78 27.66
CA ILE F 191 -22.37 -8.59 27.21
C ILE F 191 -21.80 -7.96 25.90
N GLU F 192 -20.46 -7.86 25.77
CA GLU F 192 -19.85 -7.30 24.56
C GLU F 192 -19.89 -8.31 23.37
N GLY F 193 -19.96 -9.61 23.66
CA GLY F 193 -20.07 -10.58 22.58
C GLY F 193 -21.50 -10.42 22.03
N TRP F 194 -22.47 -10.52 22.96
CA TRP F 194 -23.91 -10.35 22.69
C TRP F 194 -24.12 -9.12 21.77
N LEU F 195 -23.78 -7.92 22.30
CA LEU F 195 -23.87 -6.62 21.56
C LEU F 195 -23.28 -6.66 20.15
N ILE F 196 -22.04 -7.14 20.02
CA ILE F 196 -21.43 -7.17 18.72
C ILE F 196 -22.19 -8.10 17.75
N VAL F 197 -22.68 -9.25 18.23
CA VAL F 197 -23.49 -10.17 17.41
C VAL F 197 -24.72 -9.41 16.87
N ASN F 198 -25.30 -8.59 17.73
CA ASN F 198 -26.45 -7.82 17.32
C ASN F 198 -25.95 -6.68 16.45
N VAL F 199 -24.67 -6.30 16.63
CA VAL F 199 -24.13 -5.21 15.82
C VAL F 199 -24.02 -5.80 14.41
N TRP F 200 -23.39 -6.95 14.36
CA TRP F 200 -23.18 -7.72 13.18
C TRP F 200 -24.55 -8.14 12.63
N ASP F 201 -25.45 -8.64 13.51
CA ASP F 201 -26.76 -9.06 13.03
C ASP F 201 -27.49 -7.82 12.46
N GLN F 202 -27.37 -6.67 13.15
CA GLN F 202 -28.00 -5.42 12.73
C GLN F 202 -27.48 -4.85 11.38
N LEU F 203 -26.15 -4.79 11.22
CA LEU F 203 -25.56 -4.26 9.98
C LEU F 203 -25.63 -5.17 8.73
N SER F 204 -25.54 -6.49 8.91
CA SER F 204 -25.58 -7.41 7.76
C SER F 204 -26.91 -7.19 7.01
N ASP F 205 -27.93 -6.87 7.79
CA ASP F 205 -29.27 -6.65 7.25
C ASP F 205 -29.62 -5.25 6.77
N GLU F 206 -28.79 -4.26 7.09
CA GLU F 206 -29.04 -2.88 6.66
C GLU F 206 -28.79 -2.59 5.17
N SER A 1 -4.91 5.32 48.99
CA SER A 1 -4.57 6.76 49.23
C SER A 1 -4.26 7.44 47.91
N ALA A 2 -4.05 6.62 46.88
CA ALA A 2 -3.69 7.10 45.55
C ALA A 2 -4.40 8.35 45.09
N SER A 3 -3.67 9.42 44.83
CA SER A 3 -4.37 10.58 44.38
C SER A 3 -3.57 11.48 43.42
N PHE A 4 -4.27 12.47 42.85
CA PHE A 4 -3.66 13.45 41.93
C PHE A 4 -3.42 14.80 42.68
N ASP A 5 -2.46 14.79 43.60
CA ASP A 5 -2.10 15.96 44.41
C ASP A 5 -1.00 16.82 43.81
N GLY A 6 -0.79 16.68 42.51
CA GLY A 6 0.19 17.51 41.86
C GLY A 6 -0.44 18.88 41.61
N PRO A 7 0.32 19.83 41.06
CA PRO A 7 -0.24 21.17 40.80
C PRO A 7 -1.53 21.12 40.02
N LYS A 8 -2.45 22.04 40.31
CA LYS A 8 -3.66 22.09 39.50
C LYS A 8 -3.59 23.32 38.55
N PHE A 9 -4.34 23.27 37.46
CA PHE A 9 -4.30 24.36 36.49
C PHE A 9 -5.71 24.78 36.06
N LYS A 10 -5.89 26.09 35.87
CA LYS A 10 -7.17 26.72 35.47
C LYS A 10 -7.24 26.87 33.94
N THR A 12 -9.31 28.02 30.25
CA THR A 12 -10.08 29.18 29.84
C THR A 12 -11.58 29.17 30.14
N ASP A 13 -12.21 28.00 30.22
CA ASP A 13 -13.66 27.97 30.49
C ASP A 13 -13.85 28.03 32.00
N GLY A 14 -12.76 28.30 32.71
CA GLY A 14 -12.82 28.44 34.16
C GLY A 14 -12.60 27.23 35.04
N SER A 15 -12.60 26.04 34.43
CA SER A 15 -12.39 24.76 35.11
C SER A 15 -10.93 24.53 35.49
N TYR A 16 -10.70 23.58 36.38
CA TYR A 16 -9.36 23.24 36.87
C TYR A 16 -9.00 21.85 36.43
N VAL A 17 -7.71 21.60 36.20
CA VAL A 17 -7.23 20.28 35.80
C VAL A 17 -6.33 19.77 36.90
N GLN A 18 -6.67 18.61 37.46
CA GLN A 18 -5.83 18.02 38.50
C GLN A 18 -4.77 17.20 37.79
N THR A 19 -3.53 17.20 38.29
CA THR A 19 -2.47 16.43 37.65
C THR A 19 -1.75 15.50 38.62
N LYS A 20 -1.13 14.45 38.08
CA LYS A 20 -0.34 13.53 38.89
C LYS A 20 0.82 13.08 37.99
N THR A 21 2.00 13.00 38.59
CA THR A 21 3.20 12.58 37.91
C THR A 21 3.76 11.34 38.60
N ILE A 22 4.04 10.31 37.84
CA ILE A 22 4.62 9.15 38.47
C ILE A 22 5.89 8.66 37.81
N ASP A 23 6.58 7.78 38.52
CA ASP A 23 7.83 7.20 38.04
C ASP A 23 7.63 5.72 38.05
N VAL A 24 7.78 5.10 36.89
CA VAL A 24 7.65 3.67 36.81
C VAL A 24 8.99 3.16 37.40
N GLY A 25 9.10 3.30 38.72
CA GLY A 25 10.29 2.85 39.40
C GLY A 25 10.21 1.36 39.34
N SER A 26 11.34 0.68 39.62
CA SER A 26 11.37 -0.77 39.55
C SER A 26 10.18 -1.43 40.23
N SER A 27 9.62 -0.79 41.24
CA SER A 27 8.48 -1.42 41.90
C SER A 27 7.24 -0.55 41.94
N THR A 28 7.38 0.71 41.52
CA THR A 28 6.28 1.64 41.54
C THR A 28 5.04 0.99 40.92
N ASP A 29 3.95 0.95 41.67
CA ASP A 29 2.71 0.37 41.15
C ASP A 29 1.90 1.49 40.58
N ILE A 30 1.92 1.65 39.26
CA ILE A 30 1.18 2.73 38.62
C ILE A 30 -0.25 2.30 38.36
N SER A 31 -0.52 1.03 38.65
CA SER A 31 -1.83 0.50 38.42
C SER A 31 -2.90 1.36 39.11
N PRO A 32 -2.63 1.89 40.33
CA PRO A 32 -3.65 2.72 40.99
C PRO A 32 -4.01 4.00 40.22
N TYR A 33 -3.05 4.54 39.47
CA TYR A 33 -3.32 5.75 38.73
C TYR A 33 -3.98 5.49 37.39
N LEU A 34 -3.47 4.51 36.65
CA LEU A 34 -4.11 4.14 35.38
C LEU A 34 -5.63 3.88 35.62
N SER A 35 -5.96 3.26 36.76
CA SER A 35 -7.35 2.98 37.07
C SER A 35 -8.07 4.28 37.39
N LEU A 36 -7.39 5.25 37.99
CA LEU A 36 -8.07 6.53 38.22
C LEU A 36 -8.38 7.16 36.82
N ILE A 37 -7.45 7.04 35.88
CA ILE A 37 -7.64 7.59 34.54
C ILE A 37 -8.78 6.79 33.87
N ARG A 38 -8.67 5.46 33.89
CA ARG A 38 -9.63 4.55 33.28
C ARG A 38 -11.02 4.82 33.88
N GLU A 39 -11.11 4.86 35.20
CA GLU A 39 -12.42 5.10 35.81
C GLU A 39 -12.97 6.48 35.41
N ASP A 40 -12.12 7.49 35.37
CA ASP A 40 -12.66 8.81 35.03
C ASP A 40 -13.15 8.77 33.59
N SER A 41 -12.43 8.02 32.77
CA SER A 41 -12.82 7.88 31.36
C SER A 41 -14.05 7.01 31.12
N ILE A 42 -14.27 6.00 31.97
CA ILE A 42 -15.44 5.13 31.81
C ILE A 42 -16.77 5.87 32.18
N LEU A 43 -16.77 6.53 33.32
CA LEU A 43 -17.95 7.21 33.84
C LEU A 43 -18.08 8.67 33.46
N ASN A 44 -16.97 9.39 33.27
CA ASN A 44 -17.07 10.81 32.90
C ASN A 44 -16.58 11.29 31.51
N GLY A 45 -15.47 10.74 31.03
CA GLY A 45 -14.92 11.22 29.77
C GLY A 45 -15.24 10.31 28.60
N ASN A 46 -16.48 9.86 28.52
CA ASN A 46 -16.95 8.97 27.49
C ASN A 46 -15.92 7.98 26.90
N ARG A 47 -15.12 7.41 27.81
CA ARG A 47 -14.17 6.37 27.44
C ARG A 47 -13.13 6.75 26.42
N ALA A 48 -12.67 7.99 26.50
CA ALA A 48 -11.64 8.46 25.60
C ALA A 48 -10.47 8.78 26.50
N VAL A 49 -9.26 8.45 26.04
CA VAL A 49 -8.05 8.81 26.79
C VAL A 49 -7.26 9.54 25.71
N ILE A 50 -6.98 10.82 25.95
CA ILE A 50 -6.26 11.63 25.01
C ILE A 50 -4.81 11.38 25.37
N PHE A 51 -3.96 11.33 24.36
CA PHE A 51 -2.56 11.04 24.67
C PHE A 51 -1.57 11.70 23.78
N ASP A 52 -0.34 11.84 24.31
CA ASP A 52 0.76 12.39 23.53
C ASP A 52 1.93 11.63 24.11
N VAL A 53 3.07 11.62 23.42
CA VAL A 53 4.23 10.91 23.97
C VAL A 53 5.54 11.68 23.80
N TYR A 54 6.60 11.34 24.56
CA TYR A 54 7.85 12.08 24.49
C TYR A 54 9.03 11.15 24.30
N TRP A 55 9.95 11.54 23.41
CA TRP A 55 11.09 10.69 23.06
C TRP A 55 12.40 11.31 23.46
N ASP A 56 13.30 10.50 24.03
CA ASP A 56 14.69 10.91 24.33
C ASP A 56 15.37 10.35 23.08
N VAL A 57 16.10 11.21 22.37
CA VAL A 57 16.82 10.82 21.18
C VAL A 57 18.19 10.40 21.66
N GLY A 58 18.63 9.22 21.22
CA GLY A 58 19.95 8.70 21.60
C GLY A 58 20.78 8.55 20.34
N PHE A 59 22.09 8.31 20.48
CA PHE A 59 22.91 8.18 19.28
C PHE A 59 23.70 6.86 19.27
N THR A 66 19.90 -0.05 12.43
CA THR A 66 18.54 0.47 12.23
C THR A 66 18.46 1.82 13.03
N LYS A 67 18.86 2.89 12.33
CA LYS A 67 18.97 4.25 12.84
C LYS A 67 17.92 4.82 13.78
N THR A 68 16.63 4.53 13.57
CA THR A 68 15.61 5.08 14.50
C THR A 68 15.55 4.21 15.76
N SER A 69 16.31 3.13 15.80
CA SER A 69 16.20 2.25 16.98
C SER A 69 16.93 2.85 18.16
N GLY A 70 17.20 4.15 18.09
CA GLY A 70 17.89 4.75 19.22
C GLY A 70 16.97 5.63 20.06
N TRP A 71 15.76 5.95 19.58
CA TRP A 71 14.83 6.82 20.34
C TRP A 71 14.59 6.21 21.72
N SER A 72 14.07 6.98 22.67
CA SER A 72 13.84 6.39 24.02
C SER A 72 12.60 6.96 24.65
N LEU A 73 11.49 6.22 24.61
CA LEU A 73 10.22 6.71 25.16
C LEU A 73 10.46 7.18 26.59
N SER A 74 10.34 8.49 26.79
CA SER A 74 10.59 9.09 28.11
C SER A 74 9.33 9.24 29.00
N SER A 75 8.18 9.48 28.37
CA SER A 75 6.87 9.61 29.04
C SER A 75 5.74 9.78 28.03
N VAL A 76 4.53 9.50 28.48
CA VAL A 76 3.36 9.62 27.65
C VAL A 76 2.54 10.57 28.50
N LYS A 77 1.43 11.05 27.97
CA LYS A 77 0.53 11.95 28.71
C LYS A 77 -0.85 11.29 28.50
N LEU A 78 -1.64 11.08 29.57
CA LEU A 78 -2.99 10.49 29.44
C LEU A 78 -3.98 11.56 29.99
N SER A 79 -4.70 12.21 29.09
CA SER A 79 -5.61 13.20 29.54
C SER A 79 -7.11 12.92 29.37
N THR A 80 -7.87 13.47 30.32
CA THR A 80 -9.35 13.46 30.31
C THR A 80 -9.61 14.94 30.62
N ARG A 81 -10.81 15.43 30.34
CA ARG A 81 -11.13 16.84 30.67
C ARG A 81 -10.77 17.12 32.12
N ASN A 82 -11.05 16.15 33.01
CA ASN A 82 -10.72 16.33 34.43
C ASN A 82 -9.31 16.01 34.84
N LEU A 83 -8.69 15.05 34.17
CA LEU A 83 -7.38 14.64 34.60
C LEU A 83 -6.33 14.58 33.53
N CYS A 84 -5.10 14.46 34.00
CA CYS A 84 -3.96 14.38 33.14
C CYS A 84 -2.98 13.49 33.91
N LEU A 85 -2.52 12.43 33.31
CA LEU A 85 -1.57 11.61 34.07
C LEU A 85 -0.26 11.53 33.30
N PHE A 86 0.81 11.96 33.97
CA PHE A 86 2.16 11.93 33.44
C PHE A 86 2.93 10.73 34.01
N LEU A 87 3.49 9.90 33.13
CA LEU A 87 4.28 8.77 33.62
C LEU A 87 5.73 8.98 33.10
N ARG A 88 6.69 9.13 33.99
CA ARG A 88 8.09 9.30 33.56
C ARG A 88 8.70 7.90 33.69
N LEU A 89 8.86 7.24 32.53
CA LEU A 89 9.33 5.86 32.40
C LEU A 89 10.72 5.42 32.88
N PRO A 90 10.84 4.17 33.37
CA PRO A 90 12.14 3.66 33.85
C PRO A 90 13.01 3.27 32.67
N LYS A 91 14.24 2.83 32.95
CA LYS A 91 15.10 2.44 31.86
C LYS A 91 14.92 0.96 31.42
N PRO A 92 15.63 0.02 32.06
CA PRO A 92 15.40 -1.35 31.60
C PRO A 92 13.98 -1.85 31.85
N PHE A 93 12.97 -1.13 31.36
CA PHE A 93 11.58 -1.52 31.52
C PHE A 93 11.39 -2.91 32.17
N HIS A 94 10.94 -2.97 33.42
CA HIS A 94 10.69 -4.26 34.04
C HIS A 94 9.18 -4.56 34.10
N ASP A 95 8.86 -5.77 34.55
CA ASP A 95 7.49 -6.23 34.64
C ASP A 95 6.49 -5.21 35.14
N ASN A 96 6.98 -4.29 35.96
CA ASN A 96 6.11 -3.28 36.50
C ASN A 96 5.58 -2.32 35.44
N LEU A 97 5.90 -2.57 34.17
CA LEU A 97 5.38 -1.76 33.07
C LEU A 97 4.29 -2.50 32.27
N LYS A 98 4.01 -3.72 32.70
CA LYS A 98 2.99 -4.50 32.00
C LYS A 98 1.63 -3.79 32.15
N ASP A 99 1.43 -3.08 33.27
CA ASP A 99 0.19 -2.34 33.42
C ASP A 99 0.08 -1.29 32.31
N LEU A 100 1.19 -0.62 31.98
CA LEU A 100 1.17 0.41 30.95
C LEU A 100 0.91 -0.27 29.60
N TYR A 101 1.52 -1.42 29.34
CA TYR A 101 1.28 -2.07 28.06
C TYR A 101 -0.18 -2.52 28.00
N ARG A 102 -0.70 -3.05 29.10
CA ARG A 102 -2.11 -3.51 29.12
C ARG A 102 -3.09 -2.31 29.01
N PHE A 103 -2.71 -1.18 29.61
CA PHE A 103 -3.58 -0.01 29.54
C PHE A 103 -3.65 0.46 28.08
N PHE A 104 -2.50 0.49 27.41
CA PHE A 104 -2.47 0.94 26.03
C PHE A 104 -3.09 -0.04 25.07
N ALA A 105 -3.14 -1.32 25.48
CA ALA A 105 -3.75 -2.38 24.67
C ALA A 105 -5.30 -2.39 24.86
N SER A 106 -5.78 -1.74 25.90
CA SER A 106 -7.21 -1.74 26.21
C SER A 106 -8.22 -1.36 25.13
N LYS A 107 -9.25 -2.18 24.99
CA LYS A 107 -10.33 -1.86 24.06
C LYS A 107 -11.52 -1.18 24.79
N PHE A 108 -11.33 -0.83 26.06
CA PHE A 108 -12.42 -0.19 26.87
C PHE A 108 -12.63 1.20 26.35
N VAL A 109 -11.49 1.81 26.01
CA VAL A 109 -11.43 3.18 25.54
C VAL A 109 -10.67 3.38 24.24
N THR A 110 -10.70 4.62 23.80
CA THR A 110 -10.00 5.08 22.59
C THR A 110 -8.92 6.07 22.97
N PHE A 111 -7.70 5.84 22.46
CA PHE A 111 -6.55 6.73 22.75
C PHE A 111 -6.46 7.76 21.63
N VAL A 112 -6.67 9.01 21.99
CA VAL A 112 -6.72 10.12 21.05
C VAL A 112 -5.45 10.98 21.12
N GLY A 113 -4.56 10.86 20.14
CA GLY A 113 -3.34 11.63 20.12
C GLY A 113 -3.32 12.58 18.94
N VAL A 114 -2.32 13.45 18.86
CA VAL A 114 -2.15 14.38 17.70
C VAL A 114 -0.78 14.12 17.04
N GLN A 115 -0.80 13.94 15.71
CA GLN A 115 0.43 13.65 14.94
C GLN A 115 1.19 12.48 15.60
N ILE A 116 0.46 11.38 15.78
CA ILE A 116 0.99 10.21 16.44
C ILE A 116 1.37 9.01 15.51
N GLU A 117 1.29 9.17 14.18
CA GLU A 117 1.59 8.01 13.31
C GLU A 117 3.04 7.53 13.46
N GLU A 118 3.98 8.47 13.37
CA GLU A 118 5.39 8.13 13.51
C GLU A 118 5.56 7.58 14.94
N ASP A 119 5.01 8.25 15.94
CA ASP A 119 5.10 7.72 17.31
C ASP A 119 4.66 6.23 17.37
N LEU A 120 3.51 5.89 16.79
CA LEU A 120 3.05 4.48 16.82
C LEU A 120 4.10 3.46 16.31
N ASP A 121 4.78 3.79 15.21
CA ASP A 121 5.80 2.87 14.70
C ASP A 121 6.99 2.80 15.64
N LEU A 122 7.33 3.93 16.28
CA LEU A 122 8.47 3.96 17.22
C LEU A 122 8.13 3.13 18.47
N LEU A 123 6.91 3.35 19.01
CA LEU A 123 6.46 2.62 20.21
C LEU A 123 6.51 1.08 19.94
N ARG A 124 6.01 0.70 18.76
CA ARG A 124 5.96 -0.69 18.38
C ARG A 124 7.33 -1.31 18.08
N GLU A 125 8.07 -0.72 17.15
CA GLU A 125 9.39 -1.19 16.77
C GLU A 125 10.42 -1.04 17.88
N ASN A 126 10.25 -0.05 18.77
CA ASN A 126 11.31 0.14 19.77
C ASN A 126 11.00 -0.39 21.16
N HIS A 127 9.72 -0.41 21.54
CA HIS A 127 9.34 -0.87 22.89
C HIS A 127 8.39 -2.05 22.99
N GLY A 128 7.96 -2.59 21.85
CA GLY A 128 7.03 -3.71 21.90
C GLY A 128 5.66 -3.30 22.48
N LEU A 129 5.31 -2.00 22.36
CA LEU A 129 4.05 -1.47 22.87
C LEU A 129 3.13 -1.20 21.67
N VAL A 130 1.88 -1.70 21.75
CA VAL A 130 0.86 -1.60 20.67
C VAL A 130 -0.39 -0.84 21.14
N ILE A 131 -0.90 0.09 20.33
CA ILE A 131 -2.12 0.77 20.73
C ILE A 131 -3.21 0.24 19.77
N ARG A 132 -4.08 -0.62 20.29
CA ARG A 132 -5.08 -1.23 19.42
C ARG A 132 -6.21 -0.28 19.03
N ASN A 133 -6.46 0.76 19.85
CA ASN A 133 -7.57 1.71 19.59
C ASN A 133 -7.10 3.17 19.60
N ALA A 134 -6.51 3.57 18.49
CA ALA A 134 -5.97 4.90 18.33
C ALA A 134 -6.66 5.66 17.19
N ILE A 135 -6.76 6.97 17.37
CA ILE A 135 -7.32 7.85 16.38
C ILE A 135 -6.39 9.06 16.28
N ASN A 136 -5.71 9.18 15.12
CA ASN A 136 -4.88 10.32 14.76
C ASN A 136 -6.01 11.31 14.37
N VAL A 137 -6.43 12.10 15.34
CA VAL A 137 -7.57 12.98 15.21
C VAL A 137 -7.48 14.04 14.12
N GLY A 138 -6.24 14.44 13.81
CA GLY A 138 -6.03 15.45 12.76
C GLY A 138 -7.00 15.31 11.62
N LYS A 139 -6.98 14.18 10.93
CA LYS A 139 -7.88 13.92 9.79
C LYS A 139 -9.37 13.90 10.22
N LEU A 140 -9.71 13.17 11.27
CA LEU A 140 -11.11 13.17 11.66
C LEU A 140 -11.64 14.62 11.70
N ALA A 141 -10.94 15.48 12.45
CA ALA A 141 -11.33 16.86 12.58
C ALA A 141 -11.27 17.40 11.18
N ALA A 142 -10.36 16.85 10.38
CA ALA A 142 -10.27 17.33 9.04
C ALA A 142 -11.64 17.05 8.41
N GLU A 143 -11.82 15.82 7.94
CA GLU A 143 -13.06 15.41 7.27
C GLU A 143 -14.31 16.05 7.81
N ALA A 144 -14.59 15.71 9.05
CA ALA A 144 -15.75 16.20 9.74
C ALA A 144 -15.92 17.67 9.41
N ARG A 145 -14.82 18.37 9.23
CA ARG A 145 -14.88 19.79 8.96
C ARG A 145 -14.78 20.16 7.46
N GLY A 146 -14.41 19.20 6.62
CA GLY A 146 -14.22 19.51 5.20
C GLY A 146 -13.22 20.68 5.05
N THR A 147 -12.08 20.58 5.75
CA THR A 147 -11.02 21.59 5.76
C THR A 147 -9.79 20.71 5.82
N LEU A 148 -9.24 20.39 4.65
CA LEU A 148 -8.10 19.49 4.51
C LEU A 148 -6.92 19.72 5.42
N VAL A 149 -6.66 20.98 5.74
CA VAL A 149 -5.47 21.23 6.54
C VAL A 149 -5.47 20.68 7.98
N LEU A 150 -6.64 20.47 8.58
CA LEU A 150 -6.67 19.99 10.00
C LEU A 150 -5.78 18.77 10.27
N GLU A 151 -5.57 17.93 9.27
CA GLU A 151 -4.76 16.73 9.42
C GLU A 151 -3.34 17.11 9.80
N PHE A 152 -2.80 18.06 9.04
CA PHE A 152 -1.40 18.51 9.14
C PHE A 152 -1.10 19.64 10.13
N LEU A 153 -1.83 19.64 11.23
CA LEU A 153 -1.72 20.65 12.29
C LEU A 153 -1.08 20.19 13.60
N GLY A 154 -0.23 21.04 14.20
CA GLY A 154 0.34 20.71 15.50
C GLY A 154 -0.79 20.80 16.52
N THR A 155 -0.54 20.37 17.76
CA THR A 155 -1.61 20.33 18.76
C THR A 155 -2.34 21.65 19.08
N ARG A 156 -1.58 22.71 19.39
CA ARG A 156 -2.17 24.00 19.74
C ARG A 156 -3.00 24.49 18.59
N GLU A 157 -2.38 24.49 17.40
CA GLU A 157 -3.03 25.00 16.21
C GLU A 157 -4.30 24.25 15.85
N LEU A 158 -4.31 22.92 15.97
CA LEU A 158 -5.54 22.18 15.65
C LEU A 158 -6.66 22.73 16.58
N ALA A 159 -6.39 22.78 17.89
CA ALA A 159 -7.33 23.31 18.86
C ALA A 159 -7.79 24.71 18.38
N HIS A 160 -6.85 25.51 17.88
CA HIS A 160 -7.17 26.84 17.36
C HIS A 160 -8.23 26.84 16.25
N ARG A 161 -7.89 26.19 15.12
CA ARG A 161 -8.75 26.14 13.94
C ARG A 161 -10.09 25.43 14.13
N VAL A 162 -10.21 24.64 15.18
CA VAL A 162 -11.45 23.91 15.48
C VAL A 162 -12.34 24.58 16.57
N LEU A 163 -11.71 25.15 17.61
CA LEU A 163 -12.38 25.75 18.77
C LEU A 163 -12.44 27.31 18.83
N TRP A 164 -11.30 27.98 18.61
CA TRP A 164 -11.19 29.46 18.67
C TRP A 164 -11.35 29.99 20.12
N SER A 165 -10.54 29.49 21.06
CA SER A 165 -10.60 29.89 22.48
C SER A 165 -9.46 30.79 23.02
N ASP A 166 -9.22 30.71 24.31
CA ASP A 166 -8.14 31.51 24.88
C ASP A 166 -6.93 30.61 25.11
N LEU A 167 -5.98 30.72 24.18
CA LEU A 167 -4.78 29.90 24.24
C LEU A 167 -3.60 30.80 24.65
N GLY A 168 -3.93 31.97 25.20
CA GLY A 168 -2.87 32.88 25.60
C GLY A 168 -1.91 32.36 26.69
N GLN A 169 -2.44 31.59 27.64
CA GLN A 169 -1.60 31.14 28.73
C GLN A 169 -0.66 30.10 28.22
N LEU A 170 -1.18 29.16 27.41
CA LEU A 170 -0.35 28.09 26.80
C LEU A 170 0.78 28.73 26.00
N ASP A 171 0.39 29.53 24.99
CA ASP A 171 1.33 30.17 24.11
C ASP A 171 2.53 30.75 24.83
N SER A 172 2.26 31.67 25.74
CA SER A 172 3.29 32.34 26.54
C SER A 172 4.32 31.36 27.10
N ILE A 173 3.87 30.19 27.56
CA ILE A 173 4.76 29.16 28.08
C ILE A 173 5.55 28.54 26.93
N GLU A 174 4.83 28.06 25.92
CA GLU A 174 5.47 27.43 24.80
C GLU A 174 6.38 28.31 23.95
N ALA A 175 6.02 29.58 23.77
CA ALA A 175 6.87 30.43 22.97
C ALA A 175 8.21 30.67 23.68
N LYS A 176 8.28 30.36 24.99
CA LYS A 176 9.52 30.55 25.76
C LYS A 176 9.97 29.22 26.39
N TRP A 177 9.43 28.13 25.85
CA TRP A 177 9.66 26.77 26.29
C TRP A 177 11.02 26.40 26.83
N GLU A 178 12.00 26.48 25.95
CA GLU A 178 13.38 26.15 26.23
C GLU A 178 13.85 26.77 27.57
N LYS A 179 13.31 27.95 27.88
CA LYS A 179 13.64 28.63 29.14
C LYS A 179 12.56 28.36 30.17
N ALA A 180 11.55 27.58 29.78
CA ALA A 180 10.46 27.26 30.71
C ALA A 180 10.85 26.15 31.69
N GLY A 181 10.58 26.40 32.97
CA GLY A 181 10.88 25.43 33.99
C GLY A 181 9.86 24.29 33.95
N PRO A 182 10.11 23.25 34.73
CA PRO A 182 9.20 22.10 34.76
C PRO A 182 7.70 22.39 34.93
N GLU A 183 7.33 22.97 36.07
CA GLU A 183 5.93 23.29 36.36
C GLU A 183 5.24 24.01 35.18
N GLU A 184 5.94 24.97 34.53
CA GLU A 184 5.35 25.65 33.36
C GLU A 184 5.19 24.66 32.20
N GLN A 185 6.24 23.88 31.91
CA GLN A 185 6.13 22.91 30.83
C GLN A 185 5.05 21.93 31.27
N LEU A 186 4.93 21.73 32.59
CA LEU A 186 3.88 20.80 33.10
C LEU A 186 2.50 21.45 32.85
N GLU A 187 2.40 22.75 33.13
CA GLU A 187 1.13 23.45 32.92
C GLU A 187 0.71 23.39 31.44
N ALA A 188 1.68 23.68 30.58
CA ALA A 188 1.41 23.65 29.15
C ALA A 188 0.92 22.25 28.76
N ALA A 189 1.58 21.21 29.28
CA ALA A 189 1.15 19.86 28.97
C ALA A 189 -0.27 19.55 29.48
N ALA A 190 -0.70 20.11 30.59
CA ALA A 190 -2.06 19.77 31.04
C ALA A 190 -2.99 20.57 30.11
N ILE A 191 -2.59 21.81 29.82
CA ILE A 191 -3.39 22.66 28.95
C ILE A 191 -3.70 21.95 27.62
N GLU A 192 -2.65 21.45 26.94
CA GLU A 192 -2.90 20.77 25.66
C GLU A 192 -3.61 19.43 25.88
N GLY A 193 -3.47 18.84 27.06
CA GLY A 193 -4.19 17.58 27.33
C GLY A 193 -5.67 17.95 27.34
N TRP A 194 -6.01 18.91 28.20
CA TRP A 194 -7.40 19.38 28.31
C TRP A 194 -7.92 19.81 26.95
N LEU A 195 -7.08 20.51 26.19
CA LEU A 195 -7.54 20.93 24.88
C LEU A 195 -7.97 19.83 23.92
N ILE A 196 -7.13 18.82 23.64
CA ILE A 196 -7.53 17.79 22.65
C ILE A 196 -8.77 17.08 23.16
N VAL A 197 -8.99 17.11 24.49
CA VAL A 197 -10.25 16.55 24.99
C VAL A 197 -11.42 17.40 24.38
N ASN A 198 -11.32 18.72 24.50
CA ASN A 198 -12.36 19.65 23.97
C ASN A 198 -12.54 19.56 22.44
N VAL A 199 -11.44 19.42 21.69
CA VAL A 199 -11.54 19.32 20.24
C VAL A 199 -12.25 18.02 19.93
N TRP A 200 -11.84 16.97 20.63
CA TRP A 200 -12.46 15.68 20.37
C TRP A 200 -13.98 15.76 20.61
N ASP A 201 -14.36 16.42 21.70
CA ASP A 201 -15.76 16.58 22.04
C ASP A 201 -16.63 17.06 20.85
N GLN A 202 -16.07 17.87 19.97
CA GLN A 202 -16.86 18.28 18.82
C GLN A 202 -17.05 17.10 17.85
N LEU A 203 -16.04 16.25 17.75
CA LEU A 203 -16.10 15.10 16.85
C LEU A 203 -16.63 13.75 17.42
N SER A 204 -16.99 13.72 18.71
CA SER A 204 -17.47 12.49 19.35
C SER A 204 -18.88 11.98 18.98
N ASP A 205 -19.63 11.50 19.97
CA ASP A 205 -20.98 10.95 19.73
C ASP A 205 -22.03 11.96 19.29
N GLU A 206 -21.62 12.87 18.41
CA GLU A 206 -22.51 13.91 17.92
C GLU A 206 -23.91 13.39 17.54
N SER B 1 27.02 37.83 19.28
CA SER B 1 25.75 37.78 20.07
C SER B 1 24.88 36.57 19.66
N ALA B 2 23.56 36.69 19.75
CA ALA B 2 22.67 35.59 19.38
C ALA B 2 21.44 36.09 18.61
N SER B 3 21.65 36.48 17.37
CA SER B 3 20.52 36.97 16.61
C SER B 3 20.70 36.79 15.11
N PHE B 4 19.66 37.15 14.38
CA PHE B 4 19.69 37.00 12.94
C PHE B 4 20.31 38.22 12.32
N ASP B 5 21.64 38.27 12.47
CA ASP B 5 22.40 39.41 11.99
C ASP B 5 23.09 39.18 10.67
N GLY B 6 22.75 38.10 9.95
CA GLY B 6 23.37 37.90 8.66
C GLY B 6 22.74 38.88 7.69
N PRO B 7 23.01 38.75 6.38
CA PRO B 7 22.39 39.70 5.44
C PRO B 7 20.87 39.67 5.66
N LYS B 8 20.23 40.83 5.49
CA LYS B 8 18.77 40.97 5.65
C LYS B 8 18.29 41.16 4.21
N PHE B 9 17.11 40.63 3.84
CA PHE B 9 16.61 40.81 2.47
C PHE B 9 15.19 41.38 2.46
N LYS B 10 14.94 42.32 1.57
CA LYS B 10 13.60 42.92 1.45
C LYS B 10 12.87 42.12 0.40
N THR B 12 9.50 41.25 -2.20
CA THR B 12 8.72 41.81 -3.29
C THR B 12 7.69 42.81 -2.81
N ASP B 13 6.99 42.45 -1.73
CA ASP B 13 5.93 43.31 -1.17
C ASP B 13 6.44 44.25 -0.05
N GLY B 14 7.73 44.52 -0.02
CA GLY B 14 8.20 45.39 1.03
C GLY B 14 8.44 44.78 2.41
N SER B 15 8.02 43.55 2.69
CA SER B 15 8.34 43.01 4.03
C SER B 15 9.82 42.63 3.99
N TYR B 16 10.37 42.36 5.18
CA TYR B 16 11.78 41.99 5.33
C TYR B 16 12.03 40.59 5.86
N VAL B 17 12.98 39.89 5.26
CA VAL B 17 13.33 38.59 5.79
C VAL B 17 14.71 38.74 6.32
N GLN B 18 14.82 38.58 7.63
CA GLN B 18 16.10 38.67 8.31
C GLN B 18 16.69 37.30 8.22
N THR B 19 17.98 37.25 8.02
CA THR B 19 18.58 35.94 7.92
C THR B 19 19.71 35.69 8.89
N LYS B 20 20.15 34.44 8.92
CA LYS B 20 21.28 33.99 9.73
C LYS B 20 21.77 32.66 9.21
N THR B 21 22.98 32.63 8.67
CA THR B 21 23.62 31.39 8.18
C THR B 21 24.57 30.85 9.24
N ILE B 22 24.58 29.55 9.49
CA ILE B 22 25.44 28.96 10.53
C ILE B 22 26.28 27.80 10.05
N ASP B 23 27.57 27.91 10.29
CA ASP B 23 28.54 26.90 9.88
C ASP B 23 28.61 25.98 11.11
N VAL B 24 27.85 24.89 11.12
CA VAL B 24 27.82 24.01 12.29
C VAL B 24 28.84 22.92 12.18
N GLY B 25 29.57 22.69 13.27
CA GLY B 25 30.57 21.65 13.28
C GLY B 25 30.16 20.64 14.32
N SER B 26 31.12 20.15 15.09
CA SER B 26 30.73 19.20 16.14
C SER B 26 30.70 19.96 17.47
N SER B 27 30.77 21.29 17.34
CA SER B 27 30.80 22.14 18.49
C SER B 27 29.69 23.20 18.63
N THR B 28 29.19 23.75 17.52
CA THR B 28 28.19 24.80 17.63
C THR B 28 26.93 24.48 18.49
N ASP B 29 26.62 25.33 19.46
CA ASP B 29 25.40 25.15 20.24
C ASP B 29 24.33 25.67 19.26
N ILE B 30 23.59 24.78 18.61
CA ILE B 30 22.59 25.27 17.69
C ILE B 30 21.26 25.20 18.36
N SER B 31 21.26 25.39 19.68
CA SER B 31 20.01 25.37 20.38
C SER B 31 19.55 26.79 20.54
N PRO B 32 20.48 27.74 20.68
CA PRO B 32 19.97 29.09 20.80
C PRO B 32 19.10 29.49 19.61
N TYR B 33 19.65 29.28 18.39
CA TYR B 33 18.96 29.67 17.16
C TYR B 33 17.73 28.82 16.91
N LEU B 34 17.81 27.51 17.16
CA LEU B 34 16.61 26.71 17.01
C LEU B 34 15.53 27.33 17.90
N SER B 35 15.90 27.75 19.11
CA SER B 35 14.90 28.31 19.98
C SER B 35 14.40 29.62 19.37
N LEU B 36 15.26 30.34 18.64
CA LEU B 36 14.83 31.57 17.97
C LEU B 36 13.82 31.25 16.86
N ILE B 37 13.96 30.07 16.24
CA ILE B 37 12.96 29.68 15.23
C ILE B 37 11.62 29.42 15.95
N ARG B 38 11.69 28.66 17.02
CA ARG B 38 10.51 28.31 17.82
C ARG B 38 9.70 29.56 18.23
N GLU B 39 10.38 30.60 18.66
CA GLU B 39 9.64 31.79 19.06
C GLU B 39 8.96 32.52 17.88
N ASP B 40 9.72 32.87 16.86
CA ASP B 40 9.16 33.59 15.72
C ASP B 40 7.94 32.86 15.17
N SER B 41 8.00 31.52 15.10
CA SER B 41 6.86 30.76 14.56
C SER B 41 5.59 30.94 15.38
N ILE B 42 5.69 30.63 16.68
CA ILE B 42 4.53 30.74 17.53
C ILE B 42 4.03 32.20 17.70
N LEU B 43 4.93 33.17 17.66
CA LEU B 43 4.51 34.56 17.82
C LEU B 43 4.10 35.27 16.54
N ASN B 44 4.97 35.23 15.53
CA ASN B 44 4.73 35.94 14.27
C ASN B 44 4.42 35.14 13.00
N GLY B 45 4.43 33.79 13.08
CA GLY B 45 4.20 33.02 11.87
C GLY B 45 3.20 31.87 11.88
N ASN B 46 2.19 31.96 12.74
CA ASN B 46 1.16 30.95 12.74
C ASN B 46 1.62 29.49 12.81
N ARG B 47 2.55 29.26 13.73
CA ARG B 47 3.08 27.92 14.05
C ARG B 47 3.51 26.98 12.91
N ALA B 48 3.96 27.59 11.81
CA ALA B 48 4.53 26.85 10.70
C ALA B 48 6.02 27.17 10.71
N VAL B 49 6.84 26.16 10.36
CA VAL B 49 8.32 26.32 10.21
C VAL B 49 8.68 25.69 8.85
N ILE B 50 9.38 26.48 8.02
CA ILE B 50 9.78 26.01 6.71
C ILE B 50 11.20 25.45 6.70
N PHE B 51 11.42 24.40 5.91
CA PHE B 51 12.75 23.84 5.86
C PHE B 51 13.13 23.38 4.48
N ASP B 52 14.38 22.94 4.37
CA ASP B 52 15.02 22.33 3.21
C ASP B 52 16.29 21.67 3.78
N VAL B 53 16.56 20.49 3.24
CA VAL B 53 17.69 19.70 3.57
C VAL B 53 18.31 19.58 2.16
N TYR B 54 19.52 20.08 1.99
CA TYR B 54 20.17 19.99 0.69
C TYR B 54 21.02 18.79 1.06
N TRP B 55 21.30 17.94 0.08
CA TRP B 55 22.01 16.73 0.33
C TRP B 55 23.40 16.68 -0.28
N ASP B 56 24.31 15.95 0.41
CA ASP B 56 25.69 15.65 -0.05
C ASP B 56 25.46 14.20 -0.48
N VAL B 57 25.47 13.97 -1.78
CA VAL B 57 25.20 12.63 -2.32
C VAL B 57 26.27 11.59 -2.00
N GLY B 58 25.85 10.32 -1.90
CA GLY B 58 26.77 9.25 -1.55
C GLY B 58 26.59 7.81 -2.01
N PHE B 59 27.57 6.98 -1.65
CA PHE B 59 27.60 5.56 -2.04
C PHE B 59 27.33 4.58 -0.88
N THR B 66 24.06 -0.77 -0.39
CA THR B 66 23.10 0.30 -0.13
C THR B 66 23.59 1.74 -0.51
N LYS B 67 23.40 2.13 -1.77
CA LYS B 67 23.92 3.45 -2.24
C LYS B 67 23.46 4.78 -1.55
N THR B 68 22.15 4.88 -1.37
CA THR B 68 21.55 6.05 -0.75
C THR B 68 22.02 6.25 0.69
N SER B 69 22.21 5.14 1.42
CA SER B 69 22.65 5.23 2.81
C SER B 69 23.94 6.05 2.88
N GLY B 70 24.54 6.28 1.70
CA GLY B 70 25.76 7.08 1.60
C GLY B 70 25.35 8.54 1.66
N TRP B 71 24.19 8.90 1.14
CA TRP B 71 23.76 10.31 1.17
C TRP B 71 23.86 10.83 2.61
N SER B 72 24.26 12.08 2.75
CA SER B 72 24.42 12.69 4.07
C SER B 72 23.85 14.09 4.05
N LEU B 73 23.01 14.37 5.05
CA LEU B 73 22.36 15.67 5.18
C LEU B 73 23.38 16.81 5.39
N SER B 74 23.48 17.72 4.43
CA SER B 74 24.48 18.76 4.55
C SER B 74 23.93 20.20 4.64
N SER B 75 22.61 20.33 4.60
CA SER B 75 21.98 21.63 4.79
C SER B 75 20.58 21.41 5.37
N VAL B 76 20.13 22.41 6.13
CA VAL B 76 18.85 22.47 6.78
C VAL B 76 18.55 23.96 6.87
N LYS B 77 17.44 24.37 6.26
CA LYS B 77 16.99 25.74 6.29
C LYS B 77 15.73 25.71 7.16
N LEU B 78 15.50 26.78 7.89
CA LEU B 78 14.33 26.86 8.76
C LEU B 78 13.81 28.30 8.65
N SER B 79 12.58 28.43 8.16
CA SER B 79 12.00 29.75 7.95
C SER B 79 10.62 30.03 8.50
N THR B 80 10.45 31.27 8.92
CA THR B 80 9.17 31.67 9.42
C THR B 80 8.97 33.10 8.94
N ARG B 81 7.83 33.66 9.34
CA ARG B 81 7.43 35.03 9.05
C ARG B 81 8.59 35.97 8.76
N ASN B 82 9.39 36.17 9.80
CA ASN B 82 10.52 37.09 9.77
C ASN B 82 11.94 36.52 9.63
N LEU B 83 12.06 35.20 9.64
CA LEU B 83 13.39 34.59 9.68
C LEU B 83 13.70 33.46 8.71
N CYS B 84 14.98 33.35 8.36
CA CYS B 84 15.43 32.27 7.49
C CYS B 84 16.83 31.71 7.91
N LEU B 85 16.83 30.73 8.83
CA LEU B 85 18.06 30.15 9.36
C LEU B 85 18.62 29.13 8.42
N PHE B 86 19.94 29.10 8.29
CA PHE B 86 20.60 28.16 7.41
C PHE B 86 21.76 27.45 8.12
N LEU B 87 21.58 26.15 8.35
CA LEU B 87 22.56 25.35 9.07
C LEU B 87 23.36 24.51 8.09
N ARG B 88 24.66 24.76 8.04
CA ARG B 88 25.55 23.99 7.17
C ARG B 88 26.06 22.90 8.11
N LEU B 89 25.89 21.64 7.73
CA LEU B 89 26.26 20.57 8.68
C LEU B 89 27.49 19.78 8.32
N PRO B 90 28.23 19.31 9.34
CA PRO B 90 29.45 18.53 9.05
C PRO B 90 29.09 17.10 8.68
N LYS B 91 30.13 16.35 8.27
CA LYS B 91 29.98 14.95 7.92
C LYS B 91 31.18 14.24 8.57
N PRO B 92 30.93 13.36 9.56
CA PRO B 92 29.59 13.00 10.06
C PRO B 92 29.06 13.93 11.17
N PHE B 93 27.80 13.72 11.58
CA PHE B 93 27.24 14.52 12.68
C PHE B 93 27.84 14.05 13.98
N HIS B 94 27.85 14.93 14.98
CA HIS B 94 28.23 14.56 16.34
C HIS B 94 27.01 14.86 17.23
N ASP B 95 27.08 14.39 18.49
CA ASP B 95 26.03 14.52 19.50
C ASP B 95 25.47 15.93 19.60
N ASN B 96 26.26 16.91 19.21
CA ASN B 96 25.80 18.27 19.30
C ASN B 96 24.57 18.47 18.43
N LEU B 97 24.29 17.55 17.52
CA LEU B 97 23.07 17.70 16.72
C LEU B 97 21.82 17.02 17.29
N LYS B 98 21.84 16.57 18.56
CA LYS B 98 20.59 16.01 19.11
C LYS B 98 19.53 17.13 19.15
N ASP B 99 19.98 18.40 19.29
CA ASP B 99 19.03 19.52 19.35
C ASP B 99 18.20 19.69 18.04
N LEU B 100 18.74 19.28 16.90
CA LEU B 100 17.96 19.42 15.64
C LEU B 100 16.93 18.28 15.53
N TYR B 101 17.21 17.11 16.13
CA TYR B 101 16.21 16.02 16.05
C TYR B 101 15.07 16.36 17.03
N ARG B 102 15.43 16.80 18.22
CA ARG B 102 14.43 17.19 19.21
C ARG B 102 13.57 18.33 18.71
N PHE B 103 14.20 19.38 18.18
CA PHE B 103 13.43 20.50 17.64
C PHE B 103 12.57 19.91 16.52
N PHE B 104 13.14 18.98 15.75
CA PHE B 104 12.39 18.40 14.64
C PHE B 104 11.20 17.52 15.04
N ALA B 105 11.25 16.90 16.23
CA ALA B 105 10.13 16.06 16.67
C ALA B 105 8.95 16.89 17.18
N SER B 106 8.99 18.21 17.02
CA SER B 106 7.90 19.07 17.56
C SER B 106 6.56 19.12 16.84
N LYS B 107 5.49 19.11 17.62
CA LYS B 107 4.13 19.24 17.13
C LYS B 107 3.72 20.72 17.34
N PHE B 108 4.58 21.51 17.99
CA PHE B 108 4.24 22.96 18.16
C PHE B 108 4.13 23.57 16.74
N VAL B 109 5.07 23.20 15.89
CA VAL B 109 5.02 23.71 14.55
C VAL B 109 4.92 22.56 13.59
N THR B 110 4.37 22.84 12.42
CA THR B 110 4.26 21.83 11.40
C THR B 110 5.31 22.12 10.37
N PHE B 111 6.45 21.48 10.51
CA PHE B 111 7.52 21.70 9.56
C PHE B 111 6.94 21.49 8.16
N VAL B 112 6.92 22.58 7.41
CA VAL B 112 6.35 22.60 6.07
C VAL B 112 7.47 22.52 5.06
N GLY B 113 7.35 21.60 4.09
CA GLY B 113 8.38 21.44 3.09
C GLY B 113 7.80 21.22 1.68
N VAL B 114 8.64 21.31 0.64
CA VAL B 114 8.20 21.10 -0.76
C VAL B 114 8.96 19.87 -1.28
N GLN B 115 8.26 18.98 -1.99
CA GLN B 115 8.88 17.73 -2.51
C GLN B 115 9.89 17.14 -1.45
N ILE B 116 9.36 16.52 -0.39
CA ILE B 116 10.17 15.98 0.71
C ILE B 116 9.88 14.49 1.05
N GLU B 117 9.12 13.79 0.22
CA GLU B 117 8.80 12.39 0.57
C GLU B 117 10.10 11.56 0.60
N GLU B 118 10.97 11.72 -0.40
CA GLU B 118 12.26 11.02 -0.37
C GLU B 118 13.10 11.54 0.82
N ASP B 119 13.14 12.86 1.02
CA ASP B 119 13.89 13.46 2.13
C ASP B 119 13.49 12.85 3.48
N LEU B 120 12.17 12.78 3.75
CA LEU B 120 11.74 12.25 5.02
C LEU B 120 12.23 10.83 5.12
N ASP B 121 12.14 10.05 4.04
CA ASP B 121 12.65 8.67 4.11
C ASP B 121 14.21 8.62 4.22
N LEU B 122 14.92 9.67 3.79
CA LEU B 122 16.40 9.65 3.92
C LEU B 122 16.82 10.00 5.35
N LEU B 123 16.19 11.02 5.93
CA LEU B 123 16.39 11.41 7.36
C LEU B 123 16.18 10.21 8.32
N ARG B 124 15.00 9.60 8.21
CA ARG B 124 14.66 8.47 9.07
C ARG B 124 15.66 7.32 8.84
N GLU B 125 15.85 6.93 7.58
CA GLU B 125 16.71 5.81 7.29
C GLU B 125 18.19 6.08 7.51
N ASN B 126 18.65 7.27 7.12
CA ASN B 126 20.11 7.54 7.19
C ASN B 126 20.60 8.27 8.42
N HIS B 127 19.70 9.03 9.08
CA HIS B 127 20.09 9.81 10.26
C HIS B 127 19.31 9.65 11.58
N GLY B 128 18.43 8.63 11.67
CA GLY B 128 17.63 8.45 12.88
C GLY B 128 16.65 9.64 13.05
N LEU B 129 16.52 10.50 12.04
CA LEU B 129 15.63 11.66 12.09
C LEU B 129 14.23 11.43 11.47
N VAL B 130 13.23 11.62 12.33
CA VAL B 130 11.81 11.44 11.97
C VAL B 130 11.12 12.78 12.24
N ILE B 131 10.55 13.43 11.22
CA ILE B 131 9.86 14.70 11.48
C ILE B 131 8.48 14.28 11.97
N ARG B 132 8.14 14.52 13.25
CA ARG B 132 6.85 13.99 13.67
C ARG B 132 5.66 14.62 13.02
N ASN B 133 5.82 15.85 12.50
CA ASN B 133 4.70 16.52 11.88
C ASN B 133 5.10 17.49 10.80
N ALA B 134 4.88 17.11 9.54
CA ALA B 134 5.24 18.01 8.44
C ALA B 134 4.29 17.92 7.27
N ILE B 135 4.52 18.78 6.31
CA ILE B 135 3.67 18.67 5.15
C ILE B 135 4.50 18.98 3.92
N ASN B 136 4.27 18.18 2.86
CA ASN B 136 4.94 18.30 1.58
C ASN B 136 3.94 19.19 0.81
N VAL B 137 3.75 20.41 1.34
CA VAL B 137 2.75 21.36 0.92
C VAL B 137 2.10 21.21 -0.48
N GLY B 138 2.89 20.84 -1.51
CA GLY B 138 2.36 20.69 -2.85
C GLY B 138 1.22 19.68 -2.97
N LYS B 139 1.18 18.69 -2.08
CA LYS B 139 0.08 17.71 -2.16
C LYS B 139 -1.26 18.24 -1.52
N LEU B 140 -1.20 18.95 -0.38
CA LEU B 140 -2.42 19.50 0.23
C LEU B 140 -2.96 20.48 -0.84
N ALA B 141 -2.08 21.35 -1.37
CA ALA B 141 -2.53 22.36 -2.35
C ALA B 141 -3.30 21.77 -3.54
N ALA B 142 -2.71 20.82 -4.23
CA ALA B 142 -3.41 20.20 -5.37
C ALA B 142 -4.83 19.83 -4.94
N GLU B 143 -4.92 19.11 -3.83
CA GLU B 143 -6.21 18.67 -3.30
C GLU B 143 -7.11 19.83 -2.90
N ALA B 144 -6.56 20.84 -2.24
CA ALA B 144 -7.37 21.96 -1.79
C ALA B 144 -7.79 22.82 -2.95
N ARG B 145 -6.91 22.93 -3.94
CA ARG B 145 -7.20 23.77 -5.10
C ARG B 145 -7.96 23.05 -6.22
N GLY B 146 -7.98 21.73 -6.18
CA GLY B 146 -8.64 20.98 -7.23
C GLY B 146 -7.83 21.12 -8.50
N THR B 147 -6.50 21.05 -8.34
CA THR B 147 -5.60 21.18 -9.48
C THR B 147 -4.42 20.22 -9.29
N LEU B 148 -4.62 18.97 -9.72
CA LEU B 148 -3.65 17.88 -9.61
C LEU B 148 -2.22 18.31 -9.82
N VAL B 149 -2.04 19.24 -10.75
CA VAL B 149 -0.71 19.62 -11.17
C VAL B 149 0.19 20.29 -10.12
N LEU B 150 -0.43 20.82 -9.07
CA LEU B 150 0.29 21.48 -7.98
C LEU B 150 1.07 20.46 -7.18
N GLU B 151 0.50 19.26 -7.02
CA GLU B 151 1.16 18.21 -6.24
C GLU B 151 2.53 17.81 -6.83
N PHE B 152 2.78 18.23 -8.06
CA PHE B 152 3.99 17.86 -8.75
C PHE B 152 4.93 19.02 -9.07
N LEU B 153 4.67 20.22 -8.55
CA LEU B 153 5.58 21.35 -8.86
C LEU B 153 6.70 21.56 -7.85
N GLY B 154 7.78 22.24 -8.28
CA GLY B 154 8.88 22.55 -7.38
C GLY B 154 8.47 23.81 -6.60
N THR B 155 9.26 24.21 -5.62
CA THR B 155 9.00 25.36 -4.75
C THR B 155 8.55 26.59 -5.56
N ARG B 156 9.21 26.84 -6.70
CA ARG B 156 8.80 27.98 -7.51
C ARG B 156 7.35 27.99 -8.02
N GLU B 157 7.12 27.25 -9.12
CA GLU B 157 5.80 27.18 -9.73
C GLU B 157 4.71 27.12 -8.66
N LEU B 158 4.88 26.36 -7.57
CA LEU B 158 3.79 26.37 -6.55
C LEU B 158 3.52 27.83 -6.13
N ALA B 159 4.52 28.50 -5.54
CA ALA B 159 4.38 29.89 -5.10
C ALA B 159 3.68 30.68 -6.19
N HIS B 160 4.22 30.52 -7.39
CA HIS B 160 3.66 31.19 -8.54
C HIS B 160 2.25 30.71 -8.85
N ARG B 161 1.98 29.40 -8.74
CA ARG B 161 0.65 28.90 -9.11
C ARG B 161 -0.34 29.13 -7.98
N VAL B 162 0.12 29.16 -6.74
CA VAL B 162 -0.79 29.37 -5.63
C VAL B 162 -1.07 30.86 -5.36
N LEU B 163 0.01 31.65 -5.29
CA LEU B 163 0.01 33.09 -4.99
C LEU B 163 -0.12 33.94 -6.25
N TRP B 164 0.81 33.80 -7.20
CA TRP B 164 0.83 34.56 -8.47
C TRP B 164 1.45 35.90 -8.21
N SER B 165 2.75 35.91 -7.90
CA SER B 165 3.41 37.14 -7.57
C SER B 165 4.68 37.29 -8.39
N ASP B 166 5.35 38.43 -8.21
CA ASP B 166 6.57 38.71 -8.94
C ASP B 166 7.69 37.78 -8.54
N LEU B 167 8.23 37.07 -9.54
CA LEU B 167 9.31 36.13 -9.25
C LEU B 167 10.51 36.38 -10.10
N GLY B 168 10.59 37.60 -10.60
CA GLY B 168 11.68 37.97 -11.46
C GLY B 168 12.96 37.92 -10.66
N GLN B 169 12.93 38.44 -9.44
CA GLN B 169 14.13 38.45 -8.61
C GLN B 169 14.65 37.01 -8.46
N LEU B 170 13.88 36.17 -7.78
CA LEU B 170 14.27 34.77 -7.65
C LEU B 170 14.65 34.16 -9.01
N ASP B 171 13.79 34.37 -10.01
CA ASP B 171 14.07 33.82 -11.32
C ASP B 171 15.43 34.14 -11.89
N SER B 172 15.89 35.38 -11.77
CA SER B 172 17.19 35.69 -12.34
C SER B 172 18.35 35.02 -11.59
N ILE B 173 18.20 34.82 -10.27
CA ILE B 173 19.29 34.17 -9.53
C ILE B 173 19.36 32.68 -9.88
N GLU B 174 18.24 31.99 -9.71
CA GLU B 174 18.29 30.58 -9.98
C GLU B 174 18.65 30.32 -11.42
N ALA B 175 18.19 31.19 -12.35
CA ALA B 175 18.45 30.99 -13.78
C ALA B 175 19.93 30.90 -14.11
N LYS B 176 20.78 31.51 -13.28
CA LYS B 176 22.24 31.52 -13.43
C LYS B 176 22.90 31.06 -12.14
N TRP B 177 22.25 30.12 -11.47
CA TRP B 177 22.71 29.59 -10.20
C TRP B 177 24.21 29.28 -10.07
N GLU B 178 24.87 28.99 -11.18
CA GLU B 178 26.29 28.64 -11.14
C GLU B 178 27.22 29.84 -10.93
N LYS B 179 26.77 31.02 -11.33
CA LYS B 179 27.57 32.24 -11.24
C LYS B 179 27.17 33.17 -10.07
N ALA B 180 25.95 33.01 -9.56
CA ALA B 180 25.47 33.86 -8.47
C ALA B 180 26.42 33.93 -7.26
N GLY B 181 26.43 35.08 -6.59
CA GLY B 181 27.29 35.28 -5.43
C GLY B 181 26.96 34.42 -4.20
N PRO B 182 27.62 34.67 -3.06
CA PRO B 182 27.30 33.82 -1.90
C PRO B 182 26.04 34.36 -1.25
N GLU B 183 25.78 35.62 -1.52
CA GLU B 183 24.62 36.28 -0.98
C GLU B 183 23.37 36.16 -1.88
N GLU B 184 23.55 36.09 -3.20
CA GLU B 184 22.39 36.02 -4.11
C GLU B 184 21.57 34.76 -3.90
N GLN B 185 22.23 33.67 -3.58
CA GLN B 185 21.52 32.44 -3.36
C GLN B 185 20.84 32.48 -2.00
N LEU B 186 21.51 33.10 -1.03
CA LEU B 186 20.93 33.21 0.31
C LEU B 186 19.57 33.87 0.07
N GLU B 187 19.61 34.91 -0.75
CA GLU B 187 18.43 35.63 -1.10
C GLU B 187 17.41 34.68 -1.73
N ALA B 188 17.87 33.75 -2.58
CA ALA B 188 16.94 32.80 -3.21
C ALA B 188 16.29 31.86 -2.16
N ALA B 189 17.07 31.26 -1.27
CA ALA B 189 16.54 30.37 -0.25
C ALA B 189 15.63 31.19 0.68
N ALA B 190 16.04 32.41 1.04
CA ALA B 190 15.20 33.22 1.91
C ALA B 190 13.88 33.59 1.19
N ILE B 191 13.94 33.98 -0.10
CA ILE B 191 12.71 34.32 -0.86
C ILE B 191 11.79 33.07 -1.00
N GLU B 192 12.38 31.89 -1.27
CA GLU B 192 11.58 30.67 -1.41
C GLU B 192 10.96 30.30 -0.05
N GLY B 193 11.69 30.48 1.06
CA GLY B 193 11.10 30.16 2.36
C GLY B 193 9.88 31.05 2.59
N TRP B 194 10.08 32.34 2.36
CA TRP B 194 9.04 33.39 2.52
C TRP B 194 7.77 33.02 1.73
N LEU B 195 7.91 32.86 0.41
CA LEU B 195 6.76 32.46 -0.42
C LEU B 195 6.02 31.22 0.16
N ILE B 196 6.75 30.14 0.47
CA ILE B 196 6.04 28.92 0.93
C ILE B 196 5.24 29.26 2.21
N VAL B 197 5.84 30.05 3.11
CA VAL B 197 5.14 30.52 4.33
C VAL B 197 3.80 31.20 3.84
N ASN B 198 3.88 31.92 2.72
CA ASN B 198 2.69 32.57 2.17
C ASN B 198 1.73 31.53 1.58
N VAL B 199 2.29 30.45 1.02
CA VAL B 199 1.45 29.38 0.47
C VAL B 199 0.71 28.75 1.68
N TRP B 200 1.47 28.41 2.71
CA TRP B 200 0.94 27.79 3.91
C TRP B 200 -0.07 28.68 4.66
N ASP B 201 0.11 30.00 4.57
CA ASP B 201 -0.83 30.91 5.26
C ASP B 201 -2.19 30.84 4.53
N GLN B 202 -2.13 30.83 3.20
CA GLN B 202 -3.35 30.79 2.39
C GLN B 202 -4.11 29.44 2.51
N LEU B 203 -3.40 28.30 2.46
CA LEU B 203 -4.03 26.97 2.59
C LEU B 203 -4.55 26.56 3.99
N SER B 204 -4.06 27.22 5.02
CA SER B 204 -4.53 26.87 6.37
C SER B 204 -5.90 27.54 6.48
N ASP B 205 -6.08 28.60 5.67
CA ASP B 205 -7.34 29.35 5.64
C ASP B 205 -8.43 28.78 4.75
N GLU B 206 -8.05 27.88 3.84
CA GLU B 206 -9.03 27.28 2.93
C GLU B 206 -9.52 25.91 3.43
N SER C 1 33.45 28.06 -21.99
CA SER C 1 31.95 28.00 -21.99
C SER C 1 31.41 27.21 -23.19
N ALA C 2 30.49 26.29 -22.96
CA ALA C 2 29.93 25.47 -24.03
C ALA C 2 28.55 25.89 -24.56
N SER C 3 27.99 25.06 -25.45
CA SER C 3 26.68 25.34 -26.01
C SER C 3 26.07 24.07 -26.62
N PHE C 4 24.80 24.11 -27.00
CA PHE C 4 24.24 22.96 -27.68
C PHE C 4 24.61 23.09 -29.19
N ASP C 5 25.81 22.62 -29.55
CA ASP C 5 26.30 22.69 -30.95
C ASP C 5 26.32 21.37 -31.68
N GLY C 6 25.18 20.69 -31.64
CA GLY C 6 25.06 19.41 -32.31
C GLY C 6 24.02 19.69 -33.39
N PRO C 7 23.48 18.68 -34.07
CA PRO C 7 22.50 19.06 -35.07
C PRO C 7 21.32 19.76 -34.44
N LYS C 8 20.60 20.48 -35.28
CA LYS C 8 19.38 21.19 -34.85
C LYS C 8 18.25 20.55 -35.62
N PHE C 9 17.09 20.36 -35.01
CA PHE C 9 15.97 19.73 -35.71
C PHE C 9 14.70 20.58 -35.69
N LYS C 10 14.07 20.67 -36.86
CA LYS C 10 12.84 21.42 -36.95
C LYS C 10 11.74 20.45 -36.55
N THR C 12 7.55 19.76 -36.16
CA THR C 12 6.41 20.00 -37.05
C THR C 12 5.65 21.33 -36.77
N ASP C 13 5.99 22.04 -35.68
CA ASP C 13 5.32 23.33 -35.38
C ASP C 13 6.20 24.49 -35.92
N GLY C 14 7.23 24.15 -36.68
CA GLY C 14 8.11 25.19 -37.22
C GLY C 14 9.18 25.62 -36.23
N SER C 15 9.16 25.08 -35.01
CA SER C 15 10.19 25.46 -34.05
C SER C 15 11.38 24.55 -34.22
N TYR C 16 12.45 24.86 -33.52
CA TYR C 16 13.66 24.07 -33.58
C TYR C 16 14.12 23.55 -32.22
N VAL C 17 14.78 22.40 -32.19
CA VAL C 17 15.35 21.93 -30.96
C VAL C 17 16.85 21.81 -31.17
N GLN C 18 17.64 22.47 -30.33
CA GLN C 18 19.08 22.35 -30.46
C GLN C 18 19.41 21.04 -29.79
N THR C 19 20.61 20.53 -30.05
CA THR C 19 21.05 19.26 -29.53
C THR C 19 22.48 19.30 -28.96
N LYS C 20 22.78 18.30 -28.10
CA LYS C 20 24.10 18.10 -27.48
C LYS C 20 24.15 16.69 -26.95
N THR C 21 24.93 15.84 -27.61
CA THR C 21 25.10 14.47 -27.16
C THR C 21 26.57 14.36 -26.77
N ILE C 22 26.91 14.56 -25.49
CA ILE C 22 28.34 14.46 -25.12
C ILE C 22 28.63 13.24 -24.31
N ASP C 23 29.68 12.50 -24.70
CA ASP C 23 30.08 11.26 -24.02
C ASP C 23 30.98 11.41 -22.78
N VAL C 24 30.34 11.52 -21.62
CA VAL C 24 30.94 11.66 -20.30
C VAL C 24 32.01 10.64 -19.90
N GLY C 25 33.25 11.05 -19.76
CA GLY C 25 34.27 10.14 -19.28
C GLY C 25 34.41 10.42 -17.78
N SER C 26 35.34 9.78 -17.06
CA SER C 26 35.46 10.07 -15.63
C SER C 26 36.21 11.38 -15.44
N SER C 27 36.85 11.88 -16.50
CA SER C 27 37.54 13.17 -16.39
C SER C 27 36.63 14.32 -16.86
N THR C 28 35.41 14.00 -17.28
CA THR C 28 34.48 14.99 -17.81
C THR C 28 33.68 15.89 -16.88
N ASP C 29 33.56 17.15 -17.26
CA ASP C 29 32.81 18.13 -16.49
C ASP C 29 31.47 18.40 -17.18
N ILE C 30 30.35 17.90 -16.64
CA ILE C 30 29.06 18.12 -17.32
C ILE C 30 28.25 19.30 -16.78
N SER C 31 28.67 19.86 -15.64
CA SER C 31 27.91 20.95 -15.03
C SER C 31 27.40 22.01 -16.00
N PRO C 32 28.32 22.74 -16.66
CA PRO C 32 27.91 23.79 -17.62
C PRO C 32 26.68 23.41 -18.44
N TYR C 33 26.73 22.24 -19.08
CA TYR C 33 25.61 21.75 -19.89
C TYR C 33 24.34 21.64 -19.00
N LEU C 34 24.51 21.15 -17.77
CA LEU C 34 23.39 21.08 -16.80
C LEU C 34 22.91 22.54 -16.57
N SER C 35 23.85 23.49 -16.51
CA SER C 35 23.47 24.92 -16.31
C SER C 35 22.52 25.48 -17.39
N LEU C 36 22.91 25.34 -18.67
CA LEU C 36 22.04 25.81 -19.77
C LEU C 36 20.58 25.33 -19.56
N ILE C 37 20.43 23.99 -19.56
CA ILE C 37 19.15 23.31 -19.36
C ILE C 37 18.43 24.00 -18.18
N ARG C 38 19.10 23.98 -17.02
CA ARG C 38 18.50 24.60 -15.85
C ARG C 38 18.06 26.02 -16.22
N GLU C 39 18.94 26.77 -16.87
CA GLU C 39 18.64 28.14 -17.30
C GLU C 39 17.46 28.23 -18.29
N ASP C 40 17.54 27.45 -19.35
CA ASP C 40 16.48 27.43 -20.37
C ASP C 40 15.10 26.91 -19.79
N SER C 41 15.10 25.98 -18.83
CA SER C 41 13.81 25.48 -18.25
C SER C 41 13.20 26.62 -17.37
N ILE C 42 14.05 27.33 -16.67
CA ILE C 42 13.64 28.43 -15.80
C ILE C 42 13.19 29.65 -16.66
N LEU C 43 14.05 30.09 -17.56
CA LEU C 43 13.74 31.22 -18.43
C LEU C 43 12.63 30.95 -19.46
N ASN C 44 12.74 29.81 -20.16
CA ASN C 44 11.81 29.50 -21.24
C ASN C 44 10.84 28.33 -21.11
N GLY C 45 10.99 27.48 -20.09
CA GLY C 45 10.12 26.34 -20.00
C GLY C 45 9.24 26.15 -18.76
N ASN C 46 8.95 27.23 -18.04
CA ASN C 46 8.11 27.18 -16.85
C ASN C 46 8.58 26.09 -15.92
N ARG C 47 9.89 25.93 -15.88
CA ARG C 47 10.59 25.00 -15.04
C ARG C 47 10.40 23.48 -15.20
N ALA C 48 10.14 23.04 -16.43
CA ALA C 48 10.04 21.60 -16.69
C ALA C 48 11.33 21.15 -17.35
N VAL C 49 11.75 19.91 -17.02
CA VAL C 49 12.87 19.23 -17.69
C VAL C 49 12.33 17.81 -17.84
N ILE C 50 12.06 17.39 -19.07
CA ILE C 50 11.53 16.05 -19.29
C ILE C 50 12.75 15.13 -19.40
N PHE C 51 12.64 13.85 -19.08
CA PHE C 51 13.85 13.02 -19.21
C PHE C 51 13.58 11.62 -19.65
N ASP C 52 14.68 10.91 -19.87
CA ASP C 52 14.57 9.49 -20.18
C ASP C 52 15.88 8.82 -19.69
N VAL C 53 15.82 7.55 -19.35
CA VAL C 53 16.97 6.81 -18.86
C VAL C 53 17.04 5.49 -19.61
N TYR C 54 18.27 4.99 -19.75
CA TYR C 54 18.66 3.81 -20.49
C TYR C 54 19.74 3.10 -19.65
N TRP C 55 19.63 1.77 -19.59
CA TRP C 55 20.48 0.90 -18.79
C TRP C 55 21.50 0.05 -19.55
N ASP C 56 21.72 -1.14 -19.04
CA ASP C 56 22.59 -2.19 -19.54
C ASP C 56 21.95 -3.29 -18.71
N VAL C 57 21.20 -4.20 -19.34
CA VAL C 57 20.51 -5.20 -18.53
C VAL C 57 21.41 -6.24 -17.89
N GLY C 58 20.86 -7.00 -16.97
CA GLY C 58 21.66 -7.99 -16.27
C GLY C 58 20.88 -9.08 -15.58
N PHE C 59 21.29 -10.31 -15.80
CA PHE C 59 20.64 -11.43 -15.17
C PHE C 59 20.99 -11.43 -13.67
N THR C 66 17.68 -10.85 -6.11
CA THR C 66 18.32 -9.66 -6.69
C THR C 66 18.51 -9.85 -8.20
N LYS C 67 17.52 -10.39 -8.87
CA LYS C 67 17.70 -10.62 -10.30
C LYS C 67 17.78 -9.37 -11.20
N THR C 68 17.51 -8.17 -10.63
CA THR C 68 17.61 -6.92 -11.41
C THR C 68 18.79 -6.07 -10.93
N SER C 69 19.50 -6.54 -9.90
CA SER C 69 20.56 -5.69 -9.39
C SER C 69 21.71 -5.50 -10.38
N GLY C 70 21.90 -6.42 -11.31
CA GLY C 70 22.95 -6.26 -12.31
C GLY C 70 22.65 -5.21 -13.39
N TRP C 71 21.45 -4.63 -13.41
CA TRP C 71 21.15 -3.59 -14.40
C TRP C 71 21.92 -2.33 -14.02
N SER C 72 22.55 -1.69 -15.01
CA SER C 72 23.31 -0.46 -14.69
C SER C 72 23.07 0.63 -15.75
N LEU C 73 22.83 1.87 -15.31
CA LEU C 73 22.53 3.00 -16.22
C LEU C 73 23.66 3.25 -17.25
N SER C 74 23.31 3.36 -18.54
CA SER C 74 24.29 3.54 -19.60
C SER C 74 24.22 4.93 -20.19
N SER C 75 23.04 5.51 -20.09
CA SER C 75 22.80 6.85 -20.62
C SER C 75 21.51 7.41 -20.02
N VAL C 76 21.43 8.75 -19.98
CA VAL C 76 20.25 9.46 -19.49
C VAL C 76 20.09 10.69 -20.43
N LYS C 77 18.85 11.14 -20.68
CA LYS C 77 18.62 12.38 -21.49
C LYS C 77 17.77 13.48 -20.78
N LEU C 78 18.09 14.77 -21.04
CA LEU C 78 17.33 15.89 -20.45
C LEU C 78 16.93 16.87 -21.58
N SER C 79 15.64 17.23 -21.63
CA SER C 79 15.15 18.15 -22.66
C SER C 79 14.18 19.28 -22.14
N THR C 80 14.20 20.40 -22.86
CA THR C 80 13.34 21.55 -22.63
C THR C 80 12.75 21.95 -23.99
N ARG C 81 11.93 22.98 -23.91
CA ARG C 81 11.31 23.59 -25.06
C ARG C 81 12.31 23.69 -26.23
N ASN C 82 13.49 24.25 -25.95
CA ASN C 82 14.51 24.53 -26.98
C ASN C 82 15.66 23.63 -27.03
N LEU C 83 15.88 22.85 -25.98
CA LEU C 83 17.11 22.06 -25.90
C LEU C 83 16.99 20.58 -25.58
N CYS C 84 17.93 19.79 -26.10
CA CYS C 84 17.97 18.38 -25.79
C CYS C 84 19.42 17.99 -25.54
N LEU C 85 19.64 17.60 -24.29
CA LEU C 85 20.97 17.17 -23.85
C LEU C 85 20.96 15.63 -23.72
N PHE C 86 21.78 14.94 -24.53
CA PHE C 86 21.88 13.47 -24.46
C PHE C 86 23.23 13.08 -23.86
N LEU C 87 23.20 12.42 -22.71
CA LEU C 87 24.42 12.06 -21.99
C LEU C 87 24.60 10.57 -22.00
N ARG C 88 25.75 10.09 -22.48
CA ARG C 88 26.06 8.65 -22.51
C ARG C 88 27.02 8.40 -21.37
N LEU C 89 26.60 7.57 -20.43
CA LEU C 89 27.36 7.29 -19.21
C LEU C 89 28.27 6.08 -19.18
N PRO C 90 29.31 6.12 -18.34
CA PRO C 90 30.27 5.02 -18.19
C PRO C 90 29.87 3.93 -17.17
N LYS C 91 30.47 2.76 -17.31
CA LYS C 91 30.16 1.65 -16.42
C LYS C 91 31.53 1.14 -15.96
N PRO C 92 31.85 1.24 -14.64
CA PRO C 92 31.03 1.82 -13.55
C PRO C 92 31.21 3.34 -13.39
N PHE C 93 30.31 4.00 -12.65
CA PHE C 93 30.41 5.45 -12.42
C PHE C 93 31.65 5.71 -11.58
N HIS C 94 32.17 6.93 -11.67
CA HIS C 94 33.28 7.35 -10.84
C HIS C 94 32.73 8.64 -10.22
N ASP C 95 33.46 9.19 -9.26
CA ASP C 95 33.09 10.38 -8.55
C ASP C 95 32.61 11.48 -9.47
N ASN C 96 33.18 11.54 -10.65
CA ASN C 96 32.77 12.54 -11.61
C ASN C 96 31.24 12.50 -11.87
N LEU C 97 30.56 11.43 -11.54
CA LEU C 97 29.12 11.45 -11.80
C LEU C 97 28.27 12.02 -10.64
N LYS C 98 28.94 12.40 -9.55
CA LYS C 98 28.26 13.02 -8.42
C LYS C 98 27.42 14.18 -8.95
N ASP C 99 27.93 14.91 -9.95
CA ASP C 99 27.14 16.05 -10.48
C ASP C 99 25.76 15.63 -11.01
N LEU C 100 25.68 14.46 -11.60
CA LEU C 100 24.38 13.99 -12.12
C LEU C 100 23.45 13.71 -10.92
N TYR C 101 23.98 13.05 -9.87
CA TYR C 101 23.20 12.75 -8.68
C TYR C 101 22.64 14.04 -8.10
N ARG C 102 23.50 15.04 -7.94
CA ARG C 102 23.05 16.31 -7.39
C ARG C 102 22.03 17.01 -8.31
N PHE C 103 22.28 16.98 -9.62
CA PHE C 103 21.37 17.63 -10.55
C PHE C 103 19.97 17.03 -10.41
N PHE C 104 19.87 15.71 -10.54
CA PHE C 104 18.58 15.05 -10.42
C PHE C 104 17.92 15.26 -9.05
N ALA C 105 18.61 15.92 -8.12
CA ALA C 105 17.99 16.16 -6.80
C ALA C 105 17.38 17.57 -6.58
N SER C 106 17.85 18.58 -7.31
CA SER C 106 17.35 19.94 -7.12
C SER C 106 15.84 20.07 -7.16
N LYS C 107 15.32 20.97 -6.32
CA LYS C 107 13.89 21.21 -6.27
C LYS C 107 13.60 22.40 -7.21
N PHE C 108 14.60 22.78 -8.00
CA PHE C 108 14.44 23.93 -8.92
C PHE C 108 13.50 23.57 -10.07
N VAL C 109 13.48 22.30 -10.45
CA VAL C 109 12.63 21.88 -11.55
C VAL C 109 11.86 20.59 -11.28
N THR C 110 10.98 20.24 -12.21
CA THR C 110 10.17 19.01 -12.15
C THR C 110 10.52 18.02 -13.28
N PHE C 111 11.26 16.96 -12.91
CA PHE C 111 11.68 15.91 -13.84
C PHE C 111 10.43 15.11 -14.24
N VAL C 112 10.07 15.31 -15.51
CA VAL C 112 8.89 14.76 -16.16
C VAL C 112 9.33 13.62 -17.09
N GLY C 113 9.03 12.38 -16.69
CA GLY C 113 9.37 11.21 -17.46
C GLY C 113 8.14 10.45 -17.93
N VAL C 114 8.36 9.51 -18.86
CA VAL C 114 7.30 8.64 -19.40
C VAL C 114 7.65 7.20 -19.01
N GLN C 115 6.65 6.49 -18.51
CA GLN C 115 6.86 5.11 -18.02
C GLN C 115 8.16 4.95 -17.21
N ILE C 116 8.36 5.82 -16.19
CA ILE C 116 9.57 5.80 -15.37
C ILE C 116 9.37 5.14 -14.01
N GLU C 117 8.23 4.46 -13.77
CA GLU C 117 8.03 3.85 -12.45
C GLU C 117 9.11 2.81 -12.08
N GLU C 118 9.45 1.91 -13.01
CA GLU C 118 10.52 0.93 -12.74
C GLU C 118 11.88 1.67 -12.84
N ASP C 119 12.03 2.57 -13.81
CA ASP C 119 13.28 3.32 -13.95
C ASP C 119 13.69 3.96 -12.62
N LEU C 120 12.70 4.37 -11.81
CA LEU C 120 12.97 5.04 -10.54
C LEU C 120 13.44 4.01 -9.49
N ASP C 121 12.77 2.84 -9.44
CA ASP C 121 13.16 1.78 -8.51
C ASP C 121 14.62 1.36 -8.80
N LEU C 122 14.88 0.97 -10.05
CA LEU C 122 16.23 0.56 -10.49
C LEU C 122 17.26 1.63 -10.15
N LEU C 123 16.97 2.87 -10.47
CA LEU C 123 17.92 3.95 -10.19
C LEU C 123 18.31 3.99 -8.68
N ARG C 124 17.31 3.79 -7.84
CA ARG C 124 17.50 3.78 -6.37
C ARG C 124 18.36 2.59 -5.90
N GLU C 125 17.86 1.39 -6.24
CA GLU C 125 18.44 0.15 -5.83
C GLU C 125 19.82 -0.10 -6.41
N ASN C 126 20.03 0.30 -7.66
CA ASN C 126 21.33 0.03 -8.28
C ASN C 126 22.30 1.20 -8.27
N HIS C 127 21.81 2.44 -8.29
CA HIS C 127 22.72 3.63 -8.29
C HIS C 127 22.48 4.58 -7.11
N GLY C 128 21.36 4.42 -6.42
CA GLY C 128 21.04 5.32 -5.31
C GLY C 128 20.69 6.69 -5.87
N LEU C 129 20.21 6.71 -7.11
CA LEU C 129 19.87 7.99 -7.74
C LEU C 129 18.44 8.31 -7.31
N VAL C 130 18.27 9.52 -6.78
CA VAL C 130 17.00 10.02 -6.27
C VAL C 130 16.52 11.24 -7.05
N ILE C 131 15.32 11.18 -7.62
CA ILE C 131 14.81 12.37 -8.30
C ILE C 131 13.70 12.87 -7.36
N ARG C 132 13.99 13.93 -6.58
CA ARG C 132 13.02 14.42 -5.57
C ARG C 132 11.71 14.99 -6.12
N ASN C 133 11.75 15.50 -7.33
CA ASN C 133 10.58 16.13 -7.94
C ASN C 133 10.37 15.50 -9.31
N ALA C 134 9.76 14.31 -9.31
CA ALA C 134 9.52 13.55 -10.54
C ALA C 134 8.03 13.37 -10.84
N ILE C 135 7.70 13.04 -12.11
CA ILE C 135 6.34 12.76 -12.45
C ILE C 135 6.27 11.78 -13.62
N ASN C 136 5.63 10.64 -13.34
CA ASN C 136 5.36 9.55 -14.28
C ASN C 136 4.12 10.23 -14.91
N VAL C 137 4.36 10.98 -15.98
CA VAL C 137 3.35 11.85 -16.58
C VAL C 137 2.06 11.32 -17.24
N GLY C 138 2.08 10.06 -17.67
CA GLY C 138 0.86 9.51 -18.28
C GLY C 138 -0.24 9.45 -17.24
N LYS C 139 0.15 9.29 -15.98
CA LYS C 139 -0.87 9.20 -14.94
C LYS C 139 -1.53 10.57 -14.75
N LEU C 140 -0.73 11.64 -14.71
CA LEU C 140 -1.38 12.98 -14.58
C LEU C 140 -2.30 13.19 -15.82
N ALA C 141 -1.78 12.88 -17.01
CA ALA C 141 -2.55 13.03 -18.25
C ALA C 141 -3.91 12.33 -18.11
N ALA C 142 -3.85 11.05 -17.73
CA ALA C 142 -5.07 10.24 -17.58
C ALA C 142 -6.05 10.90 -16.59
N GLU C 143 -5.57 11.28 -15.42
CA GLU C 143 -6.46 11.88 -14.45
C GLU C 143 -6.97 13.21 -14.93
N ALA C 144 -6.07 14.11 -15.31
CA ALA C 144 -6.45 15.45 -15.76
C ALA C 144 -7.49 15.40 -16.83
N ARG C 145 -7.17 14.71 -17.92
CA ARG C 145 -8.07 14.62 -19.06
C ARG C 145 -9.20 13.64 -18.92
N GLY C 146 -9.18 12.82 -17.86
CA GLY C 146 -10.24 11.84 -17.65
C GLY C 146 -10.25 10.72 -18.70
N THR C 147 -9.07 10.39 -19.21
CA THR C 147 -8.91 9.38 -20.27
C THR C 147 -7.95 8.32 -19.72
N LEU C 148 -8.48 7.16 -19.38
CA LEU C 148 -7.76 6.05 -18.78
C LEU C 148 -6.48 5.59 -19.44
N VAL C 149 -6.62 5.29 -20.72
CA VAL C 149 -5.51 4.73 -21.45
C VAL C 149 -4.26 5.63 -21.47
N LEU C 150 -4.39 6.91 -21.04
CA LEU C 150 -3.25 7.83 -21.08
C LEU C 150 -2.02 7.38 -20.29
N GLU C 151 -2.21 6.99 -19.04
CA GLU C 151 -1.09 6.53 -18.22
C GLU C 151 -0.55 5.18 -18.73
N PHE C 152 -1.39 4.47 -19.50
CA PHE C 152 -1.04 3.14 -20.01
C PHE C 152 -0.40 3.27 -21.38
N LEU C 153 0.08 4.48 -21.68
CA LEU C 153 0.72 4.71 -22.99
C LEU C 153 2.19 5.01 -22.85
N GLY C 154 2.90 4.60 -23.92
CA GLY C 154 4.32 4.86 -24.09
C GLY C 154 4.49 6.33 -24.52
N THR C 155 5.70 6.69 -24.94
CA THR C 155 6.00 8.09 -25.26
C THR C 155 5.28 8.73 -26.45
N ARG C 156 5.38 8.10 -27.62
CA ARG C 156 4.76 8.64 -28.83
C ARG C 156 3.21 8.62 -28.78
N GLU C 157 2.65 7.58 -28.18
CA GLU C 157 1.20 7.43 -28.14
C GLU C 157 0.46 8.24 -27.00
N LEU C 158 1.21 8.91 -26.14
CA LEU C 158 0.61 9.69 -25.08
C LEU C 158 0.48 11.06 -25.76
N ALA C 159 1.57 11.51 -26.38
CA ALA C 159 1.56 12.78 -27.10
C ALA C 159 0.52 12.65 -28.24
N HIS C 160 0.36 11.43 -28.77
CA HIS C 160 -0.60 11.24 -29.84
C HIS C 160 -1.99 11.60 -29.36
N ARG C 161 -2.43 10.93 -28.29
CA ARG C 161 -3.77 11.12 -27.72
C ARG C 161 -3.99 12.41 -26.93
N VAL C 162 -2.90 13.12 -26.67
CA VAL C 162 -2.97 14.37 -25.96
C VAL C 162 -3.02 15.52 -26.97
N LEU C 163 -2.02 15.57 -27.85
CA LEU C 163 -1.82 16.62 -28.86
C LEU C 163 -2.39 16.29 -30.25
N TRP C 164 -2.40 15.01 -30.63
CA TRP C 164 -2.99 14.66 -31.91
C TRP C 164 -2.35 15.25 -33.16
N SER C 165 -1.01 15.42 -33.16
CA SER C 165 -0.36 15.97 -34.35
C SER C 165 0.14 14.81 -35.22
N ASP C 166 0.99 15.20 -36.20
CA ASP C 166 1.60 14.30 -37.17
C ASP C 166 2.92 13.71 -36.74
N LEU C 167 2.94 12.40 -36.62
CA LEU C 167 4.13 11.77 -36.13
C LEU C 167 4.81 10.90 -37.15
N GLY C 168 4.59 11.22 -38.43
CA GLY C 168 5.19 10.45 -39.52
C GLY C 168 6.69 10.31 -39.45
N GLN C 169 7.38 11.44 -39.21
CA GLN C 169 8.82 11.41 -39.13
C GLN C 169 9.29 10.54 -37.97
N LEU C 170 8.73 10.77 -36.78
CA LEU C 170 9.10 9.97 -35.63
C LEU C 170 8.85 8.49 -35.91
N ASP C 171 7.66 8.16 -36.39
CA ASP C 171 7.38 6.74 -36.64
C ASP C 171 8.31 6.15 -37.72
N SER C 172 8.61 6.92 -38.76
CA SER C 172 9.48 6.42 -39.81
C SER C 172 10.78 6.02 -39.19
N ILE C 173 11.29 6.82 -38.26
CA ILE C 173 12.58 6.45 -37.65
C ILE C 173 12.48 5.19 -36.72
N GLU C 174 11.54 5.19 -35.79
CA GLU C 174 11.45 4.07 -34.85
C GLU C 174 11.00 2.73 -35.46
N ALA C 175 10.37 2.75 -36.61
CA ALA C 175 9.93 1.49 -37.18
C ALA C 175 11.13 0.59 -37.53
N LYS C 176 12.29 1.17 -37.89
CA LYS C 176 13.49 0.33 -38.21
C LYS C 176 14.68 0.74 -37.34
N TRP C 177 14.44 0.79 -36.03
CA TRP C 177 15.44 1.27 -35.10
C TRP C 177 16.85 0.72 -35.19
N GLU C 178 16.98 -0.60 -35.21
CA GLU C 178 18.28 -1.22 -35.30
C GLU C 178 18.99 -0.81 -36.60
N LYS C 179 18.24 -0.40 -37.61
CA LYS C 179 18.92 0.02 -38.84
C LYS C 179 19.33 1.49 -38.77
N ALA C 180 18.95 2.20 -37.70
CA ALA C 180 19.31 3.62 -37.60
C ALA C 180 20.69 3.88 -37.02
N GLY C 181 21.41 4.82 -37.60
CA GLY C 181 22.73 5.14 -37.06
C GLY C 181 22.63 5.86 -35.73
N PRO C 182 23.77 6.04 -35.04
CA PRO C 182 23.84 6.72 -33.73
C PRO C 182 23.27 8.15 -33.82
N GLU C 183 23.53 8.83 -34.93
CA GLU C 183 23.04 10.18 -35.09
C GLU C 183 21.51 10.24 -35.38
N GLU C 184 20.97 9.23 -36.07
CA GLU C 184 19.54 9.19 -36.35
C GLU C 184 18.80 8.79 -35.05
N GLN C 185 19.49 8.14 -34.12
CA GLN C 185 18.81 7.79 -32.89
C GLN C 185 18.67 9.03 -32.00
N LEU C 186 19.58 10.01 -32.19
CA LEU C 186 19.51 11.26 -31.40
C LEU C 186 18.26 12.08 -31.82
N GLU C 187 18.00 12.12 -33.12
CA GLU C 187 16.85 12.87 -33.61
C GLU C 187 15.51 12.40 -33.00
N ALA C 188 15.25 11.10 -33.02
CA ALA C 188 14.00 10.60 -32.47
C ALA C 188 13.89 10.92 -30.98
N ALA C 189 15.02 10.94 -30.30
CA ALA C 189 14.97 11.25 -28.89
C ALA C 189 14.61 12.75 -28.78
N ALA C 190 15.10 13.57 -29.73
CA ALA C 190 14.78 14.99 -29.69
C ALA C 190 13.25 15.29 -29.92
N ILE C 191 12.68 14.75 -31.00
CA ILE C 191 11.25 14.90 -31.28
C ILE C 191 10.42 14.50 -30.00
N GLU C 192 10.67 13.33 -29.41
CA GLU C 192 9.89 12.90 -28.24
C GLU C 192 10.07 13.85 -27.05
N GLY C 193 11.29 14.38 -26.86
CA GLY C 193 11.51 15.30 -25.75
C GLY C 193 10.61 16.51 -25.91
N TRP C 194 10.52 16.97 -27.16
CA TRP C 194 9.71 18.11 -27.51
C TRP C 194 8.21 17.79 -27.32
N LEU C 195 7.80 16.63 -27.82
CA LEU C 195 6.39 16.20 -27.71
C LEU C 195 5.87 16.19 -26.24
N ILE C 196 6.68 15.61 -25.31
CA ILE C 196 6.29 15.50 -23.91
C ILE C 196 6.30 16.90 -23.33
N VAL C 197 7.38 17.64 -23.61
CA VAL C 197 7.44 19.07 -23.21
C VAL C 197 6.07 19.71 -23.51
N ASN C 198 5.59 19.54 -24.76
CA ASN C 198 4.29 20.12 -25.14
C ASN C 198 3.14 19.41 -24.43
N VAL C 199 3.30 18.11 -24.16
CA VAL C 199 2.25 17.43 -23.40
C VAL C 199 2.17 18.06 -21.97
N TRP C 200 3.35 18.27 -21.37
CA TRP C 200 3.43 18.88 -20.07
C TRP C 200 2.69 20.23 -20.14
N ASP C 201 3.00 20.98 -21.18
CA ASP C 201 2.40 22.28 -21.48
C ASP C 201 0.88 22.19 -21.36
N GLN C 202 0.31 21.31 -22.18
CA GLN C 202 -1.12 21.11 -22.17
C GLN C 202 -1.62 20.67 -20.76
N LEU C 203 -0.77 19.99 -20.01
CA LEU C 203 -1.25 19.58 -18.67
C LEU C 203 -1.17 20.62 -17.56
N SER C 204 0.02 21.20 -17.31
CA SER C 204 0.17 22.16 -16.21
C SER C 204 -0.60 23.46 -16.38
N ASP C 205 -0.21 24.28 -17.34
CA ASP C 205 -0.96 25.51 -17.55
C ASP C 205 -1.83 25.24 -18.76
N GLU C 206 -2.99 24.64 -18.50
CA GLU C 206 -3.96 24.31 -19.55
C GLU C 206 -5.16 25.27 -19.42
N SER D 1 16.45 -11.04 -44.85
CA SER D 1 16.20 -12.52 -44.87
C SER D 1 14.98 -12.91 -44.04
N ALA D 2 15.08 -12.79 -42.72
CA ALA D 2 14.00 -13.16 -41.78
C ALA D 2 12.58 -12.83 -42.23
N SER D 3 11.66 -13.75 -41.96
CA SER D 3 10.26 -13.56 -42.31
C SER D 3 9.34 -14.52 -41.53
N PHE D 4 8.06 -14.23 -41.47
CA PHE D 4 7.14 -15.09 -40.72
C PHE D 4 6.55 -16.16 -41.61
N ASP D 5 7.34 -17.19 -41.87
CA ASP D 5 6.91 -18.23 -42.80
C ASP D 5 6.21 -19.47 -42.25
N GLY D 6 5.79 -19.44 -40.98
CA GLY D 6 5.08 -20.59 -40.43
C GLY D 6 3.61 -20.53 -40.86
N PRO D 7 2.73 -21.29 -40.21
CA PRO D 7 1.30 -21.31 -40.53
C PRO D 7 0.54 -19.94 -40.35
N LYS D 8 -0.45 -19.71 -41.18
CA LYS D 8 -1.25 -18.50 -41.09
C LYS D 8 -2.51 -18.93 -40.32
N PHE D 9 -3.49 -18.05 -40.13
CA PHE D 9 -4.71 -18.44 -39.45
C PHE D 9 -5.83 -17.44 -39.71
N LYS D 10 -6.75 -17.85 -40.57
CA LYS D 10 -7.86 -16.99 -40.96
C LYS D 10 -8.85 -16.76 -39.82
N THR D 12 -12.20 -15.02 -37.71
CA THR D 12 -13.64 -15.06 -37.99
C THR D 12 -14.21 -14.04 -38.96
N ASP D 13 -13.41 -13.05 -39.32
CA ASP D 13 -13.85 -11.99 -40.22
C ASP D 13 -12.93 -11.96 -41.43
N GLY D 14 -12.37 -13.12 -41.76
CA GLY D 14 -11.51 -13.23 -42.92
C GLY D 14 -10.04 -13.04 -42.70
N SER D 15 -9.66 -11.88 -42.15
CA SER D 15 -8.26 -11.52 -41.90
C SER D 15 -7.43 -12.71 -41.46
N TYR D 16 -6.14 -12.72 -41.83
CA TYR D 16 -5.25 -13.83 -41.49
C TYR D 16 -4.18 -13.40 -40.49
N VAL D 17 -3.55 -14.38 -39.85
CA VAL D 17 -2.49 -14.11 -38.91
C VAL D 17 -1.27 -14.84 -39.45
N GLN D 18 -0.12 -14.19 -39.40
CA GLN D 18 1.11 -14.79 -39.89
C GLN D 18 1.93 -15.17 -38.64
N THR D 19 2.71 -16.25 -38.70
CA THR D 19 3.46 -16.67 -37.51
C THR D 19 4.89 -17.11 -37.70
N LYS D 20 5.53 -17.42 -36.59
CA LYS D 20 6.88 -17.88 -36.57
C LYS D 20 7.23 -18.39 -35.18
N THR D 21 7.89 -19.54 -35.15
CA THR D 21 8.32 -20.17 -33.90
C THR D 21 9.82 -20.28 -33.88
N ILE D 22 10.44 -19.85 -32.80
CA ILE D 22 11.88 -19.97 -32.71
C ILE D 22 12.30 -20.81 -31.48
N ASP D 23 12.99 -21.92 -31.75
CA ASP D 23 13.51 -22.76 -30.67
C ASP D 23 14.76 -22.01 -30.31
N VAL D 24 14.67 -21.21 -29.26
CA VAL D 24 15.80 -20.41 -28.89
C VAL D 24 16.83 -21.26 -28.19
N GLY D 25 18.00 -21.31 -28.80
CA GLY D 25 19.07 -22.10 -28.23
C GLY D 25 20.02 -21.10 -27.63
N SER D 26 21.30 -21.34 -27.88
CA SER D 26 22.32 -20.48 -27.34
C SER D 26 22.86 -19.61 -28.45
N SER D 27 22.64 -20.04 -29.69
CA SER D 27 23.15 -19.31 -30.85
C SER D 27 22.15 -18.39 -31.50
N THR D 28 20.87 -18.70 -31.29
CA THR D 28 19.76 -17.96 -31.85
C THR D 28 19.76 -16.41 -31.80
N ASP D 29 19.52 -15.79 -32.96
CA ASP D 29 19.44 -14.33 -33.05
C ASP D 29 17.95 -14.01 -33.36
N ILE D 30 17.21 -13.65 -32.31
CA ILE D 30 15.79 -13.34 -32.42
C ILE D 30 15.56 -11.86 -32.75
N SER D 31 16.62 -11.08 -32.86
CA SER D 31 16.46 -9.66 -33.12
C SER D 31 15.88 -9.33 -34.51
N PRO D 32 15.87 -10.31 -35.46
CA PRO D 32 15.32 -9.99 -36.78
C PRO D 32 13.77 -10.04 -36.75
N TYR D 33 13.26 -10.96 -35.91
CA TYR D 33 11.83 -11.18 -35.76
C TYR D 33 11.30 -10.17 -34.74
N LEU D 34 12.15 -9.73 -33.79
CA LEU D 34 11.70 -8.70 -32.86
C LEU D 34 11.56 -7.42 -33.69
N SER D 35 12.48 -7.20 -34.64
CA SER D 35 12.43 -5.99 -35.46
C SER D 35 11.17 -5.95 -36.31
N LEU D 36 10.68 -7.10 -36.75
CA LEU D 36 9.42 -7.13 -37.53
C LEU D 36 8.18 -6.97 -36.62
N ILE D 37 8.26 -7.47 -35.39
CA ILE D 37 7.11 -7.29 -34.47
C ILE D 37 6.97 -5.75 -34.23
N ARG D 38 8.09 -5.09 -33.89
CA ARG D 38 8.08 -3.63 -33.63
C ARG D 38 7.60 -2.85 -34.86
N GLU D 39 8.36 -2.96 -35.95
CA GLU D 39 7.97 -2.30 -37.18
C GLU D 39 6.45 -2.51 -37.44
N ASP D 40 5.97 -3.75 -37.34
CA ASP D 40 4.55 -3.97 -37.59
C ASP D 40 3.66 -3.23 -36.56
N SER D 41 4.04 -3.24 -35.29
CA SER D 41 3.24 -2.52 -34.27
C SER D 41 3.14 -0.98 -34.52
N ILE D 42 4.24 -0.37 -34.94
CA ILE D 42 4.27 1.07 -35.15
C ILE D 42 3.55 1.49 -36.44
N LEU D 43 3.86 0.79 -37.53
CA LEU D 43 3.26 1.14 -38.82
C LEU D 43 1.81 0.70 -38.98
N ASN D 44 1.45 -0.48 -38.48
CA ASN D 44 0.10 -1.01 -38.62
C ASN D 44 -0.67 -1.32 -37.34
N GLY D 45 0.03 -1.45 -36.20
CA GLY D 45 -0.64 -1.83 -34.95
C GLY D 45 -0.82 -0.87 -33.77
N ASN D 46 -0.72 0.43 -34.05
CA ASN D 46 -0.89 1.50 -33.06
C ASN D 46 0.09 1.39 -31.85
N ARG D 47 1.22 0.75 -32.11
CA ARG D 47 2.27 0.68 -31.11
C ARG D 47 1.95 -0.14 -29.83
N ALA D 48 1.05 -1.10 -29.97
CA ALA D 48 0.75 -2.03 -28.86
C ALA D 48 1.34 -3.38 -29.31
N VAL D 49 2.00 -4.11 -28.39
CA VAL D 49 2.47 -5.48 -28.73
C VAL D 49 1.75 -6.36 -27.69
N ILE D 50 0.99 -7.37 -28.16
CA ILE D 50 0.30 -8.20 -27.21
C ILE D 50 1.22 -9.36 -26.84
N PHE D 51 1.14 -9.81 -25.59
CA PHE D 51 2.04 -10.88 -25.18
C PHE D 51 1.42 -11.80 -24.10
N ASP D 52 2.04 -12.95 -23.93
CA ASP D 52 1.60 -13.87 -22.89
C ASP D 52 2.86 -14.62 -22.50
N VAL D 53 2.89 -15.16 -21.27
CA VAL D 53 4.05 -15.94 -20.83
C VAL D 53 3.55 -17.27 -20.27
N TYR D 54 4.22 -18.34 -20.67
CA TYR D 54 3.84 -19.70 -20.31
C TYR D 54 5.03 -20.25 -19.49
N TRP D 55 4.74 -20.68 -18.26
CA TRP D 55 5.76 -21.15 -17.31
C TRP D 55 5.97 -22.65 -17.05
N ASP D 56 7.23 -22.98 -16.73
CA ASP D 56 7.72 -24.33 -16.34
C ASP D 56 7.89 -24.15 -14.83
N VAL D 57 7.09 -24.82 -14.03
CA VAL D 57 7.24 -24.64 -12.59
C VAL D 57 8.23 -25.67 -12.07
N GLY D 58 9.12 -25.23 -11.18
CA GLY D 58 10.14 -26.12 -10.62
C GLY D 58 10.49 -25.71 -9.19
N PHE D 59 11.51 -26.33 -8.57
CA PHE D 59 11.90 -25.98 -7.21
C PHE D 59 13.37 -26.08 -6.87
N THR D 66 13.13 -19.25 -1.53
CA THR D 66 11.79 -18.80 -1.95
C THR D 66 11.04 -19.85 -2.80
N LYS D 67 9.85 -20.24 -2.36
CA LYS D 67 9.07 -21.24 -3.05
C LYS D 67 8.63 -20.96 -4.49
N THR D 68 8.64 -19.70 -4.94
CA THR D 68 8.26 -19.41 -6.33
C THR D 68 9.49 -19.21 -7.20
N SER D 69 10.63 -18.89 -6.58
CA SER D 69 11.86 -18.62 -7.34
C SER D 69 12.32 -19.78 -8.21
N GLY D 70 11.62 -20.90 -8.15
CA GLY D 70 12.01 -22.04 -8.98
C GLY D 70 11.27 -22.22 -10.30
N TRP D 71 10.44 -21.25 -10.69
CA TRP D 71 9.69 -21.36 -11.97
C TRP D 71 10.65 -21.15 -13.16
N SER D 72 10.20 -21.32 -14.39
CA SER D 72 11.07 -21.11 -15.57
C SER D 72 10.25 -20.66 -16.75
N LEU D 73 10.61 -19.52 -17.36
CA LEU D 73 9.88 -19.00 -18.53
C LEU D 73 9.99 -20.06 -19.64
N SER D 74 8.87 -20.67 -19.97
CA SER D 74 8.79 -21.74 -21.03
C SER D 74 8.79 -21.06 -22.39
N SER D 75 7.90 -20.08 -22.55
CA SER D 75 7.89 -19.38 -23.81
C SER D 75 7.31 -18.00 -23.66
N VAL D 76 7.83 -17.10 -24.47
CA VAL D 76 7.35 -15.72 -24.52
C VAL D 76 6.95 -15.69 -25.94
N LYS D 77 5.72 -15.24 -26.18
CA LYS D 77 5.19 -15.06 -27.53
C LYS D 77 5.12 -13.53 -27.61
N LEU D 78 4.93 -12.96 -28.82
CA LEU D 78 4.80 -11.50 -29.05
C LEU D 78 3.89 -11.41 -30.26
N SER D 79 2.77 -10.69 -30.14
CA SER D 79 1.77 -10.58 -31.21
C SER D 79 1.34 -9.17 -31.60
N THR D 80 1.10 -8.99 -32.90
CA THR D 80 0.62 -7.71 -33.40
C THR D 80 -0.55 -8.00 -34.32
N ARG D 81 -1.06 -6.95 -34.95
CA ARG D 81 -2.15 -7.03 -35.92
C ARG D 81 -1.87 -8.10 -36.99
N ASN D 82 -0.65 -8.07 -37.53
CA ASN D 82 -0.23 -8.98 -38.60
C ASN D 82 0.56 -10.22 -38.22
N LEU D 83 1.29 -10.12 -37.12
CA LEU D 83 2.18 -11.18 -36.66
C LEU D 83 1.88 -11.76 -35.28
N CYS D 84 2.18 -13.06 -35.13
CA CYS D 84 2.05 -13.75 -33.86
C CYS D 84 3.39 -14.46 -33.82
N LEU D 85 4.29 -13.96 -32.95
CA LEU D 85 5.65 -14.50 -32.82
C LEU D 85 5.66 -15.33 -31.55
N PHE D 86 6.17 -16.57 -31.64
CA PHE D 86 6.23 -17.47 -30.49
C PHE D 86 7.70 -17.88 -30.22
N LEU D 87 8.22 -17.53 -29.05
CA LEU D 87 9.58 -17.90 -28.70
C LEU D 87 9.59 -19.04 -27.63
N ARG D 88 10.16 -20.19 -27.99
CA ARG D 88 10.26 -21.31 -27.03
C ARG D 88 11.68 -21.22 -26.49
N LEU D 89 11.77 -20.94 -25.18
CA LEU D 89 13.03 -20.69 -24.51
C LEU D 89 13.70 -21.84 -23.78
N PRO D 90 15.03 -21.79 -23.68
CA PRO D 90 15.88 -22.78 -23.03
C PRO D 90 16.04 -22.47 -21.54
N LYS D 91 16.24 -23.49 -20.71
CA LYS D 91 16.44 -23.30 -19.28
C LYS D 91 17.81 -23.88 -18.94
N PRO D 92 18.76 -23.04 -18.44
CA PRO D 92 18.68 -21.61 -18.18
C PRO D 92 18.85 -20.85 -19.48
N PHE D 93 18.67 -19.53 -19.42
CA PHE D 93 18.84 -18.64 -20.58
C PHE D 93 20.30 -18.36 -20.86
N HIS D 94 20.61 -18.03 -22.11
CA HIS D 94 21.98 -17.68 -22.46
C HIS D 94 22.05 -16.16 -22.70
N ASP D 95 23.26 -15.63 -22.54
CA ASP D 95 23.52 -14.21 -22.69
C ASP D 95 23.01 -13.69 -24.01
N ASN D 96 22.80 -14.62 -24.94
CA ASN D 96 22.32 -14.22 -26.23
C ASN D 96 20.92 -13.64 -26.11
N LEU D 97 20.14 -14.09 -25.14
CA LEU D 97 18.78 -13.57 -25.01
C LEU D 97 18.71 -12.15 -24.45
N LYS D 98 19.83 -11.49 -24.21
CA LYS D 98 19.73 -10.13 -23.70
C LYS D 98 18.96 -9.12 -24.58
N ASP D 99 18.78 -9.35 -25.88
CA ASP D 99 18.01 -8.37 -26.65
C ASP D 99 16.57 -8.62 -26.33
N LEU D 100 16.31 -9.65 -25.52
CA LEU D 100 14.93 -9.92 -25.18
C LEU D 100 14.64 -9.00 -24.00
N TYR D 101 15.65 -8.80 -23.13
CA TYR D 101 15.52 -7.90 -21.98
C TYR D 101 15.45 -6.47 -22.47
N ARG D 102 16.45 -6.07 -23.27
CA ARG D 102 16.49 -4.68 -23.75
C ARG D 102 15.22 -4.47 -24.59
N PHE D 103 14.84 -5.49 -25.35
CA PHE D 103 13.66 -5.34 -26.15
C PHE D 103 12.45 -5.20 -25.25
N PHE D 104 12.38 -5.98 -24.16
CA PHE D 104 11.21 -5.90 -23.26
C PHE D 104 10.97 -4.54 -22.58
N ALA D 105 12.04 -3.92 -22.07
CA ALA D 105 11.97 -2.63 -21.37
C ALA D 105 11.79 -1.40 -22.29
N SER D 106 11.48 -1.65 -23.57
CA SER D 106 11.33 -0.56 -24.57
C SER D 106 10.25 0.49 -24.22
N LYS D 107 10.50 1.75 -24.57
CA LYS D 107 9.51 2.82 -24.36
C LYS D 107 8.81 3.15 -25.71
N PHE D 108 9.21 2.41 -26.77
CA PHE D 108 8.63 2.59 -28.12
C PHE D 108 7.21 2.03 -28.13
N VAL D 109 6.93 1.07 -27.24
CA VAL D 109 5.63 0.48 -27.26
C VAL D 109 5.11 0.04 -25.88
N THR D 110 3.80 -0.25 -25.81
CA THR D 110 3.23 -0.75 -24.57
C THR D 110 2.99 -2.25 -24.74
N PHE D 111 3.24 -3.01 -23.66
CA PHE D 111 3.01 -4.46 -23.61
C PHE D 111 1.70 -4.69 -22.87
N VAL D 112 0.77 -5.24 -23.63
CA VAL D 112 -0.58 -5.41 -23.21
C VAL D 112 -0.94 -6.86 -22.87
N GLY D 113 -1.40 -7.09 -21.64
CA GLY D 113 -1.77 -8.45 -21.21
C GLY D 113 -3.14 -8.64 -20.54
N VAL D 114 -3.50 -9.91 -20.32
CA VAL D 114 -4.76 -10.26 -19.67
C VAL D 114 -4.34 -11.10 -18.44
N GLN D 115 -4.87 -10.74 -17.26
CA GLN D 115 -4.56 -11.44 -16.03
C GLN D 115 -3.03 -11.67 -16.03
N ILE D 116 -2.27 -10.59 -16.12
CA ILE D 116 -0.85 -10.79 -16.14
C ILE D 116 -0.22 -10.44 -14.78
N GLU D 117 -0.93 -9.76 -13.88
CA GLU D 117 -0.31 -9.35 -12.62
C GLU D 117 0.68 -10.35 -11.95
N GLU D 118 0.26 -11.58 -11.69
CA GLU D 118 1.20 -12.51 -11.06
C GLU D 118 2.35 -12.76 -12.07
N ASP D 119 2.02 -12.78 -13.37
CA ASP D 119 3.01 -12.97 -14.42
C ASP D 119 4.15 -11.99 -14.25
N LEU D 120 3.78 -10.77 -13.90
CA LEU D 120 4.78 -9.71 -13.77
C LEU D 120 5.55 -9.91 -12.46
N ASP D 121 4.98 -10.56 -11.46
CA ASP D 121 5.84 -10.73 -10.32
C ASP D 121 6.81 -11.90 -10.57
N LEU D 122 6.40 -12.92 -11.31
CA LEU D 122 7.32 -14.01 -11.58
C LEU D 122 8.42 -13.65 -12.56
N LEU D 123 8.15 -12.70 -13.47
CA LEU D 123 9.16 -12.27 -14.42
C LEU D 123 10.33 -11.49 -13.73
N ARG D 124 10.01 -10.45 -12.95
CA ARG D 124 11.08 -9.64 -12.28
C ARG D 124 11.93 -10.47 -11.27
N GLU D 125 11.26 -11.24 -10.42
CA GLU D 125 11.92 -12.04 -9.40
C GLU D 125 12.80 -13.19 -9.88
N ASN D 126 12.32 -13.90 -10.90
CA ASN D 126 13.02 -15.08 -11.35
C ASN D 126 13.85 -14.87 -12.58
N HIS D 127 13.50 -13.87 -13.43
CA HIS D 127 14.27 -13.64 -14.67
C HIS D 127 14.98 -12.28 -14.74
N GLY D 128 14.69 -11.40 -13.79
CA GLY D 128 15.30 -10.06 -13.79
C GLY D 128 14.89 -9.29 -15.04
N LEU D 129 14.00 -9.90 -15.80
CA LEU D 129 13.51 -9.31 -17.02
C LEU D 129 12.54 -8.17 -16.66
N VAL D 130 12.87 -6.97 -17.16
CA VAL D 130 12.14 -5.73 -16.93
C VAL D 130 11.41 -5.22 -18.16
N ILE D 131 10.09 -5.34 -18.13
CA ILE D 131 9.27 -4.84 -19.21
C ILE D 131 8.92 -3.58 -18.48
N ARG D 132 9.44 -2.43 -18.94
CA ARG D 132 9.19 -1.17 -18.23
C ARG D 132 7.80 -0.62 -18.40
N ASN D 133 7.23 -0.85 -19.58
CA ASN D 133 5.96 -0.29 -19.94
C ASN D 133 5.06 -1.37 -20.52
N ALA D 134 4.20 -1.89 -19.65
CA ALA D 134 3.23 -2.96 -19.93
C ALA D 134 1.85 -2.60 -19.39
N ILE D 135 0.81 -3.26 -19.87
CA ILE D 135 -0.52 -3.10 -19.26
C ILE D 135 -1.14 -4.49 -19.11
N ASN D 136 -1.78 -4.73 -17.95
CA ASN D 136 -2.50 -5.96 -17.57
C ASN D 136 -3.91 -5.59 -18.02
N VAL D 137 -4.06 -5.49 -19.34
CA VAL D 137 -5.25 -5.01 -20.00
C VAL D 137 -6.63 -5.36 -19.51
N GLY D 138 -6.79 -6.56 -18.96
CA GLY D 138 -8.07 -6.96 -18.43
C GLY D 138 -8.70 -5.93 -17.55
N LYS D 139 -7.89 -5.16 -16.81
CA LYS D 139 -8.33 -4.12 -15.88
C LYS D 139 -8.67 -2.78 -16.57
N LEU D 140 -7.83 -2.28 -17.45
CA LEU D 140 -8.19 -1.04 -18.17
C LEU D 140 -9.65 -1.21 -18.61
N ALA D 141 -9.97 -2.39 -19.16
CA ALA D 141 -11.32 -2.70 -19.68
C ALA D 141 -12.47 -2.46 -18.72
N ALA D 142 -12.43 -3.10 -17.54
CA ALA D 142 -13.50 -2.91 -16.54
C ALA D 142 -13.75 -1.42 -16.24
N GLU D 143 -12.69 -0.66 -16.02
CA GLU D 143 -12.85 0.76 -15.73
C GLU D 143 -13.40 1.49 -16.92
N ALA D 144 -12.76 1.24 -18.06
CA ALA D 144 -13.19 1.88 -19.28
C ALA D 144 -14.66 1.72 -19.46
N ARG D 145 -15.18 0.50 -19.31
CA ARG D 145 -16.58 0.41 -19.58
C ARG D 145 -17.63 0.08 -18.55
N GLY D 146 -17.32 0.33 -17.28
CA GLY D 146 -18.28 0.07 -16.22
C GLY D 146 -18.81 -1.37 -16.11
N THR D 147 -18.06 -2.34 -16.66
CA THR D 147 -18.52 -3.74 -16.55
C THR D 147 -17.60 -4.45 -15.57
N LEU D 148 -18.08 -4.59 -14.32
CA LEU D 148 -17.34 -5.22 -13.24
C LEU D 148 -16.56 -6.47 -13.61
N VAL D 149 -17.23 -7.51 -14.12
CA VAL D 149 -16.50 -8.74 -14.39
C VAL D 149 -15.21 -8.77 -15.24
N LEU D 150 -15.21 -8.20 -16.47
CA LEU D 150 -14.03 -8.18 -17.41
C LEU D 150 -12.71 -8.09 -16.66
N GLU D 151 -12.79 -7.45 -15.53
CA GLU D 151 -11.71 -7.21 -14.60
C GLU D 151 -11.00 -8.55 -14.25
N PHE D 152 -11.78 -9.62 -14.15
CA PHE D 152 -11.26 -10.93 -13.72
C PHE D 152 -11.53 -12.10 -14.67
N LEU D 153 -11.26 -11.87 -15.95
CA LEU D 153 -11.51 -12.85 -16.99
C LEU D 153 -10.20 -13.28 -17.66
N GLY D 154 -10.19 -14.51 -18.19
CA GLY D 154 -9.04 -15.03 -18.91
C GLY D 154 -9.06 -14.52 -20.36
N THR D 155 -8.03 -14.88 -21.14
CA THR D 155 -7.88 -14.35 -22.49
C THR D 155 -9.11 -14.50 -23.36
N ARG D 156 -9.54 -15.75 -23.51
CA ARG D 156 -10.70 -16.07 -24.32
C ARG D 156 -11.92 -15.26 -23.86
N GLU D 157 -12.29 -15.40 -22.58
CA GLU D 157 -13.50 -14.73 -22.12
C GLU D 157 -13.37 -13.20 -22.07
N LEU D 158 -12.14 -12.69 -21.95
CA LEU D 158 -12.01 -11.26 -21.96
C LEU D 158 -12.39 -10.82 -23.39
N ALA D 159 -11.82 -11.46 -24.41
CA ALA D 159 -12.13 -11.07 -25.81
C ALA D 159 -13.63 -11.16 -26.13
N HIS D 160 -14.26 -12.26 -25.70
CA HIS D 160 -15.67 -12.48 -25.97
C HIS D 160 -16.60 -11.40 -25.44
N ARG D 161 -16.33 -10.94 -24.22
CA ARG D 161 -17.19 -9.95 -23.56
C ARG D 161 -16.93 -8.52 -24.01
N VAL D 162 -15.81 -8.33 -24.71
CA VAL D 162 -15.49 -7.02 -25.23
C VAL D 162 -15.79 -6.92 -26.73
N LEU D 163 -15.49 -7.95 -27.52
CA LEU D 163 -15.71 -7.94 -28.98
C LEU D 163 -16.96 -8.67 -29.47
N TRP D 164 -17.56 -9.52 -28.62
CA TRP D 164 -18.75 -10.27 -28.99
C TRP D 164 -18.65 -10.97 -30.34
N SER D 165 -17.47 -11.52 -30.65
CA SER D 165 -17.25 -12.21 -31.91
C SER D 165 -17.28 -13.75 -31.71
N ASP D 166 -17.47 -14.49 -32.79
CA ASP D 166 -17.54 -15.94 -32.68
C ASP D 166 -16.26 -16.62 -32.22
N LEU D 167 -16.38 -17.36 -31.14
CA LEU D 167 -15.22 -18.05 -30.57
C LEU D 167 -15.31 -19.59 -30.59
N GLY D 168 -16.28 -20.13 -31.33
CA GLY D 168 -16.45 -21.57 -31.42
C GLY D 168 -15.15 -22.29 -31.76
N GLN D 169 -14.46 -21.80 -32.77
CA GLN D 169 -13.19 -22.42 -33.18
C GLN D 169 -12.14 -22.49 -32.04
N LEU D 170 -11.81 -21.35 -31.45
CA LEU D 170 -10.82 -21.32 -30.37
C LEU D 170 -11.25 -22.25 -29.23
N ASP D 171 -12.55 -22.25 -28.87
CA ASP D 171 -13.07 -23.07 -27.80
C ASP D 171 -12.94 -24.57 -28.12
N SER D 172 -13.25 -24.96 -29.36
CA SER D 172 -13.15 -26.38 -29.69
C SER D 172 -11.68 -26.78 -29.43
N ILE D 173 -10.74 -25.93 -29.83
CA ILE D 173 -9.34 -26.27 -29.59
C ILE D 173 -9.00 -26.29 -28.07
N GLU D 174 -9.48 -25.30 -27.33
CA GLU D 174 -9.16 -25.24 -25.91
C GLU D 174 -9.96 -26.21 -25.04
N ALA D 175 -11.23 -26.45 -25.41
CA ALA D 175 -12.06 -27.39 -24.62
C ALA D 175 -11.39 -28.75 -24.52
N LYS D 176 -10.44 -29.02 -25.43
CA LYS D 176 -9.77 -30.30 -25.41
C LYS D 176 -8.27 -30.11 -25.50
N TRP D 177 -7.80 -29.10 -24.78
CA TRP D 177 -6.40 -28.74 -24.79
C TRP D 177 -5.45 -29.90 -24.90
N GLU D 178 -5.70 -30.94 -24.12
CA GLU D 178 -4.84 -32.12 -24.11
C GLU D 178 -4.83 -32.89 -25.45
N LYS D 179 -5.91 -32.85 -26.21
CA LYS D 179 -5.95 -33.55 -27.50
C LYS D 179 -5.03 -32.82 -28.51
N ALA D 180 -5.33 -31.56 -28.77
CA ALA D 180 -4.59 -30.72 -29.72
C ALA D 180 -3.10 -30.71 -29.48
N GLY D 181 -2.32 -30.92 -30.53
CA GLY D 181 -0.87 -30.88 -30.40
C GLY D 181 -0.31 -29.46 -30.59
N PRO D 182 0.88 -29.34 -31.18
CA PRO D 182 1.49 -28.02 -31.39
C PRO D 182 0.58 -27.10 -32.23
N GLU D 183 0.48 -27.43 -33.52
CA GLU D 183 -0.31 -26.72 -34.50
C GLU D 183 -1.61 -26.07 -34.03
N GLU D 184 -2.46 -26.86 -33.41
CA GLU D 184 -3.74 -26.33 -32.96
C GLU D 184 -3.53 -25.47 -31.71
N GLN D 185 -2.49 -25.76 -30.95
CA GLN D 185 -2.22 -24.97 -29.76
C GLN D 185 -1.66 -23.61 -30.21
N LEU D 186 -0.86 -23.59 -31.29
CA LEU D 186 -0.30 -22.34 -31.86
C LEU D 186 -1.50 -21.54 -32.40
N GLU D 187 -2.34 -22.19 -33.20
CA GLU D 187 -3.53 -21.50 -33.71
C GLU D 187 -4.27 -20.77 -32.57
N ALA D 188 -4.60 -21.49 -31.50
CA ALA D 188 -5.26 -20.89 -30.33
C ALA D 188 -4.47 -19.64 -29.82
N ALA D 189 -3.16 -19.79 -29.67
CA ALA D 189 -2.30 -18.70 -29.21
C ALA D 189 -2.36 -17.49 -30.19
N ALA D 190 -2.36 -17.78 -31.49
CA ALA D 190 -2.41 -16.72 -32.51
C ALA D 190 -3.79 -16.04 -32.47
N ILE D 191 -4.86 -16.83 -32.41
CA ILE D 191 -6.20 -16.28 -32.31
C ILE D 191 -6.30 -15.35 -31.06
N GLU D 192 -5.82 -15.79 -29.88
CA GLU D 192 -5.91 -14.93 -28.67
C GLU D 192 -4.90 -13.77 -28.74
N GLY D 193 -3.84 -13.93 -29.53
CA GLY D 193 -2.89 -12.83 -29.64
C GLY D 193 -3.58 -11.81 -30.51
N TRP D 194 -4.40 -12.33 -31.43
CA TRP D 194 -5.19 -11.52 -32.37
C TRP D 194 -6.41 -10.95 -31.66
N LEU D 195 -6.99 -11.71 -30.74
CA LEU D 195 -8.15 -11.18 -30.03
C LEU D 195 -7.80 -9.99 -29.14
N ILE D 196 -6.72 -10.10 -28.36
CA ILE D 196 -6.40 -9.01 -27.48
C ILE D 196 -5.93 -7.74 -28.22
N VAL D 197 -5.28 -7.89 -29.37
CA VAL D 197 -4.89 -6.71 -30.19
C VAL D 197 -6.18 -5.89 -30.45
N ASN D 198 -7.24 -6.58 -30.85
CA ASN D 198 -8.52 -5.92 -31.12
C ASN D 198 -9.18 -5.37 -29.84
N VAL D 199 -9.18 -6.19 -28.78
CA VAL D 199 -9.77 -5.73 -27.52
C VAL D 199 -9.02 -4.45 -27.21
N TRP D 200 -7.72 -4.45 -27.49
CA TRP D 200 -6.95 -3.25 -27.23
C TRP D 200 -7.45 -2.07 -28.11
N ASP D 201 -7.71 -2.36 -29.38
CA ASP D 201 -8.25 -1.37 -30.28
C ASP D 201 -9.43 -0.55 -29.72
N GLN D 202 -10.48 -1.24 -29.28
CA GLN D 202 -11.60 -0.52 -28.74
C GLN D 202 -11.20 0.36 -27.55
N LEU D 203 -10.41 -0.21 -26.62
CA LEU D 203 -9.97 0.50 -25.41
C LEU D 203 -9.09 1.73 -25.61
N SER D 204 -8.25 1.69 -26.63
CA SER D 204 -7.38 2.81 -26.93
C SER D 204 -8.24 4.04 -27.26
N ASP D 205 -9.38 3.82 -27.94
CA ASP D 205 -10.29 4.90 -28.38
C ASP D 205 -11.26 5.51 -27.42
N GLU D 206 -11.27 4.92 -26.23
CA GLU D 206 -12.11 5.38 -25.16
C GLU D 206 -11.13 6.05 -24.21
N SER E 1 -13.15 -45.32 -19.06
CA SER E 1 -12.69 -43.91 -19.26
C SER E 1 -12.86 -43.15 -17.94
N ALA E 2 -12.13 -42.04 -17.78
CA ALA E 2 -12.22 -41.27 -16.54
C ALA E 2 -13.61 -40.63 -16.48
N SER E 3 -14.26 -40.69 -15.33
CA SER E 3 -15.58 -40.08 -15.20
C SER E 3 -15.78 -39.72 -13.75
N PHE E 4 -16.81 -38.90 -13.50
CA PHE E 4 -17.15 -38.52 -12.14
C PHE E 4 -18.23 -39.52 -11.70
N ASP E 5 -17.76 -40.71 -11.34
CA ASP E 5 -18.59 -41.84 -10.91
C ASP E 5 -18.80 -41.95 -9.40
N GLY E 6 -18.25 -41.01 -8.64
CA GLY E 6 -18.43 -41.09 -7.19
C GLY E 6 -19.87 -40.72 -6.89
N PRO E 7 -20.18 -40.42 -5.62
CA PRO E 7 -21.56 -40.04 -5.30
C PRO E 7 -22.08 -38.88 -6.15
N LYS E 8 -23.36 -38.96 -6.46
CA LYS E 8 -24.06 -37.93 -7.22
C LYS E 8 -24.84 -37.16 -6.13
N PHE E 9 -25.24 -35.92 -6.37
CA PHE E 9 -26.02 -35.22 -5.35
C PHE E 9 -27.13 -34.40 -6.01
N LYS E 10 -28.31 -34.48 -5.44
CA LYS E 10 -29.43 -33.77 -6.00
C LYS E 10 -29.44 -32.40 -5.37
N THR E 12 -30.95 -28.58 -4.68
CA THR E 12 -32.28 -28.08 -4.40
C THR E 12 -33.15 -27.91 -5.64
N ASP E 13 -32.59 -27.37 -6.72
CA ASP E 13 -33.35 -27.14 -7.93
C ASP E 13 -33.45 -28.40 -8.79
N GLY E 14 -33.25 -29.55 -8.17
CA GLY E 14 -33.39 -30.80 -8.92
C GLY E 14 -32.27 -31.28 -9.80
N SER E 15 -31.36 -30.40 -10.19
CA SER E 15 -30.21 -30.76 -11.02
C SER E 15 -29.27 -31.62 -10.19
N TYR E 16 -28.28 -32.23 -10.84
CA TYR E 16 -27.34 -33.09 -10.12
C TYR E 16 -25.90 -32.68 -10.29
N VAL E 17 -25.07 -33.08 -9.34
CA VAL E 17 -23.64 -32.79 -9.38
C VAL E 17 -22.90 -34.13 -9.34
N GLN E 18 -22.08 -34.39 -10.33
CA GLN E 18 -21.30 -35.62 -10.32
C GLN E 18 -19.97 -35.42 -9.61
N THR E 19 -19.63 -36.31 -8.68
CA THR E 19 -18.38 -36.11 -7.99
C THR E 19 -17.29 -37.14 -8.28
N LYS E 20 -16.09 -36.76 -7.89
CA LYS E 20 -14.91 -37.60 -7.99
C LYS E 20 -13.96 -37.17 -6.89
N THR E 21 -13.45 -38.13 -6.11
CA THR E 21 -12.50 -37.85 -5.03
C THR E 21 -11.23 -38.64 -5.27
N ILE E 22 -10.08 -37.95 -5.24
CA ILE E 22 -8.79 -38.59 -5.46
C ILE E 22 -7.84 -38.37 -4.29
N ASP E 23 -7.07 -39.43 -3.98
CA ASP E 23 -6.08 -39.38 -2.93
C ASP E 23 -4.71 -39.49 -3.63
N VAL E 24 -3.91 -38.43 -3.55
CA VAL E 24 -2.58 -38.35 -4.18
C VAL E 24 -1.44 -38.84 -3.23
N GLY E 25 -0.60 -39.76 -3.74
CA GLY E 25 0.46 -40.31 -2.90
C GLY E 25 1.86 -40.08 -3.37
N SER E 26 2.04 -40.24 -4.68
CA SER E 26 3.28 -40.06 -5.40
C SER E 26 3.06 -40.45 -6.88
N SER E 27 1.97 -41.19 -7.14
CA SER E 27 1.72 -41.64 -8.49
C SER E 27 0.47 -41.17 -9.22
N THR E 28 -0.61 -40.95 -8.48
CA THR E 28 -1.86 -40.55 -9.10
C THR E 28 -1.74 -39.51 -10.22
N ASP E 29 -2.38 -39.77 -11.35
CA ASP E 29 -2.38 -38.83 -12.48
C ASP E 29 -3.74 -38.11 -12.58
N ILE E 30 -3.79 -36.85 -12.17
CA ILE E 30 -5.07 -36.14 -12.20
C ILE E 30 -5.46 -35.42 -13.51
N SER E 31 -4.58 -35.39 -14.51
CA SER E 31 -4.90 -34.75 -15.82
C SER E 31 -6.28 -35.03 -16.40
N PRO E 32 -6.66 -36.33 -16.50
CA PRO E 32 -7.97 -36.63 -17.07
C PRO E 32 -9.09 -35.91 -16.35
N TYR E 33 -8.98 -35.79 -15.02
CA TYR E 33 -9.98 -35.13 -14.21
C TYR E 33 -9.83 -33.58 -14.26
N LEU E 34 -8.62 -33.10 -14.51
CA LEU E 34 -8.40 -31.65 -14.71
C LEU E 34 -8.98 -31.35 -16.11
N SER E 35 -8.69 -32.22 -17.09
CA SER E 35 -9.23 -31.96 -18.42
C SER E 35 -10.76 -31.89 -18.44
N LEU E 36 -11.43 -32.84 -17.77
CA LEU E 36 -12.92 -32.86 -17.72
C LEU E 36 -13.44 -31.54 -17.13
N ILE E 37 -12.94 -31.19 -15.95
CA ILE E 37 -13.34 -29.91 -15.33
C ILE E 37 -13.13 -28.73 -16.33
N ARG E 38 -11.97 -28.68 -16.98
CA ARG E 38 -11.72 -27.59 -17.90
C ARG E 38 -12.76 -27.65 -19.02
N GLU E 39 -12.89 -28.82 -19.63
CA GLU E 39 -13.86 -29.01 -20.71
C GLU E 39 -15.27 -28.55 -20.27
N ASP E 40 -15.79 -29.07 -19.16
CA ASP E 40 -17.12 -28.66 -18.67
C ASP E 40 -17.20 -27.16 -18.38
N SER E 41 -16.10 -26.57 -17.91
CA SER E 41 -16.14 -25.12 -17.62
C SER E 41 -16.26 -24.39 -18.95
N ILE E 42 -15.29 -24.60 -19.85
CA ILE E 42 -15.31 -23.98 -21.17
C ILE E 42 -16.67 -24.26 -21.91
N LEU E 43 -16.97 -25.53 -22.18
CA LEU E 43 -18.20 -25.91 -22.92
C LEU E 43 -19.52 -25.61 -22.21
N ASN E 44 -19.62 -25.95 -20.93
CA ASN E 44 -20.85 -25.76 -20.16
C ASN E 44 -20.88 -24.67 -19.09
N GLY E 45 -19.71 -24.15 -18.67
CA GLY E 45 -19.70 -23.15 -17.60
C GLY E 45 -19.23 -21.70 -17.82
N ASN E 46 -18.95 -21.31 -19.06
CA ASN E 46 -18.48 -19.97 -19.37
C ASN E 46 -17.13 -19.66 -18.72
N ARG E 47 -16.26 -20.66 -18.80
CA ARG E 47 -14.91 -20.58 -18.31
C ARG E 47 -14.62 -20.15 -16.85
N ALA E 48 -15.47 -20.65 -15.94
CA ALA E 48 -15.33 -20.47 -14.51
C ALA E 48 -15.05 -21.83 -13.88
N VAL E 49 -14.12 -21.85 -12.92
CA VAL E 49 -13.88 -23.05 -12.13
C VAL E 49 -13.99 -22.56 -10.67
N ILE E 50 -14.94 -23.08 -9.90
CA ILE E 50 -15.09 -22.62 -8.50
C ILE E 50 -14.17 -23.44 -7.61
N PHE E 51 -13.57 -22.85 -6.57
CA PHE E 51 -12.69 -23.69 -5.74
C PHE E 51 -12.71 -23.35 -4.26
N ASP E 52 -11.96 -24.15 -3.49
CA ASP E 52 -11.78 -23.89 -2.08
C ASP E 52 -10.57 -24.70 -1.72
N VAL E 53 -9.87 -24.34 -0.65
CA VAL E 53 -8.64 -25.02 -0.25
C VAL E 53 -8.73 -25.24 1.27
N TYR E 54 -8.18 -26.38 1.70
CA TYR E 54 -8.27 -26.82 3.10
C TYR E 54 -6.87 -27.06 3.59
N TRP E 55 -6.61 -26.52 4.77
CA TRP E 55 -5.29 -26.57 5.34
C TRP E 55 -5.11 -27.43 6.58
N ASP E 56 -4.06 -28.24 6.55
CA ASP E 56 -3.66 -28.97 7.71
C ASP E 56 -2.77 -27.88 8.34
N VAL E 57 -3.29 -27.25 9.39
CA VAL E 57 -2.56 -26.19 10.04
C VAL E 57 -1.16 -26.54 10.53
N GLY E 58 -0.31 -25.52 10.59
CA GLY E 58 1.07 -25.72 11.02
C GLY E 58 1.63 -24.69 11.99
N PHE E 59 2.18 -25.21 13.08
CA PHE E 59 2.78 -24.35 14.09
C PHE E 59 4.05 -23.71 13.57
N THR E 66 8.84 -16.78 10.41
CA THR E 66 7.71 -16.72 9.50
C THR E 66 6.75 -17.85 9.87
N LYS E 67 6.13 -17.69 11.04
CA LYS E 67 5.23 -18.66 11.62
C LYS E 67 4.11 -19.33 10.85
N THR E 68 3.83 -18.92 9.60
CA THR E 68 2.79 -19.62 8.86
C THR E 68 3.39 -20.60 7.83
N SER E 69 4.71 -20.57 7.67
CA SER E 69 5.37 -21.44 6.69
C SER E 69 5.21 -22.95 6.87
N GLY E 70 4.30 -23.38 7.75
CA GLY E 70 4.14 -24.83 7.95
C GLY E 70 2.71 -25.32 7.72
N TRP E 71 1.81 -24.38 7.41
CA TRP E 71 0.44 -24.79 7.15
C TRP E 71 0.55 -25.71 5.95
N SER E 72 -0.24 -26.78 5.96
CA SER E 72 -0.24 -27.76 4.91
C SER E 72 -1.58 -27.90 4.20
N LEU E 73 -1.55 -27.66 2.91
CA LEU E 73 -2.74 -27.74 2.04
C LEU E 73 -3.33 -29.18 2.09
N SER E 74 -4.38 -29.40 2.91
CA SER E 74 -5.09 -30.72 3.06
C SER E 74 -5.63 -31.19 1.75
N SER E 75 -6.25 -30.27 1.03
CA SER E 75 -6.88 -30.69 -0.20
C SER E 75 -7.30 -29.55 -1.13
N VAL E 76 -7.61 -29.90 -2.39
CA VAL E 76 -8.10 -28.92 -3.39
C VAL E 76 -9.46 -29.39 -3.84
N LYS E 77 -10.42 -28.48 -3.88
CA LYS E 77 -11.81 -28.75 -4.35
C LYS E 77 -11.98 -27.93 -5.65
N LEU E 78 -12.31 -28.56 -6.79
CA LEU E 78 -12.56 -27.89 -8.07
C LEU E 78 -13.95 -28.30 -8.49
N SER E 79 -14.79 -27.31 -8.80
CA SER E 79 -16.17 -27.59 -9.17
C SER E 79 -16.67 -26.74 -10.35
N THR E 80 -17.47 -27.39 -11.23
CA THR E 80 -18.10 -26.70 -12.36
C THR E 80 -19.60 -26.94 -12.13
N ARG E 81 -20.50 -26.41 -12.98
CA ARG E 81 -21.92 -26.69 -12.70
C ARG E 81 -22.17 -28.19 -12.56
N ASN E 82 -21.54 -28.97 -13.45
CA ASN E 82 -21.70 -30.43 -13.52
C ASN E 82 -20.80 -31.32 -12.69
N LEU E 83 -19.62 -30.83 -12.33
CA LEU E 83 -18.65 -31.67 -11.62
C LEU E 83 -18.02 -31.11 -10.36
N CYS E 84 -17.46 -32.01 -9.55
CA CYS E 84 -16.73 -31.62 -8.34
C CYS E 84 -15.57 -32.59 -8.17
N LEU E 85 -14.37 -32.08 -8.39
CA LEU E 85 -13.12 -32.84 -8.26
C LEU E 85 -12.42 -32.53 -6.92
N PHE E 86 -12.33 -33.55 -6.07
CA PHE E 86 -11.69 -33.37 -4.78
C PHE E 86 -10.31 -34.05 -4.75
N LEU E 87 -9.23 -33.28 -4.65
CA LEU E 87 -7.91 -33.89 -4.64
C LEU E 87 -7.38 -33.85 -3.22
N ARG E 88 -7.41 -34.99 -2.52
CA ARG E 88 -6.87 -35.02 -1.17
C ARG E 88 -5.38 -35.14 -1.45
N LEU E 89 -4.61 -34.17 -0.97
CA LEU E 89 -3.17 -34.09 -1.26
C LEU E 89 -2.24 -34.63 -0.21
N PRO E 90 -1.06 -35.11 -0.63
CA PRO E 90 -0.11 -35.64 0.35
C PRO E 90 0.83 -34.53 0.82
N LYS E 91 1.86 -34.98 1.56
CA LYS E 91 2.91 -34.13 2.08
C LYS E 91 4.17 -34.98 2.20
N PRO E 92 5.22 -34.69 1.41
CA PRO E 92 5.31 -33.61 0.40
C PRO E 92 4.61 -33.97 -0.91
N PHE E 93 4.72 -32.98 -1.81
CA PHE E 93 4.21 -33.03 -3.16
C PHE E 93 5.18 -33.77 -4.04
N HIS E 94 4.68 -34.57 -4.96
CA HIS E 94 5.58 -35.19 -5.91
C HIS E 94 5.29 -34.50 -7.24
N ASP E 95 6.19 -34.70 -8.20
CA ASP E 95 6.04 -34.07 -9.51
C ASP E 95 4.67 -34.13 -10.13
N ASN E 96 3.94 -35.22 -9.86
CA ASN E 96 2.58 -35.36 -10.39
C ASN E 96 1.64 -34.20 -9.96
N LEU E 97 2.01 -33.46 -8.93
CA LEU E 97 1.17 -32.32 -8.58
C LEU E 97 1.47 -31.14 -9.53
N LYS E 98 2.59 -31.24 -10.29
CA LYS E 98 2.90 -30.18 -11.24
C LYS E 98 1.70 -29.88 -12.18
N ASP E 99 0.96 -30.91 -12.57
CA ASP E 99 -0.21 -30.72 -13.43
C ASP E 99 -1.27 -29.84 -12.73
N LEU E 100 -1.33 -29.89 -11.38
CA LEU E 100 -2.26 -29.04 -10.63
C LEU E 100 -1.73 -27.54 -10.65
N TYR E 101 -0.40 -27.35 -10.66
CA TYR E 101 0.16 -25.98 -10.70
C TYR E 101 -0.22 -25.28 -12.02
N ARG E 102 -0.11 -26.03 -13.12
CA ARG E 102 -0.42 -25.54 -14.46
C ARG E 102 -1.92 -25.30 -14.61
N PHE E 103 -2.75 -26.20 -14.08
CA PHE E 103 -4.20 -26.03 -14.18
C PHE E 103 -4.63 -24.80 -13.40
N PHE E 104 -3.77 -24.42 -12.45
CA PHE E 104 -4.03 -23.27 -11.60
C PHE E 104 -3.46 -21.95 -12.21
N ALA E 105 -2.44 -22.07 -13.07
CA ALA E 105 -1.85 -20.92 -13.76
C ALA E 105 -2.67 -20.57 -15.02
N SER E 106 -3.73 -21.34 -15.28
CA SER E 106 -4.48 -21.13 -16.52
C SER E 106 -5.31 -19.84 -16.68
N LYS E 107 -5.23 -19.29 -17.89
CA LYS E 107 -5.94 -18.09 -18.29
C LYS E 107 -7.22 -18.46 -19.08
N PHE E 108 -7.39 -19.76 -19.31
CA PHE E 108 -8.60 -20.28 -20.00
C PHE E 108 -9.87 -20.01 -19.20
N VAL E 109 -9.76 -20.05 -17.87
CA VAL E 109 -10.90 -19.87 -16.98
C VAL E 109 -10.53 -18.91 -15.82
N THR E 110 -11.50 -18.69 -14.94
CA THR E 110 -11.36 -17.84 -13.75
C THR E 110 -11.69 -18.66 -12.50
N PHE E 111 -10.78 -18.62 -11.52
CA PHE E 111 -10.98 -19.37 -10.27
C PHE E 111 -11.75 -18.53 -9.25
N VAL E 112 -13.02 -18.92 -9.06
CA VAL E 112 -13.96 -18.21 -8.19
C VAL E 112 -13.90 -18.79 -6.76
N GLY E 113 -13.46 -17.95 -5.80
CA GLY E 113 -13.40 -18.39 -4.41
C GLY E 113 -14.07 -17.44 -3.45
N VAL E 114 -14.26 -17.90 -2.22
CA VAL E 114 -14.87 -17.09 -1.17
C VAL E 114 -13.83 -17.00 -0.06
N GLN E 115 -13.61 -15.77 0.43
CA GLN E 115 -12.64 -15.45 1.50
C GLN E 115 -11.28 -16.08 1.17
N ILE E 116 -10.85 -15.94 -0.09
CA ILE E 116 -9.57 -16.51 -0.49
C ILE E 116 -8.32 -15.63 -0.34
N GLU E 117 -8.39 -14.44 0.27
CA GLU E 117 -7.13 -13.65 0.29
C GLU E 117 -5.97 -14.27 1.13
N GLU E 118 -6.23 -14.81 2.31
CA GLU E 118 -5.13 -15.41 3.08
C GLU E 118 -4.74 -16.66 2.30
N ASP E 119 -5.76 -17.33 1.71
CA ASP E 119 -5.53 -18.54 0.94
C ASP E 119 -4.45 -18.34 -0.12
N LEU E 120 -4.72 -17.46 -1.09
CA LEU E 120 -3.72 -17.21 -2.15
C LEU E 120 -2.39 -16.88 -1.53
N ASP E 121 -2.44 -16.10 -0.45
CA ASP E 121 -1.23 -15.73 0.20
C ASP E 121 -0.51 -17.02 0.60
N LEU E 122 -1.28 -18.08 0.89
CA LEU E 122 -0.69 -19.36 1.32
C LEU E 122 -0.19 -20.23 0.17
N LEU E 123 -0.97 -20.34 -0.86
CA LEU E 123 -0.52 -21.10 -2.04
C LEU E 123 0.88 -20.58 -2.46
N ARG E 124 1.14 -19.30 -2.20
CA ARG E 124 2.43 -18.68 -2.56
C ARG E 124 3.70 -18.85 -1.68
N GLU E 125 3.62 -18.53 -0.38
CA GLU E 125 4.81 -18.62 0.50
C GLU E 125 5.25 -20.05 0.76
N ASN E 126 4.29 -20.97 0.91
CA ASN E 126 4.63 -22.34 1.28
C ASN E 126 4.57 -23.41 0.22
N HIS E 127 4.31 -23.07 -1.05
CA HIS E 127 4.22 -24.10 -2.12
C HIS E 127 4.77 -23.79 -3.52
N GLY E 128 4.97 -22.51 -3.86
CA GLY E 128 5.47 -22.14 -5.20
C GLY E 128 4.33 -22.16 -6.23
N LEU E 129 3.10 -22.12 -5.71
CA LEU E 129 1.84 -22.16 -6.46
C LEU E 129 1.19 -20.74 -6.43
N VAL E 130 0.71 -20.28 -7.61
CA VAL E 130 0.12 -18.92 -7.79
C VAL E 130 -1.10 -19.00 -8.74
N ILE E 131 -2.28 -18.55 -8.35
CA ILE E 131 -3.43 -18.63 -9.27
C ILE E 131 -3.40 -17.39 -10.21
N ARG E 132 -3.17 -17.58 -11.51
CA ARG E 132 -3.07 -16.39 -12.35
C ARG E 132 -4.36 -15.57 -12.60
N ASN E 133 -5.52 -16.20 -12.43
CA ASN E 133 -6.80 -15.58 -12.71
C ASN E 133 -7.77 -16.01 -11.62
N ALA E 134 -7.59 -15.43 -10.45
CA ALA E 134 -8.43 -15.75 -9.29
C ALA E 134 -9.28 -14.55 -8.91
N ILE E 135 -10.45 -14.82 -8.34
CA ILE E 135 -11.27 -13.74 -7.80
C ILE E 135 -11.88 -14.12 -6.43
N ASN E 136 -11.44 -13.38 -5.41
CA ASN E 136 -11.92 -13.49 -4.04
C ASN E 136 -13.35 -12.97 -4.35
N VAL E 137 -14.29 -13.90 -4.62
CA VAL E 137 -15.61 -13.49 -5.12
C VAL E 137 -16.61 -12.63 -4.33
N GLY E 138 -16.42 -12.55 -3.00
CA GLY E 138 -17.28 -11.76 -2.16
C GLY E 138 -17.16 -10.28 -2.50
N LYS E 139 -15.96 -9.84 -2.86
CA LYS E 139 -15.80 -8.43 -3.13
C LYS E 139 -16.50 -8.01 -4.44
N LEU E 140 -16.48 -8.87 -5.44
CA LEU E 140 -17.16 -8.61 -6.73
C LEU E 140 -18.67 -8.68 -6.49
N ALA E 141 -19.10 -9.62 -5.64
CA ALA E 141 -20.55 -9.75 -5.38
C ALA E 141 -21.07 -8.48 -4.71
N ALA E 142 -20.33 -8.02 -3.69
CA ALA E 142 -20.68 -6.84 -2.93
C ALA E 142 -20.78 -5.59 -3.84
N GLU E 143 -19.83 -5.45 -4.74
CA GLU E 143 -19.85 -4.29 -5.59
C GLU E 143 -20.86 -4.38 -6.75
N ALA E 144 -21.74 -5.37 -6.70
CA ALA E 144 -22.76 -5.51 -7.73
C ALA E 144 -24.16 -5.40 -7.10
N ARG E 145 -24.22 -5.48 -5.76
CA ARG E 145 -25.52 -5.43 -5.10
C ARG E 145 -25.67 -4.28 -4.07
N GLY E 146 -24.81 -3.27 -4.12
CA GLY E 146 -24.90 -2.20 -3.11
C GLY E 146 -25.11 -2.70 -1.68
N THR E 147 -24.32 -3.69 -1.28
CA THR E 147 -24.44 -4.29 0.05
C THR E 147 -23.00 -4.62 0.51
N LEU E 148 -22.42 -3.79 1.38
CA LEU E 148 -21.04 -3.98 1.82
C LEU E 148 -20.75 -5.34 2.46
N VAL E 149 -21.77 -6.09 2.84
CA VAL E 149 -21.46 -7.32 3.56
C VAL E 149 -21.03 -8.55 2.75
N LEU E 150 -21.42 -8.66 1.48
CA LEU E 150 -21.05 -9.83 0.68
C LEU E 150 -19.53 -10.15 0.71
N GLU E 151 -18.69 -9.13 0.65
CA GLU E 151 -17.25 -9.36 0.70
C GLU E 151 -16.82 -9.97 2.05
N PHE E 152 -17.64 -9.82 3.09
CA PHE E 152 -17.32 -10.31 4.46
C PHE E 152 -18.08 -11.55 4.90
N LEU E 153 -18.78 -12.14 3.94
CA LEU E 153 -19.56 -13.34 4.23
C LEU E 153 -18.79 -14.60 3.92
N GLY E 154 -19.09 -15.65 4.69
CA GLY E 154 -18.48 -16.95 4.45
C GLY E 154 -19.27 -17.62 3.32
N THR E 155 -18.93 -18.86 2.95
CA THR E 155 -19.58 -19.46 1.79
C THR E 155 -21.12 -19.52 1.78
N ARG E 156 -21.67 -19.99 2.86
CA ARG E 156 -23.10 -20.13 2.91
C ARG E 156 -23.87 -18.83 3.09
N GLU E 157 -23.30 -17.90 3.85
CA GLU E 157 -24.04 -16.67 4.08
C GLU E 157 -24.07 -15.84 2.81
N LEU E 158 -23.04 -15.97 1.97
CA LEU E 158 -23.01 -15.23 0.68
C LEU E 158 -23.94 -15.93 -0.34
N ALA E 159 -23.80 -17.25 -0.48
CA ALA E 159 -24.63 -17.98 -1.44
C ALA E 159 -26.08 -17.65 -1.08
N HIS E 160 -26.39 -17.78 0.20
CA HIS E 160 -27.73 -17.48 0.69
C HIS E 160 -28.10 -16.04 0.35
N ARG E 161 -27.26 -15.09 0.78
CA ARG E 161 -27.53 -13.68 0.58
C ARG E 161 -27.57 -13.17 -0.84
N VAL E 162 -27.14 -13.97 -1.80
CA VAL E 162 -27.18 -13.53 -3.21
C VAL E 162 -28.27 -14.34 -3.93
N LEU E 163 -28.62 -15.48 -3.36
CA LEU E 163 -29.61 -16.36 -3.96
C LEU E 163 -30.99 -16.40 -3.31
N TRP E 164 -31.06 -16.32 -1.99
CA TRP E 164 -32.34 -16.36 -1.25
C TRP E 164 -32.90 -17.76 -1.44
N SER E 165 -31.97 -18.71 -1.37
CA SER E 165 -32.23 -20.12 -1.54
C SER E 165 -32.23 -20.81 -0.16
N ASP E 166 -32.80 -22.03 -0.13
CA ASP E 166 -32.87 -22.89 1.06
C ASP E 166 -31.69 -23.84 0.90
N LEU E 167 -31.11 -24.27 2.01
CA LEU E 167 -29.91 -25.13 2.00
C LEU E 167 -29.91 -26.12 3.19
N GLY E 168 -31.04 -26.79 3.41
CA GLY E 168 -31.13 -27.70 4.54
C GLY E 168 -30.06 -28.75 4.66
N GLN E 169 -29.81 -29.45 3.56
CA GLN E 169 -28.81 -30.51 3.54
C GLN E 169 -27.42 -30.02 3.95
N LEU E 170 -26.89 -29.02 3.21
CA LEU E 170 -25.56 -28.46 3.49
C LEU E 170 -25.58 -27.92 4.93
N ASP E 171 -26.64 -27.16 5.25
CA ASP E 171 -26.81 -26.55 6.56
C ASP E 171 -26.96 -27.63 7.64
N SER E 172 -27.65 -28.71 7.30
CA SER E 172 -27.82 -29.75 8.30
C SER E 172 -26.49 -30.37 8.66
N ILE E 173 -25.67 -30.66 7.66
CA ILE E 173 -24.37 -31.26 7.94
C ILE E 173 -23.42 -30.30 8.71
N GLU E 174 -23.42 -29.03 8.32
CA GLU E 174 -22.49 -28.06 8.91
C GLU E 174 -22.70 -27.81 10.38
N ALA E 175 -23.96 -27.71 10.77
CA ALA E 175 -24.36 -27.50 12.14
C ALA E 175 -23.79 -28.59 13.01
N LYS E 176 -23.68 -29.80 12.49
CA LYS E 176 -23.09 -30.87 13.30
C LYS E 176 -21.91 -31.48 12.55
N TRP E 177 -21.06 -30.58 12.04
CA TRP E 177 -19.92 -30.93 11.21
C TRP E 177 -18.99 -32.03 11.71
N GLU E 178 -18.52 -31.91 12.95
CA GLU E 178 -17.57 -32.86 13.50
C GLU E 178 -18.13 -34.27 13.58
N LYS E 179 -19.44 -34.39 13.42
CA LYS E 179 -20.04 -35.71 13.46
C LYS E 179 -20.32 -36.26 12.08
N ALA E 180 -19.84 -35.57 11.06
CA ALA E 180 -20.04 -35.99 9.67
C ALA E 180 -18.87 -36.86 9.24
N GLY E 181 -19.16 -37.86 8.40
CA GLY E 181 -18.12 -38.75 7.90
C GLY E 181 -17.54 -38.32 6.55
N PRO E 182 -16.59 -39.08 5.98
CA PRO E 182 -15.94 -38.79 4.70
C PRO E 182 -16.87 -38.49 3.53
N GLU E 183 -17.79 -39.40 3.26
CA GLU E 183 -18.70 -39.18 2.15
C GLU E 183 -19.50 -37.96 2.45
N GLU E 184 -19.96 -37.85 3.69
CA GLU E 184 -20.73 -36.68 4.11
C GLU E 184 -19.90 -35.37 3.89
N GLN E 185 -18.65 -35.34 4.28
CA GLN E 185 -17.86 -34.14 4.06
C GLN E 185 -17.80 -33.90 2.56
N LEU E 186 -17.56 -34.97 1.78
CA LEU E 186 -17.53 -34.82 0.34
C LEU E 186 -18.86 -34.25 -0.10
N GLU E 187 -19.91 -34.52 0.68
CA GLU E 187 -21.26 -34.07 0.33
C GLU E 187 -21.30 -32.56 0.36
N ALA E 188 -20.99 -32.01 1.54
CA ALA E 188 -20.99 -30.57 1.70
C ALA E 188 -20.11 -29.96 0.56
N ALA E 189 -18.80 -30.20 0.60
CA ALA E 189 -17.87 -29.69 -0.40
C ALA E 189 -18.43 -29.62 -1.81
N ALA E 190 -18.75 -30.77 -2.41
CA ALA E 190 -19.27 -30.77 -3.77
C ALA E 190 -20.43 -29.82 -3.86
N ILE E 191 -21.30 -29.85 -2.86
CA ILE E 191 -22.43 -28.94 -2.90
C ILE E 191 -21.92 -27.48 -3.03
N GLU E 192 -21.04 -27.07 -2.14
CA GLU E 192 -20.54 -25.71 -2.20
C GLU E 192 -19.87 -25.56 -3.57
N GLY E 193 -19.22 -26.61 -4.04
CA GLY E 193 -18.59 -26.51 -5.33
C GLY E 193 -19.63 -26.23 -6.41
N TRP E 194 -20.90 -26.60 -6.17
CA TRP E 194 -21.98 -26.33 -7.11
C TRP E 194 -22.63 -25.01 -6.78
N LEU E 195 -22.76 -24.71 -5.49
CA LEU E 195 -23.35 -23.45 -5.05
C LEU E 195 -22.62 -22.22 -5.65
N ILE E 196 -21.32 -22.15 -5.41
CA ILE E 196 -20.56 -21.01 -5.89
C ILE E 196 -20.66 -20.81 -7.38
N VAL E 197 -20.90 -21.89 -8.12
CA VAL E 197 -21.12 -21.78 -9.55
C VAL E 197 -22.44 -21.00 -9.70
N ASN E 198 -23.39 -21.20 -8.79
CA ASN E 198 -24.66 -20.43 -8.88
C ASN E 198 -24.39 -18.98 -8.51
N VAL E 199 -23.18 -18.70 -8.03
CA VAL E 199 -22.84 -17.30 -7.71
C VAL E 199 -22.10 -16.67 -8.90
N TRP E 200 -21.06 -17.34 -9.40
CA TRP E 200 -20.32 -16.78 -10.53
C TRP E 200 -21.25 -16.42 -11.71
N ASP E 201 -22.13 -17.35 -12.08
CA ASP E 201 -23.04 -17.13 -13.19
C ASP E 201 -24.05 -16.04 -12.90
N GLN E 202 -24.64 -16.05 -11.72
CA GLN E 202 -25.57 -14.99 -11.39
C GLN E 202 -24.81 -13.64 -11.33
N LEU E 203 -23.48 -13.65 -11.21
CA LEU E 203 -22.74 -12.37 -11.15
C LEU E 203 -22.12 -11.90 -12.46
N SER E 204 -21.42 -12.75 -13.18
CA SER E 204 -20.82 -12.30 -14.43
C SER E 204 -21.83 -12.13 -15.57
N ASP E 205 -23.00 -11.59 -15.25
CA ASP E 205 -24.03 -11.35 -16.25
C ASP E 205 -25.05 -10.26 -15.91
N GLU E 206 -25.14 -9.88 -14.63
CA GLU E 206 -26.09 -8.85 -14.24
C GLU E 206 -25.64 -7.43 -14.58
N SER F 1 -21.72 -34.78 30.64
CA SER F 1 -22.60 -33.83 29.90
C SER F 1 -21.90 -32.51 29.66
N ALA F 2 -21.53 -32.32 28.39
CA ALA F 2 -20.78 -31.14 27.93
C ALA F 2 -21.57 -29.98 27.32
N SER F 3 -21.82 -28.97 28.16
CA SER F 3 -22.58 -27.82 27.74
C SER F 3 -21.86 -26.63 28.29
N PHE F 4 -22.55 -25.49 28.26
CA PHE F 4 -22.05 -24.24 28.77
C PHE F 4 -22.73 -24.03 30.12
N ASP F 5 -22.10 -24.65 31.12
CA ASP F 5 -22.60 -24.65 32.49
C ASP F 5 -21.81 -23.75 33.46
N GLY F 6 -21.93 -22.44 33.25
CA GLY F 6 -21.29 -21.46 34.12
C GLY F 6 -22.38 -20.41 34.34
N PRO F 7 -22.10 -19.27 34.99
CA PRO F 7 -23.15 -18.26 35.19
C PRO F 7 -23.82 -17.83 33.89
N LYS F 8 -25.14 -17.62 33.98
CA LYS F 8 -25.92 -17.17 32.84
C LYS F 8 -25.99 -15.68 33.04
N PHE F 9 -26.12 -14.96 31.95
CA PHE F 9 -26.23 -13.54 32.04
C PHE F 9 -27.41 -13.12 31.20
N LYS F 10 -28.33 -12.36 31.80
CA LYS F 10 -29.49 -11.93 31.06
C LYS F 10 -29.25 -10.54 30.44
N THR F 12 -29.89 -7.03 28.59
CA THR F 12 -30.93 -6.08 28.92
C THR F 12 -32.19 -6.23 28.06
N ASP F 13 -32.27 -7.30 27.27
CA ASP F 13 -33.46 -7.55 26.46
C ASP F 13 -34.16 -8.80 26.99
N GLY F 14 -33.66 -9.36 28.08
CA GLY F 14 -34.29 -10.55 28.65
C GLY F 14 -33.64 -11.90 28.43
N SER F 15 -32.96 -12.06 27.30
CA SER F 15 -32.29 -13.31 26.94
C SER F 15 -31.13 -13.64 27.90
N TYR F 16 -30.56 -14.84 27.75
CA TYR F 16 -29.45 -15.26 28.58
C TYR F 16 -28.26 -15.81 27.77
N VAL F 17 -27.07 -15.76 28.37
CA VAL F 17 -25.88 -16.30 27.75
C VAL F 17 -25.24 -17.36 28.68
N GLN F 18 -25.01 -18.55 28.13
CA GLN F 18 -24.40 -19.65 28.87
C GLN F 18 -22.90 -19.52 28.80
N THR F 19 -22.27 -19.70 29.95
CA THR F 19 -20.83 -19.55 30.14
C THR F 19 -20.01 -20.84 30.20
N LYS F 20 -18.73 -20.71 29.86
CA LYS F 20 -17.77 -21.76 29.89
C LYS F 20 -16.41 -21.09 29.79
N THR F 21 -15.61 -21.28 30.83
CA THR F 21 -14.26 -20.74 30.93
C THR F 21 -13.36 -21.97 31.02
N ILE F 22 -12.57 -22.22 29.98
CA ILE F 22 -11.69 -23.37 30.02
C ILE F 22 -10.22 -22.97 30.16
N ASP F 23 -9.53 -23.68 31.06
CA ASP F 23 -8.09 -23.51 31.26
C ASP F 23 -7.38 -24.60 30.44
N VAL F 24 -6.81 -24.16 29.31
CA VAL F 24 -6.15 -25.07 28.37
C VAL F 24 -4.70 -25.39 28.72
N GLY F 25 -4.41 -26.68 28.91
CA GLY F 25 -3.06 -27.12 29.20
C GLY F 25 -2.45 -27.76 27.95
N SER F 26 -1.68 -28.81 28.15
CA SER F 26 -1.01 -29.43 27.00
C SER F 26 -1.85 -30.49 26.29
N SER F 27 -2.91 -30.94 26.96
CA SER F 27 -3.75 -31.98 26.38
C SER F 27 -5.26 -31.75 26.57
N THR F 28 -5.65 -30.53 26.97
CA THR F 28 -7.06 -30.19 27.14
C THR F 28 -7.71 -30.21 25.72
N ASP F 29 -8.85 -30.90 25.56
CA ASP F 29 -9.54 -30.97 24.27
C ASP F 29 -10.64 -29.91 24.24
N ILE F 30 -10.48 -28.87 23.42
CA ILE F 30 -11.50 -27.83 23.38
C ILE F 30 -12.37 -28.01 22.16
N SER F 31 -12.15 -29.11 21.44
CA SER F 31 -12.88 -29.42 20.23
C SER F 31 -14.38 -29.50 20.44
N PRO F 32 -14.82 -30.12 21.55
CA PRO F 32 -16.29 -30.21 21.77
C PRO F 32 -16.87 -28.83 22.07
N TYR F 33 -16.07 -27.93 22.64
CA TYR F 33 -16.61 -26.59 22.90
C TYR F 33 -16.59 -25.77 21.61
N LEU F 34 -15.55 -25.96 20.79
CA LEU F 34 -15.48 -25.23 19.50
C LEU F 34 -16.63 -25.65 18.51
N SER F 35 -17.06 -26.92 18.58
CA SER F 35 -18.13 -27.36 17.71
C SER F 35 -19.51 -26.83 18.16
N LEU F 36 -19.72 -26.69 19.47
CA LEU F 36 -20.97 -26.17 20.02
C LEU F 36 -21.05 -24.68 19.72
N ILE F 37 -19.88 -24.02 19.74
CA ILE F 37 -19.88 -22.60 19.45
C ILE F 37 -20.44 -22.50 18.04
N ARG F 38 -19.91 -23.31 17.12
CA ARG F 38 -20.32 -23.30 15.72
C ARG F 38 -21.81 -23.63 15.54
N GLU F 39 -22.30 -24.55 16.37
CA GLU F 39 -23.68 -24.95 16.26
C GLU F 39 -24.60 -23.80 16.65
N ASP F 40 -24.30 -23.13 17.75
CA ASP F 40 -25.14 -22.03 18.15
C ASP F 40 -25.13 -20.91 17.07
N SER F 41 -23.97 -20.74 16.42
CA SER F 41 -23.83 -19.70 15.38
C SER F 41 -24.50 -20.14 14.07
N ILE F 42 -24.33 -21.40 13.70
CA ILE F 42 -24.96 -21.87 12.45
C ILE F 42 -26.50 -21.99 12.54
N LEU F 43 -27.03 -22.40 13.70
CA LEU F 43 -28.50 -22.52 13.80
C LEU F 43 -29.13 -21.36 14.53
N ASN F 44 -28.36 -20.65 15.33
CA ASN F 44 -28.97 -19.59 16.16
C ASN F 44 -28.38 -18.20 16.17
N GLY F 45 -27.31 -17.98 15.39
CA GLY F 45 -26.69 -16.67 15.36
C GLY F 45 -26.34 -16.15 13.99
N ASN F 46 -26.99 -16.74 12.98
CA ASN F 46 -26.81 -16.36 11.59
C ASN F 46 -25.37 -16.50 11.12
N ARG F 47 -24.68 -17.52 11.62
CA ARG F 47 -23.34 -17.76 11.16
C ARG F 47 -22.22 -16.71 11.49
N ALA F 48 -22.46 -15.83 12.47
CA ALA F 48 -21.38 -14.97 12.94
C ALA F 48 -20.89 -15.54 14.28
N VAL F 49 -19.64 -15.22 14.60
CA VAL F 49 -18.97 -15.59 15.84
C VAL F 49 -18.19 -14.35 16.19
N ILE F 50 -18.44 -13.87 17.40
CA ILE F 50 -17.79 -12.68 17.89
C ILE F 50 -16.60 -13.16 18.74
N PHE F 51 -15.47 -12.48 18.59
CA PHE F 51 -14.28 -12.88 19.33
C PHE F 51 -13.45 -11.70 19.81
N ASP F 52 -12.34 -12.06 20.48
CA ASP F 52 -11.31 -11.12 20.99
C ASP F 52 -10.17 -12.02 21.51
N VAL F 53 -8.94 -11.44 21.52
CA VAL F 53 -7.70 -12.08 21.97
C VAL F 53 -7.10 -11.26 23.12
N TYR F 54 -6.39 -11.93 24.00
CA TYR F 54 -5.78 -11.30 25.13
C TYR F 54 -4.28 -11.57 25.14
N TRP F 55 -3.53 -10.65 25.71
CA TRP F 55 -2.08 -10.81 25.63
C TRP F 55 -1.27 -10.83 26.89
N ASP F 56 -0.48 -11.88 27.02
CA ASP F 56 0.45 -12.01 28.10
C ASP F 56 1.54 -11.15 27.47
N VAL F 57 1.39 -9.84 27.59
CA VAL F 57 2.35 -8.94 26.99
C VAL F 57 3.69 -9.35 27.59
N GLY F 58 4.68 -9.59 26.72
CA GLY F 58 5.98 -10.03 27.20
C GLY F 58 7.23 -9.40 26.61
N PHE F 59 8.27 -9.31 27.45
CA PHE F 59 9.55 -8.75 27.05
C PHE F 59 10.40 -9.84 26.37
N THR F 66 12.59 -8.62 17.08
CA THR F 66 11.50 -7.63 16.93
C THR F 66 10.74 -7.48 18.24
N LYS F 67 10.52 -6.23 18.65
CA LYS F 67 9.86 -5.99 19.91
C LYS F 67 8.46 -6.58 20.15
N THR F 68 7.61 -6.73 19.12
CA THR F 68 6.31 -7.35 19.38
C THR F 68 6.42 -8.92 19.57
N SER F 69 7.59 -9.51 19.28
CA SER F 69 7.83 -10.95 19.46
C SER F 69 7.52 -11.48 20.85
N GLY F 70 7.79 -10.64 21.83
CA GLY F 70 7.53 -10.98 23.22
C GLY F 70 6.04 -11.14 23.51
N TRP F 71 5.16 -10.80 22.55
CA TRP F 71 3.70 -10.95 22.80
C TRP F 71 3.16 -12.38 22.60
N SER F 72 2.38 -12.90 23.55
CA SER F 72 1.84 -14.25 23.37
C SER F 72 0.36 -14.25 23.66
N LEU F 73 -0.41 -15.00 22.88
CA LEU F 73 -1.86 -15.04 23.04
C LEU F 73 -2.20 -15.71 24.37
N SER F 74 -2.92 -15.00 25.26
CA SER F 74 -3.29 -15.58 26.58
C SER F 74 -4.77 -15.94 26.77
N SER F 75 -5.68 -15.14 26.21
CA SER F 75 -7.12 -15.45 26.31
C SER F 75 -7.69 -15.39 24.91
N VAL F 76 -8.74 -16.18 24.64
CA VAL F 76 -9.43 -16.16 23.33
C VAL F 76 -10.90 -16.30 23.58
N LYS F 77 -11.65 -15.20 23.58
CA LYS F 77 -13.10 -15.27 23.78
C LYS F 77 -13.84 -15.51 22.48
N LEU F 78 -14.83 -16.42 22.49
CA LEU F 78 -15.64 -16.71 21.30
C LEU F 78 -17.11 -16.63 21.73
N SER F 79 -17.86 -15.73 21.09
CA SER F 79 -19.25 -15.56 21.44
C SER F 79 -20.21 -15.82 20.28
N THR F 80 -21.39 -16.35 20.62
CA THR F 80 -22.46 -16.58 19.65
C THR F 80 -23.77 -16.03 20.29
N ARG F 81 -24.87 -16.06 19.55
CA ARG F 81 -26.17 -15.58 20.07
C ARG F 81 -26.40 -16.07 21.51
N ASN F 82 -26.21 -17.36 21.75
CA ASN F 82 -26.45 -17.99 23.04
C ASN F 82 -25.24 -18.38 23.91
N LEU F 83 -24.04 -18.35 23.33
CA LEU F 83 -22.87 -18.80 24.07
C LEU F 83 -21.62 -17.93 24.07
N CYS F 84 -20.90 -18.00 25.20
CA CYS F 84 -19.66 -17.26 25.34
C CYS F 84 -18.64 -18.22 25.95
N LEU F 85 -17.64 -18.57 25.14
CA LEU F 85 -16.56 -19.51 25.53
C LEU F 85 -15.26 -18.75 25.77
N PHE F 86 -14.76 -18.80 27.01
CA PHE F 86 -13.53 -18.11 27.32
C PHE F 86 -12.41 -19.15 27.36
N LEU F 87 -11.50 -19.10 26.38
CA LEU F 87 -10.42 -20.08 26.37
C LEU F 87 -9.13 -19.47 26.89
N ARG F 88 -8.71 -19.88 28.09
CA ARG F 88 -7.44 -19.36 28.63
C ARG F 88 -6.32 -20.27 28.12
N LEU F 89 -5.25 -19.68 27.59
CA LEU F 89 -4.20 -20.49 26.96
C LEU F 89 -2.85 -20.50 27.63
N PRO F 90 -2.09 -21.61 27.46
CA PRO F 90 -0.76 -21.66 28.10
C PRO F 90 0.34 -21.09 27.18
N LYS F 91 1.53 -20.98 27.70
CA LYS F 91 2.65 -20.52 26.90
C LYS F 91 3.78 -21.57 27.07
N PRO F 92 4.19 -22.27 26.00
CA PRO F 92 3.76 -22.23 24.60
C PRO F 92 2.54 -23.11 24.42
N PHE F 93 1.99 -23.09 23.19
CA PHE F 93 0.85 -23.93 22.84
C PHE F 93 1.44 -25.33 22.76
N HIS F 94 0.56 -26.33 22.63
CA HIS F 94 0.91 -27.74 22.40
C HIS F 94 -0.01 -28.08 21.20
N ASP F 95 0.04 -29.30 20.67
CA ASP F 95 -0.79 -29.66 19.51
C ASP F 95 -2.31 -29.69 19.70
N ASN F 96 -2.78 -29.71 20.94
CA ASN F 96 -4.23 -29.69 21.14
C ASN F 96 -4.70 -28.31 20.69
N LEU F 97 -3.77 -27.40 20.37
CA LEU F 97 -4.28 -26.09 19.91
C LEU F 97 -4.51 -26.05 18.39
N LYS F 98 -4.20 -27.15 17.68
CA LYS F 98 -4.47 -27.18 16.25
C LYS F 98 -6.00 -27.02 15.98
N ASP F 99 -6.83 -27.60 16.83
CA ASP F 99 -8.30 -27.46 16.68
C ASP F 99 -8.65 -25.95 16.68
N LEU F 100 -8.04 -25.15 17.57
CA LEU F 100 -8.35 -23.69 17.56
C LEU F 100 -7.96 -23.04 16.20
N TYR F 101 -6.74 -23.32 15.72
CA TYR F 101 -6.27 -22.79 14.45
C TYR F 101 -7.24 -23.24 13.36
N ARG F 102 -7.69 -24.50 13.46
CA ARG F 102 -8.58 -25.02 12.45
C ARG F 102 -9.91 -24.33 12.57
N PHE F 103 -10.34 -24.09 13.82
CA PHE F 103 -11.59 -23.40 14.00
C PHE F 103 -11.54 -22.05 13.27
N PHE F 104 -10.72 -21.14 13.80
CA PHE F 104 -10.57 -19.77 13.26
C PHE F 104 -10.38 -19.77 11.75
N ALA F 105 -10.14 -20.96 11.17
CA ALA F 105 -9.97 -21.14 9.74
C ALA F 105 -11.27 -21.13 8.94
N SER F 106 -12.39 -21.46 9.58
CA SER F 106 -13.63 -21.58 8.78
C SER F 106 -14.18 -20.30 8.13
N LYS F 107 -14.96 -20.51 7.08
CA LYS F 107 -15.64 -19.45 6.35
C LYS F 107 -17.18 -19.71 6.57
N PHE F 108 -17.47 -20.79 7.32
CA PHE F 108 -18.87 -21.16 7.64
C PHE F 108 -19.48 -20.00 8.46
N VAL F 109 -18.63 -19.36 9.29
CA VAL F 109 -18.98 -18.25 10.19
C VAL F 109 -18.06 -16.99 10.05
N THR F 110 -18.64 -15.80 10.06
CA THR F 110 -17.80 -14.60 10.02
C THR F 110 -17.30 -14.38 11.47
N PHE F 111 -15.97 -14.35 11.60
CA PHE F 111 -15.28 -14.14 12.86
C PHE F 111 -15.26 -12.62 13.02
N VAL F 112 -16.01 -12.12 14.01
CA VAL F 112 -16.20 -10.68 14.20
C VAL F 112 -15.58 -10.14 15.47
N GLY F 113 -14.83 -9.04 15.33
CA GLY F 113 -14.18 -8.42 16.47
C GLY F 113 -14.17 -6.93 16.36
N VAL F 114 -13.66 -6.27 17.41
CA VAL F 114 -13.56 -4.81 17.51
C VAL F 114 -12.09 -4.45 17.83
N GLN F 115 -11.57 -3.46 17.09
CA GLN F 115 -10.20 -2.97 17.15
C GLN F 115 -9.20 -4.12 17.28
N ILE F 116 -9.22 -4.94 16.24
CA ILE F 116 -8.42 -6.16 16.10
C ILE F 116 -7.27 -6.05 15.06
N GLU F 117 -7.25 -4.95 14.30
CA GLU F 117 -6.26 -4.80 13.25
C GLU F 117 -4.86 -5.26 13.70
N GLU F 118 -4.40 -4.78 14.85
CA GLU F 118 -3.09 -5.19 15.36
C GLU F 118 -3.13 -6.66 15.83
N ASP F 119 -4.22 -7.09 16.48
CA ASP F 119 -4.29 -8.46 16.97
C ASP F 119 -4.07 -9.41 15.78
N LEU F 120 -4.64 -9.06 14.62
CA LEU F 120 -4.51 -9.94 13.46
C LEU F 120 -3.03 -10.03 13.03
N ASP F 121 -2.34 -8.89 12.93
CA ASP F 121 -0.90 -8.90 12.56
C ASP F 121 -0.17 -9.81 13.55
N LEU F 122 -0.38 -9.53 14.84
CA LEU F 122 0.24 -10.27 15.97
C LEU F 122 -0.08 -11.75 15.97
N LEU F 123 -1.39 -12.05 15.93
CA LEU F 123 -1.81 -13.44 15.90
C LEU F 123 -1.15 -14.11 14.70
N ARG F 124 -1.16 -13.45 13.54
CA ARG F 124 -0.57 -14.08 12.35
C ARG F 124 0.93 -14.21 12.52
N GLU F 125 1.57 -13.19 13.11
CA GLU F 125 3.04 -13.14 13.29
C GLU F 125 3.76 -14.08 14.27
N ASN F 126 3.46 -14.01 15.58
CA ASN F 126 4.14 -14.82 16.57
C ASN F 126 3.58 -16.27 16.73
N HIS F 127 2.45 -16.55 16.08
CA HIS F 127 1.87 -17.87 16.24
C HIS F 127 1.53 -18.58 14.92
N GLY F 128 1.59 -17.87 13.79
CA GLY F 128 1.17 -18.49 12.54
C GLY F 128 -0.33 -18.80 12.54
N LEU F 129 -1.12 -17.97 13.25
CA LEU F 129 -2.58 -18.11 13.37
C LEU F 129 -3.28 -17.04 12.49
N VAL F 130 -4.16 -17.48 11.59
CA VAL F 130 -4.82 -16.61 10.61
C VAL F 130 -6.35 -16.81 10.62
N ILE F 131 -7.10 -15.75 10.33
CA ILE F 131 -8.56 -15.81 10.25
C ILE F 131 -8.97 -15.63 8.78
N ARG F 132 -9.31 -16.71 8.09
CA ARG F 132 -9.63 -16.55 6.69
C ARG F 132 -10.83 -15.60 6.36
N ASN F 133 -11.80 -15.47 7.27
CA ASN F 133 -13.01 -14.65 7.00
C ASN F 133 -13.30 -13.50 7.97
N ALA F 134 -12.22 -12.81 8.36
CA ALA F 134 -12.26 -11.69 9.25
C ALA F 134 -12.85 -10.47 8.56
N ILE F 135 -13.51 -9.65 9.38
CA ILE F 135 -14.14 -8.40 9.00
C ILE F 135 -14.00 -7.52 10.23
N ASN F 136 -13.89 -6.20 10.07
CA ASN F 136 -13.78 -5.25 11.18
C ASN F 136 -15.20 -4.69 11.28
N VAL F 137 -15.84 -4.76 12.44
CA VAL F 137 -17.23 -4.27 12.53
C VAL F 137 -17.29 -2.74 12.67
N GLY F 138 -16.24 -2.14 13.24
CA GLY F 138 -16.20 -0.69 13.35
C GLY F 138 -16.05 0.00 12.00
N LYS F 139 -15.24 -0.58 11.10
CA LYS F 139 -15.01 0.00 9.78
C LYS F 139 -16.29 -0.09 8.87
N LEU F 140 -16.90 -1.28 8.85
CA LEU F 140 -18.11 -1.55 8.08
C LEU F 140 -19.26 -0.78 8.74
N ALA F 141 -19.16 -0.55 10.05
CA ALA F 141 -20.22 0.18 10.75
C ALA F 141 -20.16 1.60 10.25
N ALA F 142 -18.94 2.14 10.22
CA ALA F 142 -18.76 3.52 9.80
C ALA F 142 -19.23 3.74 8.36
N GLU F 143 -18.94 2.78 7.48
CA GLU F 143 -19.29 2.93 6.08
C GLU F 143 -20.77 2.71 5.85
N ALA F 144 -21.42 2.00 6.77
CA ALA F 144 -22.85 1.73 6.67
C ALA F 144 -23.68 2.68 7.56
N ARG F 145 -23.09 3.76 8.04
CA ARG F 145 -23.85 4.63 8.90
C ARG F 145 -23.56 6.09 8.71
N GLY F 146 -22.62 6.45 7.84
CA GLY F 146 -22.29 7.85 7.69
C GLY F 146 -21.90 8.44 9.05
N THR F 147 -21.15 7.68 9.84
CA THR F 147 -20.73 8.16 11.16
C THR F 147 -19.29 7.79 11.29
N LEU F 148 -18.46 8.83 11.18
CA LEU F 148 -17.03 8.70 11.21
C LEU F 148 -16.48 7.97 12.41
N VAL F 149 -16.67 8.56 13.56
CA VAL F 149 -16.17 8.02 14.80
C VAL F 149 -16.40 6.52 15.16
N LEU F 150 -17.44 5.85 14.64
CA LEU F 150 -17.69 4.47 15.10
C LEU F 150 -16.49 3.53 15.00
N GLU F 151 -15.71 3.72 13.94
CA GLU F 151 -14.50 2.97 13.61
C GLU F 151 -13.43 3.12 14.70
N PHE F 152 -13.48 4.24 15.42
CA PHE F 152 -12.43 4.57 16.42
C PHE F 152 -12.86 4.46 17.89
N LEU F 153 -13.93 3.72 18.16
CA LEU F 153 -14.43 3.55 19.52
C LEU F 153 -14.05 2.17 20.02
N GLY F 154 -14.11 1.99 21.33
CA GLY F 154 -13.84 0.70 21.94
C GLY F 154 -15.10 -0.16 21.85
N THR F 155 -15.01 -1.42 22.26
CA THR F 155 -16.16 -2.36 22.15
C THR F 155 -17.51 -1.83 22.73
N ARG F 156 -17.46 -1.13 23.85
CA ARG F 156 -18.68 -0.60 24.47
C ARG F 156 -19.33 0.62 23.75
N GLU F 157 -18.47 1.54 23.30
CA GLU F 157 -18.92 2.76 22.66
C GLU F 157 -19.50 2.49 21.26
N LEU F 158 -18.88 1.56 20.50
CA LEU F 158 -19.46 1.21 19.22
C LEU F 158 -20.92 0.68 19.49
N ALA F 159 -21.06 -0.29 20.39
CA ALA F 159 -22.37 -0.88 20.68
C ALA F 159 -23.33 0.26 21.06
N HIS F 160 -22.86 1.12 21.94
CA HIS F 160 -23.62 2.27 22.40
C HIS F 160 -24.08 3.19 21.27
N ARG F 161 -23.21 3.39 20.28
CA ARG F 161 -23.49 4.29 19.16
C ARG F 161 -24.28 3.68 18.01
N VAL F 162 -24.18 2.36 17.84
CA VAL F 162 -24.92 1.67 16.80
C VAL F 162 -26.33 1.16 17.25
N LEU F 163 -26.48 0.69 18.49
CA LEU F 163 -27.76 0.13 18.94
C LEU F 163 -28.44 0.96 20.04
N TRP F 164 -27.73 1.93 20.63
CA TRP F 164 -28.25 2.74 21.71
C TRP F 164 -29.05 1.94 22.76
N SER F 165 -28.37 1.39 23.75
CA SER F 165 -29.03 0.61 24.82
C SER F 165 -28.43 1.06 26.16
N ASP F 166 -28.84 0.44 27.28
CA ASP F 166 -28.31 0.84 28.59
C ASP F 166 -27.11 -0.01 28.97
N LEU F 167 -26.05 0.67 29.38
CA LEU F 167 -24.79 -0.01 29.71
C LEU F 167 -24.25 0.17 31.12
N GLY F 168 -25.16 0.39 32.08
CA GLY F 168 -24.80 0.58 33.47
C GLY F 168 -23.98 -0.53 34.13
N GLN F 169 -24.49 -1.76 34.10
CA GLN F 169 -23.80 -2.91 34.70
C GLN F 169 -22.37 -3.09 34.12
N LEU F 170 -22.24 -3.13 32.81
CA LEU F 170 -20.91 -3.28 32.18
C LEU F 170 -19.92 -2.23 32.72
N ASP F 171 -20.27 -0.95 32.65
CA ASP F 171 -19.35 0.09 33.14
C ASP F 171 -18.91 -0.17 34.56
N SER F 172 -19.89 -0.24 35.47
CA SER F 172 -19.58 -0.44 36.87
C SER F 172 -18.40 -1.40 36.99
N ILE F 173 -18.49 -2.57 36.35
CA ILE F 173 -17.40 -3.57 36.37
C ILE F 173 -16.08 -3.02 35.75
N GLU F 174 -16.19 -2.48 34.54
CA GLU F 174 -14.99 -2.00 33.83
C GLU F 174 -14.43 -0.71 34.43
N ALA F 175 -15.31 0.08 35.04
CA ALA F 175 -14.90 1.34 35.68
C ALA F 175 -14.08 0.97 36.91
N LYS F 176 -14.38 -0.21 37.48
CA LYS F 176 -13.66 -0.67 38.66
C LYS F 176 -12.93 -1.95 38.34
N TRP F 177 -12.53 -2.07 37.08
CA TRP F 177 -11.90 -3.26 36.58
C TRP F 177 -10.74 -3.84 37.39
N GLU F 178 -9.82 -3.01 37.88
CA GLU F 178 -8.74 -3.59 38.65
C GLU F 178 -9.28 -4.30 39.90
N LYS F 179 -10.50 -3.94 40.33
CA LYS F 179 -11.09 -4.55 41.53
C LYS F 179 -12.17 -5.62 41.24
N ALA F 180 -12.75 -5.58 40.04
CA ALA F 180 -13.83 -6.50 39.67
C ALA F 180 -13.42 -7.95 39.82
N GLY F 181 -14.38 -8.77 40.24
CA GLY F 181 -14.12 -10.19 40.41
C GLY F 181 -14.00 -10.92 39.08
N PRO F 182 -13.44 -12.15 39.07
CA PRO F 182 -13.32 -12.84 37.79
C PRO F 182 -14.70 -13.12 37.19
N GLU F 183 -15.72 -13.20 38.03
CA GLU F 183 -17.06 -13.45 37.50
C GLU F 183 -17.66 -12.18 36.90
N GLU F 184 -17.46 -11.02 37.52
CA GLU F 184 -18.00 -9.79 36.93
C GLU F 184 -17.23 -9.44 35.61
N GLN F 185 -15.93 -9.68 35.61
CA GLN F 185 -15.10 -9.43 34.42
C GLN F 185 -15.63 -10.31 33.30
N LEU F 186 -16.03 -11.53 33.65
CA LEU F 186 -16.61 -12.42 32.65
C LEU F 186 -17.97 -11.84 32.18
N GLU F 187 -18.75 -11.29 33.11
CA GLU F 187 -20.07 -10.71 32.75
C GLU F 187 -19.86 -9.64 31.67
N ALA F 188 -18.82 -8.83 31.84
CA ALA F 188 -18.48 -7.78 30.87
C ALA F 188 -18.13 -8.40 29.53
N ALA F 189 -17.26 -9.42 29.52
CA ALA F 189 -16.91 -10.04 28.24
C ALA F 189 -18.16 -10.72 27.66
N ALA F 190 -19.10 -11.05 28.55
CA ALA F 190 -20.36 -11.66 28.16
C ALA F 190 -21.21 -10.53 27.59
N ILE F 191 -21.43 -9.47 28.37
CA ILE F 191 -22.24 -8.32 27.90
C ILE F 191 -21.69 -7.74 26.58
N GLU F 192 -20.41 -7.35 26.62
CA GLU F 192 -19.78 -6.77 25.46
C GLU F 192 -19.99 -7.67 24.24
N GLY F 193 -19.81 -8.98 24.45
CA GLY F 193 -20.00 -9.94 23.38
C GLY F 193 -21.43 -10.00 22.80
N TRP F 194 -22.44 -9.75 23.63
CA TRP F 194 -23.83 -9.79 23.14
C TRP F 194 -24.15 -8.51 22.32
N LEU F 195 -23.53 -7.40 22.72
CA LEU F 195 -23.69 -6.14 21.99
C LEU F 195 -23.14 -6.33 20.56
N ILE F 196 -22.00 -7.03 20.44
CA ILE F 196 -21.38 -7.24 19.13
C ILE F 196 -21.97 -8.49 18.36
N VAL F 197 -22.59 -9.43 19.06
CA VAL F 197 -23.24 -10.49 18.31
C VAL F 197 -24.42 -9.78 17.62
N ASN F 198 -24.91 -8.73 18.26
CA ASN F 198 -26.06 -8.00 17.70
C ASN F 198 -25.68 -6.88 16.74
N VAL F 199 -24.41 -6.46 16.77
CA VAL F 199 -23.91 -5.37 15.94
C VAL F 199 -23.98 -5.83 14.49
N TRP F 200 -23.34 -6.93 14.23
CA TRP F 200 -23.29 -7.54 12.96
C TRP F 200 -24.73 -7.77 12.41
N ASP F 201 -25.66 -8.23 13.25
CA ASP F 201 -27.03 -8.46 12.76
C ASP F 201 -27.59 -7.15 12.14
N GLN F 202 -27.55 -6.06 12.91
CA GLN F 202 -28.03 -4.78 12.40
C GLN F 202 -27.45 -4.41 11.01
N LEU F 203 -26.12 -4.35 10.89
CA LEU F 203 -25.50 -4.00 9.61
C LEU F 203 -25.69 -5.06 8.53
N SER F 204 -25.79 -6.32 8.96
CA SER F 204 -25.96 -7.45 8.04
C SER F 204 -27.05 -7.21 6.97
N ASP F 205 -28.32 -7.15 7.39
CA ASP F 205 -29.41 -6.88 6.43
C ASP F 205 -29.83 -5.42 6.50
N GLU F 206 -28.86 -4.51 6.64
CA GLU F 206 -29.13 -3.08 6.72
C GLU F 206 -28.80 -2.37 5.39
N SER A 1 -5.41 5.12 49.05
CA SER A 1 -5.81 6.55 48.96
C SER A 1 -5.16 7.30 47.78
N ALA A 2 -4.79 6.56 46.73
CA ALA A 2 -4.18 7.20 45.55
C ALA A 2 -5.08 8.31 45.01
N SER A 3 -4.50 9.46 44.70
CA SER A 3 -5.32 10.52 44.17
C SER A 3 -4.48 11.48 43.28
N PHE A 4 -5.14 12.22 42.40
CA PHE A 4 -4.41 13.14 41.54
C PHE A 4 -4.12 14.35 42.42
N ASP A 5 -3.03 14.24 43.15
CA ASP A 5 -2.64 15.25 44.11
C ASP A 5 -1.44 16.13 43.76
N GLY A 6 -1.16 16.30 42.47
CA GLY A 6 -0.07 17.17 42.08
C GLY A 6 -0.71 18.52 41.75
N PRO A 7 -0.01 19.48 41.09
CA PRO A 7 -0.64 20.77 40.78
C PRO A 7 -1.96 20.63 40.03
N LYS A 8 -2.91 21.51 40.32
CA LYS A 8 -4.18 21.46 39.63
C LYS A 8 -4.35 22.76 38.85
N PHE A 9 -4.75 22.65 37.58
CA PHE A 9 -4.95 23.82 36.72
C PHE A 9 -6.43 24.04 36.35
N LYS A 10 -6.82 25.31 36.14
CA LYS A 10 -8.18 25.72 35.78
C LYS A 10 -8.07 26.25 34.34
N THR A 12 -9.45 27.76 30.48
CA THR A 12 -9.96 29.06 30.09
C THR A 12 -11.48 29.15 30.02
N ASP A 13 -12.16 28.00 30.05
CA ASP A 13 -13.63 27.95 29.98
C ASP A 13 -14.13 27.68 31.37
N GLY A 14 -13.23 27.57 32.34
CA GLY A 14 -13.66 27.31 33.72
C GLY A 14 -13.47 25.93 34.37
N SER A 15 -13.67 24.85 33.63
CA SER A 15 -13.47 23.52 34.22
C SER A 15 -11.99 23.43 34.69
N TYR A 16 -11.74 22.80 35.83
CA TYR A 16 -10.38 22.63 36.38
C TYR A 16 -9.72 21.41 35.72
N VAL A 17 -8.41 21.28 35.89
CA VAL A 17 -7.63 20.17 35.38
C VAL A 17 -6.68 19.73 36.49
N GLN A 18 -6.93 18.59 37.11
CA GLN A 18 -6.02 18.10 38.18
C GLN A 18 -4.89 17.30 37.52
N THR A 19 -3.68 17.36 38.08
CA THR A 19 -2.54 16.62 37.51
C THR A 19 -1.83 15.74 38.54
N LYS A 20 -0.99 14.83 38.04
CA LYS A 20 -0.20 13.93 38.89
C LYS A 20 0.96 13.45 38.03
N THR A 21 2.15 13.44 38.64
CA THR A 21 3.34 12.99 37.96
C THR A 21 3.96 11.85 38.77
N ILE A 22 4.08 10.69 38.14
CA ILE A 22 4.71 9.57 38.81
C ILE A 22 6.07 9.27 38.23
N ASP A 23 7.08 9.16 39.11
CA ASP A 23 8.43 8.79 38.70
C ASP A 23 8.39 7.27 38.82
N VAL A 24 8.29 6.59 37.70
CA VAL A 24 8.17 5.16 37.71
C VAL A 24 9.52 4.50 37.90
N GLY A 25 9.59 3.61 38.89
CA GLY A 25 10.83 2.92 39.18
C GLY A 25 10.64 1.45 38.95
N SER A 26 11.59 0.63 39.41
CA SER A 26 11.50 -0.80 39.21
C SER A 26 10.33 -1.45 39.92
N SER A 27 9.81 -0.85 40.99
CA SER A 27 8.69 -1.50 41.64
C SER A 27 7.47 -0.60 41.82
N THR A 28 7.54 0.61 41.28
CA THR A 28 6.45 1.56 41.40
C THR A 28 5.15 0.97 40.84
N ASP A 29 4.13 0.79 41.67
CA ASP A 29 2.86 0.28 41.18
C ASP A 29 2.13 1.47 40.63
N ILE A 30 1.75 1.41 39.36
CA ILE A 30 1.06 2.54 38.74
C ILE A 30 -0.38 2.21 38.39
N SER A 31 -0.78 0.97 38.61
CA SER A 31 -2.14 0.60 38.26
C SER A 31 -3.19 1.46 39.00
N PRO A 32 -2.88 1.95 40.23
CA PRO A 32 -3.92 2.77 40.90
C PRO A 32 -4.22 4.08 40.14
N TYR A 33 -3.20 4.61 39.47
CA TYR A 33 -3.39 5.85 38.72
C TYR A 33 -4.04 5.56 37.37
N LEU A 34 -3.53 4.55 36.65
CA LEU A 34 -4.16 4.17 35.39
C LEU A 34 -5.68 3.88 35.59
N SER A 35 -6.03 3.22 36.70
CA SER A 35 -7.43 2.88 36.98
C SER A 35 -8.24 4.12 37.23
N LEU A 36 -7.65 5.13 37.89
CA LEU A 36 -8.37 6.37 38.11
C LEU A 36 -8.55 7.14 36.77
N ILE A 37 -7.51 7.12 35.92
CA ILE A 37 -7.59 7.81 34.63
C ILE A 37 -8.71 7.09 33.86
N ARG A 38 -8.71 5.74 33.92
CA ARG A 38 -9.69 4.88 33.23
C ARG A 38 -11.11 5.15 33.77
N GLU A 39 -11.28 4.95 35.07
CA GLU A 39 -12.58 5.18 35.68
C GLU A 39 -13.11 6.57 35.29
N ASP A 40 -12.26 7.59 35.22
CA ASP A 40 -12.79 8.91 34.88
C ASP A 40 -13.23 8.91 33.42
N SER A 41 -12.67 8.00 32.64
CA SER A 41 -13.01 7.88 31.23
C SER A 41 -14.29 7.10 30.91
N ILE A 42 -14.50 5.98 31.62
CA ILE A 42 -15.68 5.15 31.40
C ILE A 42 -17.05 5.79 31.79
N LEU A 43 -17.04 6.50 32.92
CA LEU A 43 -18.21 7.14 33.51
C LEU A 43 -18.38 8.59 33.13
N ASN A 44 -17.28 9.36 33.06
CA ASN A 44 -17.39 10.79 32.71
C ASN A 44 -16.93 11.23 31.32
N GLY A 45 -16.13 10.42 30.62
CA GLY A 45 -15.67 10.92 29.31
C GLY A 45 -16.21 10.26 28.05
N ASN A 46 -16.92 9.15 28.21
CA ASN A 46 -17.47 8.34 27.11
C ASN A 46 -16.30 7.82 26.23
N ARG A 47 -15.56 6.90 26.85
CA ARG A 47 -14.42 6.18 26.32
C ARG A 47 -13.40 6.91 25.46
N ALA A 48 -13.10 8.15 25.87
CA ALA A 48 -12.04 8.96 25.27
C ALA A 48 -11.04 9.31 26.38
N VAL A 49 -9.75 9.17 26.06
CA VAL A 49 -8.67 9.56 26.96
C VAL A 49 -7.76 10.33 26.03
N ILE A 50 -6.89 11.17 26.56
CA ILE A 50 -6.01 11.90 25.69
C ILE A 50 -4.59 11.44 26.10
N PHE A 51 -3.81 10.93 25.13
CA PHE A 51 -2.44 10.48 25.43
C PHE A 51 -1.49 11.21 24.54
N ASP A 52 -0.22 11.27 24.97
CA ASP A 52 0.85 11.87 24.15
C ASP A 52 2.15 11.28 24.66
N VAL A 53 3.18 11.22 23.80
CA VAL A 53 4.47 10.68 24.18
C VAL A 53 5.63 11.57 23.72
N TYR A 54 6.75 11.52 24.45
CA TYR A 54 7.92 12.35 24.19
C TYR A 54 9.15 11.50 24.08
N TRP A 55 9.86 11.68 22.95
CA TRP A 55 11.04 10.93 22.60
C TRP A 55 12.29 11.72 22.88
N ASP A 56 13.31 10.96 23.30
CA ASP A 56 14.71 11.40 23.54
C ASP A 56 15.38 10.46 22.55
N VAL A 57 16.40 10.98 21.88
CA VAL A 57 17.16 10.29 20.84
C VAL A 57 18.56 10.04 21.37
N GLY A 58 19.05 8.79 21.32
CA GLY A 58 20.39 8.44 21.78
C GLY A 58 21.32 7.81 20.75
N PHE A 59 22.17 8.64 20.15
CA PHE A 59 23.10 8.22 19.11
C PHE A 59 23.89 6.97 19.56
N THR A 66 20.47 0.09 12.97
CA THR A 66 19.07 0.52 12.91
C THR A 66 18.96 2.01 13.34
N LYS A 67 18.90 2.89 12.37
CA LYS A 67 18.88 4.32 12.61
C LYS A 67 17.91 4.85 13.66
N THR A 68 16.63 4.46 13.63
CA THR A 68 15.72 4.96 14.69
C THR A 68 15.83 4.17 16.01
N SER A 69 16.88 3.36 16.12
CA SER A 69 17.10 2.57 17.35
C SER A 69 17.39 3.46 18.54
N GLY A 70 17.89 4.67 18.29
CA GLY A 70 18.20 5.57 19.38
C GLY A 70 17.03 6.25 20.08
N TRP A 71 15.79 5.96 19.70
CA TRP A 71 14.67 6.62 20.39
C TRP A 71 14.06 5.71 21.46
N SER A 72 14.21 6.15 22.70
CA SER A 72 13.72 5.46 23.90
C SER A 72 12.45 6.14 24.36
N LEU A 73 11.34 5.40 24.41
CA LEU A 73 10.11 6.09 24.88
C LEU A 73 10.58 6.81 26.10
N SER A 74 10.45 8.14 26.12
CA SER A 74 10.97 8.86 27.24
C SER A 74 9.98 9.36 28.30
N SER A 75 8.68 9.31 27.99
CA SER A 75 7.62 9.74 28.91
C SER A 75 6.26 9.63 28.27
N VAL A 76 5.23 9.34 29.04
CA VAL A 76 3.88 9.24 28.45
C VAL A 76 2.94 9.91 29.35
N LYS A 77 2.05 10.70 28.73
CA LYS A 77 1.03 11.45 29.44
C LYS A 77 -0.34 10.87 29.08
N LEU A 78 -1.30 10.94 30.01
CA LEU A 78 -2.64 10.47 29.74
C LEU A 78 -3.60 11.53 30.35
N SER A 79 -4.69 11.82 29.65
CA SER A 79 -5.57 12.84 30.16
C SER A 79 -7.06 12.76 29.85
N THR A 80 -7.83 13.45 30.71
CA THR A 80 -9.29 13.65 30.58
C THR A 80 -9.42 15.19 30.89
N ARG A 81 -10.63 15.69 31.11
CA ARG A 81 -10.89 17.12 31.40
C ARG A 81 -10.27 17.62 32.73
N ASN A 82 -10.67 17.01 33.83
CA ASN A 82 -10.18 17.37 35.15
C ASN A 82 -8.93 16.54 35.57
N LEU A 83 -8.42 15.72 34.65
CA LEU A 83 -7.26 14.89 35.03
C LEU A 83 -6.15 14.93 33.97
N CYS A 84 -4.89 15.00 34.44
CA CYS A 84 -3.72 15.04 33.56
C CYS A 84 -2.65 14.19 34.29
N LEU A 85 -2.36 13.02 33.73
CA LEU A 85 -1.38 12.09 34.34
C LEU A 85 -0.05 11.94 33.58
N PHE A 86 1.07 12.09 34.29
CA PHE A 86 2.41 11.93 33.72
C PHE A 86 3.19 10.75 34.33
N LEU A 87 3.76 9.89 33.49
CA LEU A 87 4.59 8.78 33.99
C LEU A 87 6.07 8.98 33.54
N ARG A 88 6.95 9.44 34.43
CA ARG A 88 8.35 9.59 34.03
C ARG A 88 8.90 8.16 34.02
N LEU A 89 9.31 7.71 32.84
CA LEU A 89 9.72 6.30 32.61
C LEU A 89 11.20 5.92 32.81
N PRO A 90 11.50 4.74 33.38
CA PRO A 90 12.90 4.32 33.60
C PRO A 90 13.49 3.76 32.32
N LYS A 91 14.81 3.59 32.27
CA LYS A 91 15.42 3.08 31.03
C LYS A 91 15.17 1.59 30.94
N PRO A 92 15.61 0.85 31.96
CA PRO A 92 15.30 -0.56 31.77
C PRO A 92 13.85 -0.68 32.31
N PHE A 93 12.91 -1.08 31.47
CA PHE A 93 11.55 -1.24 31.94
C PHE A 93 11.48 -2.50 32.83
N HIS A 94 10.54 -2.56 33.75
CA HIS A 94 10.40 -3.78 34.55
C HIS A 94 8.94 -4.18 34.63
N ASP A 95 8.72 -5.44 34.99
CA ASP A 95 7.40 -6.00 35.09
C ASP A 95 6.30 -5.04 35.47
N ASN A 96 6.60 -4.10 36.35
CA ASN A 96 5.61 -3.13 36.79
C ASN A 96 5.19 -2.20 35.64
N LEU A 97 5.91 -2.22 34.51
CA LEU A 97 5.49 -1.39 33.38
C LEU A 97 4.53 -2.14 32.43
N LYS A 98 4.32 -3.42 32.70
CA LYS A 98 3.41 -4.16 31.83
C LYS A 98 2.01 -3.63 32.01
N ASP A 99 1.72 -3.06 33.18
CA ASP A 99 0.42 -2.48 33.38
C ASP A 99 0.14 -1.41 32.31
N LEU A 100 1.15 -0.61 31.97
CA LEU A 100 0.98 0.45 30.98
C LEU A 100 0.73 -0.20 29.62
N TYR A 101 1.47 -1.26 29.29
CA TYR A 101 1.29 -1.93 28.01
C TYR A 101 -0.15 -2.44 27.92
N ARG A 102 -0.61 -3.07 29.01
CA ARG A 102 -1.97 -3.60 29.00
C ARG A 102 -3.00 -2.44 28.92
N PHE A 103 -2.67 -1.32 29.54
CA PHE A 103 -3.59 -0.19 29.51
C PHE A 103 -3.66 0.37 28.08
N PHE A 104 -2.51 0.38 27.40
CA PHE A 104 -2.46 0.92 26.04
C PHE A 104 -3.08 0.00 25.02
N ALA A 105 -3.15 -1.28 25.36
CA ALA A 105 -3.76 -2.29 24.48
C ALA A 105 -5.30 -2.36 24.67
N SER A 106 -5.78 -1.73 25.74
CA SER A 106 -7.21 -1.76 26.09
C SER A 106 -8.24 -1.31 25.05
N LYS A 107 -9.24 -2.15 24.85
CA LYS A 107 -10.34 -1.76 23.93
C LYS A 107 -11.52 -1.11 24.72
N PHE A 108 -11.32 -0.82 26.01
CA PHE A 108 -12.43 -0.21 26.83
C PHE A 108 -12.68 1.15 26.30
N VAL A 109 -11.55 1.81 25.94
CA VAL A 109 -11.54 3.16 25.45
C VAL A 109 -10.75 3.37 24.15
N THR A 110 -10.77 4.61 23.72
CA THR A 110 -10.06 5.08 22.52
C THR A 110 -8.95 6.04 22.95
N PHE A 111 -7.71 5.75 22.55
CA PHE A 111 -6.57 6.61 22.93
C PHE A 111 -6.45 7.70 21.87
N VAL A 112 -6.70 8.93 22.27
CA VAL A 112 -6.70 10.04 21.33
C VAL A 112 -5.38 10.83 21.44
N GLY A 113 -4.77 11.12 20.29
CA GLY A 113 -3.51 11.86 20.26
C GLY A 113 -3.50 12.77 19.03
N VAL A 114 -2.47 13.61 18.90
CA VAL A 114 -2.31 14.49 17.71
C VAL A 114 -0.99 14.19 16.99
N GLN A 115 -1.02 14.12 15.66
CA GLN A 115 0.19 13.80 14.87
C GLN A 115 0.88 12.57 15.47
N ILE A 116 0.15 11.47 15.46
CA ILE A 116 0.64 10.25 16.03
C ILE A 116 1.19 9.20 15.03
N GLU A 117 1.25 9.51 13.74
CA GLU A 117 1.74 8.47 12.79
C GLU A 117 3.14 7.95 13.15
N GLU A 118 4.15 8.82 13.25
CA GLU A 118 5.45 8.28 13.60
C GLU A 118 5.46 7.77 15.03
N ASP A 119 4.84 8.45 15.98
CA ASP A 119 4.81 7.92 17.36
C ASP A 119 4.44 6.40 17.36
N LEU A 120 3.41 5.97 16.62
CA LEU A 120 3.07 4.52 16.64
C LEU A 120 4.21 3.61 16.13
N ASP A 121 4.96 4.03 15.12
CA ASP A 121 6.06 3.18 14.63
C ASP A 121 7.20 3.11 15.64
N LEU A 122 7.47 4.22 16.33
CA LEU A 122 8.59 4.22 17.32
C LEU A 122 8.18 3.30 18.49
N LEU A 123 6.92 3.42 18.94
CA LEU A 123 6.43 2.58 20.05
C LEU A 123 6.47 1.09 19.65
N ARG A 124 5.85 0.78 18.53
CA ARG A 124 5.82 -0.59 18.09
C ARG A 124 7.21 -1.20 17.88
N GLU A 125 8.02 -0.57 17.03
CA GLU A 125 9.36 -1.08 16.74
C GLU A 125 10.34 -1.10 17.92
N ASN A 126 10.34 -0.06 18.75
CA ASN A 126 11.37 0.00 19.82
C ASN A 126 10.95 -0.55 21.18
N HIS A 127 9.64 -0.64 21.41
CA HIS A 127 9.14 -1.09 22.72
C HIS A 127 8.12 -2.23 22.66
N GLY A 128 7.58 -2.42 21.47
CA GLY A 128 6.56 -3.44 21.27
C GLY A 128 5.29 -2.99 21.97
N LEU A 129 5.11 -1.67 22.06
CA LEU A 129 3.93 -1.08 22.68
C LEU A 129 3.01 -0.62 21.54
N VAL A 130 1.88 -1.35 21.43
CA VAL A 130 0.83 -1.26 20.41
C VAL A 130 -0.45 -0.58 20.91
N ILE A 131 -1.07 0.25 20.07
CA ILE A 131 -2.32 0.88 20.47
C ILE A 131 -3.39 0.29 19.52
N ARG A 132 -4.11 -0.70 20.03
CA ARG A 132 -5.10 -1.40 19.22
C ARG A 132 -6.24 -0.48 18.80
N ASN A 133 -6.56 0.51 19.65
CA ASN A 133 -7.69 1.44 19.42
C ASN A 133 -7.27 2.90 19.49
N ALA A 134 -6.59 3.35 18.46
CA ALA A 134 -6.06 4.70 18.41
C ALA A 134 -6.64 5.54 17.27
N ILE A 135 -6.59 6.86 17.44
CA ILE A 135 -7.04 7.78 16.44
C ILE A 135 -6.08 9.00 16.37
N ASN A 136 -5.54 9.22 15.16
CA ASN A 136 -4.69 10.37 14.87
C ASN A 136 -5.81 11.38 14.55
N VAL A 137 -6.18 12.15 15.56
CA VAL A 137 -7.37 12.98 15.45
C VAL A 137 -7.43 14.03 14.37
N GLY A 138 -6.29 14.62 13.98
CA GLY A 138 -6.31 15.62 12.91
C GLY A 138 -6.99 15.10 11.64
N LYS A 139 -6.81 13.81 11.41
CA LYS A 139 -7.38 13.11 10.25
C LYS A 139 -8.93 13.03 10.34
N LEU A 140 -9.46 12.78 11.55
CA LEU A 140 -10.89 12.73 11.74
C LEU A 140 -11.43 14.15 11.50
N ALA A 141 -10.86 15.14 12.21
CA ALA A 141 -11.29 16.52 12.10
C ALA A 141 -11.32 16.95 10.64
N ALA A 142 -10.31 16.52 9.90
CA ALA A 142 -10.22 16.85 8.52
C ALA A 142 -11.40 16.18 7.76
N GLU A 143 -11.62 14.89 7.99
CA GLU A 143 -12.71 14.26 7.26
C GLU A 143 -14.05 14.81 7.74
N ALA A 144 -14.21 14.89 9.06
CA ALA A 144 -15.44 15.40 9.67
C ALA A 144 -15.82 16.75 9.11
N ARG A 145 -15.07 17.77 9.48
CA ARG A 145 -15.28 19.14 9.07
C ARG A 145 -15.12 19.25 7.58
N GLY A 146 -14.67 18.17 6.96
CA GLY A 146 -14.41 18.21 5.54
C GLY A 146 -13.39 19.29 5.33
N THR A 147 -12.44 19.40 6.29
CA THR A 147 -11.37 20.42 6.24
C THR A 147 -9.99 19.76 6.06
N LEU A 148 -9.30 20.10 4.98
CA LEU A 148 -8.02 19.49 4.64
C LEU A 148 -6.82 19.81 5.50
N VAL A 149 -6.53 21.10 5.69
CA VAL A 149 -5.33 21.45 6.45
C VAL A 149 -5.31 20.90 7.86
N LEU A 150 -6.49 20.62 8.44
CA LEU A 150 -6.54 20.12 9.84
C LEU A 150 -5.71 18.85 10.05
N GLU A 151 -5.48 18.11 8.98
CA GLU A 151 -4.69 16.88 9.09
C GLU A 151 -3.25 17.26 9.34
N PHE A 152 -2.90 18.50 9.00
CA PHE A 152 -1.50 18.97 9.05
C PHE A 152 -1.06 19.95 10.12
N LEU A 153 -1.91 20.11 11.11
CA LEU A 153 -1.69 21.04 12.22
C LEU A 153 -1.20 20.36 13.50
N GLY A 154 -0.43 21.11 14.30
CA GLY A 154 0.07 20.63 15.59
C GLY A 154 -1.04 20.68 16.67
N THR A 155 -0.71 20.18 17.86
CA THR A 155 -1.66 20.06 18.96
C THR A 155 -2.55 21.27 19.22
N ARG A 156 -1.91 22.43 19.48
CA ARG A 156 -2.61 23.68 19.75
C ARG A 156 -3.31 24.08 18.48
N GLU A 157 -2.55 24.04 17.38
CA GLU A 157 -3.05 24.46 16.09
C GLU A 157 -4.40 23.80 15.73
N LEU A 158 -4.47 22.47 15.81
CA LEU A 158 -5.73 21.80 15.55
C LEU A 158 -6.80 22.31 16.55
N ALA A 159 -6.52 22.20 17.85
CA ALA A 159 -7.39 22.66 18.91
C ALA A 159 -7.91 24.09 18.56
N HIS A 160 -7.09 24.88 17.84
CA HIS A 160 -7.49 26.23 17.46
C HIS A 160 -8.57 26.23 16.34
N ARG A 161 -8.23 25.56 15.24
CA ARG A 161 -9.11 25.50 14.07
C ARG A 161 -10.41 24.69 14.29
N VAL A 162 -10.51 23.98 15.40
CA VAL A 162 -11.70 23.20 15.72
C VAL A 162 -12.51 23.86 16.89
N LEU A 163 -11.91 24.78 17.67
CA LEU A 163 -12.56 25.31 18.86
C LEU A 163 -12.56 26.82 19.17
N TRP A 164 -11.74 27.61 18.44
CA TRP A 164 -11.67 29.07 18.63
C TRP A 164 -11.79 29.62 20.07
N SER A 165 -10.65 29.57 20.79
CA SER A 165 -10.47 30.07 22.17
C SER A 165 -9.10 30.74 22.32
N ASP A 166 -8.96 31.62 23.32
CA ASP A 166 -7.73 32.30 23.59
C ASP A 166 -6.70 31.23 23.99
N LEU A 167 -5.46 31.47 23.59
CA LEU A 167 -4.32 30.56 23.80
C LEU A 167 -3.09 31.29 24.37
N GLY A 168 -3.29 32.51 24.87
CA GLY A 168 -2.17 33.27 25.39
C GLY A 168 -1.31 32.68 26.53
N GLN A 169 -1.89 32.04 27.52
CA GLN A 169 -1.12 31.50 28.62
C GLN A 169 -0.23 30.39 28.09
N LEU A 170 -0.79 29.56 27.19
CA LEU A 170 -0.07 28.42 26.57
C LEU A 170 0.99 28.89 25.53
N ASP A 171 0.60 29.79 24.63
CA ASP A 171 1.51 30.31 23.60
C ASP A 171 2.70 31.00 24.25
N SER A 172 2.40 31.74 25.30
CA SER A 172 3.40 32.48 26.04
C SER A 172 4.51 31.52 26.47
N ILE A 173 4.11 30.47 27.19
CA ILE A 173 5.03 29.43 27.64
C ILE A 173 5.74 28.71 26.46
N GLU A 174 4.97 28.26 25.47
CA GLU A 174 5.61 27.54 24.38
C GLU A 174 6.60 28.37 23.57
N ALA A 175 6.33 29.68 23.48
CA ALA A 175 7.23 30.57 22.78
C ALA A 175 8.51 30.75 23.62
N LYS A 176 8.46 30.40 24.92
CA LYS A 176 9.64 30.57 25.78
C LYS A 176 10.02 29.26 26.46
N TRP A 177 9.52 28.17 25.91
CA TRP A 177 9.73 26.84 26.45
C TRP A 177 11.05 26.52 27.09
N GLU A 178 12.15 26.66 26.35
CA GLU A 178 13.47 26.40 26.90
C GLU A 178 13.73 27.21 28.20
N LYS A 179 12.94 28.25 28.44
CA LYS A 179 13.07 29.10 29.66
C LYS A 179 11.84 29.09 30.59
N ALA A 180 10.77 28.38 30.21
CA ALA A 180 9.60 28.28 31.06
C ALA A 180 10.00 27.36 32.26
N GLY A 181 9.58 27.70 33.46
CA GLY A 181 9.96 26.81 34.53
C GLY A 181 9.31 25.43 34.35
N PRO A 182 9.68 24.45 35.17
CA PRO A 182 9.09 23.12 35.07
C PRO A 182 7.67 23.20 35.60
N GLU A 183 7.27 24.39 35.97
CA GLU A 183 5.91 24.56 36.45
C GLU A 183 5.02 25.00 35.29
N GLU A 184 5.62 25.42 34.18
CA GLU A 184 4.78 25.90 33.08
C GLU A 184 4.75 24.96 31.87
N GLN A 185 5.79 24.13 31.73
CA GLN A 185 5.85 23.18 30.63
C GLN A 185 4.92 22.07 31.09
N LEU A 186 4.85 21.85 32.41
CA LEU A 186 3.92 20.81 32.91
C LEU A 186 2.48 21.37 32.83
N GLU A 187 2.32 22.66 33.14
CA GLU A 187 0.98 23.26 33.04
C GLU A 187 0.58 23.27 31.56
N ALA A 188 1.52 23.73 30.73
CA ALA A 188 1.29 23.80 29.29
C ALA A 188 0.81 22.43 28.82
N ALA A 189 1.40 21.36 29.37
CA ALA A 189 0.98 20.04 28.97
C ALA A 189 -0.48 19.70 29.36
N ALA A 190 -0.97 20.22 30.49
CA ALA A 190 -2.35 19.88 30.91
C ALA A 190 -3.37 20.56 29.93
N ILE A 191 -3.23 21.88 29.77
CA ILE A 191 -4.09 22.65 28.84
C ILE A 191 -4.23 21.94 27.44
N GLU A 192 -3.11 21.64 26.76
CA GLU A 192 -3.24 21.03 25.41
C GLU A 192 -4.00 19.72 25.45
N GLY A 193 -3.80 18.94 26.51
CA GLY A 193 -4.55 17.69 26.63
C GLY A 193 -6.05 18.03 26.65
N TRP A 194 -6.38 19.17 27.27
CA TRP A 194 -7.78 19.64 27.37
C TRP A 194 -8.19 20.32 26.07
N LEU A 195 -7.30 21.12 25.48
CA LEU A 195 -7.62 21.74 24.19
C LEU A 195 -8.04 20.64 23.15
N ILE A 196 -7.24 19.58 22.99
CA ILE A 196 -7.58 18.52 22.01
C ILE A 196 -8.86 17.84 22.47
N VAL A 197 -9.01 17.66 23.79
CA VAL A 197 -10.23 17.06 24.39
C VAL A 197 -11.49 17.70 23.79
N ASN A 198 -11.56 19.02 23.91
CA ASN A 198 -12.65 19.83 23.32
C ASN A 198 -12.74 19.52 21.82
N VAL A 199 -11.60 19.36 21.16
CA VAL A 199 -11.62 19.03 19.75
C VAL A 199 -12.33 17.68 19.63
N TRP A 200 -11.91 16.73 20.44
CA TRP A 200 -12.52 15.40 20.38
C TRP A 200 -14.04 15.43 20.65
N ASP A 201 -14.42 16.00 21.80
CA ASP A 201 -15.83 16.06 22.16
C ASP A 201 -16.66 16.59 20.99
N GLN A 202 -16.20 17.64 20.32
CA GLN A 202 -16.93 18.14 19.18
C GLN A 202 -17.03 17.08 18.08
N LEU A 203 -15.88 16.60 17.62
CA LEU A 203 -15.84 15.59 16.56
C LEU A 203 -16.58 14.24 16.75
N SER A 204 -16.39 13.56 17.88
CA SER A 204 -17.02 12.25 18.13
C SER A 204 -18.54 12.15 17.85
N ASP A 205 -19.15 13.27 17.44
CA ASP A 205 -20.58 13.26 17.10
C ASP A 205 -21.03 14.59 16.50
N GLU A 206 -20.53 14.94 15.33
CA GLU A 206 -20.92 16.20 14.67
C GLU A 206 -21.50 15.98 13.27
N SER B 1 25.39 37.59 22.15
CA SER B 1 24.04 36.96 22.20
C SER B 1 23.67 36.26 20.87
N ALA B 2 22.49 35.65 20.80
CA ALA B 2 22.05 34.98 19.56
C ALA B 2 21.10 35.83 18.72
N SER B 3 21.51 36.11 17.49
CA SER B 3 20.66 36.91 16.63
C SER B 3 20.89 36.64 15.15
N PHE B 4 19.90 36.99 14.34
CA PHE B 4 20.02 36.77 12.92
C PHE B 4 20.65 38.00 12.28
N ASP B 5 21.98 38.03 12.34
CA ASP B 5 22.74 39.15 11.79
C ASP B 5 23.40 38.94 10.44
N GLY B 6 22.76 38.15 9.57
CA GLY B 6 23.28 37.99 8.24
C GLY B 6 22.61 39.11 7.44
N PRO B 7 22.67 39.09 6.09
CA PRO B 7 22.01 40.15 5.37
C PRO B 7 20.52 40.00 5.63
N LYS B 8 19.79 41.10 5.47
CA LYS B 8 18.36 41.15 5.65
C LYS B 8 17.90 41.37 4.22
N PHE B 9 16.83 40.71 3.78
CA PHE B 9 16.36 40.93 2.40
C PHE B 9 14.96 41.44 2.46
N LYS B 10 14.63 42.34 1.55
CA LYS B 10 13.26 42.89 1.50
C LYS B 10 12.55 42.15 0.38
N THR B 12 9.36 41.48 -2.31
CA THR B 12 8.63 42.36 -3.20
C THR B 12 7.35 42.81 -2.52
N ASP B 13 7.13 42.38 -1.29
CA ASP B 13 5.91 42.78 -0.56
C ASP B 13 6.22 44.00 0.34
N GLY B 14 7.50 44.27 0.53
CA GLY B 14 7.84 45.34 1.41
C GLY B 14 8.13 44.80 2.79
N SER B 15 8.20 43.46 2.95
CA SER B 15 8.57 42.92 4.27
C SER B 15 10.03 42.50 4.16
N TYR B 16 10.58 42.16 5.31
CA TYR B 16 11.96 41.72 5.43
C TYR B 16 12.11 40.31 5.98
N VAL B 17 13.31 39.77 5.77
CA VAL B 17 13.66 38.47 6.29
C VAL B 17 15.09 38.62 6.74
N GLN B 18 15.30 38.28 7.99
CA GLN B 18 16.62 38.33 8.60
C GLN B 18 17.29 37.00 8.30
N THR B 19 18.60 36.93 8.41
CA THR B 19 19.28 35.66 8.15
C THR B 19 20.36 35.31 9.16
N LYS B 20 20.72 34.02 9.16
CA LYS B 20 21.82 33.52 9.97
C LYS B 20 22.34 32.25 9.30
N THR B 21 23.65 32.08 9.20
CA THR B 21 24.23 30.86 8.60
C THR B 21 25.25 30.30 9.55
N ILE B 22 25.07 29.05 9.94
CA ILE B 22 25.97 28.43 10.88
C ILE B 22 26.69 27.19 10.39
N ASP B 23 28.01 27.21 10.48
CA ASP B 23 28.83 26.06 10.11
C ASP B 23 28.89 25.31 11.42
N VAL B 24 27.85 24.52 11.65
CA VAL B 24 27.71 23.79 12.89
C VAL B 24 29.01 23.15 13.22
N GLY B 25 29.41 23.31 14.47
CA GLY B 25 30.67 22.74 14.88
C GLY B 25 30.48 21.39 15.52
N SER B 26 31.53 20.58 15.54
CA SER B 26 31.45 19.27 16.18
C SER B 26 30.93 19.39 17.62
N SER B 27 30.93 20.59 18.18
CA SER B 27 30.47 20.76 19.54
C SER B 27 29.63 22.01 19.68
N THR B 28 29.56 22.75 18.58
CA THR B 28 28.79 24.00 18.53
C THR B 28 27.36 23.78 19.04
N ASP B 29 26.91 24.70 19.91
CA ASP B 29 25.53 24.63 20.41
C ASP B 29 24.70 25.43 19.40
N ILE B 30 23.60 24.84 18.90
CA ILE B 30 22.76 25.53 17.94
C ILE B 30 21.44 25.87 18.61
N SER B 31 21.25 25.38 19.84
CA SER B 31 20.01 25.60 20.57
C SER B 31 19.53 27.04 20.60
N PRO B 32 20.45 27.99 20.79
CA PRO B 32 19.97 29.37 20.81
C PRO B 32 19.24 29.77 19.53
N TYR B 33 19.60 29.12 18.42
CA TYR B 33 18.99 29.47 17.14
C TYR B 33 17.65 28.77 16.95
N LEU B 34 17.57 27.49 17.30
CA LEU B 34 16.27 26.83 17.23
C LEU B 34 15.29 27.63 18.14
N SER B 35 15.68 27.84 19.40
CA SER B 35 14.81 28.56 20.31
C SER B 35 14.34 29.86 19.64
N LEU B 36 15.21 30.56 18.93
CA LEU B 36 14.73 31.78 18.24
C LEU B 36 13.83 31.45 17.05
N ILE B 37 14.17 30.39 16.31
CA ILE B 37 13.31 30.00 15.17
C ILE B 37 11.94 29.58 15.76
N ARG B 38 11.97 28.77 16.81
CA ARG B 38 10.75 28.28 17.47
C ARG B 38 9.89 29.43 18.01
N GLU B 39 10.46 30.17 18.95
CA GLU B 39 9.73 31.28 19.56
C GLU B 39 9.05 32.06 18.46
N ASP B 40 9.79 32.20 17.38
CA ASP B 40 9.35 32.90 16.21
C ASP B 40 8.04 32.31 15.68
N SER B 41 8.12 31.12 15.14
CA SER B 41 6.91 30.50 14.60
C SER B 41 5.73 30.80 15.52
N ILE B 42 6.02 30.84 16.82
CA ILE B 42 4.96 31.10 17.77
C ILE B 42 4.37 32.52 17.83
N LEU B 43 5.13 33.54 17.46
CA LEU B 43 4.62 34.91 17.52
C LEU B 43 4.00 35.48 16.24
N ASN B 44 4.68 35.27 15.14
CA ASN B 44 4.30 35.79 13.83
C ASN B 44 3.95 34.72 12.74
N GLY B 45 3.45 33.52 13.08
CA GLY B 45 3.19 32.56 12.00
C GLY B 45 2.08 31.49 11.95
N ASN B 46 1.34 31.32 13.02
CA ASN B 46 0.23 30.34 13.05
C ASN B 46 0.84 28.94 13.15
N ARG B 47 2.01 28.90 13.78
CA ARG B 47 2.78 27.69 14.06
C ARG B 47 3.34 26.80 12.94
N ALA B 48 3.86 27.46 11.91
CA ALA B 48 4.54 26.78 10.79
C ALA B 48 6.02 27.14 10.78
N VAL B 49 6.86 26.13 10.48
CA VAL B 49 8.33 26.30 10.28
C VAL B 49 8.54 25.64 8.89
N ILE B 50 9.03 26.43 7.93
CA ILE B 50 9.25 25.93 6.58
C ILE B 50 10.69 25.35 6.50
N PHE B 51 10.88 24.20 5.85
CA PHE B 51 12.23 23.65 5.79
C PHE B 51 12.55 23.06 4.45
N ASP B 52 13.80 22.63 4.33
CA ASP B 52 14.38 21.98 3.17
C ASP B 52 15.66 21.32 3.73
N VAL B 53 16.13 20.27 3.05
CA VAL B 53 17.32 19.59 3.50
C VAL B 53 18.25 19.38 2.29
N TYR B 54 19.54 19.35 2.58
CA TYR B 54 20.53 19.24 1.56
C TYR B 54 21.38 18.00 1.81
N TRP B 55 21.66 17.27 0.75
CA TRP B 55 22.37 16.01 0.91
C TRP B 55 23.84 16.06 0.57
N ASP B 56 24.32 15.00 -0.06
CA ASP B 56 25.71 14.84 -0.46
C ASP B 56 25.85 13.34 -0.63
N VAL B 57 26.51 12.92 -1.69
CA VAL B 57 26.61 11.51 -1.91
C VAL B 57 27.97 10.95 -2.33
N GLY B 58 28.58 10.19 -1.42
CA GLY B 58 29.86 9.59 -1.73
C GLY B 58 29.86 8.14 -2.22
N PHE B 59 30.74 7.86 -3.18
CA PHE B 59 30.90 6.52 -3.74
C PHE B 59 31.70 5.62 -2.78
N THR B 66 19.23 -0.35 -0.56
CA THR B 66 19.87 0.50 0.44
C THR B 66 21.04 1.15 -0.27
N LYS B 67 20.84 1.46 -1.54
CA LYS B 67 21.94 2.04 -2.28
C LYS B 67 22.11 3.50 -1.96
N THR B 68 21.20 4.09 -1.16
CA THR B 68 21.31 5.51 -0.78
C THR B 68 21.73 5.72 0.65
N SER B 69 22.46 4.77 1.25
CA SER B 69 22.88 4.98 2.64
C SER B 69 24.15 5.86 2.72
N GLY B 70 24.69 6.24 1.57
CA GLY B 70 25.89 7.09 1.53
C GLY B 70 25.55 8.57 1.48
N TRP B 71 24.28 8.93 1.36
CA TRP B 71 23.89 10.34 1.31
C TRP B 71 24.20 11.12 2.62
N SER B 72 24.37 12.43 2.55
CA SER B 72 24.67 13.23 3.77
C SER B 72 23.98 14.55 3.67
N LEU B 73 23.21 14.90 4.70
CA LEU B 73 22.50 16.17 4.77
C LEU B 73 23.55 17.32 5.09
N SER B 74 23.87 18.15 4.09
CA SER B 74 24.91 19.22 4.23
C SER B 74 24.49 20.45 5.04
N SER B 75 23.22 20.79 4.88
CA SER B 75 22.60 21.92 5.52
C SER B 75 21.17 21.57 5.78
N VAL B 76 20.56 22.42 6.59
CA VAL B 76 19.16 22.29 6.90
C VAL B 76 18.65 23.71 6.83
N LYS B 77 17.68 23.98 5.96
CA LYS B 77 17.13 25.33 5.87
C LYS B 77 15.88 25.36 6.76
N LEU B 78 15.90 26.22 7.80
CA LEU B 78 14.76 26.33 8.72
C LEU B 78 14.30 27.78 8.65
N SER B 79 13.14 28.00 8.02
CA SER B 79 12.66 29.36 7.76
C SER B 79 11.28 29.76 8.27
N THR B 80 11.10 31.03 8.70
CA THR B 80 9.77 31.53 9.14
C THR B 80 9.35 32.82 8.41
N ARG B 81 8.12 33.33 8.59
CA ARG B 81 7.79 34.55 7.86
C ARG B 81 8.69 35.71 8.25
N ASN B 82 8.97 35.84 9.53
CA ASN B 82 9.88 36.88 9.90
C ASN B 82 11.25 36.68 9.29
N LEU B 83 11.77 35.43 9.38
CA LEU B 83 13.11 35.10 8.83
C LEU B 83 13.47 33.71 8.30
N CYS B 84 14.77 33.57 7.96
CA CYS B 84 15.35 32.34 7.44
C CYS B 84 16.70 31.94 8.11
N LEU B 85 16.78 30.68 8.54
CA LEU B 85 17.99 30.14 9.22
C LEU B 85 18.54 29.02 8.39
N PHE B 86 19.64 29.30 7.72
CA PHE B 86 20.27 28.30 6.88
C PHE B 86 21.23 27.67 7.86
N LEU B 87 21.32 26.35 7.83
CA LEU B 87 22.18 25.60 8.73
C LEU B 87 23.00 24.66 7.89
N ARG B 88 24.27 25.01 7.74
CA ARG B 88 25.21 24.22 6.96
C ARG B 88 25.75 23.25 7.97
N LEU B 89 26.05 22.02 7.56
CA LEU B 89 26.48 21.01 8.56
C LEU B 89 27.66 20.20 8.07
N PRO B 90 28.40 19.56 9.01
CA PRO B 90 29.57 18.76 8.64
C PRO B 90 29.17 17.30 8.69
N LYS B 91 30.12 16.42 8.32
CA LYS B 91 29.90 14.97 8.37
C LYS B 91 31.15 14.34 8.98
N PRO B 92 31.00 13.43 9.96
CA PRO B 92 29.75 12.92 10.57
C PRO B 92 29.12 13.81 11.67
N PHE B 93 27.84 13.57 12.00
CA PHE B 93 27.18 14.32 13.08
C PHE B 93 27.85 14.02 14.40
N HIS B 94 27.87 15.01 15.29
CA HIS B 94 28.32 14.81 16.65
C HIS B 94 27.04 15.04 17.47
N ASP B 95 27.11 14.84 18.80
CA ASP B 95 25.99 14.91 19.71
C ASP B 95 25.34 16.28 19.93
N ASN B 96 25.82 17.28 19.21
CA ASN B 96 25.30 18.60 19.42
C ASN B 96 24.10 18.77 18.49
N LEU B 97 24.01 17.90 17.49
CA LEU B 97 22.85 17.95 16.60
C LEU B 97 21.66 17.21 17.23
N LYS B 98 21.82 16.65 18.45
CA LYS B 98 20.65 16.02 19.08
C LYS B 98 19.58 17.11 19.28
N ASP B 99 20.01 18.38 19.37
CA ASP B 99 19.04 19.48 19.52
C ASP B 99 18.24 19.64 18.20
N LEU B 100 18.79 19.23 17.07
CA LEU B 100 18.02 19.36 15.80
C LEU B 100 17.02 18.19 15.69
N TYR B 101 17.41 17.01 16.20
CA TYR B 101 16.50 15.85 16.17
C TYR B 101 15.31 16.16 17.11
N ARG B 102 15.63 16.51 18.34
CA ARG B 102 14.62 16.86 19.32
C ARG B 102 13.78 18.01 18.78
N PHE B 103 14.43 19.02 18.17
CA PHE B 103 13.68 20.13 17.59
C PHE B 103 12.70 19.64 16.52
N PHE B 104 13.20 18.79 15.61
CA PHE B 104 12.35 18.30 14.52
C PHE B 104 11.18 17.41 14.94
N ALA B 105 11.21 16.85 16.16
CA ALA B 105 10.10 16.00 16.62
C ALA B 105 8.92 16.78 17.23
N SER B 106 8.95 18.11 17.13
CA SER B 106 7.89 18.96 17.75
C SER B 106 6.46 18.84 17.24
N LYS B 107 5.51 18.90 18.18
CA LYS B 107 4.06 18.89 17.90
C LYS B 107 3.54 20.31 18.10
N PHE B 108 4.43 21.24 18.46
CA PHE B 108 4.03 22.64 18.64
C PHE B 108 3.82 23.18 17.24
N VAL B 109 4.53 22.62 16.26
CA VAL B 109 4.39 23.14 14.89
C VAL B 109 4.57 22.12 13.78
N THR B 110 4.28 22.52 12.55
CA THR B 110 4.45 21.66 11.40
C THR B 110 5.55 22.26 10.56
N PHE B 111 6.30 21.40 9.89
CA PHE B 111 7.40 21.76 9.01
C PHE B 111 6.90 21.80 7.54
N VAL B 112 6.59 22.97 7.05
CA VAL B 112 6.07 23.10 5.70
C VAL B 112 7.14 22.93 4.61
N GLY B 113 6.97 21.87 3.78
CA GLY B 113 7.97 21.63 2.75
C GLY B 113 7.39 21.42 1.35
N VAL B 114 8.22 21.64 0.34
CA VAL B 114 7.77 21.43 -1.05
C VAL B 114 8.52 20.22 -1.62
N GLN B 115 7.80 19.32 -2.29
CA GLN B 115 8.42 18.11 -2.90
C GLN B 115 9.46 17.48 -1.95
N ILE B 116 8.92 16.99 -0.82
CA ILE B 116 9.73 16.45 0.27
C ILE B 116 9.47 15.02 0.61
N GLU B 117 8.97 14.25 -0.34
CA GLU B 117 8.66 12.86 -0.08
C GLU B 117 9.93 11.96 0.01
N GLU B 118 10.74 11.93 -1.05
CA GLU B 118 11.99 11.16 -0.97
C GLU B 118 12.80 11.69 0.24
N ASP B 119 12.87 13.01 0.41
CA ASP B 119 13.62 13.48 1.55
C ASP B 119 13.25 12.68 2.78
N LEU B 120 11.96 12.58 3.10
CA LEU B 120 11.53 11.85 4.30
C LEU B 120 12.03 10.43 4.25
N ASP B 121 12.04 9.85 3.04
CA ASP B 121 12.61 8.52 2.74
C ASP B 121 14.06 8.63 3.27
N LEU B 122 14.79 9.67 2.81
CA LEU B 122 16.22 9.86 3.18
C LEU B 122 16.53 10.09 4.65
N LEU B 123 15.96 11.15 5.26
CA LEU B 123 16.22 11.45 6.65
C LEU B 123 16.08 10.16 7.53
N ARG B 124 14.93 9.49 7.50
CA ARG B 124 14.70 8.29 8.31
C ARG B 124 15.81 7.21 8.18
N GLU B 125 15.87 6.56 7.04
CA GLU B 125 16.81 5.48 6.78
C GLU B 125 18.25 5.72 7.22
N ASN B 126 18.85 6.80 6.69
CA ASN B 126 20.28 7.13 6.91
C ASN B 126 20.58 7.71 8.26
N HIS B 127 19.90 8.82 8.64
CA HIS B 127 20.20 9.44 9.92
C HIS B 127 19.30 9.03 11.06
N GLY B 128 18.21 8.37 10.70
CA GLY B 128 17.24 7.97 11.71
C GLY B 128 16.50 9.23 12.15
N LEU B 129 16.70 10.36 11.44
CA LEU B 129 16.00 11.62 11.77
C LEU B 129 14.50 11.54 11.40
N VAL B 130 13.66 11.89 12.38
CA VAL B 130 12.18 11.82 12.23
C VAL B 130 11.49 13.18 12.32
N ILE B 131 10.56 13.51 11.41
CA ILE B 131 9.86 14.76 11.57
C ILE B 131 8.40 14.41 11.89
N ARG B 132 7.89 14.73 13.08
CA ARG B 132 6.52 14.30 13.36
C ARG B 132 5.44 15.15 12.69
N ASN B 133 5.64 16.47 12.64
CA ASN B 133 4.60 17.30 12.05
C ASN B 133 5.09 17.94 10.78
N ALA B 134 5.15 17.08 9.77
CA ALA B 134 5.62 17.43 8.45
C ALA B 134 4.47 17.42 7.47
N ILE B 135 4.58 18.27 6.46
CA ILE B 135 3.58 18.18 5.42
C ILE B 135 4.32 18.40 4.09
N ASN B 136 4.06 17.49 3.13
CA ASN B 136 4.61 17.56 1.76
C ASN B 136 3.55 18.55 1.21
N VAL B 137 3.85 19.85 1.29
CA VAL B 137 2.90 20.88 1.00
C VAL B 137 2.15 20.92 -0.36
N GLY B 138 2.86 20.61 -1.45
CA GLY B 138 2.27 20.62 -2.78
C GLY B 138 1.13 19.65 -2.96
N LYS B 139 1.06 18.63 -2.13
CA LYS B 139 -0.07 17.68 -2.24
C LYS B 139 -1.36 18.34 -1.63
N LEU B 140 -1.28 18.91 -0.42
CA LEU B 140 -2.43 19.58 0.19
C LEU B 140 -2.88 20.61 -0.87
N ALA B 141 -1.92 21.40 -1.40
CA ALA B 141 -2.28 22.44 -2.38
C ALA B 141 -3.07 21.91 -3.58
N ALA B 142 -2.65 20.77 -4.12
CA ALA B 142 -3.36 20.20 -5.26
C ALA B 142 -4.80 19.91 -4.83
N GLU B 143 -4.96 19.30 -3.67
CA GLU B 143 -6.30 18.97 -3.17
C GLU B 143 -7.11 20.24 -2.87
N ALA B 144 -6.52 21.20 -2.19
CA ALA B 144 -7.20 22.45 -1.82
C ALA B 144 -7.77 23.14 -3.02
N ARG B 145 -6.88 23.39 -3.98
CA ARG B 145 -7.23 24.08 -5.21
C ARG B 145 -7.86 23.13 -6.22
N GLY B 146 -7.68 21.84 -6.01
CA GLY B 146 -8.20 20.85 -6.94
C GLY B 146 -7.43 20.95 -8.24
N THR B 147 -6.25 21.58 -8.19
CA THR B 147 -5.44 21.76 -9.39
C THR B 147 -4.35 20.68 -9.35
N LEU B 148 -4.58 19.61 -10.10
CA LEU B 148 -3.68 18.45 -10.09
C LEU B 148 -2.18 18.67 -10.17
N VAL B 149 -1.74 19.53 -11.09
CA VAL B 149 -0.30 19.70 -11.32
C VAL B 149 0.50 20.27 -10.14
N LEU B 150 -0.17 21.02 -9.26
CA LEU B 150 0.46 21.63 -8.07
C LEU B 150 1.19 20.54 -7.30
N GLU B 151 0.67 19.32 -7.39
CA GLU B 151 1.28 18.19 -6.70
C GLU B 151 2.76 17.94 -7.11
N PHE B 152 3.07 18.16 -8.37
CA PHE B 152 4.41 17.87 -8.85
C PHE B 152 5.23 19.08 -9.26
N LEU B 153 5.11 20.19 -8.52
CA LEU B 153 5.89 21.37 -8.86
C LEU B 153 6.92 21.69 -7.76
N GLY B 154 8.07 22.28 -8.16
CA GLY B 154 9.05 22.67 -7.20
C GLY B 154 8.48 23.94 -6.51
N THR B 155 9.21 24.46 -5.52
CA THR B 155 8.82 25.62 -4.71
C THR B 155 8.34 26.87 -5.53
N ARG B 156 9.23 27.37 -6.40
CA ARG B 156 8.89 28.56 -7.21
C ARG B 156 7.56 28.43 -7.97
N GLU B 157 7.50 27.46 -8.86
CA GLU B 157 6.30 27.28 -9.65
C GLU B 157 5.12 26.94 -8.71
N LEU B 158 5.33 26.15 -7.65
CA LEU B 158 4.20 25.88 -6.73
C LEU B 158 3.67 27.22 -6.18
N ALA B 159 4.59 28.06 -5.69
CA ALA B 159 4.27 29.37 -5.11
C ALA B 159 3.54 30.29 -6.11
N HIS B 160 4.10 30.34 -7.31
CA HIS B 160 3.52 31.15 -8.35
C HIS B 160 2.14 30.66 -8.75
N ARG B 161 1.87 29.34 -8.66
CA ARG B 161 0.56 28.84 -9.09
C ARG B 161 -0.43 29.02 -7.94
N VAL B 162 0.08 29.14 -6.73
CA VAL B 162 -0.78 29.32 -5.57
C VAL B 162 -1.23 30.79 -5.42
N LEU B 163 -0.24 31.70 -5.40
CA LEU B 163 -0.47 33.12 -5.16
C LEU B 163 0.09 34.20 -6.13
N TRP B 164 0.90 33.81 -7.12
CA TRP B 164 1.47 34.77 -8.08
C TRP B 164 2.15 35.98 -7.40
N SER B 165 3.48 36.02 -7.56
CA SER B 165 4.35 37.06 -6.98
C SER B 165 5.41 37.32 -8.04
N ASP B 166 6.19 38.36 -7.80
CA ASP B 166 7.25 38.77 -8.67
C ASP B 166 8.44 37.82 -8.44
N LEU B 167 8.77 36.98 -9.43
CA LEU B 167 9.85 36.01 -9.23
C LEU B 167 11.07 36.23 -10.11
N GLY B 168 11.14 37.42 -10.73
CA GLY B 168 12.25 37.70 -11.62
C GLY B 168 13.60 37.59 -10.92
N GLN B 169 13.65 38.10 -9.69
CA GLN B 169 14.88 38.11 -8.87
C GLN B 169 15.36 36.70 -8.52
N LEU B 170 14.43 35.88 -8.03
CA LEU B 170 14.74 34.50 -7.69
C LEU B 170 15.19 33.77 -8.98
N ASP B 171 14.42 33.90 -10.05
CA ASP B 171 14.79 33.24 -11.32
C ASP B 171 16.21 33.65 -11.78
N SER B 172 16.52 34.95 -11.75
CA SER B 172 17.85 35.40 -12.21
C SER B 172 18.99 34.72 -11.46
N ILE B 173 18.81 34.50 -10.16
CA ILE B 173 19.84 33.85 -9.36
C ILE B 173 19.89 32.35 -9.66
N GLU B 174 18.73 31.72 -9.66
CA GLU B 174 18.72 30.29 -9.87
C GLU B 174 19.17 29.83 -11.27
N ALA B 175 18.85 30.60 -12.32
CA ALA B 175 19.25 30.21 -13.69
C ALA B 175 20.78 30.08 -13.79
N LYS B 176 21.49 30.93 -13.06
CA LYS B 176 22.95 30.93 -13.04
C LYS B 176 23.50 30.44 -11.72
N TRP B 177 22.85 29.43 -11.13
CA TRP B 177 23.19 28.88 -9.82
C TRP B 177 24.68 28.71 -9.45
N GLU B 178 25.41 27.92 -10.25
CA GLU B 178 26.83 27.69 -10.01
C GLU B 178 27.69 28.95 -10.25
N LYS B 179 27.09 30.03 -10.75
CA LYS B 179 27.82 31.28 -10.95
C LYS B 179 27.44 32.28 -9.85
N ALA B 180 26.31 32.05 -9.20
CA ALA B 180 25.88 32.96 -8.16
C ALA B 180 26.77 32.79 -6.93
N GLY B 181 27.08 33.90 -6.27
CA GLY B 181 27.89 33.82 -5.07
C GLY B 181 27.19 33.24 -3.85
N PRO B 182 27.89 33.19 -2.68
CA PRO B 182 27.30 32.65 -1.45
C PRO B 182 26.08 33.44 -1.01
N GLU B 183 26.17 34.77 -1.08
CA GLU B 183 25.05 35.59 -0.65
C GLU B 183 23.81 35.52 -1.55
N GLU B 184 23.97 35.51 -2.88
CA GLU B 184 22.79 35.45 -3.75
C GLU B 184 22.00 34.13 -3.60
N GLN B 185 22.68 33.05 -3.30
CA GLN B 185 21.99 31.76 -3.12
C GLN B 185 21.19 31.83 -1.81
N LEU B 186 21.69 32.63 -0.85
CA LEU B 186 20.99 32.81 0.44
C LEU B 186 19.69 33.58 0.14
N GLU B 187 19.83 34.65 -0.63
CA GLU B 187 18.70 35.45 -0.97
C GLU B 187 17.64 34.59 -1.67
N ALA B 188 18.06 33.69 -2.54
CA ALA B 188 17.09 32.81 -3.20
C ALA B 188 16.40 31.87 -2.15
N ALA B 189 17.19 31.35 -1.22
CA ALA B 189 16.65 30.45 -0.19
C ALA B 189 15.69 31.25 0.70
N ALA B 190 16.07 32.47 1.07
CA ALA B 190 15.18 33.27 1.90
C ALA B 190 13.89 33.64 1.15
N ILE B 191 13.97 33.98 -0.14
CA ILE B 191 12.74 34.31 -0.92
C ILE B 191 11.87 33.03 -1.10
N GLU B 192 12.52 31.86 -1.19
CA GLU B 192 11.80 30.60 -1.33
C GLU B 192 11.09 30.26 -0.01
N GLY B 193 11.74 30.52 1.13
CA GLY B 193 11.08 30.22 2.40
C GLY B 193 9.82 31.10 2.58
N TRP B 194 9.99 32.39 2.31
CA TRP B 194 8.92 33.42 2.43
C TRP B 194 7.67 33.07 1.59
N LEU B 195 7.87 32.74 0.32
CA LEU B 195 6.74 32.34 -0.55
C LEU B 195 5.89 31.18 0.09
N ILE B 196 6.54 30.04 0.34
CA ILE B 196 5.80 28.85 0.84
C ILE B 196 5.18 29.16 2.25
N VAL B 197 5.90 29.94 3.07
CA VAL B 197 5.33 30.37 4.37
C VAL B 197 3.94 30.98 3.99
N ASN B 198 3.92 31.90 3.02
CA ASN B 198 2.66 32.54 2.58
C ASN B 198 1.76 31.56 1.82
N VAL B 199 2.33 30.53 1.19
CA VAL B 199 1.52 29.54 0.47
C VAL B 199 0.72 28.82 1.59
N TRP B 200 1.42 28.43 2.64
CA TRP B 200 0.83 27.73 3.77
C TRP B 200 -0.27 28.57 4.44
N ASP B 201 0.04 29.83 4.74
CA ASP B 201 -0.96 30.68 5.40
C ASP B 201 -2.27 30.74 4.58
N GLN B 202 -2.14 30.83 3.25
CA GLN B 202 -3.32 30.89 2.39
C GLN B 202 -4.07 29.53 2.46
N LEU B 203 -3.37 28.41 2.28
CA LEU B 203 -3.98 27.08 2.36
C LEU B 203 -4.50 26.68 3.76
N SER B 204 -3.94 27.28 4.79
CA SER B 204 -4.40 26.93 6.13
C SER B 204 -5.73 27.65 6.44
N ASP B 205 -6.12 28.56 5.55
CA ASP B 205 -7.38 29.31 5.70
C ASP B 205 -8.64 28.82 4.94
N GLU B 206 -8.60 27.61 4.41
CA GLU B 206 -9.78 27.08 3.71
C GLU B 206 -9.95 25.59 4.00
N SER C 1 33.27 29.40 -24.34
CA SER C 1 32.70 28.49 -23.31
C SER C 1 31.90 27.33 -23.95
N ALA C 2 31.33 26.48 -23.10
CA ALA C 2 30.54 25.32 -23.53
C ALA C 2 29.17 25.66 -24.14
N SER C 3 28.73 24.87 -25.12
CA SER C 3 27.45 25.12 -25.77
C SER C 3 26.87 23.84 -26.36
N PHE C 4 25.63 23.91 -26.79
CA PHE C 4 24.99 22.78 -27.42
C PHE C 4 25.34 22.82 -28.94
N ASP C 5 26.55 22.33 -29.25
CA ASP C 5 27.10 22.32 -30.62
C ASP C 5 26.75 21.12 -31.48
N GLY C 6 26.53 19.96 -30.87
CA GLY C 6 26.16 18.82 -31.68
C GLY C 6 25.06 19.17 -32.67
N PRO C 7 24.59 18.19 -33.45
CA PRO C 7 23.53 18.49 -34.42
C PRO C 7 22.37 19.29 -33.85
N LYS C 8 21.87 20.21 -34.66
CA LYS C 8 20.76 21.05 -34.24
C LYS C 8 19.56 20.67 -35.05
N PHE C 9 18.78 19.76 -34.48
CA PHE C 9 17.63 19.21 -35.13
C PHE C 9 16.42 20.14 -35.34
N LYS C 10 15.83 20.05 -36.53
CA LYS C 10 14.68 20.87 -36.88
C LYS C 10 13.42 20.14 -36.46
N THR C 12 9.10 19.59 -36.13
CA THR C 12 7.95 19.68 -37.05
C THR C 12 7.22 21.02 -37.00
N ASP C 13 7.35 21.71 -35.86
CA ASP C 13 6.70 22.99 -35.66
C ASP C 13 7.56 24.03 -36.37
N GLY C 14 8.78 23.62 -36.68
CA GLY C 14 9.67 24.50 -37.38
C GLY C 14 10.72 25.11 -36.48
N SER C 15 10.70 24.77 -35.17
CA SER C 15 11.71 25.30 -34.26
C SER C 15 12.89 24.30 -34.28
N TYR C 16 13.92 24.58 -33.49
CA TYR C 16 15.12 23.76 -33.46
C TYR C 16 15.71 23.31 -32.09
N VAL C 17 16.23 22.07 -32.04
CA VAL C 17 16.84 21.59 -30.81
C VAL C 17 18.35 21.41 -30.93
N GLN C 18 19.07 22.05 -30.03
CA GLN C 18 20.52 21.91 -29.95
C GLN C 18 20.78 20.75 -29.02
N THR C 19 21.77 19.94 -29.35
CA THR C 19 22.13 18.72 -28.59
C THR C 19 23.61 18.71 -28.23
N LYS C 20 23.96 17.72 -27.42
CA LYS C 20 25.29 17.46 -26.96
C LYS C 20 25.37 16.03 -26.46
N THR C 21 26.28 15.26 -27.05
CA THR C 21 26.42 13.92 -26.53
C THR C 21 27.81 13.81 -25.96
N ILE C 22 27.93 13.24 -24.77
CA ILE C 22 29.26 13.11 -24.23
C ILE C 22 29.35 11.73 -23.59
N ASP C 23 30.28 10.88 -24.05
CA ASP C 23 30.39 9.59 -23.38
C ASP C 23 31.33 9.91 -22.24
N VAL C 24 30.80 9.74 -21.03
CA VAL C 24 31.51 10.01 -19.78
C VAL C 24 32.55 8.95 -19.46
N GLY C 25 33.80 9.41 -19.32
CA GLY C 25 34.88 8.51 -18.97
C GLY C 25 35.36 8.85 -17.57
N SER C 26 36.06 7.89 -16.95
CA SER C 26 36.53 8.01 -15.58
C SER C 26 37.06 9.34 -15.11
N SER C 27 37.38 10.24 -16.07
CA SER C 27 37.95 11.56 -15.80
C SER C 27 37.06 12.69 -16.28
N THR C 28 36.06 12.33 -17.08
CA THR C 28 35.18 13.33 -17.65
C THR C 28 34.49 14.29 -16.68
N ASP C 29 34.46 15.56 -17.08
CA ASP C 29 33.78 16.55 -16.26
C ASP C 29 32.52 17.00 -16.96
N ILE C 30 31.37 16.67 -16.38
CA ILE C 30 30.09 17.09 -16.98
C ILE C 30 29.40 18.28 -16.33
N SER C 31 29.81 18.68 -15.13
CA SER C 31 29.11 19.75 -14.42
C SER C 31 28.86 21.04 -15.22
N PRO C 32 29.84 21.48 -16.03
CA PRO C 32 29.51 22.71 -16.76
C PRO C 32 28.20 22.56 -17.61
N TYR C 33 28.12 21.45 -18.35
CA TYR C 33 26.97 21.16 -19.21
C TYR C 33 25.62 21.03 -18.44
N LEU C 34 25.63 20.36 -17.30
CA LEU C 34 24.39 20.27 -16.51
C LEU C 34 24.04 21.73 -16.15
N SER C 35 25.06 22.60 -16.16
CA SER C 35 24.78 24.00 -15.85
C SER C 35 23.90 24.57 -16.97
N LEU C 36 24.17 24.18 -18.22
CA LEU C 36 23.36 24.68 -19.31
C LEU C 36 21.96 24.11 -19.21
N ILE C 37 21.85 22.84 -18.85
CA ILE C 37 20.52 22.25 -18.74
C ILE C 37 19.66 23.12 -17.88
N ARG C 38 20.10 23.32 -16.65
CA ARG C 38 19.36 24.13 -15.66
C ARG C 38 19.08 25.56 -16.11
N GLU C 39 20.13 26.34 -16.28
CA GLU C 39 20.03 27.73 -16.74
C GLU C 39 18.96 27.75 -17.82
N ASP C 40 19.12 26.88 -18.80
CA ASP C 40 18.13 26.84 -19.83
C ASP C 40 16.73 26.51 -19.32
N SER C 41 16.64 25.47 -18.49
CA SER C 41 15.34 25.13 -17.95
C SER C 41 14.74 26.38 -17.24
N ILE C 42 15.47 26.95 -16.29
CA ILE C 42 14.94 28.09 -15.54
C ILE C 42 14.54 29.27 -16.40
N LEU C 43 15.51 29.89 -17.07
CA LEU C 43 15.15 31.08 -17.86
C LEU C 43 14.09 30.79 -18.90
N ASN C 44 14.19 29.65 -19.59
CA ASN C 44 13.24 29.27 -20.65
C ASN C 44 12.21 28.15 -20.34
N GLY C 45 12.67 26.91 -20.37
CA GLY C 45 11.80 25.76 -20.15
C GLY C 45 10.93 25.58 -18.91
N ASN C 46 10.27 26.66 -18.49
CA ASN C 46 9.35 26.60 -17.37
C ASN C 46 9.82 25.61 -16.26
N ARG C 47 11.10 25.63 -15.96
CA ARG C 47 11.63 24.78 -14.88
C ARG C 47 11.28 23.29 -14.92
N ALA C 48 11.14 22.75 -16.12
CA ALA C 48 10.91 21.33 -16.22
C ALA C 48 12.13 20.79 -16.97
N VAL C 49 12.56 19.61 -16.57
CA VAL C 49 13.65 18.97 -17.26
C VAL C 49 12.98 17.66 -17.61
N ILE C 50 12.72 17.51 -18.90
CA ILE C 50 12.13 16.30 -19.39
C ILE C 50 13.24 15.24 -19.48
N PHE C 51 12.94 13.98 -19.13
CA PHE C 51 14.04 13.01 -19.21
C PHE C 51 13.61 11.63 -19.62
N ASP C 52 14.63 10.83 -19.90
CA ASP C 52 14.40 9.40 -20.15
C ASP C 52 15.74 8.77 -19.70
N VAL C 53 15.68 7.50 -19.34
CA VAL C 53 16.85 6.77 -18.89
C VAL C 53 16.87 5.49 -19.66
N TYR C 54 18.08 5.07 -20.01
CA TYR C 54 18.38 3.91 -20.82
C TYR C 54 19.37 3.03 -20.05
N TRP C 55 19.12 1.73 -20.09
CA TRP C 55 19.86 0.73 -19.32
C TRP C 55 20.69 -0.32 -20.10
N ASP C 56 21.77 -0.75 -19.47
CA ASP C 56 22.61 -1.86 -19.94
C ASP C 56 22.08 -3.05 -19.10
N VAL C 57 21.48 -4.04 -19.75
CA VAL C 57 20.93 -5.17 -19.01
C VAL C 57 21.99 -6.26 -18.75
N GLY C 58 22.50 -6.25 -17.53
CA GLY C 58 23.51 -7.23 -17.15
C GLY C 58 23.04 -8.17 -16.06
N PHE C 59 23.83 -9.22 -15.84
CA PHE C 59 23.52 -10.24 -14.84
C PHE C 59 24.32 -10.04 -13.56
N THR C 66 18.52 -11.36 -5.96
CA THR C 66 18.16 -10.06 -6.58
C THR C 66 18.67 -9.98 -8.05
N LYS C 67 17.81 -10.34 -8.99
CA LYS C 67 18.18 -10.37 -10.42
C LYS C 67 18.33 -9.03 -11.17
N THR C 68 17.57 -8.00 -10.77
CA THR C 68 17.66 -6.70 -11.47
C THR C 68 18.86 -5.90 -10.96
N SER C 69 19.58 -6.46 -10.01
CA SER C 69 20.71 -5.73 -9.47
C SER C 69 21.85 -5.55 -10.48
N GLY C 70 21.82 -6.32 -11.56
CA GLY C 70 22.86 -6.19 -12.58
C GLY C 70 22.55 -5.17 -13.70
N TRP C 71 21.44 -4.42 -13.60
CA TRP C 71 21.11 -3.40 -14.64
C TRP C 71 21.88 -2.08 -14.43
N SER C 72 22.43 -1.51 -15.51
CA SER C 72 23.17 -0.23 -15.40
C SER C 72 22.63 0.94 -16.26
N LEU C 73 22.66 2.19 -15.76
CA LEU C 73 22.17 3.34 -16.56
C LEU C 73 23.34 3.78 -17.49
N SER C 74 23.11 3.87 -18.80
CA SER C 74 24.19 4.20 -19.73
C SER C 74 24.00 5.53 -20.47
N SER C 75 22.84 6.15 -20.27
CA SER C 75 22.52 7.40 -20.95
C SER C 75 21.40 8.19 -20.28
N VAL C 76 21.50 9.51 -20.24
CA VAL C 76 20.36 10.25 -19.73
C VAL C 76 19.85 11.21 -20.79
N LYS C 77 18.65 10.96 -21.31
CA LYS C 77 18.10 11.87 -22.32
C LYS C 77 17.46 13.06 -21.63
N LEU C 78 18.25 14.08 -21.31
CA LEU C 78 17.73 15.28 -20.64
C LEU C 78 17.23 16.33 -21.61
N SER C 79 15.95 16.69 -21.48
CA SER C 79 15.45 17.69 -22.41
C SER C 79 14.86 18.96 -21.80
N THR C 80 15.05 20.07 -22.53
CA THR C 80 14.48 21.33 -22.13
C THR C 80 13.76 21.99 -23.32
N ARG C 81 13.08 23.10 -23.04
CA ARG C 81 12.36 23.82 -24.10
C ARG C 81 13.15 23.90 -25.44
N ASN C 82 14.42 24.29 -25.34
CA ASN C 82 15.30 24.51 -26.49
C ASN C 82 16.42 23.47 -26.69
N LEU C 83 16.73 22.70 -25.66
CA LEU C 83 17.83 21.75 -25.73
C LEU C 83 17.53 20.28 -25.45
N CYS C 84 18.45 19.43 -25.90
CA CYS C 84 18.36 18.00 -25.65
C CYS C 84 19.77 17.50 -25.39
N LEU C 85 20.02 17.20 -24.12
CA LEU C 85 21.33 16.71 -23.68
C LEU C 85 21.29 15.18 -23.56
N PHE C 86 22.24 14.49 -24.23
CA PHE C 86 22.31 13.02 -24.18
C PHE C 86 23.68 12.60 -23.66
N LEU C 87 23.73 12.04 -22.44
CA LEU C 87 25.01 11.60 -21.85
C LEU C 87 25.10 10.09 -21.96
N ARG C 88 26.24 9.56 -22.42
CA ARG C 88 26.43 8.11 -22.49
C ARG C 88 27.23 7.86 -21.21
N LEU C 89 26.84 6.88 -20.41
CA LEU C 89 27.54 6.68 -19.13
C LEU C 89 28.51 5.51 -19.01
N PRO C 90 29.50 5.60 -18.12
CA PRO C 90 30.39 4.45 -18.05
C PRO C 90 29.92 3.39 -17.04
N LYS C 91 30.53 2.21 -17.11
CA LYS C 91 30.22 1.14 -16.19
C LYS C 91 31.58 0.63 -15.77
N PRO C 92 31.94 0.77 -14.48
CA PRO C 92 31.16 1.37 -13.38
C PRO C 92 31.17 2.90 -13.42
N PHE C 93 30.47 3.50 -12.45
CA PHE C 93 30.34 4.95 -12.25
C PHE C 93 31.57 5.42 -11.43
N HIS C 94 31.98 6.68 -11.59
CA HIS C 94 33.07 7.25 -10.79
C HIS C 94 32.46 8.53 -10.18
N ASP C 95 32.99 8.99 -9.03
CA ASP C 95 32.46 10.16 -8.34
C ASP C 95 32.40 11.34 -9.28
N ASN C 96 32.94 11.15 -10.48
CA ASN C 96 32.87 12.23 -11.46
C ASN C 96 31.38 12.52 -11.79
N LEU C 97 30.47 11.58 -11.56
CA LEU C 97 29.03 11.83 -11.87
C LEU C 97 28.17 12.39 -10.68
N LYS C 98 28.81 12.68 -9.57
CA LYS C 98 28.13 13.28 -8.43
C LYS C 98 27.36 14.51 -8.93
N ASP C 99 27.81 15.10 -10.04
CA ASP C 99 27.11 16.28 -10.57
C ASP C 99 25.68 15.99 -11.01
N LEU C 100 25.52 14.91 -11.77
CA LEU C 100 24.20 14.54 -12.27
C LEU C 100 23.29 14.18 -11.10
N TYR C 101 23.88 13.70 -10.00
CA TYR C 101 23.10 13.34 -8.82
C TYR C 101 22.45 14.61 -8.28
N ARG C 102 23.22 15.70 -8.18
CA ARG C 102 22.69 16.99 -7.65
C ARG C 102 21.59 17.59 -8.51
N PHE C 103 21.77 17.53 -9.83
CA PHE C 103 20.77 18.09 -10.70
C PHE C 103 19.50 17.25 -10.73
N PHE C 104 19.64 15.93 -10.54
CA PHE C 104 18.49 15.03 -10.52
C PHE C 104 17.71 15.15 -9.20
N ALA C 105 18.43 15.45 -8.11
CA ALA C 105 17.77 15.58 -6.80
C ALA C 105 17.10 16.95 -6.62
N SER C 106 17.45 17.88 -7.53
CA SER C 106 17.01 19.27 -7.53
C SER C 106 15.52 19.61 -7.45
N LYS C 107 15.22 20.67 -6.68
CA LYS C 107 13.85 21.17 -6.48
C LYS C 107 13.56 22.42 -7.34
N PHE C 108 14.57 22.95 -8.02
CA PHE C 108 14.37 24.16 -8.88
C PHE C 108 13.47 23.76 -10.03
N VAL C 109 13.54 22.48 -10.38
CA VAL C 109 12.76 21.97 -11.49
C VAL C 109 12.10 20.64 -11.25
N THR C 110 11.16 20.30 -12.16
CA THR C 110 10.45 19.03 -12.16
C THR C 110 10.97 18.12 -13.30
N PHE C 111 11.34 16.89 -12.92
CA PHE C 111 11.82 15.88 -13.87
C PHE C 111 10.58 15.13 -14.35
N VAL C 112 10.25 15.38 -15.62
CA VAL C 112 9.08 14.87 -16.31
C VAL C 112 9.49 13.67 -17.18
N GLY C 113 8.92 12.51 -16.86
CA GLY C 113 9.17 11.27 -17.55
C GLY C 113 7.87 10.56 -17.93
N VAL C 114 8.00 9.56 -18.82
CA VAL C 114 6.85 8.77 -19.30
C VAL C 114 7.17 7.31 -18.96
N GLN C 115 6.28 6.65 -18.23
CA GLN C 115 6.48 5.26 -17.81
C GLN C 115 7.84 5.15 -17.07
N ILE C 116 8.01 5.89 -15.95
CA ILE C 116 9.28 5.83 -15.24
C ILE C 116 9.25 5.14 -13.88
N GLU C 117 8.16 4.44 -13.52
CA GLU C 117 8.10 3.79 -12.18
C GLU C 117 9.18 2.74 -11.96
N GLU C 118 9.31 1.75 -12.86
CA GLU C 118 10.38 0.76 -12.74
C GLU C 118 11.72 1.54 -12.81
N ASP C 119 11.83 2.51 -13.72
CA ASP C 119 13.08 3.29 -13.83
C ASP C 119 13.52 3.89 -12.48
N LEU C 120 12.60 4.55 -11.76
CA LEU C 120 12.93 5.22 -10.51
C LEU C 120 13.44 4.19 -9.46
N ASP C 121 12.75 3.03 -9.40
CA ASP C 121 13.16 1.99 -8.45
C ASP C 121 14.55 1.43 -8.83
N LEU C 122 14.87 1.48 -10.13
CA LEU C 122 16.17 0.99 -10.61
C LEU C 122 17.21 2.04 -10.28
N LEU C 123 16.82 3.29 -10.32
CA LEU C 123 17.78 4.37 -9.99
C LEU C 123 18.26 4.37 -8.53
N ARG C 124 17.31 4.49 -7.60
CA ARG C 124 17.63 4.51 -6.18
C ARG C 124 18.34 3.20 -5.77
N GLU C 125 17.85 2.05 -6.27
CA GLU C 125 18.38 0.76 -5.88
C GLU C 125 19.73 0.41 -6.50
N ASN C 126 19.98 0.80 -7.75
CA ASN C 126 21.27 0.44 -8.35
C ASN C 126 22.38 1.45 -8.24
N HIS C 127 22.04 2.75 -8.31
CA HIS C 127 23.04 3.84 -8.24
C HIS C 127 22.79 4.79 -7.05
N GLY C 128 21.79 4.51 -6.22
CA GLY C 128 21.51 5.42 -5.10
C GLY C 128 21.16 6.81 -5.62
N LEU C 129 20.47 6.88 -6.76
CA LEU C 129 20.08 8.16 -7.36
C LEU C 129 18.57 8.30 -7.14
N VAL C 130 18.14 9.42 -6.53
CA VAL C 130 16.70 9.66 -6.28
C VAL C 130 16.28 10.91 -7.01
N ILE C 131 15.07 10.91 -7.54
CA ILE C 131 14.55 12.10 -8.24
C ILE C 131 13.44 12.66 -7.31
N ARG C 132 13.75 13.74 -6.56
CA ARG C 132 12.81 14.33 -5.57
C ARG C 132 11.47 14.87 -6.10
N ASN C 133 11.47 15.31 -7.35
CA ASN C 133 10.29 15.93 -7.92
C ASN C 133 10.09 15.38 -9.32
N ALA C 134 9.59 14.14 -9.37
CA ALA C 134 9.34 13.43 -10.62
C ALA C 134 7.81 13.42 -10.86
N ILE C 135 7.39 13.17 -12.10
CA ILE C 135 5.97 13.06 -12.36
C ILE C 135 5.90 12.03 -13.49
N ASN C 136 5.51 10.81 -13.11
CA ASN C 136 5.30 9.67 -14.01
C ASN C 136 3.98 10.21 -14.62
N VAL C 137 4.16 10.94 -15.71
CA VAL C 137 3.12 11.75 -16.36
C VAL C 137 1.87 11.22 -17.09
N GLY C 138 1.87 9.95 -17.51
CA GLY C 138 0.69 9.43 -18.21
C GLY C 138 -0.53 9.35 -17.29
N LYS C 139 -0.29 9.08 -16.02
CA LYS C 139 -1.37 8.99 -15.05
C LYS C 139 -1.89 10.42 -14.80
N LEU C 140 -1.02 11.36 -14.46
CA LEU C 140 -1.57 12.72 -14.32
C LEU C 140 -2.08 13.15 -15.72
N ALA C 141 -1.32 12.82 -16.78
CA ALA C 141 -1.75 13.20 -18.14
C ALA C 141 -3.15 12.77 -18.47
N ALA C 142 -3.51 11.55 -18.08
CA ALA C 142 -4.83 10.94 -18.32
C ALA C 142 -5.82 11.32 -17.22
N GLU C 143 -5.30 11.59 -16.01
CA GLU C 143 -6.19 11.96 -14.92
C GLU C 143 -6.60 13.41 -15.09
N ALA C 144 -5.94 14.11 -15.99
CA ALA C 144 -6.28 15.51 -16.23
C ALA C 144 -7.18 15.60 -17.44
N ARG C 145 -7.05 14.65 -18.37
CA ARG C 145 -7.87 14.69 -19.55
C ARG C 145 -8.89 13.61 -19.74
N GLY C 146 -9.42 13.12 -18.62
CA GLY C 146 -10.43 12.07 -18.60
C GLY C 146 -10.29 10.96 -19.64
N THR C 147 -9.06 10.53 -19.89
CA THR C 147 -8.76 9.50 -20.88
C THR C 147 -7.85 8.48 -20.17
N LEU C 148 -8.46 7.43 -19.63
CA LEU C 148 -7.77 6.36 -18.87
C LEU C 148 -6.52 5.75 -19.51
N VAL C 149 -6.65 5.48 -20.80
CA VAL C 149 -5.58 4.80 -21.52
C VAL C 149 -4.18 5.48 -21.51
N LEU C 150 -4.11 6.83 -21.51
CA LEU C 150 -2.85 7.60 -21.57
C LEU C 150 -1.86 7.16 -20.51
N GLU C 151 -2.34 6.68 -19.38
CA GLU C 151 -1.44 6.20 -18.32
C GLU C 151 -0.56 5.02 -18.84
N PHE C 152 -1.03 4.35 -19.90
CA PHE C 152 -0.37 3.14 -20.40
C PHE C 152 0.31 3.22 -21.79
N LEU C 153 0.56 4.45 -22.23
CA LEU C 153 1.15 4.68 -23.55
C LEU C 153 2.67 4.91 -23.48
N GLY C 154 3.37 4.51 -24.54
CA GLY C 154 4.80 4.73 -24.66
C GLY C 154 4.97 6.21 -24.98
N THR C 155 6.22 6.65 -25.07
CA THR C 155 6.48 8.07 -25.29
C THR C 155 5.82 8.62 -26.58
N ARG C 156 6.08 8.00 -27.70
CA ARG C 156 5.54 8.47 -28.97
C ARG C 156 4.01 8.50 -28.92
N GLU C 157 3.43 7.38 -28.49
CA GLU C 157 2.00 7.23 -28.49
C GLU C 157 1.36 8.20 -27.51
N LEU C 158 2.02 8.49 -26.38
CA LEU C 158 1.42 9.44 -25.44
C LEU C 158 1.42 10.84 -26.12
N ALA C 159 2.56 11.24 -26.69
CA ALA C 159 2.60 12.56 -27.40
C ALA C 159 1.59 12.59 -28.58
N HIS C 160 1.39 11.44 -29.23
CA HIS C 160 0.42 11.37 -30.31
C HIS C 160 -0.98 11.65 -29.74
N ARG C 161 -1.30 11.03 -28.61
CA ARG C 161 -2.63 11.19 -28.08
C ARG C 161 -2.97 12.47 -27.33
N VAL C 162 -2.00 13.32 -27.11
CA VAL C 162 -2.22 14.61 -26.48
C VAL C 162 -1.95 15.69 -27.55
N LEU C 163 -0.99 15.44 -28.45
CA LEU C 163 -0.60 16.46 -29.41
C LEU C 163 -1.14 16.40 -30.81
N TRP C 164 -1.44 15.20 -31.27
CA TRP C 164 -1.95 15.03 -32.62
C TRP C 164 -1.02 15.72 -33.60
N SER C 165 0.26 15.51 -33.42
CA SER C 165 1.17 16.17 -34.36
C SER C 165 1.75 15.18 -35.35
N ASP C 166 2.58 15.70 -36.26
CA ASP C 166 3.19 14.89 -37.28
C ASP C 166 4.34 14.10 -36.73
N LEU C 167 4.16 12.79 -36.71
CA LEU C 167 5.17 11.90 -36.15
C LEU C 167 5.87 10.99 -37.15
N GLY C 168 5.59 11.20 -38.45
CA GLY C 168 6.18 10.38 -39.51
C GLY C 168 7.69 10.19 -39.40
N GLN C 169 8.42 11.28 -39.13
CA GLN C 169 9.89 11.16 -39.00
C GLN C 169 10.25 10.17 -37.91
N LEU C 170 9.81 10.52 -36.71
CA LEU C 170 10.07 9.72 -35.52
C LEU C 170 9.66 8.26 -35.75
N ASP C 171 8.45 8.06 -36.27
CA ASP C 171 8.02 6.69 -36.51
C ASP C 171 8.96 6.02 -37.55
N SER C 172 9.55 6.81 -38.45
CA SER C 172 10.40 6.22 -39.45
C SER C 172 11.69 5.70 -38.85
N ILE C 173 12.40 6.54 -38.11
CA ILE C 173 13.61 6.05 -37.51
C ILE C 173 13.34 4.86 -36.54
N GLU C 174 12.36 4.99 -35.64
CA GLU C 174 12.18 3.92 -34.67
C GLU C 174 11.62 2.67 -35.26
N ALA C 175 10.81 2.78 -36.31
CA ALA C 175 10.25 1.57 -36.90
C ALA C 175 11.41 0.73 -37.48
N LYS C 176 12.53 1.38 -37.79
CA LYS C 176 13.73 0.68 -38.32
C LYS C 176 14.88 0.86 -37.31
N TRP C 177 14.55 0.84 -36.02
CA TRP C 177 15.55 1.11 -34.99
C TRP C 177 16.84 0.32 -35.05
N GLU C 178 16.74 -0.94 -35.42
CA GLU C 178 17.90 -1.80 -35.51
C GLU C 178 18.91 -1.30 -36.55
N LYS C 179 18.46 -0.56 -37.56
CA LYS C 179 19.39 -0.07 -38.56
C LYS C 179 19.71 1.40 -38.41
N ALA C 180 19.21 2.02 -37.33
CA ALA C 180 19.44 3.45 -37.13
C ALA C 180 20.88 3.78 -36.72
N GLY C 181 21.50 4.72 -37.42
CA GLY C 181 22.84 5.12 -37.03
C GLY C 181 22.78 5.99 -35.78
N PRO C 182 23.93 6.33 -35.21
CA PRO C 182 24.11 7.16 -34.01
C PRO C 182 23.39 8.53 -34.05
N GLU C 183 23.51 9.24 -35.17
CA GLU C 183 22.87 10.54 -35.30
C GLU C 183 21.33 10.39 -35.47
N GLU C 184 20.93 9.27 -36.07
CA GLU C 184 19.51 8.98 -36.27
C GLU C 184 18.86 8.67 -34.89
N GLN C 185 19.48 7.79 -34.13
CA GLN C 185 18.92 7.43 -32.83
C GLN C 185 18.96 8.66 -31.95
N LEU C 186 20.09 9.36 -31.97
CA LEU C 186 20.22 10.59 -31.18
C LEU C 186 19.14 11.56 -31.70
N GLU C 187 18.94 11.63 -33.02
CA GLU C 187 17.89 12.53 -33.54
C GLU C 187 16.57 12.08 -32.94
N ALA C 188 16.28 10.78 -32.99
CA ALA C 188 15.03 10.28 -32.43
C ALA C 188 14.81 10.72 -30.96
N ALA C 189 15.87 10.60 -30.15
CA ALA C 189 15.80 10.98 -28.76
C ALA C 189 15.58 12.51 -28.60
N ALA C 190 16.26 13.32 -29.42
CA ALA C 190 16.02 14.73 -29.24
C ALA C 190 14.60 15.00 -29.59
N ILE C 191 14.07 14.31 -30.60
CA ILE C 191 12.65 14.49 -31.00
C ILE C 191 11.67 14.13 -29.83
N GLU C 192 11.86 12.97 -29.22
CA GLU C 192 10.98 12.56 -28.11
C GLU C 192 11.23 13.52 -26.96
N GLY C 193 12.43 14.11 -26.90
CA GLY C 193 12.70 15.04 -25.83
C GLY C 193 11.74 16.21 -26.04
N TRP C 194 11.80 16.76 -27.25
CA TRP C 194 10.96 17.88 -27.66
C TRP C 194 9.50 17.53 -27.53
N LEU C 195 9.15 16.39 -28.10
CA LEU C 195 7.79 15.91 -28.07
C LEU C 195 7.14 16.00 -26.70
N ILE C 196 7.88 15.60 -25.65
CA ILE C 196 7.30 15.54 -24.30
C ILE C 196 7.72 16.73 -23.42
N VAL C 197 8.71 17.52 -23.83
CA VAL C 197 8.98 18.71 -23.02
C VAL C 197 7.72 19.45 -23.43
N ASN C 198 7.32 19.30 -24.70
CA ASN C 198 6.13 19.94 -25.26
C ASN C 198 4.77 19.64 -24.71
N VAL C 199 4.55 18.38 -24.32
CA VAL C 199 3.36 17.84 -23.66
C VAL C 199 3.40 18.31 -22.16
N TRP C 200 4.58 18.32 -21.55
CA TRP C 200 4.64 18.78 -20.17
C TRP C 200 4.18 20.24 -19.98
N ASP C 201 4.35 21.10 -20.97
CA ASP C 201 3.91 22.44 -20.66
C ASP C 201 2.49 22.56 -21.16
N GLN C 202 2.02 21.51 -21.85
CA GLN C 202 0.65 21.45 -22.35
C GLN C 202 -0.25 21.19 -21.14
N LEU C 203 -0.08 20.03 -20.51
CA LEU C 203 -0.86 19.69 -19.31
C LEU C 203 -0.77 20.64 -18.09
N SER C 204 0.37 21.27 -17.82
CA SER C 204 0.47 22.12 -16.63
C SER C 204 -0.34 23.40 -16.66
N ASP C 205 -0.45 24.05 -17.80
CA ASP C 205 -1.28 25.24 -17.80
C ASP C 205 -2.51 24.97 -18.64
N GLU C 206 -2.75 23.69 -18.90
CA GLU C 206 -3.90 23.23 -19.69
C GLU C 206 -5.25 23.57 -19.04
N SER D 1 16.51 -10.30 -44.47
CA SER D 1 15.75 -11.35 -45.21
C SER D 1 14.71 -12.10 -44.37
N ALA D 2 14.87 -12.10 -43.04
CA ALA D 2 13.95 -12.80 -42.12
C ALA D 2 12.47 -12.55 -42.40
N SER D 3 11.66 -13.55 -42.11
CA SER D 3 10.23 -13.44 -42.33
C SER D 3 9.48 -14.47 -41.49
N PHE D 4 8.16 -14.39 -41.44
CA PHE D 4 7.42 -15.34 -40.62
C PHE D 4 7.38 -16.68 -41.30
N ASP D 5 8.54 -17.33 -41.27
CA ASP D 5 8.69 -18.62 -41.95
C ASP D 5 7.96 -19.78 -41.32
N GLY D 6 6.97 -19.51 -40.47
CA GLY D 6 6.24 -20.63 -39.90
C GLY D 6 4.82 -20.70 -40.44
N PRO D 7 3.96 -21.44 -39.78
CA PRO D 7 2.59 -21.54 -40.27
C PRO D 7 1.88 -20.19 -40.36
N LYS D 8 0.86 -20.16 -41.23
CA LYS D 8 0.04 -18.97 -41.50
C LYS D 8 -1.39 -19.32 -41.11
N PHE D 9 -2.03 -18.44 -40.33
CA PHE D 9 -3.39 -18.70 -39.85
C PHE D 9 -4.37 -17.67 -40.34
N LYS D 10 -5.53 -18.14 -40.82
CA LYS D 10 -6.57 -17.24 -41.33
C LYS D 10 -7.45 -17.06 -40.14
N THR D 12 -10.64 -15.29 -37.82
CA THR D 12 -12.08 -15.29 -37.98
C THR D 12 -12.44 -14.37 -39.14
N ASP D 13 -12.26 -13.07 -38.94
CA ASP D 13 -12.62 -12.10 -39.95
C ASP D 13 -11.92 -12.25 -41.30
N GLY D 14 -11.20 -13.35 -41.49
CA GLY D 14 -10.56 -13.55 -42.77
C GLY D 14 -9.21 -12.84 -42.90
N SER D 15 -8.80 -12.08 -41.88
CA SER D 15 -7.50 -11.43 -41.95
C SER D 15 -6.49 -12.54 -41.70
N TYR D 16 -5.21 -12.23 -41.73
CA TYR D 16 -4.25 -13.29 -41.50
C TYR D 16 -3.18 -12.95 -40.50
N VAL D 17 -2.65 -13.98 -39.83
CA VAL D 17 -1.56 -13.78 -38.92
C VAL D 17 -0.46 -14.73 -39.38
N GLN D 18 0.72 -14.20 -39.67
CA GLN D 18 1.88 -15.01 -40.07
C GLN D 18 2.58 -15.38 -38.77
N THR D 19 3.30 -16.51 -38.73
CA THR D 19 4.00 -16.90 -37.50
C THR D 19 5.49 -17.30 -37.65
N LYS D 20 6.17 -17.32 -36.52
CA LYS D 20 7.59 -17.66 -36.51
C LYS D 20 7.91 -18.22 -35.14
N THR D 21 8.16 -19.52 -35.11
CA THR D 21 8.47 -20.19 -33.87
C THR D 21 9.90 -20.53 -33.94
N ILE D 22 10.70 -19.87 -33.11
CA ILE D 22 12.09 -20.15 -33.10
C ILE D 22 12.52 -20.82 -31.77
N ASP D 23 13.44 -21.76 -31.86
CA ASP D 23 14.01 -22.49 -30.71
C ASP D 23 15.27 -21.66 -30.42
N VAL D 24 15.28 -20.95 -29.28
CA VAL D 24 16.39 -20.10 -28.98
C VAL D 24 17.57 -20.81 -28.33
N GLY D 25 18.63 -20.92 -29.11
CA GLY D 25 19.82 -21.59 -28.61
C GLY D 25 20.81 -20.53 -28.15
N SER D 26 21.91 -20.96 -27.55
CA SER D 26 22.87 -20.01 -27.07
C SER D 26 23.43 -19.33 -28.30
N SER D 27 22.82 -19.58 -29.45
CA SER D 27 23.35 -19.00 -30.68
C SER D 27 22.39 -18.14 -31.44
N THR D 28 21.18 -18.62 -31.62
CA THR D 28 20.13 -17.91 -32.34
C THR D 28 20.15 -16.38 -32.15
N ASP D 29 20.61 -15.64 -33.17
CA ASP D 29 20.61 -14.19 -33.02
C ASP D 29 19.17 -13.80 -33.24
N ILE D 30 18.42 -13.57 -32.16
CA ILE D 30 16.99 -13.23 -32.34
C ILE D 30 16.78 -11.79 -32.76
N SER D 31 17.85 -11.02 -32.86
CA SER D 31 17.70 -9.60 -33.26
C SER D 31 16.67 -9.37 -34.32
N PRO D 32 16.97 -9.84 -35.54
CA PRO D 32 16.06 -9.65 -36.68
C PRO D 32 14.59 -9.89 -36.39
N TYR D 33 14.25 -10.93 -35.62
CA TYR D 33 12.83 -11.16 -35.37
C TYR D 33 12.26 -10.10 -34.41
N LEU D 34 12.94 -9.83 -33.31
CA LEU D 34 12.43 -8.75 -32.46
C LEU D 34 12.28 -7.46 -33.27
N SER D 35 13.25 -7.15 -34.14
CA SER D 35 13.17 -5.93 -34.96
C SER D 35 12.05 -6.01 -35.96
N LEU D 36 11.61 -7.21 -36.28
CA LEU D 36 10.56 -7.36 -37.26
C LEU D 36 9.26 -7.02 -36.54
N ILE D 37 9.10 -7.56 -35.33
CA ILE D 37 7.91 -7.28 -34.55
C ILE D 37 7.90 -5.79 -34.19
N ARG D 38 9.06 -5.21 -33.92
CA ARG D 38 9.08 -3.78 -33.58
C ARG D 38 8.67 -2.94 -34.78
N GLU D 39 9.23 -3.27 -35.94
CA GLU D 39 8.95 -2.53 -37.16
C GLU D 39 7.47 -2.51 -37.47
N ASP D 40 6.89 -3.71 -37.54
CA ASP D 40 5.48 -3.92 -37.82
C ASP D 40 4.72 -3.23 -36.69
N SER D 41 5.25 -3.34 -35.49
CA SER D 41 4.58 -2.68 -34.42
C SER D 41 4.62 -1.17 -34.62
N ILE D 42 5.71 -0.61 -35.15
CA ILE D 42 5.73 0.83 -35.26
C ILE D 42 5.01 1.40 -36.48
N LEU D 43 4.74 0.55 -37.46
CA LEU D 43 4.06 1.06 -38.68
C LEU D 43 2.63 0.59 -38.95
N ASN D 44 2.24 -0.57 -38.40
CA ASN D 44 0.92 -1.15 -38.63
C ASN D 44 0.00 -1.43 -37.46
N GLY D 45 0.56 -1.54 -36.25
CA GLY D 45 -0.26 -1.88 -35.09
C GLY D 45 -0.47 -0.91 -33.93
N ASN D 46 -0.49 0.38 -34.23
CA ASN D 46 -0.70 1.45 -33.24
C ASN D 46 0.19 1.29 -31.99
N ARG D 47 1.37 0.74 -32.22
CA ARG D 47 2.37 0.63 -31.18
C ARG D 47 2.00 -0.20 -29.92
N ALA D 48 1.08 -1.14 -30.11
CA ALA D 48 0.73 -2.08 -29.03
C ALA D 48 1.39 -3.41 -29.39
N VAL D 49 1.95 -4.12 -28.40
CA VAL D 49 2.47 -5.48 -28.65
C VAL D 49 1.79 -6.31 -27.55
N ILE D 50 0.88 -7.20 -27.95
CA ILE D 50 0.19 -8.02 -26.99
C ILE D 50 1.18 -9.12 -26.62
N PHE D 51 0.99 -9.80 -25.50
CA PHE D 51 1.97 -10.83 -25.16
C PHE D 51 1.54 -11.87 -24.13
N ASP D 52 2.41 -12.86 -23.99
CA ASP D 52 2.25 -13.90 -23.00
C ASP D 52 3.63 -14.56 -22.83
N VAL D 53 3.85 -15.20 -21.68
CA VAL D 53 5.09 -15.92 -21.39
C VAL D 53 4.73 -17.25 -20.71
N TYR D 54 5.52 -18.27 -20.95
CA TYR D 54 5.20 -19.55 -20.36
C TYR D 54 6.41 -20.01 -19.55
N TRP D 55 6.17 -20.64 -18.40
CA TRP D 55 7.27 -21.08 -17.59
C TRP D 55 7.31 -22.58 -17.33
N ASP D 56 8.44 -23.00 -16.78
CA ASP D 56 8.69 -24.36 -16.34
C ASP D 56 8.29 -24.07 -14.87
N VAL D 57 7.26 -24.71 -14.32
CA VAL D 57 6.91 -24.35 -12.94
C VAL D 57 7.99 -24.91 -12.05
N GLY D 58 7.99 -24.63 -10.76
CA GLY D 58 9.09 -25.12 -9.97
C GLY D 58 9.02 -25.18 -8.48
N PHE D 59 9.34 -26.38 -7.98
CA PHE D 59 9.38 -26.75 -6.58
C PHE D 59 10.77 -26.41 -6.01
N THR D 66 13.39 -19.46 -1.85
CA THR D 66 12.16 -18.88 -2.42
C THR D 66 11.16 -19.89 -3.02
N LYS D 67 9.96 -19.94 -2.44
CA LYS D 67 8.90 -20.82 -2.87
C LYS D 67 8.55 -20.80 -4.36
N THR D 68 8.48 -19.62 -4.99
CA THR D 68 8.18 -19.55 -6.44
C THR D 68 9.47 -19.39 -7.21
N SER D 69 10.60 -19.53 -6.51
CA SER D 69 11.89 -19.35 -7.18
C SER D 69 12.16 -20.44 -8.18
N GLY D 70 11.48 -21.58 -8.05
CA GLY D 70 11.70 -22.67 -9.00
C GLY D 70 11.11 -22.45 -10.38
N TRP D 71 10.47 -21.29 -10.61
CA TRP D 71 9.88 -21.04 -11.93
C TRP D 71 10.84 -20.22 -12.79
N SER D 72 11.29 -20.82 -13.91
CA SER D 72 12.20 -20.16 -14.87
C SER D 72 11.29 -19.92 -16.06
N LEU D 73 11.66 -19.01 -16.97
CA LEU D 73 10.81 -18.70 -18.14
C LEU D 73 10.97 -19.74 -19.25
N SER D 74 9.86 -20.26 -19.80
CA SER D 74 9.99 -21.28 -20.85
C SER D 74 9.41 -20.87 -22.24
N SER D 75 8.48 -19.92 -22.29
CA SER D 75 7.99 -19.50 -23.60
C SER D 75 7.45 -18.06 -23.54
N VAL D 76 7.34 -17.42 -24.72
CA VAL D 76 6.85 -16.04 -24.86
C VAL D 76 6.06 -15.90 -26.17
N LYS D 77 4.88 -15.30 -26.05
CA LYS D 77 4.02 -15.00 -27.20
C LYS D 77 3.90 -13.47 -27.33
N LEU D 78 4.11 -12.95 -28.56
CA LEU D 78 4.02 -11.51 -28.92
C LEU D 78 3.13 -11.44 -30.15
N SER D 79 2.06 -10.64 -30.09
CA SER D 79 1.14 -10.55 -31.24
C SER D 79 0.86 -9.08 -31.55
N THR D 80 0.64 -8.80 -32.85
CA THR D 80 0.32 -7.45 -33.29
C THR D 80 -0.83 -7.55 -34.25
N ARG D 81 -1.10 -6.43 -34.90
CA ARG D 81 -2.13 -6.36 -35.93
C ARG D 81 -2.28 -7.76 -36.52
N ASN D 82 -1.45 -8.02 -37.54
CA ASN D 82 -1.43 -9.26 -38.31
C ASN D 82 -0.22 -10.21 -38.13
N LEU D 83 0.38 -10.30 -36.94
CA LEU D 83 1.55 -11.19 -36.71
C LEU D 83 1.66 -11.83 -35.31
N CYS D 84 2.25 -13.04 -35.23
CA CYS D 84 2.47 -13.75 -33.97
C CYS D 84 3.86 -14.41 -33.95
N LEU D 85 4.70 -14.05 -32.97
CA LEU D 85 6.08 -14.56 -32.83
C LEU D 85 6.20 -15.48 -31.62
N PHE D 86 7.05 -16.51 -31.72
CA PHE D 86 7.31 -17.48 -30.65
C PHE D 86 8.81 -17.69 -30.34
N LEU D 87 9.17 -17.56 -29.07
CA LEU D 87 10.57 -17.72 -28.65
C LEU D 87 10.75 -18.82 -27.61
N ARG D 88 11.18 -20.00 -28.06
CA ARG D 88 11.40 -21.13 -27.14
C ARG D 88 12.69 -20.72 -26.47
N LEU D 89 12.72 -20.84 -25.13
CA LEU D 89 13.87 -20.39 -24.33
C LEU D 89 14.66 -21.45 -23.63
N PRO D 90 15.97 -21.26 -23.49
CA PRO D 90 16.67 -22.32 -22.79
C PRO D 90 16.80 -22.04 -21.29
N LYS D 91 17.35 -23.02 -20.57
CA LYS D 91 17.59 -22.91 -19.15
C LYS D 91 19.02 -23.43 -19.01
N PRO D 92 19.96 -22.56 -18.66
CA PRO D 92 19.66 -21.14 -18.40
C PRO D 92 19.73 -20.28 -19.65
N PHE D 93 19.40 -18.99 -19.48
CA PHE D 93 19.44 -18.01 -20.55
C PHE D 93 20.87 -17.77 -20.99
N HIS D 94 21.08 -17.50 -22.26
CA HIS D 94 22.42 -17.19 -22.74
C HIS D 94 22.35 -15.74 -23.26
N ASP D 95 23.52 -15.15 -23.50
CA ASP D 95 23.65 -13.78 -23.93
C ASP D 95 22.70 -13.24 -25.01
N ASN D 96 22.44 -14.01 -26.05
CA ASN D 96 21.57 -13.56 -27.12
C ASN D 96 20.17 -13.27 -26.56
N LEU D 97 19.97 -13.60 -25.30
CA LEU D 97 18.70 -13.30 -24.72
C LEU D 97 18.63 -11.84 -24.28
N LYS D 98 19.76 -11.14 -24.23
CA LYS D 98 19.71 -9.72 -23.88
C LYS D 98 18.68 -9.00 -24.78
N ASP D 99 18.68 -9.29 -26.08
CA ASP D 99 17.74 -8.66 -27.02
C ASP D 99 16.28 -8.71 -26.50
N LEU D 100 15.82 -9.86 -25.99
CA LEU D 100 14.46 -9.91 -25.46
C LEU D 100 14.30 -8.97 -24.26
N TYR D 101 15.29 -8.91 -23.36
CA TYR D 101 15.20 -8.00 -22.20
C TYR D 101 15.11 -6.56 -22.71
N ARG D 102 15.93 -6.21 -23.69
CA ARG D 102 15.89 -4.82 -24.22
C ARG D 102 14.55 -4.52 -24.91
N PHE D 103 14.09 -5.45 -25.74
CA PHE D 103 12.83 -5.30 -26.43
C PHE D 103 11.74 -5.13 -25.40
N PHE D 104 11.63 -6.08 -24.45
CA PHE D 104 10.57 -5.94 -23.47
C PHE D 104 10.58 -4.62 -22.73
N ALA D 105 11.77 -4.07 -22.55
CA ALA D 105 11.87 -2.82 -21.86
C ALA D 105 11.30 -1.65 -22.71
N SER D 106 11.75 -1.52 -23.96
CA SER D 106 11.38 -0.40 -24.86
C SER D 106 10.16 0.46 -24.49
N LYS D 107 10.31 1.78 -24.64
CA LYS D 107 9.21 2.71 -24.40
C LYS D 107 8.51 3.06 -25.76
N PHE D 108 8.93 2.38 -26.83
CA PHE D 108 8.37 2.57 -28.18
C PHE D 108 6.96 2.02 -28.26
N VAL D 109 6.74 0.87 -27.63
CA VAL D 109 5.46 0.24 -27.67
C VAL D 109 4.94 -0.06 -26.26
N THR D 110 3.64 -0.33 -26.18
CA THR D 110 3.02 -0.72 -24.94
C THR D 110 2.84 -2.26 -25.01
N PHE D 111 3.39 -2.97 -24.01
CA PHE D 111 3.28 -4.45 -23.94
C PHE D 111 1.98 -4.83 -23.23
N VAL D 112 1.08 -5.35 -24.04
CA VAL D 112 -0.25 -5.69 -23.57
C VAL D 112 -0.45 -7.19 -23.26
N GLY D 113 -0.81 -7.47 -22.00
CA GLY D 113 -1.01 -8.85 -21.57
C GLY D 113 -2.27 -9.05 -20.78
N VAL D 114 -2.73 -10.30 -20.66
CA VAL D 114 -3.94 -10.63 -19.89
C VAL D 114 -3.50 -11.48 -18.67
N GLN D 115 -3.90 -11.05 -17.49
CA GLN D 115 -3.54 -11.75 -16.26
C GLN D 115 -1.99 -11.95 -16.15
N ILE D 116 -1.24 -10.85 -16.15
CA ILE D 116 0.24 -10.85 -16.05
C ILE D 116 0.83 -10.36 -14.68
N GLU D 117 -0.06 -10.11 -13.70
CA GLU D 117 0.39 -9.60 -12.39
C GLU D 117 1.58 -10.41 -11.84
N GLU D 118 1.30 -11.63 -11.49
CA GLU D 118 2.29 -12.60 -10.99
C GLU D 118 3.39 -12.74 -12.06
N ASP D 119 3.01 -12.66 -13.34
CA ASP D 119 3.99 -12.74 -14.42
C ASP D 119 5.11 -11.70 -14.32
N LEU D 120 4.76 -10.42 -14.37
CA LEU D 120 5.76 -9.35 -14.32
C LEU D 120 6.62 -9.63 -13.09
N ASP D 121 6.01 -9.97 -11.95
CA ASP D 121 6.82 -10.24 -10.77
C ASP D 121 7.79 -11.43 -10.87
N LEU D 122 7.28 -12.55 -11.37
CA LEU D 122 8.13 -13.72 -11.52
C LEU D 122 9.23 -13.38 -12.55
N LEU D 123 8.87 -12.70 -13.65
CA LEU D 123 9.91 -12.28 -14.63
C LEU D 123 10.94 -11.37 -13.90
N ARG D 124 10.44 -10.52 -13.00
CA ARG D 124 11.37 -9.59 -12.29
C ARG D 124 12.29 -10.36 -11.27
N GLU D 125 11.72 -11.16 -10.39
CA GLU D 125 12.49 -11.92 -9.41
C GLU D 125 13.21 -13.17 -9.95
N ASN D 126 12.52 -13.90 -10.83
CA ASN D 126 13.06 -15.12 -11.33
C ASN D 126 14.01 -14.87 -12.47
N HIS D 127 13.92 -13.69 -13.12
CA HIS D 127 14.78 -13.45 -14.29
C HIS D 127 15.32 -12.04 -14.44
N GLY D 128 14.95 -11.15 -13.51
CA GLY D 128 15.40 -9.76 -13.57
C GLY D 128 14.94 -9.11 -14.88
N LEU D 129 13.84 -9.61 -15.41
CA LEU D 129 13.28 -9.11 -16.65
C LEU D 129 12.20 -8.09 -16.21
N VAL D 130 12.36 -6.86 -16.72
CA VAL D 130 11.51 -5.71 -16.41
C VAL D 130 10.76 -5.25 -17.66
N ILE D 131 9.48 -5.01 -17.50
CA ILE D 131 8.66 -4.50 -18.58
C ILE D 131 8.24 -3.07 -18.12
N ARG D 132 8.83 -2.03 -18.73
CA ARG D 132 8.53 -0.67 -18.28
C ARG D 132 7.14 -0.12 -18.64
N ASN D 133 6.63 -0.52 -19.80
CA ASN D 133 5.35 -0.01 -20.31
C ASN D 133 4.39 -1.19 -20.46
N ALA D 134 3.76 -1.55 -19.34
CA ALA D 134 2.88 -2.72 -19.32
C ALA D 134 1.50 -2.42 -18.84
N ILE D 135 0.50 -3.08 -19.43
CA ILE D 135 -0.80 -2.95 -18.81
C ILE D 135 -1.43 -4.34 -18.66
N ASN D 136 -1.98 -4.62 -17.47
CA ASN D 136 -2.72 -5.85 -17.16
C ASN D 136 -4.07 -5.29 -17.64
N VAL D 137 -4.43 -5.64 -18.89
CA VAL D 137 -5.59 -5.08 -19.58
C VAL D 137 -7.05 -5.30 -19.11
N GLY D 138 -7.34 -6.37 -18.34
CA GLY D 138 -8.69 -6.60 -17.87
C GLY D 138 -9.24 -5.39 -17.13
N LYS D 139 -8.36 -4.74 -16.38
CA LYS D 139 -8.74 -3.57 -15.60
C LYS D 139 -9.03 -2.41 -16.58
N LEU D 140 -8.15 -2.16 -17.56
CA LEU D 140 -8.44 -1.11 -18.55
C LEU D 140 -9.88 -1.30 -19.05
N ALA D 141 -10.27 -2.56 -19.31
CA ALA D 141 -11.61 -2.84 -19.82
C ALA D 141 -12.72 -2.58 -18.79
N ALA D 142 -12.52 -3.03 -17.56
CA ALA D 142 -13.51 -2.80 -16.51
C ALA D 142 -13.79 -1.30 -16.29
N GLU D 143 -12.78 -0.45 -16.42
CA GLU D 143 -13.04 0.97 -16.21
C GLU D 143 -13.81 1.58 -17.37
N ALA D 144 -13.26 1.42 -18.57
CA ALA D 144 -13.87 1.97 -19.80
C ALA D 144 -15.29 1.47 -19.91
N ARG D 145 -15.47 0.15 -20.04
CA ARG D 145 -16.80 -0.37 -20.17
C ARG D 145 -17.66 -0.17 -18.95
N GLY D 146 -17.03 0.19 -17.83
CA GLY D 146 -17.76 0.37 -16.59
C GLY D 146 -18.50 -0.90 -16.16
N THR D 147 -18.17 -2.07 -16.74
CA THR D 147 -18.86 -3.32 -16.36
C THR D 147 -17.94 -4.07 -15.40
N LEU D 148 -18.35 -4.10 -14.12
CA LEU D 148 -17.62 -4.73 -13.03
C LEU D 148 -16.85 -6.00 -13.25
N VAL D 149 -17.60 -7.10 -13.34
CA VAL D 149 -17.00 -8.40 -13.46
C VAL D 149 -15.86 -8.40 -14.45
N LEU D 150 -15.87 -7.44 -15.39
CA LEU D 150 -14.87 -7.36 -16.44
C LEU D 150 -13.41 -7.52 -16.00
N GLU D 151 -13.11 -7.03 -14.80
CA GLU D 151 -11.74 -7.12 -14.33
C GLU D 151 -11.21 -8.54 -14.05
N PHE D 152 -12.14 -9.50 -13.96
CA PHE D 152 -11.74 -10.84 -13.55
C PHE D 152 -12.10 -11.96 -14.49
N LEU D 153 -11.52 -11.94 -15.69
CA LEU D 153 -11.81 -12.92 -16.70
C LEU D 153 -10.52 -13.29 -17.44
N GLY D 154 -10.53 -14.47 -18.07
CA GLY D 154 -9.38 -14.92 -18.85
C GLY D 154 -9.44 -14.35 -20.28
N THR D 155 -8.43 -14.71 -21.08
CA THR D 155 -8.26 -14.18 -22.44
C THR D 155 -9.52 -14.27 -23.32
N ARG D 156 -10.04 -15.49 -23.46
CA ARG D 156 -11.21 -15.77 -24.28
C ARG D 156 -12.43 -15.06 -23.71
N GLU D 157 -12.65 -15.18 -22.42
CA GLU D 157 -13.82 -14.54 -21.83
C GLU D 157 -13.80 -12.99 -21.99
N LEU D 158 -12.63 -12.39 -21.88
CA LEU D 158 -12.53 -10.94 -22.04
C LEU D 158 -12.86 -10.58 -23.51
N ALA D 159 -12.29 -11.32 -24.49
CA ALA D 159 -12.54 -11.03 -25.90
C ALA D 159 -14.04 -11.05 -26.22
N HIS D 160 -14.71 -12.13 -25.82
CA HIS D 160 -16.14 -12.26 -26.06
C HIS D 160 -16.93 -11.11 -25.39
N ARG D 161 -16.56 -10.74 -24.16
CA ARG D 161 -17.28 -9.72 -23.39
C ARG D 161 -17.03 -8.31 -23.89
N VAL D 162 -15.87 -8.12 -24.51
CA VAL D 162 -15.54 -6.84 -25.07
C VAL D 162 -15.96 -6.76 -26.57
N LEU D 163 -15.57 -7.73 -27.39
CA LEU D 163 -15.86 -7.73 -28.84
C LEU D 163 -17.10 -8.49 -29.33
N TRP D 164 -17.74 -9.26 -28.45
CA TRP D 164 -18.94 -10.01 -28.83
C TRP D 164 -18.81 -10.72 -30.17
N SER D 165 -17.71 -11.41 -30.41
CA SER D 165 -17.46 -12.10 -31.66
C SER D 165 -17.38 -13.64 -31.54
N ASP D 166 -17.52 -14.35 -32.67
CA ASP D 166 -17.48 -15.80 -32.64
C ASP D 166 -16.14 -16.40 -32.23
N LEU D 167 -16.23 -17.35 -31.31
CA LEU D 167 -15.04 -18.00 -30.77
C LEU D 167 -15.11 -19.54 -30.84
N GLY D 168 -15.92 -20.04 -31.78
CA GLY D 168 -16.09 -21.49 -31.92
C GLY D 168 -14.83 -22.28 -32.19
N GLN D 169 -14.00 -21.82 -33.10
CA GLN D 169 -12.75 -22.53 -33.39
C GLN D 169 -11.78 -22.59 -32.19
N LEU D 170 -11.56 -21.43 -31.53
CA LEU D 170 -10.65 -21.38 -30.38
C LEU D 170 -11.08 -22.33 -29.23
N ASP D 171 -12.38 -22.35 -28.89
CA ASP D 171 -12.88 -23.19 -27.81
C ASP D 171 -12.71 -24.71 -28.07
N SER D 172 -12.92 -25.16 -29.32
CA SER D 172 -12.77 -26.59 -29.61
C SER D 172 -11.32 -26.99 -29.34
N ILE D 173 -10.40 -26.07 -29.60
CA ILE D 173 -8.98 -26.37 -29.36
C ILE D 173 -8.63 -26.51 -27.87
N GLU D 174 -8.68 -25.41 -27.14
CA GLU D 174 -8.30 -25.40 -25.74
C GLU D 174 -9.06 -26.41 -24.89
N ALA D 175 -10.34 -26.64 -25.21
CA ALA D 175 -11.17 -27.61 -24.45
C ALA D 175 -10.54 -29.01 -24.44
N LYS D 176 -9.80 -29.32 -25.51
CA LYS D 176 -9.15 -30.62 -25.62
C LYS D 176 -7.64 -30.44 -25.75
N TRP D 177 -7.15 -29.46 -24.99
CA TRP D 177 -5.76 -29.05 -24.97
C TRP D 177 -4.78 -30.15 -24.61
N GLU D 178 -5.14 -31.03 -23.70
CA GLU D 178 -4.21 -32.07 -23.33
C GLU D 178 -3.96 -32.94 -24.56
N LYS D 179 -4.89 -32.87 -25.50
CA LYS D 179 -4.80 -33.65 -26.71
C LYS D 179 -4.43 -32.79 -27.93
N ALA D 180 -4.18 -31.51 -27.68
CA ALA D 180 -3.84 -30.57 -28.75
C ALA D 180 -2.45 -30.68 -29.37
N GLY D 181 -2.39 -30.86 -30.67
CA GLY D 181 -1.08 -30.94 -31.32
C GLY D 181 -0.35 -29.60 -31.29
N PRO D 182 0.96 -29.61 -31.56
CA PRO D 182 1.82 -28.42 -31.57
C PRO D 182 1.27 -27.28 -32.44
N GLU D 183 0.73 -27.61 -33.61
CA GLU D 183 0.20 -26.61 -34.50
C GLU D 183 -1.17 -26.10 -34.04
N GLU D 184 -1.96 -26.96 -33.42
CA GLU D 184 -3.27 -26.51 -32.97
C GLU D 184 -3.12 -25.55 -31.78
N GLN D 185 -2.19 -25.85 -30.88
CA GLN D 185 -1.96 -25.01 -29.73
C GLN D 185 -1.45 -23.62 -30.17
N LEU D 186 -0.57 -23.60 -31.19
CA LEU D 186 -0.04 -22.36 -31.78
C LEU D 186 -1.26 -21.61 -32.38
N GLU D 187 -2.10 -22.31 -33.13
CA GLU D 187 -3.30 -21.68 -33.68
C GLU D 187 -4.10 -20.91 -32.60
N ALA D 188 -4.50 -21.61 -31.54
CA ALA D 188 -5.23 -21.00 -30.44
C ALA D 188 -4.48 -19.76 -29.89
N ALA D 189 -3.18 -19.89 -29.69
CA ALA D 189 -2.35 -18.79 -29.17
C ALA D 189 -2.42 -17.56 -30.08
N ALA D 190 -2.23 -17.77 -31.39
CA ALA D 190 -2.28 -16.66 -32.36
C ALA D 190 -3.67 -16.03 -32.37
N ILE D 191 -4.73 -16.86 -32.38
CA ILE D 191 -6.09 -16.36 -32.33
C ILE D 191 -6.23 -15.43 -31.08
N GLU D 192 -5.81 -15.89 -29.89
CA GLU D 192 -5.94 -15.03 -28.68
C GLU D 192 -4.98 -13.83 -28.75
N GLY D 193 -3.88 -13.96 -29.50
CA GLY D 193 -2.96 -12.83 -29.60
C GLY D 193 -3.67 -11.82 -30.49
N TRP D 194 -4.46 -12.36 -31.42
CA TRP D 194 -5.26 -11.58 -32.38
C TRP D 194 -6.53 -11.06 -31.69
N LEU D 195 -7.02 -11.77 -30.68
CA LEU D 195 -8.20 -11.26 -30.00
C LEU D 195 -7.85 -10.07 -29.12
N ILE D 196 -6.74 -10.15 -28.40
CA ILE D 196 -6.41 -9.05 -27.53
C ILE D 196 -5.95 -7.81 -28.32
N VAL D 197 -5.29 -8.00 -29.46
CA VAL D 197 -4.92 -6.84 -30.31
C VAL D 197 -6.22 -6.05 -30.60
N ASN D 198 -7.30 -6.76 -30.95
CA ASN D 198 -8.58 -6.11 -31.22
C ASN D 198 -9.16 -5.46 -29.96
N VAL D 199 -8.96 -6.11 -28.81
CA VAL D 199 -9.47 -5.55 -27.56
C VAL D 199 -8.71 -4.28 -27.29
N TRP D 200 -7.40 -4.37 -27.46
CA TRP D 200 -6.58 -3.18 -27.23
C TRP D 200 -6.86 -2.03 -28.22
N ASP D 201 -6.90 -2.33 -29.52
CA ASP D 201 -7.15 -1.27 -30.46
C ASP D 201 -8.46 -0.62 -30.09
N GLN D 202 -9.42 -1.47 -29.73
CA GLN D 202 -10.74 -1.02 -29.37
C GLN D 202 -10.86 -0.25 -28.07
N LEU D 203 -9.96 -0.49 -27.09
CA LEU D 203 -10.02 0.21 -25.79
C LEU D 203 -9.44 1.62 -25.75
N SER D 204 -8.29 1.82 -26.40
CA SER D 204 -7.63 3.13 -26.43
C SER D 204 -8.54 4.32 -26.81
N ASP D 205 -9.55 4.09 -27.67
CA ASP D 205 -10.46 5.16 -28.11
C ASP D 205 -10.83 6.12 -26.98
N GLU D 206 -11.43 5.58 -25.92
CA GLU D 206 -11.79 6.39 -24.79
C GLU D 206 -10.50 6.97 -24.24
N SER E 1 -13.07 -45.28 -19.14
CA SER E 1 -12.61 -43.87 -19.34
C SER E 1 -12.74 -43.14 -18.00
N ALA E 2 -12.01 -42.03 -17.84
CA ALA E 2 -12.07 -41.27 -16.60
C ALA E 2 -13.46 -40.65 -16.53
N SER E 3 -14.12 -40.77 -15.40
CA SER E 3 -15.44 -40.19 -15.25
C SER E 3 -15.61 -39.83 -13.79
N PHE E 4 -16.60 -38.99 -13.51
CA PHE E 4 -16.87 -38.63 -12.14
C PHE E 4 -17.86 -39.70 -11.65
N ASP E 5 -17.30 -40.85 -11.30
CA ASP E 5 -18.10 -41.99 -10.86
C ASP E 5 -18.26 -42.11 -9.34
N GLY E 6 -18.20 -41.00 -8.61
CA GLY E 6 -18.37 -41.07 -7.18
C GLY E 6 -19.81 -40.72 -6.89
N PRO E 7 -20.16 -40.45 -5.62
CA PRO E 7 -21.55 -40.09 -5.32
C PRO E 7 -22.03 -38.89 -6.15
N LYS E 8 -23.31 -38.91 -6.49
CA LYS E 8 -23.92 -37.82 -7.22
C LYS E 8 -24.81 -37.12 -6.17
N PHE E 9 -25.19 -35.86 -6.38
CA PHE E 9 -26.04 -35.19 -5.40
C PHE E 9 -27.04 -34.33 -6.15
N LYS E 10 -28.28 -34.29 -5.69
CA LYS E 10 -29.26 -33.48 -6.36
C LYS E 10 -29.37 -32.19 -5.59
N THR E 12 -31.10 -28.24 -4.82
CA THR E 12 -32.46 -27.85 -4.52
C THR E 12 -33.16 -27.45 -5.82
N ASP E 13 -32.44 -27.51 -6.93
CA ASP E 13 -33.02 -27.14 -8.21
C ASP E 13 -33.34 -28.41 -8.98
N GLY E 14 -32.81 -29.54 -8.53
CA GLY E 14 -33.10 -30.76 -9.25
C GLY E 14 -32.01 -31.25 -10.19
N SER E 15 -30.93 -30.49 -10.32
CA SER E 15 -29.81 -30.92 -11.15
C SER E 15 -29.03 -31.91 -10.31
N TYR E 16 -28.12 -32.64 -10.94
CA TYR E 16 -27.33 -33.62 -10.24
C TYR E 16 -25.85 -33.37 -10.48
N VAL E 17 -25.14 -32.96 -9.44
CA VAL E 17 -23.69 -32.72 -9.56
C VAL E 17 -23.02 -34.07 -9.41
N GLN E 18 -22.26 -34.50 -10.39
CA GLN E 18 -21.60 -35.78 -10.19
C GLN E 18 -20.21 -35.51 -9.61
N THR E 19 -19.86 -36.26 -8.59
CA THR E 19 -18.58 -35.99 -7.98
C THR E 19 -17.50 -37.01 -8.24
N LYS E 20 -16.31 -36.65 -7.80
CA LYS E 20 -15.14 -37.48 -7.89
C LYS E 20 -14.11 -37.06 -6.84
N THR E 21 -13.69 -38.00 -6.01
CA THR E 21 -12.66 -37.74 -5.00
C THR E 21 -11.45 -38.50 -5.48
N ILE E 22 -10.25 -37.96 -5.24
CA ILE E 22 -9.02 -38.64 -5.68
C ILE E 22 -7.95 -38.55 -4.63
N ASP E 23 -7.49 -39.72 -4.19
CA ASP E 23 -6.43 -39.81 -3.21
C ASP E 23 -5.12 -39.73 -4.01
N VAL E 24 -4.76 -38.53 -4.44
CA VAL E 24 -3.54 -38.31 -5.25
C VAL E 24 -2.40 -39.00 -4.60
N GLY E 25 -1.57 -39.69 -5.37
CA GLY E 25 -0.44 -40.35 -4.76
C GLY E 25 0.80 -39.90 -5.47
N SER E 26 1.99 -40.20 -4.93
CA SER E 26 3.22 -39.79 -5.58
C SER E 26 3.20 -40.24 -7.03
N SER E 27 2.25 -41.10 -7.36
CA SER E 27 2.17 -41.60 -8.72
C SER E 27 0.93 -41.15 -9.47
N THR E 28 -0.22 -41.12 -8.79
CA THR E 28 -1.47 -40.73 -9.41
C THR E 28 -1.29 -39.66 -10.52
N ASP E 29 -1.31 -40.05 -11.79
CA ASP E 29 -1.20 -39.06 -12.86
C ASP E 29 -2.55 -38.42 -12.87
N ILE E 30 -2.63 -37.17 -12.42
CA ILE E 30 -3.91 -36.53 -12.36
C ILE E 30 -4.17 -35.84 -13.67
N SER E 31 -3.22 -35.93 -14.58
CA SER E 31 -3.36 -35.33 -15.92
C SER E 31 -4.75 -35.62 -16.46
N PRO E 32 -5.10 -36.93 -16.61
CA PRO E 32 -6.41 -37.34 -17.12
C PRO E 32 -7.60 -36.55 -16.60
N TYR E 33 -7.70 -36.38 -15.27
CA TYR E 33 -8.81 -35.61 -14.68
C TYR E 33 -8.51 -34.12 -14.75
N LEU E 34 -7.33 -33.68 -14.34
CA LEU E 34 -7.05 -32.26 -14.48
C LEU E 34 -7.50 -31.94 -15.91
N SER E 35 -7.36 -32.91 -16.83
CA SER E 35 -7.75 -32.79 -18.24
C SER E 35 -9.23 -32.61 -18.45
N LEU E 36 -10.02 -33.45 -17.78
CA LEU E 36 -11.46 -33.44 -17.88
C LEU E 36 -12.11 -32.17 -17.34
N ILE E 37 -11.65 -31.75 -16.18
CA ILE E 37 -12.14 -30.53 -15.56
C ILE E 37 -11.93 -29.40 -16.61
N ARG E 38 -10.78 -29.40 -17.25
CA ARG E 38 -10.51 -28.36 -18.23
C ARG E 38 -11.58 -28.21 -19.31
N GLU E 39 -11.93 -29.32 -19.96
CA GLU E 39 -12.94 -29.28 -21.05
C GLU E 39 -14.29 -28.93 -20.56
N ASP E 40 -14.66 -29.47 -19.40
CA ASP E 40 -15.97 -29.18 -18.93
C ASP E 40 -16.15 -27.67 -18.72
N SER E 41 -15.10 -27.02 -18.23
CA SER E 41 -15.15 -25.59 -18.01
C SER E 41 -15.25 -24.77 -19.30
N ILE E 42 -14.26 -24.95 -20.15
CA ILE E 42 -14.19 -24.22 -21.42
C ILE E 42 -15.42 -24.56 -22.25
N LEU E 43 -15.71 -25.85 -22.33
CA LEU E 43 -16.81 -26.36 -23.15
C LEU E 43 -18.21 -26.27 -22.60
N ASN E 44 -18.35 -26.22 -21.29
CA ASN E 44 -19.69 -26.19 -20.76
C ASN E 44 -20.04 -25.10 -19.82
N GLY E 45 -19.04 -24.57 -19.12
CA GLY E 45 -19.31 -23.55 -18.10
C GLY E 45 -18.59 -22.21 -18.12
N ASN E 46 -18.92 -21.40 -19.12
CA ASN E 46 -18.38 -20.07 -19.32
C ASN E 46 -17.04 -19.73 -18.67
N ARG E 47 -16.11 -20.66 -18.80
CA ARG E 47 -14.74 -20.54 -18.29
C ARG E 47 -14.44 -20.12 -16.81
N ALA E 48 -15.32 -20.54 -15.89
CA ALA E 48 -15.19 -20.35 -14.45
C ALA E 48 -14.95 -21.69 -13.72
N VAL E 49 -14.26 -21.63 -12.57
CA VAL E 49 -14.08 -22.82 -11.72
C VAL E 49 -14.23 -22.44 -10.21
N ILE E 50 -15.31 -22.89 -9.57
CA ILE E 50 -15.51 -22.50 -8.18
C ILE E 50 -14.69 -23.38 -7.27
N PHE E 51 -13.60 -22.82 -6.75
CA PHE E 51 -12.70 -23.62 -5.94
C PHE E 51 -12.56 -23.22 -4.49
N ASP E 52 -12.33 -24.21 -3.65
CA ASP E 52 -12.07 -23.87 -2.25
C ASP E 52 -10.83 -24.69 -1.98
N VAL E 53 -10.15 -24.45 -0.86
CA VAL E 53 -8.92 -25.15 -0.54
C VAL E 53 -8.94 -25.43 0.96
N TYR E 54 -8.13 -26.40 1.40
CA TYR E 54 -8.15 -26.81 2.82
C TYR E 54 -6.71 -27.00 3.21
N TRP E 55 -6.40 -26.76 4.48
CA TRP E 55 -5.06 -26.77 4.99
C TRP E 55 -4.78 -27.68 6.17
N ASP E 56 -3.56 -28.19 6.22
CA ASP E 56 -3.08 -28.93 7.36
C ASP E 56 -2.30 -27.84 8.15
N VAL E 57 -2.68 -27.64 9.40
CA VAL E 57 -2.10 -26.67 10.32
C VAL E 57 -0.89 -27.26 11.07
N GLY E 58 0.31 -26.86 10.67
CA GLY E 58 1.50 -27.35 11.34
C GLY E 58 2.16 -26.12 11.93
N PHE E 59 2.71 -26.25 13.14
CA PHE E 59 3.38 -25.10 13.77
C PHE E 59 4.76 -24.87 13.13
N THR E 66 9.62 -18.67 10.63
CA THR E 66 8.39 -17.99 10.24
C THR E 66 7.13 -18.88 10.46
N LYS E 67 6.24 -18.48 11.36
CA LYS E 67 5.08 -19.31 11.72
C LYS E 67 4.07 -19.86 10.69
N THR E 68 3.69 -19.10 9.67
CA THR E 68 2.77 -19.68 8.71
C THR E 68 3.46 -20.65 7.74
N SER E 69 4.78 -20.68 7.76
CA SER E 69 5.55 -21.55 6.87
C SER E 69 5.23 -23.05 7.06
N GLY E 70 4.87 -23.45 8.29
CA GLY E 70 4.54 -24.86 8.55
C GLY E 70 3.18 -25.33 8.03
N TRP E 71 2.37 -24.39 7.54
CA TRP E 71 1.06 -24.77 7.00
C TRP E 71 1.29 -25.49 5.69
N SER E 72 0.43 -26.47 5.36
CA SER E 72 0.56 -27.23 4.12
C SER E 72 -0.81 -27.58 3.62
N LEU E 73 -1.03 -27.38 2.32
CA LEU E 73 -2.32 -27.61 1.64
C LEU E 73 -2.66 -29.10 1.68
N SER E 74 -3.86 -29.42 2.15
CA SER E 74 -4.28 -30.83 2.24
C SER E 74 -5.42 -31.25 1.30
N SER E 75 -6.28 -30.32 0.89
CA SER E 75 -7.37 -30.63 -0.05
C SER E 75 -7.72 -29.44 -0.95
N VAL E 76 -8.30 -29.75 -2.11
CA VAL E 76 -8.72 -28.74 -3.09
C VAL E 76 -10.02 -29.19 -3.72
N LYS E 77 -11.01 -28.30 -3.62
CA LYS E 77 -12.35 -28.45 -4.18
C LYS E 77 -12.39 -27.64 -5.48
N LEU E 78 -12.78 -28.28 -6.61
CA LEU E 78 -12.92 -27.64 -7.93
C LEU E 78 -14.34 -28.06 -8.36
N SER E 79 -15.20 -27.06 -8.61
CA SER E 79 -16.59 -27.29 -8.96
C SER E 79 -17.09 -26.54 -10.20
N THR E 80 -17.93 -27.22 -10.99
CA THR E 80 -18.62 -26.52 -12.08
C THR E 80 -20.08 -26.83 -11.67
N ARG E 81 -21.04 -26.25 -12.37
CA ARG E 81 -22.43 -26.51 -12.03
C ARG E 81 -22.75 -28.02 -12.00
N ASN E 82 -22.15 -28.74 -12.95
CA ASN E 82 -22.37 -30.19 -13.13
C ASN E 82 -21.46 -31.08 -12.31
N LEU E 83 -20.21 -30.63 -12.16
CA LEU E 83 -19.13 -31.39 -11.50
C LEU E 83 -18.47 -30.85 -10.25
N CYS E 84 -18.00 -31.78 -9.42
CA CYS E 84 -17.26 -31.43 -8.21
C CYS E 84 -16.15 -32.46 -8.10
N LEU E 85 -14.91 -31.98 -8.21
CA LEU E 85 -13.75 -32.87 -8.06
C LEU E 85 -13.10 -32.52 -6.70
N PHE E 86 -13.00 -33.51 -5.82
CA PHE E 86 -12.38 -33.26 -4.54
C PHE E 86 -11.10 -34.05 -4.47
N LEU E 87 -9.97 -33.34 -4.39
CA LEU E 87 -8.64 -33.92 -4.34
C LEU E 87 -8.01 -33.83 -2.96
N ARG E 88 -7.72 -34.97 -2.35
CA ARG E 88 -7.07 -34.97 -1.04
C ARG E 88 -5.58 -34.99 -1.45
N LEU E 89 -4.75 -34.23 -0.75
CA LEU E 89 -3.33 -34.13 -1.16
C LEU E 89 -2.28 -34.61 -0.18
N PRO E 90 -1.17 -35.16 -0.68
CA PRO E 90 -0.14 -35.62 0.26
C PRO E 90 0.74 -34.49 0.78
N LYS E 91 1.73 -34.90 1.59
CA LYS E 91 2.71 -33.99 2.17
C LYS E 91 4.03 -34.74 2.35
N PRO E 92 5.05 -34.43 1.52
CA PRO E 92 5.11 -33.45 0.42
C PRO E 92 4.47 -33.89 -0.89
N PHE E 93 4.51 -32.92 -1.83
CA PHE E 93 4.02 -33.10 -3.17
C PHE E 93 5.08 -33.80 -3.99
N HIS E 94 4.65 -34.58 -4.97
CA HIS E 94 5.60 -35.19 -5.89
C HIS E 94 5.36 -34.50 -7.22
N ASP E 95 6.23 -34.74 -8.19
CA ASP E 95 6.13 -34.12 -9.49
C ASP E 95 4.78 -34.22 -10.18
N ASN E 96 4.07 -35.32 -9.92
CA ASN E 96 2.75 -35.50 -10.51
C ASN E 96 1.77 -34.35 -10.15
N LEU E 97 2.05 -33.60 -9.09
CA LEU E 97 1.14 -32.48 -8.79
C LEU E 97 1.48 -31.25 -9.66
N LYS E 98 2.57 -31.32 -10.45
CA LYS E 98 2.92 -30.22 -11.34
C LYS E 98 1.70 -29.88 -12.23
N ASP E 99 0.97 -30.91 -12.67
CA ASP E 99 -0.23 -30.69 -13.50
C ASP E 99 -1.22 -29.78 -12.73
N LEU E 100 -1.35 -29.92 -11.39
CA LEU E 100 -2.25 -29.05 -10.62
C LEU E 100 -1.73 -27.55 -10.66
N TYR E 101 -0.40 -27.35 -10.62
CA TYR E 101 0.13 -25.98 -10.68
C TYR E 101 -0.22 -25.39 -12.07
N ARG E 102 0.12 -26.16 -13.11
CA ARG E 102 -0.15 -25.74 -14.47
C ARG E 102 -1.64 -25.42 -14.60
N PHE E 103 -2.49 -26.27 -14.01
CA PHE E 103 -3.92 -26.01 -14.07
C PHE E 103 -4.31 -24.66 -13.46
N PHE E 104 -4.09 -24.52 -12.16
CA PHE E 104 -4.45 -23.31 -11.46
C PHE E 104 -3.85 -22.01 -12.02
N ALA E 105 -2.71 -22.11 -12.72
CA ALA E 105 -2.10 -20.90 -13.25
C ALA E 105 -2.82 -20.51 -14.55
N SER E 106 -3.76 -21.35 -15.01
CA SER E 106 -4.43 -21.12 -16.30
C SER E 106 -5.29 -19.88 -16.58
N LYS E 107 -5.06 -19.30 -17.74
CA LYS E 107 -5.77 -18.13 -18.23
C LYS E 107 -6.98 -18.51 -19.09
N PHE E 108 -7.18 -19.80 -19.38
CA PHE E 108 -8.37 -20.20 -20.17
C PHE E 108 -9.65 -20.02 -19.38
N VAL E 109 -9.53 -20.13 -18.06
CA VAL E 109 -10.67 -20.02 -17.17
C VAL E 109 -10.31 -19.05 -16.07
N THR E 110 -11.31 -18.78 -15.25
CA THR E 110 -11.23 -17.89 -14.11
C THR E 110 -11.38 -18.76 -12.87
N PHE E 111 -10.40 -18.67 -11.96
CA PHE E 111 -10.42 -19.41 -10.69
C PHE E 111 -10.97 -18.43 -9.65
N VAL E 112 -12.20 -18.74 -9.23
CA VAL E 112 -13.07 -17.96 -8.32
C VAL E 112 -13.08 -18.71 -6.99
N GLY E 113 -13.05 -17.94 -5.88
CA GLY E 113 -13.11 -18.53 -4.56
C GLY E 113 -13.83 -17.67 -3.55
N VAL E 114 -14.09 -18.21 -2.37
CA VAL E 114 -14.72 -17.46 -1.28
C VAL E 114 -13.68 -17.31 -0.18
N GLN E 115 -13.42 -16.07 0.23
CA GLN E 115 -12.44 -15.70 1.25
C GLN E 115 -11.11 -16.41 0.95
N ILE E 116 -10.45 -16.06 -0.17
CA ILE E 116 -9.15 -16.71 -0.49
C ILE E 116 -7.94 -15.77 -0.34
N GLU E 117 -8.11 -14.61 0.29
CA GLU E 117 -6.97 -13.67 0.40
C GLU E 117 -5.71 -14.31 1.06
N GLU E 118 -5.89 -14.96 2.20
CA GLU E 118 -4.77 -15.61 2.88
C GLU E 118 -4.36 -16.86 2.09
N ASP E 119 -5.36 -17.55 1.52
CA ASP E 119 -5.11 -18.77 0.73
C ASP E 119 -4.07 -18.53 -0.42
N LEU E 120 -4.20 -17.40 -1.11
CA LEU E 120 -3.27 -17.10 -2.20
C LEU E 120 -1.83 -16.90 -1.68
N ASP E 121 -1.67 -16.23 -0.54
CA ASP E 121 -0.34 -16.01 0.00
C ASP E 121 0.24 -17.32 0.56
N LEU E 122 -0.60 -18.15 1.18
CA LEU E 122 -0.06 -19.43 1.73
C LEU E 122 0.30 -20.31 0.52
N LEU E 123 -0.59 -20.37 -0.45
CA LEU E 123 -0.29 -21.16 -1.66
C LEU E 123 1.03 -20.65 -2.27
N ARG E 124 1.15 -19.32 -2.41
CA ARG E 124 2.35 -18.75 -2.99
C ARG E 124 3.57 -18.91 -2.09
N GLU E 125 3.44 -18.52 -0.81
CA GLU E 125 4.56 -18.58 0.13
C GLU E 125 4.90 -20.01 0.59
N ASN E 126 3.94 -20.94 0.52
CA ASN E 126 4.22 -22.28 1.01
C ASN E 126 4.38 -23.38 -0.02
N HIS E 127 3.79 -23.19 -1.20
CA HIS E 127 3.86 -24.20 -2.29
C HIS E 127 4.35 -23.70 -3.65
N GLY E 128 4.45 -22.39 -3.83
CA GLY E 128 4.87 -21.88 -5.13
C GLY E 128 3.75 -22.14 -6.14
N LEU E 129 2.50 -22.22 -5.64
CA LEU E 129 1.34 -22.47 -6.51
C LEU E 129 0.64 -21.12 -6.75
N VAL E 130 0.78 -20.62 -7.97
CA VAL E 130 0.24 -19.33 -8.40
C VAL E 130 -1.18 -19.38 -9.00
N ILE E 131 -2.08 -18.52 -8.53
CA ILE E 131 -3.42 -18.50 -9.10
C ILE E 131 -3.49 -17.19 -9.95
N ARG E 132 -3.26 -17.31 -11.25
CA ARG E 132 -3.21 -16.11 -12.09
C ARG E 132 -4.54 -15.34 -12.40
N ASN E 133 -5.69 -16.01 -12.27
CA ASN E 133 -6.99 -15.41 -12.62
C ASN E 133 -7.99 -15.64 -11.50
N ALA E 134 -7.56 -15.33 -10.28
CA ALA E 134 -8.39 -15.54 -9.11
C ALA E 134 -9.30 -14.36 -8.81
N ILE E 135 -10.50 -14.62 -8.30
CA ILE E 135 -11.37 -13.54 -7.87
C ILE E 135 -12.07 -13.82 -6.54
N ASN E 136 -11.47 -13.33 -5.44
CA ASN E 136 -12.02 -13.45 -4.11
C ASN E 136 -13.44 -12.92 -4.40
N VAL E 137 -14.38 -13.84 -4.62
CA VAL E 137 -15.71 -13.44 -5.13
C VAL E 137 -16.68 -12.58 -4.32
N GLY E 138 -16.45 -12.50 -3.01
CA GLY E 138 -17.31 -11.71 -2.13
C GLY E 138 -17.27 -10.23 -2.49
N LYS E 139 -16.08 -9.68 -2.66
CA LYS E 139 -15.94 -8.27 -2.96
C LYS E 139 -16.66 -7.86 -4.26
N LEU E 140 -16.52 -8.66 -5.32
CA LEU E 140 -17.21 -8.36 -6.57
C LEU E 140 -18.72 -8.45 -6.34
N ALA E 141 -19.15 -9.49 -5.61
CA ALA E 141 -20.59 -9.66 -5.34
C ALA E 141 -21.13 -8.42 -4.63
N ALA E 142 -20.43 -7.98 -3.57
CA ALA E 142 -20.82 -6.82 -2.80
C ALA E 142 -21.03 -5.61 -3.72
N GLU E 143 -20.16 -5.51 -4.72
CA GLU E 143 -20.23 -4.41 -5.64
C GLU E 143 -21.33 -4.53 -6.69
N ALA E 144 -21.45 -5.69 -7.33
CA ALA E 144 -22.51 -5.86 -8.33
C ALA E 144 -23.85 -5.62 -7.64
N ARG E 145 -23.81 -5.43 -6.31
CA ARG E 145 -24.99 -5.20 -5.49
C ARG E 145 -24.98 -3.93 -4.61
N GLY E 146 -23.85 -3.24 -4.46
CA GLY E 146 -23.83 -2.09 -3.55
C GLY E 146 -24.37 -2.50 -2.15
N THR E 147 -23.59 -3.27 -1.39
CA THR E 147 -23.99 -3.77 -0.06
C THR E 147 -22.68 -4.30 0.57
N LEU E 148 -22.02 -3.50 1.39
CA LEU E 148 -20.73 -3.88 1.98
C LEU E 148 -20.59 -5.25 2.63
N VAL E 149 -21.69 -5.78 3.18
CA VAL E 149 -21.54 -7.03 3.91
C VAL E 149 -21.25 -8.35 3.19
N LEU E 150 -21.59 -8.46 1.90
CA LEU E 150 -21.35 -9.72 1.19
C LEU E 150 -19.84 -10.00 1.03
N GLU E 151 -19.05 -8.94 1.04
CA GLU E 151 -17.61 -9.06 0.93
C GLU E 151 -16.96 -10.04 1.94
N PHE E 152 -17.57 -10.18 3.12
CA PHE E 152 -16.98 -11.02 4.17
C PHE E 152 -17.78 -12.29 4.52
N LEU E 153 -18.27 -13.00 3.50
CA LEU E 153 -19.08 -14.20 3.81
C LEU E 153 -18.37 -15.56 3.72
N GLY E 154 -18.99 -16.55 4.38
CA GLY E 154 -18.55 -17.93 4.40
C GLY E 154 -19.06 -18.54 3.11
N THR E 155 -18.51 -19.69 2.72
CA THR E 155 -18.91 -20.32 1.45
C THR E 155 -20.39 -20.57 1.41
N ARG E 156 -20.99 -20.76 2.57
CA ARG E 156 -22.44 -21.02 2.59
C ARG E 156 -23.19 -19.70 2.65
N GLU E 157 -22.76 -18.82 3.55
CA GLU E 157 -23.48 -17.58 3.76
C GLU E 157 -23.35 -16.53 2.70
N LEU E 158 -22.54 -16.76 1.68
CA LEU E 158 -22.47 -15.78 0.60
C LEU E 158 -23.70 -16.10 -0.29
N ALA E 159 -23.84 -17.37 -0.64
CA ALA E 159 -24.94 -17.86 -1.48
C ALA E 159 -26.33 -17.45 -0.97
N HIS E 160 -26.55 -17.62 0.33
CA HIS E 160 -27.83 -17.24 0.91
C HIS E 160 -28.20 -15.83 0.45
N ARG E 161 -27.29 -14.86 0.65
CA ARG E 161 -27.58 -13.47 0.29
C ARG E 161 -27.60 -13.15 -1.19
N VAL E 162 -26.94 -13.97 -2.03
CA VAL E 162 -26.94 -13.69 -3.48
C VAL E 162 -28.07 -14.48 -4.15
N LEU E 163 -28.40 -15.64 -3.60
CA LEU E 163 -29.42 -16.49 -4.21
C LEU E 163 -30.75 -16.61 -3.49
N TRP E 164 -30.72 -16.73 -2.16
CA TRP E 164 -31.93 -16.85 -1.36
C TRP E 164 -32.63 -18.19 -1.53
N SER E 165 -31.83 -19.26 -1.66
CA SER E 165 -32.41 -20.58 -1.80
C SER E 165 -32.34 -21.32 -0.44
N ASP E 166 -33.11 -22.41 -0.31
CA ASP E 166 -33.18 -23.18 0.93
C ASP E 166 -31.81 -23.75 1.24
N LEU E 167 -31.36 -23.59 2.49
CA LEU E 167 -30.02 -24.03 2.91
C LEU E 167 -29.99 -24.94 4.14
N GLY E 168 -31.16 -25.34 4.62
CA GLY E 168 -31.25 -26.22 5.78
C GLY E 168 -30.51 -27.55 5.61
N GLN E 169 -30.50 -28.12 4.41
CA GLN E 169 -29.76 -29.37 4.24
C GLN E 169 -28.23 -29.19 4.39
N LEU E 170 -27.63 -28.27 3.62
CA LEU E 170 -26.17 -28.06 3.69
C LEU E 170 -25.76 -27.87 5.16
N ASP E 171 -26.59 -27.14 5.89
CA ASP E 171 -26.33 -26.83 7.28
C ASP E 171 -26.30 -28.03 8.27
N SER E 172 -27.31 -28.88 8.22
CA SER E 172 -27.36 -30.00 9.16
C SER E 172 -26.17 -30.88 8.84
N ILE E 173 -25.62 -30.69 7.64
CA ILE E 173 -24.43 -31.41 7.21
C ILE E 173 -23.21 -30.75 7.85
N GLU E 174 -23.09 -29.44 7.68
CA GLU E 174 -21.96 -28.70 8.23
C GLU E 174 -22.01 -28.66 9.73
N ALA E 175 -23.14 -28.28 10.30
CA ALA E 175 -23.28 -28.24 11.76
C ALA E 175 -22.72 -29.50 12.44
N LYS E 176 -23.03 -30.69 11.94
CA LYS E 176 -22.46 -31.87 12.60
C LYS E 176 -21.08 -32.19 12.04
N TRP E 177 -20.30 -31.18 11.66
CA TRP E 177 -19.02 -31.42 11.03
C TRP E 177 -18.03 -32.44 11.61
N GLU E 178 -17.71 -32.32 12.90
CA GLU E 178 -16.71 -33.20 13.50
C GLU E 178 -17.14 -34.65 13.60
N LYS E 179 -18.44 -34.88 13.40
CA LYS E 179 -18.96 -36.24 13.45
C LYS E 179 -19.42 -36.67 12.05
N ALA E 180 -19.81 -35.70 11.23
CA ALA E 180 -20.28 -36.00 9.87
C ALA E 180 -19.25 -36.93 9.22
N GLY E 181 -19.75 -37.99 8.58
CA GLY E 181 -18.87 -38.92 7.91
C GLY E 181 -18.34 -38.34 6.60
N PRO E 182 -17.23 -38.89 6.05
CA PRO E 182 -16.54 -38.48 4.81
C PRO E 182 -17.44 -38.18 3.61
N GLU E 183 -18.53 -38.93 3.46
CA GLU E 183 -19.38 -38.73 2.32
C GLU E 183 -20.32 -37.55 2.52
N GLU E 184 -20.74 -37.33 3.74
CA GLU E 184 -21.59 -36.19 4.05
C GLU E 184 -20.77 -34.86 3.91
N GLN E 185 -19.50 -34.91 4.31
CA GLN E 185 -18.66 -33.74 4.24
C GLN E 185 -18.47 -33.42 2.77
N LEU E 186 -18.43 -34.46 1.93
CA LEU E 186 -18.33 -34.25 0.50
C LEU E 186 -19.62 -33.53 0.08
N GLU E 187 -20.79 -34.11 0.38
CA GLU E 187 -22.05 -33.46 -0.05
C GLU E 187 -22.06 -31.95 0.19
N ALA E 188 -21.68 -31.52 1.40
CA ALA E 188 -21.64 -30.11 1.74
C ALA E 188 -20.73 -29.36 0.72
N ALA E 189 -19.60 -29.97 0.33
CA ALA E 189 -18.69 -29.38 -0.64
C ALA E 189 -19.43 -29.18 -1.96
N ALA E 190 -20.24 -30.17 -2.36
CA ALA E 190 -20.99 -30.07 -3.61
C ALA E 190 -21.92 -28.87 -3.55
N ILE E 191 -22.92 -28.93 -2.66
CA ILE E 191 -23.85 -27.79 -2.56
C ILE E 191 -23.13 -26.40 -2.52
N GLU E 192 -22.18 -26.17 -1.61
CA GLU E 192 -21.48 -24.86 -1.55
C GLU E 192 -20.87 -24.52 -2.90
N GLY E 193 -20.22 -25.50 -3.53
CA GLY E 193 -19.67 -25.26 -4.86
C GLY E 193 -20.80 -24.68 -5.73
N TRP E 194 -21.74 -25.57 -6.13
CA TRP E 194 -22.92 -25.23 -6.97
C TRP E 194 -23.46 -23.82 -6.70
N LEU E 195 -23.67 -23.53 -5.42
CA LEU E 195 -24.14 -22.20 -5.01
C LEU E 195 -23.22 -21.13 -5.61
N ILE E 196 -21.97 -21.08 -5.12
CA ILE E 196 -21.02 -20.09 -5.58
C ILE E 196 -20.99 -20.09 -7.12
N VAL E 197 -21.20 -21.26 -7.74
CA VAL E 197 -21.30 -21.35 -9.21
C VAL E 197 -22.46 -20.43 -9.67
N ASN E 198 -23.61 -20.54 -9.01
CA ASN E 198 -24.78 -19.72 -9.38
C ASN E 198 -24.55 -18.29 -8.89
N VAL E 199 -23.87 -18.14 -7.75
CA VAL E 199 -23.58 -16.77 -7.29
C VAL E 199 -22.80 -16.06 -8.41
N TRP E 200 -21.70 -16.69 -8.86
CA TRP E 200 -20.87 -16.13 -9.95
C TRP E 200 -21.68 -16.07 -11.26
N ASP E 201 -22.56 -17.05 -11.47
CA ASP E 201 -23.38 -17.08 -12.66
C ASP E 201 -24.48 -16.04 -12.57
N GLN E 202 -24.36 -15.15 -11.61
CA GLN E 202 -25.31 -14.07 -11.46
C GLN E 202 -24.55 -12.74 -11.60
N LEU E 203 -23.41 -12.65 -10.93
CA LEU E 203 -22.60 -11.43 -10.94
C LEU E 203 -21.97 -11.11 -12.31
N SER E 204 -21.64 -12.13 -13.10
CA SER E 204 -21.01 -11.88 -14.40
C SER E 204 -21.86 -11.00 -15.33
N ASP E 205 -23.04 -11.49 -15.70
CA ASP E 205 -23.89 -10.72 -16.62
C ASP E 205 -25.06 -9.92 -16.03
N GLU E 206 -24.91 -9.42 -14.80
CA GLU E 206 -25.98 -8.66 -14.15
C GLU E 206 -25.92 -7.15 -14.38
N SER F 1 -19.17 -34.58 30.18
CA SER F 1 -19.76 -34.13 28.87
C SER F 1 -19.46 -32.65 28.57
N ALA F 2 -19.47 -32.30 27.28
CA ALA F 2 -19.21 -30.92 26.84
C ALA F 2 -20.39 -30.00 27.14
N SER F 3 -20.29 -29.29 28.27
CA SER F 3 -21.36 -28.40 28.69
C SER F 3 -20.80 -27.07 29.12
N PHE F 4 -21.63 -26.03 29.02
CA PHE F 4 -21.23 -24.70 29.44
C PHE F 4 -21.52 -24.46 30.92
N ASP F 5 -20.83 -25.28 31.72
CA ASP F 5 -20.92 -25.30 33.16
C ASP F 5 -20.93 -23.94 33.87
N GLY F 6 -20.13 -22.99 33.42
CA GLY F 6 -20.09 -21.68 34.05
C GLY F 6 -21.46 -21.02 34.08
N PRO F 7 -21.57 -19.85 34.74
CA PRO F 7 -22.79 -19.03 34.90
C PRO F 7 -23.47 -18.42 33.65
N LYS F 8 -24.80 -18.29 33.72
CA LYS F 8 -25.56 -17.69 32.63
C LYS F 8 -25.52 -16.24 32.99
N PHE F 9 -25.91 -15.40 32.06
CA PHE F 9 -25.97 -13.98 32.28
C PHE F 9 -27.20 -13.51 31.54
N LYS F 10 -28.04 -12.72 32.23
CA LYS F 10 -29.25 -12.22 31.61
C LYS F 10 -28.88 -10.85 31.02
N THR F 12 -29.81 -7.07 28.99
CA THR F 12 -30.75 -6.01 29.32
C THR F 12 -32.09 -6.18 28.59
N ASP F 13 -32.08 -6.79 27.40
CA ASP F 13 -33.33 -6.97 26.66
C ASP F 13 -34.09 -8.07 27.34
N GLY F 14 -33.36 -8.90 28.09
CA GLY F 14 -33.96 -10.00 28.83
C GLY F 14 -33.72 -11.42 28.33
N SER F 15 -32.69 -11.62 27.51
CA SER F 15 -32.36 -12.96 26.97
C SER F 15 -31.27 -13.73 27.75
N TYR F 16 -30.91 -14.92 27.28
CA TYR F 16 -29.89 -15.71 27.96
C TYR F 16 -28.71 -16.31 27.14
N VAL F 17 -27.51 -15.83 27.44
CA VAL F 17 -26.29 -16.32 26.80
C VAL F 17 -25.65 -17.21 27.86
N GLN F 18 -25.26 -18.43 27.48
CA GLN F 18 -24.60 -19.30 28.47
C GLN F 18 -23.15 -18.85 28.59
N THR F 19 -22.29 -19.71 29.13
CA THR F 19 -20.88 -19.36 29.39
C THR F 19 -20.10 -20.63 29.81
N LYS F 20 -19.03 -20.97 29.08
CA LYS F 20 -18.19 -22.13 29.44
C LYS F 20 -16.80 -21.60 29.67
N THR F 21 -15.84 -22.47 30.03
CA THR F 21 -14.44 -22.03 30.25
C THR F 21 -13.40 -23.14 30.31
N ILE F 22 -12.20 -22.88 29.82
CA ILE F 22 -11.16 -23.90 29.88
C ILE F 22 -9.72 -23.33 29.96
N ASP F 23 -9.16 -23.36 31.17
CA ASP F 23 -7.81 -22.93 31.38
C ASP F 23 -6.94 -24.02 30.71
N VAL F 24 -7.15 -24.13 29.41
CA VAL F 24 -6.54 -25.13 28.55
C VAL F 24 -5.15 -25.54 28.96
N GLY F 25 -4.85 -26.83 28.83
CA GLY F 25 -3.54 -27.35 29.15
C GLY F 25 -3.04 -28.13 27.94
N SER F 26 -1.97 -28.89 28.14
CA SER F 26 -1.37 -29.64 27.06
C SER F 26 -2.24 -30.76 26.46
N SER F 27 -3.14 -31.31 27.27
CA SER F 27 -3.99 -32.39 26.76
C SER F 27 -5.47 -32.01 26.81
N THR F 28 -5.76 -30.74 27.11
CA THR F 28 -7.14 -30.25 27.16
C THR F 28 -7.74 -30.25 25.73
N ASP F 29 -8.90 -30.88 25.55
CA ASP F 29 -9.58 -30.95 24.26
C ASP F 29 -10.70 -29.90 24.18
N ILE F 30 -10.57 -28.89 23.34
CA ILE F 30 -11.61 -27.89 23.27
C ILE F 30 -12.52 -28.12 22.07
N SER F 31 -12.18 -29.08 21.22
CA SER F 31 -12.94 -29.40 20.02
C SER F 31 -14.44 -29.41 20.21
N PRO F 32 -14.95 -30.28 21.10
CA PRO F 32 -16.41 -30.35 21.34
C PRO F 32 -16.94 -28.98 21.77
N TYR F 33 -16.10 -28.20 22.48
CA TYR F 33 -16.55 -26.87 22.90
C TYR F 33 -16.63 -25.95 21.69
N LEU F 34 -15.64 -26.02 20.81
CA LEU F 34 -15.69 -25.21 19.59
C LEU F 34 -16.95 -25.66 18.79
N SER F 35 -17.34 -26.92 18.99
CA SER F 35 -18.50 -27.51 18.33
C SER F 35 -19.82 -26.84 18.64
N LEU F 36 -20.11 -26.53 19.92
CA LEU F 36 -21.39 -25.89 20.27
C LEU F 36 -21.46 -24.47 19.67
N ILE F 37 -20.34 -23.74 19.69
CA ILE F 37 -20.31 -22.40 19.13
C ILE F 37 -20.60 -22.49 17.60
N ARG F 38 -19.92 -23.39 16.91
CA ARG F 38 -20.13 -23.54 15.46
C ARG F 38 -21.59 -23.88 15.15
N GLU F 39 -22.10 -24.88 15.86
CA GLU F 39 -23.47 -25.32 15.66
C GLU F 39 -24.46 -24.18 15.98
N ASP F 40 -24.24 -23.50 17.11
CA ASP F 40 -25.10 -22.41 17.50
C ASP F 40 -25.09 -21.26 16.47
N SER F 41 -23.91 -20.93 15.94
CA SER F 41 -23.79 -19.84 14.97
C SER F 41 -24.48 -20.26 13.68
N ILE F 42 -24.35 -21.54 13.31
CA ILE F 42 -25.02 -22.01 12.10
C ILE F 42 -26.55 -22.14 12.24
N LEU F 43 -27.05 -22.59 13.39
CA LEU F 43 -28.52 -22.74 13.54
C LEU F 43 -29.22 -21.51 14.14
N ASN F 44 -28.55 -20.82 15.06
CA ASN F 44 -29.14 -19.65 15.77
C ASN F 44 -28.60 -18.26 15.45
N GLY F 45 -27.36 -18.18 14.95
CA GLY F 45 -26.75 -16.89 14.70
C GLY F 45 -26.37 -16.48 13.28
N ASN F 46 -26.85 -17.21 12.29
CA ASN F 46 -26.57 -16.94 10.87
C ASN F 46 -25.03 -16.99 10.50
N ARG F 47 -24.31 -17.90 11.13
CA ARG F 47 -22.91 -18.12 10.83
C ARG F 47 -21.91 -16.99 11.18
N ALA F 48 -22.21 -16.26 12.25
CA ALA F 48 -21.30 -15.26 12.78
C ALA F 48 -20.78 -15.73 14.14
N VAL F 49 -19.48 -15.57 14.33
CA VAL F 49 -18.84 -15.86 15.62
C VAL F 49 -18.10 -14.58 16.00
N ILE F 50 -18.54 -14.00 17.13
CA ILE F 50 -17.95 -12.77 17.63
C ILE F 50 -16.77 -13.15 18.51
N PHE F 51 -15.70 -12.36 18.42
CA PHE F 51 -14.53 -12.69 19.23
C PHE F 51 -13.73 -11.51 19.74
N ASP F 52 -12.81 -11.81 20.67
CA ASP F 52 -11.86 -10.86 21.24
C ASP F 52 -10.63 -11.71 21.69
N VAL F 53 -9.44 -11.09 21.78
CA VAL F 53 -8.21 -11.77 22.18
C VAL F 53 -7.45 -10.99 23.23
N TYR F 54 -6.74 -11.72 24.09
CA TYR F 54 -6.05 -11.13 25.19
C TYR F 54 -4.62 -11.65 25.12
N TRP F 55 -3.69 -10.72 25.30
CA TRP F 55 -2.25 -11.01 25.16
C TRP F 55 -1.52 -10.91 26.47
N ASP F 56 -0.45 -11.70 26.54
CA ASP F 56 0.47 -11.66 27.67
C ASP F 56 1.58 -10.81 27.04
N VAL F 57 1.92 -9.70 27.67
CA VAL F 57 2.94 -8.81 27.11
C VAL F 57 4.34 -9.12 27.67
N GLY F 58 5.07 -9.98 26.96
CA GLY F 58 6.39 -10.38 27.41
C GLY F 58 7.51 -9.40 27.11
N PHE F 59 8.42 -9.25 28.07
CA PHE F 59 9.57 -8.37 27.89
C PHE F 59 10.72 -9.12 27.21
N THR F 66 12.65 -8.57 17.21
CA THR F 66 11.56 -7.59 17.02
C THR F 66 10.80 -7.41 18.34
N LYS F 67 10.54 -6.16 18.70
CA LYS F 67 9.87 -5.90 19.96
C LYS F 67 8.48 -6.46 20.21
N THR F 68 7.63 -6.62 19.18
CA THR F 68 6.31 -7.19 19.45
C THR F 68 6.46 -8.72 19.70
N SER F 69 7.71 -9.20 19.76
CA SER F 69 7.99 -10.59 20.03
C SER F 69 7.64 -11.00 21.44
N GLY F 70 7.62 -10.03 22.35
CA GLY F 70 7.31 -10.37 23.72
C GLY F 70 5.87 -10.83 23.82
N TRP F 71 5.04 -10.52 22.81
CA TRP F 71 3.60 -10.89 22.86
C TRP F 71 3.19 -12.32 22.52
N SER F 72 2.40 -12.95 23.40
CA SER F 72 1.91 -14.30 23.05
C SER F 72 0.50 -14.34 23.58
N LEU F 73 -0.37 -15.04 22.86
CA LEU F 73 -1.78 -15.09 23.23
C LEU F 73 -1.94 -15.57 24.68
N SER F 74 -3.05 -15.21 25.32
CA SER F 74 -3.27 -15.66 26.70
C SER F 74 -4.73 -16.08 26.91
N SER F 75 -5.63 -15.42 26.19
CA SER F 75 -7.07 -15.76 26.28
C SER F 75 -7.71 -15.53 24.94
N VAL F 76 -8.72 -16.33 24.63
CA VAL F 76 -9.48 -16.20 23.37
C VAL F 76 -10.93 -16.27 23.77
N LYS F 77 -11.69 -15.20 23.50
CA LYS F 77 -13.11 -15.18 23.79
C LYS F 77 -13.88 -15.41 22.49
N LEU F 78 -14.87 -16.31 22.51
CA LEU F 78 -15.69 -16.59 21.33
C LEU F 78 -17.14 -16.47 21.79
N SER F 79 -17.87 -15.53 21.20
CA SER F 79 -19.25 -15.37 21.60
C SER F 79 -20.22 -15.64 20.46
N THR F 80 -21.39 -16.18 20.85
CA THR F 80 -22.48 -16.37 19.90
C THR F 80 -23.68 -15.77 20.68
N ARG F 81 -24.82 -15.62 20.02
CA ARG F 81 -25.99 -15.08 20.71
C ARG F 81 -26.25 -15.89 22.01
N ASN F 82 -26.32 -17.21 21.91
CA ASN F 82 -26.59 -18.08 23.08
C ASN F 82 -25.43 -18.44 24.00
N LEU F 83 -24.20 -18.48 23.47
CA LEU F 83 -23.07 -18.88 24.27
C LEU F 83 -21.79 -18.12 24.09
N CYS F 84 -21.16 -17.79 25.23
CA CYS F 84 -19.89 -17.11 25.14
C CYS F 84 -18.89 -18.08 25.76
N LEU F 85 -17.94 -18.49 24.93
CA LEU F 85 -16.90 -19.41 25.34
C LEU F 85 -15.64 -18.58 25.61
N PHE F 86 -15.09 -18.78 26.80
CA PHE F 86 -13.92 -18.05 27.17
C PHE F 86 -12.82 -19.09 27.37
N LEU F 87 -11.67 -18.89 26.72
CA LEU F 87 -10.57 -19.84 26.84
C LEU F 87 -9.32 -19.23 27.46
N ARG F 88 -8.57 -20.01 28.25
CA ARG F 88 -7.30 -19.48 28.77
C ARG F 88 -6.20 -20.35 28.17
N LEU F 89 -5.15 -19.72 27.64
CA LEU F 89 -4.12 -20.49 26.93
C LEU F 89 -2.77 -20.57 27.60
N PRO F 90 -2.00 -21.64 27.32
CA PRO F 90 -0.68 -21.75 27.95
C PRO F 90 0.45 -21.19 27.05
N LYS F 91 1.65 -21.12 27.59
CA LYS F 91 2.78 -20.67 26.82
C LYS F 91 3.96 -21.65 27.06
N PRO F 92 4.47 -22.33 26.01
CA PRO F 92 4.06 -22.27 24.60
C PRO F 92 2.85 -23.16 24.34
N PHE F 93 2.38 -23.11 23.09
CA PHE F 93 1.26 -23.89 22.60
C PHE F 93 1.73 -25.34 22.45
N HIS F 94 0.84 -26.30 22.69
CA HIS F 94 1.15 -27.72 22.47
C HIS F 94 0.24 -28.06 21.27
N ASP F 95 0.30 -29.27 20.76
CA ASP F 95 -0.51 -29.63 19.60
C ASP F 95 -2.01 -29.69 19.87
N ASN F 96 -2.42 -29.67 21.14
CA ASN F 96 -3.86 -29.69 21.40
C ASN F 96 -4.46 -28.36 20.96
N LEU F 97 -3.62 -27.33 20.83
CA LEU F 97 -4.19 -26.06 20.38
C LEU F 97 -4.17 -25.99 18.86
N LYS F 98 -3.37 -26.86 18.21
CA LYS F 98 -3.27 -26.86 16.73
C LYS F 98 -4.69 -27.01 16.25
N ASP F 99 -5.54 -27.18 17.23
CA ASP F 99 -6.92 -27.36 17.04
C ASP F 99 -7.76 -26.08 17.01
N LEU F 100 -7.46 -25.10 17.88
CA LEU F 100 -8.19 -23.79 17.88
C LEU F 100 -7.93 -22.97 16.59
N TYR F 101 -7.01 -23.44 15.73
CA TYR F 101 -6.73 -22.75 14.48
C TYR F 101 -7.82 -23.08 13.45
N ARG F 102 -8.13 -24.37 13.28
CA ARG F 102 -9.12 -24.77 12.27
C ARG F 102 -10.41 -24.01 12.46
N PHE F 103 -10.81 -23.83 13.71
CA PHE F 103 -11.99 -23.08 14.02
C PHE F 103 -11.90 -21.62 13.48
N PHE F 104 -10.77 -20.97 13.75
CA PHE F 104 -10.55 -19.58 13.32
C PHE F 104 -10.41 -19.45 11.81
N ALA F 105 -10.03 -20.54 11.12
CA ALA F 105 -9.91 -20.49 9.66
C ALA F 105 -11.20 -20.88 8.97
N SER F 106 -12.25 -21.20 9.72
CA SER F 106 -13.46 -21.66 9.03
C SER F 106 -14.18 -20.67 8.06
N LYS F 107 -14.54 -21.17 6.89
CA LYS F 107 -15.32 -20.38 5.93
C LYS F 107 -16.82 -20.67 6.18
N PHE F 108 -17.15 -21.34 7.30
CA PHE F 108 -18.57 -21.60 7.65
C PHE F 108 -19.19 -20.38 8.32
N VAL F 109 -18.41 -19.71 9.17
CA VAL F 109 -18.85 -18.53 9.94
C VAL F 109 -17.92 -17.34 9.62
N THR F 110 -18.25 -16.18 10.16
CA THR F 110 -17.46 -14.96 10.02
C THR F 110 -17.06 -14.45 11.42
N PHE F 111 -15.75 -14.25 11.60
CA PHE F 111 -15.23 -13.73 12.85
C PHE F 111 -15.40 -12.21 12.80
N VAL F 112 -16.42 -11.74 13.52
CA VAL F 112 -16.79 -10.35 13.57
C VAL F 112 -16.07 -9.67 14.74
N GLY F 113 -15.00 -8.93 14.43
CA GLY F 113 -14.26 -8.29 15.50
C GLY F 113 -14.21 -6.77 15.48
N VAL F 114 -13.87 -6.20 16.63
CA VAL F 114 -13.74 -4.77 16.83
C VAL F 114 -12.25 -4.55 17.11
N GLN F 115 -11.60 -3.71 16.29
CA GLN F 115 -10.19 -3.38 16.44
C GLN F 115 -9.25 -4.60 16.40
N ILE F 116 -9.28 -5.35 15.28
CA ILE F 116 -8.45 -6.55 15.15
C ILE F 116 -7.24 -6.49 14.19
N GLU F 117 -7.04 -5.35 13.50
CA GLU F 117 -5.90 -5.22 12.58
C GLU F 117 -4.60 -5.64 13.27
N GLU F 118 -4.21 -4.93 14.34
CA GLU F 118 -2.98 -5.26 15.05
C GLU F 118 -3.18 -6.70 15.52
N ASP F 119 -4.42 -7.00 15.94
CA ASP F 119 -4.75 -8.33 16.38
C ASP F 119 -4.50 -9.40 15.30
N LEU F 120 -5.00 -9.21 14.09
CA LEU F 120 -4.75 -10.27 13.08
C LEU F 120 -3.25 -10.33 12.71
N ASP F 121 -2.57 -9.17 12.69
CA ASP F 121 -1.14 -9.11 12.34
C ASP F 121 -0.20 -9.95 13.19
N LEU F 122 -0.22 -9.79 14.54
CA LEU F 122 0.70 -10.58 15.40
C LEU F 122 0.33 -12.10 15.32
N LEU F 123 -0.90 -12.43 15.71
CA LEU F 123 -1.43 -13.78 15.68
C LEU F 123 -0.87 -14.50 14.45
N ARG F 124 -0.94 -13.81 13.31
CA ARG F 124 -0.45 -14.39 12.07
C ARG F 124 1.07 -14.51 12.17
N GLU F 125 1.77 -13.42 12.49
CA GLU F 125 3.25 -13.44 12.56
C GLU F 125 3.75 -14.39 13.61
N ASN F 126 3.35 -14.07 14.84
CA ASN F 126 3.78 -14.78 16.01
C ASN F 126 3.22 -16.22 16.23
N HIS F 127 1.95 -16.43 15.94
CA HIS F 127 1.39 -17.77 16.16
C HIS F 127 1.07 -18.68 14.95
N GLY F 128 1.18 -18.18 13.71
CA GLY F 128 0.81 -19.04 12.58
C GLY F 128 -0.71 -19.18 12.38
N LEU F 129 -1.48 -18.55 13.28
CA LEU F 129 -2.95 -18.56 13.28
C LEU F 129 -3.45 -17.54 12.24
N VAL F 130 -4.18 -18.08 11.28
CA VAL F 130 -4.69 -17.32 10.16
C VAL F 130 -6.22 -17.32 10.28
N ILE F 131 -6.83 -16.13 10.39
CA ILE F 131 -8.28 -16.08 10.44
C ILE F 131 -8.65 -15.71 9.00
N ARG F 132 -9.04 -16.69 8.19
CA ARG F 132 -9.31 -16.38 6.80
C ARG F 132 -10.46 -15.38 6.55
N ASN F 133 -11.57 -15.53 7.28
CA ASN F 133 -12.74 -14.68 7.12
C ASN F 133 -13.07 -13.94 8.41
N ALA F 134 -12.39 -12.81 8.63
CA ALA F 134 -12.55 -11.98 9.81
C ALA F 134 -13.03 -10.59 9.40
N ILE F 135 -13.75 -9.90 10.28
CA ILE F 135 -14.11 -8.54 9.95
C ILE F 135 -13.93 -7.58 11.11
N ASN F 136 -13.20 -6.50 10.83
CA ASN F 136 -12.97 -5.43 11.78
C ASN F 136 -14.27 -4.66 11.54
N VAL F 137 -15.22 -4.78 12.47
CA VAL F 137 -16.58 -4.21 12.29
C VAL F 137 -16.80 -2.67 12.46
N GLY F 138 -15.82 -1.98 13.03
CA GLY F 138 -15.93 -0.54 13.20
C GLY F 138 -16.06 0.17 11.85
N LYS F 139 -15.20 -0.20 10.91
CA LYS F 139 -15.23 0.40 9.59
C LYS F 139 -16.58 0.15 8.89
N LEU F 140 -17.20 -0.99 9.21
CA LEU F 140 -18.48 -1.40 8.67
C LEU F 140 -19.57 -0.51 9.25
N ALA F 141 -19.61 -0.42 10.58
CA ALA F 141 -20.59 0.37 11.32
C ALA F 141 -20.47 1.82 10.91
N ALA F 142 -19.22 2.28 10.78
CA ALA F 142 -19.05 3.65 10.42
C ALA F 142 -19.67 3.77 9.00
N GLU F 143 -19.23 2.87 8.12
CA GLU F 143 -19.67 2.92 6.75
C GLU F 143 -21.13 2.62 6.49
N ALA F 144 -21.84 2.08 7.47
CA ALA F 144 -23.26 1.79 7.31
C ALA F 144 -24.14 2.84 8.02
N ARG F 145 -23.55 3.63 8.90
CA ARG F 145 -24.28 4.63 9.63
C ARG F 145 -23.79 6.02 9.31
N GLY F 146 -22.99 6.16 8.28
CA GLY F 146 -22.47 7.48 7.96
C GLY F 146 -21.93 8.19 9.21
N THR F 147 -21.35 7.43 10.13
CA THR F 147 -20.76 7.99 11.35
C THR F 147 -19.31 7.58 11.26
N LEU F 148 -18.53 8.51 10.73
CA LEU F 148 -17.10 8.36 10.46
C LEU F 148 -16.22 7.74 11.54
N VAL F 149 -16.44 8.18 12.77
CA VAL F 149 -15.58 7.66 13.81
C VAL F 149 -16.02 6.35 14.50
N LEU F 150 -17.10 5.69 14.03
CA LEU F 150 -17.49 4.46 14.75
C LEU F 150 -16.33 3.42 14.71
N GLU F 151 -15.57 3.41 13.61
CA GLU F 151 -14.42 2.53 13.43
C GLU F 151 -13.34 2.89 14.47
N PHE F 152 -13.57 3.97 15.24
CA PHE F 152 -12.55 4.45 16.21
C PHE F 152 -12.91 4.41 17.70
N LEU F 153 -13.90 3.58 18.08
CA LEU F 153 -14.34 3.47 19.46
C LEU F 153 -13.97 2.09 20.02
N GLY F 154 -14.07 1.95 21.34
CA GLY F 154 -13.78 0.66 21.99
C GLY F 154 -14.95 -0.33 21.95
N THR F 155 -14.79 -1.52 22.54
CA THR F 155 -15.88 -2.53 22.47
C THR F 155 -17.22 -2.09 23.10
N ARG F 156 -17.16 -1.38 24.21
CA ARG F 156 -18.39 -0.89 24.83
C ARG F 156 -18.94 0.13 23.84
N GLU F 157 -18.30 1.30 23.87
CA GLU F 157 -18.65 2.45 23.07
C GLU F 157 -19.25 2.18 21.68
N LEU F 158 -18.63 1.35 20.85
CA LEU F 158 -19.28 1.07 19.59
C LEU F 158 -20.73 0.60 19.96
N ALA F 159 -20.82 -0.39 20.85
CA ALA F 159 -22.11 -0.94 21.25
C ALA F 159 -23.03 0.19 21.70
N HIS F 160 -22.49 1.10 22.49
CA HIS F 160 -23.25 2.22 22.97
C HIS F 160 -23.81 3.09 21.85
N ARG F 161 -22.95 3.45 20.92
CA ARG F 161 -23.31 4.32 19.78
C ARG F 161 -24.10 3.68 18.66
N VAL F 162 -24.23 2.35 18.68
CA VAL F 162 -24.99 1.64 17.66
C VAL F 162 -26.40 1.17 18.14
N LEU F 163 -26.47 0.56 19.31
CA LEU F 163 -27.73 0.00 19.83
C LEU F 163 -28.46 0.85 20.89
N TRP F 164 -27.76 1.83 21.47
CA TRP F 164 -28.32 2.72 22.49
C TRP F 164 -29.04 2.04 23.66
N SER F 165 -28.69 0.79 23.91
CA SER F 165 -29.28 0.02 25.00
C SER F 165 -28.58 0.43 26.30
N ASP F 166 -29.05 -0.09 27.45
CA ASP F 166 -28.44 0.26 28.74
C ASP F 166 -27.12 -0.42 28.97
N LEU F 167 -26.13 0.40 29.30
CA LEU F 167 -24.79 -0.13 29.53
C LEU F 167 -24.34 -0.04 30.98
N GLY F 168 -25.33 0.14 31.88
CA GLY F 168 -25.09 0.24 33.30
C GLY F 168 -24.30 -0.90 33.94
N GLN F 169 -24.78 -2.14 33.88
CA GLN F 169 -24.02 -3.25 34.47
C GLN F 169 -22.55 -3.37 33.90
N LEU F 170 -22.41 -3.51 32.58
CA LEU F 170 -21.04 -3.62 32.00
C LEU F 170 -20.26 -2.37 32.38
N ASP F 171 -20.92 -1.22 32.28
CA ASP F 171 -20.27 0.02 32.62
C ASP F 171 -19.75 0.13 34.05
N SER F 172 -20.53 -0.33 35.04
CA SER F 172 -20.04 -0.23 36.41
C SER F 172 -18.89 -1.21 36.64
N ILE F 173 -18.90 -2.37 35.99
CA ILE F 173 -17.80 -3.34 36.15
C ILE F 173 -16.50 -2.80 35.55
N GLU F 174 -16.58 -2.22 34.35
CA GLU F 174 -15.37 -1.76 33.68
C GLU F 174 -14.81 -0.52 34.34
N ALA F 175 -15.71 0.36 34.79
CA ALA F 175 -15.32 1.59 35.47
C ALA F 175 -14.41 1.25 36.66
N LYS F 176 -14.66 0.10 37.30
CA LYS F 176 -13.85 -0.31 38.44
C LYS F 176 -13.22 -1.65 38.09
N TRP F 177 -12.78 -1.75 36.84
CA TRP F 177 -12.22 -2.99 36.34
C TRP F 177 -11.27 -3.74 37.25
N GLU F 178 -10.27 -3.07 37.80
CA GLU F 178 -9.32 -3.76 38.66
C GLU F 178 -9.94 -4.12 40.03
N LYS F 179 -11.12 -3.60 40.34
CA LYS F 179 -11.77 -3.92 41.62
C LYS F 179 -12.93 -4.91 41.42
N ALA F 180 -13.27 -5.15 40.15
CA ALA F 180 -14.35 -6.06 39.77
C ALA F 180 -13.94 -7.52 39.85
N GLY F 181 -14.81 -8.34 40.43
CA GLY F 181 -14.56 -9.76 40.57
C GLY F 181 -14.48 -10.48 39.22
N PRO F 182 -13.79 -11.63 39.15
CA PRO F 182 -13.67 -12.39 37.89
C PRO F 182 -15.00 -12.74 37.24
N GLU F 183 -16.05 -12.95 38.04
CA GLU F 183 -17.35 -13.26 37.42
C GLU F 183 -17.90 -11.98 36.79
N GLU F 184 -17.67 -10.83 37.42
CA GLU F 184 -18.16 -9.58 36.85
C GLU F 184 -17.40 -9.23 35.54
N GLN F 185 -16.13 -9.61 35.48
CA GLN F 185 -15.32 -9.35 34.29
C GLN F 185 -15.71 -10.32 33.18
N LEU F 186 -16.06 -11.55 33.56
CA LEU F 186 -16.52 -12.52 32.56
C LEU F 186 -17.89 -12.04 32.05
N GLU F 187 -18.75 -11.57 32.96
CA GLU F 187 -20.08 -11.09 32.58
C GLU F 187 -19.89 -9.85 31.70
N ALA F 188 -18.91 -9.04 32.09
CA ALA F 188 -18.62 -7.84 31.36
C ALA F 188 -18.54 -8.26 29.89
N ALA F 189 -17.58 -9.15 29.58
CA ALA F 189 -17.44 -9.62 28.20
C ALA F 189 -18.76 -10.16 27.61
N ALA F 190 -19.57 -10.82 28.45
CA ALA F 190 -20.84 -11.39 28.01
C ALA F 190 -21.58 -10.37 27.14
N ILE F 191 -22.02 -9.30 27.78
CA ILE F 191 -22.73 -8.15 27.20
C ILE F 191 -22.10 -7.59 25.86
N GLU F 192 -20.77 -7.65 25.72
CA GLU F 192 -20.07 -7.16 24.54
C GLU F 192 -20.33 -8.04 23.28
N GLY F 193 -20.00 -9.32 23.38
CA GLY F 193 -20.23 -10.24 22.28
C GLY F 193 -21.66 -10.09 21.74
N TRP F 194 -22.60 -10.11 22.68
CA TRP F 194 -24.06 -9.99 22.45
C TRP F 194 -24.36 -8.64 21.71
N LEU F 195 -23.82 -7.54 22.25
CA LEU F 195 -23.95 -6.21 21.65
C LEU F 195 -23.34 -6.20 20.23
N ILE F 196 -22.12 -6.71 20.10
CA ILE F 196 -21.46 -6.73 18.79
C ILE F 196 -22.21 -7.69 17.83
N VAL F 197 -22.91 -8.70 18.38
CA VAL F 197 -23.74 -9.64 17.62
C VAL F 197 -24.97 -8.90 17.06
N ASN F 198 -25.59 -8.06 17.90
CA ASN F 198 -26.74 -7.25 17.51
C ASN F 198 -26.26 -6.21 16.49
N VAL F 199 -25.20 -5.44 16.83
CA VAL F 199 -24.67 -4.46 15.88
C VAL F 199 -24.47 -5.07 14.48
N TRP F 200 -23.88 -6.26 14.46
CA TRP F 200 -23.59 -6.99 13.27
C TRP F 200 -24.87 -7.47 12.56
N ASP F 201 -25.86 -7.97 13.29
CA ASP F 201 -27.09 -8.39 12.64
C ASP F 201 -27.53 -7.16 11.79
N GLN F 202 -27.89 -6.10 12.50
CA GLN F 202 -28.28 -4.81 11.94
C GLN F 202 -27.55 -4.42 10.63
N LEU F 203 -26.21 -4.37 10.68
CA LEU F 203 -25.43 -4.03 9.49
C LEU F 203 -25.54 -5.05 8.36
N SER F 204 -25.56 -6.35 8.69
CA SER F 204 -25.62 -7.37 7.63
C SER F 204 -26.88 -7.21 6.74
N ASP F 205 -28.07 -7.13 7.32
CA ASP F 205 -29.27 -6.92 6.49
C ASP F 205 -29.67 -5.46 6.40
N GLU F 206 -28.70 -4.55 6.61
CA GLU F 206 -28.95 -3.11 6.56
C GLU F 206 -28.93 -2.55 5.11
N SER A 1 -5.83 5.45 48.72
CA SER A 1 -5.12 6.72 49.02
C SER A 1 -4.73 7.50 47.76
N ALA A 2 -4.39 6.78 46.70
CA ALA A 2 -3.98 7.38 45.42
C ALA A 2 -4.83 8.55 44.93
N SER A 3 -4.19 9.67 44.64
CA SER A 3 -4.98 10.78 44.15
C SER A 3 -4.18 11.76 43.26
N PHE A 4 -4.88 12.56 42.48
CA PHE A 4 -4.23 13.56 41.61
C PHE A 4 -4.09 14.88 42.39
N ASP A 5 -3.08 14.88 43.25
CA ASP A 5 -2.76 15.98 44.15
C ASP A 5 -1.42 16.61 43.82
N GLY A 6 -1.34 17.20 42.64
CA GLY A 6 -0.14 17.87 42.23
C GLY A 6 -0.44 19.34 41.89
N PRO A 7 0.58 20.06 41.42
CA PRO A 7 0.36 21.46 41.06
C PRO A 7 -0.80 21.47 40.10
N LYS A 8 -1.89 22.14 40.47
CA LYS A 8 -3.03 22.14 39.57
C LYS A 8 -3.21 23.46 38.80
N PHE A 9 -3.96 23.42 37.70
CA PHE A 9 -4.08 24.60 36.88
C PHE A 9 -5.49 24.94 36.44
N LYS A 10 -5.78 26.25 36.42
CA LYS A 10 -7.07 26.77 35.96
C LYS A 10 -6.94 26.93 34.45
N THR A 12 -9.13 28.12 30.95
CA THR A 12 -9.55 29.40 30.43
C THR A 12 -11.06 29.59 30.56
N ASP A 13 -11.76 28.51 30.93
CA ASP A 13 -13.22 28.54 31.09
C ASP A 13 -13.53 28.24 32.56
N GLY A 14 -12.58 28.48 33.45
CA GLY A 14 -12.81 28.25 34.87
C GLY A 14 -12.86 26.81 35.33
N SER A 15 -12.93 25.85 34.41
CA SER A 15 -12.96 24.45 34.82
C SER A 15 -11.52 24.03 35.22
N TYR A 16 -11.40 22.91 35.95
CA TYR A 16 -10.09 22.41 36.42
C TYR A 16 -9.79 20.97 35.99
N VAL A 17 -8.49 20.67 36.01
CA VAL A 17 -7.90 19.36 35.70
C VAL A 17 -6.97 19.03 36.86
N GLN A 18 -7.08 17.85 37.48
CA GLN A 18 -6.11 17.51 38.54
C GLN A 18 -4.92 16.76 37.90
N THR A 19 -3.68 17.12 38.28
CA THR A 19 -2.47 16.48 37.74
C THR A 19 -1.82 15.50 38.73
N LYS A 20 -0.71 14.89 38.30
CA LYS A 20 0.08 13.91 39.08
C LYS A 20 1.20 13.50 38.10
N THR A 21 2.44 13.60 38.55
CA THR A 21 3.61 13.22 37.75
C THR A 21 4.33 12.12 38.55
N ILE A 22 4.82 11.09 37.84
CA ILE A 22 5.52 9.96 38.47
C ILE A 22 6.81 9.53 37.75
N ASP A 23 7.86 9.27 38.54
CA ASP A 23 9.14 8.81 38.05
C ASP A 23 9.14 7.28 38.18
N VAL A 24 8.23 6.61 37.51
CA VAL A 24 8.16 5.17 37.60
C VAL A 24 9.60 4.62 37.67
N GLY A 25 9.85 3.79 38.68
CA GLY A 25 11.17 3.21 38.84
C GLY A 25 10.98 1.73 38.55
N SER A 26 11.99 0.90 38.85
CA SER A 26 11.85 -0.52 38.57
C SER A 26 10.75 -1.13 39.43
N SER A 27 10.44 -0.52 40.57
CA SER A 27 9.37 -1.00 41.41
C SER A 27 8.36 0.14 41.57
N THR A 28 7.16 -0.03 40.99
CA THR A 28 6.13 1.00 41.02
C THR A 28 4.72 0.49 40.64
N ASP A 29 3.67 1.05 41.28
CA ASP A 29 2.30 0.65 40.94
C ASP A 29 1.42 1.79 40.41
N ILE A 30 0.85 1.56 39.22
CA ILE A 30 0.03 2.55 38.48
C ILE A 30 -1.35 2.11 37.99
N SER A 31 -2.03 1.20 38.69
CA SER A 31 -3.36 0.80 38.24
C SER A 31 -4.36 1.83 38.81
N PRO A 32 -4.19 2.24 40.08
CA PRO A 32 -5.03 3.22 40.75
C PRO A 32 -5.15 4.54 39.93
N TYR A 33 -4.04 4.95 39.33
CA TYR A 33 -4.02 6.16 38.51
C TYR A 33 -4.72 5.82 37.19
N LEU A 34 -4.32 4.70 36.58
CA LEU A 34 -5.00 4.27 35.36
C LEU A 34 -6.48 4.30 35.71
N SER A 35 -6.80 3.54 36.76
CA SER A 35 -8.15 3.43 37.30
C SER A 35 -8.96 4.70 37.03
N LEU A 36 -8.63 5.77 37.74
CA LEU A 36 -9.28 7.09 37.59
C LEU A 36 -9.45 7.53 36.14
N ILE A 37 -8.35 7.65 35.40
CA ILE A 37 -8.47 8.12 34.03
C ILE A 37 -9.42 7.16 33.29
N ARG A 38 -9.29 5.85 33.55
CA ARG A 38 -10.18 4.90 32.93
C ARG A 38 -11.62 5.21 33.44
N GLU A 39 -11.71 5.89 34.60
CA GLU A 39 -13.00 6.22 35.20
C GLU A 39 -13.66 7.41 34.51
N ASP A 40 -12.89 8.49 34.35
CA ASP A 40 -13.36 9.73 33.72
C ASP A 40 -13.79 9.62 32.23
N SER A 41 -13.00 8.97 31.39
CA SER A 41 -13.37 8.77 29.98
C SER A 41 -14.82 8.10 29.91
N ILE A 42 -14.96 6.97 30.58
CA ILE A 42 -16.24 6.25 30.63
C ILE A 42 -17.37 7.08 31.38
N LEU A 43 -17.18 7.27 32.69
CA LEU A 43 -18.15 8.01 33.53
C LEU A 43 -18.21 9.54 33.29
N ASN A 44 -17.34 10.10 32.47
CA ASN A 44 -17.35 11.53 32.25
C ASN A 44 -16.68 11.93 30.91
N GLY A 45 -16.20 10.97 30.11
CA GLY A 45 -15.56 11.37 28.86
C GLY A 45 -15.97 10.72 27.53
N ASN A 46 -17.00 9.88 27.53
CA ASN A 46 -17.47 9.15 26.34
C ASN A 46 -16.36 8.26 25.74
N ARG A 47 -15.63 7.57 26.63
CA ARG A 47 -14.59 6.62 26.27
C ARG A 47 -13.50 7.03 25.27
N ALA A 48 -13.00 8.25 25.42
CA ALA A 48 -11.87 8.73 24.60
C ALA A 48 -10.77 9.13 25.57
N VAL A 49 -9.55 8.56 25.46
CA VAL A 49 -8.43 9.00 26.29
C VAL A 49 -7.42 9.74 25.39
N ILE A 50 -7.07 10.96 25.81
CA ILE A 50 -6.19 11.83 25.05
C ILE A 50 -4.77 11.62 25.54
N PHE A 51 -3.84 11.51 24.59
CA PHE A 51 -2.47 11.28 25.01
C PHE A 51 -1.45 11.94 24.16
N ASP A 52 -0.20 11.82 24.60
CA ASP A 52 0.91 12.34 23.82
C ASP A 52 2.10 11.57 24.37
N VAL A 53 3.16 11.46 23.57
CA VAL A 53 4.34 10.75 24.03
C VAL A 53 5.60 11.59 23.75
N TYR A 54 6.64 11.43 24.59
CA TYR A 54 7.85 12.23 24.49
C TYR A 54 9.06 11.32 24.48
N TRP A 55 10.03 11.63 23.62
CA TRP A 55 11.19 10.76 23.45
C TRP A 55 12.51 11.37 23.78
N ASP A 56 13.44 10.52 24.22
CA ASP A 56 14.86 10.91 24.43
C ASP A 56 15.27 10.41 23.03
N VAL A 57 15.71 11.33 22.18
CA VAL A 57 16.00 10.99 20.79
C VAL A 57 17.14 10.02 20.55
N GLY A 58 17.02 9.22 19.50
CA GLY A 58 18.06 8.28 19.16
C GLY A 58 19.18 8.91 18.34
N PHE A 59 20.27 8.15 18.24
CA PHE A 59 21.51 8.43 17.51
C PHE A 59 22.20 7.07 17.30
N THR A 66 19.60 -0.17 12.52
CA THR A 66 18.42 0.68 12.26
C THR A 66 18.58 2.05 12.99
N LYS A 67 18.65 3.13 12.22
CA LYS A 67 18.87 4.44 12.81
C LYS A 67 17.89 4.93 13.86
N THR A 68 16.60 4.60 13.73
CA THR A 68 15.63 5.08 14.76
C THR A 68 15.62 4.19 16.00
N SER A 69 16.52 3.21 16.06
CA SER A 69 16.52 2.28 17.21
C SER A 69 16.96 2.88 18.54
N GLY A 70 17.56 4.06 18.52
CA GLY A 70 17.99 4.64 19.79
C GLY A 70 16.95 5.56 20.41
N TRP A 71 15.82 5.84 19.75
CA TRP A 71 14.79 6.71 20.36
C TRP A 71 14.13 5.88 21.44
N SER A 72 13.88 6.52 22.59
CA SER A 72 13.27 5.80 23.70
C SER A 72 12.39 6.71 24.51
N LEU A 73 11.35 6.07 25.02
CA LEU A 73 10.30 6.65 25.82
C LEU A 73 10.81 7.41 27.04
N SER A 74 10.41 8.66 27.16
CA SER A 74 10.81 9.43 28.35
C SER A 74 9.58 9.75 29.22
N SER A 75 8.46 10.15 28.62
CA SER A 75 7.25 10.43 29.44
C SER A 75 5.92 10.29 28.71
N VAL A 76 4.88 9.88 29.42
CA VAL A 76 3.58 9.76 28.76
C VAL A 76 2.64 10.69 29.51
N LYS A 77 1.65 11.20 28.78
CA LYS A 77 0.65 12.10 29.35
C LYS A 77 -0.72 11.50 29.02
N LEU A 78 -1.50 11.09 30.03
CA LEU A 78 -2.85 10.55 29.74
C LEU A 78 -3.87 11.61 30.25
N SER A 79 -4.66 12.12 29.31
CA SER A 79 -5.60 13.11 29.69
C SER A 79 -7.10 12.79 29.52
N THR A 80 -7.87 12.99 30.60
CA THR A 80 -9.34 12.91 30.47
C THR A 80 -9.73 14.36 30.74
N ARG A 81 -11.02 14.70 30.70
CA ARG A 81 -11.38 16.10 30.96
C ARG A 81 -11.00 16.56 32.37
N ASN A 82 -11.05 15.64 33.34
CA ASN A 82 -10.70 16.01 34.72
C ASN A 82 -9.29 15.73 35.23
N LEU A 83 -8.58 14.79 34.61
CA LEU A 83 -7.30 14.41 35.18
C LEU A 83 -6.18 14.36 34.18
N CYS A 84 -4.97 14.62 34.67
CA CYS A 84 -3.81 14.58 33.83
C CYS A 84 -2.63 13.96 34.60
N LEU A 85 -2.42 12.69 34.32
CA LEU A 85 -1.32 11.92 34.85
C LEU A 85 -0.23 12.29 33.86
N PHE A 86 1.03 12.18 34.26
CA PHE A 86 2.14 12.48 33.36
C PHE A 86 3.23 11.61 33.96
N LEU A 87 3.53 10.49 33.29
CA LEU A 87 4.48 9.49 33.83
C LEU A 87 5.89 9.48 33.23
N ARG A 88 6.89 9.43 34.10
CA ARG A 88 8.28 9.45 33.67
C ARG A 88 8.94 8.09 33.89
N LEU A 89 9.43 7.54 32.78
CA LEU A 89 9.96 6.17 32.71
C LEU A 89 11.47 5.88 32.58
N PRO A 90 11.96 4.72 33.10
CA PRO A 90 13.38 4.36 33.00
C PRO A 90 13.71 3.96 31.55
N LYS A 91 15.00 3.72 31.23
CA LYS A 91 15.38 3.33 29.86
C LYS A 91 14.80 1.93 29.54
N PRO A 92 15.20 0.90 30.35
CA PRO A 92 14.71 -0.47 30.21
C PRO A 92 13.64 -0.59 31.34
N PHE A 93 12.48 -1.11 31.02
CA PHE A 93 11.42 -1.23 32.01
C PHE A 93 11.43 -2.52 32.85
N HIS A 94 10.40 -2.68 33.66
CA HIS A 94 10.25 -3.88 34.46
C HIS A 94 8.79 -4.23 34.72
N ASP A 95 8.57 -5.52 34.92
CA ASP A 95 7.27 -6.07 35.17
C ASP A 95 6.14 -5.12 35.49
N ASN A 96 6.38 -4.21 36.44
CA ASN A 96 5.36 -3.27 36.82
C ASN A 96 4.80 -2.57 35.56
N LEU A 97 5.68 -2.09 34.68
CA LEU A 97 5.21 -1.41 33.45
C LEU A 97 4.34 -2.28 32.50
N LYS A 98 3.96 -3.46 32.96
CA LYS A 98 3.11 -4.32 32.15
C LYS A 98 1.71 -3.66 32.07
N ASP A 99 1.25 -3.07 33.17
CA ASP A 99 -0.02 -2.37 33.18
C ASP A 99 -0.14 -1.37 32.02
N LEU A 100 1.01 -0.87 31.55
CA LEU A 100 1.04 0.13 30.50
C LEU A 100 0.82 -0.50 29.14
N TYR A 101 1.26 -1.74 28.94
CA TYR A 101 1.03 -2.39 27.65
C TYR A 101 -0.46 -2.75 27.52
N ARG A 102 -1.00 -3.44 28.54
CA ARG A 102 -2.44 -3.86 28.52
C ARG A 102 -3.34 -2.63 28.22
N PHE A 103 -3.29 -1.69 29.16
CA PHE A 103 -4.03 -0.43 29.13
C PHE A 103 -3.99 0.30 27.76
N PHE A 104 -2.82 0.35 27.16
CA PHE A 104 -2.66 1.04 25.88
C PHE A 104 -3.24 0.21 24.78
N ALA A 105 -3.37 -1.09 25.04
CA ALA A 105 -3.94 -2.01 24.05
C ALA A 105 -5.47 -2.18 24.22
N SER A 106 -6.05 -1.54 25.24
CA SER A 106 -7.49 -1.64 25.54
C SER A 106 -8.42 -1.04 24.49
N LYS A 107 -9.57 -1.67 24.34
CA LYS A 107 -10.63 -1.21 23.44
C LYS A 107 -11.81 -0.58 24.26
N PHE A 108 -11.56 -0.17 25.51
CA PHE A 108 -12.63 0.44 26.36
C PHE A 108 -12.76 1.94 25.97
N VAL A 109 -11.66 2.50 25.48
CA VAL A 109 -11.60 3.92 25.04
C VAL A 109 -10.97 4.00 23.66
N THR A 110 -10.97 5.19 23.08
CA THR A 110 -10.31 5.40 21.79
C THR A 110 -9.11 6.35 21.88
N PHE A 111 -7.90 5.80 22.07
CA PHE A 111 -6.73 6.69 22.18
C PHE A 111 -6.59 7.62 20.96
N VAL A 112 -6.80 8.89 21.27
CA VAL A 112 -6.80 9.99 20.31
C VAL A 112 -5.56 10.85 20.57
N GLY A 113 -4.64 10.89 19.62
CA GLY A 113 -3.42 11.68 19.80
C GLY A 113 -3.25 12.70 18.67
N VAL A 114 -2.34 13.67 18.85
CA VAL A 114 -2.03 14.67 17.79
C VAL A 114 -0.66 14.31 17.18
N GLN A 115 -0.66 14.02 15.88
CA GLN A 115 0.56 13.61 15.13
C GLN A 115 1.38 12.47 15.78
N ILE A 116 0.73 11.31 15.95
CA ILE A 116 1.37 10.17 16.59
C ILE A 116 1.64 8.94 15.64
N GLU A 117 1.48 9.09 14.32
CA GLU A 117 1.71 7.92 13.44
C GLU A 117 3.16 7.40 13.59
N GLU A 118 4.14 8.33 13.53
CA GLU A 118 5.55 7.98 13.69
C GLU A 118 5.75 7.43 15.12
N ASP A 119 5.13 8.09 16.08
CA ASP A 119 5.21 7.67 17.47
C ASP A 119 4.74 6.23 17.69
N LEU A 120 3.56 5.88 17.17
CA LEU A 120 3.06 4.52 17.34
C LEU A 120 4.17 3.54 16.87
N ASP A 121 5.05 4.05 16.00
CA ASP A 121 6.13 3.21 15.49
C ASP A 121 7.15 2.91 16.53
N LEU A 122 8.01 3.91 16.77
CA LEU A 122 9.11 3.84 17.77
C LEU A 122 8.69 2.97 18.98
N LEU A 123 7.39 3.08 19.33
CA LEU A 123 6.79 2.33 20.43
C LEU A 123 6.66 0.83 20.05
N ARG A 124 6.21 0.59 18.82
CA ARG A 124 6.05 -0.77 18.32
C ARG A 124 7.41 -1.39 18.01
N GLU A 125 8.17 -0.72 17.15
CA GLU A 125 9.49 -1.16 16.74
C GLU A 125 10.47 -1.24 17.91
N ASN A 126 10.49 -0.21 18.79
CA ASN A 126 11.50 -0.19 19.86
C ASN A 126 11.06 -0.72 21.22
N HIS A 127 9.79 -0.56 21.54
CA HIS A 127 9.28 -0.98 22.85
C HIS A 127 8.24 -2.08 22.80
N GLY A 128 7.63 -2.24 21.64
CA GLY A 128 6.59 -3.26 21.53
C GLY A 128 5.34 -2.78 22.25
N LEU A 129 5.35 -1.50 22.63
CA LEU A 129 4.24 -0.85 23.30
C LEU A 129 3.24 -0.67 22.19
N VAL A 130 2.16 -1.44 22.30
CA VAL A 130 1.06 -1.48 21.33
C VAL A 130 -0.19 -0.71 21.78
N ILE A 131 -0.82 0.03 20.88
CA ILE A 131 -2.07 0.73 21.20
C ILE A 131 -3.01 0.16 20.14
N ARG A 132 -4.00 -0.62 20.58
CA ARG A 132 -4.88 -1.26 19.60
C ARG A 132 -5.99 -0.40 19.02
N ASN A 133 -6.49 0.56 19.82
CA ASN A 133 -7.62 1.43 19.43
C ASN A 133 -7.24 2.89 19.50
N ALA A 134 -6.61 3.38 18.44
CA ALA A 134 -6.10 4.73 18.39
C ALA A 134 -6.62 5.56 17.21
N ILE A 135 -6.47 6.89 17.33
CA ILE A 135 -6.82 7.82 16.31
C ILE A 135 -5.83 9.01 16.28
N ASN A 136 -5.23 9.22 15.10
CA ASN A 136 -4.29 10.31 14.75
C ASN A 136 -5.43 11.37 14.65
N VAL A 137 -5.69 12.14 15.72
CA VAL A 137 -6.92 12.97 15.70
C VAL A 137 -7.15 13.85 14.50
N GLY A 138 -6.09 14.47 14.00
CA GLY A 138 -6.21 15.36 12.83
C GLY A 138 -6.87 14.64 11.65
N LYS A 139 -6.73 13.33 11.64
CA LYS A 139 -7.29 12.51 10.57
C LYS A 139 -8.83 12.61 10.61
N LEU A 140 -9.41 12.42 11.79
CA LEU A 140 -10.84 12.51 11.96
C LEU A 140 -11.34 13.93 11.60
N ALA A 141 -10.78 14.93 12.29
CA ALA A 141 -11.16 16.32 12.09
C ALA A 141 -11.38 16.64 10.63
N ALA A 142 -10.29 16.67 9.88
CA ALA A 142 -10.34 16.99 8.48
C ALA A 142 -11.42 16.17 7.74
N GLU A 143 -11.56 14.90 8.08
CA GLU A 143 -12.57 14.16 7.35
C GLU A 143 -13.95 14.75 7.66
N ALA A 144 -14.10 15.30 8.86
CA ALA A 144 -15.37 15.92 9.22
C ALA A 144 -15.38 17.27 8.51
N ARG A 145 -15.14 18.32 9.28
CA ARG A 145 -15.10 19.69 8.79
C ARG A 145 -14.98 19.84 7.26
N GLY A 146 -14.27 18.92 6.59
CA GLY A 146 -14.07 19.01 5.15
C GLY A 146 -12.95 20.03 4.90
N THR A 147 -12.06 20.15 5.89
CA THR A 147 -10.97 21.13 5.87
C THR A 147 -9.61 20.45 6.00
N LEU A 148 -9.28 19.65 5.00
CA LEU A 148 -8.04 18.88 4.82
C LEU A 148 -6.85 19.35 5.68
N VAL A 149 -6.72 20.66 5.77
CA VAL A 149 -5.59 21.28 6.46
C VAL A 149 -5.53 21.14 8.01
N LEU A 150 -6.53 20.48 8.60
CA LEU A 150 -6.56 20.28 10.08
C LEU A 150 -5.65 19.13 10.57
N GLU A 151 -5.57 18.08 9.75
CA GLU A 151 -4.78 16.87 10.03
C GLU A 151 -3.29 17.23 10.11
N PHE A 152 -2.90 18.52 10.06
CA PHE A 152 -1.45 18.72 10.07
C PHE A 152 -0.86 19.70 11.07
N LEU A 153 -1.73 20.21 11.92
CA LEU A 153 -1.43 21.17 12.94
C LEU A 153 -0.87 20.46 14.17
N GLY A 154 -0.11 21.21 14.96
CA GLY A 154 0.35 20.69 16.21
C GLY A 154 -0.87 20.85 17.13
N THR A 155 -0.75 20.47 18.40
CA THR A 155 -1.91 20.57 19.29
C THR A 155 -2.70 21.89 19.15
N ARG A 156 -2.09 22.91 19.70
CA ARG A 156 -2.60 24.27 19.77
C ARG A 156 -3.17 24.82 18.48
N GLU A 157 -2.43 24.69 17.36
CA GLU A 157 -2.98 25.28 16.15
C GLU A 157 -4.25 24.50 15.80
N LEU A 158 -4.31 23.23 16.20
CA LEU A 158 -5.53 22.45 15.95
C LEU A 158 -6.51 22.92 17.08
N ALA A 159 -5.97 23.39 18.21
CA ALA A 159 -6.86 23.90 19.25
C ALA A 159 -7.59 25.10 18.62
N HIS A 160 -6.80 26.03 18.11
CA HIS A 160 -7.29 27.26 17.48
C HIS A 160 -8.26 27.11 16.29
N ARG A 161 -7.79 26.45 15.22
CA ARG A 161 -8.56 26.26 13.98
C ARG A 161 -9.92 25.61 14.09
N VAL A 162 -10.13 24.85 15.16
CA VAL A 162 -11.40 24.16 15.34
C VAL A 162 -12.33 24.70 16.45
N LEU A 163 -11.74 25.16 17.55
CA LEU A 163 -12.46 25.62 18.72
C LEU A 163 -12.39 27.14 18.97
N TRP A 164 -11.49 27.85 18.26
CA TRP A 164 -11.30 29.31 18.40
C TRP A 164 -11.55 29.83 19.82
N SER A 165 -10.56 29.63 20.70
CA SER A 165 -10.58 30.13 22.10
C SER A 165 -9.19 30.78 22.35
N ASP A 166 -9.07 31.50 23.48
CA ASP A 166 -7.88 32.21 23.90
C ASP A 166 -6.65 31.31 24.18
N LEU A 167 -5.61 31.48 23.37
CA LEU A 167 -4.35 30.72 23.43
C LEU A 167 -3.07 31.46 23.86
N GLY A 168 -3.19 32.69 24.38
CA GLY A 168 -2.00 33.40 24.77
C GLY A 168 -1.23 32.84 25.98
N GLN A 169 -1.94 32.25 26.94
CA GLN A 169 -1.29 31.72 28.13
C GLN A 169 -0.46 30.55 27.65
N LEU A 170 -1.01 29.84 26.66
CA LEU A 170 -0.34 28.70 26.04
C LEU A 170 0.81 29.12 25.12
N ASP A 171 0.50 30.00 24.17
CA ASP A 171 1.48 30.50 23.21
C ASP A 171 2.61 31.19 23.95
N SER A 172 2.26 32.01 24.94
CA SER A 172 3.30 32.77 25.63
C SER A 172 4.31 31.81 26.25
N ILE A 173 3.83 30.68 26.77
CA ILE A 173 4.78 29.72 27.34
C ILE A 173 5.54 28.90 26.27
N GLU A 174 4.85 28.35 25.29
CA GLU A 174 5.56 27.55 24.31
C GLU A 174 6.51 28.38 23.46
N ALA A 175 6.16 29.66 23.30
CA ALA A 175 6.98 30.55 22.54
C ALA A 175 8.34 30.70 23.22
N LYS A 176 8.39 30.57 24.56
CA LYS A 176 9.67 30.70 25.28
C LYS A 176 9.95 29.33 25.90
N TRP A 177 9.62 28.29 25.14
CA TRP A 177 9.72 26.93 25.61
C TRP A 177 10.94 26.57 26.44
N GLU A 178 12.11 27.02 26.02
CA GLU A 178 13.32 26.71 26.77
C GLU A 178 13.53 27.58 28.02
N LYS A 179 12.67 28.55 28.30
CA LYS A 179 12.84 29.36 29.56
C LYS A 179 11.68 29.22 30.56
N ALA A 180 10.62 28.50 30.18
CA ALA A 180 9.50 28.30 31.09
C ALA A 180 9.93 27.43 32.31
N GLY A 181 9.47 27.77 33.49
CA GLY A 181 9.85 26.91 34.58
C GLY A 181 9.38 25.49 34.25
N PRO A 182 9.88 24.48 34.95
CA PRO A 182 9.44 23.12 34.65
C PRO A 182 7.96 22.85 34.93
N GLU A 183 7.44 23.43 36.02
CA GLU A 183 6.02 23.24 36.34
C GLU A 183 5.18 23.88 35.18
N GLU A 184 5.74 24.89 34.50
CA GLU A 184 5.02 25.52 33.37
C GLU A 184 4.96 24.63 32.12
N GLN A 185 5.97 23.79 31.93
CA GLN A 185 5.98 22.89 30.76
C GLN A 185 4.91 21.86 31.07
N LEU A 186 4.75 21.54 32.35
CA LEU A 186 3.70 20.60 32.78
C LEU A 186 2.35 21.33 32.45
N GLU A 187 2.33 22.64 32.72
CA GLU A 187 1.10 23.43 32.46
C GLU A 187 0.66 23.37 30.98
N ALA A 188 1.62 23.39 30.05
CA ALA A 188 1.27 23.33 28.60
C ALA A 188 0.70 21.95 28.26
N ALA A 189 1.35 20.91 28.80
CA ALA A 189 0.86 19.54 28.57
C ALA A 189 -0.57 19.29 29.14
N ALA A 190 -0.89 19.82 30.31
CA ALA A 190 -2.23 19.53 30.86
C ALA A 190 -3.29 20.26 30.01
N ILE A 191 -3.03 21.52 29.63
CA ILE A 191 -3.95 22.30 28.78
C ILE A 191 -4.09 21.64 27.38
N GLU A 192 -2.99 21.09 26.83
CA GLU A 192 -3.07 20.46 25.48
C GLU A 192 -3.89 19.18 25.57
N GLY A 193 -3.78 18.57 26.74
CA GLY A 193 -4.56 17.34 27.02
C GLY A 193 -6.01 17.82 27.05
N TRP A 194 -6.24 18.95 27.74
CA TRP A 194 -7.60 19.56 27.87
C TRP A 194 -8.14 20.02 26.53
N LEU A 195 -7.30 20.72 25.76
CA LEU A 195 -7.75 21.16 24.42
C LEU A 195 -8.14 20.01 23.47
N ILE A 196 -7.39 18.90 23.43
CA ILE A 196 -7.72 17.81 22.50
C ILE A 196 -9.00 17.08 22.94
N VAL A 197 -9.19 16.88 24.26
CA VAL A 197 -10.45 16.27 24.72
C VAL A 197 -11.63 17.12 24.17
N ASN A 198 -11.53 18.44 24.34
CA ASN A 198 -12.57 19.40 23.86
C ASN A 198 -12.67 19.36 22.33
N VAL A 199 -11.52 19.39 21.63
CA VAL A 199 -11.56 19.33 20.18
C VAL A 199 -12.24 18.03 19.82
N TRP A 200 -11.95 17.00 20.59
CA TRP A 200 -12.57 15.70 20.31
C TRP A 200 -14.07 15.76 20.62
N ASP A 201 -14.40 16.02 21.88
CA ASP A 201 -15.79 16.10 22.31
C ASP A 201 -16.56 17.08 21.40
N GLN A 202 -15.87 18.03 20.79
CA GLN A 202 -16.53 18.97 19.93
C GLN A 202 -16.83 18.34 18.60
N LEU A 203 -15.96 17.42 18.20
CA LEU A 203 -16.13 16.70 16.94
C LEU A 203 -17.06 15.51 17.13
N SER A 204 -16.49 14.43 17.64
CA SER A 204 -17.14 13.13 17.87
C SER A 204 -18.67 13.05 17.95
N ASP A 205 -19.35 14.17 18.22
CA ASP A 205 -20.80 14.13 18.24
C ASP A 205 -21.47 15.08 17.23
N GLU A 206 -20.75 16.12 16.80
CA GLU A 206 -21.31 17.08 15.85
C GLU A 206 -21.59 16.41 14.50
N SER B 1 25.16 37.64 22.26
CA SER B 1 23.71 37.40 21.99
C SER B 1 23.46 36.54 20.74
N ALA B 2 22.21 36.09 20.59
CA ALA B 2 21.81 35.30 19.44
C ALA B 2 20.72 36.06 18.68
N SER B 3 21.09 36.57 17.51
CA SER B 3 20.14 37.30 16.71
C SER B 3 20.45 37.03 15.25
N PHE B 4 19.48 37.31 14.41
CA PHE B 4 19.63 37.06 13.00
C PHE B 4 20.30 38.23 12.34
N ASP B 5 21.62 38.23 12.50
CA ASP B 5 22.44 39.31 12.02
C ASP B 5 23.33 39.01 10.83
N GLY B 6 23.13 37.86 10.17
CA GLY B 6 23.93 37.57 9.00
C GLY B 6 23.41 38.45 7.87
N PRO B 7 23.85 38.29 6.60
CA PRO B 7 23.21 39.25 5.67
C PRO B 7 21.68 39.21 5.76
N LYS B 8 21.07 40.39 5.86
CA LYS B 8 19.60 40.51 5.93
C LYS B 8 19.21 40.67 4.47
N PHE B 9 18.07 40.10 4.04
CA PHE B 9 17.60 40.21 2.65
C PHE B 9 16.23 40.92 2.63
N LYS B 10 15.99 41.70 1.58
CA LYS B 10 14.76 42.46 1.42
C LYS B 10 14.00 41.75 0.36
N THR B 12 10.55 40.99 -2.20
CA THR B 12 9.74 41.51 -3.27
C THR B 12 8.69 42.45 -2.78
N ASP B 13 8.31 42.31 -1.51
CA ASP B 13 7.28 43.15 -0.97
C ASP B 13 7.74 44.16 0.09
N GLY B 14 9.05 44.40 0.14
CA GLY B 14 9.57 45.34 1.12
C GLY B 14 9.81 44.70 2.50
N SER B 15 9.33 43.46 2.69
CA SER B 15 9.58 42.85 3.99
C SER B 15 11.00 42.36 3.85
N TYR B 16 11.59 41.96 4.96
CA TYR B 16 12.94 41.46 4.89
C TYR B 16 12.92 40.14 5.55
N VAL B 17 13.90 39.33 5.21
CA VAL B 17 14.04 38.05 5.83
C VAL B 17 15.35 38.22 6.55
N GLN B 18 15.26 38.39 7.85
CA GLN B 18 16.46 38.50 8.63
C GLN B 18 16.98 37.10 8.58
N THR B 19 18.26 36.93 8.31
CA THR B 19 18.77 35.57 8.29
C THR B 19 20.02 35.30 9.12
N LYS B 20 20.32 34.02 9.32
CA LYS B 20 21.52 33.62 10.03
C LYS B 20 22.09 32.35 9.40
N THR B 21 23.41 32.21 9.37
CA THR B 21 24.02 30.98 8.84
C THR B 21 25.12 30.51 9.74
N ILE B 22 25.18 29.20 9.97
CA ILE B 22 26.19 28.66 10.85
C ILE B 22 26.78 27.34 10.36
N ASP B 23 28.11 27.20 10.44
CA ASP B 23 28.69 25.90 10.07
C ASP B 23 28.72 25.22 11.41
N VAL B 24 28.08 24.06 11.47
CA VAL B 24 28.01 23.35 12.72
C VAL B 24 29.21 22.43 12.91
N GLY B 25 30.09 22.83 13.79
CA GLY B 25 31.25 22.00 14.03
C GLY B 25 30.84 21.03 15.09
N SER B 26 31.78 20.21 15.51
CA SER B 26 31.54 19.21 16.54
C SER B 26 30.86 19.63 17.86
N SER B 27 31.16 20.80 18.40
CA SER B 27 30.56 21.10 19.69
C SER B 27 29.72 22.35 19.73
N THR B 28 29.30 22.78 18.56
CA THR B 28 28.49 23.98 18.42
C THR B 28 27.12 23.81 19.10
N ASP B 29 26.72 24.79 19.91
CA ASP B 29 25.40 24.77 20.52
C ASP B 29 24.53 25.44 19.44
N ILE B 30 23.53 24.75 18.92
CA ILE B 30 22.71 25.42 17.90
C ILE B 30 21.39 25.85 18.52
N SER B 31 21.16 25.49 19.77
CA SER B 31 19.89 25.84 20.41
C SER B 31 19.66 27.34 20.47
N PRO B 32 20.69 28.15 20.27
CA PRO B 32 20.32 29.57 20.34
C PRO B 32 19.44 30.05 19.17
N TYR B 33 19.56 29.41 18.01
CA TYR B 33 18.81 29.83 16.84
C TYR B 33 17.54 28.99 16.61
N LEU B 34 17.58 27.70 16.98
CA LEU B 34 16.39 26.86 16.84
C LEU B 34 15.23 27.40 17.68
N SER B 35 15.55 28.03 18.81
CA SER B 35 14.49 28.53 19.64
C SER B 35 14.04 29.90 19.20
N LEU B 36 14.87 30.61 18.42
CA LEU B 36 14.44 31.91 17.90
C LEU B 36 13.58 31.62 16.67
N ILE B 37 13.86 30.47 16.02
CA ILE B 37 13.05 30.04 14.88
C ILE B 37 11.63 29.72 15.40
N ARG B 38 11.56 29.03 16.55
CA ARG B 38 10.30 28.62 17.20
C ARG B 38 9.50 29.78 17.82
N GLU B 39 10.20 30.68 18.49
CA GLU B 39 9.49 31.81 19.06
C GLU B 39 8.85 32.62 17.91
N ASP B 40 9.59 32.90 16.85
CA ASP B 40 9.05 33.68 15.73
C ASP B 40 7.85 32.95 15.13
N SER B 41 7.95 31.63 14.97
CA SER B 41 6.83 30.87 14.39
C SER B 41 5.65 30.95 15.36
N ILE B 42 5.91 30.71 16.65
CA ILE B 42 4.85 30.78 17.63
C ILE B 42 4.37 32.22 17.84
N LEU B 43 5.30 33.16 17.96
CA LEU B 43 4.85 34.52 18.16
C LEU B 43 3.94 35.05 17.08
N ASN B 44 4.15 34.65 15.83
CA ASN B 44 3.30 35.17 14.75
C ASN B 44 3.57 34.62 13.39
N GLY B 45 4.08 33.40 13.34
CA GLY B 45 4.34 32.80 12.05
C GLY B 45 3.32 31.69 11.86
N ASN B 46 2.24 31.74 12.64
CA ASN B 46 1.21 30.75 12.49
C ASN B 46 1.62 29.34 12.86
N ARG B 47 2.69 29.19 13.66
CA ARG B 47 3.13 27.86 14.12
C ARG B 47 3.59 26.87 13.05
N ALA B 48 4.27 27.42 12.04
CA ALA B 48 4.86 26.70 10.91
C ALA B 48 6.36 27.05 10.82
N VAL B 49 7.24 26.04 10.76
CA VAL B 49 8.68 26.26 10.52
C VAL B 49 8.78 25.82 9.04
N ILE B 50 9.00 26.78 8.13
CA ILE B 50 9.10 26.45 6.70
C ILE B 50 10.52 25.92 6.50
N PHE B 51 10.70 24.89 5.66
CA PHE B 51 12.02 24.32 5.52
C PHE B 51 12.43 23.66 4.20
N ASP B 52 13.72 23.33 4.13
CA ASP B 52 14.29 22.63 2.99
C ASP B 52 15.59 21.92 3.49
N VAL B 53 15.97 20.83 2.81
CA VAL B 53 17.15 20.07 3.20
C VAL B 53 17.94 19.82 1.92
N TYR B 54 19.25 19.65 2.09
CA TYR B 54 20.19 19.48 0.99
C TYR B 54 21.11 18.35 1.42
N TRP B 55 21.41 17.46 0.48
CA TRP B 55 22.20 16.28 0.75
C TRP B 55 23.60 16.32 0.16
N ASP B 56 24.52 15.64 0.84
CA ASP B 56 25.91 15.44 0.36
C ASP B 56 25.68 14.05 -0.22
N VAL B 57 25.62 13.97 -1.54
CA VAL B 57 25.39 12.72 -2.23
C VAL B 57 26.71 11.96 -2.09
N GLY B 58 26.68 10.73 -1.61
CA GLY B 58 27.96 10.04 -1.42
C GLY B 58 28.10 8.69 -2.08
N PHE B 59 29.17 8.55 -2.87
CA PHE B 59 29.50 7.31 -3.57
C PHE B 59 30.05 6.25 -2.63
N THR B 66 21.85 -0.76 1.50
CA THR B 66 21.16 -0.19 0.36
C THR B 66 22.00 0.89 -0.32
N LYS B 67 21.86 1.03 -1.63
CA LYS B 67 22.65 2.01 -2.36
C LYS B 67 22.43 3.47 -2.05
N THR B 68 21.42 3.81 -1.23
CA THR B 68 21.21 5.21 -0.87
C THR B 68 21.48 5.35 0.61
N SER B 69 21.71 4.24 1.33
CA SER B 69 21.93 4.40 2.77
C SER B 69 23.29 5.04 2.94
N GLY B 70 23.96 5.26 1.81
CA GLY B 70 25.26 5.91 1.82
C GLY B 70 25.07 7.42 1.84
N TRP B 71 23.86 7.89 1.53
CA TRP B 71 23.54 9.32 1.53
C TRP B 71 23.58 10.00 2.91
N SER B 72 24.24 11.14 3.04
CA SER B 72 24.28 11.74 4.36
C SER B 72 23.86 13.21 4.37
N LEU B 73 23.09 13.60 5.38
CA LEU B 73 22.58 14.96 5.45
C LEU B 73 23.74 15.94 5.56
N SER B 74 23.82 16.84 4.58
CA SER B 74 24.90 17.81 4.54
C SER B 74 24.58 19.16 5.21
N SER B 75 23.38 19.70 4.97
CA SER B 75 22.95 20.97 5.60
C SER B 75 21.44 21.00 5.70
N VAL B 76 20.93 21.69 6.71
CA VAL B 76 19.47 21.77 6.83
C VAL B 76 19.12 23.22 6.86
N LYS B 77 18.01 23.60 6.22
CA LYS B 77 17.60 25.02 6.27
C LYS B 77 16.21 25.26 6.85
N LEU B 78 16.07 26.31 7.68
CA LEU B 78 14.78 26.63 8.33
C LEU B 78 14.34 28.08 8.09
N SER B 79 13.04 28.29 7.87
CA SER B 79 12.57 29.66 7.62
C SER B 79 11.25 29.95 8.25
N THR B 80 11.08 31.18 8.71
CA THR B 80 9.80 31.61 9.26
C THR B 80 9.51 32.99 8.66
N ARG B 81 8.41 33.63 9.03
CA ARG B 81 8.13 34.99 8.51
C ARG B 81 9.42 35.85 8.47
N ASN B 82 9.89 36.20 9.65
CA ASN B 82 11.05 37.06 9.83
C ASN B 82 12.47 36.48 9.62
N LEU B 83 12.64 35.16 9.69
CA LEU B 83 13.99 34.61 9.65
C LEU B 83 14.40 33.62 8.56
N CYS B 84 15.60 33.08 8.75
CA CYS B 84 16.14 32.04 7.87
C CYS B 84 17.43 31.55 8.49
N LEU B 85 17.41 30.28 8.93
CA LEU B 85 18.57 29.64 9.53
C LEU B 85 19.12 28.55 8.60
N PHE B 86 20.38 28.68 8.22
CA PHE B 86 21.04 27.70 7.35
C PHE B 86 22.07 26.95 8.21
N LEU B 87 21.91 25.64 8.28
CA LEU B 87 22.77 24.78 9.06
C LEU B 87 23.64 23.81 8.23
N ARG B 88 24.94 24.07 8.16
CA ARG B 88 25.86 23.18 7.42
C ARG B 88 26.37 22.17 8.48
N LEU B 89 26.10 20.89 8.24
CA LEU B 89 26.47 19.84 9.18
C LEU B 89 27.69 19.02 8.79
N PRO B 90 28.26 18.29 9.75
CA PRO B 90 29.43 17.44 9.52
C PRO B 90 28.96 15.98 9.26
N LYS B 91 29.82 15.23 8.58
CA LYS B 91 29.55 13.86 8.27
C LYS B 91 30.76 13.22 8.88
N PRO B 92 30.59 12.46 9.96
CA PRO B 92 29.35 12.17 10.67
C PRO B 92 28.96 13.23 11.70
N PHE B 93 27.71 13.16 12.18
CA PHE B 93 27.19 14.08 13.22
C PHE B 93 27.85 13.87 14.57
N HIS B 94 27.94 14.95 15.34
CA HIS B 94 28.39 14.86 16.72
C HIS B 94 27.08 15.07 17.49
N ASP B 95 27.14 14.90 18.82
CA ASP B 95 25.99 14.94 19.70
C ASP B 95 25.17 16.23 19.82
N ASN B 96 25.73 17.34 19.38
CA ASN B 96 25.05 18.60 19.50
C ASN B 96 23.90 18.61 18.50
N LEU B 97 23.98 17.73 17.51
CA LEU B 97 22.87 17.60 16.54
C LEU B 97 21.63 17.04 17.24
N LYS B 98 21.78 16.38 18.41
CA LYS B 98 20.58 15.91 19.11
C LYS B 98 19.61 17.08 19.33
N ASP B 99 20.15 18.32 19.40
CA ASP B 99 19.30 19.51 19.58
C ASP B 99 18.41 19.66 18.32
N LEU B 100 18.91 19.26 17.15
CA LEU B 100 18.07 19.40 15.92
C LEU B 100 17.06 18.27 15.85
N TYR B 101 17.47 17.05 16.23
CA TYR B 101 16.56 15.92 16.21
C TYR B 101 15.37 16.28 17.12
N ARG B 102 15.63 17.00 18.20
CA ARG B 102 14.56 17.40 19.10
C ARG B 102 13.64 18.41 18.49
N PHE B 103 14.25 19.39 17.84
CA PHE B 103 13.50 20.45 17.16
C PHE B 103 12.45 19.84 16.18
N PHE B 104 12.89 18.98 15.25
CA PHE B 104 11.99 18.38 14.28
C PHE B 104 10.94 17.41 14.86
N ALA B 105 11.08 16.95 16.11
CA ALA B 105 10.06 16.05 16.68
C ALA B 105 8.88 16.84 17.23
N SER B 106 8.90 18.16 17.08
CA SER B 106 7.82 19.01 17.65
C SER B 106 6.45 18.97 16.99
N LYS B 107 5.43 19.06 17.85
CA LYS B 107 4.03 19.16 17.47
C LYS B 107 3.66 20.60 17.83
N PHE B 108 4.63 21.43 18.22
CA PHE B 108 4.26 22.85 18.50
C PHE B 108 4.05 23.55 17.15
N VAL B 109 4.80 23.08 16.14
CA VAL B 109 4.72 23.67 14.81
C VAL B 109 4.56 22.65 13.69
N THR B 110 4.26 23.16 12.49
CA THR B 110 4.13 22.32 11.32
C THR B 110 5.33 22.54 10.40
N PHE B 111 5.92 21.43 9.97
CA PHE B 111 7.05 21.43 9.07
C PHE B 111 6.54 21.24 7.61
N VAL B 112 6.76 22.30 6.83
CA VAL B 112 6.30 22.43 5.46
C VAL B 112 7.45 22.37 4.42
N GLY B 113 7.81 21.14 4.01
CA GLY B 113 8.88 20.97 3.06
C GLY B 113 8.37 20.91 1.62
N VAL B 114 9.17 21.34 0.64
CA VAL B 114 8.74 21.24 -0.77
C VAL B 114 9.29 19.88 -1.26
N GLN B 115 8.46 19.11 -2.00
CA GLN B 115 8.84 17.78 -2.51
C GLN B 115 9.76 17.04 -1.47
N ILE B 116 9.24 16.84 -0.26
CA ILE B 116 10.00 16.21 0.84
C ILE B 116 9.64 14.77 1.15
N GLU B 117 9.05 14.03 0.21
CA GLU B 117 8.67 12.65 0.51
C GLU B 117 9.95 11.83 0.82
N GLU B 118 10.72 11.44 -0.22
CA GLU B 118 11.95 10.68 -0.07
C GLU B 118 12.95 11.30 0.96
N ASP B 119 12.94 12.63 1.11
CA ASP B 119 13.79 13.28 2.11
C ASP B 119 13.44 12.74 3.51
N LEU B 120 12.14 12.58 3.80
CA LEU B 120 11.75 12.08 5.11
C LEU B 120 12.36 10.73 5.38
N ASP B 121 12.22 9.78 4.45
CA ASP B 121 12.79 8.44 4.68
C ASP B 121 14.33 8.35 4.90
N LEU B 122 15.12 9.10 4.12
CA LEU B 122 16.60 9.14 4.23
C LEU B 122 17.03 9.58 5.65
N LEU B 123 16.39 10.66 6.14
CA LEU B 123 16.58 11.19 7.52
C LEU B 123 16.32 10.08 8.55
N ARG B 124 15.11 9.52 8.48
CA ARG B 124 14.72 8.46 9.38
C ARG B 124 15.69 7.27 9.22
N GLU B 125 15.90 6.84 7.98
CA GLU B 125 16.72 5.68 7.67
C GLU B 125 18.24 5.86 7.79
N ASN B 126 18.78 6.98 7.32
CA ASN B 126 20.27 7.16 7.36
C ASN B 126 20.70 7.92 8.59
N HIS B 127 19.75 8.50 9.33
CA HIS B 127 20.13 9.29 10.50
C HIS B 127 19.33 9.06 11.79
N GLY B 128 18.14 8.48 11.68
CA GLY B 128 17.29 8.27 12.85
C GLY B 128 16.60 9.55 13.38
N LEU B 129 16.45 10.60 12.56
CA LEU B 129 15.84 11.85 12.97
C LEU B 129 14.37 11.97 12.51
N VAL B 130 13.43 11.80 13.45
CA VAL B 130 11.98 11.80 13.15
C VAL B 130 11.20 13.12 13.02
N ILE B 131 10.13 13.09 12.22
CA ILE B 131 9.30 14.27 12.04
C ILE B 131 7.82 13.90 12.22
N ARG B 132 7.33 13.98 13.46
CA ARG B 132 5.97 13.64 13.84
C ARG B 132 4.87 14.49 13.21
N ASN B 133 5.25 15.64 12.63
CA ASN B 133 4.30 16.60 12.05
C ASN B 133 4.86 17.35 10.82
N ALA B 134 4.48 16.93 9.62
CA ALA B 134 4.98 17.54 8.39
C ALA B 134 3.89 17.46 7.29
N ILE B 135 4.14 18.06 6.13
CA ILE B 135 3.18 17.97 5.04
C ILE B 135 3.75 18.57 3.74
N ASN B 136 3.58 17.82 2.66
CA ASN B 136 3.98 18.16 1.29
C ASN B 136 2.87 19.17 0.84
N VAL B 137 3.14 20.49 0.88
CA VAL B 137 2.12 21.46 0.47
C VAL B 137 1.44 21.24 -0.92
N GLY B 138 2.24 20.75 -1.90
CA GLY B 138 1.78 20.53 -3.27
C GLY B 138 0.56 19.64 -3.34
N LYS B 139 0.59 18.62 -2.50
CA LYS B 139 -0.55 17.70 -2.39
C LYS B 139 -1.71 18.53 -1.79
N LEU B 140 -1.51 19.12 -0.60
CA LEU B 140 -2.53 19.97 0.02
C LEU B 140 -2.92 21.07 -1.00
N ALA B 141 -1.92 21.72 -1.62
CA ALA B 141 -2.26 22.79 -2.59
C ALA B 141 -3.09 22.24 -3.76
N ALA B 142 -2.73 21.05 -4.23
CA ALA B 142 -3.45 20.43 -5.35
C ALA B 142 -4.84 20.02 -4.91
N GLU B 143 -4.90 19.21 -3.86
CA GLU B 143 -6.19 18.74 -3.34
C GLU B 143 -7.09 19.87 -2.91
N ALA B 144 -6.53 20.91 -2.32
CA ALA B 144 -7.32 22.02 -1.83
C ALA B 144 -7.89 22.85 -2.97
N ARG B 145 -7.00 23.32 -3.83
CA ARG B 145 -7.45 24.17 -4.92
C ARG B 145 -7.93 23.41 -6.18
N GLY B 146 -8.03 22.10 -6.07
CA GLY B 146 -8.50 21.30 -7.19
C GLY B 146 -7.69 21.44 -8.47
N THR B 147 -6.36 21.51 -8.34
CA THR B 147 -5.49 21.66 -9.50
C THR B 147 -4.42 20.56 -9.38
N LEU B 148 -4.71 19.41 -10.00
CA LEU B 148 -3.83 18.23 -9.91
C LEU B 148 -2.35 18.51 -10.01
N VAL B 149 -2.00 19.45 -10.88
CA VAL B 149 -0.60 19.72 -11.18
C VAL B 149 0.31 20.34 -10.10
N LEU B 150 -0.28 21.07 -9.16
CA LEU B 150 0.47 21.70 -8.05
C LEU B 150 1.30 20.69 -7.28
N GLU B 151 0.88 19.42 -7.30
CA GLU B 151 1.58 18.38 -6.57
C GLU B 151 3.03 18.09 -7.12
N PHE B 152 3.24 18.41 -8.39
CA PHE B 152 4.53 18.09 -9.03
C PHE B 152 5.45 19.25 -9.42
N LEU B 153 5.51 20.32 -8.62
CA LEU B 153 6.38 21.43 -8.96
C LEU B 153 7.61 21.49 -8.00
N GLY B 154 8.60 22.30 -8.39
CA GLY B 154 9.79 22.52 -7.61
C GLY B 154 9.62 23.77 -6.74
N THR B 155 10.52 24.04 -5.80
CA THR B 155 10.28 25.18 -4.89
C THR B 155 9.75 26.42 -5.58
N ARG B 156 10.53 27.01 -6.46
CA ARG B 156 10.08 28.26 -7.11
C ARG B 156 8.72 28.19 -7.77
N GLU B 157 8.59 27.24 -8.67
CA GLU B 157 7.38 27.11 -9.50
C GLU B 157 6.12 27.00 -8.71
N LEU B 158 6.16 26.19 -7.66
CA LEU B 158 5.00 26.06 -6.84
C LEU B 158 4.72 27.50 -6.35
N ALA B 159 5.62 28.11 -5.62
CA ALA B 159 5.29 29.47 -5.20
C ALA B 159 4.80 30.29 -6.40
N HIS B 160 5.43 30.10 -7.55
CA HIS B 160 5.03 30.84 -8.74
C HIS B 160 3.56 30.69 -9.06
N ARG B 161 3.13 29.43 -9.15
CA ARG B 161 1.75 29.10 -9.50
C ARG B 161 0.71 29.38 -8.42
N VAL B 162 1.10 29.36 -7.15
CA VAL B 162 0.13 29.63 -6.07
C VAL B 162 -0.05 31.15 -5.78
N LEU B 163 1.04 31.89 -5.69
CA LEU B 163 0.91 33.32 -5.36
C LEU B 163 1.11 34.27 -6.56
N TRP B 164 1.43 33.72 -7.74
CA TRP B 164 1.69 34.55 -8.95
C TRP B 164 2.29 35.93 -8.63
N SER B 165 3.44 35.93 -7.96
CA SER B 165 4.21 37.11 -7.52
C SER B 165 5.37 37.18 -8.51
N ASP B 166 6.25 38.19 -8.39
CA ASP B 166 7.37 38.27 -9.32
C ASP B 166 8.64 37.60 -8.80
N LEU B 167 9.14 36.64 -9.58
CA LEU B 167 10.29 35.84 -9.19
C LEU B 167 11.56 36.17 -9.95
N GLY B 168 11.61 37.41 -10.46
CA GLY B 168 12.74 37.82 -11.28
C GLY B 168 14.10 37.54 -10.68
N GLN B 169 14.27 38.09 -9.47
CA GLN B 169 15.49 38.00 -8.65
C GLN B 169 15.90 36.54 -8.35
N LEU B 170 14.98 35.78 -7.78
CA LEU B 170 15.25 34.40 -7.47
C LEU B 170 15.66 33.69 -8.80
N ASP B 171 14.82 33.79 -9.85
CA ASP B 171 15.19 33.14 -11.11
C ASP B 171 16.61 33.50 -11.59
N SER B 172 17.00 34.76 -11.42
CA SER B 172 18.33 35.20 -11.90
C SER B 172 19.48 34.48 -11.20
N ILE B 173 19.33 34.26 -9.90
CA ILE B 173 20.35 33.57 -9.12
C ILE B 173 20.36 32.09 -9.50
N GLU B 174 19.21 31.46 -9.40
CA GLU B 174 19.15 30.04 -9.69
C GLU B 174 19.49 29.64 -11.13
N ALA B 175 19.20 30.48 -12.13
CA ALA B 175 19.52 30.15 -13.54
C ALA B 175 21.04 29.99 -13.70
N LYS B 176 21.78 30.78 -12.92
CA LYS B 176 23.23 30.70 -12.94
C LYS B 176 23.76 30.15 -11.63
N TRP B 177 22.99 29.24 -11.05
CA TRP B 177 23.36 28.65 -9.76
C TRP B 177 24.85 28.31 -9.53
N GLU B 178 25.46 27.63 -10.49
CA GLU B 178 26.86 27.25 -10.37
C GLU B 178 27.80 28.45 -10.29
N LYS B 179 27.36 29.60 -10.77
CA LYS B 179 28.19 30.79 -10.69
C LYS B 179 27.92 31.60 -9.42
N ALA B 180 26.70 31.50 -8.91
CA ALA B 180 26.31 32.26 -7.74
C ALA B 180 27.19 32.00 -6.50
N GLY B 181 27.61 33.06 -5.85
CA GLY B 181 28.42 32.92 -4.66
C GLY B 181 27.54 32.59 -3.46
N PRO B 182 28.15 32.37 -2.28
CA PRO B 182 27.49 32.04 -1.01
C PRO B 182 26.35 32.95 -0.63
N GLU B 183 26.58 34.26 -0.74
CA GLU B 183 25.58 35.24 -0.36
C GLU B 183 24.46 35.23 -1.39
N GLU B 184 24.77 34.90 -2.65
CA GLU B 184 23.74 34.84 -3.65
C GLU B 184 22.94 33.55 -3.43
N GLN B 185 23.62 32.44 -3.14
CA GLN B 185 22.88 31.20 -2.93
C GLN B 185 22.24 31.24 -1.56
N LEU B 186 22.92 31.89 -0.62
CA LEU B 186 22.34 31.97 0.70
C LEU B 186 21.09 32.75 0.42
N GLU B 187 21.17 33.76 -0.47
CA GLU B 187 20.02 34.63 -0.81
C GLU B 187 18.87 33.91 -1.52
N ALA B 188 19.13 32.76 -2.16
CA ALA B 188 18.08 31.98 -2.82
C ALA B 188 17.36 31.07 -1.79
N ALA B 189 18.10 30.46 -0.89
CA ALA B 189 17.45 29.60 0.13
C ALA B 189 16.78 30.56 1.13
N ALA B 190 17.24 31.80 1.08
CA ALA B 190 16.66 32.82 1.92
C ALA B 190 15.41 33.15 1.17
N ILE B 191 15.51 33.73 -0.03
CA ILE B 191 14.29 33.96 -0.80
C ILE B 191 13.33 32.76 -0.81
N GLU B 192 13.83 31.55 -1.06
CA GLU B 192 12.95 30.36 -1.13
C GLU B 192 12.15 30.18 0.14
N GLY B 193 12.83 30.40 1.26
CA GLY B 193 12.21 30.15 2.53
C GLY B 193 11.03 31.03 2.78
N TRP B 194 11.10 32.27 2.30
CA TRP B 194 10.03 33.24 2.50
C TRP B 194 8.88 32.92 1.56
N LEU B 195 9.23 32.60 0.32
CA LEU B 195 8.26 32.22 -0.71
C LEU B 195 7.36 31.04 -0.29
N ILE B 196 7.94 29.95 0.23
CA ILE B 196 7.13 28.81 0.65
C ILE B 196 6.48 29.25 1.93
N VAL B 197 6.92 30.36 2.48
CA VAL B 197 6.20 30.80 3.66
C VAL B 197 4.92 31.50 3.16
N ASN B 198 5.03 32.26 2.08
CA ASN B 198 3.82 32.95 1.68
C ASN B 198 2.80 31.99 1.15
N VAL B 199 3.25 30.76 0.96
CA VAL B 199 2.39 29.68 0.50
C VAL B 199 1.59 29.03 1.62
N TRP B 200 2.29 28.52 2.64
CA TRP B 200 1.58 27.89 3.72
C TRP B 200 0.50 28.86 4.19
N ASP B 201 0.88 30.12 4.31
CA ASP B 201 -0.05 31.13 4.76
C ASP B 201 -1.27 31.34 3.83
N GLN B 202 -1.06 31.37 2.52
CA GLN B 202 -2.16 31.61 1.58
C GLN B 202 -3.04 30.38 1.41
N LEU B 203 -2.55 29.22 1.83
CA LEU B 203 -3.30 27.96 1.74
C LEU B 203 -4.20 27.83 2.93
N SER B 204 -3.59 28.01 4.11
CA SER B 204 -4.29 27.99 5.39
C SER B 204 -5.56 28.82 5.38
N ASP B 205 -5.62 29.88 4.60
CA ASP B 205 -6.82 30.68 4.60
C ASP B 205 -7.89 29.88 3.94
N GLU B 206 -7.46 28.90 3.15
CA GLU B 206 -8.43 28.04 2.51
C GLU B 206 -8.62 26.79 3.40
N SER C 1 33.42 29.21 -24.06
CA SER C 1 32.78 28.33 -23.05
C SER C 1 31.96 27.19 -23.70
N ALA C 2 31.58 26.20 -22.90
CA ALA C 2 30.81 25.04 -23.37
C ALA C 2 29.46 25.37 -24.01
N SER C 3 29.07 24.59 -25.03
CA SER C 3 27.81 24.84 -25.71
C SER C 3 27.18 23.58 -26.31
N PHE C 4 25.93 23.72 -26.74
CA PHE C 4 25.20 22.64 -27.37
C PHE C 4 25.55 22.69 -28.89
N ASP C 5 26.71 22.10 -29.23
CA ASP C 5 27.24 22.10 -30.61
C ASP C 5 27.04 20.85 -31.48
N GLY C 6 25.83 20.29 -31.40
CA GLY C 6 25.44 19.14 -32.20
C GLY C 6 24.34 19.64 -33.15
N PRO C 7 23.71 18.75 -33.93
CA PRO C 7 22.68 19.17 -34.86
C PRO C 7 21.44 19.80 -34.27
N LYS C 8 20.68 20.46 -35.14
CA LYS C 8 19.42 21.12 -34.74
C LYS C 8 18.31 20.48 -35.59
N PHE C 9 17.11 20.36 -35.05
CA PHE C 9 16.00 19.74 -35.79
C PHE C 9 14.71 20.58 -35.82
N LYS C 10 14.07 20.61 -36.99
CA LYS C 10 12.82 21.34 -37.11
C LYS C 10 11.76 20.40 -36.56
N THR C 12 7.57 19.74 -36.14
CA THR C 12 6.40 19.98 -36.99
C THR C 12 5.65 21.32 -36.77
N ASP C 13 5.91 22.05 -35.67
CA ASP C 13 5.22 23.34 -35.47
C ASP C 13 6.17 24.52 -35.84
N GLY C 14 7.05 24.30 -36.80
CA GLY C 14 7.97 25.35 -37.21
C GLY C 14 8.99 25.76 -36.16
N SER C 15 9.11 25.02 -35.06
CA SER C 15 10.09 25.41 -34.04
C SER C 15 11.30 24.52 -34.23
N TYR C 16 12.36 24.83 -33.51
CA TYR C 16 13.57 24.03 -33.58
C TYR C 16 14.08 23.54 -32.22
N VAL C 17 14.72 22.37 -32.20
CA VAL C 17 15.31 21.93 -30.97
C VAL C 17 16.80 21.80 -31.20
N GLN C 18 17.60 22.44 -30.35
CA GLN C 18 19.04 22.30 -30.51
C GLN C 18 19.37 21.01 -29.84
N THR C 19 20.62 20.59 -29.97
CA THR C 19 21.02 19.30 -29.45
C THR C 19 22.49 19.25 -28.97
N LYS C 20 22.78 18.27 -28.11
CA LYS C 20 24.13 17.99 -27.58
C LYS C 20 24.16 16.60 -26.99
N THR C 21 25.19 15.85 -27.36
CA THR C 21 25.38 14.51 -26.86
C THR C 21 26.81 14.40 -26.31
N ILE C 22 26.99 13.66 -25.22
CA ILE C 22 28.33 13.46 -24.68
C ILE C 22 28.56 12.09 -24.06
N ASP C 23 29.70 11.45 -24.36
CA ASP C 23 30.01 10.16 -23.76
C ASP C 23 30.79 10.55 -22.54
N VAL C 24 30.37 10.06 -21.38
CA VAL C 24 31.02 10.39 -20.11
C VAL C 24 32.08 9.33 -19.81
N GLY C 25 33.25 9.78 -19.37
CA GLY C 25 34.34 8.88 -18.99
C GLY C 25 34.62 9.09 -17.51
N SER C 26 35.87 8.91 -17.06
CA SER C 26 36.18 9.11 -15.65
C SER C 26 36.61 10.53 -15.29
N SER C 27 37.12 11.28 -16.27
CA SER C 27 37.56 12.67 -16.02
C SER C 27 36.65 13.73 -16.65
N THR C 28 35.60 13.26 -17.31
CA THR C 28 34.65 14.11 -17.98
C THR C 28 33.93 15.10 -17.01
N ASP C 29 33.79 16.35 -17.44
CA ASP C 29 33.08 17.29 -16.60
C ASP C 29 31.76 17.68 -17.27
N ILE C 30 30.65 17.14 -16.76
CA ILE C 30 29.35 17.41 -17.34
C ILE C 30 28.70 18.63 -16.73
N SER C 31 29.28 19.19 -15.66
CA SER C 31 28.65 20.33 -15.00
C SER C 31 28.27 21.51 -15.89
N PRO C 32 29.11 21.86 -16.91
CA PRO C 32 28.74 22.99 -17.78
C PRO C 32 27.45 22.74 -18.57
N TYR C 33 27.21 21.49 -18.94
CA TYR C 33 26.00 21.18 -19.71
C TYR C 33 24.72 21.14 -18.83
N LEU C 34 24.79 20.47 -17.68
CA LEU C 34 23.62 20.48 -16.80
C LEU C 34 23.26 21.95 -16.42
N SER C 35 24.27 22.81 -16.26
CA SER C 35 24.00 24.19 -15.88
C SER C 35 23.24 24.89 -17.02
N LEU C 36 23.57 24.55 -18.27
CA LEU C 36 22.83 25.14 -19.38
C LEU C 36 21.39 24.55 -19.48
N ILE C 37 21.21 23.30 -19.03
CA ILE C 37 19.87 22.70 -19.08
C ILE C 37 19.08 23.42 -18.03
N ARG C 38 19.69 23.55 -16.86
CA ARG C 38 19.04 24.23 -15.74
C ARG C 38 18.70 25.67 -16.14
N GLU C 39 19.58 26.33 -16.87
CA GLU C 39 19.29 27.72 -17.24
C GLU C 39 18.13 27.81 -18.25
N ASP C 40 18.19 27.03 -19.32
CA ASP C 40 17.10 27.08 -20.30
C ASP C 40 15.70 26.78 -19.64
N SER C 41 15.65 25.74 -18.81
CA SER C 41 14.42 25.35 -18.15
C SER C 41 13.88 26.51 -17.26
N ILE C 42 14.75 27.12 -16.49
CA ILE C 42 14.29 28.18 -15.60
C ILE C 42 13.79 29.47 -16.26
N LEU C 43 14.38 29.83 -17.38
CA LEU C 43 14.03 31.09 -18.07
C LEU C 43 13.12 30.92 -19.27
N ASN C 44 13.12 29.73 -19.89
CA ASN C 44 12.33 29.46 -21.11
C ASN C 44 11.33 28.29 -21.09
N GLY C 45 11.44 27.38 -20.12
CA GLY C 45 10.54 26.26 -20.09
C GLY C 45 9.69 26.05 -18.84
N ASN C 46 9.40 27.14 -18.12
CA ASN C 46 8.60 27.11 -16.88
C ASN C 46 8.91 25.94 -15.97
N ARG C 47 10.19 25.85 -15.65
CA ARG C 47 10.75 24.86 -14.74
C ARG C 47 10.46 23.41 -15.07
N ALA C 48 9.89 23.15 -16.25
CA ALA C 48 9.69 21.74 -16.60
C ALA C 48 10.96 21.21 -17.18
N VAL C 49 11.20 19.92 -16.92
CA VAL C 49 12.32 19.17 -17.50
C VAL C 49 11.86 17.72 -17.79
N ILE C 50 11.37 17.54 -19.02
CA ILE C 50 10.88 16.27 -19.60
C ILE C 50 12.09 15.33 -19.67
N PHE C 51 11.97 14.05 -19.25
CA PHE C 51 13.11 13.12 -19.35
C PHE C 51 12.85 11.67 -19.80
N ASP C 52 13.93 10.92 -20.00
CA ASP C 52 13.80 9.49 -20.35
C ASP C 52 15.20 8.95 -19.98
N VAL C 53 15.31 7.65 -19.72
CA VAL C 53 16.57 6.98 -19.36
C VAL C 53 16.86 5.73 -20.18
N TYR C 54 18.08 5.21 -20.00
CA TYR C 54 18.60 4.06 -20.74
C TYR C 54 19.48 3.20 -19.84
N TRP C 55 19.27 1.88 -19.95
CA TRP C 55 19.91 0.84 -19.15
C TRP C 55 20.69 -0.26 -19.94
N ASP C 56 21.78 -0.71 -19.36
CA ASP C 56 22.48 -1.89 -19.90
C ASP C 56 21.84 -3.01 -19.08
N VAL C 57 21.12 -3.94 -19.72
CA VAL C 57 20.45 -4.97 -18.94
C VAL C 57 21.43 -5.97 -18.30
N GLY C 58 20.97 -6.70 -17.29
CA GLY C 58 21.88 -7.62 -16.64
C GLY C 58 21.58 -8.27 -15.30
N PHE C 59 22.33 -9.34 -15.08
CA PHE C 59 22.26 -10.16 -13.88
C PHE C 59 23.45 -9.83 -12.98
N THR C 66 20.56 -10.27 -6.50
CA THR C 66 19.20 -10.19 -7.06
C THR C 66 19.30 -10.06 -8.58
N LYS C 67 18.26 -10.45 -9.30
CA LYS C 67 18.30 -10.41 -10.77
C LYS C 67 18.40 -9.02 -11.44
N THR C 68 17.58 -8.07 -10.99
CA THR C 68 17.62 -6.73 -11.58
C THR C 68 18.82 -6.00 -11.02
N SER C 69 19.51 -6.64 -10.06
CA SER C 69 20.63 -5.98 -9.46
C SER C 69 21.59 -5.53 -10.54
N GLY C 70 22.19 -6.47 -11.26
CA GLY C 70 23.13 -6.14 -12.33
C GLY C 70 22.67 -5.11 -13.37
N TRP C 71 21.42 -4.66 -13.36
CA TRP C 71 21.02 -3.62 -14.34
C TRP C 71 21.85 -2.38 -13.99
N SER C 72 22.57 -1.85 -14.96
CA SER C 72 23.40 -0.68 -14.68
C SER C 72 23.09 0.40 -15.73
N LEU C 73 22.98 1.67 -15.28
CA LEU C 73 22.62 2.79 -16.15
C LEU C 73 23.64 3.16 -17.24
N SER C 74 23.36 2.74 -18.46
CA SER C 74 24.20 2.97 -19.60
C SER C 74 24.05 4.40 -20.16
N SER C 75 22.85 4.97 -20.12
CA SER C 75 22.72 6.34 -20.60
C SER C 75 21.69 7.23 -19.94
N VAL C 76 21.97 8.53 -19.98
CA VAL C 76 21.13 9.55 -19.44
C VAL C 76 20.74 10.61 -20.45
N LYS C 77 19.44 10.74 -20.74
CA LYS C 77 18.97 11.81 -21.64
C LYS C 77 18.25 12.91 -20.89
N LEU C 78 18.69 14.16 -21.08
CA LEU C 78 18.04 15.31 -20.46
C LEU C 78 17.69 16.36 -21.48
N SER C 79 16.42 16.78 -21.51
CA SER C 79 16.05 17.81 -22.48
C SER C 79 15.27 18.99 -21.90
N THR C 80 15.26 20.07 -22.68
CA THR C 80 14.49 21.27 -22.39
C THR C 80 13.81 21.66 -23.72
N ARG C 81 12.86 22.58 -23.67
CA ARG C 81 12.14 22.96 -24.91
C ARG C 81 13.12 23.25 -26.11
N ASN C 82 14.23 23.94 -25.78
CA ASN C 82 15.28 24.41 -26.71
C ASN C 82 16.45 23.43 -26.89
N LEU C 83 16.67 22.57 -25.90
CA LEU C 83 17.80 21.66 -25.92
C LEU C 83 17.51 20.20 -25.63
N CYS C 84 18.50 19.35 -25.95
CA CYS C 84 18.42 17.93 -25.68
C CYS C 84 19.84 17.48 -25.38
N LEU C 85 20.06 17.15 -24.11
CA LEU C 85 21.37 16.69 -23.64
C LEU C 85 21.37 15.15 -23.53
N PHE C 86 22.36 14.50 -24.15
CA PHE C 86 22.46 13.04 -24.12
C PHE C 86 23.73 12.58 -23.42
N LEU C 87 23.58 11.81 -22.33
CA LEU C 87 24.73 11.35 -21.55
C LEU C 87 24.96 9.83 -21.54
N ARG C 88 25.90 9.35 -22.37
CA ARG C 88 26.21 7.93 -22.39
C ARG C 88 27.10 7.72 -21.18
N LEU C 89 26.82 6.73 -20.34
CA LEU C 89 27.61 6.57 -19.11
C LEU C 89 28.53 5.36 -18.99
N PRO C 90 29.56 5.47 -18.14
CA PRO C 90 30.42 4.29 -18.03
C PRO C 90 29.87 3.34 -16.96
N LYS C 91 30.38 2.13 -16.94
CA LYS C 91 29.95 1.19 -15.91
C LYS C 91 31.28 0.71 -15.38
N PRO C 92 31.59 0.98 -14.10
CA PRO C 92 30.82 1.67 -13.06
C PRO C 92 31.02 3.19 -13.19
N PHE C 93 30.21 3.98 -12.46
CA PHE C 93 30.32 5.45 -12.48
C PHE C 93 31.60 5.89 -11.79
N HIS C 94 31.98 7.13 -12.03
CA HIS C 94 33.13 7.72 -11.37
C HIS C 94 32.57 8.91 -10.59
N ASP C 95 33.40 9.48 -9.71
CA ASP C 95 33.05 10.60 -8.86
C ASP C 95 32.57 11.83 -9.61
N ASN C 96 33.03 12.00 -10.85
CA ASN C 96 32.59 13.17 -11.61
C ASN C 96 31.05 13.15 -11.91
N LEU C 97 30.36 12.02 -11.75
CA LEU C 97 28.91 12.02 -11.99
C LEU C 97 28.07 12.50 -10.76
N LYS C 98 28.75 12.79 -9.67
CA LYS C 98 28.14 13.34 -8.46
C LYS C 98 27.27 14.51 -8.93
N ASP C 99 27.72 15.22 -9.97
CA ASP C 99 26.91 16.35 -10.47
C ASP C 99 25.56 15.92 -11.05
N LEU C 100 25.50 14.72 -11.62
CA LEU C 100 24.23 14.23 -12.18
C LEU C 100 23.31 13.90 -11.00
N TYR C 101 23.87 13.32 -9.93
CA TYR C 101 23.09 12.98 -8.73
C TYR C 101 22.48 14.27 -8.17
N ARG C 102 23.29 15.31 -8.04
CA ARG C 102 22.79 16.60 -7.51
C ARG C 102 21.77 17.20 -8.46
N PHE C 103 22.05 17.09 -9.76
CA PHE C 103 21.13 17.63 -10.74
C PHE C 103 19.74 17.03 -10.55
N PHE C 104 19.67 15.70 -10.63
CA PHE C 104 18.41 14.96 -10.50
C PHE C 104 17.71 15.12 -9.13
N ALA C 105 18.51 15.42 -8.08
CA ALA C 105 17.92 15.57 -6.75
C ALA C 105 17.29 16.96 -6.60
N SER C 106 17.71 17.89 -7.46
CA SER C 106 17.28 19.28 -7.44
C SER C 106 15.76 19.47 -7.43
N LYS C 107 15.31 20.46 -6.67
CA LYS C 107 13.89 20.77 -6.61
C LYS C 107 13.67 22.13 -7.29
N PHE C 108 14.64 22.58 -8.07
CA PHE C 108 14.54 23.87 -8.78
C PHE C 108 13.59 23.66 -9.94
N VAL C 109 13.56 22.43 -10.43
CA VAL C 109 12.73 22.08 -11.57
C VAL C 109 11.98 20.78 -11.31
N THR C 110 11.00 20.49 -12.16
CA THR C 110 10.23 19.24 -12.09
C THR C 110 10.73 18.27 -13.18
N PHE C 111 10.93 17.00 -12.80
CA PHE C 111 11.36 15.97 -13.74
C PHE C 111 10.07 15.25 -14.23
N VAL C 112 9.83 15.36 -15.54
CA VAL C 112 8.63 14.83 -16.18
C VAL C 112 8.99 13.70 -17.17
N GLY C 113 8.62 12.47 -16.86
CA GLY C 113 8.91 11.32 -17.70
C GLY C 113 7.69 10.46 -18.05
N VAL C 114 7.93 9.46 -18.91
CA VAL C 114 6.92 8.50 -19.36
C VAL C 114 7.36 7.10 -18.93
N GLN C 115 6.44 6.37 -18.32
CA GLN C 115 6.71 5.02 -17.80
C GLN C 115 8.05 4.97 -17.01
N ILE C 116 8.21 5.79 -15.96
CA ILE C 116 9.48 5.81 -15.21
C ILE C 116 9.43 5.14 -13.84
N GLU C 117 8.27 4.59 -13.43
CA GLU C 117 8.17 3.97 -12.08
C GLU C 117 9.25 2.91 -11.83
N GLU C 118 9.39 1.94 -12.74
CA GLU C 118 10.43 0.93 -12.57
C GLU C 118 11.86 1.49 -12.69
N ASP C 119 12.13 2.39 -13.64
CA ASP C 119 13.50 2.90 -13.70
C ASP C 119 13.89 3.63 -12.41
N LEU C 120 12.92 4.29 -11.76
CA LEU C 120 13.17 5.06 -10.55
C LEU C 120 13.60 4.14 -9.40
N ASP C 121 12.87 3.03 -9.24
CA ASP C 121 13.24 2.09 -8.18
C ASP C 121 14.63 1.52 -8.56
N LEU C 122 14.80 1.17 -9.83
CA LEU C 122 16.08 0.66 -10.32
C LEU C 122 17.20 1.66 -10.10
N LEU C 123 16.95 2.92 -10.43
CA LEU C 123 17.98 3.94 -10.23
C LEU C 123 18.30 4.06 -8.71
N ARG C 124 17.25 4.04 -7.88
CA ARG C 124 17.43 4.11 -6.42
C ARG C 124 18.27 2.91 -5.95
N GLU C 125 17.83 1.71 -6.31
CA GLU C 125 18.44 0.47 -5.87
C GLU C 125 19.80 0.11 -6.40
N ASN C 126 20.08 0.41 -7.67
CA ASN C 126 21.39 0.03 -8.22
C ASN C 126 22.43 1.14 -8.27
N HIS C 127 22.02 2.40 -8.05
CA HIS C 127 22.99 3.54 -8.07
C HIS C 127 22.69 4.56 -6.96
N GLY C 128 21.56 4.38 -6.27
CA GLY C 128 21.19 5.34 -5.23
C GLY C 128 20.80 6.66 -5.89
N LEU C 129 20.30 6.61 -7.13
CA LEU C 129 19.91 7.85 -7.82
C LEU C 129 18.50 8.17 -7.34
N VAL C 130 18.33 9.40 -6.84
CA VAL C 130 17.07 9.88 -6.29
C VAL C 130 16.54 11.09 -7.04
N ILE C 131 15.31 11.01 -7.55
CA ILE C 131 14.73 12.17 -8.24
C ILE C 131 13.62 12.70 -7.31
N ARG C 132 13.91 13.83 -6.60
CA ARG C 132 12.95 14.37 -5.60
C ARG C 132 11.64 14.98 -6.12
N ASN C 133 11.71 15.56 -7.32
CA ASN C 133 10.56 16.23 -7.92
C ASN C 133 10.30 15.49 -9.23
N ALA C 134 9.71 14.29 -9.12
CA ALA C 134 9.45 13.44 -10.29
C ALA C 134 8.00 13.09 -10.65
N ILE C 135 7.62 13.32 -11.92
CA ILE C 135 6.29 12.94 -12.31
C ILE C 135 6.40 11.95 -13.45
N ASN C 136 5.66 10.84 -13.27
CA ASN C 136 5.52 9.74 -14.22
C ASN C 136 4.29 10.33 -14.93
N VAL C 137 4.55 11.11 -15.98
CA VAL C 137 3.51 11.92 -16.64
C VAL C 137 2.26 11.27 -17.23
N GLY C 138 2.30 9.96 -17.48
CA GLY C 138 1.11 9.32 -18.02
C GLY C 138 0.04 9.43 -16.93
N LYS C 139 0.48 9.49 -15.68
CA LYS C 139 -0.55 9.60 -14.64
C LYS C 139 -1.20 10.95 -14.68
N LEU C 140 -0.44 11.98 -15.00
CA LEU C 140 -1.10 13.31 -15.06
C LEU C 140 -1.93 13.41 -16.36
N ALA C 141 -1.44 12.79 -17.44
CA ALA C 141 -2.23 12.83 -18.67
C ALA C 141 -3.63 12.23 -18.42
N ALA C 142 -3.66 11.06 -17.76
CA ALA C 142 -4.90 10.34 -17.46
C ALA C 142 -5.81 11.12 -16.45
N GLU C 143 -5.20 11.90 -15.60
CA GLU C 143 -6.07 12.62 -14.68
C GLU C 143 -6.48 13.96 -15.23
N ALA C 144 -5.67 14.54 -16.09
CA ALA C 144 -6.04 15.85 -16.58
C ALA C 144 -6.86 15.83 -17.86
N ARG C 145 -6.25 15.45 -18.96
CA ARG C 145 -6.96 15.41 -20.22
C ARG C 145 -7.89 14.24 -20.10
N GLY C 146 -8.29 13.90 -18.87
CA GLY C 146 -9.22 12.80 -18.65
C GLY C 146 -9.24 11.68 -19.68
N THR C 147 -8.08 11.10 -20.00
CA THR C 147 -8.09 10.00 -20.95
C THR C 147 -7.33 8.69 -20.50
N LEU C 148 -8.08 7.71 -19.97
CA LEU C 148 -7.54 6.41 -19.46
C LEU C 148 -6.22 5.83 -20.00
N VAL C 149 -6.17 5.61 -21.29
CA VAL C 149 -5.02 5.00 -21.95
C VAL C 149 -3.64 5.76 -21.90
N LEU C 150 -3.64 7.10 -21.77
CA LEU C 150 -2.41 7.92 -21.76
C LEU C 150 -1.39 7.46 -20.69
N GLU C 151 -1.86 6.94 -19.56
CA GLU C 151 -0.97 6.46 -18.49
C GLU C 151 -0.29 5.13 -18.90
N PHE C 152 -0.98 4.40 -19.79
CA PHE C 152 -0.55 3.08 -20.23
C PHE C 152 0.02 3.15 -21.65
N LEU C 153 0.42 4.35 -22.06
CA LEU C 153 0.99 4.60 -23.40
C LEU C 153 2.48 4.91 -23.35
N GLY C 154 3.17 4.53 -24.43
CA GLY C 154 4.58 4.82 -24.59
C GLY C 154 4.74 6.32 -24.91
N THR C 155 5.99 6.74 -25.04
CA THR C 155 6.30 8.16 -25.27
C THR C 155 5.55 8.77 -26.47
N ARG C 156 5.72 8.15 -27.63
CA ARG C 156 5.11 8.63 -28.86
C ARG C 156 3.56 8.66 -28.79
N GLU C 157 2.97 7.54 -28.37
CA GLU C 157 1.53 7.48 -28.39
C GLU C 157 0.86 8.44 -27.38
N LEU C 158 1.50 8.71 -26.24
CA LEU C 158 0.97 9.62 -25.22
C LEU C 158 1.00 11.07 -25.77
N ALA C 159 1.87 11.29 -26.77
CA ALA C 159 1.99 12.60 -27.44
C ALA C 159 0.81 12.73 -28.43
N HIS C 160 0.67 11.71 -29.25
CA HIS C 160 -0.37 11.67 -30.27
C HIS C 160 -1.78 11.79 -29.71
N ARG C 161 -2.02 11.03 -28.63
CA ARG C 161 -3.34 10.96 -28.00
C ARG C 161 -3.68 12.16 -27.14
N VAL C 162 -2.74 13.08 -27.08
CA VAL C 162 -2.81 14.33 -26.35
C VAL C 162 -2.58 15.54 -27.26
N LEU C 163 -1.65 15.47 -28.22
CA LEU C 163 -1.37 16.65 -29.04
C LEU C 163 -1.94 16.53 -30.44
N TRP C 164 -2.26 15.31 -30.86
CA TRP C 164 -2.84 15.09 -32.17
C TRP C 164 -2.08 15.80 -33.26
N SER C 165 -0.77 15.48 -33.32
CA SER C 165 0.16 16.06 -34.31
C SER C 165 0.71 14.95 -35.23
N ASP C 166 1.55 15.39 -36.17
CA ASP C 166 2.20 14.57 -37.19
C ASP C 166 3.41 13.79 -36.72
N LEU C 167 3.37 12.48 -36.83
CA LEU C 167 4.49 11.71 -36.31
C LEU C 167 5.22 10.79 -37.26
N GLY C 168 5.05 11.01 -38.59
CA GLY C 168 5.69 10.16 -39.58
C GLY C 168 7.21 10.13 -39.49
N GLN C 169 7.81 11.31 -39.23
CA GLN C 169 9.25 11.39 -39.12
C GLN C 169 9.70 10.49 -37.99
N LEU C 170 9.26 10.82 -36.80
CA LEU C 170 9.61 10.06 -35.61
C LEU C 170 9.44 8.57 -35.90
N ASP C 171 8.24 8.16 -36.31
CA ASP C 171 7.92 6.74 -36.59
C ASP C 171 8.82 5.97 -37.58
N SER C 172 9.09 6.54 -38.75
CA SER C 172 9.91 5.87 -39.73
C SER C 172 11.22 5.55 -39.04
N ILE C 173 11.76 6.48 -38.25
CA ILE C 173 13.03 6.11 -37.61
C ILE C 173 12.84 4.92 -36.63
N GLU C 174 11.84 4.99 -35.77
CA GLU C 174 11.64 3.95 -34.77
C GLU C 174 11.13 2.65 -35.38
N ALA C 175 10.38 2.74 -36.46
CA ALA C 175 9.88 1.53 -37.08
C ALA C 175 11.04 0.67 -37.58
N LYS C 176 12.17 1.29 -37.96
CA LYS C 176 13.35 0.53 -38.45
C LYS C 176 14.51 0.83 -37.50
N TRP C 177 14.18 0.85 -36.20
CA TRP C 177 15.11 1.22 -35.15
C TRP C 177 16.50 0.61 -35.17
N GLU C 178 16.56 -0.71 -35.29
CA GLU C 178 17.83 -1.41 -35.30
C GLU C 178 18.69 -1.03 -36.51
N LYS C 179 18.11 -0.45 -37.54
CA LYS C 179 18.92 -0.05 -38.69
C LYS C 179 19.23 1.44 -38.71
N ALA C 180 18.61 2.20 -37.81
CA ALA C 180 18.83 3.64 -37.81
C ALA C 180 20.16 4.03 -37.17
N GLY C 181 20.93 4.85 -37.88
CA GLY C 181 22.20 5.29 -37.32
C GLY C 181 21.97 6.06 -36.03
N PRO C 182 23.05 6.47 -35.35
CA PRO C 182 22.98 7.23 -34.08
C PRO C 182 22.24 8.58 -34.27
N GLU C 183 22.44 9.16 -35.45
CA GLU C 183 21.88 10.45 -35.87
C GLU C 183 20.34 10.59 -35.87
N GLU C 184 19.68 9.66 -36.56
CA GLU C 184 18.24 9.65 -36.66
C GLU C 184 17.63 9.28 -35.31
N GLN C 185 18.35 8.44 -34.58
CA GLN C 185 17.86 8.05 -33.27
C GLN C 185 17.98 9.30 -32.37
N LEU C 186 18.90 10.24 -32.69
CA LEU C 186 19.04 11.45 -31.85
C LEU C 186 17.79 12.27 -32.04
N GLU C 187 17.53 12.48 -33.32
CA GLU C 187 16.39 13.22 -33.76
C GLU C 187 15.14 12.64 -33.06
N ALA C 188 14.89 11.35 -33.24
CA ALA C 188 13.75 10.70 -32.61
C ALA C 188 13.63 11.05 -31.14
N ALA C 189 14.75 10.97 -30.43
CA ALA C 189 14.72 11.30 -29.03
C ALA C 189 14.43 12.80 -28.89
N ALA C 190 14.92 13.62 -29.84
CA ALA C 190 14.63 15.06 -29.76
C ALA C 190 13.11 15.38 -29.98
N ILE C 191 12.54 14.82 -31.05
CA ILE C 191 11.13 14.97 -31.33
C ILE C 191 10.30 14.59 -30.04
N GLU C 192 10.54 13.41 -29.47
CA GLU C 192 9.77 12.97 -28.31
C GLU C 192 9.81 13.90 -27.07
N GLY C 193 10.96 14.52 -26.78
CA GLY C 193 10.97 15.39 -25.60
C GLY C 193 10.07 16.60 -25.83
N TRP C 194 10.25 17.16 -27.02
CA TRP C 194 9.50 18.31 -27.45
C TRP C 194 8.01 17.97 -27.25
N LEU C 195 7.59 16.85 -27.84
CA LEU C 195 6.19 16.36 -27.73
C LEU C 195 5.59 16.30 -26.29
N ILE C 196 6.41 15.97 -25.28
CA ILE C 196 5.95 15.83 -23.91
C ILE C 196 5.99 17.19 -23.18
N VAL C 197 7.09 17.93 -23.37
CA VAL C 197 7.19 19.32 -22.87
C VAL C 197 5.82 19.94 -23.19
N ASN C 198 5.38 19.76 -24.45
CA ASN C 198 4.09 20.27 -24.95
C ASN C 198 2.93 19.55 -24.21
N VAL C 199 3.02 18.22 -24.02
CA VAL C 199 1.95 17.60 -23.25
C VAL C 199 1.89 18.22 -21.81
N TRP C 200 3.08 18.41 -21.24
CA TRP C 200 3.21 18.97 -19.94
C TRP C 200 2.53 20.36 -19.91
N ASP C 201 3.01 21.23 -20.80
CA ASP C 201 2.46 22.58 -20.92
C ASP C 201 0.93 22.47 -21.04
N GLN C 202 0.44 21.57 -21.90
CA GLN C 202 -1.00 21.38 -22.04
C GLN C 202 -1.67 21.05 -20.66
N LEU C 203 -1.26 19.93 -20.06
CA LEU C 203 -1.81 19.52 -18.76
C LEU C 203 -1.58 20.54 -17.66
N SER C 204 -0.41 21.15 -17.63
CA SER C 204 -0.08 22.12 -16.57
C SER C 204 -1.04 23.29 -16.51
N ASP C 205 -1.44 23.86 -17.63
CA ASP C 205 -2.38 24.97 -17.52
C ASP C 205 -3.85 24.54 -17.53
N GLU C 206 -4.09 23.24 -17.73
CA GLU C 206 -5.46 22.71 -17.77
C GLU C 206 -6.27 22.84 -16.47
N SER D 1 16.71 -12.05 -44.66
CA SER D 1 16.56 -13.52 -44.83
C SER D 1 15.65 -14.10 -43.76
N ALA D 2 15.10 -13.23 -42.92
CA ALA D 2 14.18 -13.61 -41.84
C ALA D 2 12.77 -13.16 -42.21
N SER D 3 11.79 -14.03 -42.01
CA SER D 3 10.40 -13.72 -42.34
C SER D 3 9.45 -14.63 -41.54
N PHE D 4 8.17 -14.29 -41.47
CA PHE D 4 7.25 -15.11 -40.70
C PHE D 4 6.72 -16.22 -41.58
N ASP D 5 7.54 -17.23 -41.79
CA ASP D 5 7.17 -18.32 -42.70
C ASP D 5 6.56 -19.57 -42.10
N GLY D 6 6.06 -19.49 -40.86
CA GLY D 6 5.41 -20.65 -40.27
C GLY D 6 3.93 -20.63 -40.67
N PRO D 7 3.08 -21.37 -39.98
CA PRO D 7 1.64 -21.41 -40.28
C PRO D 7 0.99 -19.99 -40.24
N LYS D 8 0.16 -19.69 -41.24
CA LYS D 8 -0.51 -18.39 -41.34
C LYS D 8 -2.00 -18.74 -41.20
N PHE D 9 -2.67 -18.13 -40.20
CA PHE D 9 -4.09 -18.41 -39.91
C PHE D 9 -5.10 -17.35 -40.31
N LYS D 10 -6.31 -17.78 -40.62
CA LYS D 10 -7.36 -16.85 -41.04
C LYS D 10 -8.35 -16.66 -39.88
N THR D 12 -11.97 -14.90 -37.86
CA THR D 12 -13.40 -14.95 -38.15
C THR D 12 -13.94 -13.85 -39.05
N ASP D 13 -13.16 -12.79 -39.22
CA ASP D 13 -13.57 -11.64 -40.03
C ASP D 13 -12.74 -11.57 -41.32
N GLY D 14 -12.08 -12.69 -41.63
CA GLY D 14 -11.28 -12.76 -42.83
C GLY D 14 -9.83 -12.35 -42.85
N SER D 15 -9.32 -11.70 -41.79
CA SER D 15 -7.92 -11.28 -41.77
C SER D 15 -6.95 -12.45 -41.55
N TYR D 16 -5.66 -12.22 -41.69
CA TYR D 16 -4.67 -13.28 -41.49
C TYR D 16 -3.58 -12.92 -40.49
N VAL D 17 -2.97 -13.93 -39.87
CA VAL D 17 -1.86 -13.70 -38.97
C VAL D 17 -0.71 -14.59 -39.44
N GLN D 18 0.46 -14.00 -39.75
CA GLN D 18 1.62 -14.77 -40.15
C GLN D 18 2.32 -15.18 -38.86
N THR D 19 2.50 -16.48 -38.65
CA THR D 19 3.14 -16.91 -37.40
C THR D 19 4.50 -17.45 -37.64
N LYS D 20 5.36 -17.26 -36.64
CA LYS D 20 6.69 -17.77 -36.66
C LYS D 20 6.99 -18.30 -35.24
N THR D 21 7.46 -19.53 -35.19
CA THR D 21 7.83 -20.16 -33.92
C THR D 21 9.31 -20.47 -33.99
N ILE D 22 10.13 -19.84 -33.15
CA ILE D 22 11.55 -20.15 -33.22
C ILE D 22 12.10 -20.86 -31.95
N ASP D 23 13.05 -21.78 -32.17
CA ASP D 23 13.77 -22.56 -31.13
C ASP D 23 14.91 -21.65 -30.67
N VAL D 24 14.89 -21.18 -29.43
CA VAL D 24 15.95 -20.28 -29.02
C VAL D 24 17.18 -20.97 -28.48
N GLY D 25 18.26 -20.89 -29.24
CA GLY D 25 19.46 -21.55 -28.81
C GLY D 25 20.44 -20.56 -28.22
N SER D 26 21.46 -21.11 -27.56
CA SER D 26 22.44 -20.26 -26.94
C SER D 26 23.11 -19.50 -28.06
N SER D 27 22.61 -19.66 -29.27
CA SER D 27 23.23 -19.01 -30.42
C SER D 27 22.32 -18.19 -31.29
N THR D 28 21.08 -18.64 -31.44
CA THR D 28 20.08 -17.96 -32.26
C THR D 28 20.03 -16.41 -32.08
N ASP D 29 20.13 -15.66 -33.18
CA ASP D 29 20.01 -14.21 -33.06
C ASP D 29 18.52 -13.96 -33.25
N ILE D 30 17.86 -13.34 -32.26
CA ILE D 30 16.43 -13.10 -32.40
C ILE D 30 16.16 -11.69 -32.93
N SER D 31 17.14 -10.81 -32.81
CA SER D 31 17.00 -9.43 -33.28
C SER D 31 16.15 -9.34 -34.53
N PRO D 32 16.40 -10.24 -35.51
CA PRO D 32 15.60 -10.18 -36.74
C PRO D 32 14.10 -10.12 -36.54
N TYR D 33 13.60 -11.11 -35.80
CA TYR D 33 12.18 -11.26 -35.55
C TYR D 33 11.67 -10.18 -34.59
N LEU D 34 12.41 -9.89 -33.53
CA LEU D 34 11.96 -8.79 -32.66
C LEU D 34 11.86 -7.51 -33.49
N SER D 35 12.87 -7.22 -34.30
CA SER D 35 12.86 -6.00 -35.13
C SER D 35 11.68 -6.02 -36.07
N LEU D 36 11.26 -7.19 -36.48
CA LEU D 36 10.13 -7.28 -37.37
C LEU D 36 8.87 -7.02 -36.54
N ILE D 37 8.81 -7.58 -35.34
CA ILE D 37 7.63 -7.36 -34.49
C ILE D 37 7.59 -5.85 -34.17
N ARG D 38 8.73 -5.27 -33.83
CA ARG D 38 8.75 -3.84 -33.51
C ARG D 38 8.19 -3.07 -34.70
N GLU D 39 8.81 -3.30 -35.86
CA GLU D 39 8.41 -2.65 -37.08
C GLU D 39 6.90 -2.78 -37.38
N ASP D 40 6.37 -4.01 -37.38
CA ASP D 40 4.96 -4.16 -37.70
C ASP D 40 4.12 -3.43 -36.64
N SER D 41 4.55 -3.48 -35.38
CA SER D 41 3.79 -2.74 -34.40
C SER D 41 3.86 -1.22 -34.68
N ILE D 42 5.03 -0.69 -34.89
CA ILE D 42 5.10 0.75 -35.09
C ILE D 42 4.44 1.18 -36.40
N LEU D 43 4.62 0.41 -37.46
CA LEU D 43 4.02 0.84 -38.73
C LEU D 43 2.58 0.45 -39.01
N ASN D 44 2.17 -0.73 -38.54
CA ASN D 44 0.83 -1.26 -38.78
C ASN D 44 -0.04 -1.53 -37.57
N GLY D 45 0.56 -1.56 -36.37
CA GLY D 45 -0.21 -1.88 -35.17
C GLY D 45 -0.42 -0.90 -34.01
N ASN D 46 -0.45 0.40 -34.31
CA ASN D 46 -0.66 1.44 -33.30
C ASN D 46 0.20 1.26 -32.03
N ARG D 47 1.39 0.74 -32.26
CA ARG D 47 2.37 0.61 -31.20
C ARG D 47 1.97 -0.21 -29.95
N ALA D 48 1.09 -1.17 -30.16
CA ALA D 48 0.73 -2.12 -29.09
C ALA D 48 1.37 -3.46 -29.46
N VAL D 49 1.92 -4.19 -28.48
CA VAL D 49 2.42 -5.54 -28.73
C VAL D 49 1.71 -6.35 -27.63
N ILE D 50 0.81 -7.25 -28.02
CA ILE D 50 0.09 -8.03 -27.03
C ILE D 50 1.00 -9.18 -26.63
N PHE D 51 0.86 -9.69 -25.41
CA PHE D 51 1.74 -10.78 -25.05
C PHE D 51 1.23 -11.75 -23.97
N ASP D 52 1.87 -12.89 -23.90
CA ASP D 52 1.55 -13.86 -22.85
C ASP D 52 2.87 -14.58 -22.63
N VAL D 53 3.10 -15.11 -21.42
CA VAL D 53 4.33 -15.85 -21.12
C VAL D 53 3.93 -17.24 -20.60
N TYR D 54 4.83 -18.21 -20.77
CA TYR D 54 4.49 -19.58 -20.35
C TYR D 54 5.66 -20.02 -19.51
N TRP D 55 5.33 -20.63 -18.37
CA TRP D 55 6.26 -21.07 -17.36
C TRP D 55 6.46 -22.60 -17.24
N ASP D 56 7.71 -22.96 -16.92
CA ASP D 56 8.16 -24.33 -16.61
C ASP D 56 8.03 -24.28 -15.10
N VAL D 57 7.14 -25.06 -14.50
CA VAL D 57 7.03 -24.99 -13.05
C VAL D 57 8.03 -25.97 -12.45
N GLY D 58 8.98 -25.44 -11.69
CA GLY D 58 10.00 -26.30 -11.08
C GLY D 58 9.84 -26.40 -9.57
N PHE D 59 10.42 -27.45 -8.99
CA PHE D 59 10.36 -27.69 -7.54
C PHE D 59 11.73 -27.50 -6.88
N THR D 66 13.12 -19.26 -1.54
CA THR D 66 11.80 -18.80 -1.98
C THR D 66 11.02 -19.86 -2.80
N LYS D 67 9.81 -20.21 -2.33
CA LYS D 67 9.00 -21.21 -2.99
C LYS D 67 8.53 -20.95 -4.41
N THR D 68 8.52 -19.69 -4.88
CA THR D 68 8.11 -19.44 -6.27
C THR D 68 9.38 -19.33 -7.11
N SER D 69 10.54 -19.51 -6.48
CA SER D 69 11.78 -19.38 -7.24
C SER D 69 11.97 -20.55 -8.19
N GLY D 70 11.13 -21.58 -8.06
CA GLY D 70 11.23 -22.73 -8.97
C GLY D 70 10.61 -22.47 -10.35
N TRP D 71 9.96 -21.33 -10.55
CA TRP D 71 9.34 -21.04 -11.86
C TRP D 71 10.37 -20.47 -12.87
N SER D 72 10.23 -20.86 -14.14
CA SER D 72 11.14 -20.39 -15.20
C SER D 72 10.39 -20.21 -16.48
N LEU D 73 10.56 -19.04 -17.09
CA LEU D 73 9.90 -18.64 -18.35
C LEU D 73 10.28 -19.65 -19.43
N SER D 74 9.27 -20.38 -19.93
CA SER D 74 9.53 -21.41 -20.96
C SER D 74 9.32 -20.86 -22.40
N SER D 75 8.44 -19.88 -22.55
CA SER D 75 8.25 -19.26 -23.86
C SER D 75 7.40 -18.03 -23.72
N VAL D 76 7.36 -17.24 -24.79
CA VAL D 76 6.59 -16.00 -24.82
C VAL D 76 5.91 -15.86 -26.17
N LYS D 77 4.74 -15.25 -26.13
CA LYS D 77 3.94 -14.94 -27.30
C LYS D 77 3.87 -13.40 -27.43
N LEU D 78 4.13 -12.89 -28.65
CA LEU D 78 4.11 -11.45 -29.02
C LEU D 78 3.31 -11.38 -30.30
N SER D 79 2.13 -10.75 -30.25
CA SER D 79 1.25 -10.66 -31.41
C SER D 79 1.09 -9.21 -31.83
N THR D 80 1.35 -8.90 -33.09
CA THR D 80 1.20 -7.51 -33.55
C THR D 80 0.17 -7.57 -34.66
N ARG D 81 -0.32 -6.42 -35.12
CA ARG D 81 -1.29 -6.41 -36.23
C ARG D 81 -1.23 -7.67 -37.17
N ASN D 82 -0.03 -8.02 -37.64
CA ASN D 82 0.11 -9.13 -38.57
C ASN D 82 1.05 -10.30 -38.23
N LEU D 83 1.65 -10.26 -37.05
CA LEU D 83 2.66 -11.24 -36.69
C LEU D 83 2.52 -11.93 -35.33
N CYS D 84 2.92 -13.21 -35.25
CA CYS D 84 2.91 -13.92 -33.97
C CYS D 84 4.30 -14.58 -33.84
N LEU D 85 5.09 -14.10 -32.88
CA LEU D 85 6.42 -14.63 -32.64
C LEU D 85 6.41 -15.40 -31.34
N PHE D 86 6.59 -16.72 -31.44
CA PHE D 86 6.63 -17.59 -30.30
C PHE D 86 8.14 -17.95 -30.05
N LEU D 87 8.71 -17.48 -28.94
CA LEU D 87 10.12 -17.81 -28.63
C LEU D 87 10.19 -18.90 -27.54
N ARG D 88 10.89 -20.01 -27.84
CA ARG D 88 11.04 -21.12 -26.89
C ARG D 88 12.48 -21.00 -26.40
N LEU D 89 12.57 -20.74 -25.09
CA LEU D 89 13.81 -20.41 -24.41
C LEU D 89 14.64 -21.51 -23.81
N PRO D 90 15.94 -21.49 -24.03
CA PRO D 90 16.65 -22.58 -23.39
C PRO D 90 16.60 -22.36 -21.88
N LYS D 91 17.67 -22.78 -21.20
CA LYS D 91 17.86 -22.68 -19.77
C LYS D 91 19.26 -23.22 -19.48
N PRO D 92 20.11 -22.41 -18.85
CA PRO D 92 19.74 -21.04 -18.45
C PRO D 92 19.90 -20.10 -19.64
N PHE D 93 19.60 -18.82 -19.44
CA PHE D 93 19.73 -17.83 -20.51
C PHE D 93 21.19 -17.64 -20.89
N HIS D 94 21.43 -16.93 -21.97
CA HIS D 94 22.76 -16.66 -22.46
C HIS D 94 22.60 -15.27 -23.07
N ASP D 95 23.73 -14.62 -23.35
CA ASP D 95 23.76 -13.28 -23.92
C ASP D 95 22.72 -12.92 -24.98
N ASN D 96 22.40 -13.88 -25.83
CA ASN D 96 21.43 -13.69 -26.90
C ASN D 96 20.02 -13.35 -26.41
N LEU D 97 19.68 -13.83 -25.22
CA LEU D 97 18.36 -13.46 -24.74
C LEU D 97 18.35 -12.01 -24.24
N LYS D 98 19.51 -11.37 -24.14
CA LYS D 98 19.53 -9.98 -23.69
C LYS D 98 18.70 -9.07 -24.64
N ASP D 99 18.59 -9.45 -25.91
CA ASP D 99 17.80 -8.67 -26.87
C ASP D 99 16.30 -8.75 -26.47
N LEU D 100 15.83 -9.86 -25.90
CA LEU D 100 14.43 -9.91 -25.48
C LEU D 100 14.22 -8.96 -24.30
N TYR D 101 15.19 -8.85 -23.38
CA TYR D 101 15.07 -7.94 -22.22
C TYR D 101 14.95 -6.49 -22.75
N ARG D 102 15.77 -6.15 -23.75
CA ARG D 102 15.72 -4.76 -24.28
C ARG D 102 14.35 -4.44 -24.90
N PHE D 103 13.84 -5.41 -25.66
CA PHE D 103 12.55 -5.29 -26.30
C PHE D 103 11.44 -5.05 -25.28
N PHE D 104 11.29 -5.98 -24.34
CA PHE D 104 10.24 -5.79 -23.36
C PHE D 104 10.32 -4.48 -22.56
N ALA D 105 11.47 -3.83 -22.57
CA ALA D 105 11.64 -2.57 -21.84
C ALA D 105 11.34 -1.28 -22.67
N SER D 106 10.99 -1.40 -23.95
CA SER D 106 10.73 -0.18 -24.71
C SER D 106 9.38 0.49 -24.29
N LYS D 107 9.35 1.80 -24.52
CA LYS D 107 8.22 2.73 -24.31
C LYS D 107 7.75 3.15 -25.77
N PHE D 108 8.26 2.42 -26.76
CA PHE D 108 7.90 2.61 -28.18
C PHE D 108 6.48 2.01 -28.34
N VAL D 109 6.17 1.00 -27.53
CA VAL D 109 4.89 0.30 -27.58
C VAL D 109 4.30 -0.04 -26.19
N THR D 110 3.00 -0.18 -26.10
CA THR D 110 2.44 -0.59 -24.82
C THR D 110 2.27 -2.13 -24.79
N PHE D 111 2.83 -2.76 -23.75
CA PHE D 111 2.71 -4.23 -23.61
C PHE D 111 1.37 -4.57 -22.93
N VAL D 112 0.57 -5.25 -23.73
CA VAL D 112 -0.78 -5.56 -23.39
C VAL D 112 -1.05 -7.04 -23.13
N GLY D 113 -1.48 -7.34 -21.90
CA GLY D 113 -1.80 -8.72 -21.52
C GLY D 113 -3.11 -8.83 -20.74
N VAL D 114 -3.42 -10.06 -20.30
CA VAL D 114 -4.62 -10.36 -19.51
C VAL D 114 -4.09 -11.10 -18.26
N GLN D 115 -4.63 -10.79 -17.07
CA GLN D 115 -4.22 -11.41 -15.82
C GLN D 115 -2.66 -11.53 -15.78
N ILE D 116 -1.96 -10.42 -15.98
CA ILE D 116 -0.52 -10.47 -15.98
C ILE D 116 0.10 -10.05 -14.62
N GLU D 117 -0.73 -9.76 -13.63
CA GLU D 117 -0.15 -9.29 -12.37
C GLU D 117 0.92 -10.27 -11.80
N GLU D 118 0.54 -11.51 -11.55
CA GLU D 118 1.48 -12.51 -11.01
C GLU D 118 2.57 -12.72 -12.04
N ASP D 119 2.19 -12.74 -13.32
CA ASP D 119 3.13 -12.90 -14.40
C ASP D 119 4.27 -11.91 -14.32
N LEU D 120 3.91 -10.67 -14.07
CA LEU D 120 4.93 -9.62 -14.03
C LEU D 120 5.81 -9.84 -12.81
N ASP D 121 5.21 -10.33 -11.72
CA ASP D 121 5.99 -10.57 -10.53
C ASP D 121 6.94 -11.77 -10.71
N LEU D 122 6.52 -12.84 -11.37
CA LEU D 122 7.44 -13.95 -11.56
C LEU D 122 8.55 -13.52 -12.55
N LEU D 123 8.20 -12.70 -13.54
CA LEU D 123 9.20 -12.22 -14.50
C LEU D 123 10.37 -11.45 -13.83
N ARG D 124 10.07 -10.41 -13.05
CA ARG D 124 11.15 -9.59 -12.42
C ARG D 124 11.98 -10.40 -11.38
N GLU D 125 11.30 -11.13 -10.52
CA GLU D 125 11.93 -11.93 -9.48
C GLU D 125 12.92 -13.01 -9.90
N ASN D 126 12.55 -13.77 -10.94
CA ASN D 126 13.36 -14.88 -11.35
C ASN D 126 14.26 -14.60 -12.54
N HIS D 127 13.81 -13.71 -13.45
CA HIS D 127 14.56 -13.48 -14.69
C HIS D 127 15.21 -12.09 -14.80
N GLY D 128 14.82 -11.19 -13.90
CA GLY D 128 15.35 -9.83 -13.92
C GLY D 128 14.78 -9.14 -15.16
N LEU D 129 13.69 -9.69 -15.67
CA LEU D 129 13.05 -9.15 -16.85
C LEU D 129 11.97 -8.14 -16.42
N VAL D 130 12.19 -6.90 -16.86
CA VAL D 130 11.37 -5.71 -16.55
C VAL D 130 10.54 -5.23 -17.74
N ILE D 131 9.24 -5.03 -17.52
CA ILE D 131 8.37 -4.50 -18.54
C ILE D 131 7.94 -3.06 -18.08
N ARG D 132 8.56 -2.04 -18.68
CA ARG D 132 8.30 -0.66 -18.25
C ARG D 132 6.93 -0.09 -18.65
N ASN D 133 6.44 -0.51 -19.81
CA ASN D 133 5.16 -0.01 -20.34
C ASN D 133 4.22 -1.21 -20.50
N ALA D 134 3.58 -1.57 -19.40
CA ALA D 134 2.71 -2.75 -19.38
C ALA D 134 1.32 -2.46 -18.90
N ILE D 135 0.34 -3.21 -19.39
CA ILE D 135 -0.97 -3.07 -18.79
C ILE D 135 -1.73 -4.40 -18.61
N ASN D 136 -2.13 -4.69 -17.38
CA ASN D 136 -2.94 -5.86 -17.06
C ASN D 136 -4.25 -5.25 -17.59
N VAL D 137 -4.58 -5.60 -18.85
CA VAL D 137 -5.69 -5.02 -19.58
C VAL D 137 -7.15 -5.19 -19.12
N GLY D 138 -7.47 -6.24 -18.33
CA GLY D 138 -8.84 -6.42 -17.87
C GLY D 138 -9.31 -5.28 -16.97
N LYS D 139 -8.36 -4.71 -16.24
CA LYS D 139 -8.64 -3.62 -15.29
C LYS D 139 -9.06 -2.35 -16.04
N LEU D 140 -8.29 -1.94 -17.04
CA LEU D 140 -8.67 -0.76 -17.85
C LEU D 140 -10.06 -1.14 -18.40
N ALA D 141 -10.18 -2.29 -19.07
CA ALA D 141 -11.47 -2.70 -19.66
C ALA D 141 -12.67 -2.53 -18.73
N ALA D 142 -12.60 -3.08 -17.51
CA ALA D 142 -13.71 -2.93 -16.56
C ALA D 142 -13.99 -1.44 -16.27
N GLU D 143 -12.94 -0.68 -15.96
CA GLU D 143 -13.10 0.73 -15.66
C GLU D 143 -13.55 1.55 -16.83
N ALA D 144 -12.82 1.41 -17.92
CA ALA D 144 -13.17 2.16 -19.11
C ALA D 144 -14.63 1.92 -19.41
N ARG D 145 -15.27 0.98 -18.71
CA ARG D 145 -16.67 0.76 -19.05
C ARG D 145 -17.76 0.29 -18.11
N GLY D 146 -17.59 0.49 -16.81
CA GLY D 146 -18.65 0.11 -15.86
C GLY D 146 -19.13 -1.35 -15.79
N THR D 147 -18.27 -2.28 -16.21
CA THR D 147 -18.63 -3.71 -16.19
C THR D 147 -17.57 -4.37 -15.33
N LEU D 148 -17.89 -4.47 -14.03
CA LEU D 148 -17.00 -5.04 -13.03
C LEU D 148 -16.34 -6.36 -13.45
N VAL D 149 -17.15 -7.33 -13.91
CA VAL D 149 -16.57 -8.62 -14.23
C VAL D 149 -15.42 -8.75 -15.25
N LEU D 150 -15.22 -7.77 -16.16
CA LEU D 150 -14.14 -7.89 -17.18
C LEU D 150 -12.72 -7.93 -16.58
N GLU D 151 -12.56 -7.35 -15.41
CA GLU D 151 -11.27 -7.29 -14.72
C GLU D 151 -10.79 -8.68 -14.29
N PHE D 152 -11.75 -9.58 -14.07
CA PHE D 152 -11.48 -10.92 -13.53
C PHE D 152 -11.78 -12.06 -14.52
N LEU D 153 -11.52 -11.80 -15.79
CA LEU D 153 -11.79 -12.75 -16.84
C LEU D 153 -10.50 -13.20 -17.54
N GLY D 154 -10.53 -14.40 -18.10
CA GLY D 154 -9.39 -14.91 -18.85
C GLY D 154 -9.43 -14.35 -20.29
N THR D 155 -8.41 -14.70 -21.07
CA THR D 155 -8.23 -14.17 -22.44
C THR D 155 -9.48 -14.27 -23.31
N ARG D 156 -10.00 -15.49 -23.44
CA ARG D 156 -11.16 -15.79 -24.25
C ARG D 156 -12.40 -15.06 -23.71
N GLU D 157 -12.63 -15.17 -22.41
CA GLU D 157 -13.82 -14.54 -21.87
C GLU D 157 -13.79 -12.99 -21.99
N LEU D 158 -12.60 -12.38 -21.90
CA LEU D 158 -12.52 -10.94 -22.05
C LEU D 158 -12.85 -10.57 -23.53
N ALA D 159 -12.29 -11.30 -24.49
CA ALA D 159 -12.53 -11.01 -25.92
C ALA D 159 -14.02 -11.04 -26.23
N HIS D 160 -14.68 -12.15 -25.88
CA HIS D 160 -16.11 -12.29 -26.13
C HIS D 160 -16.92 -11.17 -25.47
N ARG D 161 -16.57 -10.81 -24.22
CA ARG D 161 -17.32 -9.80 -23.46
C ARG D 161 -17.05 -8.37 -23.91
N VAL D 162 -15.91 -8.18 -24.57
CA VAL D 162 -15.56 -6.88 -25.09
C VAL D 162 -15.94 -6.76 -26.59
N LEU D 163 -15.63 -7.76 -27.41
CA LEU D 163 -15.89 -7.72 -28.85
C LEU D 163 -17.12 -8.48 -29.34
N TRP D 164 -17.80 -9.21 -28.46
CA TRP D 164 -18.99 -9.97 -28.81
C TRP D 164 -18.87 -10.68 -30.15
N SER D 165 -17.77 -11.41 -30.37
CA SER D 165 -17.53 -12.12 -31.62
C SER D 165 -17.41 -13.66 -31.48
N ASP D 166 -17.53 -14.39 -32.59
CA ASP D 166 -17.45 -15.84 -32.55
C ASP D 166 -16.08 -16.38 -32.16
N LEU D 167 -16.10 -17.50 -31.45
CA LEU D 167 -14.86 -18.10 -30.95
C LEU D 167 -14.86 -19.66 -31.00
N GLY D 168 -15.32 -20.23 -32.12
CA GLY D 168 -15.40 -21.68 -32.27
C GLY D 168 -14.11 -22.46 -32.46
N GLN D 169 -13.26 -21.98 -33.36
CA GLN D 169 -11.98 -22.63 -33.60
C GLN D 169 -11.20 -22.75 -32.25
N LEU D 170 -10.94 -21.61 -31.63
CA LEU D 170 -10.22 -21.54 -30.34
C LEU D 170 -10.76 -22.45 -29.22
N ASP D 171 -12.06 -22.40 -28.95
CA ASP D 171 -12.68 -23.21 -27.91
C ASP D 171 -12.49 -24.74 -28.12
N SER D 172 -12.72 -25.19 -29.35
CA SER D 172 -12.57 -26.63 -29.63
C SER D 172 -11.13 -27.06 -29.36
N ILE D 173 -10.17 -26.21 -29.68
CA ILE D 173 -8.78 -26.54 -29.41
C ILE D 173 -8.55 -26.50 -27.87
N GLU D 174 -9.11 -25.49 -27.21
CA GLU D 174 -8.89 -25.33 -25.78
C GLU D 174 -9.64 -26.35 -24.92
N ALA D 175 -10.93 -26.59 -25.20
CA ALA D 175 -11.72 -27.56 -24.41
C ALA D 175 -10.98 -28.90 -24.28
N LYS D 176 -10.20 -29.26 -25.31
CA LYS D 176 -9.46 -30.51 -25.32
C LYS D 176 -8.00 -30.22 -25.52
N TRP D 177 -7.54 -29.15 -24.86
CA TRP D 177 -6.18 -28.68 -24.94
C TRP D 177 -5.17 -29.79 -25.06
N GLU D 178 -5.21 -30.67 -24.06
CA GLU D 178 -4.30 -31.79 -23.95
C GLU D 178 -4.36 -32.71 -25.18
N LYS D 179 -5.49 -32.78 -25.85
CA LYS D 179 -5.55 -33.62 -27.00
C LYS D 179 -5.37 -32.80 -28.28
N ALA D 180 -4.82 -31.59 -28.13
CA ALA D 180 -4.62 -30.67 -29.27
C ALA D 180 -3.24 -30.74 -29.92
N GLY D 181 -3.24 -30.77 -31.24
CA GLY D 181 -2.00 -30.84 -32.00
C GLY D 181 -1.12 -29.60 -31.79
N PRO D 182 0.21 -29.73 -31.92
CA PRO D 182 1.08 -28.57 -31.73
C PRO D 182 0.49 -27.35 -32.46
N GLU D 183 0.26 -27.52 -33.75
CA GLU D 183 -0.30 -26.51 -34.61
C GLU D 183 -1.63 -26.03 -34.08
N GLU D 184 -2.34 -26.87 -33.34
CA GLU D 184 -3.63 -26.46 -32.81
C GLU D 184 -3.39 -25.51 -31.63
N GLN D 185 -2.45 -25.86 -30.77
CA GLN D 185 -2.14 -25.04 -29.61
C GLN D 185 -1.47 -23.72 -30.03
N LEU D 186 -0.48 -23.80 -30.93
CA LEU D 186 0.24 -22.66 -31.45
C LEU D 186 -0.73 -21.85 -32.33
N GLU D 187 -1.77 -22.51 -32.85
CA GLU D 187 -2.82 -21.84 -33.62
C GLU D 187 -3.71 -21.06 -32.63
N ALA D 188 -4.04 -21.71 -31.52
CA ALA D 188 -4.87 -21.09 -30.47
C ALA D 188 -4.16 -19.83 -29.92
N ALA D 189 -2.84 -19.90 -29.79
CA ALA D 189 -2.05 -18.78 -29.27
C ALA D 189 -2.14 -17.56 -30.22
N ALA D 190 -1.98 -17.81 -31.51
CA ALA D 190 -2.04 -16.74 -32.51
C ALA D 190 -3.44 -16.15 -32.49
N ILE D 191 -4.45 -17.01 -32.46
CA ILE D 191 -5.83 -16.55 -32.40
C ILE D 191 -5.94 -15.64 -31.17
N GLU D 192 -5.40 -16.08 -30.01
CA GLU D 192 -5.48 -15.26 -28.78
C GLU D 192 -4.90 -13.86 -28.95
N GLY D 193 -3.70 -13.77 -29.51
CA GLY D 193 -3.06 -12.48 -29.72
C GLY D 193 -3.98 -11.49 -30.46
N TRP D 194 -4.51 -11.93 -31.61
CA TRP D 194 -5.44 -11.15 -32.48
C TRP D 194 -6.61 -10.57 -31.67
N LEU D 195 -7.32 -11.45 -30.97
CA LEU D 195 -8.46 -11.01 -30.13
C LEU D 195 -8.08 -9.86 -29.19
N ILE D 196 -6.97 -10.02 -28.49
CA ILE D 196 -6.57 -9.00 -27.56
C ILE D 196 -6.06 -7.77 -28.33
N VAL D 197 -5.43 -7.97 -29.49
CA VAL D 197 -5.02 -6.83 -30.34
C VAL D 197 -6.32 -6.04 -30.62
N ASN D 198 -7.40 -6.75 -30.96
CA ASN D 198 -8.69 -6.09 -31.23
C ASN D 198 -9.29 -5.48 -29.97
N VAL D 199 -9.08 -6.14 -28.83
CA VAL D 199 -9.60 -5.61 -27.58
C VAL D 199 -8.83 -4.33 -27.30
N TRP D 200 -7.53 -4.40 -27.49
CA TRP D 200 -6.73 -3.21 -27.24
C TRP D 200 -7.02 -2.03 -28.21
N ASP D 201 -7.06 -2.31 -29.52
CA ASP D 201 -7.35 -1.25 -30.44
C ASP D 201 -8.66 -0.61 -30.05
N GLN D 202 -9.62 -1.46 -29.67
CA GLN D 202 -10.91 -0.95 -29.28
C GLN D 202 -10.82 -0.09 -28.03
N LEU D 203 -10.09 -0.54 -27.01
CA LEU D 203 -9.96 0.24 -25.77
C LEU D 203 -9.46 1.65 -26.16
N SER D 204 -8.14 1.84 -26.32
CA SER D 204 -7.58 3.15 -26.70
C SER D 204 -8.49 3.87 -27.74
N ASP D 205 -9.39 4.74 -27.26
CA ASP D 205 -10.31 5.50 -28.16
C ASP D 205 -11.46 6.30 -27.60
N GLU D 206 -11.28 7.02 -26.51
CA GLU D 206 -12.51 7.65 -26.07
C GLU D 206 -12.57 9.16 -25.90
N SER E 1 -9.96 -46.03 -19.22
CA SER E 1 -11.04 -45.04 -19.07
C SER E 1 -10.87 -44.42 -17.69
N ALA E 2 -10.70 -43.10 -17.72
CA ALA E 2 -10.53 -42.23 -16.54
C ALA E 2 -11.72 -41.29 -16.56
N SER E 3 -12.71 -41.65 -15.77
CA SER E 3 -13.95 -40.92 -15.63
C SER E 3 -14.15 -40.66 -14.16
N PHE E 4 -15.10 -39.79 -13.85
CA PHE E 4 -15.41 -39.41 -12.49
C PHE E 4 -16.20 -40.50 -11.72
N ASP E 5 -15.54 -41.60 -11.41
CA ASP E 5 -16.15 -42.68 -10.65
C ASP E 5 -16.10 -42.38 -9.14
N GLY E 6 -17.14 -41.69 -8.69
CA GLY E 6 -17.28 -41.32 -7.29
C GLY E 6 -18.73 -41.01 -7.06
N PRO E 7 -19.18 -40.90 -5.80
CA PRO E 7 -20.57 -40.61 -5.45
C PRO E 7 -21.17 -39.42 -6.19
N LYS E 8 -22.49 -39.49 -6.43
CA LYS E 8 -23.22 -38.42 -7.13
C LYS E 8 -24.21 -37.77 -6.15
N PHE E 9 -24.45 -36.46 -6.28
CA PHE E 9 -25.39 -35.78 -5.37
C PHE E 9 -26.42 -35.01 -6.18
N LYS E 10 -27.57 -34.70 -5.58
CA LYS E 10 -28.62 -33.98 -6.27
C LYS E 10 -28.78 -32.64 -5.62
N THR E 12 -30.65 -28.65 -5.12
CA THR E 12 -32.01 -28.23 -4.79
C THR E 12 -32.85 -27.93 -6.05
N ASP E 13 -32.39 -28.40 -7.20
CA ASP E 13 -33.15 -28.18 -8.43
C ASP E 13 -32.97 -29.35 -9.43
N GLY E 14 -33.22 -30.54 -8.92
CA GLY E 14 -33.14 -31.76 -9.71
C GLY E 14 -31.80 -32.04 -10.34
N SER E 15 -30.96 -31.00 -10.42
CA SER E 15 -29.62 -31.12 -10.98
C SER E 15 -28.87 -32.16 -10.17
N TYR E 16 -27.98 -32.89 -10.84
CA TYR E 16 -27.23 -33.93 -10.16
C TYR E 16 -25.75 -33.67 -10.37
N VAL E 17 -25.08 -33.20 -9.33
CA VAL E 17 -23.64 -32.94 -9.42
C VAL E 17 -22.87 -34.24 -9.26
N GLN E 18 -22.01 -34.57 -10.21
CA GLN E 18 -21.19 -35.76 -10.10
C GLN E 18 -19.88 -35.48 -9.34
N THR E 19 -19.12 -36.51 -9.01
CA THR E 19 -17.86 -36.28 -8.31
C THR E 19 -16.77 -37.34 -8.51
N LYS E 20 -15.55 -36.92 -8.22
CA LYS E 20 -14.35 -37.74 -8.24
C LYS E 20 -13.50 -37.25 -7.07
N THR E 21 -13.36 -38.08 -6.05
CA THR E 21 -12.52 -37.72 -4.89
C THR E 21 -11.29 -38.59 -5.02
N ILE E 22 -10.16 -37.98 -5.35
CA ILE E 22 -8.91 -38.71 -5.55
C ILE E 22 -7.93 -38.48 -4.43
N ASP E 23 -7.31 -39.57 -3.95
CA ASP E 23 -6.27 -39.43 -2.95
C ASP E 23 -5.04 -39.45 -3.86
N VAL E 24 -4.40 -38.29 -4.07
CA VAL E 24 -3.26 -38.20 -4.99
C VAL E 24 -2.04 -38.85 -4.43
N GLY E 25 -1.57 -39.92 -5.06
CA GLY E 25 -0.41 -40.55 -4.48
C GLY E 25 0.80 -39.68 -4.64
N SER E 26 1.95 -40.33 -4.78
CA SER E 26 3.21 -39.68 -5.03
C SER E 26 3.48 -40.02 -6.48
N SER E 27 2.59 -40.83 -7.05
CA SER E 27 2.78 -41.29 -8.41
C SER E 27 1.57 -41.15 -9.33
N THR E 28 0.43 -40.80 -8.75
CA THR E 28 -0.78 -40.64 -9.54
C THR E 28 -0.60 -39.63 -10.71
N ASP E 29 -1.46 -39.75 -11.72
CA ASP E 29 -1.51 -38.84 -12.86
C ASP E 29 -2.90 -38.16 -12.82
N ILE E 30 -2.98 -36.92 -12.36
CA ILE E 30 -4.27 -36.28 -12.27
C ILE E 30 -4.66 -35.59 -13.59
N SER E 31 -3.69 -35.46 -14.49
CA SER E 31 -3.89 -34.86 -15.83
C SER E 31 -5.30 -35.01 -16.43
N PRO E 32 -5.86 -36.24 -16.51
CA PRO E 32 -7.20 -36.41 -17.11
C PRO E 32 -8.42 -35.89 -16.32
N TYR E 33 -8.35 -35.85 -14.99
CA TYR E 33 -9.46 -35.34 -14.18
C TYR E 33 -9.48 -33.78 -14.34
N LEU E 34 -8.31 -33.16 -14.38
CA LEU E 34 -8.21 -31.70 -14.61
C LEU E 34 -8.70 -31.44 -16.05
N SER E 35 -8.40 -32.34 -17.01
CA SER E 35 -8.90 -32.08 -18.34
C SER E 35 -10.43 -32.04 -18.36
N LEU E 36 -11.10 -32.98 -17.66
CA LEU E 36 -12.58 -33.00 -17.63
C LEU E 36 -13.15 -31.72 -17.02
N ILE E 37 -12.59 -31.32 -15.88
CA ILE E 37 -13.05 -30.08 -15.27
C ILE E 37 -12.82 -28.88 -16.24
N ARG E 38 -11.63 -28.80 -16.85
CA ARG E 38 -11.35 -27.70 -17.71
C ARG E 38 -12.19 -27.74 -18.98
N GLU E 39 -12.41 -28.95 -19.49
CA GLU E 39 -13.22 -29.14 -20.69
C GLU E 39 -14.67 -28.75 -20.42
N ASP E 40 -15.17 -29.19 -19.26
CA ASP E 40 -16.54 -28.87 -18.91
C ASP E 40 -16.72 -27.35 -18.78
N SER E 41 -16.17 -26.75 -17.72
CA SER E 41 -16.30 -25.29 -17.51
C SER E 41 -16.32 -24.54 -18.85
N ILE E 42 -15.39 -24.86 -19.75
CA ILE E 42 -15.37 -24.20 -21.05
C ILE E 42 -16.72 -24.38 -21.82
N LEU E 43 -17.17 -25.62 -22.00
CA LEU E 43 -18.43 -25.89 -22.78
C LEU E 43 -19.74 -25.42 -22.14
N ASN E 44 -19.90 -25.64 -20.84
CA ASN E 44 -21.12 -25.28 -20.12
C ASN E 44 -20.95 -24.51 -18.82
N GLY E 45 -19.71 -24.15 -18.45
CA GLY E 45 -19.51 -23.46 -17.18
C GLY E 45 -19.08 -21.99 -17.14
N ASN E 46 -19.35 -21.19 -18.19
CA ASN E 46 -18.97 -19.77 -18.19
C ASN E 46 -17.45 -19.57 -18.24
N ARG E 47 -16.74 -20.67 -18.21
CA ARG E 47 -15.30 -20.67 -18.23
C ARG E 47 -14.74 -20.17 -16.85
N ALA E 48 -15.49 -20.55 -15.81
CA ALA E 48 -15.12 -20.32 -14.44
C ALA E 48 -14.91 -21.70 -13.82
N VAL E 49 -13.94 -21.79 -12.91
CA VAL E 49 -13.76 -23.03 -12.17
C VAL E 49 -13.82 -22.57 -10.71
N ILE E 50 -14.47 -23.34 -9.85
CA ILE E 50 -14.54 -22.99 -8.44
C ILE E 50 -13.53 -23.85 -7.65
N PHE E 51 -12.90 -23.31 -6.62
CA PHE E 51 -11.96 -24.14 -5.85
C PHE E 51 -11.98 -23.83 -4.36
N ASP E 52 -11.26 -24.67 -3.60
CA ASP E 52 -11.01 -24.43 -2.17
C ASP E 52 -9.71 -25.13 -1.82
N VAL E 53 -9.06 -24.73 -0.74
CA VAL E 53 -7.78 -25.31 -0.36
C VAL E 53 -7.78 -25.77 1.13
N TYR E 54 -7.21 -26.94 1.37
CA TYR E 54 -7.18 -27.49 2.71
C TYR E 54 -5.74 -27.71 3.09
N TRP E 55 -5.32 -27.10 4.19
CA TRP E 55 -3.96 -27.15 4.67
C TRP E 55 -3.89 -28.08 5.89
N ASP E 56 -2.73 -28.17 6.52
CA ASP E 56 -2.61 -28.86 7.79
C ASP E 56 -1.90 -27.72 8.51
N VAL E 57 -1.90 -27.76 9.84
CA VAL E 57 -1.32 -26.74 10.73
C VAL E 57 0.20 -26.79 10.96
N GLY E 58 0.77 -25.60 11.17
CA GLY E 58 2.19 -25.48 11.43
C GLY E 58 2.63 -25.41 12.88
N PHE E 59 3.30 -26.44 13.37
CA PHE E 59 3.82 -26.40 14.73
C PHE E 59 5.34 -26.73 14.74
N THR E 66 9.16 -18.35 8.32
CA THR E 66 8.06 -17.57 8.88
C THR E 66 7.03 -18.39 9.67
N LYS E 67 6.37 -17.74 10.62
CA LYS E 67 5.42 -18.41 11.47
C LYS E 67 4.26 -19.16 10.83
N THR E 68 3.91 -18.88 9.57
CA THR E 68 2.84 -19.64 8.94
C THR E 68 3.46 -20.65 7.95
N SER E 69 4.78 -20.71 7.91
CA SER E 69 5.47 -21.61 6.99
C SER E 69 5.16 -23.11 7.21
N GLY E 70 4.84 -23.49 8.45
CA GLY E 70 4.50 -24.89 8.72
C GLY E 70 3.17 -25.35 8.11
N TRP E 71 2.41 -24.38 7.57
CA TRP E 71 1.15 -24.72 6.93
C TRP E 71 1.41 -25.39 5.59
N SER E 72 0.82 -26.57 5.38
CA SER E 72 0.96 -27.32 4.14
C SER E 72 -0.36 -27.61 3.54
N LEU E 73 -0.39 -27.69 2.22
CA LEU E 73 -1.61 -27.93 1.47
C LEU E 73 -1.96 -29.42 1.56
N SER E 74 -3.09 -29.74 2.17
CA SER E 74 -3.50 -31.12 2.30
C SER E 74 -4.57 -31.51 1.25
N SER E 75 -5.48 -30.59 0.90
CA SER E 75 -6.50 -30.85 -0.13
C SER E 75 -6.94 -29.55 -0.85
N VAL E 76 -7.80 -29.73 -1.86
CA VAL E 76 -8.40 -28.64 -2.70
C VAL E 76 -9.72 -29.24 -3.21
N LYS E 77 -10.51 -28.42 -3.89
CA LYS E 77 -11.82 -28.72 -4.54
C LYS E 77 -11.92 -27.93 -5.90
N LEU E 78 -12.77 -28.36 -6.84
CA LEU E 78 -12.96 -27.66 -8.14
C LEU E 78 -14.40 -27.96 -8.66
N SER E 79 -15.21 -26.90 -8.89
CA SER E 79 -16.61 -27.00 -9.34
C SER E 79 -16.93 -26.18 -10.65
N THR E 80 -17.81 -26.74 -11.50
CA THR E 80 -18.24 -26.10 -12.76
C THR E 80 -19.78 -26.21 -12.79
N ARG E 81 -20.47 -25.70 -13.80
CA ARG E 81 -21.93 -25.90 -13.75
C ARG E 81 -22.34 -27.39 -13.41
N ASN E 82 -21.40 -28.34 -13.49
CA ASN E 82 -21.63 -29.78 -13.24
C ASN E 82 -21.22 -30.45 -11.95
N LEU E 83 -19.90 -30.70 -11.93
CA LEU E 83 -19.22 -31.47 -10.92
C LEU E 83 -18.45 -30.82 -9.80
N CYS E 84 -17.91 -31.71 -8.96
CA CYS E 84 -17.10 -31.36 -7.83
C CYS E 84 -15.96 -32.38 -7.80
N LEU E 85 -14.75 -31.90 -8.12
CA LEU E 85 -13.55 -32.77 -8.09
C LEU E 85 -12.85 -32.44 -6.76
N PHE E 86 -12.58 -33.48 -5.96
CA PHE E 86 -11.92 -33.27 -4.68
C PHE E 86 -10.55 -33.99 -4.69
N LEU E 87 -9.47 -33.34 -4.26
CA LEU E 87 -8.17 -34.01 -4.29
C LEU E 87 -7.60 -34.13 -2.87
N ARG E 88 -6.85 -35.21 -2.60
CA ARG E 88 -6.17 -35.40 -1.30
C ARG E 88 -4.72 -35.33 -1.75
N LEU E 89 -3.90 -34.55 -1.04
CA LEU E 89 -2.51 -34.37 -1.43
C LEU E 89 -1.46 -34.86 -0.42
N PRO E 90 -0.31 -35.31 -0.89
CA PRO E 90 0.69 -35.77 0.08
C PRO E 90 1.72 -34.72 0.37
N LYS E 91 2.50 -34.98 1.41
CA LYS E 91 3.57 -34.09 1.82
C LYS E 91 4.82 -34.90 2.12
N PRO E 92 5.96 -34.51 1.55
CA PRO E 92 6.04 -33.33 0.67
C PRO E 92 5.50 -33.69 -0.71
N PHE E 93 5.42 -32.68 -1.57
CA PHE E 93 4.91 -32.82 -2.94
C PHE E 93 5.95 -33.53 -3.79
N HIS E 94 5.50 -34.32 -4.77
CA HIS E 94 6.42 -34.98 -5.70
C HIS E 94 6.08 -34.36 -7.06
N ASP E 95 6.82 -34.73 -8.09
CA ASP E 95 6.60 -34.15 -9.41
C ASP E 95 5.23 -34.23 -10.02
N ASN E 96 4.55 -35.36 -9.85
CA ASN E 96 3.22 -35.47 -10.40
C ASN E 96 2.35 -34.30 -9.86
N LEU E 97 2.91 -33.45 -9.00
CA LEU E 97 2.11 -32.33 -8.50
C LEU E 97 2.34 -31.10 -9.36
N LYS E 98 3.31 -31.21 -10.27
CA LYS E 98 3.62 -30.13 -11.20
C LYS E 98 2.50 -29.92 -12.20
N ASP E 99 1.77 -30.98 -12.53
CA ASP E 99 0.63 -30.82 -13.41
C ASP E 99 -0.37 -29.93 -12.68
N LEU E 100 -0.49 -30.03 -11.33
CA LEU E 100 -1.40 -29.14 -10.61
C LEU E 100 -0.88 -27.66 -10.71
N TYR E 101 0.42 -27.46 -10.57
CA TYR E 101 0.98 -26.09 -10.63
C TYR E 101 0.80 -25.47 -11.99
N ARG E 102 1.18 -26.20 -13.03
CA ARG E 102 1.03 -25.65 -14.36
C ARG E 102 -0.45 -25.40 -14.55
N PHE E 103 -1.26 -26.40 -14.18
CA PHE E 103 -2.70 -26.33 -14.32
C PHE E 103 -3.37 -25.13 -13.68
N PHE E 104 -2.74 -24.60 -12.62
CA PHE E 104 -3.24 -23.46 -11.87
C PHE E 104 -2.81 -22.13 -12.53
N ALA E 105 -2.00 -22.24 -13.56
CA ALA E 105 -1.52 -21.09 -14.33
C ALA E 105 -2.46 -20.65 -15.48
N SER E 106 -3.44 -21.50 -15.78
CA SER E 106 -4.34 -21.21 -16.88
C SER E 106 -5.09 -19.88 -16.83
N LYS E 107 -5.26 -19.32 -18.02
CA LYS E 107 -5.95 -18.07 -18.28
C LYS E 107 -7.19 -18.42 -19.12
N PHE E 108 -7.33 -19.72 -19.44
CA PHE E 108 -8.49 -20.23 -20.19
C PHE E 108 -9.78 -20.04 -19.42
N VAL E 109 -9.67 -20.17 -18.09
CA VAL E 109 -10.79 -20.06 -17.19
C VAL E 109 -10.41 -19.08 -16.11
N THR E 110 -11.42 -18.71 -15.34
CA THR E 110 -11.35 -17.80 -14.21
C THR E 110 -11.39 -18.73 -13.01
N PHE E 111 -10.29 -18.77 -12.23
CA PHE E 111 -10.23 -19.62 -11.04
C PHE E 111 -10.81 -18.88 -9.84
N VAL E 112 -11.99 -19.32 -9.41
CA VAL E 112 -12.74 -18.65 -8.35
C VAL E 112 -12.88 -19.40 -7.02
N GLY E 113 -12.82 -18.63 -5.91
CA GLY E 113 -13.00 -19.22 -4.58
C GLY E 113 -13.51 -18.27 -3.49
N VAL E 114 -13.95 -18.80 -2.36
CA VAL E 114 -14.42 -17.98 -1.25
C VAL E 114 -13.30 -17.75 -0.22
N GLN E 115 -13.02 -16.47 0.04
CA GLN E 115 -11.97 -15.96 0.94
C GLN E 115 -10.66 -16.69 0.73
N ILE E 116 -9.93 -16.38 -0.34
CA ILE E 116 -8.63 -17.05 -0.68
C ILE E 116 -7.34 -16.15 -0.57
N GLU E 117 -7.54 -14.87 -0.25
CA GLU E 117 -6.45 -13.90 -0.11
C GLU E 117 -5.22 -14.57 0.61
N GLU E 118 -5.41 -15.06 1.83
CA GLU E 118 -4.34 -15.74 2.57
C GLU E 118 -3.76 -17.05 1.93
N ASP E 119 -4.60 -17.87 1.29
CA ASP E 119 -4.07 -19.10 0.66
C ASP E 119 -3.02 -18.79 -0.44
N LEU E 120 -3.45 -18.04 -1.46
CA LEU E 120 -2.60 -17.59 -2.56
C LEU E 120 -1.24 -17.27 -1.88
N ASP E 121 -1.30 -16.35 -0.94
CA ASP E 121 -0.13 -16.00 -0.21
C ASP E 121 0.51 -17.31 0.28
N LEU E 122 -0.17 -18.09 1.13
CA LEU E 122 0.44 -19.36 1.60
C LEU E 122 0.75 -20.31 0.42
N LEU E 123 -0.22 -20.50 -0.48
CA LEU E 123 0.01 -21.31 -1.69
C LEU E 123 1.29 -20.80 -2.40
N ARG E 124 1.39 -19.46 -2.49
CA ARG E 124 2.56 -18.85 -3.12
C ARG E 124 3.79 -18.98 -2.19
N GLU E 125 3.66 -18.55 -0.94
CA GLU E 125 4.76 -18.60 0.03
C GLU E 125 5.25 -19.99 0.45
N ASN E 126 4.33 -20.92 0.76
CA ASN E 126 4.73 -22.26 1.25
C ASN E 126 4.89 -23.31 0.18
N HIS E 127 4.19 -23.09 -0.96
CA HIS E 127 4.22 -24.06 -2.06
C HIS E 127 4.68 -23.51 -3.39
N GLY E 128 4.77 -22.19 -3.52
CA GLY E 128 5.17 -21.64 -4.80
C GLY E 128 4.05 -21.86 -5.82
N LEU E 129 2.80 -22.05 -5.34
CA LEU E 129 1.66 -22.24 -6.23
C LEU E 129 0.97 -20.86 -6.43
N VAL E 130 0.67 -20.54 -7.70
CA VAL E 130 0.11 -19.24 -8.11
C VAL E 130 -1.20 -19.35 -8.94
N ILE E 131 -2.28 -18.66 -8.57
CA ILE E 131 -3.50 -18.73 -9.38
C ILE E 131 -3.49 -17.46 -10.28
N ARG E 132 -3.26 -17.63 -11.59
CA ARG E 132 -3.16 -16.42 -12.41
C ARG E 132 -4.41 -15.54 -12.66
N ASN E 133 -5.60 -16.14 -12.56
CA ASN E 133 -6.85 -15.46 -12.85
C ASN E 133 -7.77 -15.77 -11.70
N ALA E 134 -7.85 -14.86 -10.73
CA ALA E 134 -8.69 -15.16 -9.57
C ALA E 134 -9.67 -14.04 -9.18
N ILE E 135 -10.55 -14.39 -8.24
CA ILE E 135 -11.50 -13.45 -7.63
C ILE E 135 -12.11 -13.95 -6.29
N ASN E 136 -12.22 -13.00 -5.37
CA ASN E 136 -12.78 -13.15 -4.04
C ASN E 136 -14.28 -12.82 -4.10
N VAL E 137 -15.05 -13.76 -4.64
CA VAL E 137 -16.50 -13.59 -4.81
C VAL E 137 -17.02 -12.35 -4.09
N GLY E 138 -17.04 -12.45 -2.75
CA GLY E 138 -17.49 -11.40 -1.88
C GLY E 138 -17.09 -10.01 -2.32
N LYS E 139 -15.93 -9.87 -2.95
CA LYS E 139 -15.50 -8.55 -3.33
C LYS E 139 -16.19 -8.05 -4.62
N LEU E 140 -16.54 -8.99 -5.52
CA LEU E 140 -17.24 -8.68 -6.77
C LEU E 140 -18.71 -8.46 -6.40
N ALA E 141 -19.27 -9.43 -5.66
CA ALA E 141 -20.68 -9.30 -5.25
C ALA E 141 -20.80 -7.97 -4.51
N ALA E 142 -19.95 -7.75 -3.52
CA ALA E 142 -19.98 -6.51 -2.76
C ALA E 142 -19.98 -5.25 -3.65
N GLU E 143 -19.35 -5.33 -4.82
CA GLU E 143 -19.37 -4.16 -5.67
C GLU E 143 -20.55 -4.29 -6.64
N ALA E 144 -20.69 -5.45 -7.28
CA ALA E 144 -21.79 -5.65 -8.20
C ALA E 144 -23.07 -5.28 -7.50
N ARG E 145 -23.52 -6.11 -6.57
CA ARG E 145 -24.79 -5.84 -5.89
C ARG E 145 -24.87 -4.56 -5.07
N GLY E 146 -23.76 -3.99 -4.67
CA GLY E 146 -23.87 -2.78 -3.85
C GLY E 146 -24.54 -3.12 -2.49
N THR E 147 -23.84 -3.92 -1.68
CA THR E 147 -24.28 -4.36 -0.35
C THR E 147 -22.97 -4.70 0.38
N LEU E 148 -22.40 -3.74 1.11
CA LEU E 148 -21.11 -3.90 1.77
C LEU E 148 -20.85 -5.24 2.46
N VAL E 149 -21.86 -5.81 3.11
CA VAL E 149 -21.60 -7.02 3.86
C VAL E 149 -21.26 -8.29 3.08
N LEU E 150 -21.67 -8.38 1.81
CA LEU E 150 -21.38 -9.58 1.04
C LEU E 150 -19.88 -9.87 1.03
N GLU E 151 -19.10 -8.82 1.21
CA GLU E 151 -17.65 -8.95 1.23
C GLU E 151 -17.07 -9.69 2.45
N PHE E 152 -17.84 -9.69 3.54
CA PHE E 152 -17.42 -10.28 4.82
C PHE E 152 -18.21 -11.53 5.24
N LEU E 153 -18.79 -12.18 4.23
CA LEU E 153 -19.59 -13.38 4.46
C LEU E 153 -18.82 -14.64 4.13
N GLY E 154 -19.08 -15.69 4.90
CA GLY E 154 -18.47 -16.98 4.61
C GLY E 154 -19.37 -17.59 3.54
N THR E 155 -18.99 -18.72 2.98
CA THR E 155 -19.72 -19.32 1.85
C THR E 155 -21.27 -19.39 1.87
N ARG E 156 -21.78 -20.27 2.69
CA ARG E 156 -23.22 -20.43 2.77
C ARG E 156 -23.99 -19.11 2.72
N GLU E 157 -23.65 -18.21 3.64
CA GLU E 157 -24.31 -16.94 3.81
C GLU E 157 -24.24 -16.06 2.57
N LEU E 158 -23.09 -16.02 1.89
CA LEU E 158 -23.03 -15.21 0.66
C LEU E 158 -24.05 -15.82 -0.33
N ALA E 159 -24.20 -17.15 -0.34
CA ALA E 159 -25.15 -17.77 -1.27
C ALA E 159 -26.57 -17.29 -0.91
N HIS E 160 -26.84 -17.27 0.39
CA HIS E 160 -28.11 -16.83 0.91
C HIS E 160 -28.43 -15.33 0.53
N ARG E 161 -27.49 -14.41 0.76
CA ARG E 161 -27.77 -12.99 0.47
C ARG E 161 -27.80 -12.69 -1.01
N VAL E 162 -27.26 -13.61 -1.82
CA VAL E 162 -27.23 -13.40 -3.27
C VAL E 162 -28.28 -14.24 -4.03
N LEU E 163 -28.47 -15.50 -3.62
CA LEU E 163 -29.41 -16.38 -4.33
C LEU E 163 -30.73 -16.61 -3.61
N TRP E 164 -30.74 -16.44 -2.29
CA TRP E 164 -31.95 -16.63 -1.49
C TRP E 164 -32.58 -17.98 -1.71
N SER E 165 -31.76 -18.99 -1.96
CA SER E 165 -32.29 -20.32 -2.15
C SER E 165 -32.33 -21.05 -0.80
N ASP E 166 -32.91 -22.25 -0.82
CA ASP E 166 -33.10 -23.11 0.35
C ASP E 166 -31.79 -23.81 0.70
N LEU E 167 -31.34 -23.61 1.94
CA LEU E 167 -30.06 -24.12 2.45
C LEU E 167 -30.21 -25.08 3.63
N GLY E 168 -31.40 -25.68 3.74
CA GLY E 168 -31.68 -26.60 4.83
C GLY E 168 -30.76 -27.81 4.93
N GLN E 169 -30.58 -28.53 3.84
CA GLN E 169 -29.70 -29.69 3.89
C GLN E 169 -28.29 -29.23 4.24
N LEU E 170 -27.89 -28.09 3.68
CA LEU E 170 -26.54 -27.59 3.96
C LEU E 170 -26.38 -27.21 5.40
N ASP E 171 -27.30 -26.41 5.94
CA ASP E 171 -27.17 -26.00 7.32
C ASP E 171 -27.14 -27.20 8.27
N SER E 172 -27.95 -28.22 7.98
CA SER E 172 -27.99 -29.38 8.89
C SER E 172 -26.66 -30.11 8.87
N ILE E 173 -26.12 -30.37 7.69
CA ILE E 173 -24.82 -31.07 7.69
C ILE E 173 -23.73 -30.25 8.40
N GLU E 174 -23.69 -28.94 8.19
CA GLU E 174 -22.58 -28.14 8.77
C GLU E 174 -22.67 -27.91 10.26
N ALA E 175 -23.89 -27.80 10.74
CA ALA E 175 -24.16 -27.61 12.15
C ALA E 175 -23.52 -28.72 12.95
N LYS E 176 -23.50 -29.94 12.43
CA LYS E 176 -22.87 -31.03 13.19
C LYS E 176 -21.68 -31.62 12.43
N TRP E 177 -20.78 -30.72 12.00
CA TRP E 177 -19.62 -31.08 11.20
C TRP E 177 -18.66 -32.15 11.70
N GLU E 178 -18.24 -32.06 12.95
CA GLU E 178 -17.26 -33.00 13.48
C GLU E 178 -17.81 -34.41 13.59
N LYS E 179 -19.11 -34.56 13.38
CA LYS E 179 -19.70 -35.87 13.45
C LYS E 179 -20.24 -36.36 12.12
N ALA E 180 -20.04 -35.57 11.07
CA ALA E 180 -20.52 -35.95 9.74
C ALA E 180 -19.58 -36.95 9.08
N GLY E 181 -20.17 -37.98 8.47
CA GLY E 181 -19.41 -38.99 7.77
C GLY E 181 -18.70 -38.38 6.56
N PRO E 182 -17.77 -39.12 5.90
CA PRO E 182 -17.02 -38.62 4.75
C PRO E 182 -17.89 -38.18 3.58
N GLU E 183 -18.93 -38.94 3.30
CA GLU E 183 -19.77 -38.63 2.18
C GLU E 183 -20.65 -37.43 2.48
N GLU E 184 -20.93 -37.21 3.76
CA GLU E 184 -21.73 -36.05 4.15
C GLU E 184 -20.89 -34.74 3.99
N GLN E 185 -19.59 -34.85 4.24
CA GLN E 185 -18.72 -33.70 4.15
C GLN E 185 -18.47 -33.43 2.69
N LEU E 186 -18.38 -34.48 1.87
CA LEU E 186 -18.21 -34.31 0.45
C LEU E 186 -19.50 -33.64 -0.02
N GLU E 187 -20.67 -34.17 0.38
CA GLU E 187 -21.92 -33.55 -0.09
C GLU E 187 -21.96 -32.06 0.22
N ALA E 188 -21.54 -31.67 1.43
CA ALA E 188 -21.52 -30.26 1.79
C ALA E 188 -20.49 -29.51 0.89
N ALA E 189 -19.37 -30.16 0.58
CA ALA E 189 -18.34 -29.58 -0.27
C ALA E 189 -18.88 -29.40 -1.66
N ALA E 190 -19.55 -30.43 -2.19
CA ALA E 190 -20.08 -30.31 -3.54
C ALA E 190 -21.26 -29.36 -3.54
N ILE E 191 -22.06 -29.31 -2.47
CA ILE E 191 -23.16 -28.35 -2.50
C ILE E 191 -22.63 -26.90 -2.60
N GLU E 192 -21.81 -26.47 -1.64
CA GLU E 192 -21.26 -25.09 -1.68
C GLU E 192 -20.61 -24.78 -3.04
N GLY E 193 -19.96 -25.79 -3.65
CA GLY E 193 -19.36 -25.57 -4.97
C GLY E 193 -20.48 -25.12 -5.93
N TRP E 194 -21.65 -25.77 -5.84
CA TRP E 194 -22.82 -25.44 -6.69
C TRP E 194 -23.40 -24.09 -6.28
N LEU E 195 -23.49 -23.83 -4.98
CA LEU E 195 -24.00 -22.53 -4.52
C LEU E 195 -23.16 -21.35 -5.05
N ILE E 196 -21.84 -21.52 -5.14
CA ILE E 196 -21.00 -20.42 -5.60
C ILE E 196 -20.97 -20.34 -7.13
N VAL E 197 -21.12 -21.48 -7.81
CA VAL E 197 -21.20 -21.50 -9.29
C VAL E 197 -22.40 -20.62 -9.68
N ASN E 198 -23.51 -20.72 -8.94
CA ASN E 198 -24.71 -19.93 -9.26
C ASN E 198 -24.48 -18.47 -8.86
N VAL E 199 -23.78 -18.24 -7.77
CA VAL E 199 -23.51 -16.84 -7.40
C VAL E 199 -22.70 -16.20 -8.54
N TRP E 200 -21.71 -16.93 -9.07
CA TRP E 200 -20.86 -16.41 -10.16
C TRP E 200 -21.64 -16.09 -11.46
N ASP E 201 -22.60 -16.94 -11.85
CA ASP E 201 -23.35 -16.67 -13.05
C ASP E 201 -24.25 -15.48 -12.80
N GLN E 202 -24.86 -15.45 -11.64
CA GLN E 202 -25.69 -14.30 -11.32
C GLN E 202 -24.82 -13.01 -11.43
N LEU E 203 -23.65 -13.00 -10.81
CA LEU E 203 -22.80 -11.78 -10.85
C LEU E 203 -22.14 -11.44 -12.19
N SER E 204 -21.62 -12.42 -12.93
CA SER E 204 -20.97 -12.08 -14.19
C SER E 204 -21.95 -11.60 -15.25
N ASP E 205 -23.16 -12.16 -15.26
CA ASP E 205 -24.18 -11.81 -16.23
C ASP E 205 -24.93 -10.50 -16.04
N GLU E 206 -24.94 -9.95 -14.84
CA GLU E 206 -25.65 -8.68 -14.61
C GLU E 206 -24.77 -7.47 -14.93
N SER F 1 -19.53 -34.50 30.09
CA SER F 1 -20.04 -33.66 28.95
C SER F 1 -19.56 -32.19 28.92
N ALA F 2 -19.68 -31.60 27.73
CA ALA F 2 -19.35 -30.20 27.48
C ALA F 2 -20.65 -29.40 27.59
N SER F 3 -20.70 -28.47 28.53
CA SER F 3 -21.92 -27.69 28.69
C SER F 3 -21.59 -26.27 29.10
N PHE F 4 -22.28 -25.32 28.51
CA PHE F 4 -22.09 -23.93 28.84
C PHE F 4 -22.83 -23.77 30.17
N ASP F 5 -22.20 -24.34 31.20
CA ASP F 5 -22.72 -24.37 32.56
C ASP F 5 -21.91 -23.54 33.56
N GLY F 6 -20.83 -22.91 33.10
CA GLY F 6 -20.07 -22.04 33.98
C GLY F 6 -21.02 -20.96 34.44
N PRO F 7 -20.54 -19.84 34.98
CA PRO F 7 -21.35 -18.71 35.47
C PRO F 7 -22.30 -17.96 34.49
N LYS F 8 -23.56 -18.42 34.37
CA LYS F 8 -24.55 -17.83 33.46
C LYS F 8 -25.00 -16.44 33.91
N PHE F 9 -25.05 -15.48 32.98
CA PHE F 9 -25.47 -14.13 33.34
C PHE F 9 -26.68 -13.82 32.50
N LYS F 10 -27.59 -13.00 33.02
CA LYS F 10 -28.81 -12.64 32.30
C LYS F 10 -28.52 -11.38 31.51
N THR F 12 -29.46 -7.92 28.95
CA THR F 12 -30.40 -6.84 29.25
C THR F 12 -31.69 -6.94 28.45
N ASP F 13 -31.81 -8.00 27.66
CA ASP F 13 -33.00 -8.18 26.85
C ASP F 13 -33.90 -9.33 27.32
N GLY F 14 -33.48 -10.06 28.34
CA GLY F 14 -34.28 -11.16 28.83
C GLY F 14 -33.54 -12.47 28.75
N SER F 15 -32.75 -12.60 27.69
CA SER F 15 -31.93 -13.78 27.43
C SER F 15 -30.90 -14.00 28.53
N TYR F 16 -30.47 -15.23 28.66
CA TYR F 16 -29.49 -15.56 29.66
C TYR F 16 -28.33 -16.09 28.88
N VAL F 17 -27.25 -15.31 28.83
CA VAL F 17 -26.10 -15.76 28.10
C VAL F 17 -25.43 -16.79 28.97
N GLN F 18 -25.28 -17.97 28.41
CA GLN F 18 -24.67 -19.11 29.04
C GLN F 18 -23.24 -19.10 28.58
N THR F 19 -22.37 -19.46 29.48
CA THR F 19 -20.98 -19.37 29.15
C THR F 19 -20.23 -20.57 29.62
N LYS F 20 -18.94 -20.53 29.32
CA LYS F 20 -18.02 -21.54 29.73
C LYS F 20 -16.62 -20.96 29.65
N THR F 21 -15.88 -21.07 30.75
CA THR F 21 -14.50 -20.60 30.85
C THR F 21 -13.68 -21.88 30.95
N ILE F 22 -12.55 -21.93 30.25
CA ILE F 22 -11.71 -23.14 30.27
C ILE F 22 -10.22 -22.79 30.31
N ASP F 23 -9.46 -23.37 31.26
CA ASP F 23 -8.01 -23.17 31.19
C ASP F 23 -7.49 -24.37 30.37
N VAL F 24 -6.71 -24.02 29.34
CA VAL F 24 -6.17 -24.99 28.40
C VAL F 24 -4.69 -25.36 28.62
N GLY F 25 -4.45 -26.61 29.03
CA GLY F 25 -3.10 -27.08 29.21
C GLY F 25 -2.69 -27.83 27.94
N SER F 26 -1.94 -28.91 28.10
CA SER F 26 -1.53 -29.62 26.92
C SER F 26 -2.29 -30.94 26.74
N SER F 27 -3.57 -30.95 27.11
CA SER F 27 -4.36 -32.18 26.96
C SER F 27 -5.88 -32.04 27.19
N THR F 28 -6.37 -30.80 27.10
CA THR F 28 -7.79 -30.46 27.27
C THR F 28 -8.55 -30.74 25.93
N ASP F 29 -9.85 -30.49 25.84
CA ASP F 29 -10.54 -30.71 24.56
C ASP F 29 -11.62 -29.67 24.23
N ILE F 30 -11.16 -28.49 23.86
CA ILE F 30 -12.08 -27.41 23.52
C ILE F 30 -12.95 -27.68 22.30
N SER F 31 -12.62 -28.68 21.49
CA SER F 31 -13.42 -28.92 20.30
C SER F 31 -14.92 -29.04 20.53
N PRO F 32 -15.33 -29.76 21.59
CA PRO F 32 -16.78 -29.89 21.83
C PRO F 32 -17.44 -28.51 21.89
N TYR F 33 -16.85 -27.60 22.68
CA TYR F 33 -17.32 -26.22 22.86
C TYR F 33 -17.27 -25.40 21.56
N LEU F 34 -16.24 -25.65 20.74
CA LEU F 34 -16.11 -24.97 19.45
C LEU F 34 -17.26 -25.50 18.54
N SER F 35 -17.70 -26.73 18.81
CA SER F 35 -18.80 -27.30 18.04
C SER F 35 -20.14 -26.85 18.58
N LEU F 36 -20.24 -26.47 19.86
CA LEU F 36 -21.52 -25.96 20.33
C LEU F 36 -21.55 -24.54 19.70
N ILE F 37 -20.55 -23.72 20.02
CA ILE F 37 -20.43 -22.36 19.47
C ILE F 37 -20.79 -22.34 17.98
N ARG F 38 -20.09 -23.12 17.17
CA ARG F 38 -20.36 -23.14 15.72
C ARG F 38 -21.79 -23.59 15.47
N GLU F 39 -22.22 -24.55 16.28
CA GLU F 39 -23.57 -25.06 16.13
C GLU F 39 -24.56 -23.95 16.48
N ASP F 40 -24.29 -23.19 17.53
CA ASP F 40 -25.22 -22.10 17.85
C ASP F 40 -25.19 -21.00 16.78
N SER F 41 -23.99 -20.65 16.31
CA SER F 41 -23.83 -19.58 15.31
C SER F 41 -24.72 -19.88 14.09
N ILE F 42 -24.46 -21.01 13.45
CA ILE F 42 -25.24 -21.42 12.28
C ILE F 42 -26.76 -21.56 12.54
N LEU F 43 -27.15 -22.20 13.63
CA LEU F 43 -28.61 -22.35 13.85
C LEU F 43 -29.28 -21.18 14.53
N ASN F 44 -28.54 -20.46 15.37
CA ASN F 44 -29.16 -19.37 16.16
C ASN F 44 -28.62 -17.96 16.02
N GLY F 45 -27.34 -17.85 15.63
CA GLY F 45 -26.70 -16.56 15.53
C GLY F 45 -26.32 -16.16 14.13
N ASN F 46 -26.92 -16.89 13.18
CA ASN F 46 -26.71 -16.63 11.78
C ASN F 46 -25.26 -16.71 11.33
N ARG F 47 -24.55 -17.72 11.83
CA ARG F 47 -23.20 -17.88 11.37
C ARG F 47 -22.20 -16.72 11.71
N ALA F 48 -22.38 -16.10 12.87
CA ALA F 48 -21.43 -15.11 13.36
C ALA F 48 -20.88 -15.64 14.72
N VAL F 49 -19.80 -15.02 15.21
CA VAL F 49 -19.12 -15.39 16.44
C VAL F 49 -18.32 -14.14 16.77
N ILE F 50 -18.94 -13.25 17.52
CA ILE F 50 -18.35 -11.97 17.94
C ILE F 50 -17.26 -12.44 18.88
N PHE F 51 -16.03 -12.42 18.34
CA PHE F 51 -14.83 -12.92 19.04
C PHE F 51 -13.83 -11.89 19.51
N ASP F 52 -13.14 -12.24 20.61
CA ASP F 52 -12.10 -11.42 21.18
C ASP F 52 -10.81 -12.15 21.56
N VAL F 53 -9.71 -11.40 21.61
CA VAL F 53 -8.38 -11.94 21.89
C VAL F 53 -7.66 -11.03 22.88
N TYR F 54 -6.87 -11.66 23.77
CA TYR F 54 -6.16 -11.00 24.85
C TYR F 54 -4.78 -11.62 24.92
N TRP F 55 -3.76 -10.79 25.19
CA TRP F 55 -2.35 -11.23 25.19
C TRP F 55 -1.65 -11.12 26.51
N ASP F 56 -0.49 -11.76 26.54
CA ASP F 56 0.43 -11.72 27.66
C ASP F 56 1.47 -10.81 27.01
N VAL F 57 1.80 -9.69 27.65
CA VAL F 57 2.73 -8.76 27.04
C VAL F 57 4.18 -9.01 27.47
N GLY F 58 4.80 -10.01 26.84
CA GLY F 58 6.15 -10.41 27.19
C GLY F 58 7.32 -9.61 26.67
N PHE F 59 8.29 -9.40 27.57
CA PHE F 59 9.52 -8.69 27.23
C PHE F 59 10.44 -9.70 26.52
N THR F 66 12.98 -9.82 17.92
CA THR F 66 12.68 -8.55 17.32
C THR F 66 12.30 -7.65 18.49
N LYS F 67 10.99 -7.28 18.56
CA LYS F 67 10.43 -6.44 19.61
C LYS F 67 8.92 -6.63 20.00
N THR F 68 8.03 -6.94 19.04
CA THR F 68 6.64 -7.29 19.35
C THR F 68 6.39 -8.83 19.27
N SER F 69 7.31 -9.60 18.68
CA SER F 69 7.11 -11.04 18.56
C SER F 69 7.27 -11.76 19.91
N GLY F 70 7.19 -10.99 20.99
CA GLY F 70 7.32 -11.53 22.35
C GLY F 70 5.99 -11.67 23.09
N TRP F 71 4.97 -10.91 22.69
CA TRP F 71 3.68 -11.09 23.40
C TRP F 71 3.23 -12.55 23.20
N SER F 72 2.19 -12.99 23.90
CA SER F 72 1.75 -14.38 23.67
C SER F 72 0.28 -14.51 24.02
N LEU F 73 -0.52 -14.94 23.05
CA LEU F 73 -1.98 -15.07 23.24
C LEU F 73 -2.40 -15.90 24.44
N SER F 74 -2.67 -15.27 25.59
CA SER F 74 -3.04 -16.08 26.78
C SER F 74 -4.51 -16.56 26.87
N SER F 75 -5.39 -16.02 26.04
CA SER F 75 -6.81 -16.43 26.06
C SER F 75 -7.61 -15.73 25.00
N VAL F 76 -8.70 -16.37 24.57
CA VAL F 76 -9.58 -15.79 23.54
C VAL F 76 -11.02 -15.93 24.04
N LYS F 77 -11.90 -15.07 23.54
CA LYS F 77 -13.33 -15.12 23.82
C LYS F 77 -14.05 -15.43 22.50
N LEU F 78 -14.86 -16.49 22.46
CA LEU F 78 -15.62 -16.83 21.24
C LEU F 78 -17.06 -16.74 21.69
N SER F 79 -17.79 -15.78 21.12
CA SER F 79 -19.17 -15.59 21.51
C SER F 79 -20.18 -15.77 20.39
N THR F 80 -21.38 -16.20 20.80
CA THR F 80 -22.53 -16.30 19.90
C THR F 80 -23.69 -15.69 20.75
N ARG F 81 -24.86 -15.49 20.15
CA ARG F 81 -26.00 -14.95 20.90
C ARG F 81 -26.21 -15.67 22.25
N ASN F 82 -26.28 -17.00 22.22
CA ASN F 82 -26.49 -17.85 23.40
C ASN F 82 -25.25 -18.22 24.24
N LEU F 83 -24.08 -18.29 23.59
CA LEU F 83 -22.89 -18.75 24.26
C LEU F 83 -21.64 -17.87 24.32
N CYS F 84 -20.79 -18.19 25.30
CA CYS F 84 -19.53 -17.49 25.48
C CYS F 84 -18.50 -18.50 25.99
N LEU F 85 -17.45 -18.69 25.22
CA LEU F 85 -16.38 -19.65 25.58
C LEU F 85 -15.07 -18.91 25.87
N PHE F 86 -14.39 -19.28 26.94
CA PHE F 86 -13.14 -18.58 27.25
C PHE F 86 -12.00 -19.59 27.35
N LEU F 87 -11.02 -19.44 26.49
CA LEU F 87 -9.89 -20.36 26.56
C LEU F 87 -8.66 -19.68 27.16
N ARG F 88 -8.26 -20.12 28.35
CA ARG F 88 -7.02 -19.55 28.90
C ARG F 88 -5.98 -20.49 28.30
N LEU F 89 -4.96 -19.92 27.67
CA LEU F 89 -3.98 -20.75 26.97
C LEU F 89 -2.61 -20.75 27.63
N PRO F 90 -1.79 -21.79 27.36
CA PRO F 90 -0.48 -21.75 28.00
C PRO F 90 0.56 -21.17 27.02
N LYS F 91 1.84 -21.31 27.35
CA LYS F 91 2.90 -20.83 26.49
C LYS F 91 4.12 -21.74 26.78
N PRO F 92 4.67 -22.43 25.78
CA PRO F 92 4.27 -22.48 24.37
C PRO F 92 3.06 -23.35 24.12
N PHE F 93 2.62 -23.34 22.86
CA PHE F 93 1.45 -24.08 22.38
C PHE F 93 1.77 -25.54 22.04
N HIS F 94 1.00 -26.48 22.60
CA HIS F 94 1.15 -27.91 22.26
C HIS F 94 0.11 -28.14 21.11
N ASP F 95 0.11 -29.31 20.47
CA ASP F 95 -0.79 -29.58 19.33
C ASP F 95 -2.31 -29.66 19.54
N ASN F 96 -2.76 -29.65 20.78
CA ASN F 96 -4.21 -29.67 21.02
C ASN F 96 -4.72 -28.30 20.58
N LEU F 97 -3.81 -27.38 20.19
CA LEU F 97 -4.36 -26.07 19.75
C LEU F 97 -4.68 -26.02 18.24
N LYS F 98 -4.61 -27.17 17.56
CA LYS F 98 -4.96 -27.21 16.13
C LYS F 98 -6.50 -26.99 15.89
N ASP F 99 -7.35 -27.75 16.55
CA ASP F 99 -8.80 -27.57 16.45
C ASP F 99 -9.22 -26.11 16.15
N LEU F 100 -8.79 -25.20 17.02
CA LEU F 100 -9.03 -23.75 16.95
C LEU F 100 -8.37 -23.07 15.69
N TYR F 101 -7.10 -23.41 15.40
CA TYR F 101 -6.37 -22.89 14.23
C TYR F 101 -7.15 -23.33 12.98
N ARG F 102 -7.77 -24.54 13.04
CA ARG F 102 -8.54 -25.00 11.89
C ARG F 102 -9.85 -24.21 11.92
N PHE F 103 -10.48 -24.17 13.09
CA PHE F 103 -11.74 -23.48 13.32
C PHE F 103 -11.66 -21.97 12.97
N PHE F 104 -10.64 -21.28 13.48
CA PHE F 104 -10.51 -19.84 13.19
C PHE F 104 -10.34 -19.62 11.69
N ALA F 105 -9.95 -20.67 10.94
CA ALA F 105 -9.84 -20.52 9.49
C ALA F 105 -11.15 -20.90 8.80
N SER F 106 -12.22 -21.18 9.53
CA SER F 106 -13.45 -21.63 8.83
C SER F 106 -14.20 -20.56 7.96
N LYS F 107 -14.76 -21.01 6.86
CA LYS F 107 -15.55 -20.14 5.96
C LYS F 107 -17.09 -20.43 6.11
N PHE F 108 -17.41 -21.23 7.15
CA PHE F 108 -18.81 -21.57 7.53
C PHE F 108 -19.46 -20.31 8.12
N VAL F 109 -18.63 -19.50 8.78
CA VAL F 109 -19.09 -18.30 9.49
C VAL F 109 -18.08 -17.14 9.44
N THR F 110 -18.55 -15.95 9.79
CA THR F 110 -17.71 -14.77 9.84
C THR F 110 -17.38 -14.48 11.31
N PHE F 111 -16.10 -14.21 11.54
CA PHE F 111 -15.55 -13.91 12.84
C PHE F 111 -15.63 -12.38 13.07
N VAL F 112 -16.35 -11.97 14.11
CA VAL F 112 -16.55 -10.54 14.34
C VAL F 112 -15.87 -10.04 15.61
N GLY F 113 -14.99 -9.06 15.46
CA GLY F 113 -14.27 -8.53 16.60
C GLY F 113 -14.20 -7.04 16.54
N VAL F 114 -13.70 -6.43 17.64
CA VAL F 114 -13.55 -4.97 17.77
C VAL F 114 -12.04 -4.64 17.83
N GLN F 115 -11.65 -3.55 17.15
CA GLN F 115 -10.26 -3.11 17.00
C GLN F 115 -9.29 -4.30 17.00
N ILE F 116 -9.39 -5.10 15.93
CA ILE F 116 -8.61 -6.32 15.76
C ILE F 116 -7.54 -6.23 14.65
N GLU F 117 -7.32 -5.02 14.12
CA GLU F 117 -6.34 -4.88 13.04
C GLU F 117 -4.93 -5.32 13.52
N GLU F 118 -4.46 -4.78 14.66
CA GLU F 118 -3.17 -5.16 15.19
C GLU F 118 -3.28 -6.63 15.63
N ASP F 119 -4.43 -7.00 16.20
CA ASP F 119 -4.60 -8.37 16.66
C ASP F 119 -4.44 -9.36 15.48
N LEU F 120 -4.89 -9.02 14.28
CA LEU F 120 -4.72 -10.05 13.23
C LEU F 120 -3.24 -10.27 12.85
N ASP F 121 -2.42 -9.20 12.85
CA ASP F 121 -1.00 -9.35 12.50
C ASP F 121 -0.20 -10.05 13.58
N LEU F 122 -0.50 -9.74 14.83
CA LEU F 122 0.16 -10.37 15.99
C LEU F 122 -0.11 -11.89 15.93
N LEU F 123 -1.38 -12.26 15.69
CA LEU F 123 -1.79 -13.66 15.56
C LEU F 123 -0.89 -14.39 14.56
N ARG F 124 -0.89 -13.94 13.30
CA ARG F 124 -0.10 -14.58 12.24
C ARG F 124 1.42 -14.53 12.52
N GLU F 125 1.90 -13.38 13.00
CA GLU F 125 3.33 -13.21 13.25
C GLU F 125 3.85 -13.98 14.46
N ASN F 126 3.07 -14.01 15.55
CA ASN F 126 3.53 -14.69 16.76
C ASN F 126 3.06 -16.12 16.96
N HIS F 127 2.04 -16.51 16.23
CA HIS F 127 1.55 -17.87 16.39
C HIS F 127 1.23 -18.58 15.06
N GLY F 128 1.38 -17.89 13.92
CA GLY F 128 1.02 -18.54 12.66
C GLY F 128 -0.48 -18.85 12.59
N LEU F 129 -1.29 -18.08 13.34
CA LEU F 129 -2.77 -18.24 13.38
C LEU F 129 -3.38 -17.31 12.32
N VAL F 130 -4.32 -17.83 11.53
CA VAL F 130 -4.92 -17.08 10.42
C VAL F 130 -6.48 -17.11 10.47
N ILE F 131 -7.12 -15.96 10.25
CA ILE F 131 -8.58 -15.88 10.23
C ILE F 131 -9.01 -15.50 8.81
N ARG F 132 -9.28 -16.51 7.97
CA ARG F 132 -9.61 -16.24 6.58
C ARG F 132 -10.83 -15.36 6.29
N ASN F 133 -11.85 -15.48 7.13
CA ASN F 133 -13.12 -14.77 7.00
C ASN F 133 -13.25 -13.92 8.24
N ALA F 134 -12.51 -12.82 8.25
CA ALA F 134 -12.46 -11.91 9.36
C ALA F 134 -12.84 -10.51 8.97
N ILE F 135 -13.64 -9.86 9.81
CA ILE F 135 -13.99 -8.48 9.54
C ILE F 135 -13.71 -7.68 10.79
N ASN F 136 -13.03 -6.55 10.60
CA ASN F 136 -12.70 -5.63 11.66
C ASN F 136 -14.01 -4.80 11.71
N VAL F 137 -14.84 -5.10 12.71
CA VAL F 137 -16.21 -4.54 12.85
C VAL F 137 -16.63 -3.08 12.51
N GLY F 138 -16.17 -2.11 13.29
CA GLY F 138 -16.51 -0.71 13.04
C GLY F 138 -16.24 -0.27 11.61
N LYS F 139 -15.26 -0.94 11.00
CA LYS F 139 -14.83 -0.67 9.62
C LYS F 139 -15.96 -0.99 8.62
N LEU F 140 -16.87 -1.86 9.01
CA LEU F 140 -18.00 -2.16 8.16
C LEU F 140 -18.92 -1.02 8.58
N ALA F 141 -19.15 -0.88 9.89
CA ALA F 141 -20.04 0.16 10.41
C ALA F 141 -19.78 1.54 9.77
N ALA F 142 -18.61 2.10 9.96
CA ALA F 142 -18.36 3.42 9.36
C ALA F 142 -18.72 3.37 7.87
N GLU F 143 -18.28 2.33 7.19
CA GLU F 143 -18.57 2.27 5.76
C GLU F 143 -20.08 2.28 5.55
N ALA F 144 -20.85 1.52 6.33
CA ALA F 144 -22.29 1.44 6.11
C ALA F 144 -23.10 2.68 6.40
N ARG F 145 -22.67 3.43 7.42
CA ARG F 145 -23.40 4.61 7.85
C ARG F 145 -22.81 5.92 7.39
N GLY F 146 -21.67 5.91 6.71
CA GLY F 146 -21.09 7.18 6.32
C GLY F 146 -20.75 8.00 7.56
N THR F 147 -20.43 7.30 8.66
CA THR F 147 -20.07 7.99 9.89
C THR F 147 -18.62 7.57 10.12
N LEU F 148 -17.71 8.42 9.68
CA LEU F 148 -16.28 8.24 9.80
C LEU F 148 -15.85 7.66 11.12
N VAL F 149 -16.39 8.22 12.22
CA VAL F 149 -15.97 7.73 13.49
C VAL F 149 -16.19 6.22 13.65
N LEU F 150 -17.37 5.69 13.32
CA LEU F 150 -17.62 4.24 13.57
C LEU F 150 -16.36 3.38 13.60
N GLU F 151 -15.48 3.72 12.68
CA GLU F 151 -14.20 3.09 12.50
C GLU F 151 -13.36 3.08 13.73
N PHE F 152 -13.26 4.25 14.34
CA PHE F 152 -12.40 4.41 15.51
C PHE F 152 -12.97 4.20 16.89
N LEU F 153 -14.08 3.43 17.01
CA LEU F 153 -14.71 3.22 18.35
C LEU F 153 -14.41 1.89 18.97
N GLY F 154 -14.26 1.92 20.28
CA GLY F 154 -14.06 0.67 21.02
C GLY F 154 -15.39 -0.09 21.08
N THR F 155 -15.33 -1.34 21.47
CA THR F 155 -16.49 -2.28 21.55
C THR F 155 -17.77 -1.65 22.15
N ARG F 156 -17.66 -1.07 23.34
CA ARG F 156 -18.83 -0.47 23.97
C ARG F 156 -19.45 0.72 23.20
N GLU F 157 -18.62 1.73 22.97
CA GLU F 157 -19.07 2.93 22.29
C GLU F 157 -19.63 2.57 20.90
N LEU F 158 -19.01 1.62 20.20
CA LEU F 158 -19.58 1.22 18.91
C LEU F 158 -20.99 0.55 19.14
N ALA F 159 -21.14 -0.25 20.19
CA ALA F 159 -22.43 -0.93 20.44
C ALA F 159 -23.45 0.17 20.71
N HIS F 160 -22.97 1.22 21.37
CA HIS F 160 -23.78 2.36 21.71
C HIS F 160 -24.18 3.22 20.50
N ARG F 161 -23.22 3.60 19.68
CA ARG F 161 -23.53 4.44 18.53
C ARG F 161 -24.31 3.67 17.50
N VAL F 162 -24.27 2.34 17.59
CA VAL F 162 -25.01 1.50 16.69
C VAL F 162 -26.38 1.02 17.25
N LEU F 163 -26.51 0.77 18.57
CA LEU F 163 -27.77 0.24 19.11
C LEU F 163 -28.49 1.12 20.16
N TRP F 164 -27.75 2.01 20.84
CA TRP F 164 -28.30 2.87 21.88
C TRP F 164 -29.09 2.19 23.03
N SER F 165 -28.54 1.13 23.60
CA SER F 165 -29.19 0.39 24.69
C SER F 165 -28.58 0.76 26.05
N ASP F 166 -29.08 0.15 27.14
CA ASP F 166 -28.56 0.45 28.50
C ASP F 166 -27.21 -0.16 28.71
N LEU F 167 -26.24 0.71 28.99
CA LEU F 167 -24.87 0.27 29.19
C LEU F 167 -24.37 0.52 30.61
N GLY F 168 -25.31 0.90 31.49
CA GLY F 168 -25.00 1.19 32.88
C GLY F 168 -24.29 0.10 33.67
N GLN F 169 -24.78 -1.13 33.54
CA GLN F 169 -24.21 -2.28 34.23
C GLN F 169 -22.79 -2.55 33.66
N LEU F 170 -22.65 -2.49 32.34
CA LEU F 170 -21.34 -2.72 31.76
C LEU F 170 -20.42 -1.58 32.18
N ASP F 171 -20.93 -0.35 32.19
CA ASP F 171 -20.08 0.76 32.59
C ASP F 171 -19.66 0.73 34.06
N SER F 172 -20.58 0.38 34.99
CA SER F 172 -20.11 0.39 36.38
C SER F 172 -19.14 -0.76 36.56
N ILE F 173 -19.28 -1.81 35.77
CA ILE F 173 -18.29 -2.87 35.94
C ILE F 173 -16.94 -2.41 35.34
N GLU F 174 -16.97 -1.86 34.13
CA GLU F 174 -15.71 -1.52 33.51
C GLU F 174 -15.00 -0.33 34.15
N ALA F 175 -15.79 0.69 34.50
CA ALA F 175 -15.26 1.90 35.13
C ALA F 175 -14.55 1.57 36.46
N LYS F 176 -14.55 0.30 36.85
CA LYS F 176 -13.94 -0.11 38.11
C LYS F 176 -13.32 -1.49 37.91
N TRP F 177 -12.74 -1.69 36.74
CA TRP F 177 -12.15 -2.96 36.37
C TRP F 177 -11.12 -3.54 37.33
N GLU F 178 -10.32 -2.68 37.95
CA GLU F 178 -9.31 -3.17 38.89
C GLU F 178 -9.94 -3.90 40.09
N LYS F 179 -11.13 -3.48 40.51
CA LYS F 179 -11.81 -4.09 41.67
C LYS F 179 -12.62 -5.37 41.37
N ALA F 180 -13.16 -5.42 40.16
CA ALA F 180 -14.01 -6.53 39.73
C ALA F 180 -13.41 -7.91 39.95
N GLY F 181 -14.30 -8.89 40.11
CA GLY F 181 -13.88 -10.26 40.32
C GLY F 181 -13.77 -11.05 39.02
N PRO F 182 -13.17 -12.25 39.06
CA PRO F 182 -13.03 -13.04 37.82
C PRO F 182 -14.40 -13.35 37.22
N GLU F 183 -15.39 -13.54 38.08
CA GLU F 183 -16.72 -13.84 37.54
C GLU F 183 -17.30 -12.54 37.02
N GLU F 184 -17.01 -11.41 37.65
CA GLU F 184 -17.50 -10.13 37.13
C GLU F 184 -16.81 -9.80 35.78
N GLN F 185 -15.53 -10.16 35.65
CA GLN F 185 -14.79 -9.90 34.40
C GLN F 185 -15.39 -10.71 33.27
N LEU F 186 -15.75 -11.95 33.56
CA LEU F 186 -16.36 -12.78 32.53
C LEU F 186 -17.69 -12.14 32.14
N GLU F 187 -18.35 -11.54 33.12
CA GLU F 187 -19.65 -10.86 33.00
C GLU F 187 -19.58 -9.75 31.94
N ALA F 188 -18.50 -8.97 32.00
CA ALA F 188 -18.28 -7.89 31.05
C ALA F 188 -17.90 -8.51 29.70
N ALA F 189 -17.20 -9.65 29.74
CA ALA F 189 -16.85 -10.33 28.50
C ALA F 189 -18.03 -11.04 27.78
N ALA F 190 -18.94 -11.70 28.51
CA ALA F 190 -20.06 -12.35 27.85
C ALA F 190 -20.93 -11.23 27.25
N ILE F 191 -21.19 -10.20 28.05
CA ILE F 191 -21.98 -9.04 27.63
C ILE F 191 -21.40 -8.46 26.31
N GLU F 192 -20.12 -8.05 26.32
CA GLU F 192 -19.53 -7.49 25.10
C GLU F 192 -19.75 -8.38 23.86
N GLY F 193 -19.79 -9.69 24.02
CA GLY F 193 -20.08 -10.52 22.86
C GLY F 193 -21.52 -10.10 22.49
N TRP F 194 -22.45 -10.36 23.41
CA TRP F 194 -23.88 -10.01 23.23
C TRP F 194 -24.06 -8.58 22.63
N LEU F 195 -23.31 -7.58 23.11
CA LEU F 195 -23.45 -6.24 22.51
C LEU F 195 -22.97 -6.18 21.07
N ILE F 196 -21.88 -6.89 20.76
CA ILE F 196 -21.39 -6.85 19.39
C ILE F 196 -22.16 -7.84 18.51
N VAL F 197 -22.71 -8.90 19.10
CA VAL F 197 -23.56 -9.82 18.36
C VAL F 197 -24.73 -8.94 17.87
N ASN F 198 -25.35 -8.16 18.78
CA ASN F 198 -26.45 -7.27 18.38
C ASN F 198 -25.99 -6.21 17.35
N VAL F 199 -24.69 -5.83 17.40
CA VAL F 199 -24.14 -4.90 16.43
C VAL F 199 -24.05 -5.56 15.05
N TRP F 200 -23.55 -6.78 14.99
CA TRP F 200 -23.41 -7.48 13.73
C TRP F 200 -24.77 -7.83 13.12
N ASP F 201 -25.67 -8.40 13.93
CA ASP F 201 -26.98 -8.76 13.36
C ASP F 201 -27.63 -7.49 12.79
N GLN F 202 -27.44 -6.36 13.47
CA GLN F 202 -28.03 -5.12 12.99
C GLN F 202 -27.49 -4.63 11.63
N LEU F 203 -26.17 -4.45 11.52
CA LEU F 203 -25.56 -3.95 10.29
C LEU F 203 -25.68 -4.89 9.11
N SER F 204 -25.58 -6.19 9.38
CA SER F 204 -25.64 -7.16 8.32
C SER F 204 -27.07 -7.52 7.91
N ASP F 205 -27.92 -6.50 7.84
CA ASP F 205 -29.30 -6.66 7.42
C ASP F 205 -29.93 -5.40 6.86
N GLU F 206 -29.19 -4.28 6.97
CA GLU F 206 -29.66 -2.99 6.47
C GLU F 206 -29.15 -2.69 5.05
#